data_8FOP
#
_entry.id   8FOP
#
_cell.length_a   1.00
_cell.length_b   1.00
_cell.length_c   1.00
_cell.angle_alpha   90.00
_cell.angle_beta   90.00
_cell.angle_gamma   90.00
#
_symmetry.space_group_name_H-M   'P 1'
#
loop_
_entity.id
_entity.type
_entity.pdbx_description
1 polymer 'Virion-associated protein'
2 polymer 'Tail sheath protein'
#
loop_
_entity_poly.entity_id
_entity_poly.type
_entity_poly.pdbx_seq_one_letter_code
_entity_poly.pdbx_strand_id
1 'polypeptide(L)'
;MACNKQNGVKNILITFTDCDTQEVIGPISHEQPDDTLPTYKNCAWTNTALTNGYVQRSASNATMTLPVVRDLRVPLAFYQ
GCAQVDVQVEKFDGTVMTLTEGAVVEPEESDGRSVTMNIVASEIDELLPPGSLAAA
;
B,C,D,E,F,G,H,I,J,K,L,M,N,O,P,Q,R,S
2 'polypeptide(L)'
;MAQDALSDGFVRLCIDPSLNFFGEGCKILVEGQMTDDGSATPDAVTCVTSELDIIERFGQGSVLTESLRKVFCTCKSGVS
VYALPREDAAAGVKAVYTLTIAGPATTDGRVQLYMGEAEYAVDIGVDAGDTATDIAAAIVAAISPDFPYAATAAAGVITL
TARNAGTIGNHLSVIYTNLGSCTSVTPEGVTVTFAQTTAGSVNPTPNDYATVVNECCFAVYVLSSDDTDWQENLRDWIRS
AWDCSKPQCFGHGYVFNKGTLGQVLADGDNSAELSRLALPTTYPVLPYLTNAAYGALSACSTCNNPELNIQGQTFGLLSC
INMPESCTPGWTFGEVTQLQANGFVVSGPSTTSGQGNYTSPYIYNDVTNYLRDEKNRPNATFRDASSRRLAAATGVALAE
FLQQFNGLAVFTKNTNIRTGIIGTNPRLMLGKIRKWAQDNVGTLFSEFDNINEDIQLLTDFEVQPKCVGQPGIFHLNMRY
RPPVRGARINVNMAPALFDNCDR
;
T,U,W,X,Z,a,c,d,f,g,i,j
#
# COMPACT_ATOMS: atom_id res chain seq x y z
N ASN A 4 6.66 3.19 -34.93
CA ASN A 4 7.78 3.07 -34.00
C ASN A 4 7.34 2.42 -32.70
N LYS A 5 6.16 1.79 -32.74
CA LYS A 5 5.60 1.09 -31.58
C LYS A 5 5.43 2.03 -30.39
N GLN A 6 5.03 3.27 -30.67
CA GLN A 6 4.84 4.26 -29.61
C GLN A 6 3.71 5.20 -30.01
N ASN A 7 2.81 5.45 -29.07
CA ASN A 7 1.64 6.29 -29.30
C ASN A 7 1.79 7.58 -28.49
N GLY A 8 1.58 8.71 -29.15
CA GLY A 8 1.70 10.00 -28.52
C GLY A 8 2.02 11.06 -29.55
N VAL A 9 1.67 12.30 -29.21
CA VAL A 9 1.91 13.44 -30.08
C VAL A 9 3.29 14.01 -29.80
N LYS A 10 3.96 14.47 -30.85
CA LYS A 10 5.28 15.06 -30.75
C LYS A 10 5.26 16.57 -30.90
N ASN A 11 4.52 17.09 -31.88
CA ASN A 11 4.43 18.53 -32.13
C ASN A 11 2.97 18.91 -32.34
N ILE A 12 2.57 20.02 -31.72
CA ILE A 12 1.24 20.59 -31.91
C ILE A 12 1.41 22.05 -32.29
N LEU A 13 0.91 22.43 -33.46
CA LEU A 13 1.03 23.79 -33.97
C LEU A 13 -0.36 24.38 -34.16
N ILE A 14 -0.60 25.54 -33.58
CA ILE A 14 -1.88 26.24 -33.69
C ILE A 14 -1.62 27.68 -34.13
N THR A 15 -2.36 28.14 -35.13
CA THR A 15 -2.27 29.51 -35.62
C THR A 15 -3.61 30.21 -35.38
N PHE A 16 -3.56 31.35 -34.71
CA PHE A 16 -4.77 32.08 -34.31
C PHE A 16 -5.02 33.21 -35.29
N THR A 17 -6.28 33.31 -35.76
CA THR A 17 -6.72 34.40 -36.60
C THR A 17 -7.92 35.06 -35.94
N ASP A 18 -7.73 36.27 -35.42
CA ASP A 18 -8.80 36.98 -34.75
C ASP A 18 -9.91 37.30 -35.74
N CYS A 19 -11.16 37.24 -35.26
CA CYS A 19 -12.32 37.51 -36.09
C CYS A 19 -12.75 38.97 -36.06
N ASP A 20 -12.08 39.80 -35.27
CA ASP A 20 -12.39 41.22 -35.18
C ASP A 20 -11.35 42.12 -35.83
N THR A 21 -10.07 41.77 -35.73
CA THR A 21 -9.00 42.57 -36.29
C THR A 21 -8.24 41.85 -37.40
N GLN A 22 -8.59 40.60 -37.71
CA GLN A 22 -7.91 39.82 -38.74
C GLN A 22 -6.40 39.78 -38.52
N GLU A 23 -5.99 39.57 -37.27
CA GLU A 23 -4.59 39.48 -36.90
C GLU A 23 -4.20 38.02 -36.79
N VAL A 24 -3.09 37.65 -37.44
CA VAL A 24 -2.62 36.27 -37.50
C VAL A 24 -1.43 36.12 -36.56
N ILE A 25 -1.50 35.12 -35.69
CA ILE A 25 -0.45 34.83 -34.71
C ILE A 25 -0.04 33.37 -34.83
N GLY A 26 1.26 33.13 -34.87
CA GLY A 26 1.78 31.79 -34.87
C GLY A 26 2.47 31.41 -36.16
N PRO A 27 2.66 30.10 -36.39
CA PRO A 27 2.24 29.01 -35.50
C PRO A 27 3.16 28.84 -34.29
N ILE A 28 2.61 28.35 -33.18
CA ILE A 28 3.33 28.21 -31.93
C ILE A 28 3.21 26.77 -31.46
N SER A 29 4.33 26.19 -31.04
CA SER A 29 4.31 24.85 -30.47
C SER A 29 3.73 24.89 -29.06
N HIS A 30 2.80 23.98 -28.78
CA HIS A 30 2.13 23.92 -27.49
C HIS A 30 2.52 22.63 -26.76
N GLU A 31 1.91 22.44 -25.59
CA GLU A 31 2.24 21.32 -24.71
C GLU A 31 0.96 20.61 -24.27
N GLN A 32 1.09 19.31 -24.03
CA GLN A 32 -0.04 18.54 -23.53
C GLN A 32 -0.32 18.92 -22.08
N PRO A 33 -1.60 18.97 -21.68
CA PRO A 33 -1.92 19.33 -20.28
C PRO A 33 -1.96 18.13 -19.35
N ASP A 34 -2.15 16.93 -19.91
CA ASP A 34 -2.21 15.71 -19.13
C ASP A 34 -1.95 14.52 -20.06
N ASP A 35 -2.24 13.32 -19.57
CA ASP A 35 -1.97 12.11 -20.34
C ASP A 35 -2.98 11.85 -21.45
N THR A 36 -4.08 12.58 -21.48
CA THR A 36 -5.09 12.36 -22.52
C THR A 36 -4.55 12.85 -23.86
N LEU A 37 -4.71 12.03 -24.88
CA LEU A 37 -4.22 12.36 -26.21
C LEU A 37 -5.31 13.02 -27.04
N PRO A 38 -4.95 13.86 -27.99
CA PRO A 38 -5.97 14.44 -28.88
C PRO A 38 -6.70 13.37 -29.66
N THR A 39 -7.99 13.58 -29.87
CA THR A 39 -8.84 12.62 -30.54
C THR A 39 -9.35 13.20 -31.85
N TYR A 40 -9.68 12.33 -32.79
CA TYR A 40 -9.97 12.75 -34.15
C TYR A 40 -11.25 12.08 -34.65
N LYS A 41 -11.92 12.77 -35.58
CA LYS A 41 -12.96 12.15 -36.41
C LYS A 41 -12.76 12.71 -37.82
N ASN A 42 -11.94 12.01 -38.62
CA ASN A 42 -11.57 12.52 -39.94
C ASN A 42 -12.65 12.31 -40.98
N CYS A 43 -13.39 11.20 -40.90
CA CYS A 43 -14.38 10.88 -41.93
C CYS A 43 -15.50 11.90 -41.83
N ALA A 44 -15.71 12.64 -42.91
CA ALA A 44 -16.53 13.84 -42.87
C ALA A 44 -18.03 13.57 -42.82
N TRP A 45 -18.46 12.33 -42.97
CA TRP A 45 -19.87 11.97 -42.97
C TRP A 45 -20.20 11.16 -41.72
N THR A 46 -21.39 11.40 -41.17
CA THR A 46 -21.92 10.64 -40.04
C THR A 46 -23.06 9.74 -40.50
N ASN A 47 -22.98 8.47 -40.13
CA ASN A 47 -23.98 7.48 -40.50
C ASN A 47 -25.07 7.39 -39.43
N THR A 48 -26.08 6.58 -39.74
CA THR A 48 -27.11 6.22 -38.76
C THR A 48 -27.72 4.90 -39.17
N ALA A 49 -28.12 4.12 -38.17
CA ALA A 49 -28.68 2.78 -38.41
C ALA A 49 -30.11 2.87 -38.88
N LEU A 50 -30.46 2.03 -39.85
CA LEU A 50 -31.83 1.94 -40.36
C LEU A 50 -32.32 0.50 -40.32
N THR A 51 -33.48 0.24 -40.89
CA THR A 51 -34.08 -1.09 -40.85
C THR A 51 -33.42 -2.00 -41.89
N ASN A 52 -32.98 -3.17 -41.45
CA ASN A 52 -32.46 -4.24 -42.31
C ASN A 52 -31.24 -3.72 -43.08
N GLY A 53 -30.16 -3.52 -42.33
CA GLY A 53 -28.84 -3.30 -42.90
C GLY A 53 -28.59 -1.95 -43.55
N TYR A 54 -29.65 -1.24 -43.91
CA TYR A 54 -29.47 0.03 -44.61
C TYR A 54 -28.96 1.12 -43.67
N VAL A 55 -28.30 2.11 -44.25
CA VAL A 55 -27.73 3.22 -43.51
C VAL A 55 -28.10 4.52 -44.23
N GLN A 56 -28.61 5.49 -43.47
CA GLN A 56 -28.93 6.80 -44.02
C GLN A 56 -27.69 7.69 -43.92
N ARG A 57 -27.15 8.07 -45.07
CA ARG A 57 -25.85 8.73 -45.14
C ARG A 57 -26.05 10.23 -45.12
N SER A 58 -25.47 10.90 -44.11
CA SER A 58 -25.75 12.31 -43.85
C SER A 58 -24.47 13.09 -43.59
N ALA A 59 -24.54 14.38 -43.91
CA ALA A 59 -23.38 15.25 -43.80
C ALA A 59 -23.10 15.64 -42.35
N SER A 60 -21.83 15.77 -42.02
CA SER A 60 -21.42 16.11 -40.66
C SER A 60 -20.10 16.87 -40.73
N ASN A 61 -19.41 16.96 -39.60
CA ASN A 61 -18.18 17.72 -39.46
C ASN A 61 -17.02 16.81 -39.10
N ALA A 62 -15.81 17.25 -39.47
CA ALA A 62 -14.59 16.57 -39.07
C ALA A 62 -14.10 17.21 -37.78
N THR A 63 -14.60 16.71 -36.66
CA THR A 63 -14.34 17.30 -35.36
C THR A 63 -12.94 16.97 -34.88
N MET A 64 -12.55 17.60 -33.78
CA MET A 64 -11.24 17.38 -33.17
C MET A 64 -11.27 17.92 -31.75
N THR A 65 -10.93 17.07 -30.78
CA THR A 65 -10.83 17.46 -29.38
C THR A 65 -9.35 17.62 -29.05
N LEU A 66 -8.93 18.85 -28.81
CA LEU A 66 -7.51 19.17 -28.63
C LEU A 66 -7.27 19.77 -27.25
N PRO A 67 -6.81 18.97 -26.28
CA PRO A 67 -6.41 19.53 -24.98
C PRO A 67 -4.98 20.04 -25.05
N VAL A 68 -4.79 21.34 -24.77
CA VAL A 68 -3.48 21.97 -24.83
C VAL A 68 -3.30 22.88 -23.63
N VAL A 69 -2.04 23.21 -23.34
CA VAL A 69 -1.70 24.19 -22.33
C VAL A 69 -1.61 25.55 -23.02
N ARG A 70 -2.38 26.52 -22.53
CA ARG A 70 -2.43 27.82 -23.16
C ARG A 70 -1.08 28.52 -23.04
N ASP A 71 -0.76 29.31 -24.07
CA ASP A 71 0.46 30.11 -24.07
C ASP A 71 0.20 31.42 -23.35
N LEU A 72 1.10 31.79 -22.44
CA LEU A 72 0.92 32.98 -21.63
C LEU A 72 1.07 34.26 -22.44
N ARG A 73 1.39 34.18 -23.73
CA ARG A 73 1.45 35.33 -24.61
C ARG A 73 0.21 35.48 -25.49
N VAL A 74 -0.80 34.64 -25.30
CA VAL A 74 -2.02 34.67 -26.10
C VAL A 74 -3.21 34.82 -25.16
N PRO A 75 -4.18 35.69 -25.47
CA PRO A 75 -5.35 35.83 -24.60
C PRO A 75 -6.14 34.54 -24.49
N LEU A 76 -6.73 34.32 -23.31
CA LEU A 76 -7.49 33.11 -23.07
C LEU A 76 -8.72 33.03 -23.96
N ALA A 77 -9.25 34.18 -24.38
CA ALA A 77 -10.43 34.18 -25.24
C ALA A 77 -10.17 33.55 -26.60
N PHE A 78 -8.91 33.58 -27.07
CA PHE A 78 -8.60 32.97 -28.37
C PHE A 78 -8.76 31.46 -28.34
N TYR A 79 -8.74 30.85 -27.16
CA TYR A 79 -8.91 29.41 -27.00
C TYR A 79 -10.35 29.00 -26.77
N GLN A 80 -11.29 29.95 -26.79
CA GLN A 80 -12.67 29.67 -26.42
C GLN A 80 -13.65 30.19 -27.46
N GLY A 81 -13.23 30.25 -28.72
CA GLY A 81 -14.12 30.58 -29.81
C GLY A 81 -14.08 32.02 -30.28
N CYS A 82 -13.17 32.84 -29.76
CA CYS A 82 -13.05 34.22 -30.20
C CYS A 82 -12.10 34.38 -31.39
N ALA A 83 -11.57 33.28 -31.93
CA ALA A 83 -10.65 33.36 -33.05
C ALA A 83 -10.70 32.06 -33.83
N GLN A 84 -10.22 32.11 -35.07
CA GLN A 84 -10.11 30.92 -35.91
C GLN A 84 -8.78 30.24 -35.66
N VAL A 85 -8.80 28.91 -35.57
CA VAL A 85 -7.62 28.12 -35.28
C VAL A 85 -7.26 27.28 -36.50
N ASP A 86 -5.97 27.19 -36.78
CA ASP A 86 -5.43 26.41 -37.90
C ASP A 86 -4.39 25.48 -37.29
N VAL A 87 -4.81 24.27 -36.92
CA VAL A 87 -4.02 23.39 -36.08
C VAL A 87 -3.43 22.27 -36.90
N GLN A 88 -2.16 21.95 -36.61
CA GLN A 88 -1.43 20.85 -37.23
C GLN A 88 -0.74 20.05 -36.14
N VAL A 89 -0.83 18.73 -36.22
CA VAL A 89 -0.29 17.85 -35.18
C VAL A 89 0.47 16.70 -35.83
N GLU A 90 1.56 16.30 -35.19
CA GLU A 90 2.37 15.17 -35.62
C GLU A 90 2.52 14.18 -34.48
N LYS A 91 2.23 12.92 -34.76
CA LYS A 91 2.37 11.86 -33.75
C LYS A 91 3.76 11.25 -33.80
N PHE A 92 4.06 10.45 -32.77
CA PHE A 92 5.39 9.85 -32.67
C PHE A 92 5.67 8.85 -33.78
N ASP A 93 4.63 8.31 -34.43
CA ASP A 93 4.81 7.34 -35.50
C ASP A 93 4.90 7.98 -36.87
N GLY A 94 4.93 9.31 -36.94
CA GLY A 94 5.06 10.02 -38.20
C GLY A 94 3.76 10.47 -38.83
N THR A 95 2.62 10.04 -38.30
CA THR A 95 1.34 10.48 -38.83
C THR A 95 1.14 11.97 -38.54
N VAL A 96 0.62 12.69 -39.53
CA VAL A 96 0.40 14.13 -39.41
C VAL A 96 -1.05 14.43 -39.78
N MET A 97 -1.76 15.09 -38.87
CA MET A 97 -3.10 15.59 -39.14
C MET A 97 -3.03 17.09 -39.36
N THR A 98 -3.63 17.56 -40.44
CA THR A 98 -3.62 18.97 -40.81
C THR A 98 -5.04 19.50 -40.82
N LEU A 99 -5.24 20.66 -40.19
CA LEU A 99 -6.57 21.25 -40.06
C LEU A 99 -6.47 22.74 -40.37
N THR A 100 -7.38 23.24 -41.20
CA THR A 100 -7.42 24.64 -41.57
C THR A 100 -8.84 25.17 -41.43
N GLU A 101 -8.94 26.47 -41.13
CA GLU A 101 -10.23 27.16 -41.00
C GLU A 101 -11.12 26.50 -39.95
N GLY A 102 -10.52 26.08 -38.84
CA GLY A 102 -11.28 25.46 -37.77
C GLY A 102 -11.72 26.45 -36.72
N ALA A 103 -12.81 26.11 -36.05
CA ALA A 103 -13.39 26.96 -35.01
C ALA A 103 -13.68 26.14 -33.77
N VAL A 104 -13.61 26.79 -32.61
CA VAL A 104 -13.98 26.15 -31.35
C VAL A 104 -15.49 26.20 -31.20
N VAL A 105 -16.10 25.04 -30.93
CA VAL A 105 -17.54 24.88 -31.05
C VAL A 105 -18.25 24.99 -29.70
N GLU A 106 -17.70 24.39 -28.65
CA GLU A 106 -18.34 24.39 -27.33
C GLU A 106 -17.31 24.79 -26.29
N PRO A 107 -17.03 26.09 -26.15
CA PRO A 107 -16.06 26.53 -25.15
C PRO A 107 -16.56 26.24 -23.75
N GLU A 108 -15.92 25.30 -23.09
CA GLU A 108 -16.24 24.97 -21.71
C GLU A 108 -15.34 25.78 -20.78
N GLU A 109 -15.92 26.22 -19.68
CA GLU A 109 -15.27 27.20 -18.82
C GLU A 109 -14.03 26.59 -18.16
N SER A 110 -12.89 27.23 -18.38
CA SER A 110 -11.58 26.67 -18.05
C SER A 110 -10.87 27.50 -16.98
N ASP A 111 -9.88 26.89 -16.35
CA ASP A 111 -9.24 27.44 -15.17
C ASP A 111 -8.10 28.41 -15.48
N GLY A 112 -7.71 28.54 -16.74
CA GLY A 112 -6.71 29.51 -17.13
C GLY A 112 -5.31 28.97 -17.35
N ARG A 113 -5.10 27.66 -17.23
CA ARG A 113 -3.84 27.06 -17.64
C ARG A 113 -4.03 26.00 -18.71
N SER A 114 -4.95 25.07 -18.50
CA SER A 114 -5.22 24.00 -19.45
C SER A 114 -6.58 24.24 -20.10
N VAL A 115 -6.63 24.18 -21.43
CA VAL A 115 -7.85 24.43 -22.18
C VAL A 115 -8.11 23.23 -23.08
N THR A 116 -9.33 22.70 -23.02
CA THR A 116 -9.78 21.64 -23.90
C THR A 116 -10.57 22.27 -25.03
N MET A 117 -10.03 22.22 -26.24
CA MET A 117 -10.63 22.88 -27.39
C MET A 117 -11.35 21.84 -28.25
N ASN A 118 -12.63 22.09 -28.51
CA ASN A 118 -13.43 21.24 -29.39
C ASN A 118 -13.47 21.92 -30.75
N ILE A 119 -12.57 21.51 -31.64
CA ILE A 119 -12.41 22.14 -32.93
C ILE A 119 -13.31 21.45 -33.95
N VAL A 120 -13.97 22.24 -34.79
CA VAL A 120 -14.81 21.74 -35.87
C VAL A 120 -14.26 22.28 -37.18
N ALA A 121 -14.00 21.38 -38.13
CA ALA A 121 -13.41 21.75 -39.41
C ALA A 121 -14.12 21.01 -40.53
N SER A 122 -13.81 21.42 -41.76
CA SER A 122 -14.42 20.78 -42.92
C SER A 122 -13.82 19.41 -43.20
N GLU A 123 -12.50 19.27 -43.04
CA GLU A 123 -11.84 18.02 -43.36
C GLU A 123 -10.44 18.04 -42.77
N ILE A 124 -9.98 16.88 -42.33
CA ILE A 124 -8.66 16.71 -41.72
C ILE A 124 -7.86 15.74 -42.57
N ASP A 125 -6.67 16.17 -43.00
CA ASP A 125 -5.84 15.41 -43.92
C ASP A 125 -4.82 14.60 -43.12
N GLU A 126 -4.55 13.39 -43.59
CA GLU A 126 -3.65 12.46 -42.92
C GLU A 126 -2.41 12.21 -43.77
N LEU A 127 -1.26 12.07 -43.11
CA LEU A 127 0.00 11.87 -43.81
C LEU A 127 0.28 10.41 -44.16
N LEU A 128 -0.13 9.47 -43.31
CA LEU A 128 0.09 8.05 -43.54
C LEU A 128 1.57 7.76 -43.80
N PRO A 129 2.40 7.73 -42.76
CA PRO A 129 3.86 7.62 -42.92
C PRO A 129 4.24 6.49 -43.87
N PRO A 130 5.47 6.55 -44.47
CA PRO A 130 5.78 5.71 -45.64
C PRO A 130 5.28 4.28 -45.61
N GLY A 131 4.56 3.90 -46.67
CA GLY A 131 3.89 2.62 -46.72
C GLY A 131 2.40 2.78 -46.49
N SER A 132 1.62 2.79 -47.57
CA SER A 132 0.18 3.01 -47.47
C SER A 132 -0.54 2.09 -48.43
N LEU A 133 -1.80 1.81 -48.10
CA LEU A 133 -2.66 0.96 -48.91
C LEU A 133 -2.04 -0.42 -49.14
N CYS B 3 39.34 9.74 -9.90
CA CYS B 3 38.85 9.21 -8.64
C CYS B 3 37.41 8.72 -8.85
N ASN B 4 37.23 7.89 -9.87
CA ASN B 4 35.94 7.29 -10.15
C ASN B 4 35.73 6.08 -9.23
N LYS B 5 34.75 5.25 -9.57
CA LYS B 5 34.41 4.04 -8.82
C LYS B 5 33.82 4.34 -7.45
N GLN B 6 33.34 5.56 -7.23
CA GLN B 6 32.74 5.95 -5.97
C GLN B 6 31.40 6.62 -6.23
N ASN B 7 30.41 6.28 -5.42
CA ASN B 7 29.05 6.78 -5.56
C ASN B 7 28.73 7.73 -4.43
N GLY B 8 28.27 8.92 -4.77
CA GLY B 8 27.95 9.94 -3.77
C GLY B 8 27.97 11.31 -4.41
N VAL B 9 27.57 12.29 -3.61
CA VAL B 9 27.53 13.67 -4.06
C VAL B 9 28.67 14.43 -3.39
N LYS B 10 29.20 15.41 -4.10
CA LYS B 10 30.27 16.25 -3.60
C LYS B 10 29.83 17.67 -3.26
N ASN B 11 29.03 18.30 -4.12
CA ASN B 11 28.51 19.63 -3.88
C ASN B 11 27.02 19.66 -4.17
N ILE B 12 26.27 20.35 -3.32
CA ILE B 12 24.84 20.57 -3.51
C ILE B 12 24.60 22.07 -3.40
N LEU B 13 24.18 22.69 -4.51
CA LEU B 13 23.94 24.12 -4.56
C LEU B 13 22.46 24.38 -4.79
N ILE B 14 21.87 25.20 -3.94
CA ILE B 14 20.44 25.52 -4.02
C ILE B 14 20.30 27.05 -3.98
N THR B 15 19.48 27.58 -4.88
CA THR B 15 19.18 29.01 -4.94
C THR B 15 17.68 29.19 -4.75
N PHE B 16 17.32 29.94 -3.71
CA PHE B 16 15.92 30.16 -3.37
C PHE B 16 15.43 31.48 -3.96
N THR B 17 14.27 31.45 -4.61
CA THR B 17 13.61 32.64 -5.13
C THR B 17 12.22 32.70 -4.51
N ASP B 18 11.97 33.74 -3.72
CA ASP B 18 10.67 33.88 -3.08
C ASP B 18 9.58 34.13 -4.13
N CYS B 19 8.36 33.68 -3.82
CA CYS B 19 7.26 33.76 -4.77
C CYS B 19 6.48 35.06 -4.67
N ASP B 20 6.45 35.69 -3.51
CA ASP B 20 5.71 36.93 -3.32
C ASP B 20 6.59 38.16 -3.15
N THR B 21 7.77 38.01 -2.54
CA THR B 21 8.69 39.12 -2.38
C THR B 21 9.71 39.20 -3.50
N GLN B 22 9.99 38.06 -4.16
CA GLN B 22 10.95 37.98 -5.27
C GLN B 22 12.35 38.36 -4.80
N GLU B 23 12.80 37.73 -3.73
CA GLU B 23 14.15 37.88 -3.21
C GLU B 23 14.95 36.63 -3.52
N VAL B 24 16.12 36.81 -4.13
CA VAL B 24 16.96 35.71 -4.56
C VAL B 24 18.05 35.47 -3.52
N ILE B 25 18.17 34.23 -3.07
CA ILE B 25 19.14 33.84 -2.05
C ILE B 25 19.94 32.66 -2.57
N GLY B 26 21.27 32.76 -2.50
CA GLY B 26 22.13 31.67 -2.90
C GLY B 26 23.15 32.09 -3.93
N PRO B 27 23.81 31.10 -4.56
CA PRO B 27 23.64 29.67 -4.32
C PRO B 27 24.39 29.15 -3.10
N ILE B 28 23.67 28.58 -2.13
CA ILE B 28 24.24 28.13 -0.88
C ILE B 28 24.51 26.63 -0.97
N SER B 29 25.64 26.20 -0.41
CA SER B 29 25.97 24.77 -0.38
C SER B 29 25.25 24.10 0.79
N HIS B 30 24.86 22.84 0.58
CA HIS B 30 24.14 22.06 1.57
C HIS B 30 24.85 20.72 1.76
N GLU B 31 24.31 19.90 2.67
CA GLU B 31 24.91 18.63 3.04
C GLU B 31 23.82 17.59 3.25
N GLN B 32 24.20 16.32 3.08
CA GLN B 32 23.25 15.24 3.25
C GLN B 32 22.83 15.10 4.72
N PRO B 33 21.60 14.66 4.97
CA PRO B 33 21.19 14.36 6.35
C PRO B 33 21.45 12.92 6.75
N ASP B 34 21.66 12.04 5.78
CA ASP B 34 21.84 10.62 6.07
C ASP B 34 22.57 9.98 4.89
N ASP B 35 22.55 8.65 4.85
CA ASP B 35 23.28 7.87 3.85
C ASP B 35 22.51 7.69 2.55
N THR B 36 21.28 8.20 2.45
CA THR B 36 20.50 8.06 1.23
C THR B 36 20.91 9.13 0.23
N LEU B 37 21.28 8.71 -0.97
CA LEU B 37 21.75 9.62 -2.00
C LEU B 37 20.57 10.30 -2.70
N PRO B 38 20.78 11.50 -3.24
CA PRO B 38 19.75 12.13 -4.07
C PRO B 38 19.41 11.25 -5.27
N THR B 39 18.14 11.25 -5.64
CA THR B 39 17.63 10.36 -6.67
C THR B 39 17.00 11.18 -7.78
N TYR B 40 17.27 10.79 -9.03
CA TYR B 40 16.95 11.63 -10.18
C TYR B 40 16.06 10.88 -11.15
N LYS B 41 15.48 11.65 -12.09
CA LYS B 41 14.69 11.09 -13.18
C LYS B 41 14.74 12.10 -14.31
N ASN B 42 15.46 11.78 -15.39
CA ASN B 42 15.73 12.75 -16.43
C ASN B 42 14.64 12.77 -17.51
N CYS B 43 14.27 11.60 -18.03
CA CYS B 43 13.36 11.54 -19.17
C CYS B 43 12.01 12.14 -18.78
N ALA B 44 11.63 13.21 -19.48
CA ALA B 44 10.43 13.98 -19.14
C ALA B 44 9.15 13.37 -19.69
N TRP B 45 9.19 12.14 -20.18
CA TRP B 45 8.01 11.45 -20.66
C TRP B 45 7.83 10.17 -19.86
N THR B 46 6.62 9.96 -19.33
CA THR B 46 6.27 8.73 -18.64
C THR B 46 5.53 7.83 -19.61
N ASN B 47 6.05 6.62 -19.81
CA ASN B 47 5.46 5.66 -20.72
C ASN B 47 4.39 4.85 -20.00
N THR B 48 3.74 3.95 -20.74
CA THR B 48 2.77 3.04 -20.14
C THR B 48 2.63 1.81 -21.03
N ALA B 49 2.10 0.75 -20.45
CA ALA B 49 1.99 -0.53 -21.15
C ALA B 49 0.68 -0.63 -21.90
N LEU B 50 0.75 -1.13 -23.14
CA LEU B 50 -0.43 -1.41 -23.94
C LEU B 50 -0.36 -2.85 -24.45
N THR B 51 -1.25 -3.21 -25.38
CA THR B 51 -1.31 -4.58 -25.86
C THR B 51 -0.26 -4.84 -26.93
N ASN B 52 0.48 -5.94 -26.77
CA ASN B 52 1.45 -6.42 -27.76
C ASN B 52 2.57 -5.41 -28.02
N GLY B 53 3.24 -5.02 -26.95
CA GLY B 53 4.46 -4.24 -27.05
C GLY B 53 4.27 -2.79 -27.39
N TYR B 54 3.05 -2.33 -27.62
CA TYR B 54 2.83 -0.91 -27.87
C TYR B 54 2.89 -0.12 -26.57
N VAL B 55 3.33 1.14 -26.69
CA VAL B 55 3.56 2.00 -25.54
C VAL B 55 2.99 3.37 -25.85
N GLN B 56 2.28 3.95 -24.89
CA GLN B 56 1.70 5.28 -25.04
C GLN B 56 2.55 6.29 -24.27
N ARG B 57 3.06 7.28 -24.99
CA ARG B 57 3.92 8.30 -24.40
C ARG B 57 3.07 9.47 -23.91
N SER B 58 3.07 9.69 -22.59
CA SER B 58 2.34 10.79 -21.98
C SER B 58 3.34 11.78 -21.39
N ALA B 59 3.07 13.07 -21.60
CA ALA B 59 3.96 14.10 -21.11
C ALA B 59 4.02 14.09 -19.59
N SER B 60 5.21 14.29 -19.05
CA SER B 60 5.43 14.25 -17.61
C SER B 60 6.59 15.20 -17.28
N ASN B 61 7.18 15.02 -16.11
CA ASN B 61 8.21 15.92 -15.62
C ASN B 61 9.50 15.15 -15.32
N ALA B 62 10.59 15.90 -15.27
CA ALA B 62 11.88 15.40 -14.81
C ALA B 62 11.98 15.68 -13.31
N THR B 63 11.62 14.69 -12.50
CA THR B 63 11.60 14.85 -11.06
C THR B 63 12.99 14.65 -10.47
N MET B 64 13.15 15.03 -9.21
CA MET B 64 14.41 14.86 -8.50
C MET B 64 14.14 14.88 -7.01
N THR B 65 14.44 13.77 -6.33
CA THR B 65 14.29 13.67 -4.89
C THR B 65 15.62 14.03 -4.24
N LEU B 66 15.59 15.00 -3.33
CA LEU B 66 16.82 15.56 -2.77
C LEU B 66 16.67 15.78 -1.27
N PRO B 67 17.25 14.91 -0.45
CA PRO B 67 17.28 15.17 1.00
C PRO B 67 18.49 15.98 1.41
N VAL B 68 18.28 17.10 2.10
CA VAL B 68 19.35 17.98 2.54
C VAL B 68 19.10 18.41 3.97
N VAL B 69 20.16 18.90 4.61
CA VAL B 69 20.06 19.53 5.92
C VAL B 69 19.82 21.02 5.69
N ARG B 70 18.74 21.54 6.27
CA ARG B 70 18.39 22.93 6.06
C ARG B 70 19.45 23.86 6.66
N ASP B 71 19.65 25.00 6.00
CA ASP B 71 20.53 26.02 6.53
C ASP B 71 19.79 26.85 7.56
N LEU B 72 20.46 27.14 8.69
CA LEU B 72 19.84 27.89 9.75
C LEU B 72 19.61 29.35 9.40
N ARG B 73 20.17 29.82 8.28
CA ARG B 73 19.98 31.19 7.83
C ARG B 73 18.81 31.34 6.87
N VAL B 74 18.10 30.26 6.57
CA VAL B 74 17.00 30.26 5.60
C VAL B 74 15.76 29.75 6.32
N PRO B 75 14.61 30.40 6.17
CA PRO B 75 13.39 29.90 6.83
C PRO B 75 13.02 28.52 6.33
N LEU B 76 12.42 27.73 7.24
CA LEU B 76 12.03 26.37 6.90
C LEU B 76 10.96 26.35 5.81
N ALA B 77 10.11 27.37 5.75
CA ALA B 77 9.07 27.42 4.74
C ALA B 77 9.64 27.44 3.33
N PHE B 78 10.85 27.94 3.15
CA PHE B 78 11.48 27.94 1.84
C PHE B 78 11.81 26.54 1.35
N TYR B 79 11.93 25.58 2.27
CA TYR B 79 12.22 24.19 1.90
C TYR B 79 10.97 23.36 1.71
N GLN B 80 9.77 23.96 1.78
CA GLN B 80 8.53 23.20 1.73
C GLN B 80 7.55 23.76 0.72
N GLY B 81 8.02 24.53 -0.26
CA GLY B 81 7.18 24.94 -1.38
C GLY B 81 6.75 26.39 -1.41
N CYS B 82 7.20 27.22 -0.47
CA CYS B 82 6.88 28.64 -0.53
C CYS B 82 7.83 29.44 -1.41
N ALA B 83 8.80 28.79 -2.06
CA ALA B 83 9.74 29.49 -2.91
C ALA B 83 10.24 28.55 -4.00
N GLN B 84 10.71 29.14 -5.09
CA GLN B 84 11.33 28.37 -6.16
C GLN B 84 12.75 27.97 -5.78
N VAL B 85 13.25 26.93 -6.44
CA VAL B 85 14.58 26.41 -6.18
C VAL B 85 15.29 26.19 -7.50
N ASP B 86 16.56 26.55 -7.56
CA ASP B 86 17.44 26.29 -8.70
C ASP B 86 18.59 25.43 -8.16
N VAL B 87 18.38 24.14 -8.14
CA VAL B 87 19.29 23.21 -7.50
C VAL B 87 20.30 22.70 -8.53
N GLN B 88 21.49 22.35 -8.05
CA GLN B 88 22.54 21.81 -8.92
C GLN B 88 23.43 20.93 -8.07
N VAL B 89 23.61 19.68 -8.48
CA VAL B 89 24.29 18.67 -7.68
C VAL B 89 25.43 18.07 -8.49
N GLU B 90 26.59 17.94 -7.85
CA GLU B 90 27.79 17.37 -8.47
C GLU B 90 28.15 16.08 -7.74
N LYS B 91 28.27 14.99 -8.50
CA LYS B 91 28.63 13.70 -7.95
C LYS B 91 30.14 13.51 -7.98
N PHE B 92 30.59 12.49 -7.23
CA PHE B 92 32.02 12.24 -7.10
C PHE B 92 32.67 11.78 -8.41
N ASP B 93 31.88 11.26 -9.35
CA ASP B 93 32.41 10.78 -10.61
C ASP B 93 32.36 11.81 -11.73
N GLY B 94 32.07 13.07 -11.40
CA GLY B 94 32.10 14.15 -12.38
C GLY B 94 30.75 14.54 -12.94
N THR B 95 29.70 13.76 -12.66
CA THR B 95 28.38 14.08 -13.20
C THR B 95 27.78 15.26 -12.44
N VAL B 96 27.11 16.15 -13.17
CA VAL B 96 26.46 17.32 -12.60
C VAL B 96 25.04 17.39 -13.11
N MET B 97 24.08 17.48 -12.19
CA MET B 97 22.67 17.66 -12.52
C MET B 97 22.32 19.13 -12.31
N THR B 98 21.91 19.79 -13.39
CA THR B 98 21.54 21.20 -13.36
C THR B 98 20.04 21.33 -13.50
N LEU B 99 19.42 22.07 -12.58
CA LEU B 99 17.96 22.22 -12.57
C LEU B 99 17.62 23.67 -12.30
N THR B 100 16.71 24.22 -13.10
CA THR B 100 16.25 25.60 -12.94
C THR B 100 14.72 25.63 -12.90
N GLU B 101 14.19 26.59 -12.14
CA GLU B 101 12.75 26.80 -12.04
C GLU B 101 12.03 25.56 -11.53
N GLY B 102 12.52 25.03 -10.41
CA GLY B 102 11.94 23.86 -9.78
C GLY B 102 10.98 24.23 -8.67
N ALA B 103 10.00 23.35 -8.43
CA ALA B 103 9.01 23.57 -7.40
C ALA B 103 8.82 22.30 -6.58
N VAL B 104 8.74 22.47 -5.26
CA VAL B 104 8.50 21.34 -4.37
C VAL B 104 7.01 21.03 -4.36
N VAL B 105 6.66 19.78 -4.66
CA VAL B 105 5.28 19.42 -4.91
C VAL B 105 4.58 18.90 -3.66
N GLU B 106 5.19 17.96 -2.94
CA GLU B 106 4.56 17.32 -1.80
C GLU B 106 5.36 17.64 -0.54
N PRO B 107 5.07 18.75 0.13
CA PRO B 107 5.81 19.07 1.34
C PRO B 107 5.49 18.09 2.46
N GLU B 108 6.47 17.26 2.80
CA GLU B 108 6.32 16.32 3.91
C GLU B 108 6.80 16.99 5.19
N GLU B 109 6.11 16.70 6.29
CA GLU B 109 6.45 17.31 7.57
C GLU B 109 7.89 16.98 7.95
N SER B 110 8.63 18.01 8.37
CA SER B 110 10.04 17.88 8.71
C SER B 110 10.25 18.26 10.16
N ASP B 111 11.30 17.68 10.75
CA ASP B 111 11.57 17.86 12.18
C ASP B 111 12.33 19.14 12.50
N GLY B 112 12.68 19.93 11.49
CA GLY B 112 13.38 21.18 11.72
C GLY B 112 14.87 21.14 11.44
N ARG B 113 15.44 19.97 11.14
CA ARG B 113 16.84 19.89 10.73
C ARG B 113 16.99 19.29 9.35
N SER B 114 16.35 18.16 9.07
CA SER B 114 16.45 17.47 7.79
C SER B 114 15.16 17.63 7.02
N VAL B 115 15.27 17.99 5.74
CA VAL B 115 14.12 18.19 4.86
C VAL B 115 14.33 17.38 3.60
N THR B 116 13.32 16.63 3.20
CA THR B 116 13.34 15.85 1.96
C THR B 116 12.55 16.60 0.90
N MET B 117 13.22 16.93 -0.20
CA MET B 117 12.60 17.69 -1.29
C MET B 117 12.15 16.75 -2.40
N ASN B 118 10.96 17.01 -2.91
CA ASN B 118 10.45 16.36 -4.11
C ASN B 118 10.35 17.45 -5.17
N ILE B 119 11.45 17.64 -5.91
CA ILE B 119 11.59 18.77 -6.82
C ILE B 119 11.11 18.36 -8.20
N VAL B 120 10.26 19.19 -8.80
CA VAL B 120 9.72 18.97 -10.13
C VAL B 120 10.09 20.15 -11.01
N ALA B 121 10.64 19.87 -12.20
CA ALA B 121 11.05 20.91 -13.11
C ALA B 121 10.85 20.42 -14.55
N SER B 122 10.95 21.37 -15.48
CA SER B 122 10.69 21.04 -16.89
C SER B 122 11.72 20.06 -17.43
N GLU B 123 12.99 20.26 -17.11
CA GLU B 123 14.05 19.42 -17.67
C GLU B 123 15.26 19.47 -16.77
N ILE B 124 15.97 18.34 -16.69
CA ILE B 124 17.21 18.22 -15.93
C ILE B 124 18.33 17.87 -16.90
N ASP B 125 19.42 18.63 -16.84
CA ASP B 125 20.53 18.46 -17.76
C ASP B 125 21.68 17.74 -17.07
N GLU B 126 22.26 16.78 -17.79
CA GLU B 126 23.37 15.98 -17.28
C GLU B 126 24.67 16.49 -17.89
N LEU B 127 25.69 16.66 -17.04
CA LEU B 127 26.97 17.16 -17.53
C LEU B 127 27.85 16.05 -18.11
N LEU B 128 27.64 14.80 -17.69
CA LEU B 128 28.18 13.64 -18.38
C LEU B 128 29.71 13.73 -18.54
N PRO B 129 30.46 13.40 -17.49
CA PRO B 129 31.92 13.62 -17.47
C PRO B 129 32.60 13.15 -18.76
N PRO B 130 33.77 13.70 -19.08
CA PRO B 130 34.28 13.62 -20.46
C PRO B 130 34.40 12.19 -20.96
N GLY B 131 34.08 12.02 -22.24
CA GLY B 131 33.97 10.71 -22.85
C GLY B 131 32.51 10.31 -22.98
N SER B 132 31.94 10.49 -24.16
CA SER B 132 30.51 10.29 -24.35
C SER B 132 30.25 9.50 -25.63
N LEU B 133 29.13 8.78 -25.63
CA LEU B 133 28.69 8.00 -26.79
C LEU B 133 29.77 7.05 -27.29
N ASN C 4 59.23 9.22 17.40
CA ASN C 4 60.02 9.02 18.61
C ASN C 4 59.97 7.55 19.04
N LYS C 5 59.31 6.73 18.22
CA LYS C 5 59.21 5.29 18.45
C LYS C 5 58.49 4.98 19.77
N GLN C 6 57.59 5.86 20.20
CA GLN C 6 56.79 5.65 21.38
C GLN C 6 55.34 6.00 21.07
N ASN C 7 54.42 5.14 21.50
CA ASN C 7 53.00 5.33 21.26
C ASN C 7 52.29 5.61 22.57
N GLY C 8 51.56 6.71 22.62
CA GLY C 8 50.86 7.10 23.82
C GLY C 8 50.56 8.58 23.80
N VAL C 9 49.73 8.99 24.76
CA VAL C 9 49.29 10.38 24.88
C VAL C 9 50.14 11.08 25.92
N LYS C 10 50.44 12.35 25.68
CA LYS C 10 51.22 13.18 26.59
C LYS C 10 50.36 14.18 27.34
N ASN C 11 49.56 14.97 26.62
CA ASN C 11 48.68 15.96 27.23
C ASN C 11 47.28 15.80 26.65
N ILE C 12 46.28 15.89 27.52
CA ILE C 12 44.87 15.86 27.12
C ILE C 12 44.20 17.08 27.73
N LEU C 13 43.54 17.87 26.89
CA LEU C 13 42.86 19.08 27.33
C LEU C 13 41.41 19.05 26.88
N ILE C 14 40.49 19.31 27.79
CA ILE C 14 39.06 19.33 27.49
C ILE C 14 38.50 20.67 27.97
N THR C 15 37.71 21.32 27.12
CA THR C 15 36.98 22.53 27.49
C THR C 15 35.49 22.21 27.49
N PHE C 16 34.83 22.46 28.61
CA PHE C 16 33.41 22.16 28.77
C PHE C 16 32.59 23.42 28.52
N THR C 17 31.59 23.31 27.65
CA THR C 17 30.66 24.40 27.38
C THR C 17 29.25 23.90 27.68
N ASP C 18 28.60 24.51 28.66
CA ASP C 18 27.25 24.09 29.03
C ASP C 18 26.26 24.49 27.94
N CYS C 19 25.11 23.79 27.94
CA CYS C 19 24.07 24.05 26.97
C CYS C 19 22.84 24.71 27.56
N ASP C 20 22.56 24.50 28.85
CA ASP C 20 21.44 25.15 29.51
C ASP C 20 21.82 26.47 30.16
N THR C 21 23.12 26.76 30.28
CA THR C 21 23.60 27.97 30.94
C THR C 21 24.67 28.71 30.15
N GLN C 22 25.39 28.03 29.25
CA GLN C 22 26.49 28.62 28.48
C GLN C 22 27.58 29.17 29.41
N GLU C 23 28.13 28.27 30.22
CA GLU C 23 29.33 28.54 31.00
C GLU C 23 30.48 27.74 30.43
N VAL C 24 31.62 28.40 30.21
CA VAL C 24 32.79 27.78 29.60
C VAL C 24 33.78 27.43 30.69
N ILE C 25 34.22 26.18 30.71
CA ILE C 25 35.16 25.68 31.71
C ILE C 25 36.33 25.03 30.97
N GLY C 26 37.54 25.44 31.30
CA GLY C 26 38.73 24.83 30.74
C GLY C 26 39.68 25.84 30.14
N PRO C 27 40.68 25.36 29.39
CA PRO C 27 40.91 23.93 29.12
C PRO C 27 41.69 23.21 30.21
N ILE C 28 41.03 22.25 30.87
CA ILE C 28 41.63 21.53 31.99
C ILE C 28 42.33 20.29 31.47
N SER C 29 43.43 19.92 32.14
CA SER C 29 44.16 18.70 31.80
C SER C 29 43.51 17.50 32.47
N HIS C 30 43.84 16.31 31.95
CA HIS C 30 43.28 15.07 32.45
C HIS C 30 44.35 13.98 32.41
N GLU C 31 43.97 12.78 32.86
CA GLU C 31 44.88 11.66 32.94
C GLU C 31 44.21 10.40 32.41
N GLN C 32 45.03 9.49 31.89
CA GLN C 32 44.53 8.22 31.41
C GLN C 32 44.02 7.36 32.58
N PRO C 33 42.89 6.68 32.42
CA PRO C 33 42.39 5.82 33.50
C PRO C 33 43.02 4.43 33.48
N ASP C 34 43.41 3.96 32.31
CA ASP C 34 43.98 2.62 32.15
C ASP C 34 44.96 2.65 30.98
N ASP C 35 45.35 1.46 30.53
CA ASP C 35 46.35 1.33 29.47
C ASP C 35 45.78 1.53 28.08
N THR C 36 44.47 1.66 27.94
CA THR C 36 43.89 1.88 26.61
C THR C 36 44.17 3.29 26.13
N LEU C 37 44.47 3.43 24.85
CA LEU C 37 44.80 4.73 24.30
C LEU C 37 43.58 5.37 23.64
N PRO C 38 43.49 6.70 23.65
CA PRO C 38 42.42 7.36 22.89
C PRO C 38 42.51 7.00 21.42
N THR C 39 41.35 6.82 20.80
CA THR C 39 41.25 6.23 19.48
C THR C 39 40.51 7.17 18.55
N TYR C 40 40.98 7.27 17.31
CA TYR C 40 40.58 8.33 16.41
C TYR C 40 39.92 7.79 15.15
N LYS C 41 39.20 8.67 14.46
CA LYS C 41 38.67 8.38 13.12
C LYS C 41 38.45 9.72 12.44
N ASN C 42 39.28 10.04 11.45
CA ASN C 42 39.30 11.38 10.88
C ASN C 42 38.45 11.51 9.62
N CYS C 43 38.45 10.49 8.76
CA CYS C 43 37.73 10.57 7.49
C CYS C 43 36.25 10.65 7.76
N ALA C 44 35.65 11.80 7.47
CA ALA C 44 34.26 12.08 7.80
C ALA C 44 33.26 11.42 6.85
N TRP C 45 33.71 10.54 5.98
CA TRP C 45 32.84 9.82 5.06
C TRP C 45 32.95 8.33 5.32
N THR C 46 31.80 7.69 5.54
CA THR C 46 31.74 6.24 5.71
C THR C 46 31.44 5.59 4.37
N ASN C 47 32.36 4.78 3.90
CA ASN C 47 32.20 4.07 2.65
C ASN C 47 31.35 2.81 2.87
N THR C 48 31.00 2.15 1.77
CA THR C 48 30.20 0.93 1.82
C THR C 48 30.48 0.08 0.60
N ALA C 49 30.64 -1.22 0.81
CA ALA C 49 30.95 -2.13 -0.28
C ALA C 49 29.74 -2.28 -1.21
N LEU C 50 30.02 -2.26 -2.52
CA LEU C 50 29.02 -2.49 -3.54
C LEU C 50 29.50 -3.60 -4.47
N THR C 51 28.84 -3.79 -5.61
CA THR C 51 29.19 -4.88 -6.52
C THR C 51 30.25 -4.41 -7.51
N ASN C 52 31.32 -5.20 -7.61
CA ASN C 52 32.42 -4.99 -8.57
C ASN C 52 33.06 -3.62 -8.33
N GLY C 53 33.75 -3.54 -7.19
CA GLY C 53 34.65 -2.44 -6.90
C GLY C 53 34.00 -1.12 -6.58
N TYR C 54 32.75 -0.90 -6.98
CA TYR C 54 32.10 0.37 -6.68
C TYR C 54 31.89 0.54 -5.18
N VAL C 55 31.94 1.79 -4.73
CA VAL C 55 31.79 2.12 -3.33
C VAL C 55 30.82 3.29 -3.21
N GLN C 56 29.95 3.23 -2.20
CA GLN C 56 28.95 4.27 -1.96
C GLN C 56 29.43 5.16 -0.83
N ARG C 57 29.94 6.35 -1.17
CA ARG C 57 30.40 7.30 -0.17
C ARG C 57 29.20 8.01 0.43
N SER C 58 28.95 7.79 1.71
CA SER C 58 27.84 8.40 2.42
C SER C 58 28.38 9.31 3.51
N ALA C 59 27.70 10.44 3.73
CA ALA C 59 28.14 11.39 4.74
C ALA C 59 28.09 10.76 6.13
N SER C 60 29.10 11.05 6.94
CA SER C 60 29.18 10.51 8.29
C SER C 60 29.95 11.51 9.14
N ASN C 61 30.43 11.05 10.29
CA ASN C 61 31.10 11.90 11.27
C ASN C 61 32.54 11.47 11.48
N ALA C 62 33.33 12.38 12.04
CA ALA C 62 34.66 12.08 12.53
C ALA C 62 34.57 11.88 14.03
N THR C 63 34.64 10.62 14.47
CA THR C 63 34.45 10.27 15.87
C THR C 63 35.79 10.19 16.59
N MET C 64 35.71 10.07 17.91
CA MET C 64 36.92 9.98 18.73
C MET C 64 36.53 9.39 20.08
N THR C 65 37.08 8.23 20.42
CA THR C 65 36.86 7.59 21.71
C THR C 65 37.98 8.01 22.66
N LEU C 66 37.60 8.56 23.81
CA LEU C 66 38.56 9.16 24.73
C LEU C 66 38.26 8.76 26.16
N PRO C 67 39.00 7.80 26.72
CA PRO C 67 38.86 7.50 28.15
C PRO C 67 39.74 8.39 29.01
N VAL C 68 39.15 9.10 29.97
CA VAL C 68 39.88 9.98 30.87
C VAL C 68 39.38 9.77 32.29
N VAL C 69 40.20 10.22 33.24
CA VAL C 69 39.80 10.29 34.64
C VAL C 69 39.12 11.62 34.87
N ARG C 70 37.87 11.59 35.32
CA ARG C 70 37.12 12.82 35.53
C ARG C 70 37.76 13.66 36.63
N ASP C 71 37.72 14.97 36.45
CA ASP C 71 38.22 15.90 37.45
C ASP C 71 37.18 16.05 38.55
N LEU C 72 37.63 15.99 39.81
CA LEU C 72 36.70 16.04 40.94
C LEU C 72 36.05 17.41 41.11
N ARG C 73 36.53 18.43 40.40
CA ARG C 73 35.93 19.76 40.48
C ARG C 73 34.84 19.97 39.45
N VAL C 74 34.52 18.97 38.63
CA VAL C 74 33.53 19.11 37.57
C VAL C 74 32.43 18.08 37.78
N PRO C 75 31.16 18.46 37.63
CA PRO C 75 30.08 17.48 37.73
C PRO C 75 30.22 16.37 36.69
N LEU C 76 29.81 15.17 37.08
CA LEU C 76 29.91 14.02 36.19
C LEU C 76 29.01 14.16 34.97
N ALA C 77 27.90 14.89 35.10
CA ALA C 77 26.98 15.05 33.98
C ALA C 77 27.64 15.72 32.79
N PHE C 78 28.63 16.59 33.03
CA PHE C 78 29.35 17.24 31.94
C PHE C 78 30.11 16.24 31.09
N TYR C 79 30.42 15.07 31.63
CA TYR C 79 31.16 14.03 30.92
C TYR C 79 30.25 13.07 30.16
N GLN C 80 28.94 13.27 30.20
CA GLN C 80 28.00 12.30 29.63
C GLN C 80 26.95 12.99 28.76
N GLY C 81 27.36 14.02 28.02
CA GLY C 81 26.53 14.59 26.98
C GLY C 81 25.70 15.79 27.37
N CYS C 82 25.67 16.19 28.64
CA CYS C 82 24.99 17.43 29.01
C CYS C 82 25.82 18.68 28.74
N ALA C 83 26.88 18.58 27.93
CA ALA C 83 27.68 19.76 27.60
C ALA C 83 28.50 19.46 26.35
N GLN C 84 28.97 20.53 25.72
CA GLN C 84 29.89 20.40 24.61
C GLN C 84 31.32 20.24 25.12
N VAL C 85 32.18 19.65 24.29
CA VAL C 85 33.56 19.38 24.65
C VAL C 85 34.47 19.91 23.56
N ASP C 86 35.59 20.51 23.96
CA ASP C 86 36.61 21.02 23.07
C ASP C 86 37.89 20.28 23.42
N VAL C 87 38.09 19.11 22.81
CA VAL C 87 39.14 18.19 23.21
C VAL C 87 40.36 18.41 22.34
N GLN C 88 41.54 18.27 22.94
CA GLN C 88 42.81 18.43 22.23
C GLN C 88 43.80 17.44 22.82
N VAL C 89 44.27 16.51 22.00
CA VAL C 89 45.13 15.42 22.46
C VAL C 89 46.46 15.50 21.72
N GLU C 90 47.55 15.36 22.46
CA GLU C 90 48.90 15.40 21.91
C GLU C 90 49.63 14.12 22.27
N LYS C 91 50.25 13.49 21.27
CA LYS C 91 50.95 12.23 21.48
C LYS C 91 52.43 12.48 21.71
N PHE C 92 53.16 11.41 22.03
CA PHE C 92 54.60 11.53 22.29
C PHE C 92 55.41 11.74 21.01
N ASP C 93 54.86 11.38 19.85
CA ASP C 93 55.56 11.51 18.58
C ASP C 93 55.33 12.87 17.92
N GLY C 94 54.63 13.79 18.59
CA GLY C 94 54.39 15.11 18.07
C GLY C 94 53.01 15.33 17.48
N THR C 95 52.27 14.26 17.19
CA THR C 95 50.94 14.40 16.63
C THR C 95 50.02 15.09 17.63
N VAL C 96 49.20 16.02 17.12
CA VAL C 96 48.24 16.74 17.93
C VAL C 96 46.89 16.71 17.21
N MET C 97 45.87 16.19 17.88
CA MET C 97 44.52 16.13 17.35
C MET C 97 43.66 17.19 18.03
N THR C 98 43.00 18.02 17.24
CA THR C 98 42.18 19.12 17.75
C THR C 98 40.73 18.88 17.34
N LEU C 99 39.82 19.04 18.29
CA LEU C 99 38.40 18.79 18.08
C LEU C 99 37.59 19.92 18.68
N THR C 100 36.63 20.44 17.93
CA THR C 100 35.78 21.53 18.39
C THR C 100 34.32 21.21 18.12
N GLU C 101 33.44 21.76 18.96
CA GLU C 101 32.00 21.59 18.83
C GLU C 101 31.62 20.11 18.83
N GLY C 102 32.15 19.38 19.79
CA GLY C 102 31.90 17.95 19.92
C GLY C 102 30.87 17.65 21.00
N ALA C 103 30.17 16.54 20.84
CA ALA C 103 29.18 16.09 21.81
C ALA C 103 29.32 14.60 22.04
N VAL C 104 28.92 14.16 23.22
CA VAL C 104 28.99 12.75 23.61
C VAL C 104 27.72 12.07 23.13
N VAL C 105 27.87 10.99 22.36
CA VAL C 105 26.72 10.36 21.71
C VAL C 105 26.07 9.31 22.60
N GLU C 106 26.84 8.36 23.13
CA GLU C 106 26.30 7.20 23.84
C GLU C 106 26.93 7.11 25.21
N PRO C 107 26.47 7.92 26.16
CA PRO C 107 27.01 7.82 27.52
C PRO C 107 26.77 6.44 28.11
N GLU C 108 27.75 5.95 28.87
CA GLU C 108 27.66 4.65 29.49
C GLU C 108 27.71 4.79 31.00
N GLU C 109 27.24 3.77 31.69
CA GLU C 109 27.10 3.80 33.14
C GLU C 109 28.49 3.79 33.78
N SER C 110 28.92 4.93 34.30
CA SER C 110 30.26 5.08 34.84
C SER C 110 30.25 5.07 36.36
N ASP C 111 31.38 4.67 36.94
CA ASP C 111 31.52 4.51 38.38
C ASP C 111 31.91 5.80 39.10
N GLY C 112 32.07 6.90 38.38
CA GLY C 112 32.41 8.16 38.99
C GLY C 112 33.88 8.51 39.02
N ARG C 113 34.75 7.66 38.47
CA ARG C 113 36.16 7.98 38.35
C ARG C 113 36.63 7.99 36.90
N SER C 114 36.31 6.94 36.14
CA SER C 114 36.75 6.82 34.75
C SER C 114 35.54 6.90 33.83
N VAL C 115 35.60 7.81 32.86
CA VAL C 115 34.54 8.00 31.88
C VAL C 115 35.14 7.83 30.49
N THR C 116 34.51 6.99 29.68
CA THR C 116 34.94 6.75 28.31
C THR C 116 34.05 7.58 27.39
N MET C 117 34.53 8.74 26.98
CA MET C 117 33.77 9.59 26.08
C MET C 117 33.71 8.98 24.68
N ASN C 118 32.52 9.02 24.09
CA ASN C 118 32.34 8.72 22.67
C ASN C 118 31.96 10.04 22.01
N ILE C 119 32.96 10.74 21.49
CA ILE C 119 32.81 12.13 21.05
C ILE C 119 32.62 12.17 19.55
N VAL C 120 31.64 12.94 19.11
CA VAL C 120 31.34 13.12 17.69
C VAL C 120 31.63 14.56 17.31
N ALA C 121 32.12 14.75 16.09
CA ALA C 121 32.46 16.09 15.63
C ALA C 121 32.46 16.13 14.11
N SER C 122 32.37 17.34 13.58
CA SER C 122 32.36 17.52 12.13
C SER C 122 33.73 17.20 11.52
N GLU C 123 34.80 17.63 12.16
CA GLU C 123 36.13 17.39 11.60
C GLU C 123 37.15 17.36 12.74
N ILE C 124 38.20 16.57 12.54
CA ILE C 124 39.34 16.49 13.46
C ILE C 124 40.58 16.89 12.70
N ASP C 125 41.36 17.81 13.28
CA ASP C 125 42.55 18.35 12.64
C ASP C 125 43.80 17.68 13.21
N GLU C 126 44.70 17.25 12.33
CA GLU C 126 45.94 16.58 12.70
C GLU C 126 47.11 17.51 12.47
N LEU C 127 48.05 17.52 13.43
CA LEU C 127 49.16 18.46 13.36
C LEU C 127 50.35 17.93 12.57
N LEU C 128 50.50 16.60 12.46
CA LEU C 128 51.48 15.99 11.58
C LEU C 128 52.90 16.51 11.83
N PRO C 129 53.58 16.00 12.85
CA PRO C 129 54.91 16.54 13.25
C PRO C 129 55.83 16.75 12.06
N PRO C 130 56.80 17.65 12.17
CA PRO C 130 57.44 18.24 10.98
C PRO C 130 58.00 17.19 10.03
N GLY C 131 57.82 17.45 8.74
CA GLY C 131 58.15 16.49 7.70
C GLY C 131 56.90 15.80 7.21
N SER C 132 56.34 16.26 6.09
CA SER C 132 55.06 15.77 5.61
C SER C 132 55.12 15.52 4.12
N LEU C 133 54.31 14.57 3.66
CA LEU C 133 54.18 14.23 2.25
C LEU C 133 55.53 13.88 1.62
N CYS D 3 8.84 32.98 -10.31
CA CYS D 3 7.64 32.69 -9.56
C CYS D 3 6.56 32.09 -10.46
N ASN D 4 6.85 32.08 -11.76
CA ASN D 4 5.92 31.53 -12.74
C ASN D 4 5.95 30.00 -12.70
N LYS D 5 5.28 29.35 -13.65
CA LYS D 5 5.16 27.90 -13.73
C LYS D 5 4.41 27.31 -12.53
N GLN D 6 3.67 28.14 -11.82
CA GLN D 6 2.88 27.70 -10.66
C GLN D 6 1.44 28.14 -10.87
N ASN D 7 0.56 27.17 -11.14
CA ASN D 7 -0.85 27.47 -11.34
C ASN D 7 -1.55 27.62 -10.00
N GLY D 8 -2.26 28.74 -9.82
CA GLY D 8 -2.95 28.98 -8.58
C GLY D 8 -3.50 30.39 -8.55
N VAL D 9 -4.03 30.76 -7.39
CA VAL D 9 -4.61 32.08 -7.20
C VAL D 9 -3.96 32.73 -5.98
N LYS D 10 -3.51 33.96 -6.15
CA LYS D 10 -2.82 34.71 -5.09
C LYS D 10 -3.76 35.61 -4.31
N ASN D 11 -4.49 36.49 -4.99
CA ASN D 11 -5.39 37.44 -4.33
C ASN D 11 -6.76 37.39 -4.96
N ILE D 12 -7.80 37.49 -4.13
CA ILE D 12 -9.18 37.61 -4.56
C ILE D 12 -9.78 38.82 -3.87
N LEU D 13 -10.27 39.77 -4.66
CA LEU D 13 -10.89 40.98 -4.14
C LEU D 13 -12.33 41.05 -4.61
N ILE D 14 -13.26 41.23 -3.68
CA ILE D 14 -14.68 41.28 -3.98
C ILE D 14 -15.26 42.55 -3.37
N THR D 15 -16.04 43.28 -4.16
CA THR D 15 -16.74 44.47 -3.70
C THR D 15 -18.23 44.24 -3.84
N PHE D 16 -18.97 44.33 -2.73
CA PHE D 16 -20.40 44.09 -2.72
C PHE D 16 -21.15 45.41 -2.87
N THR D 17 -22.08 45.46 -3.81
CA THR D 17 -22.95 46.60 -4.02
C THR D 17 -24.39 46.12 -3.89
N ASP D 18 -25.00 46.38 -2.74
CA ASP D 18 -26.35 45.91 -2.49
C ASP D 18 -27.33 46.55 -3.47
N CYS D 19 -28.28 45.75 -3.96
CA CYS D 19 -29.26 46.21 -4.92
C CYS D 19 -30.47 46.87 -4.26
N ASP D 20 -30.59 46.79 -2.93
CA ASP D 20 -31.71 47.39 -2.22
C ASP D 20 -31.35 48.73 -1.59
N THR D 21 -30.32 48.75 -0.74
CA THR D 21 -29.90 49.97 -0.08
C THR D 21 -28.86 50.76 -0.86
N GLN D 22 -28.37 50.21 -1.98
CA GLN D 22 -27.37 50.86 -2.82
C GLN D 22 -26.11 51.20 -2.01
N GLU D 23 -25.73 50.31 -1.12
CA GLU D 23 -24.50 50.47 -0.34
C GLU D 23 -23.34 49.77 -1.04
N VAL D 24 -22.13 50.21 -0.71
CA VAL D 24 -20.90 49.66 -1.28
C VAL D 24 -20.01 49.19 -0.14
N ILE D 25 -19.54 47.95 -0.23
CA ILE D 25 -18.65 47.35 0.76
C ILE D 25 -17.47 46.73 0.02
N GLY D 26 -16.26 47.05 0.46
CA GLY D 26 -15.07 46.46 -0.10
C GLY D 26 -14.08 47.49 -0.60
N PRO D 27 -13.04 47.04 -1.32
CA PRO D 27 -12.82 45.63 -1.67
C PRO D 27 -12.19 44.84 -0.54
N ILE D 28 -12.74 43.65 -0.27
CA ILE D 28 -12.31 42.80 0.83
C ILE D 28 -11.62 41.58 0.27
N SER D 29 -10.42 41.29 0.77
CA SER D 29 -9.71 40.10 0.35
C SER D 29 -10.40 38.84 0.90
N HIS D 30 -10.36 37.77 0.10
CA HIS D 30 -10.97 36.51 0.46
C HIS D 30 -9.95 35.39 0.31
N GLU D 31 -10.40 34.15 0.48
CA GLU D 31 -9.50 33.00 0.49
C GLU D 31 -10.24 31.77 -0.04
N GLN D 32 -9.45 30.81 -0.50
CA GLN D 32 -9.98 29.58 -1.10
C GLN D 32 -10.50 28.63 -0.03
N PRO D 33 -11.62 27.95 -0.27
CA PRO D 33 -12.13 26.97 0.70
C PRO D 33 -11.51 25.59 0.55
N ASP D 34 -11.05 25.26 -0.65
CA ASP D 34 -10.51 23.93 -0.93
C ASP D 34 -9.47 24.06 -2.04
N ASP D 35 -9.12 22.93 -2.65
CA ASP D 35 -8.05 22.88 -3.63
C ASP D 35 -8.51 23.21 -5.04
N THR D 36 -9.80 23.42 -5.27
CA THR D 36 -10.28 23.78 -6.60
C THR D 36 -9.99 25.24 -6.89
N LEU D 37 -9.55 25.51 -8.12
CA LEU D 37 -9.21 26.87 -8.49
C LEU D 37 -10.40 27.57 -9.14
N PRO D 38 -10.46 28.90 -9.05
CA PRO D 38 -11.48 29.64 -9.81
C PRO D 38 -11.30 29.40 -11.30
N THR D 39 -12.43 29.33 -12.00
CA THR D 39 -12.48 28.84 -13.36
C THR D 39 -13.23 29.86 -14.22
N TYR D 40 -12.70 30.15 -15.41
CA TYR D 40 -13.11 31.33 -16.16
C TYR D 40 -13.64 30.95 -17.53
N LYS D 41 -14.32 31.92 -18.16
CA LYS D 41 -14.74 31.82 -19.56
C LYS D 41 -14.81 33.25 -20.09
N ASN D 42 -13.86 33.60 -20.96
CA ASN D 42 -13.70 34.99 -21.39
C ASN D 42 -14.49 35.33 -22.65
N CYS D 43 -14.50 34.45 -23.65
CA CYS D 43 -15.18 34.74 -24.90
C CYS D 43 -16.67 34.92 -24.66
N ALA D 44 -17.19 36.09 -25.03
CA ALA D 44 -18.59 36.43 -24.79
C ALA D 44 -19.53 35.84 -25.85
N TRP D 45 -19.03 34.97 -26.71
CA TRP D 45 -19.85 34.31 -27.71
C TRP D 45 -19.73 32.80 -27.54
N THR D 46 -20.86 32.11 -27.63
CA THR D 46 -20.89 30.66 -27.65
C THR D 46 -21.19 30.17 -29.06
N ASN D 47 -20.65 29.01 -29.40
CA ASN D 47 -20.77 28.46 -30.74
C ASN D 47 -21.61 27.19 -30.71
N THR D 48 -21.92 26.69 -31.90
CA THR D 48 -22.74 25.50 -32.05
C THR D 48 -22.38 24.82 -33.36
N ALA D 49 -22.31 23.48 -33.33
CA ALA D 49 -21.90 22.74 -34.51
C ALA D 49 -22.98 22.77 -35.57
N LEU D 50 -22.55 22.86 -36.83
CA LEU D 50 -23.47 22.84 -37.97
C LEU D 50 -23.03 21.78 -38.97
N THR D 51 -23.65 21.78 -40.15
CA THR D 51 -23.33 20.79 -41.17
C THR D 51 -22.14 21.26 -41.99
N ASN D 52 -21.18 20.35 -42.21
CA ASN D 52 -20.05 20.56 -43.11
C ASN D 52 -19.19 21.75 -42.67
N GLY D 53 -18.64 21.63 -41.45
CA GLY D 53 -17.63 22.56 -40.97
C GLY D 53 -18.13 23.89 -40.47
N TYR D 54 -19.33 24.32 -40.86
CA TYR D 54 -19.83 25.62 -40.45
C TYR D 54 -20.12 25.63 -38.94
N VAL D 55 -20.12 26.82 -38.36
CA VAL D 55 -20.32 27.01 -36.94
C VAL D 55 -21.24 28.21 -36.74
N GLN D 56 -22.25 28.05 -35.89
CA GLN D 56 -23.19 29.12 -35.58
C GLN D 56 -22.73 29.86 -34.33
N ARG D 57 -22.60 31.18 -34.45
CA ARG D 57 -22.18 32.04 -33.34
C ARG D 57 -23.39 32.76 -32.78
N SER D 58 -23.60 32.64 -31.47
CA SER D 58 -24.72 33.27 -30.79
C SER D 58 -24.22 34.04 -29.59
N ALA D 59 -24.99 35.04 -29.18
CA ALA D 59 -24.62 35.87 -28.05
C ALA D 59 -24.60 35.06 -26.77
N SER D 60 -23.59 35.32 -25.93
CA SER D 60 -23.42 34.60 -24.68
C SER D 60 -22.79 35.56 -23.67
N ASN D 61 -22.28 35.01 -22.57
CA ASN D 61 -21.75 35.81 -21.48
C ASN D 61 -20.39 35.29 -21.05
N ALA D 62 -19.66 36.14 -20.33
CA ALA D 62 -18.41 35.75 -19.70
C ALA D 62 -18.71 35.30 -18.28
N THR D 63 -18.67 34.00 -18.04
CA THR D 63 -19.03 33.42 -16.76
C THR D 63 -17.80 33.28 -15.87
N MET D 64 -18.04 32.88 -14.63
CA MET D 64 -16.98 32.75 -13.64
C MET D 64 -17.49 31.94 -12.46
N THR D 65 -16.72 30.93 -12.06
CA THR D 65 -17.04 30.12 -10.89
C THR D 65 -15.99 30.42 -9.83
N LEU D 66 -16.42 31.03 -8.72
CA LEU D 66 -15.51 31.48 -7.67
C LEU D 66 -15.82 30.80 -6.36
N PRO D 67 -15.10 29.73 -6.00
CA PRO D 67 -15.25 29.16 -4.66
C PRO D 67 -14.42 29.97 -3.65
N VAL D 68 -15.11 30.54 -2.67
CA VAL D 68 -14.46 31.37 -1.65
C VAL D 68 -15.03 31.03 -0.28
N VAL D 69 -14.28 31.42 0.75
CA VAL D 69 -14.75 31.34 2.13
C VAL D 69 -15.44 32.64 2.48
N ARG D 70 -16.68 32.54 2.95
CA ARG D 70 -17.45 33.73 3.28
C ARG D 70 -16.77 34.50 4.41
N ASP D 71 -16.95 35.82 4.38
CA ASP D 71 -16.42 36.69 5.42
C ASP D 71 -17.51 36.93 6.47
N LEU D 72 -17.16 36.71 7.74
CA LEU D 72 -18.15 36.77 8.81
C LEU D 72 -18.74 38.15 9.01
N ARG D 73 -18.13 39.19 8.45
CA ARG D 73 -18.65 40.55 8.54
C ARG D 73 -19.66 40.87 7.45
N VAL D 74 -19.93 39.93 6.55
CA VAL D 74 -20.78 40.16 5.39
C VAL D 74 -21.95 39.19 5.47
N PRO D 75 -23.19 39.64 5.29
CA PRO D 75 -24.33 38.70 5.29
C PRO D 75 -24.20 37.67 4.18
N LEU D 76 -24.65 36.45 4.48
CA LEU D 76 -24.54 35.36 3.52
C LEU D 76 -25.38 35.61 2.27
N ALA D 77 -26.43 36.42 2.36
CA ALA D 77 -27.27 36.70 1.20
C ALA D 77 -26.51 37.42 0.09
N PHE D 78 -25.45 38.14 0.43
CA PHE D 78 -24.68 38.86 -0.59
C PHE D 78 -23.96 37.89 -1.53
N TYR D 79 -23.50 36.76 -1.01
CA TYR D 79 -22.83 35.75 -1.82
C TYR D 79 -23.81 34.93 -2.66
N GLN D 80 -25.11 35.09 -2.47
CA GLN D 80 -26.11 34.21 -3.07
C GLN D 80 -27.07 34.96 -3.99
N GLY D 81 -26.64 36.09 -4.54
CA GLY D 81 -27.40 36.78 -5.56
C GLY D 81 -28.22 37.96 -5.09
N CYS D 82 -28.17 38.32 -3.82
CA CYS D 82 -28.87 39.50 -3.32
C CYS D 82 -28.03 40.77 -3.41
N ALA D 83 -26.89 40.72 -4.09
CA ALA D 83 -26.04 41.89 -4.24
C ALA D 83 -25.19 41.73 -5.50
N GLN D 84 -24.64 42.85 -5.95
CA GLN D 84 -23.78 42.89 -7.14
C GLN D 84 -22.33 42.89 -6.70
N VAL D 85 -21.49 42.16 -7.44
CA VAL D 85 -20.11 41.90 -7.05
C VAL D 85 -19.18 42.33 -8.17
N ASP D 86 -18.05 42.94 -7.79
CA ASP D 86 -16.98 43.31 -8.71
C ASP D 86 -15.73 42.54 -8.28
N VAL D 87 -15.56 41.35 -8.82
CA VAL D 87 -14.49 40.45 -8.39
C VAL D 87 -13.22 40.76 -9.19
N GLN D 88 -12.07 40.43 -8.60
CA GLN D 88 -10.78 40.67 -9.23
C GLN D 88 -9.80 39.63 -8.70
N VAL D 89 -9.33 38.75 -9.58
CA VAL D 89 -8.50 37.60 -9.20
C VAL D 89 -7.15 37.72 -9.87
N GLU D 90 -6.08 37.54 -9.08
CA GLU D 90 -4.71 37.59 -9.57
C GLU D 90 -4.06 36.23 -9.35
N LYS D 91 -3.58 35.62 -10.44
CA LYS D 91 -2.91 34.34 -10.36
C LYS D 91 -1.42 34.53 -10.04
N PHE D 92 -0.74 33.43 -9.74
CA PHE D 92 0.67 33.50 -9.39
C PHE D 92 1.56 33.82 -10.59
N ASP D 93 1.09 33.62 -11.81
CA ASP D 93 1.87 33.91 -13.00
C ASP D 93 1.73 35.36 -13.45
N GLY D 94 1.00 36.19 -12.71
CA GLY D 94 0.86 37.59 -13.03
C GLY D 94 -0.45 37.97 -13.69
N THR D 95 -1.20 37.00 -14.19
CA THR D 95 -2.48 37.29 -14.85
C THR D 95 -3.47 37.85 -13.84
N VAL D 96 -4.20 38.88 -14.25
CA VAL D 96 -5.23 39.50 -13.42
C VAL D 96 -6.52 39.54 -14.23
N MET D 97 -7.56 38.85 -13.73
CA MET D 97 -8.87 38.86 -14.35
C MET D 97 -9.76 39.83 -13.59
N THR D 98 -10.27 40.84 -14.30
CA THR D 98 -11.08 41.89 -13.70
C THR D 98 -12.52 41.75 -14.18
N LEU D 99 -13.46 41.80 -13.24
CA LEU D 99 -14.88 41.68 -13.56
C LEU D 99 -15.63 42.76 -12.81
N THR D 100 -16.49 43.49 -13.53
CA THR D 100 -17.30 44.55 -12.93
C THR D 100 -18.76 44.33 -13.28
N GLU D 101 -19.63 44.79 -12.37
CA GLU D 101 -21.07 44.72 -12.56
C GLU D 101 -21.56 43.29 -12.71
N GLY D 102 -21.10 42.41 -11.81
CA GLY D 102 -21.45 41.01 -11.87
C GLY D 102 -22.72 40.68 -11.09
N ALA D 103 -23.17 39.44 -11.25
CA ALA D 103 -24.35 38.96 -10.57
C ALA D 103 -24.31 37.44 -10.48
N VAL D 104 -24.64 36.91 -9.31
CA VAL D 104 -24.68 35.47 -9.10
C VAL D 104 -25.98 34.93 -9.67
N VAL D 105 -25.88 33.86 -10.47
CA VAL D 105 -27.01 33.36 -11.24
C VAL D 105 -27.71 32.19 -10.57
N GLU D 106 -26.97 31.17 -10.16
CA GLU D 106 -27.54 29.91 -9.68
C GLU D 106 -27.01 29.62 -8.28
N PRO D 107 -27.55 30.28 -7.26
CA PRO D 107 -27.08 30.02 -5.90
C PRO D 107 -27.38 28.59 -5.46
N GLU D 108 -26.46 28.04 -4.66
CA GLU D 108 -26.61 26.73 -4.09
C GLU D 108 -26.57 26.84 -2.57
N GLU D 109 -27.20 25.88 -1.90
CA GLU D 109 -27.25 25.88 -0.45
C GLU D 109 -25.85 25.71 0.12
N SER D 110 -25.43 26.66 0.95
CA SER D 110 -24.10 26.65 1.53
C SER D 110 -24.15 26.28 3.01
N ASP D 111 -23.07 25.68 3.49
CA ASP D 111 -22.99 25.23 4.87
C ASP D 111 -22.70 26.36 5.85
N GLY D 112 -22.47 27.58 5.36
CA GLY D 112 -22.20 28.72 6.20
C GLY D 112 -20.74 29.12 6.27
N ARG D 113 -19.83 28.37 5.65
CA ARG D 113 -18.44 28.78 5.56
C ARG D 113 -17.97 28.91 4.12
N SER D 114 -18.23 27.91 3.28
CA SER D 114 -17.75 27.89 1.90
C SER D 114 -18.90 28.16 0.95
N VAL D 115 -18.70 29.11 0.04
CA VAL D 115 -19.71 29.50 -0.94
C VAL D 115 -19.07 29.45 -2.32
N THR D 116 -19.76 28.84 -3.27
CA THR D 116 -19.30 28.76 -4.66
C THR D 116 -20.18 29.69 -5.50
N MET D 117 -19.59 30.77 -5.99
CA MET D 117 -20.32 31.70 -6.84
C MET D 117 -20.38 31.21 -8.28
N ASN D 118 -21.40 31.66 -9.00
CA ASN D 118 -21.52 31.50 -10.44
C ASN D 118 -21.78 32.89 -10.99
N ILE D 119 -20.70 33.62 -11.24
CA ILE D 119 -20.78 35.04 -11.57
C ILE D 119 -20.89 35.21 -13.07
N VAL D 120 -21.69 36.19 -13.50
CA VAL D 120 -21.87 36.51 -14.91
C VAL D 120 -21.59 37.99 -15.11
N ALA D 121 -21.08 38.33 -16.29
CA ALA D 121 -20.82 39.72 -16.64
C ALA D 121 -20.72 39.84 -18.16
N SER D 122 -20.78 41.08 -18.62
CA SER D 122 -20.71 41.34 -20.06
C SER D 122 -19.35 40.94 -20.62
N GLU D 123 -18.27 41.23 -19.91
CA GLU D 123 -16.93 40.93 -20.41
C GLU D 123 -15.96 40.84 -19.23
N ILE D 124 -14.94 40.01 -19.39
CA ILE D 124 -13.88 39.84 -18.41
C ILE D 124 -12.57 40.26 -19.05
N ASP D 125 -11.81 41.10 -18.37
CA ASP D 125 -10.56 41.62 -18.88
C ASP D 125 -9.37 40.82 -18.32
N GLU D 126 -8.42 40.53 -19.19
CA GLU D 126 -7.23 39.75 -18.84
C GLU D 126 -6.01 40.64 -18.88
N LEU D 127 -5.23 40.63 -17.79
CA LEU D 127 -4.06 41.50 -17.72
C LEU D 127 -2.90 40.98 -18.56
N LEU D 128 -2.79 39.66 -18.73
CA LEU D 128 -1.85 39.06 -19.67
C LEU D 128 -0.43 39.55 -19.41
N PRO D 129 0.25 38.98 -18.41
CA PRO D 129 1.52 39.54 -17.90
C PRO D 129 2.51 39.83 -19.02
N PRO D 130 3.51 40.68 -18.75
CA PRO D 130 4.28 41.30 -19.84
C PRO D 130 4.88 40.28 -20.81
N GLY D 131 4.86 40.65 -22.09
CA GLY D 131 5.19 39.74 -23.18
C GLY D 131 3.92 39.24 -23.81
N SER D 132 3.52 39.82 -24.93
CA SER D 132 2.22 39.54 -25.53
C SER D 132 2.37 39.40 -27.05
N LEU D 133 1.47 38.61 -27.64
CA LEU D 133 1.51 38.30 -29.06
C LEU D 133 2.90 37.88 -29.53
N ASN E 4 24.00 24.94 17.23
CA ASN E 4 24.69 24.33 18.36
C ASN E 4 24.94 22.85 18.10
N LYS E 5 24.59 22.40 16.89
CA LYS E 5 24.82 21.03 16.43
C LYS E 5 24.05 19.99 17.25
N GLN E 6 23.11 20.43 18.08
CA GLN E 6 22.33 19.53 18.93
C GLN E 6 20.87 19.66 18.53
N ASN E 7 20.36 18.67 17.80
CA ASN E 7 18.97 18.66 17.36
C ASN E 7 18.07 18.16 18.49
N GLY E 8 17.11 18.97 18.88
CA GLY E 8 16.20 18.59 19.94
C GLY E 8 15.46 19.79 20.47
N VAL E 9 14.41 19.49 21.25
CA VAL E 9 13.58 20.53 21.85
C VAL E 9 14.01 20.73 23.28
N LYS E 10 13.87 21.97 23.76
CA LYS E 10 14.27 22.33 25.12
C LYS E 10 13.09 22.72 25.99
N ASN E 11 12.12 23.46 25.45
CA ASN E 11 10.91 23.80 26.18
C ASN E 11 9.69 23.62 25.28
N ILE E 12 8.60 23.15 25.86
CA ILE E 12 7.31 23.06 25.19
C ILE E 12 6.27 23.73 26.06
N LEU E 13 5.66 24.80 25.58
CA LEU E 13 4.63 25.52 26.31
C LEU E 13 3.31 25.38 25.57
N ILE E 14 2.25 25.03 26.30
CA ILE E 14 0.93 24.83 25.74
C ILE E 14 -0.07 25.64 26.58
N THR E 15 -0.96 26.34 25.90
CA THR E 15 -2.04 27.08 26.56
C THR E 15 -3.37 26.54 26.08
N PHE E 16 -4.23 26.16 27.01
CA PHE E 16 -5.51 25.52 26.69
C PHE E 16 -6.63 26.53 26.83
N THR E 17 -7.50 26.60 25.82
CA THR E 17 -8.69 27.44 25.84
C THR E 17 -9.90 26.55 25.57
N ASP E 18 -10.68 26.27 26.62
CA ASP E 18 -11.84 25.41 26.47
C ASP E 18 -12.84 26.07 25.53
N CYS E 19 -13.37 25.29 24.58
CA CYS E 19 -14.25 25.83 23.56
C CYS E 19 -15.67 26.07 24.06
N ASP E 20 -16.05 25.50 25.20
CA ASP E 20 -17.40 25.65 25.72
C ASP E 20 -17.50 26.68 26.83
N THR E 21 -16.62 26.62 27.83
CA THR E 21 -16.66 27.53 28.96
C THR E 21 -15.76 28.75 28.80
N GLN E 22 -14.95 28.80 27.74
CA GLN E 22 -14.07 29.93 27.47
C GLN E 22 -13.14 30.22 28.66
N GLU E 23 -12.56 29.16 29.20
CA GLU E 23 -11.58 29.26 30.28
C GLU E 23 -10.20 28.98 29.72
N VAL E 24 -9.23 29.82 30.10
CA VAL E 24 -7.87 29.74 29.59
C VAL E 24 -6.97 29.19 30.70
N ILE E 25 -6.12 28.23 30.34
CA ILE E 25 -5.20 27.60 31.27
C ILE E 25 -3.83 27.53 30.60
N GLY E 26 -2.81 28.03 31.29
CA GLY E 26 -1.46 28.00 30.77
C GLY E 26 -0.76 29.34 30.91
N PRO E 27 0.40 29.48 30.26
CA PRO E 27 1.07 28.43 29.47
C PRO E 27 1.87 27.46 30.34
N ILE E 28 1.46 26.20 30.36
CA ILE E 28 2.07 25.18 31.19
C ILE E 28 3.16 24.47 30.40
N SER E 29 4.34 24.35 30.99
CA SER E 29 5.41 23.59 30.36
C SER E 29 5.07 22.11 30.34
N HIS E 30 5.53 21.43 29.28
CA HIS E 30 5.20 20.03 29.06
C HIS E 30 6.49 19.23 28.88
N GLU E 31 6.33 17.93 28.65
CA GLU E 31 7.41 16.97 28.70
C GLU E 31 7.34 16.03 27.52
N GLN E 32 8.50 15.71 26.95
CA GLN E 32 8.54 14.86 25.76
C GLN E 32 8.42 13.39 26.16
N PRO E 33 7.57 12.61 25.48
CA PRO E 33 7.34 11.22 25.91
C PRO E 33 8.38 10.23 25.45
N ASP E 34 8.96 10.45 24.28
CA ASP E 34 9.91 9.48 23.72
C ASP E 34 10.93 10.23 22.87
N ASP E 35 11.66 9.49 22.03
CA ASP E 35 12.75 10.05 21.24
C ASP E 35 12.28 10.71 19.96
N THR E 36 10.99 10.70 19.66
CA THR E 36 10.49 11.32 18.43
C THR E 36 10.30 12.82 18.67
N LEU E 37 10.92 13.63 17.81
CA LEU E 37 10.85 15.08 17.95
C LEU E 37 9.57 15.61 17.31
N PRO E 38 9.09 16.77 17.76
CA PRO E 38 7.97 17.42 17.07
C PRO E 38 8.32 17.72 15.63
N THR E 39 7.32 17.61 14.75
CA THR E 39 7.53 17.70 13.32
C THR E 39 6.66 18.82 12.77
N TYR E 40 7.21 19.58 11.82
CA TYR E 40 6.63 20.85 11.42
C TYR E 40 6.32 20.89 9.93
N LYS E 41 5.47 21.85 9.56
CA LYS E 41 5.22 22.18 8.16
C LYS E 41 4.70 23.61 8.13
N ASN E 42 5.55 24.54 7.68
CA ASN E 42 5.23 25.96 7.76
C ASN E 42 4.55 26.50 6.51
N CYS E 43 4.91 25.99 5.34
CA CYS E 43 4.36 26.51 4.09
C CYS E 43 2.87 26.22 4.04
N ALA E 44 2.06 27.29 4.09
CA ALA E 44 0.61 27.18 4.17
C ALA E 44 -0.04 26.79 2.84
N TRP E 45 0.75 26.41 1.84
CA TRP E 45 0.23 25.97 0.55
C TRP E 45 0.72 24.56 0.27
N THR E 46 -0.16 23.74 -0.29
CA THR E 46 0.16 22.39 -0.70
C THR E 46 0.20 22.34 -2.21
N ASN E 47 1.36 21.96 -2.76
CA ASN E 47 1.54 21.90 -4.20
C ASN E 47 1.09 20.54 -4.73
N THR E 48 1.05 20.42 -6.05
CA THR E 48 0.66 19.18 -6.70
C THR E 48 1.38 19.07 -8.03
N ALA E 49 1.87 17.87 -8.34
CA ALA E 49 2.61 17.67 -9.58
C ALA E 49 1.69 17.76 -10.79
N LEU E 50 2.15 18.47 -11.81
CA LEU E 50 1.46 18.56 -13.09
C LEU E 50 2.43 18.19 -14.19
N THR E 51 2.07 18.41 -15.45
CA THR E 51 2.92 18.03 -16.56
C THR E 51 3.81 19.20 -17.01
N ASN E 52 4.91 18.85 -17.65
CA ASN E 52 5.89 19.81 -18.16
C ASN E 52 6.39 20.75 -17.06
N GLY E 53 6.57 20.19 -15.86
CA GLY E 53 7.13 20.95 -14.76
C GLY E 53 6.20 21.92 -14.09
N TYR E 54 4.97 22.09 -14.59
CA TYR E 54 4.03 22.98 -13.95
C TYR E 54 3.58 22.39 -12.61
N VAL E 55 3.15 23.28 -11.71
CA VAL E 55 2.74 22.88 -10.37
C VAL E 55 1.49 23.68 -10.01
N GLN E 56 0.50 23.00 -9.45
CA GLN E 56 -0.75 23.63 -9.04
C GLN E 56 -0.67 23.95 -7.55
N ARG E 57 -0.75 25.24 -7.22
CA ARG E 57 -0.70 25.69 -5.83
C ARG E 57 -2.12 25.78 -5.29
N SER E 58 -2.44 24.95 -4.32
CA SER E 58 -3.74 24.94 -3.68
C SER E 58 -3.59 25.37 -2.22
N ALA E 59 -4.50 26.22 -1.77
CA ALA E 59 -4.43 26.72 -0.39
C ALA E 59 -4.60 25.56 0.59
N SER E 60 -3.84 25.62 1.67
CA SER E 60 -3.81 24.53 2.63
C SER E 60 -3.57 25.13 4.01
N ASN E 61 -3.21 24.29 4.98
CA ASN E 61 -3.07 24.69 6.36
C ASN E 61 -1.72 24.27 6.92
N ALA E 62 -1.25 25.00 7.93
CA ALA E 62 0.01 24.70 8.58
C ALA E 62 -0.24 23.74 9.74
N THR E 63 0.52 22.66 9.77
CA THR E 63 0.29 21.57 10.71
C THR E 63 1.47 21.42 11.66
N MET E 64 1.25 20.63 12.71
CA MET E 64 2.28 20.37 13.71
C MET E 64 1.96 19.05 14.40
N THR E 65 2.89 18.10 14.33
CA THR E 65 2.77 16.81 15.00
C THR E 65 3.58 16.88 16.27
N LEU E 66 2.91 17.12 17.40
CA LEU E 66 3.59 17.38 18.67
C LEU E 66 3.27 16.28 19.68
N PRO E 67 4.15 15.31 19.87
CA PRO E 67 3.94 14.31 20.94
C PRO E 67 4.45 14.84 22.27
N VAL E 68 3.57 14.85 23.28
CA VAL E 68 3.90 15.35 24.60
C VAL E 68 3.36 14.39 25.65
N VAL E 69 3.84 14.55 26.88
CA VAL E 69 3.31 13.84 28.04
C VAL E 69 2.24 14.72 28.67
N ARG E 70 1.06 14.15 28.87
CA ARG E 70 -0.05 14.90 29.43
C ARG E 70 0.26 15.31 30.87
N ASP E 71 -0.37 16.40 31.30
CA ASP E 71 -0.23 16.90 32.66
C ASP E 71 -1.45 16.44 33.46
N LEU E 72 -1.20 15.84 34.62
CA LEU E 72 -2.28 15.25 35.40
C LEU E 72 -3.24 16.27 35.97
N ARG E 73 -2.92 17.56 35.91
CA ARG E 73 -3.83 18.61 36.34
C ARG E 73 -4.73 19.11 35.22
N VAL E 74 -4.63 18.52 34.03
CA VAL E 74 -5.38 18.95 32.86
C VAL E 74 -6.19 17.75 32.37
N PRO E 75 -7.49 17.89 32.14
CA PRO E 75 -8.28 16.77 31.63
C PRO E 75 -7.76 16.28 30.28
N LEU E 76 -7.87 14.97 30.07
CA LEU E 76 -7.36 14.36 28.84
C LEU E 76 -8.11 14.86 27.61
N ALA E 77 -9.36 15.30 27.79
CA ALA E 77 -10.14 15.76 26.64
C ALA E 77 -9.53 17.00 26.00
N PHE E 78 -8.78 17.79 26.78
CA PHE E 78 -8.17 19.01 26.23
C PHE E 78 -7.13 18.68 25.18
N TYR E 79 -6.52 17.49 25.25
CA TYR E 79 -5.50 17.09 24.30
C TYR E 79 -6.07 16.37 23.09
N GLN E 80 -7.39 16.25 22.98
CA GLN E 80 -8.01 15.47 21.91
C GLN E 80 -9.08 16.25 21.16
N GLY E 81 -9.04 17.58 21.21
CA GLY E 81 -9.92 18.39 20.42
C GLY E 81 -11.02 19.14 21.17
N CYS E 82 -11.00 19.13 22.50
CA CYS E 82 -11.98 19.85 23.28
C CYS E 82 -11.53 21.25 23.68
N ALA E 83 -10.38 21.69 23.20
CA ALA E 83 -9.87 23.01 23.55
C ALA E 83 -8.88 23.48 22.49
N GLN E 84 -8.88 24.78 22.24
CA GLN E 84 -7.88 25.38 21.36
C GLN E 84 -6.54 25.47 22.09
N VAL E 85 -5.46 25.26 21.36
CA VAL E 85 -4.12 25.17 21.94
C VAL E 85 -3.25 26.27 21.36
N ASP E 86 -2.41 26.85 22.22
CA ASP E 86 -1.43 27.86 21.85
C ASP E 86 -0.05 27.29 22.17
N VAL E 87 0.52 26.57 21.22
CA VAL E 87 1.74 25.82 21.44
C VAL E 87 2.94 26.70 21.13
N GLN E 88 4.02 26.49 21.89
CA GLN E 88 5.25 27.25 21.71
C GLN E 88 6.41 26.31 22.00
N VAL E 89 7.22 26.02 20.99
CA VAL E 89 8.31 25.06 21.09
C VAL E 89 9.62 25.75 20.72
N GLU E 90 10.63 25.61 21.57
CA GLU E 90 11.95 26.18 21.34
C GLU E 90 12.96 25.05 21.21
N LYS E 91 13.67 25.02 20.09
CA LYS E 91 14.69 24.01 19.85
C LYS E 91 15.96 24.35 20.63
N PHE E 92 16.94 23.44 20.58
CA PHE E 92 18.19 23.66 21.27
C PHE E 92 19.07 24.69 20.57
N ASP E 93 18.99 24.77 19.25
CA ASP E 93 19.81 25.71 18.49
C ASP E 93 19.22 27.12 18.43
N GLY E 94 18.25 27.43 19.27
CA GLY E 94 17.69 28.76 19.37
C GLY E 94 16.41 28.98 18.60
N THR E 95 16.07 28.08 17.67
CA THR E 95 14.86 28.24 16.88
C THR E 95 13.63 28.11 17.77
N VAL E 96 12.64 28.96 17.54
CA VAL E 96 11.39 28.96 18.30
C VAL E 96 10.23 28.89 17.31
N MET E 97 9.37 27.90 17.48
CA MET E 97 8.14 27.79 16.70
C MET E 97 6.97 28.27 17.55
N THR E 98 6.24 29.25 17.03
CA THR E 98 5.10 29.83 17.73
C THR E 98 3.82 29.53 16.96
N LEU E 99 2.82 29.00 17.66
CA LEU E 99 1.54 28.64 17.06
C LEU E 99 0.43 29.18 17.95
N THR E 100 -0.57 29.80 17.34
CA THR E 100 -1.66 30.42 18.07
C THR E 100 -2.99 30.04 17.43
N GLU E 101 -3.99 29.78 18.28
CA GLU E 101 -5.34 29.41 17.83
C GLU E 101 -5.31 28.12 17.00
N GLY E 102 -4.67 27.10 17.58
CA GLY E 102 -4.59 25.80 16.92
C GLY E 102 -5.83 24.96 17.16
N ALA E 103 -5.82 23.77 16.57
CA ALA E 103 -6.92 22.83 16.73
C ALA E 103 -6.40 21.42 16.45
N VAL E 104 -6.94 20.45 17.19
CA VAL E 104 -6.56 19.05 17.02
C VAL E 104 -7.53 18.42 16.05
N VAL E 105 -7.01 17.83 14.98
CA VAL E 105 -7.82 17.37 13.85
C VAL E 105 -8.17 15.89 13.97
N GLU E 106 -7.18 15.03 14.17
CA GLU E 106 -7.38 13.58 14.14
C GLU E 106 -6.89 12.98 15.44
N PRO E 107 -7.67 13.09 16.51
CA PRO E 107 -7.26 12.49 17.79
C PRO E 107 -7.17 10.98 17.68
N GLU E 108 -6.18 10.42 18.37
CA GLU E 108 -5.97 8.98 18.40
C GLU E 108 -6.36 8.44 19.77
N GLU E 109 -6.47 7.12 19.85
CA GLU E 109 -6.86 6.44 21.08
C GLU E 109 -5.62 6.38 21.98
N SER E 110 -5.58 7.24 23.00
CA SER E 110 -4.40 7.38 23.85
C SER E 110 -4.55 6.56 25.13
N ASP E 111 -3.41 6.14 25.68
CA ASP E 111 -3.40 5.28 26.85
C ASP E 111 -3.55 6.03 28.16
N GLY E 112 -3.60 7.37 28.12
CA GLY E 112 -3.77 8.15 29.32
C GLY E 112 -2.51 8.79 29.87
N ARG E 113 -1.34 8.52 29.28
CA ARG E 113 -0.11 9.19 29.68
C ARG E 113 0.49 10.01 28.55
N SER E 114 0.72 9.39 27.39
CA SER E 114 1.35 10.06 26.25
C SER E 114 0.31 10.28 25.16
N VAL E 115 0.24 11.51 24.65
CA VAL E 115 -0.71 11.87 23.61
C VAL E 115 0.05 12.50 22.45
N THR E 116 -0.37 12.17 21.23
CA THR E 116 0.19 12.78 20.03
C THR E 116 -0.81 13.79 19.50
N MET E 117 -0.37 15.05 19.39
CA MET E 117 -1.25 16.15 19.02
C MET E 117 -1.02 16.50 17.56
N ASN E 118 -2.06 16.31 16.74
CA ASN E 118 -2.04 16.72 15.34
C ASN E 118 -2.72 18.09 15.28
N ILE E 119 -1.92 19.13 15.32
CA ILE E 119 -2.40 20.51 15.48
C ILE E 119 -2.39 21.20 14.12
N VAL E 120 -3.38 22.05 13.88
CA VAL E 120 -3.53 22.77 12.62
C VAL E 120 -3.73 24.25 12.93
N ALA E 121 -2.97 25.10 12.26
CA ALA E 121 -3.09 26.54 12.41
C ALA E 121 -2.93 27.20 11.05
N SER E 122 -3.38 28.45 10.96
CA SER E 122 -3.27 29.18 9.71
C SER E 122 -1.81 29.40 9.30
N GLU E 123 -0.95 29.73 10.27
CA GLU E 123 0.45 29.96 9.99
C GLU E 123 1.25 29.77 11.27
N ILE E 124 2.46 29.24 11.12
CA ILE E 124 3.37 28.99 12.23
C ILE E 124 4.58 29.89 12.09
N ASP E 125 4.94 30.58 13.17
CA ASP E 125 6.04 31.53 13.16
C ASP E 125 7.37 30.83 13.44
N GLU E 126 8.44 31.41 12.92
CA GLU E 126 9.80 30.92 13.11
C GLU E 126 10.68 32.06 13.61
N LEU E 127 11.56 31.76 14.57
CA LEU E 127 12.34 32.81 15.19
C LEU E 127 13.74 32.96 14.58
N LEU E 128 14.29 31.90 13.99
CA LEU E 128 15.53 32.00 13.22
C LEU E 128 16.66 32.64 14.02
N PRO E 129 17.32 31.89 14.90
CA PRO E 129 18.35 32.46 15.79
C PRO E 129 19.33 33.35 15.04
N PRO E 130 19.98 34.29 15.73
CA PRO E 130 20.57 35.45 15.07
C PRO E 130 21.52 35.08 13.94
N GLY E 131 21.43 35.84 12.84
CA GLY E 131 22.13 35.52 11.61
C GLY E 131 21.19 34.85 10.63
N SER E 132 20.69 35.62 9.66
CA SER E 132 19.67 35.12 8.76
C SER E 132 19.91 35.66 7.35
N LEU E 133 19.30 34.98 6.38
CA LEU E 133 19.35 35.35 4.97
C LEU E 133 20.78 35.43 4.46
N CYS F 3 40.98 8.93 52.35
CA CYS F 3 41.10 10.27 51.75
C CYS F 3 40.93 10.20 50.25
N ASN F 4 41.54 11.14 49.54
CA ASN F 4 41.46 11.17 48.09
C ASN F 4 42.33 10.06 47.48
N LYS F 5 42.12 9.84 46.18
CA LYS F 5 42.78 8.77 45.44
C LYS F 5 42.48 7.42 46.11
N GLN F 6 41.20 7.17 46.35
CA GLN F 6 40.70 5.90 46.85
C GLN F 6 39.29 5.71 46.29
N ASN F 7 39.19 5.01 45.17
CA ASN F 7 37.91 4.79 44.52
C ASN F 7 37.15 3.70 45.26
N GLY F 8 35.95 4.04 45.74
CA GLY F 8 35.16 3.08 46.48
C GLY F 8 33.90 3.72 47.01
N VAL F 9 33.20 2.97 47.86
CA VAL F 9 31.94 3.41 48.46
C VAL F 9 32.04 3.23 49.97
N LYS F 10 31.63 4.26 50.71
CA LYS F 10 31.69 4.23 52.16
C LYS F 10 30.36 3.88 52.81
N ASN F 11 29.29 4.60 52.46
CA ASN F 11 27.97 4.36 53.04
C ASN F 11 26.92 4.28 51.94
N ILE F 12 25.99 3.33 52.10
CA ILE F 12 24.84 3.18 51.23
C ILE F 12 23.60 3.13 52.12
N LEU F 13 22.66 4.04 51.87
CA LEU F 13 21.42 4.11 52.64
C LEU F 13 20.24 4.03 51.70
N ILE F 14 19.28 3.17 52.03
CA ILE F 14 18.09 2.96 51.21
C ILE F 14 16.86 3.09 52.09
N THR F 15 15.83 3.76 51.58
CA THR F 15 14.55 3.89 52.26
C THR F 15 13.47 3.27 51.39
N PHE F 16 12.71 2.34 51.96
CA PHE F 16 11.68 1.62 51.23
C PHE F 16 10.30 2.15 51.61
N THR F 17 9.49 2.46 50.60
CA THR F 17 8.11 2.86 50.80
C THR F 17 7.24 1.98 49.91
N ASP F 18 6.42 1.13 50.52
CA ASP F 18 5.58 0.20 49.78
C ASP F 18 4.46 0.98 49.10
N CYS F 19 4.49 1.02 47.77
CA CYS F 19 3.47 1.76 47.04
C CYS F 19 2.23 0.91 46.77
N ASP F 20 1.76 0.24 47.82
CA ASP F 20 0.42 -0.35 47.87
C ASP F 20 -0.34 0.06 49.12
N THR F 21 0.34 0.07 50.27
CA THR F 21 -0.28 0.41 51.54
C THR F 21 0.35 1.61 52.23
N GLN F 22 1.37 2.24 51.62
CA GLN F 22 1.88 3.56 52.02
C GLN F 22 2.44 3.54 53.44
N GLU F 23 3.54 2.81 53.61
CA GLU F 23 4.40 2.92 54.79
C GLU F 23 5.82 3.29 54.37
N VAL F 24 6.70 3.38 55.36
CA VAL F 24 8.09 3.79 55.14
C VAL F 24 8.99 2.96 56.04
N ILE F 25 10.11 2.50 55.49
CA ILE F 25 11.12 1.75 56.22
C ILE F 25 12.50 2.31 55.86
N GLY F 26 13.27 2.67 56.88
CA GLY F 26 14.63 3.13 56.66
C GLY F 26 14.90 4.50 57.26
N PRO F 27 16.00 5.15 56.85
CA PRO F 27 16.97 4.62 55.88
C PRO F 27 17.94 3.62 56.49
N ILE F 28 18.14 2.49 55.83
CA ILE F 28 18.91 1.36 56.37
C ILE F 28 20.23 1.27 55.62
N SER F 29 21.33 1.22 56.38
CA SER F 29 22.64 1.03 55.78
C SER F 29 22.75 -0.39 55.21
N HIS F 30 23.50 -0.50 54.12
CA HIS F 30 23.66 -1.76 53.41
C HIS F 30 25.14 -2.03 53.17
N GLU F 31 25.44 -3.17 52.55
CA GLU F 31 26.80 -3.63 52.34
C GLU F 31 27.00 -4.07 50.90
N GLN F 32 28.21 -3.87 50.39
CA GLN F 32 28.53 -4.29 49.03
C GLN F 32 28.70 -5.80 48.98
N PRO F 33 28.22 -6.45 47.92
CA PRO F 33 28.35 -7.90 47.83
C PRO F 33 29.69 -8.37 47.28
N ASP F 34 30.30 -7.57 46.40
CA ASP F 34 31.58 -7.94 45.78
C ASP F 34 32.35 -6.68 45.46
N ASP F 35 33.38 -6.82 44.62
CA ASP F 35 34.29 -5.71 44.33
C ASP F 35 33.70 -4.71 43.36
N THR F 36 32.65 -5.05 42.63
CA THR F 36 32.08 -4.13 41.65
C THR F 36 31.44 -2.95 42.35
N LEU F 37 31.67 -1.76 41.80
CA LEU F 37 31.19 -0.50 42.34
C LEU F 37 29.94 -0.05 41.61
N PRO F 38 29.08 0.73 42.26
CA PRO F 38 27.91 1.28 41.56
C PRO F 38 28.32 2.14 40.39
N THR F 39 27.56 2.06 39.31
CA THR F 39 27.81 2.81 38.08
C THR F 39 26.64 3.75 37.84
N TYR F 40 26.93 4.95 37.35
CA TYR F 40 26.00 6.06 37.42
C TYR F 40 25.82 6.68 36.05
N LYS F 41 24.74 7.43 35.89
CA LYS F 41 24.50 8.21 34.67
C LYS F 41 23.61 9.38 35.05
N ASN F 42 24.21 10.58 35.14
CA ASN F 42 23.51 11.76 35.62
C ASN F 42 22.86 12.58 34.51
N CYS F 43 23.31 12.42 33.28
CA CYS F 43 22.79 13.23 32.17
C CYS F 43 21.45 12.64 31.75
N ALA F 44 20.37 13.39 32.00
CA ALA F 44 19.02 12.91 31.73
C ALA F 44 18.66 12.89 30.25
N TRP F 45 19.59 13.24 29.37
CA TRP F 45 19.36 13.25 27.93
C TRP F 45 20.31 12.27 27.26
N THR F 46 19.76 11.41 26.41
CA THR F 46 20.55 10.45 25.65
C THR F 46 20.72 10.95 24.23
N ASN F 47 21.97 11.04 23.79
CA ASN F 47 22.28 11.56 22.46
C ASN F 47 22.33 10.42 21.44
N THR F 48 22.43 10.81 20.17
CA THR F 48 22.53 9.86 19.08
C THR F 48 23.40 10.46 17.99
N ALA F 49 24.08 9.60 17.24
CA ALA F 49 25.02 10.04 16.23
C ALA F 49 24.30 10.25 14.91
N LEU F 50 24.06 11.50 14.56
CA LEU F 50 23.58 11.87 13.24
C LEU F 50 24.78 12.10 12.33
N THR F 51 24.56 12.67 11.15
CA THR F 51 25.66 12.89 10.23
C THR F 51 26.23 14.30 10.38
N ASN F 52 27.47 14.46 9.91
CA ASN F 52 28.18 15.74 9.92
C ASN F 52 28.25 16.33 11.32
N GLY F 53 28.54 15.49 12.31
CA GLY F 53 28.71 15.97 13.67
C GLY F 53 27.45 16.46 14.34
N TYR F 54 26.29 16.01 13.89
CA TYR F 54 25.03 16.43 14.50
C TYR F 54 24.56 15.41 15.52
N VAL F 55 23.81 15.89 16.51
CA VAL F 55 23.39 15.08 17.65
C VAL F 55 21.91 15.31 17.88
N GLN F 56 21.16 14.22 18.05
CA GLN F 56 19.73 14.28 18.35
C GLN F 56 19.55 14.01 19.83
N ARG F 57 19.30 15.08 20.60
CA ARG F 57 19.05 14.94 22.02
C ARG F 57 17.63 14.45 22.25
N SER F 58 17.50 13.26 22.82
CA SER F 58 16.21 12.67 23.14
C SER F 58 16.12 12.48 24.64
N ALA F 59 14.97 12.84 25.22
CA ALA F 59 14.81 12.77 26.66
C ALA F 59 14.88 11.32 27.13
N SER F 60 15.54 11.11 28.26
CA SER F 60 15.71 9.78 28.84
C SER F 60 15.79 9.94 30.35
N ASN F 61 16.28 8.91 31.03
CA ASN F 61 16.32 8.85 32.49
C ASN F 61 17.73 9.04 33.01
N ALA F 62 17.82 9.19 34.32
CA ALA F 62 19.08 9.19 35.06
C ALA F 62 19.14 7.89 35.84
N THR F 63 19.81 6.89 35.26
CA THR F 63 19.78 5.54 35.79
C THR F 63 20.84 5.35 36.87
N MET F 64 20.85 4.17 37.48
CA MET F 64 21.79 3.84 38.56
C MET F 64 21.79 2.33 38.75
N THR F 65 22.97 1.72 38.72
CA THR F 65 23.13 0.29 38.93
C THR F 65 23.78 0.08 40.30
N LEU F 66 23.01 -0.46 41.24
CA LEU F 66 23.44 -0.59 42.63
C LEU F 66 23.41 -2.04 43.10
N PRO F 67 24.55 -2.74 43.11
CA PRO F 67 24.58 -4.08 43.71
C PRO F 67 24.79 -3.99 45.22
N VAL F 68 23.87 -4.57 45.98
CA VAL F 68 23.93 -4.54 47.44
C VAL F 68 23.60 -5.92 47.99
N VAL F 69 23.96 -6.12 49.26
CA VAL F 69 23.55 -7.30 50.00
C VAL F 69 22.23 -6.99 50.68
N ARG F 70 21.22 -7.82 50.42
CA ARG F 70 19.89 -7.58 50.97
C ARG F 70 19.90 -7.73 52.49
N ASP F 71 18.98 -7.03 53.13
CA ASP F 71 18.83 -7.09 54.58
C ASP F 71 17.77 -8.13 54.94
N LEU F 72 18.10 -9.00 55.88
CA LEU F 72 17.20 -10.07 56.26
C LEU F 72 15.94 -9.57 56.95
N ARG F 73 15.89 -8.31 57.36
CA ARG F 73 14.70 -7.73 57.96
C ARG F 73 13.76 -7.10 56.93
N VAL F 74 14.15 -7.08 55.66
CA VAL F 74 13.38 -6.45 54.61
C VAL F 74 13.00 -7.53 53.60
N PRO F 75 11.75 -7.60 53.15
CA PRO F 75 11.37 -8.62 52.17
C PRO F 75 12.14 -8.46 50.87
N LEU F 76 12.41 -9.60 50.22
CA LEU F 76 13.17 -9.58 48.97
C LEU F 76 12.38 -8.89 47.86
N ALA F 77 11.04 -8.96 47.90
CA ALA F 77 10.24 -8.33 46.85
C ALA F 77 10.42 -6.83 46.83
N PHE F 78 10.81 -6.22 47.96
CA PHE F 78 11.05 -4.79 47.99
C PHE F 78 12.22 -4.40 47.11
N TYR F 79 13.18 -5.30 46.93
CA TYR F 79 14.38 -5.04 46.14
C TYR F 79 14.19 -5.30 44.66
N GLN F 80 13.00 -5.75 44.24
CA GLN F 80 12.80 -6.19 42.86
C GLN F 80 11.63 -5.50 42.18
N GLY F 81 11.22 -4.33 42.66
CA GLY F 81 10.22 -3.53 41.98
C GLY F 81 8.91 -3.36 42.72
N CYS F 82 8.68 -4.09 43.80
CA CYS F 82 7.45 -3.96 44.59
C CYS F 82 7.56 -2.89 45.67
N ALA F 83 8.46 -1.92 45.50
CA ALA F 83 8.60 -0.84 46.46
C ALA F 83 9.28 0.34 45.78
N GLN F 84 9.20 1.49 46.44
CA GLN F 84 9.88 2.71 45.99
C GLN F 84 11.10 2.94 46.87
N VAL F 85 12.25 3.15 46.24
CA VAL F 85 13.52 3.22 46.94
C VAL F 85 14.05 4.64 46.90
N ASP F 86 14.55 5.11 48.04
CA ASP F 86 15.22 6.40 48.16
C ASP F 86 16.66 6.10 48.57
N VAL F 87 17.51 5.85 47.59
CA VAL F 87 18.89 5.45 47.83
C VAL F 87 19.75 6.69 48.00
N GLN F 88 20.85 6.55 48.75
CA GLN F 88 21.75 7.66 49.00
C GLN F 88 23.12 7.08 49.32
N VAL F 89 24.11 7.42 48.51
CA VAL F 89 25.42 6.77 48.54
C VAL F 89 26.51 7.84 48.67
N GLU F 90 27.53 7.54 49.47
CA GLU F 90 28.67 8.43 49.66
C GLU F 90 29.95 7.67 49.32
N LYS F 91 30.79 8.28 48.47
CA LYS F 91 32.07 7.69 48.10
C LYS F 91 33.15 8.11 49.10
N PHE F 92 34.30 7.44 48.99
CA PHE F 92 35.40 7.68 49.91
C PHE F 92 36.00 9.07 49.75
N ASP F 93 35.85 9.70 48.58
CA ASP F 93 36.44 11.02 48.35
C ASP F 93 35.50 12.15 48.73
N GLY F 94 34.33 11.86 49.30
CA GLY F 94 33.40 12.88 49.74
C GLY F 94 32.20 13.09 48.86
N THR F 95 32.21 12.57 47.64
CA THR F 95 31.07 12.72 46.74
C THR F 95 29.86 11.96 47.29
N VAL F 96 28.70 12.58 47.16
CA VAL F 96 27.45 11.99 47.64
C VAL F 96 26.42 12.05 46.52
N MET F 97 25.83 10.91 46.19
CA MET F 97 24.78 10.81 45.18
C MET F 97 23.45 10.60 45.89
N THR F 98 22.51 11.50 45.69
CA THR F 98 21.20 11.43 46.32
C THR F 98 20.14 11.17 45.26
N LEU F 99 19.34 10.12 45.48
CA LEU F 99 18.29 9.72 44.56
C LEU F 99 17.01 9.50 45.35
N THR F 100 15.90 10.06 44.88
CA THR F 100 14.61 9.95 45.55
C THR F 100 13.54 9.53 44.56
N GLU F 101 12.54 8.81 45.06
CA GLU F 101 11.51 8.18 44.24
C GLU F 101 12.12 7.37 43.09
N GLY F 102 12.89 6.34 43.47
CA GLY F 102 13.44 5.43 42.50
C GLY F 102 12.44 4.35 42.12
N ALA F 103 12.85 3.53 41.14
CA ALA F 103 11.99 2.45 40.66
C ALA F 103 12.86 1.42 39.95
N VAL F 104 12.87 0.19 40.46
CA VAL F 104 13.60 -0.89 39.79
C VAL F 104 12.83 -1.31 38.55
N VAL F 105 13.50 -1.32 37.41
CA VAL F 105 12.85 -1.51 36.12
C VAL F 105 12.91 -2.96 35.63
N GLU F 106 14.10 -3.57 35.65
CA GLU F 106 14.29 -4.89 35.08
C GLU F 106 14.91 -5.80 36.13
N PRO F 107 14.12 -6.25 37.10
CA PRO F 107 14.66 -7.16 38.11
C PRO F 107 15.08 -8.48 37.49
N GLU F 108 16.19 -9.02 37.99
CA GLU F 108 16.71 -10.31 37.56
C GLU F 108 16.61 -11.31 38.69
N GLU F 109 16.89 -12.56 38.36
CA GLU F 109 16.91 -13.60 39.38
C GLU F 109 17.99 -13.33 40.42
N SER F 110 17.65 -13.54 41.68
CA SER F 110 18.58 -13.34 42.78
C SER F 110 18.60 -14.58 43.66
N ASP F 111 19.77 -14.88 44.21
CA ASP F 111 19.95 -16.08 45.03
C ASP F 111 19.46 -15.91 46.47
N GLY F 112 18.97 -14.73 46.83
CA GLY F 112 18.47 -14.49 48.17
C GLY F 112 19.41 -13.74 49.08
N ARG F 113 20.63 -13.45 48.64
CA ARG F 113 21.55 -12.63 49.43
C ARG F 113 21.98 -11.37 48.71
N SER F 114 22.41 -11.48 47.45
CA SER F 114 22.90 -10.34 46.69
C SER F 114 21.89 -9.96 45.61
N VAL F 115 21.47 -8.70 45.60
CA VAL F 115 20.51 -8.17 44.64
C VAL F 115 21.15 -7.02 43.90
N THR F 116 21.10 -7.07 42.57
CA THR F 116 21.61 -6.00 41.72
C THR F 116 20.44 -5.15 41.26
N MET F 117 20.36 -3.92 41.79
CA MET F 117 19.28 -3.02 41.42
C MET F 117 19.58 -2.34 40.09
N ASN F 118 18.50 -1.88 39.44
CA ASN F 118 18.58 -1.01 38.27
C ASN F 118 17.62 0.15 38.55
N ILE F 119 18.10 1.14 39.28
CA ILE F 119 17.28 2.24 39.77
C ILE F 119 17.17 3.30 38.68
N VAL F 120 15.97 3.84 38.51
CA VAL F 120 15.68 4.86 37.51
C VAL F 120 14.95 6.02 38.18
N ALA F 121 15.47 7.23 37.98
CA ALA F 121 14.87 8.43 38.57
C ALA F 121 14.95 9.57 37.57
N SER F 122 14.18 10.61 37.84
CA SER F 122 14.15 11.77 36.95
C SER F 122 15.50 12.49 36.91
N GLU F 123 16.13 12.68 38.07
CA GLU F 123 17.47 13.22 38.12
C GLU F 123 18.19 12.69 39.36
N ILE F 124 19.51 12.75 39.31
CA ILE F 124 20.37 12.32 40.40
C ILE F 124 21.24 13.49 40.84
N ASP F 125 21.30 13.73 42.14
CA ASP F 125 22.06 14.84 42.69
C ASP F 125 23.51 14.46 42.92
N GLU F 126 24.40 15.45 42.81
CA GLU F 126 25.82 15.29 43.03
C GLU F 126 26.30 16.33 44.04
N LEU F 127 27.31 15.97 44.82
CA LEU F 127 27.72 16.83 45.92
C LEU F 127 29.02 17.58 45.69
N LEU F 128 29.94 17.05 44.87
CA LEU F 128 31.17 17.77 44.51
C LEU F 128 31.95 18.21 45.74
N PRO F 129 32.72 17.31 46.36
CA PRO F 129 33.44 17.64 47.61
C PRO F 129 34.17 18.97 47.50
N PRO F 130 34.43 19.63 48.64
CA PRO F 130 34.72 21.07 48.62
C PRO F 130 35.85 21.45 47.68
N GLY F 131 35.64 22.54 46.95
CA GLY F 131 36.51 22.94 45.87
C GLY F 131 35.94 22.53 44.54
N SER F 132 35.31 23.46 43.83
CA SER F 132 34.59 23.16 42.61
C SER F 132 34.96 24.17 41.53
N LEU F 133 34.55 23.86 40.30
CA LEU F 133 34.75 24.73 39.15
C LEU F 133 36.22 25.03 38.90
N CYS G 3 -14.71 30.43 19.60
CA CYS G 3 -13.27 30.29 19.45
C CYS G 3 -12.86 30.45 18.00
N ASN G 4 -13.87 30.59 17.12
CA ASN G 4 -13.68 30.77 15.69
C ASN G 4 -12.94 29.60 15.05
N LYS G 5 -12.77 29.66 13.73
CA LYS G 5 -12.01 28.64 12.99
C LYS G 5 -12.53 27.22 13.24
N GLN G 6 -13.81 27.10 13.54
CA GLN G 6 -14.43 25.80 13.78
C GLN G 6 -15.78 25.77 13.09
N ASN G 7 -15.93 24.86 12.13
CA ASN G 7 -17.15 24.72 11.37
C ASN G 7 -18.00 23.61 11.97
N GLY G 8 -19.22 23.94 12.35
CA GLY G 8 -20.10 22.97 12.96
C GLY G 8 -21.21 23.65 13.73
N VAL G 9 -22.19 22.84 14.12
CA VAL G 9 -23.33 23.33 14.88
C VAL G 9 -23.19 22.89 16.33
N LYS G 10 -23.82 23.63 17.22
CA LYS G 10 -23.82 23.29 18.65
C LYS G 10 -25.21 23.26 19.27
N ASN G 11 -26.12 24.12 18.82
CA ASN G 11 -27.49 24.15 19.32
C ASN G 11 -28.46 24.15 18.15
N ILE G 12 -29.42 23.24 18.17
CA ILE G 12 -30.49 23.19 17.18
C ILE G 12 -31.82 23.15 17.92
N LEU G 13 -32.72 24.07 17.58
CA LEU G 13 -34.02 24.18 18.23
C LEU G 13 -35.11 24.12 17.18
N ILE G 14 -36.10 23.25 17.37
CA ILE G 14 -37.23 23.11 16.47
C ILE G 14 -38.52 23.19 17.27
N THR G 15 -39.48 23.97 16.78
CA THR G 15 -40.80 24.07 17.38
C THR G 15 -41.84 23.59 16.36
N PHE G 16 -42.68 22.65 16.78
CA PHE G 16 -43.68 22.05 15.91
C PHE G 16 -45.05 22.64 16.22
N THR G 17 -45.78 23.03 15.18
CA THR G 17 -47.14 23.53 15.30
C THR G 17 -48.02 22.74 14.33
N ASP G 18 -48.92 21.93 14.86
CA ASP G 18 -49.80 21.13 14.02
C ASP G 18 -50.82 22.03 13.33
N CYS G 19 -51.13 21.71 12.07
CA CYS G 19 -52.07 22.50 11.29
C CYS G 19 -53.53 22.19 11.61
N ASP G 20 -53.81 21.10 12.32
CA ASP G 20 -55.18 20.69 12.61
C ASP G 20 -55.58 20.97 14.05
N THR G 21 -54.76 20.59 15.03
CA THR G 21 -55.08 20.83 16.43
C THR G 21 -54.44 22.10 16.98
N GLN G 22 -53.56 22.75 16.20
CA GLN G 22 -52.91 24.00 16.59
C GLN G 22 -52.23 23.87 17.95
N GLU G 23 -51.54 22.75 18.17
CA GLU G 23 -50.79 22.51 19.38
C GLU G 23 -49.33 22.85 19.16
N VAL G 24 -48.75 23.60 20.08
CA VAL G 24 -47.38 24.07 19.97
C VAL G 24 -46.50 23.18 20.83
N ILE G 25 -45.51 22.53 20.21
CA ILE G 25 -44.57 21.66 20.91
C ILE G 25 -43.17 22.19 20.66
N GLY G 26 -42.43 22.43 21.74
CA GLY G 26 -41.05 22.84 21.63
C GLY G 26 -40.76 24.18 22.27
N PRO G 27 -39.54 24.69 22.03
CA PRO G 27 -38.50 24.06 21.21
C PRO G 27 -37.72 22.97 21.95
N ILE G 28 -37.26 21.96 21.23
CA ILE G 28 -36.46 20.88 21.79
C ILE G 28 -35.07 20.95 21.17
N SER G 29 -34.05 20.78 22.00
CA SER G 29 -32.69 20.61 21.48
C SER G 29 -32.60 19.32 20.70
N HIS G 30 -31.88 19.36 19.58
CA HIS G 30 -31.78 18.22 18.68
C HIS G 30 -30.31 17.83 18.51
N GLU G 31 -30.06 16.89 17.58
CA GLU G 31 -28.77 16.23 17.46
C GLU G 31 -28.44 16.07 15.99
N GLN G 32 -27.13 16.09 15.68
CA GLN G 32 -26.67 15.90 14.32
C GLN G 32 -26.43 14.42 14.06
N PRO G 33 -27.08 13.81 13.07
CA PRO G 33 -26.95 12.37 12.88
C PRO G 33 -25.59 11.94 12.34
N ASP G 34 -24.91 12.79 11.57
CA ASP G 34 -23.63 12.42 10.99
C ASP G 34 -22.80 13.69 10.83
N ASP G 35 -21.74 13.61 10.03
CA ASP G 35 -20.82 14.73 9.86
C ASP G 35 -21.33 15.80 8.90
N THR G 36 -22.44 15.54 8.20
CA THR G 36 -22.97 16.53 7.27
C THR G 36 -23.60 17.69 8.04
N LEU G 37 -23.31 18.92 7.59
CA LEU G 37 -23.78 20.15 8.21
C LEU G 37 -25.01 20.70 7.48
N PRO G 38 -25.87 21.42 8.19
CA PRO G 38 -27.02 22.04 7.52
C PRO G 38 -26.60 23.10 6.53
N THR G 39 -27.40 23.24 5.48
CA THR G 39 -27.14 24.17 4.38
C THR G 39 -28.26 25.20 4.30
N TYR G 40 -27.94 26.35 3.68
CA TYR G 40 -28.82 27.51 3.80
C TYR G 40 -28.86 28.26 2.49
N LYS G 41 -29.95 29.02 2.29
CA LYS G 41 -30.08 29.91 1.14
C LYS G 41 -30.88 31.13 1.61
N ASN G 42 -30.16 32.16 2.04
CA ASN G 42 -30.81 33.34 2.62
C ASN G 42 -31.47 34.22 1.56
N CYS G 43 -30.87 34.31 0.38
CA CYS G 43 -31.40 35.19 -0.66
C CYS G 43 -32.71 34.61 -1.19
N ALA G 44 -33.79 35.39 -1.11
CA ALA G 44 -35.11 34.94 -1.54
C ALA G 44 -35.34 35.13 -3.04
N TRP G 45 -34.28 35.35 -3.81
CA TRP G 45 -34.39 35.53 -5.25
C TRP G 45 -33.49 34.53 -5.96
N THR G 46 -33.99 33.97 -7.06
CA THR G 46 -33.21 33.08 -7.91
C THR G 46 -32.97 33.77 -9.24
N ASN G 47 -31.71 33.84 -9.64
CA ASN G 47 -31.33 34.50 -10.88
C ASN G 47 -31.24 33.48 -12.02
N THR G 48 -31.13 33.98 -13.24
CA THR G 48 -31.00 33.12 -14.41
C THR G 48 -30.19 33.86 -15.46
N ALA G 49 -29.27 33.14 -16.10
CA ALA G 49 -28.38 33.75 -17.07
C ALA G 49 -29.13 34.11 -18.35
N LEU G 50 -28.92 35.34 -18.82
CA LEU G 50 -29.43 35.81 -20.09
C LEU G 50 -28.24 36.18 -20.98
N THR G 51 -28.53 36.76 -22.14
CA THR G 51 -27.47 37.14 -23.06
C THR G 51 -26.84 38.46 -22.67
N ASN G 52 -25.60 38.66 -23.10
CA ASN G 52 -24.84 39.89 -22.89
C ASN G 52 -24.70 40.24 -21.41
N GLY G 53 -24.57 39.22 -20.55
CA GLY G 53 -24.35 39.45 -19.14
C GLY G 53 -25.55 39.86 -18.35
N TYR G 54 -26.75 39.82 -18.92
CA TYR G 54 -27.94 40.21 -18.19
C TYR G 54 -28.43 39.07 -17.29
N VAL G 55 -29.32 39.41 -16.37
CA VAL G 55 -29.82 38.49 -15.37
C VAL G 55 -31.32 38.70 -15.20
N GLN G 56 -32.05 37.60 -15.08
CA GLN G 56 -33.48 37.63 -14.79
C GLN G 56 -33.67 37.36 -13.30
N ARG G 57 -34.10 38.37 -12.55
CA ARG G 57 -34.33 38.25 -11.12
C ARG G 57 -35.77 37.81 -10.89
N SER G 58 -35.95 36.64 -10.30
CA SER G 58 -37.27 36.06 -10.07
C SER G 58 -37.46 35.75 -8.60
N ALA G 59 -38.72 35.71 -8.17
CA ALA G 59 -39.03 35.41 -6.78
C ALA G 59 -38.77 33.93 -6.47
N SER G 60 -38.32 33.66 -5.25
CA SER G 60 -38.02 32.31 -4.83
C SER G 60 -38.26 32.20 -3.33
N ASN G 61 -37.75 31.13 -2.72
CA ASN G 61 -37.98 30.84 -1.32
C ASN G 61 -36.65 30.67 -0.59
N ALA G 62 -36.61 31.10 0.67
CA ALA G 62 -35.43 30.93 1.51
C ALA G 62 -35.43 29.50 2.04
N THR G 63 -34.79 28.60 1.28
CA THR G 63 -34.81 27.17 1.59
C THR G 63 -33.85 26.87 2.74
N MET G 64 -33.87 25.61 3.18
CA MET G 64 -33.02 25.12 4.25
C MET G 64 -33.04 23.60 4.26
N THR G 65 -31.86 22.99 4.32
CA THR G 65 -31.72 21.54 4.49
C THR G 65 -31.14 21.26 5.86
N LEU G 66 -31.82 20.42 6.63
CA LEU G 66 -31.47 20.18 8.03
C LEU G 66 -31.56 18.70 8.37
N PRO G 67 -30.44 18.00 8.45
CA PRO G 67 -30.46 16.62 8.96
C PRO G 67 -30.36 16.58 10.47
N VAL G 68 -31.35 15.96 11.14
CA VAL G 68 -31.38 15.88 12.59
C VAL G 68 -31.75 14.46 13.01
N VAL G 69 -31.38 14.12 14.24
CA VAL G 69 -31.78 12.86 14.86
C VAL G 69 -33.20 13.02 15.40
N ARG G 70 -34.04 12.04 15.11
CA ARG G 70 -35.41 12.08 15.61
C ARG G 70 -35.44 12.04 17.13
N ASP G 71 -36.38 12.78 17.71
CA ASP G 71 -36.67 12.69 19.14
C ASP G 71 -37.79 11.68 19.35
N LEU G 72 -37.56 10.72 20.24
CA LEU G 72 -38.48 9.60 20.41
C LEU G 72 -39.82 10.01 21.01
N ARG G 73 -39.98 11.29 21.34
CA ARG G 73 -41.22 11.81 21.88
C ARG G 73 -42.04 12.59 20.87
N VAL G 74 -41.67 12.54 19.59
CA VAL G 74 -42.36 13.30 18.56
C VAL G 74 -42.78 12.36 17.43
N PRO G 75 -44.00 12.46 16.91
CA PRO G 75 -44.40 11.63 15.78
C PRO G 75 -43.59 11.94 14.54
N LEU G 76 -43.38 10.92 13.69
CA LEU G 76 -42.59 11.08 12.49
C LEU G 76 -43.28 11.99 11.47
N ALA G 77 -44.61 12.00 11.45
CA ALA G 77 -45.32 12.85 10.51
C ALA G 77 -45.07 14.33 10.76
N PHE G 78 -44.68 14.70 11.98
CA PHE G 78 -44.31 16.09 12.25
C PHE G 78 -43.04 16.48 11.50
N TYR G 79 -42.18 15.50 11.22
CA TYR G 79 -40.92 15.75 10.52
C TYR G 79 -41.07 15.69 9.00
N GLN G 80 -42.28 15.44 8.48
CA GLN G 80 -42.45 15.14 7.07
C GLN G 80 -43.59 15.93 6.43
N GLY G 81 -43.96 17.08 6.98
CA GLY G 81 -44.88 17.98 6.32
C GLY G 81 -46.28 18.05 6.90
N CYS G 82 -46.56 17.36 7.99
CA CYS G 82 -47.86 17.45 8.65
C CYS G 82 -47.92 18.56 9.69
N ALA G 83 -46.84 19.33 9.87
CA ALA G 83 -46.84 20.41 10.84
C ALA G 83 -45.86 21.49 10.39
N GLN G 84 -46.07 22.70 10.90
CA GLN G 84 -45.15 23.80 10.67
C GLN G 84 -44.00 23.74 11.67
N VAL G 85 -42.81 24.13 11.21
CA VAL G 85 -41.60 24.08 12.02
C VAL G 85 -40.98 25.46 12.08
N ASP G 86 -40.55 25.86 13.27
CA ASP G 86 -39.84 27.11 13.51
C ASP G 86 -38.47 26.74 14.08
N VAL G 87 -37.49 26.61 13.21
CA VAL G 87 -36.17 26.11 13.58
C VAL G 87 -35.27 27.29 13.93
N GLN G 88 -34.30 27.02 14.82
CA GLN G 88 -33.33 28.04 15.23
C GLN G 88 -32.04 27.31 15.57
N VAL G 89 -30.96 27.66 14.86
CA VAL G 89 -29.69 26.95 14.93
C VAL G 89 -28.58 27.94 15.23
N GLU G 90 -27.63 27.52 16.07
CA GLU G 90 -26.44 28.29 16.37
C GLU G 90 -25.19 27.47 16.06
N LYS G 91 -24.26 28.07 15.32
CA LYS G 91 -23.00 27.42 15.01
C LYS G 91 -21.95 27.77 16.06
N PHE G 92 -20.79 27.12 15.94
CA PHE G 92 -19.72 27.35 16.90
C PHE G 92 -19.20 28.78 16.83
N ASP G 93 -19.12 29.35 15.63
CA ASP G 93 -18.57 30.70 15.47
C ASP G 93 -19.51 31.80 15.96
N GLY G 94 -20.68 31.46 16.50
CA GLY G 94 -21.61 32.43 17.03
C GLY G 94 -22.75 32.79 16.10
N THR G 95 -22.71 32.36 14.84
CA THR G 95 -23.79 32.67 13.91
C THR G 95 -25.07 31.94 14.33
N VAL G 96 -26.18 32.67 14.30
CA VAL G 96 -27.49 32.11 14.61
C VAL G 96 -28.38 32.34 13.40
N MET G 97 -28.95 31.24 12.88
CA MET G 97 -29.84 31.29 11.72
C MET G 97 -31.24 30.98 12.22
N THR G 98 -32.15 31.95 12.11
CA THR G 98 -33.48 31.85 12.67
C THR G 98 -34.51 31.76 11.54
N LEU G 99 -35.38 30.75 11.63
CA LEU G 99 -36.42 30.52 10.64
C LEU G 99 -37.75 30.30 11.35
N THR G 100 -38.82 30.85 10.79
CA THR G 100 -40.16 30.72 11.34
C THR G 100 -41.15 30.37 10.24
N GLU G 101 -42.20 29.65 10.62
CA GLU G 101 -43.28 29.27 9.71
C GLU G 101 -42.76 28.51 8.50
N GLY G 102 -41.81 27.61 8.73
CA GLY G 102 -41.25 26.79 7.67
C GLY G 102 -42.10 25.55 7.43
N ALA G 103 -42.24 25.19 6.15
CA ALA G 103 -43.01 24.02 5.74
C ALA G 103 -42.09 23.04 5.03
N VAL G 104 -42.08 21.80 5.51
CA VAL G 104 -41.31 20.75 4.84
C VAL G 104 -41.99 20.38 3.53
N VAL G 105 -41.25 20.46 2.43
CA VAL G 105 -41.85 20.31 1.12
C VAL G 105 -41.78 18.88 0.62
N GLU G 106 -40.58 18.35 0.42
CA GLU G 106 -40.38 17.02 -0.15
C GLU G 106 -39.81 16.12 0.92
N PRO G 107 -40.64 15.34 1.58
CA PRO G 107 -40.15 14.44 2.64
C PRO G 107 -39.64 13.14 2.05
N GLU G 108 -38.33 12.95 2.11
CA GLU G 108 -37.74 11.68 1.71
C GLU G 108 -38.05 10.64 2.78
N GLU G 109 -38.24 9.40 2.35
CA GLU G 109 -38.56 8.33 3.28
C GLU G 109 -37.43 8.16 4.28
N SER G 110 -37.80 7.97 5.55
CA SER G 110 -36.85 7.91 6.65
C SER G 110 -36.95 6.57 7.37
N ASP G 111 -35.86 6.20 8.03
CA ASP G 111 -35.80 4.93 8.76
C ASP G 111 -36.23 5.04 10.21
N GLY G 112 -36.67 6.21 10.66
CA GLY G 112 -37.15 6.39 12.00
C GLY G 112 -36.17 7.02 12.97
N ARG G 113 -34.89 7.11 12.61
CA ARG G 113 -33.90 7.73 13.48
C ARG G 113 -33.36 9.03 12.89
N SER G 114 -32.83 9.00 11.68
CA SER G 114 -32.25 10.17 11.04
C SER G 114 -33.23 10.70 10.00
N VAL G 115 -33.57 11.98 10.09
CA VAL G 115 -34.49 12.63 9.18
C VAL G 115 -33.80 13.84 8.57
N THR G 116 -33.88 13.97 7.26
CA THR G 116 -33.37 15.13 6.53
C THR G 116 -34.55 15.97 6.08
N MET G 117 -34.65 17.19 6.60
CA MET G 117 -35.80 18.05 6.37
C MET G 117 -35.44 19.13 5.35
N ASN G 118 -36.30 19.32 4.37
CA ASN G 118 -36.15 20.35 3.35
C ASN G 118 -37.17 21.45 3.66
N ILE G 119 -36.76 22.38 4.50
CA ILE G 119 -37.64 23.44 4.99
C ILE G 119 -37.67 24.58 3.99
N VAL G 120 -38.85 25.14 3.77
CA VAL G 120 -39.05 26.27 2.88
C VAL G 120 -39.79 27.36 3.66
N ALA G 121 -39.23 28.58 3.64
CA ALA G 121 -39.80 29.69 4.38
C ALA G 121 -39.68 30.94 3.52
N SER G 122 -39.90 32.11 4.13
CA SER G 122 -39.87 33.38 3.43
C SER G 122 -38.58 34.17 3.67
N GLU G 123 -38.17 34.33 4.93
CA GLU G 123 -36.90 34.97 5.24
C GLU G 123 -36.22 34.22 6.37
N ILE G 124 -34.89 34.34 6.42
CA ILE G 124 -34.07 33.79 7.49
C ILE G 124 -33.18 34.90 8.03
N ASP G 125 -33.12 35.02 9.35
CA ASP G 125 -32.38 36.10 10.00
C ASP G 125 -31.05 35.56 10.51
N GLU G 126 -29.96 36.21 10.11
CA GLU G 126 -28.62 35.84 10.54
C GLU G 126 -28.19 36.71 11.72
N LEU G 127 -27.32 36.14 12.57
CA LEU G 127 -26.87 36.87 13.75
C LEU G 127 -25.62 37.70 13.51
N LEU G 128 -24.69 37.19 12.68
CA LEU G 128 -23.46 37.91 12.34
C LEU G 128 -22.72 38.33 13.61
N PRO G 129 -21.99 37.40 14.24
CA PRO G 129 -21.35 37.67 15.55
C PRO G 129 -20.62 39.00 15.56
N PRO G 130 -20.42 39.58 16.74
CA PRO G 130 -20.08 41.02 16.84
C PRO G 130 -18.91 41.41 15.95
N GLY G 131 -19.07 42.53 15.25
CA GLY G 131 -18.14 42.95 14.21
C GLY G 131 -18.69 42.63 12.84
N SER G 132 -19.30 43.63 12.20
CA SER G 132 -19.97 43.42 10.92
C SER G 132 -19.70 44.60 10.00
N LEU G 133 -19.85 44.34 8.70
CA LEU G 133 -19.67 45.35 7.66
C LEU G 133 -18.27 45.97 7.72
N CYS H 3 3.88 5.94 44.99
CA CYS H 3 4.71 6.54 43.94
C CYS H 3 3.85 6.99 42.76
N ASN H 4 3.72 8.30 42.59
CA ASN H 4 3.00 8.86 41.45
C ASN H 4 3.90 8.98 40.22
N LYS H 5 4.57 7.87 39.88
CA LYS H 5 5.45 7.83 38.74
C LYS H 5 5.31 6.51 37.98
N GLN H 6 4.22 5.78 38.19
CA GLN H 6 4.03 4.46 37.64
C GLN H 6 2.85 4.47 36.69
N ASN H 7 3.07 3.98 35.48
CA ASN H 7 2.03 3.92 34.45
C ASN H 7 1.51 2.50 34.36
N GLY H 8 0.20 2.34 34.53
CA GLY H 8 -0.42 1.03 34.47
C GLY H 8 -1.80 1.07 35.09
N VAL H 9 -2.47 -0.07 35.01
CA VAL H 9 -3.81 -0.21 35.57
C VAL H 9 -3.71 -0.97 36.88
N LYS H 10 -4.67 -0.68 37.78
CA LYS H 10 -4.71 -1.33 39.08
C LYS H 10 -5.99 -2.13 39.28
N ASN H 11 -7.14 -1.56 38.95
CA ASN H 11 -8.41 -2.25 39.03
C ASN H 11 -9.19 -2.05 37.74
N ILE H 12 -9.86 -3.11 37.29
CA ILE H 12 -10.72 -3.06 36.11
C ILE H 12 -12.03 -3.74 36.47
N LEU H 13 -13.08 -2.95 36.63
CA LEU H 13 -14.40 -3.46 36.98
C LEU H 13 -15.32 -3.40 35.76
N ILE H 14 -15.97 -4.51 35.46
CA ILE H 14 -16.88 -4.60 34.32
C ILE H 14 -18.21 -5.14 34.84
N THR H 15 -19.31 -4.50 34.42
CA THR H 15 -20.65 -4.90 34.80
C THR H 15 -21.44 -5.22 33.54
N PHE H 16 -21.88 -6.47 33.41
CA PHE H 16 -22.63 -6.92 32.24
C PHE H 16 -24.12 -6.88 32.56
N THR H 17 -24.89 -6.29 31.64
CA THR H 17 -26.34 -6.25 31.73
C THR H 17 -26.94 -6.87 30.48
N ASP H 18 -27.79 -7.87 30.67
CA ASP H 18 -28.41 -8.54 29.54
C ASP H 18 -29.44 -7.63 28.89
N CYS H 19 -29.42 -7.56 27.56
CA CYS H 19 -30.32 -6.66 26.84
C CYS H 19 -31.77 -7.12 26.88
N ASP H 20 -32.01 -8.42 27.05
CA ASP H 20 -33.36 -8.97 26.99
C ASP H 20 -33.94 -9.26 28.36
N THR H 21 -33.22 -10.00 29.20
CA THR H 21 -33.73 -10.41 30.51
C THR H 21 -33.45 -9.38 31.60
N GLN H 22 -32.68 -8.33 31.30
CA GLN H 22 -32.33 -7.30 32.28
C GLN H 22 -31.65 -7.90 33.50
N GLU H 23 -30.79 -8.88 33.27
CA GLU H 23 -30.02 -9.51 34.33
C GLU H 23 -28.70 -8.76 34.51
N VAL H 24 -28.41 -8.38 35.76
CA VAL H 24 -27.23 -7.59 36.08
C VAL H 24 -26.19 -8.48 36.73
N ILE H 25 -24.98 -8.50 36.17
CA ILE H 25 -23.86 -9.26 36.70
C ILE H 25 -22.69 -8.31 36.89
N GLY H 26 -22.09 -8.32 38.07
CA GLY H 26 -20.96 -7.48 38.36
C GLY H 26 -21.17 -6.62 39.58
N PRO H 27 -20.23 -5.70 39.86
CA PRO H 27 -19.02 -5.45 39.07
C PRO H 27 -17.89 -6.43 39.36
N ILE H 28 -17.44 -7.16 38.34
CA ILE H 28 -16.44 -8.21 38.48
C ILE H 28 -15.08 -7.64 38.09
N SER H 29 -14.11 -7.78 39.00
CA SER H 29 -12.74 -7.36 38.70
C SER H 29 -12.13 -8.27 37.62
N HIS H 30 -11.24 -7.69 36.82
CA HIS H 30 -10.62 -8.40 35.72
C HIS H 30 -9.12 -8.15 35.74
N GLU H 31 -8.40 -8.83 34.84
CA GLU H 31 -6.95 -8.75 34.77
C GLU H 31 -6.52 -8.58 33.33
N GLN H 32 -5.36 -7.96 33.15
CA GLN H 32 -4.81 -7.74 31.82
C GLN H 32 -4.19 -9.02 31.27
N PRO H 33 -4.28 -9.24 29.95
CA PRO H 33 -3.63 -10.41 29.36
C PRO H 33 -2.15 -10.18 29.07
N ASP H 34 -1.78 -8.95 28.78
CA ASP H 34 -0.40 -8.61 28.46
C ASP H 34 -0.14 -7.17 28.91
N ASP H 35 0.95 -6.59 28.42
CA ASP H 35 1.38 -5.26 28.85
C ASP H 35 0.68 -4.13 28.12
N THR H 36 -0.19 -4.41 27.16
CA THR H 36 -0.87 -3.37 26.41
C THR H 36 -1.95 -2.74 27.28
N LEU H 37 -1.81 -1.44 27.56
CA LEU H 37 -2.75 -0.71 28.39
C LEU H 37 -4.02 -0.36 27.62
N PRO H 38 -5.13 -0.15 28.32
CA PRO H 38 -6.33 0.36 27.65
C PRO H 38 -6.09 1.76 27.11
N THR H 39 -6.63 2.02 25.92
CA THR H 39 -6.46 3.29 25.23
C THR H 39 -7.81 4.01 25.16
N TYR H 40 -7.77 5.33 25.29
CA TYR H 40 -8.94 6.11 25.65
C TYR H 40 -9.18 7.23 24.65
N LYS H 41 -10.40 7.77 24.66
CA LYS H 41 -10.72 8.96 23.86
C LYS H 41 -11.93 9.62 24.53
N ASN H 42 -11.67 10.71 25.27
CA ASN H 42 -12.72 11.39 26.02
C ASN H 42 -13.40 12.49 25.24
N CYS H 43 -12.97 12.77 24.00
CA CYS H 43 -13.57 13.81 23.19
C CYS H 43 -14.69 13.24 22.35
N ALA H 44 -15.88 13.79 22.48
CA ALA H 44 -17.05 13.34 21.74
C ALA H 44 -17.14 13.91 20.34
N TRP H 45 -16.22 14.78 19.95
CA TRP H 45 -16.21 15.40 18.63
C TRP H 45 -14.96 14.99 17.87
N THR H 46 -15.14 14.54 16.64
CA THR H 46 -14.02 14.22 15.76
C THR H 46 -13.85 15.36 14.76
N ASN H 47 -12.65 15.91 14.71
CA ASN H 47 -12.37 17.06 13.87
C ASN H 47 -11.86 16.61 12.50
N THR H 48 -11.71 17.58 11.59
CA THR H 48 -11.24 17.30 10.25
C THR H 48 -10.46 18.50 9.74
N ALA H 49 -9.35 18.24 9.06
CA ALA H 49 -8.51 19.31 8.55
C ALA H 49 -9.17 19.98 7.36
N LEU H 50 -9.21 21.31 7.37
CA LEU H 50 -9.72 22.09 6.25
C LEU H 50 -8.68 23.12 5.80
N THR H 51 -9.08 24.04 4.93
CA THR H 51 -8.14 24.98 4.35
C THR H 51 -7.92 26.16 5.30
N ASN H 52 -6.64 26.53 5.47
CA ASN H 52 -6.25 27.74 6.20
C ASN H 52 -6.69 27.69 7.66
N GLY H 53 -6.28 26.62 8.34
CA GLY H 53 -6.51 26.49 9.76
C GLY H 53 -7.93 26.20 10.19
N TYR H 54 -8.91 26.34 9.29
CA TYR H 54 -10.28 26.02 9.65
C TYR H 54 -10.43 24.52 9.88
N VAL H 55 -11.33 24.17 10.80
CA VAL H 55 -11.54 22.80 11.21
C VAL H 55 -13.03 22.54 11.31
N GLN H 56 -13.46 21.37 10.84
CA GLN H 56 -14.87 20.97 10.87
C GLN H 56 -15.11 20.08 12.08
N ARG H 57 -16.03 20.49 12.94
CA ARG H 57 -16.41 19.71 14.11
C ARG H 57 -17.61 18.83 13.75
N SER H 58 -17.45 17.52 13.91
CA SER H 58 -18.50 16.56 13.64
C SER H 58 -18.70 15.69 14.88
N ALA H 59 -19.95 15.31 15.12
CA ALA H 59 -20.26 14.51 16.29
C ALA H 59 -19.64 13.13 16.19
N SER H 60 -19.16 12.61 17.31
CA SER H 60 -18.54 11.29 17.37
C SER H 60 -18.80 10.72 18.76
N ASN H 61 -18.02 9.72 19.14
CA ASN H 61 -18.23 8.99 20.38
C ASN H 61 -16.97 8.98 21.24
N ALA H 62 -17.16 8.81 22.55
CA ALA H 62 -16.06 8.57 23.47
C ALA H 62 -15.80 7.08 23.49
N THR H 63 -14.75 6.64 22.80
CA THR H 63 -14.46 5.22 22.67
C THR H 63 -13.46 4.76 23.72
N MET H 64 -13.22 3.46 23.76
CA MET H 64 -12.28 2.86 24.69
C MET H 64 -11.94 1.46 24.22
N THR H 65 -10.65 1.17 24.10
CA THR H 65 -10.16 -0.16 23.77
C THR H 65 -9.66 -0.80 25.06
N LEU H 66 -10.23 -1.95 25.41
CA LEU H 66 -9.97 -2.58 26.70
C LEU H 66 -9.63 -4.05 26.51
N PRO H 67 -8.34 -4.40 26.43
CA PRO H 67 -7.95 -5.82 26.38
C PRO H 67 -7.92 -6.41 27.78
N VAL H 68 -8.76 -7.42 28.02
CA VAL H 68 -8.88 -8.06 29.32
C VAL H 68 -8.93 -9.58 29.13
N VAL H 69 -8.72 -10.29 30.22
CA VAL H 69 -8.88 -11.74 30.25
C VAL H 69 -10.30 -12.05 30.70
N ARG H 70 -10.99 -12.90 29.95
CA ARG H 70 -12.36 -13.24 30.26
C ARG H 70 -12.45 -13.97 31.59
N ASP H 71 -13.63 -13.87 32.21
CA ASP H 71 -13.92 -14.60 33.43
C ASP H 71 -14.69 -15.87 33.08
N LEU H 72 -14.24 -17.00 33.62
CA LEU H 72 -14.84 -18.28 33.28
C LEU H 72 -16.27 -18.42 33.79
N ARG H 73 -16.73 -17.53 34.65
CA ARG H 73 -18.10 -17.56 35.14
C ARG H 73 -19.06 -16.74 34.28
N VAL H 74 -18.55 -16.05 33.26
CA VAL H 74 -19.35 -15.19 32.41
C VAL H 74 -19.22 -15.71 30.99
N PRO H 75 -20.32 -15.89 30.25
CA PRO H 75 -20.22 -16.40 28.89
C PRO H 75 -19.43 -15.49 27.98
N LEU H 76 -18.72 -16.10 27.02
CA LEU H 76 -17.90 -15.34 26.09
C LEU H 76 -18.74 -14.39 25.24
N ALA H 77 -20.00 -14.74 24.97
CA ALA H 77 -20.85 -13.89 24.16
C ALA H 77 -21.11 -12.55 24.84
N PHE H 78 -20.99 -12.48 26.17
CA PHE H 78 -21.16 -11.22 26.88
C PHE H 78 -20.04 -10.24 26.56
N TYR H 79 -18.89 -10.72 26.10
CA TYR H 79 -17.76 -9.89 25.77
C TYR H 79 -17.73 -9.46 24.32
N GLN H 80 -18.74 -9.81 23.53
CA GLN H 80 -18.70 -9.60 22.09
C GLN H 80 -19.99 -8.98 21.55
N GLY H 81 -20.66 -8.17 22.36
CA GLY H 81 -21.77 -7.37 21.88
C GLY H 81 -23.16 -7.89 22.17
N CYS H 82 -23.31 -8.96 22.93
CA CYS H 82 -24.63 -9.43 23.33
C CYS H 82 -25.10 -8.84 24.65
N ALA H 83 -24.35 -7.92 25.26
CA ALA H 83 -24.76 -7.36 26.54
C ALA H 83 -24.11 -6.00 26.73
N GLN H 84 -24.70 -5.23 27.64
CA GLN H 84 -24.16 -3.93 28.02
C GLN H 84 -22.90 -4.13 28.88
N VAL H 85 -22.04 -3.11 28.88
CA VAL H 85 -20.84 -3.11 29.71
C VAL H 85 -20.70 -1.74 30.37
N ASP H 86 -20.39 -1.75 31.67
CA ASP H 86 -20.11 -0.54 32.45
C ASP H 86 -18.68 -0.69 32.98
N VAL H 87 -17.71 -0.22 32.22
CA VAL H 87 -16.30 -0.41 32.54
C VAL H 87 -15.83 0.73 33.42
N GLN H 88 -14.99 0.40 34.40
CA GLN H 88 -14.41 1.39 35.32
C GLN H 88 -12.97 0.98 35.59
N VAL H 89 -12.01 1.76 35.08
CA VAL H 89 -10.60 1.43 35.17
C VAL H 89 -9.91 2.44 36.08
N GLU H 90 -9.06 1.94 36.98
CA GLU H 90 -8.29 2.76 37.89
C GLU H 90 -6.80 2.57 37.59
N LYS H 91 -6.11 3.67 37.30
CA LYS H 91 -4.68 3.61 37.04
C LYS H 91 -3.90 3.74 38.35
N PHE H 92 -2.59 3.55 38.25
CA PHE H 92 -1.75 3.54 39.44
C PHE H 92 -1.62 4.92 40.07
N ASP H 93 -1.76 5.98 39.28
CA ASP H 93 -1.57 7.34 39.77
C ASP H 93 -2.86 7.95 40.32
N GLY H 94 -3.95 7.20 40.37
CA GLY H 94 -5.19 7.69 40.91
C GLY H 94 -6.25 8.04 39.88
N THR H 95 -5.90 8.03 38.60
CA THR H 95 -6.87 8.36 37.56
C THR H 95 -7.95 7.28 37.47
N VAL H 96 -9.20 7.72 37.33
CA VAL H 96 -10.33 6.81 37.23
C VAL H 96 -11.18 7.23 36.05
N MET H 97 -11.40 6.32 35.11
CA MET H 97 -12.27 6.53 33.97
C MET H 97 -13.53 5.70 34.15
N THR H 98 -14.68 6.37 34.20
CA THR H 98 -15.96 5.69 34.39
C THR H 98 -16.74 5.71 33.09
N LEU H 99 -17.21 4.55 32.67
CA LEU H 99 -17.99 4.40 31.45
C LEU H 99 -19.25 3.60 31.78
N THR H 100 -20.40 4.09 31.34
CA THR H 100 -21.67 3.41 31.57
C THR H 100 -22.45 3.31 30.27
N GLU H 101 -23.27 2.26 30.18
CA GLU H 101 -24.14 2.03 29.03
C GLU H 101 -23.33 1.94 27.73
N GLY H 102 -22.13 1.35 27.82
CA GLY H 102 -21.34 1.15 26.63
C GLY H 102 -21.82 -0.03 25.80
N ALA H 103 -21.33 -0.10 24.57
CA ALA H 103 -21.68 -1.17 23.66
C ALA H 103 -20.46 -1.56 22.84
N VAL H 104 -20.16 -2.85 22.81
CA VAL H 104 -19.05 -3.36 22.00
C VAL H 104 -19.48 -3.37 20.55
N VAL H 105 -18.83 -2.54 19.73
CA VAL H 105 -19.28 -2.34 18.35
C VAL H 105 -18.69 -3.38 17.41
N GLU H 106 -17.37 -3.60 17.44
CA GLU H 106 -16.71 -4.48 16.48
C GLU H 106 -16.08 -5.65 17.22
N PRO H 107 -16.85 -6.71 17.49
CA PRO H 107 -16.25 -7.90 18.10
C PRO H 107 -15.19 -8.51 17.19
N GLU H 108 -14.11 -8.98 17.79
CA GLU H 108 -13.03 -9.61 17.07
C GLU H 108 -12.91 -11.07 17.50
N GLU H 109 -12.43 -11.90 16.59
CA GLU H 109 -12.23 -13.31 16.88
C GLU H 109 -11.31 -13.49 18.08
N SER H 110 -11.84 -14.09 19.15
CA SER H 110 -11.09 -14.33 20.37
C SER H 110 -10.94 -15.83 20.59
N ASP H 111 -9.85 -16.22 21.24
CA ASP H 111 -9.50 -17.62 21.42
C ASP H 111 -10.00 -18.19 22.75
N GLY H 112 -10.90 -17.49 23.43
CA GLY H 112 -11.51 -18.01 24.64
C GLY H 112 -10.81 -17.65 25.94
N ARG H 113 -9.67 -16.96 25.88
CA ARG H 113 -9.02 -16.47 27.09
C ARG H 113 -8.91 -14.95 27.12
N SER H 114 -8.35 -14.34 26.08
CA SER H 114 -8.13 -12.90 26.02
C SER H 114 -9.05 -12.29 24.99
N VAL H 115 -9.80 -11.26 25.41
CA VAL H 115 -10.75 -10.57 24.55
C VAL H 115 -10.39 -9.10 24.52
N THR H 116 -10.29 -8.52 23.33
CA THR H 116 -10.05 -7.10 23.16
C THR H 116 -11.38 -6.43 22.85
N MET H 117 -11.85 -5.59 23.77
CA MET H 117 -13.17 -4.98 23.69
C MET H 117 -13.05 -3.56 23.17
N ASN H 118 -13.74 -3.26 22.07
CA ASN H 118 -13.82 -1.92 21.51
C ASN H 118 -15.17 -1.34 21.97
N ILE H 119 -15.12 -0.50 22.99
CA ILE H 119 -16.32 -0.04 23.69
C ILE H 119 -16.62 1.39 23.27
N VAL H 120 -17.88 1.65 22.94
CA VAL H 120 -18.35 2.96 22.50
C VAL H 120 -19.46 3.42 23.43
N ALA H 121 -19.34 4.65 23.94
CA ALA H 121 -20.31 5.21 24.86
C ALA H 121 -20.49 6.70 24.57
N SER H 122 -21.50 7.29 25.21
CA SER H 122 -21.80 8.70 24.99
C SER H 122 -20.70 9.60 25.54
N GLU H 123 -20.22 9.31 26.74
CA GLU H 123 -19.19 10.13 27.36
C GLU H 123 -18.45 9.31 28.41
N ILE H 124 -17.26 9.78 28.77
CA ILE H 124 -16.40 9.13 29.75
C ILE H 124 -16.01 10.16 30.79
N ASP H 125 -16.08 9.79 32.06
CA ASP H 125 -15.79 10.69 33.17
C ASP H 125 -14.41 10.38 33.73
N GLU H 126 -13.62 11.43 33.95
CA GLU H 126 -12.27 11.32 34.46
C GLU H 126 -12.20 11.91 35.87
N LEU H 127 -11.37 11.30 36.71
CA LEU H 127 -11.34 11.66 38.12
C LEU H 127 -10.26 12.68 38.48
N LEU H 128 -9.14 12.70 37.75
CA LEU H 128 -8.11 13.72 37.95
C LEU H 128 -7.63 13.78 39.40
N PRO H 129 -6.73 12.89 39.80
CA PRO H 129 -6.28 12.81 41.22
C PRO H 129 -6.00 14.19 41.80
N PRO H 130 -6.14 14.35 43.11
CA PRO H 130 -6.36 15.67 43.70
C PRO H 130 -5.33 16.71 43.26
N GLY H 131 -5.83 17.91 42.95
CA GLY H 131 -5.04 18.95 42.33
C GLY H 131 -5.40 19.08 40.87
N SER H 132 -6.24 20.04 40.53
CA SER H 132 -6.76 20.19 39.18
C SER H 132 -6.61 21.63 38.72
N LEU H 133 -6.38 21.79 37.41
CA LEU H 133 -6.21 23.10 36.78
C LEU H 133 -5.12 23.91 37.46
N CYS I 3 27.94 -19.63 61.50
CA CYS I 3 26.61 -19.28 61.98
C CYS I 3 26.13 -17.98 61.36
N ASN I 4 24.81 -17.87 61.15
CA ASN I 4 24.17 -16.68 60.63
C ASN I 4 24.65 -16.35 59.22
N LYS I 5 25.90 -15.90 59.08
CA LYS I 5 26.47 -15.57 57.79
C LYS I 5 26.84 -16.87 57.09
N GLN I 6 25.86 -17.46 56.39
CA GLN I 6 26.08 -18.72 55.68
C GLN I 6 25.08 -18.76 54.53
N ASN I 7 25.57 -18.49 53.31
CA ASN I 7 24.73 -18.50 52.12
C ASN I 7 24.66 -19.91 51.58
N GLY I 8 23.46 -20.49 51.57
CA GLY I 8 23.26 -21.84 51.06
C GLY I 8 21.87 -22.37 51.37
N VAL I 9 21.48 -23.45 50.69
CA VAL I 9 20.18 -24.06 50.88
C VAL I 9 20.33 -25.23 51.85
N LYS I 10 19.33 -25.43 52.70
CA LYS I 10 19.33 -26.50 53.68
C LYS I 10 18.37 -27.62 53.33
N ASN I 11 17.15 -27.29 52.91
CA ASN I 11 16.17 -28.28 52.50
C ASN I 11 15.48 -27.84 51.22
N ILE I 12 15.12 -28.81 50.39
CA ILE I 12 14.38 -28.58 49.16
C ILE I 12 13.32 -29.68 49.07
N LEU I 13 12.06 -29.33 49.25
CA LEU I 13 10.95 -30.27 49.18
C LEU I 13 10.13 -29.98 47.93
N ILE I 14 9.88 -31.02 47.14
CA ILE I 14 9.10 -30.90 45.91
C ILE I 14 7.96 -31.89 45.95
N THR I 15 6.75 -31.43 45.66
CA THR I 15 5.56 -32.27 45.59
C THR I 15 5.06 -32.28 44.15
N PHE I 16 4.90 -33.47 43.59
CA PHE I 16 4.44 -33.63 42.21
C PHE I 16 2.97 -34.04 42.21
N THR I 17 2.17 -33.32 41.42
CA THR I 17 0.76 -33.64 41.23
C THR I 17 0.50 -33.78 39.74
N ASP I 18 -0.09 -34.90 39.33
CA ASP I 18 -0.42 -35.13 37.94
C ASP I 18 -1.79 -34.52 37.65
N CYS I 19 -1.84 -33.61 36.70
CA CYS I 19 -3.08 -32.90 36.40
C CYS I 19 -4.14 -33.82 35.80
N ASP I 20 -3.74 -34.97 35.28
CA ASP I 20 -4.70 -35.89 34.68
C ASP I 20 -5.37 -36.76 35.75
N THR I 21 -4.58 -37.46 36.56
CA THR I 21 -5.10 -38.43 37.52
C THR I 21 -5.21 -37.88 38.93
N GLN I 22 -4.77 -36.64 39.17
CA GLN I 22 -4.82 -36.02 40.50
C GLN I 22 -4.07 -36.84 41.54
N GLU I 23 -2.99 -37.51 41.13
CA GLU I 23 -2.16 -38.29 42.05
C GLU I 23 -1.07 -37.41 42.62
N VAL I 24 -0.83 -37.53 43.92
CA VAL I 24 0.11 -36.69 44.65
C VAL I 24 1.32 -37.53 45.03
N ILE I 25 2.51 -37.03 44.69
CA ILE I 25 3.78 -37.65 45.08
C ILE I 25 4.59 -36.60 45.81
N GLY I 26 5.02 -36.92 47.03
CA GLY I 26 5.85 -36.02 47.79
C GLY I 26 5.29 -35.75 49.18
N PRO I 27 5.91 -34.79 49.89
CA PRO I 27 7.05 -34.00 49.42
C PRO I 27 8.39 -34.71 49.64
N ILE I 28 9.16 -34.88 48.57
CA ILE I 28 10.40 -35.62 48.59
C ILE I 28 11.56 -34.63 48.70
N SER I 29 12.41 -34.83 49.70
CA SER I 29 13.61 -34.00 49.82
C SER I 29 14.55 -34.26 48.65
N HIS I 30 15.24 -33.20 48.22
CA HIS I 30 16.10 -33.26 47.04
C HIS I 30 17.48 -32.72 47.39
N GLU I 31 18.38 -32.83 46.42
CA GLU I 31 19.79 -32.49 46.62
C GLU I 31 20.30 -31.64 45.46
N GLN I 32 21.13 -30.66 45.78
CA GLN I 32 21.72 -29.81 44.76
C GLN I 32 22.76 -30.60 43.95
N PRO I 33 22.90 -30.29 42.66
CA PRO I 33 23.93 -30.97 41.85
C PRO I 33 25.28 -30.31 41.94
N ASP I 34 25.31 -29.00 42.19
CA ASP I 34 26.56 -28.25 42.28
C ASP I 34 26.34 -27.09 43.25
N ASP I 35 27.24 -26.12 43.23
CA ASP I 35 27.20 -25.01 44.17
C ASP I 35 26.32 -23.85 43.71
N THR I 36 25.68 -23.96 42.54
CA THR I 36 24.80 -22.90 42.07
C THR I 36 23.49 -22.94 42.85
N LEU I 37 23.18 -21.83 43.54
CA LEU I 37 22.00 -21.78 44.37
C LEU I 37 20.75 -21.50 43.54
N PRO I 38 19.57 -21.90 44.03
CA PRO I 38 18.33 -21.51 43.36
C PRO I 38 18.12 -20.01 43.43
N THR I 39 17.48 -19.48 42.38
CA THR I 39 17.25 -18.05 42.26
C THR I 39 15.76 -17.76 42.26
N TYR I 40 15.40 -16.54 42.66
CA TYR I 40 14.01 -16.19 42.92
C TYR I 40 13.66 -14.86 42.26
N LYS I 41 12.34 -14.63 42.17
CA LYS I 41 11.80 -13.34 41.72
C LYS I 41 10.41 -13.21 42.34
N ASN I 42 10.32 -12.46 43.43
CA ASN I 42 9.08 -12.40 44.21
C ASN I 42 8.08 -11.39 43.66
N CYS I 43 8.55 -10.25 43.17
CA CYS I 43 7.65 -9.20 42.72
C CYS I 43 6.89 -9.66 41.48
N ALA I 44 5.56 -9.66 41.57
CA ALA I 44 4.72 -10.15 40.47
C ALA I 44 4.60 -9.16 39.33
N TRP I 45 5.07 -7.93 39.50
CA TRP I 45 5.00 -6.91 38.47
C TRP I 45 6.39 -6.65 37.90
N THR I 46 6.49 -6.59 36.58
CA THR I 46 7.74 -6.28 35.89
C THR I 46 7.65 -4.86 35.34
N ASN I 47 8.52 -3.99 35.84
CA ASN I 47 8.53 -2.60 35.40
C ASN I 47 9.24 -2.48 34.05
N THR I 48 9.27 -1.25 33.53
CA THR I 48 9.95 -0.98 32.26
C THR I 48 10.36 0.49 32.27
N ALA I 49 11.54 0.76 31.74
CA ALA I 49 12.11 2.11 31.78
C ALA I 49 11.47 2.96 30.70
N LEU I 50 10.59 3.89 31.11
CA LEU I 50 10.04 4.90 30.23
C LEU I 50 10.93 6.13 30.29
N THR I 51 10.44 7.26 29.76
CA THR I 51 11.26 8.45 29.67
C THR I 51 11.10 9.32 30.92
N ASN I 52 12.25 9.70 31.49
CA ASN I 52 12.32 10.71 32.55
C ASN I 52 11.54 10.29 33.80
N GLY I 53 11.97 9.18 34.39
CA GLY I 53 11.47 8.75 35.68
C GLY I 53 10.15 8.01 35.66
N TYR I 54 9.54 7.81 34.49
CA TYR I 54 8.30 7.07 34.39
C TYR I 54 8.59 5.58 34.19
N VAL I 55 7.72 4.75 34.76
CA VAL I 55 7.84 3.31 34.65
C VAL I 55 6.52 2.72 34.22
N GLN I 56 6.58 1.58 33.55
CA GLN I 56 5.43 0.91 32.96
C GLN I 56 5.16 -0.38 33.73
N ARG I 57 4.32 -0.31 34.75
CA ARG I 57 4.01 -1.49 35.55
C ARG I 57 3.01 -2.37 34.83
N SER I 58 3.43 -3.57 34.47
CA SER I 58 2.54 -4.56 33.85
C SER I 58 2.62 -5.85 34.65
N ALA I 59 1.52 -6.60 34.62
CA ALA I 59 1.46 -7.85 35.37
C ALA I 59 2.40 -8.88 34.77
N SER I 60 2.98 -9.71 35.63
CA SER I 60 3.91 -10.74 35.21
C SER I 60 3.88 -11.87 36.24
N ASN I 61 4.85 -12.77 36.15
CA ASN I 61 4.89 -13.96 36.99
C ASN I 61 5.94 -13.79 38.10
N ALA I 62 5.94 -14.75 39.02
CA ALA I 62 6.94 -14.85 40.08
C ALA I 62 7.75 -16.12 39.78
N THR I 63 8.80 -15.97 38.99
CA THR I 63 9.53 -17.11 38.47
C THR I 63 10.42 -17.72 39.55
N MET I 64 11.03 -18.86 39.22
CA MET I 64 11.92 -19.58 40.12
C MET I 64 12.77 -20.53 39.30
N THR I 65 14.09 -20.37 39.37
CA THR I 65 15.02 -21.30 38.76
C THR I 65 15.58 -22.21 39.85
N LEU I 66 15.41 -23.52 39.67
CA LEU I 66 15.76 -24.49 40.71
C LEU I 66 16.51 -25.66 40.10
N PRO I 67 17.84 -25.65 40.16
CA PRO I 67 18.61 -26.83 39.72
C PRO I 67 18.72 -27.86 40.83
N VAL I 68 18.20 -29.07 40.59
CA VAL I 68 18.18 -30.12 41.60
C VAL I 68 18.63 -31.44 40.96
N VAL I 69 18.93 -32.40 41.82
CA VAL I 69 19.32 -33.74 41.38
C VAL I 69 18.07 -34.60 41.29
N ARG I 70 17.91 -35.29 40.16
CA ARG I 70 16.73 -36.12 39.95
C ARG I 70 16.69 -37.26 40.96
N ASP I 71 15.48 -37.63 41.36
CA ASP I 71 15.25 -38.81 42.17
C ASP I 71 14.90 -39.98 41.25
N LEU I 72 15.41 -41.17 41.60
CA LEU I 72 15.24 -42.32 40.72
C LEU I 72 13.86 -42.95 40.81
N ARG I 73 13.03 -42.52 41.76
CA ARG I 73 11.69 -43.05 41.94
C ARG I 73 10.63 -42.20 41.26
N VAL I 74 11.01 -41.11 40.62
CA VAL I 74 10.08 -40.18 40.00
C VAL I 74 10.39 -40.13 38.51
N PRO I 75 9.40 -40.23 37.63
CA PRO I 75 9.67 -40.19 36.19
C PRO I 75 10.29 -38.87 35.79
N LEU I 76 11.15 -38.92 34.77
CA LEU I 76 11.84 -37.73 34.28
C LEU I 76 10.87 -36.70 33.72
N ALA I 77 9.76 -37.16 33.14
CA ALA I 77 8.78 -36.23 32.59
C ALA I 77 8.17 -35.34 33.68
N PHE I 78 8.15 -35.82 34.93
CA PHE I 78 7.60 -35.02 36.02
C PHE I 78 8.43 -33.77 36.25
N TYR I 79 9.68 -33.75 35.81
CA TYR I 79 10.56 -32.60 35.97
C TYR I 79 10.61 -31.72 34.73
N GLN I 80 9.84 -32.04 33.70
CA GLN I 80 9.96 -31.34 32.42
C GLN I 80 8.62 -30.83 31.92
N GLY I 81 7.70 -30.50 32.83
CA GLY I 81 6.44 -29.88 32.47
C GLY I 81 5.26 -30.82 32.40
N CYS I 82 5.47 -32.13 32.51
CA CYS I 82 4.38 -33.10 32.48
C CYS I 82 3.74 -33.29 33.85
N ALA I 83 4.00 -32.39 34.80
CA ALA I 83 3.40 -32.50 36.13
C ALA I 83 3.43 -31.12 36.78
N GLN I 84 2.63 -30.99 37.84
CA GLN I 84 2.56 -29.76 38.63
C GLN I 84 3.45 -29.91 39.85
N VAL I 85 4.33 -28.93 40.08
CA VAL I 85 5.33 -29.00 41.13
C VAL I 85 5.03 -27.95 42.19
N ASP I 86 5.16 -28.34 43.45
CA ASP I 86 4.99 -27.46 44.60
C ASP I 86 6.31 -27.46 45.37
N VAL I 87 7.13 -26.44 45.14
CA VAL I 87 8.47 -26.38 45.70
C VAL I 87 8.45 -25.62 47.01
N GLN I 88 9.41 -25.95 47.89
CA GLN I 88 9.52 -25.30 49.19
C GLN I 88 10.97 -25.42 49.65
N VAL I 89 11.71 -24.32 49.58
CA VAL I 89 13.15 -24.31 49.84
C VAL I 89 13.44 -23.48 51.09
N GLU I 90 14.23 -24.04 51.99
CA GLU I 90 14.65 -23.35 53.21
C GLU I 90 16.16 -23.12 53.17
N LYS I 91 16.57 -21.88 53.44
CA LYS I 91 17.97 -21.53 53.42
C LYS I 91 18.60 -21.70 54.81
N PHE I 92 19.93 -21.54 54.85
CA PHE I 92 20.67 -21.76 56.08
C PHE I 92 20.39 -20.70 57.14
N ASP I 93 19.91 -19.52 56.75
CA ASP I 93 19.67 -18.43 57.68
C ASP I 93 18.22 -18.35 58.15
N GLY I 94 17.41 -19.36 57.86
CA GLY I 94 16.03 -19.39 58.29
C GLY I 94 15.02 -18.94 57.26
N THR I 95 15.47 -18.31 56.18
CA THR I 95 14.55 -17.86 55.14
C THR I 95 13.93 -19.07 54.45
N VAL I 96 12.61 -19.03 54.25
CA VAL I 96 11.86 -20.12 53.63
C VAL I 96 11.09 -19.57 52.45
N MET I 97 11.31 -20.15 51.28
CA MET I 97 10.59 -19.80 50.07
C MET I 97 9.52 -20.86 49.82
N THR I 98 8.27 -20.43 49.73
CA THR I 98 7.15 -21.34 49.52
C THR I 98 6.52 -21.05 48.18
N LEU I 99 6.36 -22.09 47.36
CA LEU I 99 5.73 -21.98 46.05
C LEU I 99 4.70 -23.10 45.92
N THR I 100 3.58 -22.80 45.25
CA THR I 100 2.50 -23.75 45.12
C THR I 100 1.84 -23.60 43.75
N GLU I 101 1.47 -24.75 43.15
CA GLU I 101 0.83 -24.79 41.85
C GLU I 101 1.69 -24.16 40.76
N GLY I 102 3.00 -24.34 40.87
CA GLY I 102 3.89 -23.89 39.83
C GLY I 102 3.90 -24.83 38.63
N ALA I 103 4.38 -24.31 37.50
CA ALA I 103 4.48 -25.08 36.27
C ALA I 103 5.83 -24.87 35.64
N VAL I 104 6.44 -25.95 35.15
CA VAL I 104 7.72 -25.88 34.45
C VAL I 104 7.44 -25.37 33.04
N VAL I 105 7.86 -24.15 32.75
CA VAL I 105 7.48 -23.49 31.50
C VAL I 105 8.43 -23.85 30.36
N GLU I 106 9.74 -23.81 30.59
CA GLU I 106 10.73 -24.04 29.54
C GLU I 106 11.57 -25.26 29.91
N PRO I 107 11.17 -26.45 29.47
CA PRO I 107 11.97 -27.64 29.75
C PRO I 107 13.24 -27.64 28.91
N GLU I 108 14.37 -27.84 29.57
CA GLU I 108 15.67 -27.95 28.92
C GLU I 108 16.14 -29.39 29.00
N GLU I 109 16.76 -29.87 27.91
CA GLU I 109 17.20 -31.25 27.86
C GLU I 109 18.18 -31.55 28.98
N SER I 110 17.98 -32.68 29.65
CA SER I 110 18.79 -33.09 30.78
C SER I 110 19.35 -34.49 30.55
N ASP I 111 20.46 -34.78 31.22
CA ASP I 111 21.18 -36.04 31.04
C ASP I 111 20.59 -37.19 31.85
N GLY I 112 19.57 -36.93 32.68
CA GLY I 112 18.94 -37.97 33.47
C GLY I 112 19.30 -37.99 34.94
N ARG I 113 20.22 -37.14 35.38
CA ARG I 113 20.52 -37.04 36.80
C ARG I 113 20.34 -35.62 37.34
N SER I 114 20.77 -34.62 36.60
CA SER I 114 20.65 -33.22 37.01
C SER I 114 19.70 -32.50 36.07
N VAL I 115 18.66 -31.89 36.63
CA VAL I 115 17.67 -31.15 35.87
C VAL I 115 17.56 -29.76 36.45
N THR I 116 17.36 -28.78 35.56
CA THR I 116 17.08 -27.40 35.96
C THR I 116 15.66 -27.07 35.55
N MET I 117 14.90 -26.49 36.46
CA MET I 117 13.48 -26.22 36.26
C MET I 117 13.21 -24.73 36.35
N ASN I 118 12.58 -24.18 35.31
CA ASN I 118 12.12 -22.80 35.30
C ASN I 118 10.65 -22.81 35.71
N ILE I 119 10.39 -22.48 36.97
CA ILE I 119 9.07 -22.63 37.57
C ILE I 119 8.39 -21.27 37.60
N VAL I 120 7.13 -21.24 37.15
CA VAL I 120 6.33 -20.02 37.11
C VAL I 120 5.11 -20.23 37.98
N ALA I 121 4.87 -19.29 38.90
CA ALA I 121 3.74 -19.37 39.81
C ALA I 121 3.15 -17.98 39.99
N SER I 122 1.94 -17.94 40.56
CA SER I 122 1.26 -16.67 40.78
C SER I 122 2.01 -15.80 41.79
N GLU I 123 2.50 -16.41 42.87
CA GLU I 123 3.21 -15.66 43.90
C GLU I 123 4.06 -16.63 44.71
N ILE I 124 5.02 -16.07 45.42
CA ILE I 124 5.94 -16.82 46.27
C ILE I 124 5.97 -16.20 47.65
N ASP I 125 5.88 -17.03 48.68
CA ASP I 125 5.84 -16.58 50.06
C ASP I 125 7.24 -16.64 50.67
N GLU I 126 7.64 -15.57 51.34
CA GLU I 126 8.91 -15.50 52.04
C GLU I 126 8.65 -15.44 53.55
N LEU I 127 9.48 -16.14 54.31
CA LEU I 127 9.23 -16.31 55.73
C LEU I 127 9.96 -15.30 56.61
N LEU I 128 11.09 -14.75 56.16
CA LEU I 128 11.76 -13.65 56.86
C LEU I 128 12.06 -13.99 58.31
N PRO I 129 13.14 -14.73 58.57
CA PRO I 129 13.45 -15.21 59.94
C PRO I 129 13.28 -14.13 60.98
N PRO I 130 13.04 -14.51 62.25
CA PRO I 130 12.40 -13.60 63.20
C PRO I 130 13.10 -12.26 63.32
N GLY I 131 12.30 -11.20 63.41
CA GLY I 131 12.79 -9.83 63.34
C GLY I 131 12.64 -9.28 61.94
N SER I 132 11.62 -8.46 61.73
CA SER I 132 11.31 -7.95 60.39
C SER I 132 10.84 -6.51 60.50
N LEU I 133 10.98 -5.79 59.38
CA LEU I 133 10.54 -4.40 59.26
C LEU I 133 11.20 -3.51 60.32
N CYS J 3 -31.77 -2.21 23.15
CA CYS J 3 -31.58 -1.98 24.57
C CYS J 3 -31.62 -0.50 24.91
N ASN J 4 -30.48 0.02 25.37
CA ASN J 4 -30.42 1.42 25.77
C ASN J 4 -30.67 2.35 24.59
N LYS J 5 -29.79 2.32 23.60
CA LYS J 5 -29.83 3.27 22.49
C LYS J 5 -29.52 2.56 21.18
N GLN J 6 -30.05 1.35 21.00
CA GLN J 6 -29.80 0.58 19.79
C GLN J 6 -30.80 0.95 18.70
N ASN J 7 -30.34 0.85 17.45
CA ASN J 7 -31.17 1.10 16.28
C ASN J 7 -31.20 -0.16 15.43
N GLY J 8 -32.40 -0.63 15.13
CA GLY J 8 -32.57 -1.84 14.37
C GLY J 8 -33.96 -2.41 14.56
N VAL J 9 -34.22 -3.51 13.87
CA VAL J 9 -35.51 -4.19 13.93
C VAL J 9 -35.33 -5.52 14.63
N LYS J 10 -36.36 -5.94 15.36
CA LYS J 10 -36.36 -7.21 16.07
C LYS J 10 -37.43 -8.17 15.59
N ASN J 11 -38.66 -7.69 15.40
CA ASN J 11 -39.78 -8.53 14.97
C ASN J 11 -40.40 -7.92 13.73
N ILE J 12 -40.63 -8.74 12.71
CA ILE J 12 -41.33 -8.33 11.50
C ILE J 12 -42.47 -9.31 11.27
N LEU J 13 -43.69 -8.79 11.15
CA LEU J 13 -44.88 -9.60 10.95
C LEU J 13 -45.60 -9.13 9.69
N ILE J 14 -45.86 -10.06 8.78
CA ILE J 14 -46.58 -9.79 7.54
C ILE J 14 -47.76 -10.75 7.46
N THR J 15 -48.93 -10.22 7.15
CA THR J 15 -50.14 -11.02 6.95
C THR J 15 -50.57 -10.88 5.50
N PHE J 16 -50.66 -12.01 4.79
CA PHE J 16 -51.04 -12.02 3.38
C PHE J 16 -52.52 -12.36 3.26
N THR J 17 -53.22 -11.60 2.43
CA THR J 17 -54.65 -11.79 2.21
C THR J 17 -54.91 -11.81 0.70
N ASP J 18 -55.27 -12.99 0.19
CA ASP J 18 -55.60 -13.10 -1.23
C ASP J 18 -56.88 -12.33 -1.53
N CYS J 19 -56.88 -11.63 -2.66
CA CYS J 19 -58.03 -10.83 -3.08
C CYS J 19 -59.02 -11.61 -3.94
N ASP J 20 -58.62 -12.76 -4.49
CA ASP J 20 -59.49 -13.56 -5.33
C ASP J 20 -60.07 -14.78 -4.65
N THR J 21 -59.41 -15.31 -3.62
CA THR J 21 -59.92 -16.48 -2.91
C THR J 21 -60.12 -16.23 -1.41
N GLN J 22 -59.59 -15.13 -0.86
CA GLN J 22 -59.85 -14.70 0.51
C GLN J 22 -59.35 -15.69 1.57
N GLU J 23 -58.27 -16.42 1.27
CA GLU J 23 -57.51 -17.06 2.35
C GLU J 23 -56.54 -16.05 2.97
N VAL J 24 -56.38 -16.16 4.28
CA VAL J 24 -55.51 -15.26 5.04
C VAL J 24 -54.41 -16.11 5.66
N ILE J 25 -53.16 -15.73 5.41
CA ILE J 25 -51.99 -16.43 5.93
C ILE J 25 -51.19 -15.43 6.76
N GLY J 26 -50.88 -15.82 8.00
CA GLY J 26 -50.10 -14.98 8.88
C GLY J 26 -50.79 -14.73 10.20
N PRO J 27 -50.21 -13.85 11.04
CA PRO J 27 -48.98 -13.10 10.77
C PRO J 27 -47.73 -13.96 10.96
N ILE J 28 -46.84 -13.92 9.98
CA ILE J 28 -45.66 -14.78 9.94
C ILE J 28 -44.42 -13.93 10.22
N SER J 29 -43.56 -14.41 11.11
CA SER J 29 -42.30 -13.73 11.38
C SER J 29 -41.38 -13.83 10.17
N HIS J 30 -40.54 -12.80 10.01
CA HIS J 30 -39.62 -12.72 8.89
C HIS J 30 -38.26 -12.25 9.39
N GLU J 31 -37.28 -12.28 8.49
CA GLU J 31 -35.90 -11.96 8.82
C GLU J 31 -35.32 -11.04 7.76
N GLN J 32 -34.44 -10.13 8.19
CA GLN J 32 -33.77 -9.21 7.29
C GLN J 32 -32.66 -9.92 6.52
N PRO J 33 -32.43 -9.55 5.26
CA PRO J 33 -31.32 -10.15 4.50
C PRO J 33 -29.99 -9.45 4.75
N ASP J 34 -30.04 -8.17 5.10
CA ASP J 34 -28.84 -7.38 5.33
C ASP J 34 -29.16 -6.32 6.37
N ASP J 35 -28.30 -5.31 6.48
CA ASP J 35 -28.41 -4.28 7.51
C ASP J 35 -29.19 -3.05 7.05
N THR J 36 -29.86 -3.12 5.90
CA THR J 36 -30.66 -2.01 5.42
C THR J 36 -32.01 -2.01 6.14
N LEU J 37 -32.21 -1.02 7.01
CA LEU J 37 -33.42 -0.95 7.81
C LEU J 37 -34.61 -0.53 6.95
N PRO J 38 -35.83 -0.85 7.39
CA PRO J 38 -37.01 -0.35 6.67
C PRO J 38 -37.11 1.16 6.76
N THR J 39 -37.68 1.75 5.72
CA THR J 39 -37.66 3.18 5.51
C THR J 39 -39.08 3.68 5.27
N TYR J 40 -39.47 4.75 5.94
CA TYR J 40 -40.87 5.03 6.23
C TYR J 40 -41.24 6.43 5.76
N LYS J 41 -42.54 6.65 5.55
CA LYS J 41 -43.05 7.98 5.25
C LYS J 41 -44.51 8.02 5.73
N ASN J 42 -44.74 8.72 6.84
CA ASN J 42 -46.05 8.70 7.49
C ASN J 42 -47.00 9.77 6.97
N CYS J 43 -46.55 11.02 6.89
CA CYS J 43 -47.43 12.11 6.51
C CYS J 43 -48.03 11.88 5.14
N ALA J 44 -49.36 11.87 5.07
CA ALA J 44 -50.09 11.53 3.86
C ALA J 44 -50.25 12.71 2.91
N TRP J 45 -49.44 13.76 3.08
CA TRP J 45 -49.49 14.93 2.21
C TRP J 45 -48.09 15.26 1.72
N THR J 46 -47.99 15.65 0.45
CA THR J 46 -46.75 16.13 -0.14
C THR J 46 -46.90 17.61 -0.46
N ASN J 47 -45.88 18.39 -0.11
CA ASN J 47 -45.90 19.83 -0.29
C ASN J 47 -44.98 20.20 -1.45
N THR J 48 -45.53 20.91 -2.42
CA THR J 48 -44.75 21.41 -3.55
C THR J 48 -44.38 22.86 -3.26
N ALA J 49 -43.09 23.18 -3.38
CA ALA J 49 -42.63 24.53 -3.13
C ALA J 49 -43.13 25.48 -4.21
N LEU J 50 -43.73 26.59 -3.79
CA LEU J 50 -44.10 27.68 -4.68
C LEU J 50 -43.40 28.96 -4.24
N THR J 51 -43.57 30.00 -5.05
CA THR J 51 -42.83 31.23 -4.84
C THR J 51 -43.22 31.91 -3.53
N ASN J 52 -42.22 32.50 -2.88
CA ASN J 52 -42.39 33.33 -1.68
C ASN J 52 -43.04 32.51 -0.56
N GLY J 53 -42.28 31.55 -0.07
CA GLY J 53 -42.65 30.80 1.12
C GLY J 53 -43.89 29.93 1.02
N TYR J 54 -44.60 30.01 -0.10
CA TYR J 54 -45.84 29.27 -0.25
C TYR J 54 -45.57 27.81 -0.62
N VAL J 55 -46.47 26.93 -0.16
CA VAL J 55 -46.43 25.51 -0.49
C VAL J 55 -47.81 25.10 -0.95
N GLN J 56 -47.88 23.96 -1.63
CA GLN J 56 -49.13 23.41 -2.14
C GLN J 56 -49.38 22.06 -1.49
N ARG J 57 -50.58 21.89 -0.94
CA ARG J 57 -50.96 20.64 -0.29
C ARG J 57 -51.80 19.80 -1.25
N SER J 58 -51.34 18.58 -1.53
CA SER J 58 -52.08 17.63 -2.32
C SER J 58 -52.10 16.29 -1.60
N ALA J 59 -53.18 15.54 -1.79
CA ALA J 59 -53.31 14.24 -1.14
C ALA J 59 -52.23 13.30 -1.62
N SER J 60 -51.58 12.61 -0.68
CA SER J 60 -50.51 11.68 -0.99
C SER J 60 -50.76 10.39 -0.21
N ASN J 61 -49.78 9.48 -0.29
CA ASN J 61 -49.92 8.16 0.30
C ASN J 61 -48.86 7.96 1.37
N ALA J 62 -49.25 7.30 2.46
CA ALA J 62 -48.29 6.83 3.44
C ALA J 62 -47.60 5.60 2.88
N THR J 63 -46.29 5.67 2.70
CA THR J 63 -45.55 4.65 1.97
C THR J 63 -44.55 3.97 2.90
N MET J 64 -44.33 2.69 2.65
CA MET J 64 -43.39 1.90 3.44
C MET J 64 -42.50 1.08 2.51
N THR J 65 -41.21 1.03 2.85
CA THR J 65 -40.23 0.23 2.12
C THR J 65 -39.70 -0.86 3.04
N LEU J 66 -39.77 -2.11 2.59
CA LEU J 66 -39.42 -3.21 3.47
C LEU J 66 -38.63 -4.31 2.75
N PRO J 67 -37.33 -4.42 3.01
CA PRO J 67 -36.58 -5.58 2.52
C PRO J 67 -36.63 -6.75 3.49
N VAL J 68 -37.11 -7.91 3.04
CA VAL J 68 -37.23 -9.09 3.89
C VAL J 68 -36.77 -10.32 3.11
N VAL J 69 -36.51 -11.39 3.86
CA VAL J 69 -36.16 -12.69 3.26
C VAL J 69 -37.44 -13.46 2.99
N ARG J 70 -37.56 -13.98 1.77
CA ARG J 70 -38.74 -14.74 1.38
C ARG J 70 -38.89 -15.98 2.25
N ASP J 71 -40.14 -16.30 2.60
CA ASP J 71 -40.46 -17.47 3.40
C ASP J 71 -40.80 -18.63 2.47
N LEU J 72 -40.08 -19.74 2.64
CA LEU J 72 -40.17 -20.86 1.69
C LEU J 72 -41.55 -21.49 1.64
N ARG J 73 -42.41 -21.23 2.62
CA ARG J 73 -43.76 -21.79 2.63
C ARG J 73 -44.79 -20.84 2.02
N VAL J 74 -44.38 -19.68 1.53
CA VAL J 74 -45.28 -18.68 0.97
C VAL J 74 -44.89 -18.47 -0.49
N PRO J 75 -45.84 -18.44 -1.42
CA PRO J 75 -45.50 -18.20 -2.82
C PRO J 75 -44.85 -16.84 -3.02
N LEU J 76 -43.92 -16.78 -3.98
CA LEU J 76 -43.23 -15.52 -4.25
C LEU J 76 -44.17 -14.46 -4.81
N ALA J 77 -45.22 -14.87 -5.52
CA ALA J 77 -46.17 -13.92 -6.08
C ALA J 77 -46.89 -13.11 -5.01
N PHE J 78 -46.94 -13.63 -3.78
CA PHE J 78 -47.56 -12.87 -2.69
C PHE J 78 -46.73 -11.65 -2.33
N TYR J 79 -45.42 -11.71 -2.54
CA TYR J 79 -44.52 -10.60 -2.23
C TYR J 79 -44.43 -9.57 -3.34
N GLN J 80 -45.12 -9.80 -4.47
CA GLN J 80 -44.98 -8.94 -5.65
C GLN J 80 -46.30 -8.33 -6.09
N GLY J 81 -47.28 -8.24 -5.20
CA GLY J 81 -48.49 -7.51 -5.48
C GLY J 81 -49.71 -8.33 -5.84
N CYS J 82 -49.62 -9.66 -5.80
CA CYS J 82 -50.76 -10.52 -6.07
C CYS J 82 -51.60 -10.78 -4.82
N ALA J 83 -51.32 -10.09 -3.71
CA ALA J 83 -52.08 -10.27 -2.49
C ALA J 83 -51.86 -9.07 -1.58
N GLN J 84 -52.88 -8.74 -0.81
CA GLN J 84 -52.75 -7.66 0.18
C GLN J 84 -51.75 -8.06 1.26
N VAL J 85 -51.12 -7.04 1.85
CA VAL J 85 -50.11 -7.25 2.89
C VAL J 85 -50.50 -6.42 4.11
N ASP J 86 -50.40 -7.05 5.29
CA ASP J 86 -50.63 -6.38 6.56
C ASP J 86 -49.33 -6.51 7.35
N VAL J 87 -48.56 -5.42 7.41
CA VAL J 87 -47.20 -5.46 7.91
C VAL J 87 -47.14 -4.78 9.27
N GLN J 88 -46.40 -5.38 10.19
CA GLN J 88 -46.20 -4.83 11.53
C GLN J 88 -44.80 -5.19 11.99
N VAL J 89 -44.02 -4.17 12.35
CA VAL J 89 -42.61 -4.32 12.67
C VAL J 89 -42.32 -3.60 13.99
N GLU J 90 -41.43 -4.18 14.79
CA GLU J 90 -41.01 -3.59 16.06
C GLU J 90 -39.52 -3.32 16.01
N LYS J 91 -39.12 -2.13 16.43
CA LYS J 91 -37.71 -1.75 16.50
C LYS J 91 -37.15 -2.03 17.89
N PHE J 92 -35.81 -2.04 17.96
CA PHE J 92 -35.15 -2.30 19.24
C PHE J 92 -35.44 -1.23 20.26
N ASP J 93 -35.64 0.02 19.81
CA ASP J 93 -35.94 1.11 20.75
C ASP J 93 -37.31 0.99 21.39
N GLY J 94 -38.22 0.21 20.80
CA GLY J 94 -39.54 -0.03 21.36
C GLY J 94 -40.70 0.41 20.50
N THR J 95 -40.48 1.29 19.52
CA THR J 95 -41.58 1.77 18.70
C THR J 95 -42.09 0.67 17.77
N VAL J 96 -43.37 0.76 17.41
CA VAL J 96 -44.02 -0.22 16.56
C VAL J 96 -44.79 0.51 15.47
N MET J 97 -44.51 0.17 14.22
CA MET J 97 -45.20 0.73 13.06
C MET J 97 -46.18 -0.31 12.53
N THR J 98 -47.45 0.07 12.44
CA THR J 98 -48.50 -0.82 11.98
C THR J 98 -49.09 -0.30 10.68
N LEU J 99 -49.12 -1.16 9.67
CA LEU J 99 -49.73 -0.86 8.38
C LEU J 99 -50.78 -1.91 8.08
N THR J 100 -51.97 -1.47 7.68
CA THR J 100 -53.08 -2.36 7.41
C THR J 100 -53.61 -2.12 6.00
N GLU J 101 -53.97 -3.21 5.32
CA GLU J 101 -54.53 -3.17 3.97
C GLU J 101 -53.57 -2.46 3.01
N GLY J 102 -52.38 -3.05 2.86
CA GLY J 102 -51.36 -2.48 2.00
C GLY J 102 -51.46 -2.97 0.57
N ALA J 103 -50.51 -2.51 -0.24
CA ALA J 103 -50.43 -2.90 -1.64
C ALA J 103 -49.02 -2.63 -2.15
N VAL J 104 -48.47 -3.59 -2.88
CA VAL J 104 -47.15 -3.44 -3.48
C VAL J 104 -47.32 -2.81 -4.86
N VAL J 105 -46.61 -1.72 -5.10
CA VAL J 105 -46.84 -0.88 -6.28
C VAL J 105 -45.87 -1.19 -7.41
N GLU J 106 -44.57 -1.20 -7.12
CA GLU J 106 -43.53 -1.29 -8.15
C GLU J 106 -42.63 -2.47 -7.83
N PRO J 107 -43.09 -3.69 -8.08
CA PRO J 107 -42.23 -4.85 -7.85
C PRO J 107 -41.08 -4.89 -8.83
N GLU J 108 -39.95 -5.43 -8.36
CA GLU J 108 -38.78 -5.64 -9.19
C GLU J 108 -38.34 -7.09 -9.05
N GLU J 109 -37.63 -7.57 -10.08
CA GLU J 109 -37.25 -8.97 -10.12
C GLU J 109 -36.34 -9.32 -8.95
N SER J 110 -36.63 -10.46 -8.31
CA SER J 110 -35.87 -10.94 -7.17
C SER J 110 -35.36 -12.34 -7.45
N ASP J 111 -34.29 -12.72 -6.76
CA ASP J 111 -33.64 -14.01 -6.98
C ASP J 111 -34.32 -15.16 -6.25
N GLY J 112 -35.37 -14.89 -5.47
CA GLY J 112 -36.09 -15.92 -4.77
C GLY J 112 -35.76 -16.06 -3.30
N ARG J 113 -34.85 -15.27 -2.77
CA ARG J 113 -34.56 -15.30 -1.34
C ARG J 113 -34.72 -13.95 -0.67
N SER J 114 -34.29 -12.86 -1.33
CA SER J 114 -34.41 -11.52 -0.79
C SER J 114 -35.37 -10.72 -1.64
N VAL J 115 -36.38 -10.13 -1.00
CA VAL J 115 -37.41 -9.36 -1.69
C VAL J 115 -37.53 -7.99 -1.02
N THR J 116 -37.53 -6.93 -1.82
CA THR J 116 -37.75 -5.58 -1.33
C THR J 116 -39.16 -5.14 -1.70
N MET J 117 -39.94 -4.75 -0.69
CA MET J 117 -41.33 -4.38 -0.88
C MET J 117 -41.49 -2.87 -0.87
N ASN J 118 -42.25 -2.36 -1.83
CA ASN J 118 -42.65 -0.95 -1.87
C ASN J 118 -44.15 -0.90 -1.58
N ILE J 119 -44.49 -0.70 -0.32
CA ILE J 119 -45.85 -0.84 0.17
C ILE J 119 -46.52 0.52 0.23
N VAL J 120 -47.74 0.60 -0.30
CA VAL J 120 -48.54 1.81 -0.24
C VAL J 120 -49.73 1.54 0.67
N ALA J 121 -50.27 2.60 1.27
CA ALA J 121 -51.44 2.49 2.13
C ALA J 121 -52.08 3.86 2.24
N SER J 122 -53.14 3.94 3.04
CA SER J 122 -53.79 5.22 3.32
C SER J 122 -53.31 5.86 4.62
N GLU J 123 -52.94 5.05 5.60
CA GLU J 123 -52.40 5.55 6.86
C GLU J 123 -51.44 4.53 7.43
N ILE J 124 -50.54 5.01 8.29
CA ILE J 124 -49.59 4.17 9.01
C ILE J 124 -49.61 4.59 10.47
N ASP J 125 -49.67 3.61 11.37
CA ASP J 125 -49.81 3.86 12.79
C ASP J 125 -48.46 3.75 13.48
N GLU J 126 -48.30 4.53 14.55
CA GLU J 126 -47.07 4.56 15.34
C GLU J 126 -47.39 4.26 16.80
N LEU J 127 -46.48 3.56 17.47
CA LEU J 127 -46.66 3.24 18.88
C LEU J 127 -46.15 4.35 19.80
N LEU J 128 -45.02 4.98 19.45
CA LEU J 128 -44.44 6.05 20.25
C LEU J 128 -44.24 5.63 21.70
N PRO J 129 -43.18 4.88 21.99
CA PRO J 129 -42.99 4.29 23.34
C PRO J 129 -43.20 5.32 24.44
N PRO J 130 -43.49 4.87 25.67
CA PRO J 130 -44.12 5.76 26.66
C PRO J 130 -43.37 7.07 26.86
N GLY J 131 -44.13 8.15 26.93
CA GLY J 131 -43.59 9.50 26.94
C GLY J 131 -43.75 10.16 25.59
N SER J 132 -44.78 11.00 25.46
CA SER J 132 -45.09 11.64 24.18
C SER J 132 -45.34 13.12 24.39
N LEU J 133 -45.06 13.90 23.36
CA LEU J 133 -45.25 15.34 23.36
C LEU J 133 -44.52 16.00 24.53
N CYS K 3 -3.00 -28.78 37.08
CA CYS K 3 -3.15 -27.34 37.27
C CYS K 3 -4.31 -26.80 36.45
N ASN K 4 -5.16 -26.00 37.09
CA ASN K 4 -6.31 -25.43 36.39
C ASN K 4 -5.91 -24.30 35.47
N LYS K 5 -4.83 -23.58 35.79
CA LYS K 5 -4.38 -22.44 34.98
C LYS K 5 -3.62 -22.99 33.78
N GLN K 6 -4.37 -23.37 32.75
CA GLN K 6 -3.79 -23.92 31.53
C GLN K 6 -4.64 -23.52 30.35
N ASN K 7 -4.03 -22.88 29.36
CA ASN K 7 -4.72 -22.47 28.15
C ASN K 7 -4.33 -23.42 27.01
N GLY K 8 -5.32 -24.04 26.41
CA GLY K 8 -5.07 -24.97 25.32
C GLY K 8 -6.34 -25.69 24.93
N VAL K 9 -6.17 -26.66 24.04
CA VAL K 9 -7.26 -27.48 23.54
C VAL K 9 -6.97 -28.94 23.89
N LYS K 10 -7.97 -29.61 24.47
CA LYS K 10 -7.84 -30.99 24.90
C LYS K 10 -8.28 -31.97 23.81
N ASN K 11 -9.48 -31.79 23.26
CA ASN K 11 -10.00 -32.64 22.21
C ASN K 11 -10.61 -31.79 21.11
N ILE K 12 -10.50 -32.27 19.88
CA ILE K 12 -11.13 -31.67 18.71
C ILE K 12 -11.84 -32.78 17.94
N LEU K 13 -13.15 -32.67 17.79
CA LEU K 13 -13.95 -33.65 17.08
C LEU K 13 -14.66 -32.99 15.92
N ILE K 14 -14.57 -33.60 14.75
CA ILE K 14 -15.16 -33.07 13.52
C ILE K 14 -15.98 -34.18 12.86
N THR K 15 -17.20 -33.85 12.46
CA THR K 15 -18.08 -34.79 11.77
C THR K 15 -18.45 -34.22 10.41
N PHE K 16 -18.21 -34.99 9.35
CA PHE K 16 -18.48 -34.58 7.99
C PHE K 16 -19.78 -35.21 7.51
N THR K 17 -20.61 -34.40 6.85
CA THR K 17 -21.89 -34.86 6.29
C THR K 17 -21.97 -34.37 4.86
N ASP K 18 -21.70 -35.27 3.91
CA ASP K 18 -21.78 -34.91 2.51
C ASP K 18 -23.22 -34.61 2.12
N CYS K 19 -23.44 -33.46 1.50
CA CYS K 19 -24.80 -33.03 1.18
C CYS K 19 -25.39 -33.78 -0.01
N ASP K 20 -24.54 -34.27 -0.91
CA ASP K 20 -25.04 -34.95 -2.10
C ASP K 20 -25.61 -36.32 -1.77
N THR K 21 -24.92 -37.10 -0.93
CA THR K 21 -25.31 -38.46 -0.64
C THR K 21 -25.80 -38.68 0.78
N GLN K 22 -25.72 -37.66 1.65
CA GLN K 22 -26.20 -37.75 3.02
C GLN K 22 -25.51 -38.89 3.78
N GLU K 23 -24.19 -38.94 3.67
CA GLU K 23 -23.37 -39.91 4.39
C GLU K 23 -22.57 -39.20 5.47
N VAL K 24 -22.60 -39.73 6.68
CA VAL K 24 -22.00 -39.10 7.85
C VAL K 24 -20.71 -39.83 8.20
N ILE K 25 -19.63 -39.07 8.35
CA ILE K 25 -18.32 -39.61 8.72
C ILE K 25 -17.88 -38.94 10.02
N GLY K 26 -17.54 -39.74 11.02
CA GLY K 26 -17.07 -39.23 12.28
C GLY K 26 -17.88 -39.71 13.46
N PRO K 27 -17.73 -39.05 14.62
CA PRO K 27 -16.84 -37.89 14.82
C PRO K 27 -15.38 -38.28 15.04
N ILE K 28 -14.53 -37.93 14.09
CA ILE K 28 -13.11 -38.25 14.17
C ILE K 28 -12.40 -37.19 15.01
N SER K 29 -11.35 -37.61 15.70
CA SER K 29 -10.52 -36.70 16.48
C SER K 29 -9.40 -36.14 15.60
N HIS K 30 -8.98 -34.91 15.91
CA HIS K 30 -8.01 -34.19 15.10
C HIS K 30 -6.93 -33.60 15.99
N GLU K 31 -5.80 -33.28 15.36
CA GLU K 31 -4.61 -32.80 16.05
C GLU K 31 -4.19 -31.44 15.49
N GLN K 32 -3.75 -30.55 16.37
CA GLN K 32 -3.32 -29.23 15.95
C GLN K 32 -2.01 -29.31 15.17
N PRO K 33 -1.82 -28.42 14.19
CA PRO K 33 -0.53 -28.39 13.47
C PRO K 33 0.52 -27.53 14.16
N ASP K 34 0.09 -26.54 14.92
CA ASP K 34 1.01 -25.61 15.57
C ASP K 34 0.36 -25.13 16.87
N ASP K 35 0.90 -24.06 17.44
CA ASP K 35 0.45 -23.56 18.73
C ASP K 35 -0.69 -22.56 18.62
N THR K 36 -1.23 -22.32 17.42
CA THR K 36 -2.33 -21.38 17.25
C THR K 36 -3.64 -22.06 17.64
N LEU K 37 -4.30 -21.53 18.67
CA LEU K 37 -5.53 -22.10 19.17
C LEU K 37 -6.70 -21.77 18.25
N PRO K 38 -7.77 -22.57 18.29
CA PRO K 38 -9.00 -22.22 17.56
C PRO K 38 -9.57 -20.93 18.12
N THR K 39 -10.22 -20.17 17.24
CA THR K 39 -10.68 -18.83 17.57
C THR K 39 -12.18 -18.73 17.30
N TYR K 40 -12.91 -18.11 18.22
CA TYR K 40 -14.36 -18.14 18.20
C TYR K 40 -14.94 -16.74 18.13
N LYS K 41 -16.23 -16.69 17.81
CA LYS K 41 -17.01 -15.45 17.87
C LYS K 41 -18.46 -15.88 18.10
N ASN K 42 -18.92 -15.77 19.34
CA ASN K 42 -20.19 -16.37 19.74
C ASN K 42 -21.38 -15.47 19.48
N CYS K 43 -21.26 -14.17 19.76
CA CYS K 43 -22.41 -13.28 19.67
C CYS K 43 -22.90 -13.21 18.23
N ALA K 44 -24.18 -13.46 18.04
CA ALA K 44 -24.77 -13.58 16.71
C ALA K 44 -25.15 -12.24 16.10
N TRP K 45 -24.98 -11.14 16.82
CA TRP K 45 -25.29 -9.81 16.33
C TRP K 45 -24.02 -8.99 16.20
N THR K 46 -23.93 -8.22 15.12
CA THR K 46 -22.80 -7.33 14.88
C THR K 46 -23.25 -5.89 15.02
N ASN K 47 -22.53 -5.13 15.82
CA ASN K 47 -22.83 -3.73 16.05
C ASN K 47 -22.00 -2.85 15.12
N THR K 48 -22.47 -1.63 14.91
CA THR K 48 -21.74 -0.64 14.13
C THR K 48 -21.78 0.69 14.87
N ALA K 49 -20.65 1.40 14.85
CA ALA K 49 -20.56 2.66 15.57
C ALA K 49 -21.36 3.75 14.88
N LEU K 50 -22.15 4.47 15.66
CA LEU K 50 -22.89 5.65 15.21
C LEU K 50 -22.41 6.85 16.00
N THR K 51 -23.09 7.98 15.82
CA THR K 51 -22.65 9.23 16.43
C THR K 51 -23.28 9.41 17.81
N ASN K 52 -22.43 9.75 18.79
CA ASN K 52 -22.85 10.11 20.14
C ASN K 52 -23.57 8.94 20.83
N GLY K 53 -22.88 7.81 20.90
CA GLY K 53 -23.29 6.69 21.73
C GLY K 53 -24.28 5.74 21.11
N TYR K 54 -24.93 6.14 20.01
CA TYR K 54 -25.89 5.25 19.36
C TYR K 54 -25.16 4.10 18.68
N VAL K 55 -25.85 2.96 18.58
CA VAL K 55 -25.30 1.77 17.96
C VAL K 55 -26.37 1.15 17.07
N GLN K 56 -26.00 0.83 15.83
CA GLN K 56 -26.89 0.16 14.90
C GLN K 56 -26.68 -1.34 15.02
N ARG K 57 -27.71 -2.05 15.47
CA ARG K 57 -27.64 -3.49 15.70
C ARG K 57 -28.26 -4.22 14.52
N SER K 58 -27.50 -5.15 13.95
CA SER K 58 -27.95 -5.91 12.79
C SER K 58 -27.58 -7.37 12.95
N ALA K 59 -28.33 -8.23 12.26
CA ALA K 59 -28.10 -9.66 12.36
C ALA K 59 -26.86 -10.07 11.59
N SER K 60 -26.13 -11.04 12.13
CA SER K 60 -24.93 -11.56 11.47
C SER K 60 -24.77 -13.01 11.89
N ASN K 61 -23.57 -13.56 11.66
CA ASN K 61 -23.29 -14.97 11.89
C ASN K 61 -22.49 -15.16 13.17
N ALA K 62 -22.34 -16.42 13.56
CA ALA K 62 -21.40 -16.85 14.57
C ALA K 62 -20.30 -17.64 13.88
N THR K 63 -19.09 -17.10 13.87
CA THR K 63 -17.99 -17.66 13.09
C THR K 63 -17.01 -18.39 14.00
N MET K 64 -16.11 -19.14 13.37
CA MET K 64 -15.08 -19.88 14.10
C MET K 64 -13.95 -20.20 13.13
N THR K 65 -12.71 -20.04 13.59
CA THR K 65 -11.53 -20.36 12.82
C THR K 65 -10.86 -21.57 13.46
N LEU K 66 -10.66 -22.63 12.68
CA LEU K 66 -10.18 -23.90 13.19
C LEU K 66 -8.99 -24.40 12.39
N PRO K 67 -7.77 -24.17 12.85
CA PRO K 67 -6.61 -24.82 12.23
C PRO K 67 -6.35 -26.20 12.81
N VAL K 68 -6.36 -27.23 11.96
CA VAL K 68 -6.14 -28.61 12.38
C VAL K 68 -5.31 -29.32 11.33
N VAL K 69 -4.97 -30.58 11.61
CA VAL K 69 -4.27 -31.45 10.67
C VAL K 69 -5.27 -32.38 10.05
N ARG K 70 -5.26 -32.46 8.71
CA ARG K 70 -6.22 -33.31 8.01
C ARG K 70 -5.97 -34.77 8.33
N ASP K 71 -7.04 -35.56 8.26
CA ASP K 71 -6.96 -36.99 8.47
C ASP K 71 -6.73 -37.68 7.14
N LEU K 72 -5.74 -38.58 7.10
CA LEU K 72 -5.36 -39.24 5.85
C LEU K 72 -6.45 -40.18 5.32
N ARG K 73 -7.47 -40.48 6.11
CA ARG K 73 -8.58 -41.31 5.65
C ARG K 73 -9.73 -40.48 5.10
N VAL K 74 -9.65 -39.16 5.15
CA VAL K 74 -10.73 -38.27 4.73
C VAL K 74 -10.24 -37.48 3.53
N PRO K 75 -11.03 -37.36 2.46
CA PRO K 75 -10.61 -36.56 1.31
C PRO K 75 -10.41 -35.09 1.69
N LEU K 76 -9.45 -34.45 1.01
CA LEU K 76 -9.14 -33.06 1.29
C LEU K 76 -10.31 -32.14 0.98
N ALA K 77 -11.13 -32.50 -0.03
CA ALA K 77 -12.26 -31.66 -0.41
C ALA K 77 -13.28 -31.50 0.71
N PHE K 78 -13.34 -32.45 1.64
CA PHE K 78 -14.25 -32.32 2.78
C PHE K 78 -13.87 -31.17 3.69
N TYR K 79 -12.61 -30.74 3.64
CA TYR K 79 -12.11 -29.66 4.49
C TYR K 79 -12.22 -28.29 3.83
N GLN K 80 -12.69 -28.21 2.58
CA GLN K 80 -12.65 -26.98 1.81
C GLN K 80 -14.03 -26.57 1.29
N GLY K 81 -15.09 -27.00 1.98
CA GLY K 81 -16.43 -26.52 1.69
C GLY K 81 -17.31 -27.42 0.85
N CYS K 82 -16.87 -28.62 0.50
CA CYS K 82 -17.73 -29.58 -0.16
C CYS K 82 -18.49 -30.48 0.81
N ALA K 83 -18.42 -30.21 2.11
CA ALA K 83 -19.11 -31.03 3.08
C ALA K 83 -19.54 -30.17 4.26
N GLN K 84 -20.59 -30.63 4.95
CA GLN K 84 -21.08 -29.96 6.15
C GLN K 84 -20.35 -30.50 7.37
N VAL K 85 -19.80 -29.60 8.17
CA VAL K 85 -18.95 -29.98 9.29
C VAL K 85 -19.75 -29.86 10.59
N ASP K 86 -19.42 -30.74 11.53
CA ASP K 86 -20.00 -30.74 12.88
C ASP K 86 -18.81 -30.76 13.84
N VAL K 87 -18.34 -29.59 14.22
CA VAL K 87 -17.08 -29.43 14.95
C VAL K 87 -17.38 -29.14 16.41
N GLN K 88 -16.61 -29.77 17.30
CA GLN K 88 -16.79 -29.62 18.74
C GLN K 88 -15.41 -29.67 19.40
N VAL K 89 -15.06 -28.62 20.14
CA VAL K 89 -13.71 -28.41 20.67
C VAL K 89 -13.79 -28.25 22.18
N GLU K 90 -12.92 -28.98 22.89
CA GLU K 90 -12.84 -28.94 24.35
C GLU K 90 -11.51 -28.34 24.77
N LYS K 91 -11.54 -27.39 25.69
CA LYS K 91 -10.35 -26.72 26.18
C LYS K 91 -9.85 -27.36 27.47
N PHE K 92 -8.62 -26.99 27.86
CA PHE K 92 -8.02 -27.53 29.07
C PHE K 92 -8.71 -27.05 30.33
N ASP K 93 -9.37 -25.89 30.29
CA ASP K 93 -10.04 -25.33 31.45
C ASP K 93 -11.48 -25.80 31.59
N GLY K 94 -11.95 -26.70 30.72
CA GLY K 94 -13.26 -27.30 30.83
C GLY K 94 -14.30 -26.73 29.88
N THR K 95 -14.05 -25.57 29.30
CA THR K 95 -15.01 -24.98 28.38
C THR K 95 -15.11 -25.81 27.10
N VAL K 96 -16.33 -25.98 26.61
CA VAL K 96 -16.61 -26.78 25.42
C VAL K 96 -17.32 -25.90 24.40
N MET K 97 -16.82 -25.90 23.17
CA MET K 97 -17.43 -25.19 22.06
C MET K 97 -18.08 -26.21 21.13
N THR K 98 -19.39 -26.09 20.94
CA THR K 98 -20.14 -27.00 20.08
C THR K 98 -20.72 -26.22 18.92
N LEU K 99 -20.44 -26.68 17.70
CA LEU K 99 -20.95 -26.06 16.49
C LEU K 99 -21.58 -27.15 15.62
N THR K 100 -22.79 -26.91 15.14
CA THR K 100 -23.51 -27.86 14.31
C THR K 100 -23.99 -27.19 13.03
N GLU K 101 -24.08 -27.99 11.97
CA GLU K 101 -24.56 -27.53 10.67
C GLU K 101 -23.73 -26.37 10.14
N GLY K 102 -22.41 -26.48 10.28
CA GLY K 102 -21.52 -25.43 9.82
C GLY K 102 -21.13 -25.58 8.36
N ALA K 103 -20.61 -24.48 7.80
CA ALA K 103 -20.17 -24.45 6.42
C ALA K 103 -18.87 -23.66 6.34
N VAL K 104 -17.95 -24.12 5.47
CA VAL K 104 -16.69 -23.44 5.24
C VAL K 104 -16.91 -22.40 4.16
N VAL K 105 -16.60 -21.14 4.47
CA VAL K 105 -16.95 -20.03 3.58
C VAL K 105 -15.86 -19.74 2.56
N GLU K 106 -14.65 -19.42 3.04
CA GLU K 106 -13.56 -18.93 2.19
C GLU K 106 -12.38 -19.88 2.34
N PRO K 107 -12.38 -20.99 1.60
CA PRO K 107 -11.28 -21.95 1.73
C PRO K 107 -10.03 -21.45 1.02
N GLU K 108 -8.96 -21.26 1.79
CA GLU K 108 -7.66 -20.98 1.21
C GLU K 108 -7.00 -22.28 0.79
N GLU K 109 -6.07 -22.17 -0.14
CA GLU K 109 -5.38 -23.37 -0.62
C GLU K 109 -4.50 -23.95 0.49
N SER K 110 -4.45 -25.28 0.55
CA SER K 110 -3.69 -25.99 1.57
C SER K 110 -2.69 -26.94 0.93
N ASP K 111 -1.67 -27.29 1.69
CA ASP K 111 -0.57 -28.13 1.21
C ASP K 111 -0.83 -29.62 1.37
N GLY K 112 -1.93 -30.02 2.00
CA GLY K 112 -2.26 -31.41 2.16
C GLY K 112 -1.97 -32.01 3.52
N ARG K 113 -1.46 -31.23 4.47
CA ARG K 113 -1.32 -31.70 5.84
C ARG K 113 -2.08 -30.82 6.82
N SER K 114 -1.92 -29.50 6.75
CA SER K 114 -2.56 -28.58 7.68
C SER K 114 -3.54 -27.71 6.92
N VAL K 115 -4.75 -27.60 7.46
CA VAL K 115 -5.80 -26.78 6.86
C VAL K 115 -6.33 -25.83 7.90
N THR K 116 -6.92 -24.72 7.44
CA THR K 116 -7.56 -23.74 8.30
C THR K 116 -8.97 -23.50 7.80
N MET K 117 -9.95 -23.83 8.62
CA MET K 117 -11.35 -23.69 8.25
C MET K 117 -11.91 -22.39 8.79
N ASN K 118 -12.68 -21.69 7.97
CA ASN K 118 -13.46 -20.54 8.39
C ASN K 118 -14.91 -21.02 8.43
N ILE K 119 -15.32 -21.55 9.57
CA ILE K 119 -16.60 -22.21 9.72
C ILE K 119 -17.65 -21.20 10.16
N VAL K 120 -18.80 -21.21 9.50
CA VAL K 120 -19.89 -20.29 9.80
C VAL K 120 -21.09 -21.11 10.27
N ALA K 121 -21.84 -20.55 11.22
CA ALA K 121 -23.00 -21.23 11.75
C ALA K 121 -23.94 -20.21 12.37
N SER K 122 -25.19 -20.63 12.58
CA SER K 122 -26.19 -19.75 13.18
C SER K 122 -25.84 -19.42 14.62
N GLU K 123 -25.36 -20.39 15.38
CA GLU K 123 -25.03 -20.18 16.78
C GLU K 123 -24.00 -21.20 17.23
N ILE K 124 -23.29 -20.86 18.29
CA ILE K 124 -22.29 -21.72 18.90
C ILE K 124 -22.58 -21.83 20.39
N ASP K 125 -22.50 -23.04 20.93
CA ASP K 125 -22.90 -23.32 22.29
C ASP K 125 -21.69 -23.31 23.22
N GLU K 126 -21.82 -22.61 24.35
CA GLU K 126 -20.79 -22.52 25.36
C GLU K 126 -21.19 -23.36 26.56
N LEU K 127 -20.24 -24.11 27.13
CA LEU K 127 -20.56 -25.03 28.22
C LEU K 127 -20.23 -24.47 29.59
N LEU K 128 -19.22 -23.60 29.71
CA LEU K 128 -18.95 -22.89 30.96
C LEU K 128 -18.78 -23.82 32.16
N PRO K 129 -17.60 -24.41 32.34
CA PRO K 129 -17.37 -25.38 33.43
C PRO K 129 -17.94 -24.89 34.75
N PRO K 130 -18.24 -25.80 35.69
CA PRO K 130 -19.23 -25.51 36.73
C PRO K 130 -18.94 -24.23 37.51
N GLY K 131 -20.00 -23.49 37.80
CA GLY K 131 -19.90 -22.17 38.38
C GLY K 131 -20.10 -21.11 37.33
N SER K 132 -21.29 -20.53 37.25
CA SER K 132 -21.63 -19.57 36.21
C SER K 132 -22.43 -18.42 36.81
N LEU K 133 -22.33 -17.26 36.14
CA LEU K 133 -23.04 -16.05 36.55
C LEU K 133 -22.76 -15.69 38.01
N CYS L 3 29.25 -50.34 42.83
CA CYS L 3 28.79 -49.13 43.49
C CYS L 3 27.54 -48.58 42.80
N ASN L 4 26.51 -48.27 43.58
CA ASN L 4 25.26 -47.78 43.01
C ASN L 4 25.41 -46.35 42.49
N LYS L 5 26.07 -45.49 43.25
CA LYS L 5 26.22 -44.08 42.87
C LYS L 5 27.27 -44.02 41.77
N GLN L 6 26.82 -44.00 40.52
CA GLN L 6 27.72 -44.00 39.37
C GLN L 6 26.95 -43.47 38.17
N ASN L 7 27.38 -42.33 37.62
CA ASN L 7 26.67 -41.68 36.53
C ASN L 7 27.41 -41.99 35.23
N GLY L 8 26.67 -42.51 34.25
CA GLY L 8 27.25 -42.84 32.96
C GLY L 8 26.31 -43.73 32.19
N VAL L 9 26.71 -44.02 30.95
CA VAL L 9 25.96 -44.88 30.04
C VAL L 9 26.66 -46.21 29.93
N LYS L 10 25.89 -47.30 30.08
CA LYS L 10 26.42 -48.65 30.03
C LYS L 10 26.27 -49.29 28.65
N ASN L 11 25.09 -49.16 28.03
CA ASN L 11 24.85 -49.72 26.72
C ASN L 11 24.10 -48.71 25.86
N ILE L 12 24.39 -48.72 24.57
CA ILE L 12 23.70 -47.88 23.58
C ILE L 12 23.45 -48.75 22.37
N LEU L 13 22.17 -49.02 22.07
CA LEU L 13 21.79 -49.82 20.91
C LEU L 13 21.05 -48.95 19.92
N ILE L 14 21.44 -49.03 18.66
CA ILE L 14 20.84 -48.25 17.58
C ILE L 14 20.49 -49.20 16.44
N THR L 15 19.29 -49.06 15.91
CA THR L 15 18.81 -49.88 14.79
C THR L 15 18.44 -48.96 13.63
N PHE L 16 19.01 -49.24 12.46
CA PHE L 16 18.76 -48.43 11.27
C PHE L 16 17.79 -49.15 10.35
N THR L 17 16.78 -48.42 9.88
CA THR L 17 15.79 -48.94 8.95
C THR L 17 15.67 -47.96 7.79
N ASP L 18 16.23 -48.32 6.64
CA ASP L 18 16.17 -47.43 5.48
C ASP L 18 14.72 -47.32 5.01
N CYS L 19 14.32 -46.10 4.67
CA CYS L 19 12.92 -45.86 4.31
C CYS L 19 12.59 -46.38 2.92
N ASP L 20 13.51 -46.23 1.96
CA ASP L 20 13.20 -46.60 0.58
C ASP L 20 13.13 -48.12 0.41
N THR L 21 14.10 -48.84 0.95
CA THR L 21 14.22 -50.27 0.71
C THR L 21 13.67 -51.13 1.84
N GLN L 22 13.25 -50.54 2.95
CA GLN L 22 12.68 -51.28 4.09
C GLN L 22 13.63 -52.36 4.60
N GLU L 23 14.92 -52.05 4.64
CA GLU L 23 15.92 -52.95 5.18
C GLU L 23 16.32 -52.52 6.58
N VAL L 24 16.43 -53.50 7.48
CA VAL L 24 16.71 -53.25 8.89
C VAL L 24 18.14 -53.71 9.19
N ILE L 25 18.88 -52.87 9.89
CA ILE L 25 20.26 -53.17 10.30
C ILE L 25 20.37 -52.92 11.80
N GLY L 26 20.86 -53.92 12.53
CA GLY L 26 21.06 -53.78 13.96
C GLY L 26 20.29 -54.81 14.75
N PRO L 27 20.16 -54.58 16.07
CA PRO L 27 20.72 -53.42 16.78
C PRO L 27 22.22 -53.57 17.05
N ILE L 28 22.96 -52.48 16.91
CA ILE L 28 24.41 -52.47 17.06
C ILE L 28 24.78 -51.65 18.27
N SER L 29 25.66 -52.17 19.10
CA SER L 29 26.15 -51.42 20.25
C SER L 29 27.12 -50.34 19.78
N HIS L 30 27.00 -49.16 20.38
CA HIS L 30 27.81 -48.00 20.02
C HIS L 30 28.62 -47.54 21.22
N GLU L 31 29.49 -46.56 20.97
CA GLU L 31 30.45 -46.09 21.96
C GLU L 31 30.46 -44.57 22.00
N GLN L 32 30.59 -44.02 23.20
CA GLN L 32 30.69 -42.57 23.37
C GLN L 32 32.01 -42.07 22.81
N PRO L 33 32.04 -40.87 22.21
CA PRO L 33 33.30 -40.31 21.74
C PRO L 33 34.08 -39.56 22.81
N ASP L 34 33.36 -38.96 23.76
CA ASP L 34 34.00 -38.13 24.78
C ASP L 34 33.16 -38.22 26.05
N ASP L 35 33.39 -37.29 26.98
CA ASP L 35 32.77 -37.36 28.30
C ASP L 35 31.27 -37.07 28.26
N THR L 36 30.81 -36.28 27.29
CA THR L 36 29.43 -35.83 27.28
C THR L 36 28.46 -37.00 27.18
N LEU L 37 27.42 -36.98 28.01
CA LEU L 37 26.40 -38.01 28.07
C LEU L 37 25.24 -37.69 27.13
N PRO L 38 24.49 -38.71 26.70
CA PRO L 38 23.27 -38.44 25.94
C PRO L 38 22.28 -37.65 26.77
N THR L 39 21.46 -36.85 26.10
CA THR L 39 20.58 -35.90 26.75
C THR L 39 19.15 -36.11 26.26
N TYR L 40 18.19 -36.04 27.18
CA TYR L 40 16.82 -36.47 26.93
C TYR L 40 15.83 -35.33 27.12
N LYS L 41 14.63 -35.53 26.59
CA LYS L 41 13.49 -34.66 26.87
C LYS L 41 12.24 -35.49 26.68
N ASN L 42 11.58 -35.85 27.78
CA ASN L 42 10.53 -36.84 27.75
C ASN L 42 9.13 -36.26 27.59
N CYS L 43 8.87 -35.09 28.16
CA CYS L 43 7.52 -34.52 28.10
C CYS L 43 7.18 -34.12 26.67
N ALA L 44 6.02 -34.57 26.20
CA ALA L 44 5.58 -34.31 24.84
C ALA L 44 4.86 -32.97 24.69
N TRP L 45 4.53 -32.31 25.79
CA TRP L 45 3.86 -31.02 25.76
C TRP L 45 4.84 -29.94 26.22
N THR L 46 4.92 -28.85 25.45
CA THR L 46 5.78 -27.74 25.78
C THR L 46 4.95 -26.62 26.39
N ASN L 47 5.34 -26.19 27.59
CA ASN L 47 4.64 -25.10 28.26
C ASN L 47 5.19 -23.75 27.80
N THR L 48 4.47 -22.69 28.14
CA THR L 48 4.87 -21.34 27.76
C THR L 48 4.40 -20.37 28.84
N ALA L 49 5.27 -19.43 29.21
CA ALA L 49 4.95 -18.49 30.27
C ALA L 49 3.94 -17.47 29.78
N LEU L 50 2.89 -17.27 30.58
CA LEU L 50 1.86 -16.27 30.32
C LEU L 50 1.86 -15.27 31.48
N THR L 51 0.85 -14.41 31.49
CA THR L 51 0.77 -13.34 32.50
C THR L 51 0.14 -13.88 33.78
N ASN L 52 0.83 -13.69 34.90
CA ASN L 52 0.32 -13.96 36.24
C ASN L 52 -0.07 -15.44 36.40
N GLY L 53 0.92 -16.31 36.22
CA GLY L 53 0.78 -17.70 36.58
C GLY L 53 0.16 -18.60 35.54
N TYR L 54 -0.48 -18.05 34.52
CA TYR L 54 -1.08 -18.89 33.50
C TYR L 54 -0.01 -19.49 32.58
N VAL L 55 -0.34 -20.61 31.97
CA VAL L 55 0.56 -21.34 31.09
C VAL L 55 -0.21 -21.77 29.85
N GLN L 56 0.38 -21.52 28.67
CA GLN L 56 -0.22 -21.93 27.41
C GLN L 56 0.37 -23.28 27.02
N ARG L 57 -0.40 -24.35 27.24
CA ARG L 57 0.06 -25.70 26.97
C ARG L 57 -0.15 -26.02 25.49
N SER L 58 0.92 -26.40 24.80
CA SER L 58 0.85 -26.73 23.39
C SER L 58 1.65 -28.00 23.12
N ALA L 59 1.27 -28.71 22.06
CA ALA L 59 1.89 -29.98 21.72
C ALA L 59 3.27 -29.78 21.11
N SER L 60 4.17 -30.69 21.43
CA SER L 60 5.53 -30.67 20.89
C SER L 60 6.02 -32.11 20.79
N ASN L 61 7.33 -32.28 20.65
CA ASN L 61 7.93 -33.59 20.48
C ASN L 61 8.74 -33.98 21.72
N ALA L 62 9.25 -35.21 21.67
CA ALA L 62 10.19 -35.73 22.66
C ALA L 62 11.54 -35.86 21.96
N THR L 63 12.48 -35.02 22.35
CA THR L 63 13.76 -34.93 21.66
C THR L 63 14.82 -35.73 22.40
N MET L 64 15.95 -35.94 21.71
CA MET L 64 17.07 -36.68 22.27
C MET L 64 18.34 -36.29 21.52
N THR L 65 19.42 -36.05 22.26
CA THR L 65 20.72 -35.76 21.69
C THR L 65 21.65 -36.94 22.00
N LEU L 66 22.20 -37.55 20.96
CA LEU L 66 22.97 -38.79 21.09
C LEU L 66 24.32 -38.65 20.41
N PRO L 67 25.35 -38.23 21.14
CA PRO L 67 26.71 -38.23 20.59
C PRO L 67 27.33 -39.62 20.71
N VAL L 68 27.64 -40.23 19.57
CA VAL L 68 28.17 -41.59 19.52
C VAL L 68 29.29 -41.64 18.50
N VAL L 69 30.01 -42.77 18.51
CA VAL L 69 31.04 -43.07 17.53
C VAL L 69 30.43 -43.94 16.45
N ARG L 70 30.44 -43.45 15.21
CA ARG L 70 29.80 -44.17 14.12
C ARG L 70 30.50 -45.50 13.85
N ASP L 71 29.72 -46.47 13.41
CA ASP L 71 30.26 -47.79 13.07
C ASP L 71 30.87 -47.74 11.68
N LEU L 72 31.99 -48.47 11.51
CA LEU L 72 32.66 -48.50 10.21
C LEU L 72 31.95 -49.39 9.19
N ARG L 73 30.97 -50.19 9.63
CA ARG L 73 30.19 -51.03 8.73
C ARG L 73 28.88 -50.39 8.30
N VAL L 74 28.55 -49.23 8.83
CA VAL L 74 27.28 -48.55 8.57
C VAL L 74 27.57 -47.29 7.78
N PRO L 75 26.82 -47.00 6.71
CA PRO L 75 27.05 -45.77 5.97
C PRO L 75 26.84 -44.54 6.83
N LEU L 76 27.66 -43.52 6.58
CA LEU L 76 27.57 -42.28 7.36
C LEU L 76 26.24 -41.58 7.14
N ALA L 77 25.61 -41.78 5.98
CA ALA L 77 24.34 -41.12 5.70
C ALA L 77 23.25 -41.57 6.66
N PHE L 78 23.34 -42.79 7.17
CA PHE L 78 22.32 -43.28 8.10
C PHE L 78 22.32 -42.50 9.40
N TYR L 79 23.46 -41.92 9.78
CA TYR L 79 23.57 -41.11 10.98
C TYR L 79 23.13 -39.67 10.76
N GLN L 80 22.79 -39.28 9.53
CA GLN L 80 22.54 -37.89 9.19
C GLN L 80 21.16 -37.67 8.58
N GLY L 81 20.19 -38.54 8.90
CA GLY L 81 18.82 -38.32 8.49
C GLY L 81 18.35 -39.09 7.28
N CYS L 82 19.21 -39.92 6.67
CA CYS L 82 18.82 -40.74 5.54
C CYS L 82 18.35 -42.12 5.96
N ALA L 83 17.97 -42.30 7.23
CA ALA L 83 17.47 -43.57 7.72
C ALA L 83 16.65 -43.33 8.97
N GLN L 84 15.88 -44.34 9.37
CA GLN L 84 15.08 -44.29 10.59
C GLN L 84 15.80 -45.07 11.67
N VAL L 85 16.03 -44.42 12.80
CA VAL L 85 16.83 -44.98 13.90
C VAL L 85 15.91 -45.41 15.02
N ASP L 86 16.28 -46.50 15.69
CA ASP L 86 15.53 -47.04 16.82
C ASP L 86 16.52 -47.11 17.99
N VAL L 87 16.63 -46.01 18.71
CA VAL L 87 17.69 -45.83 19.69
C VAL L 87 17.24 -46.38 21.04
N GLN L 88 18.16 -47.08 21.72
CA GLN L 88 17.91 -47.63 23.05
C GLN L 88 19.18 -47.45 23.87
N VAL L 89 19.07 -46.76 25.01
CA VAL L 89 20.22 -46.43 25.84
C VAL L 89 19.91 -46.82 27.28
N GLU L 90 20.92 -47.35 27.98
CA GLU L 90 20.80 -47.76 29.36
C GLU L 90 21.89 -47.09 30.19
N LYS L 91 21.49 -46.48 31.31
CA LYS L 91 22.44 -45.82 32.19
C LYS L 91 23.03 -46.83 33.18
N PHE L 92 23.97 -46.35 33.99
CA PHE L 92 24.63 -47.23 34.97
C PHE L 92 23.73 -47.55 36.15
N ASP L 93 22.75 -46.70 36.46
CA ASP L 93 21.87 -46.90 37.61
C ASP L 93 20.64 -47.74 37.28
N GLY L 94 20.52 -48.23 36.05
CA GLY L 94 19.43 -49.10 35.65
C GLY L 94 18.40 -48.45 34.76
N THR L 95 18.37 -47.13 34.69
CA THR L 95 17.39 -46.43 33.86
C THR L 95 17.62 -46.74 32.39
N VAL L 96 16.53 -46.93 31.65
CA VAL L 96 16.58 -47.23 30.22
C VAL L 96 15.68 -46.26 29.49
N MET L 97 16.22 -45.58 28.48
CA MET L 97 15.45 -44.74 27.59
C MET L 97 15.23 -45.51 26.28
N THR L 98 13.98 -45.69 25.90
CA THR L 98 13.62 -46.39 24.68
C THR L 98 12.96 -45.41 23.71
N LEU L 99 13.49 -45.34 22.50
CA LEU L 99 12.96 -44.48 21.45
C LEU L 99 12.75 -45.31 20.20
N THR L 100 11.57 -45.18 19.61
CA THR L 100 11.20 -45.98 18.44
C THR L 100 10.69 -45.06 17.34
N GLU L 101 11.09 -45.37 16.11
CA GLU L 101 10.72 -44.59 14.92
C GLU L 101 11.14 -43.13 15.08
N GLY L 102 12.45 -42.92 15.20
CA GLY L 102 13.02 -41.59 15.33
C GLY L 102 13.58 -41.09 14.02
N ALA L 103 13.58 -39.77 13.86
CA ALA L 103 14.10 -39.11 12.66
C ALA L 103 15.12 -38.07 13.07
N VAL L 104 16.28 -38.09 12.40
CA VAL L 104 17.32 -37.10 12.67
C VAL L 104 16.94 -35.79 11.97
N VAL L 105 16.84 -34.71 12.74
CA VAL L 105 16.27 -33.48 12.23
C VAL L 105 17.33 -32.53 11.64
N GLU L 106 18.30 -32.11 12.44
CA GLU L 106 19.27 -31.09 12.02
C GLU L 106 20.67 -31.69 12.06
N PRO L 107 21.09 -32.36 10.99
CA PRO L 107 22.45 -32.92 10.97
C PRO L 107 23.48 -31.85 10.71
N GLU L 108 24.55 -31.89 11.49
CA GLU L 108 25.72 -31.04 11.29
C GLU L 108 26.86 -31.88 10.74
N GLU L 109 27.76 -31.22 10.02
CA GLU L 109 28.85 -31.95 9.37
C GLU L 109 29.75 -32.60 10.41
N SER L 110 30.13 -33.85 10.15
CA SER L 110 30.97 -34.64 11.05
C SER L 110 32.24 -35.07 10.33
N ASP L 111 33.29 -35.29 11.12
CA ASP L 111 34.60 -35.63 10.58
C ASP L 111 34.69 -37.08 10.10
N GLY L 112 33.68 -37.90 10.38
CA GLY L 112 33.68 -39.28 9.94
C GLY L 112 33.93 -40.31 11.01
N ARG L 113 34.08 -39.89 12.26
CA ARG L 113 34.17 -40.86 13.35
C ARG L 113 33.20 -40.56 14.48
N SER L 114 32.97 -39.29 14.81
CA SER L 114 32.07 -38.90 15.87
C SER L 114 30.90 -38.14 15.26
N VAL L 115 29.67 -38.57 15.59
CA VAL L 115 28.45 -37.96 15.07
C VAL L 115 27.54 -37.64 16.23
N THR L 116 26.96 -36.45 16.22
CA THR L 116 25.99 -36.01 17.22
C THR L 116 24.60 -36.05 16.60
N MET L 117 23.71 -36.85 17.18
CA MET L 117 22.36 -36.98 16.67
C MET L 117 21.41 -36.00 17.35
N ASN L 118 20.46 -35.49 16.59
CA ASN L 118 19.30 -34.77 17.11
C ASN L 118 18.08 -35.53 16.63
N ILE L 119 17.45 -36.28 17.53
CA ILE L 119 16.40 -37.23 17.18
C ILE L 119 15.08 -36.73 17.75
N VAL L 120 14.04 -36.75 16.92
CA VAL L 120 12.69 -36.35 17.31
C VAL L 120 11.77 -37.55 17.13
N ALA L 121 11.01 -37.87 18.18
CA ALA L 121 10.09 -38.99 18.15
C ALA L 121 8.82 -38.60 18.90
N SER L 122 7.78 -39.41 18.70
CA SER L 122 6.49 -39.13 19.34
C SER L 122 6.60 -39.17 20.85
N GLU L 123 7.30 -40.15 21.40
CA GLU L 123 7.46 -40.27 22.84
C GLU L 123 8.64 -41.18 23.13
N ILE L 124 9.18 -41.05 24.34
CA ILE L 124 10.30 -41.84 24.81
C ILE L 124 9.89 -42.54 26.10
N ASP L 125 10.15 -43.84 26.18
CA ASP L 125 9.74 -44.65 27.32
C ASP L 125 10.86 -44.74 28.34
N GLU L 126 10.52 -44.54 29.60
CA GLU L 126 11.47 -44.60 30.71
C GLU L 126 11.23 -45.88 31.50
N LEU L 127 12.30 -46.63 31.76
CA LEU L 127 12.14 -47.91 32.45
C LEU L 127 12.18 -47.78 33.96
N LEU L 128 12.89 -46.76 34.49
CA LEU L 128 12.81 -46.41 35.90
C LEU L 128 13.11 -47.59 36.82
N PRO L 129 14.40 -47.90 37.06
CA PRO L 129 14.79 -49.13 37.76
C PRO L 129 13.98 -49.35 39.04
N PRO L 130 13.92 -50.59 39.53
CA PRO L 130 12.82 -50.99 40.43
C PRO L 130 12.70 -50.08 41.65
N GLY L 131 11.45 -49.82 42.02
CA GLY L 131 11.11 -48.85 43.05
C GLY L 131 10.67 -47.55 42.41
N SER L 132 9.37 -47.32 42.33
CA SER L 132 8.83 -46.18 41.61
C SER L 132 7.72 -45.52 42.41
N LEU L 133 7.55 -44.22 42.18
CA LEU L 133 6.50 -43.43 42.81
C LEU L 133 6.52 -43.55 44.33
N CYS M 3 -27.14 -29.38 3.25
CA CYS M 3 -27.12 -28.61 4.48
C CYS M 3 -28.44 -27.90 4.71
N ASN M 4 -29.10 -27.55 3.61
CA ASN M 4 -30.39 -26.85 3.45
C ASN M 4 -30.27 -25.36 3.77
N LYS M 5 -29.12 -24.90 4.24
CA LYS M 5 -28.85 -23.47 4.41
C LYS M 5 -28.00 -22.96 3.26
N GLN M 6 -28.52 -23.11 2.04
CA GLN M 6 -27.75 -22.86 0.84
C GLN M 6 -28.59 -22.09 -0.16
N ASN M 7 -28.02 -21.07 -0.79
CA ASN M 7 -28.69 -20.26 -1.79
C ASN M 7 -27.91 -20.39 -3.10
N GLY M 8 -28.60 -20.83 -4.15
CA GLY M 8 -27.96 -20.99 -5.44
C GLY M 8 -28.74 -21.96 -6.30
N VAL M 9 -28.41 -21.96 -7.58
CA VAL M 9 -29.08 -22.81 -8.55
C VAL M 9 -28.37 -24.15 -8.63
N LYS M 10 -29.10 -25.17 -9.05
CA LYS M 10 -28.57 -26.51 -9.22
C LYS M 10 -28.69 -27.03 -10.65
N ASN M 11 -29.82 -26.78 -11.31
CA ASN M 11 -30.02 -27.23 -12.67
C ASN M 11 -30.78 -26.16 -13.45
N ILE M 12 -30.33 -25.92 -14.68
CA ILE M 12 -30.99 -25.00 -15.61
C ILE M 12 -31.17 -25.72 -16.92
N LEU M 13 -32.42 -25.81 -17.39
CA LEU M 13 -32.74 -26.51 -18.62
C LEU M 13 -33.50 -25.58 -19.54
N ILE M 14 -33.05 -25.47 -20.79
CA ILE M 14 -33.68 -24.61 -21.79
C ILE M 14 -34.02 -25.46 -22.99
N THR M 15 -35.23 -25.29 -23.51
CA THR M 15 -35.67 -25.95 -24.74
C THR M 15 -36.00 -24.88 -25.78
N PHE M 16 -35.37 -24.99 -26.95
CA PHE M 16 -35.55 -24.03 -28.03
C PHE M 16 -36.48 -24.60 -29.08
N THR M 17 -37.49 -23.83 -29.46
CA THR M 17 -38.43 -24.20 -30.52
C THR M 17 -38.35 -23.15 -31.61
N ASP M 18 -37.72 -23.49 -32.72
CA ASP M 18 -37.59 -22.55 -33.83
C ASP M 18 -38.97 -22.26 -34.41
N CYS M 19 -39.21 -21.00 -34.74
CA CYS M 19 -40.52 -20.58 -35.24
C CYS M 19 -40.69 -20.80 -36.73
N ASP M 20 -39.63 -21.16 -37.45
CA ASP M 20 -39.73 -21.38 -38.89
C ASP M 20 -40.00 -22.84 -39.23
N THR M 21 -39.10 -23.73 -38.82
CA THR M 21 -39.19 -25.16 -39.14
C THR M 21 -39.85 -25.97 -38.03
N GLN M 22 -40.22 -25.34 -36.91
CA GLN M 22 -40.85 -26.03 -35.79
C GLN M 22 -40.01 -27.20 -35.29
N GLU M 23 -38.69 -27.03 -35.27
CA GLU M 23 -37.78 -28.03 -34.76
C GLU M 23 -37.50 -27.76 -33.29
N VAL M 24 -37.59 -28.80 -32.47
CA VAL M 24 -37.46 -28.68 -31.02
C VAL M 24 -36.09 -29.19 -30.61
N ILE M 25 -35.36 -28.38 -29.85
CA ILE M 25 -34.04 -28.73 -29.35
C ILE M 25 -34.07 -28.62 -27.84
N GLY M 26 -33.71 -29.70 -27.15
CA GLY M 26 -33.65 -29.70 -25.72
C GLY M 26 -34.44 -30.83 -25.08
N PRO M 27 -34.55 -30.83 -23.74
CA PRO M 27 -33.94 -29.82 -22.86
C PRO M 27 -32.46 -30.04 -22.64
N ILE M 28 -31.69 -28.95 -22.61
CA ILE M 28 -30.25 -29.00 -22.46
C ILE M 28 -29.85 -28.32 -21.17
N SER M 29 -28.97 -28.96 -20.40
CA SER M 29 -28.46 -28.34 -19.19
C SER M 29 -27.53 -27.19 -19.55
N HIS M 30 -27.47 -26.20 -18.65
CA HIS M 30 -26.67 -25.01 -18.88
C HIS M 30 -25.88 -24.67 -17.62
N GLU M 31 -24.90 -23.80 -17.78
CA GLU M 31 -23.97 -23.44 -16.72
C GLU M 31 -23.98 -21.93 -16.50
N GLN M 32 -23.92 -21.53 -15.23
CA GLN M 32 -23.90 -20.12 -14.91
C GLN M 32 -22.54 -19.51 -15.25
N PRO M 33 -22.51 -18.29 -15.79
CA PRO M 33 -21.22 -17.66 -16.13
C PRO M 33 -20.53 -17.03 -14.94
N ASP M 34 -21.29 -16.49 -13.99
CA ASP M 34 -20.72 -15.80 -12.84
C ASP M 34 -21.65 -15.99 -11.64
N ASP M 35 -21.43 -15.18 -10.61
CA ASP M 35 -22.12 -15.39 -9.33
C ASP M 35 -23.57 -14.94 -9.37
N THR M 36 -23.98 -14.17 -10.38
CA THR M 36 -25.34 -13.64 -10.42
C THR M 36 -26.35 -14.78 -10.60
N LEU M 37 -27.40 -14.77 -9.78
CA LEU M 37 -28.49 -15.73 -9.84
C LEU M 37 -29.63 -15.19 -10.69
N PRO M 38 -30.40 -16.07 -11.32
CA PRO M 38 -31.54 -15.59 -12.12
C PRO M 38 -32.59 -14.94 -11.22
N THR M 39 -33.27 -13.95 -11.78
CA THR M 39 -34.29 -13.20 -11.06
C THR M 39 -35.66 -13.45 -11.69
N TYR M 40 -36.70 -13.36 -10.87
CA TYR M 40 -38.04 -13.75 -11.27
C TYR M 40 -39.03 -12.65 -10.91
N LYS M 41 -40.15 -12.63 -11.64
CA LYS M 41 -41.28 -11.76 -11.33
C LYS M 41 -42.54 -12.54 -11.69
N ASN M 42 -43.25 -13.03 -10.67
CA ASN M 42 -44.35 -13.96 -10.90
C ASN M 42 -45.69 -13.26 -11.06
N CYS M 43 -45.93 -12.18 -10.31
CA CYS M 43 -47.23 -11.53 -10.34
C CYS M 43 -47.49 -10.94 -11.72
N ALA M 44 -48.61 -11.35 -12.33
CA ALA M 44 -48.92 -10.94 -13.69
C ALA M 44 -49.54 -9.55 -13.77
N TRP M 45 -49.85 -8.92 -12.64
CA TRP M 45 -50.42 -7.58 -12.62
C TRP M 45 -49.37 -6.57 -12.18
N THR M 46 -49.68 -5.30 -12.42
CA THR M 46 -48.89 -4.19 -11.91
C THR M 46 -49.83 -3.20 -11.22
N ASN M 47 -49.32 -2.56 -10.18
CA ASN M 47 -50.12 -1.67 -9.34
C ASN M 47 -49.54 -0.26 -9.41
N THR M 48 -50.05 0.55 -10.33
CA THR M 48 -49.63 1.94 -10.42
C THR M 48 -50.23 2.72 -9.26
N ALA M 49 -49.37 3.32 -8.43
CA ALA M 49 -49.84 3.99 -7.23
C ALA M 49 -50.70 5.20 -7.58
N LEU M 50 -51.78 5.38 -6.84
CA LEU M 50 -52.67 6.52 -6.98
C LEU M 50 -52.74 7.27 -5.65
N THR M 51 -53.60 8.27 -5.60
CA THR M 51 -53.68 9.13 -4.42
C THR M 51 -54.55 8.51 -3.33
N ASN M 52 -54.11 8.69 -2.09
CA ASN M 52 -54.88 8.30 -0.90
C ASN M 52 -55.18 6.80 -0.87
N GLY M 53 -54.12 6.01 -1.02
CA GLY M 53 -54.19 4.58 -0.79
C GLY M 53 -54.69 3.74 -1.96
N TYR M 54 -55.22 4.37 -3.01
CA TYR M 54 -55.75 3.60 -4.13
C TYR M 54 -54.63 3.21 -5.08
N VAL M 55 -54.85 2.11 -5.82
CA VAL M 55 -53.93 1.64 -6.83
C VAL M 55 -54.73 1.31 -8.09
N GLN M 56 -54.02 1.20 -9.20
CA GLN M 56 -54.63 0.88 -10.50
C GLN M 56 -54.02 -0.42 -11.01
N ARG M 57 -54.74 -1.52 -10.83
CA ARG M 57 -54.29 -2.81 -11.35
C ARG M 57 -54.44 -2.84 -12.87
N SER M 58 -53.44 -3.43 -13.53
CA SER M 58 -53.47 -3.56 -14.97
C SER M 58 -52.73 -4.83 -15.37
N ALA M 59 -53.04 -5.33 -16.56
CA ALA M 59 -52.40 -6.53 -17.05
C ALA M 59 -50.93 -6.27 -17.37
N SER M 60 -50.10 -7.27 -17.12
CA SER M 60 -48.66 -7.15 -17.32
C SER M 60 -48.12 -8.52 -17.70
N ASN M 61 -46.81 -8.69 -17.60
CA ASN M 61 -46.15 -9.95 -17.96
C ASN M 61 -45.32 -10.46 -16.80
N ALA M 62 -45.17 -11.77 -16.73
CA ALA M 62 -44.28 -12.41 -15.76
C ALA M 62 -42.91 -12.54 -16.43
N THR M 63 -41.96 -11.74 -15.98
CA THR M 63 -40.67 -11.63 -16.62
C THR M 63 -39.65 -12.55 -15.95
N MET M 64 -38.43 -12.53 -16.47
CA MET M 64 -37.35 -13.37 -15.97
C MET M 64 -36.04 -12.88 -16.57
N THR M 65 -34.97 -12.94 -15.79
CA THR M 65 -33.63 -12.62 -16.25
C THR M 65 -32.75 -13.83 -15.99
N LEU M 66 -32.12 -14.34 -17.04
CA LEU M 66 -31.38 -15.60 -16.98
C LEU M 66 -30.00 -15.46 -17.62
N PRO M 67 -28.96 -15.23 -16.83
CA PRO M 67 -27.59 -15.24 -17.37
C PRO M 67 -27.05 -16.67 -17.42
N VAL M 68 -26.75 -17.16 -18.63
CA VAL M 68 -26.25 -18.51 -18.81
C VAL M 68 -25.10 -18.48 -19.81
N VAL M 69 -24.29 -19.54 -19.77
CA VAL M 69 -23.23 -19.76 -20.75
C VAL M 69 -23.83 -20.56 -21.90
N ARG M 70 -23.73 -20.02 -23.11
CA ARG M 70 -24.34 -20.67 -24.26
C ARG M 70 -23.66 -22.00 -24.56
N ASP M 71 -24.41 -22.89 -25.20
CA ASP M 71 -23.88 -24.17 -25.64
C ASP M 71 -23.34 -24.05 -27.05
N LEU M 72 -22.18 -24.65 -27.28
CA LEU M 72 -21.53 -24.57 -28.59
C LEU M 72 -22.29 -25.32 -29.67
N ARG M 73 -23.28 -26.13 -29.31
CA ARG M 73 -24.08 -26.86 -30.27
C ARG M 73 -25.34 -26.13 -30.68
N VAL M 74 -25.54 -24.90 -30.21
CA VAL M 74 -26.74 -24.12 -30.51
C VAL M 74 -26.33 -22.79 -31.11
N PRO M 75 -26.99 -22.34 -32.18
CA PRO M 75 -26.67 -21.02 -32.74
C PRO M 75 -26.94 -19.91 -31.71
N LEU M 76 -26.11 -18.86 -31.78
CA LEU M 76 -26.28 -17.74 -30.87
C LEU M 76 -27.58 -16.99 -31.14
N ALA M 77 -28.07 -17.04 -32.38
CA ALA M 77 -29.31 -16.34 -32.72
C ALA M 77 -30.50 -16.91 -31.93
N PHE M 78 -30.44 -18.18 -31.54
CA PHE M 78 -31.50 -18.76 -30.73
C PHE M 78 -31.58 -18.12 -29.35
N TYR M 79 -30.49 -17.54 -28.87
CA TYR M 79 -30.45 -16.90 -27.57
C TYR M 79 -30.88 -15.44 -27.60
N GLN M 80 -31.22 -14.90 -28.77
CA GLN M 80 -31.47 -13.46 -28.91
C GLN M 80 -32.77 -13.17 -29.64
N GLY M 81 -33.74 -14.07 -29.57
CA GLY M 81 -35.10 -13.77 -29.99
C GLY M 81 -35.57 -14.38 -31.29
N CYS M 82 -34.74 -15.13 -32.01
CA CYS M 82 -35.21 -15.84 -33.18
C CYS M 82 -35.75 -17.24 -32.86
N ALA M 83 -35.88 -17.60 -31.59
CA ALA M 83 -36.46 -18.89 -31.23
C ALA M 83 -37.14 -18.77 -29.88
N GLN M 84 -38.08 -19.69 -29.63
CA GLN M 84 -38.75 -19.75 -28.34
C GLN M 84 -37.82 -20.36 -27.29
N VAL M 85 -38.20 -20.20 -26.03
CA VAL M 85 -37.43 -20.74 -24.91
C VAL M 85 -38.38 -21.41 -23.93
N ASP M 86 -37.93 -22.53 -23.36
CA ASP M 86 -38.65 -23.25 -22.30
C ASP M 86 -37.64 -23.48 -21.18
N VAL M 87 -37.54 -22.51 -20.29
CA VAL M 87 -36.52 -22.52 -19.25
C VAL M 87 -37.10 -23.12 -17.97
N GLN M 88 -36.26 -23.84 -17.24
CA GLN M 88 -36.66 -24.48 -15.98
C GLN M 88 -35.47 -24.42 -15.03
N VAL M 89 -35.64 -23.72 -13.90
CA VAL M 89 -34.56 -23.46 -12.96
C VAL M 89 -34.89 -24.14 -11.64
N GLU M 90 -33.94 -24.90 -11.11
CA GLU M 90 -34.08 -25.57 -9.83
C GLU M 90 -33.02 -25.06 -8.87
N LYS M 91 -33.44 -24.60 -7.70
CA LYS M 91 -32.51 -24.07 -6.72
C LYS M 91 -32.10 -25.15 -5.72
N PHE M 92 -31.12 -24.82 -4.88
CA PHE M 92 -30.58 -25.79 -3.93
C PHE M 92 -31.56 -26.12 -2.81
N ASP M 93 -32.56 -25.26 -2.59
CA ASP M 93 -33.53 -25.48 -1.53
C ASP M 93 -34.78 -26.24 -1.99
N GLY M 94 -34.82 -26.68 -3.25
CA GLY M 94 -35.93 -27.44 -3.77
C GLY M 94 -36.89 -26.66 -4.63
N THR M 95 -36.77 -25.33 -4.68
CA THR M 95 -37.66 -24.53 -5.50
C THR M 95 -37.41 -24.79 -6.97
N VAL M 96 -38.49 -24.90 -7.74
CA VAL M 96 -38.41 -25.11 -9.18
C VAL M 96 -39.27 -24.05 -9.87
N MET M 97 -38.67 -23.30 -10.77
CA MET M 97 -39.37 -22.30 -11.56
C MET M 97 -39.48 -22.81 -12.99
N THR M 98 -40.70 -22.94 -13.47
CA THR M 98 -40.98 -23.47 -14.80
C THR M 98 -41.60 -22.38 -15.66
N LEU M 99 -41.01 -22.14 -16.83
CA LEU M 99 -41.51 -21.16 -17.79
C LEU M 99 -41.66 -21.82 -19.14
N THR M 100 -42.73 -21.49 -19.84
CA THR M 100 -42.99 -22.05 -21.16
C THR M 100 -43.61 -20.97 -22.04
N GLU M 101 -43.46 -21.15 -23.35
CA GLU M 101 -43.96 -20.20 -24.34
C GLU M 101 -43.40 -18.80 -24.06
N GLY M 102 -42.08 -18.76 -23.80
CA GLY M 102 -41.40 -17.52 -23.52
C GLY M 102 -40.68 -16.97 -24.74
N ALA M 103 -40.51 -15.65 -24.76
CA ALA M 103 -39.82 -14.96 -25.84
C ALA M 103 -38.80 -14.01 -25.26
N VAL M 104 -37.59 -14.02 -25.83
CA VAL M 104 -36.53 -13.12 -25.39
C VAL M 104 -36.90 -11.71 -25.88
N VAL M 105 -37.17 -10.81 -24.93
CA VAL M 105 -37.81 -9.55 -25.29
C VAL M 105 -36.78 -8.52 -25.74
N GLU M 106 -35.62 -8.44 -25.08
CA GLU M 106 -34.64 -7.40 -25.36
C GLU M 106 -33.26 -8.02 -25.54
N PRO M 107 -32.90 -8.39 -26.76
CA PRO M 107 -31.56 -8.92 -27.02
C PRO M 107 -30.49 -7.86 -26.75
N GLU M 108 -29.33 -8.33 -26.31
CA GLU M 108 -28.21 -7.47 -25.98
C GLU M 108 -26.95 -8.03 -26.59
N GLU M 109 -25.99 -7.14 -26.87
CA GLU M 109 -24.71 -7.54 -27.45
C GLU M 109 -24.00 -8.58 -26.59
N SER M 110 -23.81 -9.77 -27.14
CA SER M 110 -23.15 -10.87 -26.45
C SER M 110 -21.82 -11.20 -27.13
N ASP M 111 -20.83 -11.54 -26.31
CA ASP M 111 -19.47 -11.78 -26.80
C ASP M 111 -19.29 -13.17 -27.39
N GLY M 112 -20.31 -14.02 -27.35
CA GLY M 112 -20.21 -15.37 -27.88
C GLY M 112 -19.99 -16.45 -26.85
N ARG M 113 -19.89 -16.10 -25.57
CA ARG M 113 -19.80 -17.07 -24.49
C ARG M 113 -20.96 -16.99 -23.51
N SER M 114 -21.23 -15.81 -22.96
CA SER M 114 -22.26 -15.63 -21.94
C SER M 114 -23.37 -14.77 -22.51
N VAL M 115 -24.60 -15.24 -22.36
CA VAL M 115 -25.79 -14.55 -22.87
C VAL M 115 -26.73 -14.32 -21.71
N THR M 116 -27.22 -13.08 -21.59
CA THR M 116 -28.21 -12.72 -20.58
C THR M 116 -29.56 -12.56 -21.27
N MET M 117 -30.55 -13.32 -20.82
CA MET M 117 -31.86 -13.32 -21.42
C MET M 117 -32.83 -12.47 -20.60
N ASN M 118 -33.73 -11.79 -21.29
CA ASN M 118 -34.88 -11.13 -20.67
C ASN M 118 -36.11 -11.82 -21.25
N ILE M 119 -36.61 -12.84 -20.55
CA ILE M 119 -37.68 -13.67 -21.05
C ILE M 119 -39.01 -13.13 -20.51
N VAL M 120 -39.98 -12.98 -21.41
CA VAL M 120 -41.32 -12.52 -21.06
C VAL M 120 -42.30 -13.64 -21.36
N ALA M 121 -43.13 -13.99 -20.38
CA ALA M 121 -44.09 -15.07 -20.53
C ALA M 121 -45.35 -14.72 -19.76
N SER M 122 -46.43 -15.42 -20.11
CA SER M 122 -47.73 -15.14 -19.50
C SER M 122 -47.72 -15.44 -18.01
N GLU M 123 -47.15 -16.58 -17.61
CA GLU M 123 -47.15 -16.98 -16.22
C GLU M 123 -45.93 -17.85 -15.93
N ILE M 124 -45.58 -17.93 -14.65
CA ILE M 124 -44.48 -18.76 -14.16
C ILE M 124 -45.00 -19.57 -12.97
N ASP M 125 -44.63 -20.85 -12.92
CA ASP M 125 -45.12 -21.76 -11.91
C ASP M 125 -44.01 -22.09 -10.91
N GLU M 126 -44.32 -21.99 -9.63
CA GLU M 126 -43.40 -22.33 -8.55
C GLU M 126 -43.68 -23.74 -8.04
N LEU M 127 -42.65 -24.36 -7.47
CA LEU M 127 -42.81 -25.69 -6.89
C LEU M 127 -43.02 -25.66 -5.39
N LEU M 128 -42.37 -24.74 -4.67
CA LEU M 128 -42.59 -24.55 -3.24
C LEU M 128 -42.39 -25.85 -2.47
N PRO M 129 -41.14 -26.24 -2.19
CA PRO M 129 -40.85 -27.55 -1.59
C PRO M 129 -41.75 -27.87 -0.41
N PRO M 130 -41.93 -29.15 -0.09
CA PRO M 130 -43.11 -29.57 0.69
C PRO M 130 -43.27 -28.80 2.00
N GLY M 131 -44.53 -28.45 2.29
CA GLY M 131 -44.86 -27.55 3.37
C GLY M 131 -45.15 -26.17 2.80
N SER M 132 -46.43 -25.85 2.60
CA SER M 132 -46.81 -24.64 1.91
C SER M 132 -47.98 -23.98 2.62
N LEU M 133 -48.09 -22.67 2.44
CA LEU M 133 -49.19 -21.87 2.99
C LEU M 133 -49.33 -22.06 4.49
N CYS N 3 9.96 -43.74 7.23
CA CYS N 3 8.87 -43.55 8.19
C CYS N 3 7.55 -43.27 7.49
N ASN N 4 6.45 -43.54 8.19
CA ASN N 4 5.12 -43.17 7.73
C ASN N 4 4.73 -41.77 8.17
N LYS N 5 5.59 -41.09 8.93
CA LYS N 5 5.34 -39.74 9.41
C LYS N 5 6.34 -38.82 8.72
N GLN N 6 5.98 -38.32 7.55
CA GLN N 6 6.84 -37.45 6.77
C GLN N 6 6.00 -36.57 5.88
N ASN N 7 6.35 -35.28 5.82
CA ASN N 7 5.66 -34.31 4.99
C ASN N 7 6.60 -33.85 3.88
N GLY N 8 6.18 -34.00 2.64
CA GLY N 8 7.00 -33.63 1.51
C GLY N 8 6.52 -34.29 0.25
N VAL N 9 7.08 -33.85 -0.87
CA VAL N 9 6.74 -34.37 -2.18
C VAL N 9 7.76 -35.41 -2.58
N LYS N 10 7.33 -36.35 -3.43
CA LYS N 10 8.19 -37.42 -3.90
C LYS N 10 8.37 -37.41 -5.41
N ASN N 11 7.29 -37.23 -6.16
CA ASN N 11 7.37 -37.12 -7.61
C ASN N 11 6.47 -36.00 -8.09
N ILE N 12 6.92 -35.27 -9.12
CA ILE N 12 6.12 -34.25 -9.78
C ILE N 12 6.33 -34.40 -11.27
N LEU N 13 5.29 -34.81 -11.98
CA LEU N 13 5.33 -34.96 -13.43
C LEU N 13 4.46 -33.90 -14.09
N ILE N 14 4.98 -33.27 -15.14
CA ILE N 14 4.25 -32.27 -15.89
C ILE N 14 4.32 -32.64 -17.37
N THR N 15 3.17 -32.65 -18.03
CA THR N 15 3.07 -32.95 -19.45
C THR N 15 2.59 -31.70 -20.17
N PHE N 16 3.34 -31.26 -21.17
CA PHE N 16 3.04 -30.04 -21.92
C PHE N 16 2.44 -30.41 -23.26
N THR N 17 1.33 -29.75 -23.60
CA THR N 17 0.68 -29.91 -24.90
C THR N 17 0.59 -28.54 -25.55
N ASP N 18 1.09 -28.43 -26.78
CA ASP N 18 1.04 -27.18 -27.50
C ASP N 18 -0.35 -26.96 -28.08
N CYS N 19 -0.91 -25.78 -27.86
CA CYS N 19 -2.26 -25.47 -28.32
C CYS N 19 -2.30 -25.10 -29.80
N ASP N 20 -1.15 -24.89 -30.44
CA ASP N 20 -1.10 -24.53 -31.86
C ASP N 20 -0.83 -25.72 -32.76
N THR N 21 0.24 -26.47 -32.49
CA THR N 21 0.65 -27.59 -33.33
C THR N 21 0.28 -28.95 -32.75
N GLN N 22 -0.35 -29.00 -31.57
CA GLN N 22 -0.79 -30.25 -30.96
C GLN N 22 0.37 -31.23 -30.76
N GLU N 23 1.51 -30.71 -30.33
CA GLU N 23 2.66 -31.54 -29.98
C GLU N 23 2.68 -31.76 -28.47
N VAL N 24 2.80 -33.02 -28.06
CA VAL N 24 2.78 -33.41 -26.66
C VAL N 24 4.20 -33.72 -26.20
N ILE N 25 4.56 -33.20 -25.03
CA ILE N 25 5.88 -33.39 -24.45
C ILE N 25 5.72 -33.88 -23.02
N GLY N 26 6.40 -34.97 -22.67
CA GLY N 26 6.39 -35.47 -21.33
C GLY N 26 5.81 -36.88 -21.23
N PRO N 27 5.51 -37.32 -20.00
CA PRO N 27 5.68 -36.56 -18.75
C PRO N 27 7.13 -36.50 -18.30
N ILE N 28 7.52 -35.37 -17.70
CA ILE N 28 8.90 -35.11 -17.29
C ILE N 28 8.91 -34.83 -15.80
N SER N 29 9.79 -35.52 -15.07
CA SER N 29 9.91 -35.30 -13.64
C SER N 29 10.51 -33.93 -13.35
N HIS N 30 10.06 -33.33 -12.25
CA HIS N 30 10.53 -32.01 -11.85
C HIS N 30 10.90 -32.04 -10.38
N GLU N 31 11.60 -30.99 -9.93
CA GLU N 31 12.10 -30.91 -8.57
C GLU N 31 11.73 -29.57 -7.95
N GLN N 32 11.60 -29.57 -6.63
CA GLN N 32 11.28 -28.35 -5.91
C GLN N 32 12.42 -27.35 -5.99
N PRO N 33 12.13 -26.05 -6.10
CA PRO N 33 13.19 -25.05 -5.99
C PRO N 33 13.49 -24.63 -4.56
N ASP N 34 12.56 -24.85 -3.63
CA ASP N 34 12.73 -24.41 -2.26
C ASP N 34 12.00 -25.41 -1.35
N ASP N 35 11.75 -25.02 -0.11
CA ASP N 35 11.06 -25.86 0.84
C ASP N 35 9.55 -25.70 0.81
N THR N 36 9.03 -24.88 -0.09
CA THR N 36 7.58 -24.67 -0.18
C THR N 36 6.95 -25.78 -1.00
N LEU N 37 5.93 -26.42 -0.43
CA LEU N 37 5.25 -27.53 -1.08
C LEU N 37 4.15 -27.03 -2.01
N PRO N 38 3.77 -27.82 -3.02
CA PRO N 38 2.59 -27.47 -3.81
C PRO N 38 1.35 -27.41 -2.94
N THR N 39 0.47 -26.48 -3.27
CA THR N 39 -0.64 -26.12 -2.40
C THR N 39 -1.94 -26.23 -3.19
N TYR N 40 -2.95 -26.86 -2.58
CA TYR N 40 -4.11 -27.36 -3.30
C TYR N 40 -5.40 -26.71 -2.83
N LYS N 41 -6.37 -26.66 -3.73
CA LYS N 41 -7.75 -26.32 -3.41
C LYS N 41 -8.64 -27.22 -4.25
N ASN N 42 -9.29 -28.19 -3.62
CA ASN N 42 -9.99 -29.24 -4.35
C ASN N 42 -11.46 -28.95 -4.56
N CYS N 43 -12.12 -28.33 -3.59
CA CYS N 43 -13.56 -28.14 -3.66
C CYS N 43 -13.90 -27.22 -4.83
N ALA N 44 -14.72 -27.71 -5.76
CA ALA N 44 -15.04 -26.98 -6.98
C ALA N 44 -16.06 -25.87 -6.77
N TRP N 45 -16.78 -25.89 -5.66
CA TRP N 45 -17.72 -24.82 -5.33
C TRP N 45 -17.10 -23.88 -4.30
N THR N 46 -17.45 -22.61 -4.41
CA THR N 46 -17.04 -21.60 -3.44
C THR N 46 -18.26 -21.13 -2.65
N ASN N 47 -18.02 -20.73 -1.41
CA ASN N 47 -19.08 -20.32 -0.50
C ASN N 47 -18.90 -18.86 -0.13
N THR N 48 -20.03 -18.19 0.12
CA THR N 48 -20.04 -16.79 0.51
C THR N 48 -20.87 -16.63 1.77
N ALA N 49 -20.31 -15.97 2.77
CA ALA N 49 -21.02 -15.79 4.04
C ALA N 49 -22.24 -14.90 3.84
N LEU N 50 -23.35 -15.29 4.47
CA LEU N 50 -24.58 -14.51 4.42
C LEU N 50 -25.06 -14.23 5.84
N THR N 51 -26.26 -13.71 5.98
CA THR N 51 -26.79 -13.35 7.30
C THR N 51 -27.36 -14.58 7.99
N ASN N 52 -26.94 -14.79 9.24
CA ASN N 52 -27.50 -15.81 10.13
C ASN N 52 -27.34 -17.22 9.52
N GLY N 53 -26.09 -17.59 9.30
CA GLY N 53 -25.75 -18.97 9.00
C GLY N 53 -25.94 -19.40 7.57
N TYR N 54 -26.62 -18.60 6.77
CA TYR N 54 -26.86 -18.97 5.39
C TYR N 54 -25.59 -18.82 4.56
N VAL N 55 -25.51 -19.58 3.48
CA VAL N 55 -24.34 -19.63 2.61
C VAL N 55 -24.81 -19.66 1.16
N GLN N 56 -24.17 -18.86 0.31
CA GLN N 56 -24.48 -18.81 -1.11
C GLN N 56 -23.46 -19.64 -1.87
N ARG N 57 -23.92 -20.71 -2.52
CA ARG N 57 -23.05 -21.58 -3.28
C ARG N 57 -23.00 -21.13 -4.74
N SER N 58 -21.79 -20.97 -5.26
CA SER N 58 -21.60 -20.61 -6.66
C SER N 58 -20.42 -21.41 -7.21
N ALA N 59 -20.43 -21.60 -8.53
CA ALA N 59 -19.39 -22.39 -9.17
C ALA N 59 -18.04 -21.69 -9.08
N SER N 60 -16.99 -22.49 -9.01
CA SER N 60 -15.63 -21.99 -8.90
C SER N 60 -14.69 -22.98 -9.59
N ASN N 61 -13.40 -22.84 -9.33
CA ASN N 61 -12.39 -23.68 -9.95
C ASN N 61 -11.58 -24.44 -8.91
N ALA N 62 -10.99 -25.55 -9.33
CA ALA N 62 -10.04 -26.31 -8.53
C ALA N 62 -8.65 -25.86 -8.93
N THR N 63 -8.00 -25.09 -8.06
CA THR N 63 -6.74 -24.43 -8.38
C THR N 63 -5.57 -25.18 -7.74
N MET N 64 -4.37 -24.76 -8.12
CA MET N 64 -3.15 -25.29 -7.52
C MET N 64 -2.03 -24.27 -7.69
N THR N 65 -1.21 -24.14 -6.66
CA THR N 65 0.04 -23.39 -6.75
C THR N 65 1.19 -24.38 -6.76
N LEU N 66 2.03 -24.30 -7.79
CA LEU N 66 3.10 -25.29 -8.00
C LEU N 66 4.42 -24.58 -8.33
N PRO N 67 5.32 -24.45 -7.35
CA PRO N 67 6.66 -23.96 -7.66
C PRO N 67 7.60 -25.09 -8.08
N VAL N 68 8.20 -24.98 -9.27
CA VAL N 68 9.09 -26.00 -9.77
C VAL N 68 10.32 -25.35 -10.39
N VAL N 69 11.37 -26.15 -10.55
CA VAL N 69 12.56 -25.76 -11.30
C VAL N 69 12.33 -26.16 -12.75
N ARG N 70 12.37 -25.19 -13.65
CA ARG N 70 12.10 -25.46 -15.05
C ARG N 70 13.16 -26.38 -15.64
N ASP N 71 12.75 -27.18 -16.61
CA ASP N 71 13.67 -28.07 -17.32
C ASP N 71 14.34 -27.30 -18.45
N LEU N 72 15.65 -27.49 -18.60
CA LEU N 72 16.38 -26.78 -19.64
C LEU N 72 16.07 -27.28 -21.04
N ARG N 73 15.33 -28.37 -21.18
CA ARG N 73 14.91 -28.88 -22.48
C ARG N 73 13.54 -28.38 -22.90
N VAL N 74 12.87 -27.57 -22.08
CA VAL N 74 11.52 -27.10 -22.34
C VAL N 74 11.56 -25.58 -22.36
N PRO N 75 10.97 -24.92 -23.36
CA PRO N 75 10.97 -23.46 -23.39
C PRO N 75 10.25 -22.87 -22.18
N LEU N 76 10.70 -21.68 -21.77
CA LEU N 76 10.11 -21.02 -20.62
C LEU N 76 8.66 -20.61 -20.88
N ALA N 77 8.32 -20.35 -22.14
CA ALA N 77 6.95 -19.95 -22.47
C ALA N 77 5.95 -21.06 -22.14
N PHE N 78 6.38 -22.32 -22.20
CA PHE N 78 5.50 -23.43 -21.84
C PHE N 78 5.12 -23.40 -20.36
N TYR N 79 5.90 -22.72 -19.53
CA TYR N 79 5.64 -22.63 -18.10
C TYR N 79 4.84 -21.39 -17.72
N GLN N 80 4.40 -20.59 -18.69
CA GLN N 80 3.77 -19.31 -18.40
C GLN N 80 2.46 -19.13 -19.18
N GLY N 81 1.80 -20.23 -19.53
CA GLY N 81 0.46 -20.16 -20.07
C GLY N 81 0.32 -20.25 -21.58
N CYS N 82 1.40 -20.54 -22.31
CA CYS N 82 1.31 -20.77 -23.74
C CYS N 82 1.22 -22.24 -24.11
N ALA N 83 0.97 -23.13 -23.15
CA ALA N 83 0.79 -24.55 -23.44
C ALA N 83 -0.06 -25.18 -22.36
N GLN N 84 -0.71 -26.29 -22.70
CA GLN N 84 -1.44 -27.06 -21.71
C GLN N 84 -0.47 -27.71 -20.73
N VAL N 85 -0.96 -27.98 -19.53
CA VAL N 85 -0.20 -28.69 -18.50
C VAL N 85 -1.06 -29.81 -17.95
N ASP N 86 -0.46 -30.99 -17.79
CA ASP N 86 -1.09 -32.14 -17.15
C ASP N 86 -0.18 -32.53 -16.00
N VAL N 87 -0.33 -31.83 -14.90
CA VAL N 87 0.56 -31.95 -13.75
C VAL N 87 0.05 -33.05 -12.84
N GLN N 88 0.97 -33.73 -12.17
CA GLN N 88 0.61 -34.84 -11.29
C GLN N 88 1.68 -34.95 -10.22
N VAL N 89 1.25 -34.89 -8.96
CA VAL N 89 2.16 -34.80 -7.82
C VAL N 89 1.84 -35.94 -6.85
N GLU N 90 2.89 -36.61 -6.37
CA GLU N 90 2.76 -37.67 -5.38
C GLU N 90 3.57 -37.31 -4.14
N LYS N 91 2.93 -37.37 -2.98
CA LYS N 91 3.58 -37.04 -1.71
C LYS N 91 4.25 -38.26 -1.11
N PHE N 92 4.94 -38.06 0.01
CA PHE N 92 5.67 -39.16 0.65
C PHE N 92 4.73 -40.11 1.38
N ASP N 93 3.60 -39.62 1.86
CA ASP N 93 2.66 -40.45 2.62
C ASP N 93 1.72 -41.25 1.75
N GLY N 94 1.82 -41.13 0.43
CA GLY N 94 1.03 -41.91 -0.49
C GLY N 94 -0.03 -41.13 -1.25
N THR N 95 -0.33 -39.90 -0.86
CA THR N 95 -1.32 -39.11 -1.56
C THR N 95 -0.83 -38.74 -2.96
N VAL N 96 -1.71 -38.87 -3.94
CA VAL N 96 -1.39 -38.51 -5.32
C VAL N 96 -2.51 -37.63 -5.85
N MET N 97 -2.16 -36.42 -6.25
CA MET N 97 -3.13 -35.46 -6.80
C MET N 97 -2.92 -35.37 -8.31
N THR N 98 -3.99 -35.61 -9.06
CA THR N 98 -3.93 -35.63 -10.52
C THR N 98 -4.71 -34.46 -11.08
N LEU N 99 -4.10 -33.75 -12.02
CA LEU N 99 -4.73 -32.63 -12.71
C LEU N 99 -4.47 -32.76 -14.19
N THR N 100 -5.52 -32.66 -14.99
CA THR N 100 -5.42 -32.78 -16.43
C THR N 100 -6.10 -31.61 -17.11
N GLU N 101 -5.61 -31.26 -18.30
CA GLU N 101 -6.15 -30.16 -19.10
C GLU N 101 -6.20 -28.86 -18.29
N GLY N 102 -5.12 -28.59 -17.56
CA GLY N 102 -5.04 -27.37 -16.78
C GLY N 102 -4.54 -26.19 -17.59
N ALA N 103 -4.69 -25.01 -17.01
CA ALA N 103 -4.25 -23.77 -17.64
C ALA N 103 -3.59 -22.88 -16.60
N VAL N 104 -2.53 -22.20 -17.00
CA VAL N 104 -1.84 -21.25 -16.13
C VAL N 104 -2.53 -19.90 -16.29
N VAL N 105 -3.00 -19.34 -15.19
CA VAL N 105 -3.85 -18.14 -15.25
C VAL N 105 -3.03 -16.86 -15.20
N GLU N 106 -2.23 -16.66 -14.14
CA GLU N 106 -1.54 -15.39 -13.92
C GLU N 106 -0.03 -15.64 -13.91
N PRO N 107 0.63 -15.54 -15.07
CA PRO N 107 2.08 -15.72 -15.11
C PRO N 107 2.80 -14.62 -14.35
N GLU N 108 3.97 -14.96 -13.83
CA GLU N 108 4.81 -14.03 -13.10
C GLU N 108 6.21 -14.02 -13.68
N GLU N 109 6.92 -12.93 -13.42
CA GLU N 109 8.28 -12.75 -13.92
C GLU N 109 9.21 -13.75 -13.23
N SER N 110 9.67 -14.75 -13.99
CA SER N 110 10.59 -15.75 -13.48
C SER N 110 12.02 -15.38 -13.87
N ASP N 111 12.98 -15.80 -13.05
CA ASP N 111 14.38 -15.47 -13.27
C ASP N 111 15.05 -16.38 -14.28
N GLY N 112 14.34 -17.37 -14.82
CA GLY N 112 14.90 -18.30 -15.78
C GLY N 112 15.26 -19.65 -15.23
N ARG N 113 15.14 -19.85 -13.91
CA ARG N 113 15.35 -21.16 -13.31
C ARG N 113 14.10 -21.69 -12.60
N SER N 114 13.50 -20.89 -11.72
CA SER N 114 12.37 -21.33 -10.92
C SER N 114 11.11 -20.60 -11.38
N VAL N 115 10.02 -21.35 -11.56
CA VAL N 115 8.74 -20.78 -11.95
C VAL N 115 7.69 -21.23 -10.94
N THR N 116 6.71 -20.38 -10.71
CA THR N 116 5.59 -20.67 -9.83
C THR N 116 4.32 -20.69 -10.66
N MET N 117 3.75 -21.88 -10.85
CA MET N 117 2.52 -22.02 -11.63
C MET N 117 1.30 -21.79 -10.75
N ASN N 118 0.31 -21.11 -11.31
CA ASN N 118 -1.04 -21.03 -10.74
C ASN N 118 -1.96 -21.71 -11.75
N ILE N 119 -2.22 -22.99 -11.55
CA ILE N 119 -2.94 -23.80 -12.53
C ILE N 119 -4.40 -23.90 -12.09
N VAL N 120 -5.30 -23.64 -13.03
CA VAL N 120 -6.74 -23.71 -12.80
C VAL N 120 -7.32 -24.79 -13.70
N ALA N 121 -8.04 -25.74 -13.11
CA ALA N 121 -8.63 -26.83 -13.84
C ALA N 121 -10.02 -27.10 -13.31
N SER N 122 -10.79 -27.89 -14.07
CA SER N 122 -12.18 -28.16 -13.69
C SER N 122 -12.26 -28.95 -12.40
N GLU N 123 -11.39 -29.93 -12.21
CA GLU N 123 -11.48 -30.80 -11.04
C GLU N 123 -10.13 -31.45 -10.80
N ILE N 124 -9.84 -31.75 -9.54
CA ILE N 124 -8.61 -32.38 -9.11
C ILE N 124 -8.95 -33.70 -8.43
N ASP N 125 -8.27 -34.77 -8.82
CA ASP N 125 -8.50 -36.10 -8.27
C ASP N 125 -7.50 -36.40 -7.17
N GLU N 126 -7.97 -37.07 -6.11
CA GLU N 126 -7.15 -37.46 -4.98
C GLU N 126 -7.07 -38.97 -4.88
N LEU N 127 -5.85 -39.48 -4.66
CA LEU N 127 -5.67 -40.93 -4.57
C LEU N 127 -5.96 -41.46 -3.18
N LEU N 128 -5.75 -40.65 -2.14
CA LEU N 128 -6.21 -40.95 -0.79
C LEU N 128 -5.73 -42.32 -0.32
N PRO N 129 -4.47 -42.43 0.13
CA PRO N 129 -3.83 -43.75 0.35
C PRO N 129 -4.71 -44.70 1.15
N PRO N 130 -4.46 -46.01 1.04
CA PRO N 130 -5.46 -47.01 1.47
C PRO N 130 -5.92 -46.81 2.90
N GLY N 131 -7.21 -47.01 3.11
CA GLY N 131 -7.87 -46.70 4.37
C GLY N 131 -8.61 -45.39 4.24
N SER N 132 -9.92 -45.45 3.99
CA SER N 132 -10.69 -44.26 3.67
C SER N 132 -11.99 -44.24 4.46
N LEU N 133 -12.50 -43.04 4.68
CA LEU N 133 -13.78 -42.83 5.36
C LEU N 133 -13.81 -43.48 6.73
N CYS O 3 49.01 -49.95 13.19
CA CYS O 3 47.80 -49.96 14.02
C CYS O 3 46.56 -49.67 13.18
N ASN O 4 45.42 -50.22 13.59
CA ASN O 4 44.18 -50.07 12.85
C ASN O 4 43.22 -49.08 13.51
N LYS O 5 43.61 -48.44 14.61
CA LYS O 5 42.79 -47.43 15.28
C LYS O 5 43.50 -46.10 15.13
N GLN O 6 43.16 -45.37 14.07
CA GLN O 6 43.77 -44.06 13.81
C GLN O 6 42.73 -43.18 13.14
N ASN O 7 42.65 -41.93 13.58
CA ASN O 7 41.73 -40.95 13.01
C ASN O 7 42.54 -39.86 12.33
N GLY O 8 42.43 -39.80 11.00
CA GLY O 8 43.15 -38.80 10.24
C GLY O 8 43.07 -39.10 8.76
N VAL O 9 43.47 -38.13 7.98
CA VAL O 9 43.46 -38.24 6.52
C VAL O 9 44.80 -38.78 6.05
N LYS O 10 44.77 -39.48 4.92
CA LYS O 10 45.96 -40.05 4.33
C LYS O 10 46.31 -39.42 2.98
N ASN O 11 45.32 -39.23 2.12
CA ASN O 11 45.53 -38.61 0.82
C ASN O 11 44.35 -37.70 0.50
N ILE O 12 44.65 -36.53 -0.05
CA ILE O 12 43.63 -35.59 -0.51
C ILE O 12 43.96 -35.21 -1.94
N LEU O 13 43.06 -35.52 -2.86
CA LEU O 13 43.25 -35.21 -4.28
C LEU O 13 42.18 -34.22 -4.72
N ILE O 14 42.61 -33.12 -5.33
CA ILE O 14 41.71 -32.08 -5.81
C ILE O 14 42.03 -31.83 -7.28
N THR O 15 40.98 -31.79 -8.11
CA THR O 15 41.10 -31.50 -9.52
C THR O 15 40.32 -30.23 -9.83
N PHE O 16 40.98 -29.27 -10.47
CA PHE O 16 40.38 -27.98 -10.76
C PHE O 16 40.00 -27.91 -12.23
N THR O 17 38.81 -27.37 -12.51
CA THR O 17 38.35 -27.14 -13.87
C THR O 17 37.93 -25.68 -13.98
N ASP O 18 38.45 -24.99 -15.00
CA ASP O 18 38.16 -23.58 -15.17
C ASP O 18 36.81 -23.40 -15.86
N CYS O 19 35.98 -22.51 -15.32
CA CYS O 19 34.66 -22.26 -15.87
C CYS O 19 34.68 -21.42 -17.15
N ASP O 20 35.83 -20.81 -17.49
CA ASP O 20 35.92 -19.94 -18.64
C ASP O 20 36.63 -20.58 -19.83
N THR O 21 37.82 -21.13 -19.61
CA THR O 21 38.60 -21.74 -20.69
C THR O 21 38.53 -23.25 -20.70
N GLN O 22 37.83 -23.87 -19.74
CA GLN O 22 37.70 -25.33 -19.65
C GLN O 22 39.07 -26.00 -19.61
N GLU O 23 39.92 -25.54 -18.71
CA GLU O 23 41.23 -26.14 -18.47
C GLU O 23 41.18 -26.99 -17.21
N VAL O 24 41.70 -28.20 -17.30
CA VAL O 24 41.66 -29.16 -16.20
C VAL O 24 43.06 -29.28 -15.60
N ILE O 25 43.15 -29.13 -14.28
CA ILE O 25 44.41 -29.27 -13.56
C ILE O 25 44.18 -30.24 -12.41
N GLY O 26 45.04 -31.26 -12.32
CA GLY O 26 44.96 -32.22 -11.25
C GLY O 26 45.03 -33.65 -11.74
N PRO O 27 44.83 -34.61 -10.83
CA PRO O 27 44.55 -34.39 -9.41
C PRO O 27 45.81 -34.11 -8.60
N ILE O 28 45.80 -33.05 -7.82
CA ILE O 28 46.97 -32.61 -7.05
C ILE O 28 46.81 -33.07 -5.60
N SER O 29 47.80 -33.78 -5.10
CA SER O 29 47.81 -34.15 -3.69
C SER O 29 47.98 -32.91 -2.82
N HIS O 30 47.28 -32.89 -1.69
CA HIS O 30 47.28 -31.73 -0.80
C HIS O 30 47.58 -32.18 0.62
N GLU O 31 47.83 -31.20 1.48
CA GLU O 31 48.27 -31.45 2.85
C GLU O 31 47.45 -30.62 3.82
N GLN O 32 47.13 -31.20 4.97
CA GLN O 32 46.38 -30.48 5.98
C GLN O 32 47.19 -29.31 6.51
N PRO O 33 46.56 -28.15 6.71
CA PRO O 33 47.30 -27.01 7.29
C PRO O 33 47.53 -27.16 8.78
N ASP O 34 46.58 -27.78 9.47
CA ASP O 34 46.64 -27.95 10.91
C ASP O 34 45.93 -29.25 11.27
N ASP O 35 45.59 -29.42 12.56
CA ASP O 35 45.08 -30.68 13.06
C ASP O 35 43.58 -30.86 12.81
N THR O 36 42.89 -29.88 12.25
CA THR O 36 41.47 -30.03 11.98
C THR O 36 41.26 -30.95 10.78
N LEU O 37 40.21 -31.77 10.87
CA LEU O 37 39.86 -32.76 9.85
C LEU O 37 38.68 -32.28 9.02
N PRO O 38 38.58 -32.73 7.77
CA PRO O 38 37.41 -32.37 6.95
C PRO O 38 36.13 -32.97 7.51
N THR O 39 35.02 -32.26 7.29
CA THR O 39 33.73 -32.67 7.78
C THR O 39 32.79 -32.95 6.61
N TYR O 40 31.77 -33.77 6.85
CA TYR O 40 30.96 -34.29 5.76
C TYR O 40 29.49 -34.25 6.13
N LYS O 41 28.64 -34.19 5.09
CA LYS O 41 27.20 -34.29 5.25
C LYS O 41 26.66 -35.01 4.02
N ASN O 42 26.57 -36.34 4.13
CA ASN O 42 26.25 -37.17 2.96
C ASN O 42 24.78 -37.14 2.61
N CYS O 43 23.88 -37.05 3.60
CA CYS O 43 22.46 -37.15 3.33
C CYS O 43 21.99 -35.90 2.60
N ALA O 44 21.43 -36.08 1.41
CA ALA O 44 21.01 -34.98 0.56
C ALA O 44 19.68 -34.37 0.99
N TRP O 45 19.01 -34.94 1.98
CA TRP O 45 17.74 -34.44 2.46
C TRP O 45 17.88 -33.85 3.85
N THR O 46 17.01 -32.91 4.18
CA THR O 46 16.94 -32.31 5.50
C THR O 46 15.54 -32.52 6.08
N ASN O 47 15.47 -32.69 7.40
CA ASN O 47 14.23 -32.96 8.09
C ASN O 47 13.97 -31.84 9.10
N THR O 48 12.94 -31.05 8.85
CA THR O 48 12.57 -29.97 9.75
C THR O 48 11.59 -30.48 10.79
N ALA O 49 11.88 -30.25 12.06
CA ALA O 49 11.04 -30.76 13.12
C ALA O 49 9.65 -30.13 13.07
N LEU O 50 8.64 -30.96 13.20
CA LEU O 50 7.24 -30.54 13.29
C LEU O 50 6.69 -30.99 14.64
N THR O 51 5.39 -30.81 14.82
CA THR O 51 4.76 -31.19 16.08
C THR O 51 4.47 -32.68 16.13
N ASN O 52 4.67 -33.28 17.30
CA ASN O 52 4.31 -34.66 17.59
C ASN O 52 5.00 -35.64 16.62
N GLY O 53 6.32 -35.63 16.65
CA GLY O 53 7.10 -36.62 15.93
C GLY O 53 7.19 -36.46 14.43
N TYR O 54 6.29 -35.66 13.86
CA TYR O 54 6.31 -35.45 12.42
C TYR O 54 7.52 -34.63 12.00
N VAL O 55 8.01 -34.91 10.79
CA VAL O 55 9.11 -34.17 10.20
C VAL O 55 8.73 -33.77 8.78
N GLN O 56 9.39 -32.75 8.27
CA GLN O 56 9.16 -32.23 6.93
C GLN O 56 10.40 -32.51 6.09
N ARG O 57 10.34 -33.56 5.27
CA ARG O 57 11.46 -33.91 4.41
C ARG O 57 11.59 -32.89 3.29
N SER O 58 12.81 -32.44 3.02
CA SER O 58 13.08 -31.46 1.99
C SER O 58 14.40 -31.80 1.31
N ALA O 59 14.55 -31.30 0.09
CA ALA O 59 15.78 -31.52 -0.65
C ALA O 59 16.84 -30.52 -0.24
N SER O 60 18.09 -30.98 -0.18
CA SER O 60 19.21 -30.14 0.22
C SER O 60 20.45 -30.61 -0.53
N ASN O 61 21.63 -30.21 -0.06
CA ASN O 61 22.88 -30.51 -0.71
C ASN O 61 23.77 -31.34 0.19
N ALA O 62 24.66 -32.12 -0.43
CA ALA O 62 25.69 -32.86 0.28
C ALA O 62 26.93 -31.96 0.34
N THR O 63 27.11 -31.28 1.47
CA THR O 63 28.13 -30.25 1.63
C THR O 63 29.45 -30.86 2.08
N MET O 64 30.48 -30.01 2.12
CA MET O 64 31.80 -30.44 2.56
C MET O 64 32.57 -29.22 3.06
N THR O 65 33.30 -29.41 4.15
CA THR O 65 34.25 -28.42 4.64
C THR O 65 35.64 -29.02 4.58
N LEU O 66 36.52 -28.42 3.78
CA LEU O 66 37.85 -28.97 3.53
C LEU O 66 38.91 -27.90 3.69
N PRO O 67 39.65 -27.90 4.81
CA PRO O 67 40.79 -26.99 4.92
C PRO O 67 42.06 -27.60 4.37
N VAL O 68 42.70 -26.92 3.42
CA VAL O 68 43.91 -27.43 2.78
C VAL O 68 44.93 -26.30 2.62
N VAL O 69 46.17 -26.70 2.37
CA VAL O 69 47.24 -25.76 2.05
C VAL O 69 47.30 -25.64 0.53
N ARG O 70 47.12 -24.43 0.01
CA ARG O 70 47.08 -24.24 -1.43
C ARG O 70 48.45 -24.47 -2.04
N ASP O 71 48.47 -25.13 -3.19
CA ASP O 71 49.70 -25.36 -3.91
C ASP O 71 50.16 -24.06 -4.58
N LEU O 72 51.47 -23.83 -4.56
CA LEU O 72 52.01 -22.60 -5.12
C LEU O 72 51.92 -22.55 -6.64
N ARG O 73 51.59 -23.66 -7.30
CA ARG O 73 51.46 -23.71 -8.74
C ARG O 73 50.03 -23.52 -9.21
N VAL O 74 49.11 -23.24 -8.29
CA VAL O 74 47.69 -23.07 -8.59
C VAL O 74 47.27 -21.69 -8.12
N PRO O 75 46.57 -20.90 -8.94
CA PRO O 75 46.13 -19.58 -8.48
C PRO O 75 45.17 -19.68 -7.31
N LEU O 76 45.22 -18.65 -6.45
CA LEU O 76 44.35 -18.63 -5.28
C LEU O 76 42.87 -18.52 -5.66
N ALA O 77 42.58 -17.91 -6.82
CA ALA O 77 41.19 -17.80 -7.25
C ALA O 77 40.56 -19.16 -7.51
N PHE O 78 41.37 -20.14 -7.91
CA PHE O 78 40.86 -21.50 -8.10
C PHE O 78 40.35 -22.10 -6.80
N TYR O 79 40.83 -21.62 -5.66
CA TYR O 79 40.42 -22.11 -4.36
C TYR O 79 39.24 -21.34 -3.76
N GLN O 80 38.69 -20.37 -4.50
CA GLN O 80 37.69 -19.47 -3.93
C GLN O 80 36.49 -19.29 -4.86
N GLY O 81 36.18 -20.30 -5.68
CA GLY O 81 34.95 -20.31 -6.43
C GLY O 81 35.04 -19.91 -7.88
N CYS O 82 36.23 -19.58 -8.39
CA CYS O 82 36.41 -19.36 -9.81
C CYS O 82 36.82 -20.62 -10.57
N ALA O 83 36.61 -21.80 -9.98
CA ALA O 83 36.95 -23.04 -10.65
C ALA O 83 36.14 -24.19 -10.06
N GLN O 84 35.73 -25.11 -10.94
CA GLN O 84 35.09 -26.34 -10.49
C GLN O 84 36.09 -27.24 -9.79
N VAL O 85 35.65 -27.89 -8.72
CA VAL O 85 36.51 -28.74 -7.90
C VAL O 85 35.93 -30.14 -7.87
N ASP O 86 36.79 -31.14 -8.06
CA ASP O 86 36.46 -32.55 -7.95
C ASP O 86 37.41 -33.14 -6.92
N VAL O 87 36.99 -33.17 -5.66
CA VAL O 87 37.86 -33.53 -4.56
C VAL O 87 37.71 -35.01 -4.25
N GLN O 88 38.70 -35.57 -3.56
CA GLN O 88 38.67 -36.99 -3.20
C GLN O 88 39.57 -37.18 -1.99
N VAL O 89 38.99 -37.54 -0.85
CA VAL O 89 39.70 -37.64 0.42
C VAL O 89 39.69 -39.09 0.88
N GLU O 90 40.84 -39.58 1.35
CA GLU O 90 40.98 -40.93 1.87
C GLU O 90 41.52 -40.87 3.29
N LYS O 91 40.80 -41.46 4.23
CA LYS O 91 41.22 -41.49 5.63
C LYS O 91 42.15 -42.68 5.88
N PHE O 92 42.69 -42.72 7.09
CA PHE O 92 43.64 -43.77 7.45
C PHE O 92 42.95 -45.14 7.55
N ASP O 93 41.68 -45.16 7.93
CA ASP O 93 40.94 -46.41 8.12
C ASP O 93 40.27 -46.92 6.85
N GLY O 94 40.77 -46.50 5.68
CA GLY O 94 40.29 -47.01 4.41
C GLY O 94 39.09 -46.29 3.83
N THR O 95 38.41 -45.47 4.62
CA THR O 95 37.25 -44.75 4.11
C THR O 95 37.67 -43.73 3.07
N VAL O 96 36.94 -43.69 1.95
CA VAL O 96 37.23 -42.78 0.85
C VAL O 96 35.96 -42.01 0.51
N MET O 97 36.02 -40.69 0.60
CA MET O 97 34.94 -39.82 0.17
C MET O 97 35.26 -39.27 -1.22
N THR O 98 34.34 -39.47 -2.15
CA THR O 98 34.50 -39.01 -3.53
C THR O 98 33.45 -37.97 -3.85
N LEU O 99 33.90 -36.84 -4.38
CA LEU O 99 32.99 -35.74 -4.73
C LEU O 99 33.40 -35.20 -6.10
N THR O 100 32.42 -34.99 -6.96
CA THR O 100 32.65 -34.48 -8.31
C THR O 100 31.64 -33.39 -8.62
N GLU O 101 32.03 -32.48 -9.52
CA GLU O 101 31.19 -31.38 -9.97
C GLU O 101 30.71 -30.53 -8.79
N GLY O 102 31.60 -30.31 -7.82
CA GLY O 102 31.29 -29.47 -6.69
C GLY O 102 31.67 -28.02 -6.91
N ALA O 103 31.06 -27.14 -6.13
CA ALA O 103 31.30 -25.71 -6.24
C ALA O 103 31.55 -25.13 -4.85
N VAL O 104 32.50 -24.20 -4.78
CA VAL O 104 32.80 -23.49 -3.54
C VAL O 104 31.81 -22.34 -3.40
N VAL O 105 31.06 -22.33 -2.29
CA VAL O 105 29.93 -21.42 -2.16
C VAL O 105 30.32 -20.12 -1.48
N GLU O 106 30.97 -20.17 -0.31
CA GLU O 106 31.20 -18.98 0.52
C GLU O 106 32.69 -18.86 0.81
N PRO O 107 33.47 -18.37 -0.15
CA PRO O 107 34.90 -18.15 0.11
C PRO O 107 35.11 -17.08 1.16
N GLU O 108 36.18 -17.24 1.94
CA GLU O 108 36.54 -16.31 3.00
C GLU O 108 37.97 -15.86 2.77
N GLU O 109 38.28 -14.66 3.29
CA GLU O 109 39.60 -14.07 3.12
C GLU O 109 40.70 -14.97 3.70
N SER O 110 41.58 -15.46 2.85
CA SER O 110 42.68 -16.32 3.25
C SER O 110 44.00 -15.58 3.11
N ASP O 111 44.99 -15.97 3.91
CA ASP O 111 46.27 -15.29 3.96
C ASP O 111 47.21 -15.69 2.83
N GLY O 112 46.83 -16.65 1.99
CA GLY O 112 47.65 -17.06 0.88
C GLY O 112 48.42 -18.36 1.09
N ARG O 113 48.26 -19.01 2.24
CA ARG O 113 48.83 -20.33 2.45
C ARG O 113 47.79 -21.38 2.76
N SER O 114 46.87 -21.10 3.68
CA SER O 114 45.84 -22.05 4.09
C SER O 114 44.48 -21.50 3.72
N VAL O 115 43.66 -22.34 3.10
CA VAL O 115 42.30 -21.98 2.70
C VAL O 115 41.34 -23.02 3.27
N THR O 116 40.11 -22.61 3.51
CA THR O 116 39.06 -23.47 4.02
C THR O 116 37.91 -23.46 3.02
N MET O 117 37.82 -24.50 2.21
CA MET O 117 36.76 -24.58 1.22
C MET O 117 35.42 -24.96 1.86
N ASN O 118 34.34 -24.54 1.21
CA ASN O 118 32.98 -24.96 1.57
C ASN O 118 32.37 -25.52 0.29
N ILE O 119 32.64 -26.78 0.02
CA ILE O 119 32.24 -27.41 -1.23
C ILE O 119 30.81 -27.93 -1.10
N VAL O 120 30.00 -27.70 -2.13
CA VAL O 120 28.61 -28.14 -2.17
C VAL O 120 28.43 -28.97 -3.44
N ALA O 121 27.88 -30.16 -3.29
CA ALA O 121 27.65 -31.06 -4.42
C ALA O 121 26.36 -31.83 -4.20
N SER O 122 25.85 -32.41 -5.30
CA SER O 122 24.58 -33.12 -5.22
C SER O 122 24.68 -34.40 -4.41
N GLU O 123 25.81 -35.10 -4.51
CA GLU O 123 25.95 -36.41 -3.88
C GLU O 123 27.41 -36.70 -3.61
N ILE O 124 27.69 -37.30 -2.45
CA ILE O 124 29.03 -37.71 -2.05
C ILE O 124 29.05 -39.22 -1.89
N ASP O 125 30.05 -39.87 -2.48
CA ASP O 125 30.17 -41.32 -2.47
C ASP O 125 31.13 -41.76 -1.38
N GLU O 126 30.72 -42.77 -0.61
CA GLU O 126 31.50 -43.31 0.49
C GLU O 126 31.96 -44.72 0.16
N LEU O 127 33.22 -45.04 0.50
CA LEU O 127 33.79 -46.31 0.11
C LEU O 127 33.56 -47.42 1.12
N LEU O 128 33.50 -47.10 2.42
CA LEU O 128 33.14 -48.08 3.45
C LEU O 128 34.04 -49.31 3.40
N PRO O 129 35.25 -49.24 3.96
CA PRO O 129 36.24 -50.32 3.83
C PRO O 129 35.64 -51.69 4.08
N PRO O 130 36.26 -52.75 3.56
CA PRO O 130 35.56 -54.03 3.38
C PRO O 130 34.89 -54.53 4.66
N GLY O 131 33.65 -55.01 4.50
CA GLY O 131 32.80 -55.36 5.62
C GLY O 131 31.78 -54.27 5.85
N SER O 132 30.57 -54.45 5.33
CA SER O 132 29.55 -53.42 5.37
C SER O 132 28.21 -54.02 5.77
N LEU O 133 27.36 -53.18 6.35
CA LEU O 133 26.02 -53.56 6.77
C LEU O 133 26.04 -54.77 7.71
N CYS P 3 -6.82 -25.00 -26.39
CA CYS P 3 -7.02 -25.91 -25.26
C CYS P 3 -8.28 -26.76 -25.47
N ASN P 4 -9.29 -26.12 -26.05
CA ASN P 4 -10.72 -26.43 -26.25
C ASN P 4 -11.54 -25.86 -25.11
N LYS P 5 -10.92 -25.21 -24.13
CA LYS P 5 -11.61 -24.61 -23.00
C LYS P 5 -11.18 -23.15 -22.84
N GLN P 6 -10.95 -22.48 -23.96
CA GLN P 6 -10.43 -21.13 -23.97
C GLN P 6 -11.42 -20.20 -24.66
N ASN P 7 -11.63 -19.03 -24.08
CA ASN P 7 -12.49 -17.99 -24.66
C ASN P 7 -11.62 -16.85 -25.15
N GLY P 8 -11.80 -16.46 -26.40
CA GLY P 8 -11.03 -15.38 -26.96
C GLY P 8 -11.10 -15.39 -28.47
N VAL P 9 -10.47 -14.37 -29.06
CA VAL P 9 -10.42 -14.20 -30.51
C VAL P 9 -9.03 -14.59 -30.99
N LYS P 10 -8.97 -15.13 -32.21
CA LYS P 10 -7.73 -15.61 -32.79
C LYS P 10 -7.31 -14.83 -34.03
N ASN P 11 -8.21 -14.68 -35.01
CA ASN P 11 -7.90 -14.00 -36.25
C ASN P 11 -9.00 -13.00 -36.56
N ILE P 12 -8.61 -11.78 -36.97
CA ILE P 12 -9.53 -10.77 -37.44
C ILE P 12 -9.11 -10.35 -38.84
N LEU P 13 -10.03 -10.41 -39.79
CA LEU P 13 -9.75 -10.09 -41.18
C LEU P 13 -10.75 -9.04 -41.65
N ILE P 14 -10.24 -7.90 -42.11
CA ILE P 14 -11.07 -6.79 -42.57
C ILE P 14 -10.67 -6.44 -44.00
N THR P 15 -11.65 -6.31 -44.88
CA THR P 15 -11.43 -5.89 -46.26
C THR P 15 -12.19 -4.60 -46.50
N PHE P 16 -11.47 -3.55 -46.87
CA PHE P 16 -12.05 -2.23 -47.10
C PHE P 16 -12.35 -2.03 -48.58
N THR P 17 -13.50 -1.44 -48.87
CA THR P 17 -13.90 -1.10 -50.25
C THR P 17 -14.57 0.27 -50.20
N ASP P 18 -13.83 1.30 -50.60
CA ASP P 18 -14.38 2.66 -50.58
C ASP P 18 -15.55 2.73 -51.56
N CYS P 19 -16.56 3.52 -51.20
CA CYS P 19 -17.75 3.67 -52.02
C CYS P 19 -17.59 4.72 -53.11
N ASP P 20 -16.45 5.41 -53.15
CA ASP P 20 -16.19 6.43 -54.17
C ASP P 20 -15.32 5.89 -55.30
N THR P 21 -14.12 5.41 -54.97
CA THR P 21 -13.19 4.90 -55.96
C THR P 21 -13.28 3.39 -56.16
N GLN P 22 -14.05 2.70 -55.32
CA GLN P 22 -14.18 1.24 -55.38
C GLN P 22 -12.81 0.56 -55.34
N GLU P 23 -11.92 1.08 -54.48
CA GLU P 23 -10.61 0.49 -54.27
C GLU P 23 -10.70 -0.53 -53.13
N VAL P 24 -10.31 -1.77 -53.42
CA VAL P 24 -10.43 -2.86 -52.47
C VAL P 24 -9.06 -3.10 -51.84
N ILE P 25 -8.99 -2.96 -50.51
CA ILE P 25 -7.76 -3.20 -49.75
C ILE P 25 -8.06 -4.29 -48.73
N GLY P 26 -7.24 -5.34 -48.73
CA GLY P 26 -7.38 -6.42 -47.78
C GLY P 26 -7.45 -7.78 -48.44
N PRO P 27 -7.73 -8.83 -47.66
CA PRO P 27 -7.99 -8.75 -46.21
C PRO P 27 -6.71 -8.59 -45.39
N ILE P 28 -6.78 -7.82 -44.32
CA ILE P 28 -5.63 -7.51 -43.47
C ILE P 28 -5.90 -8.04 -42.07
N SER P 29 -4.93 -8.76 -41.52
CA SER P 29 -5.06 -9.25 -40.16
C SER P 29 -4.94 -8.08 -39.18
N HIS P 30 -5.93 -7.94 -38.30
CA HIS P 30 -6.00 -6.85 -37.35
C HIS P 30 -5.69 -7.36 -35.95
N GLU P 31 -5.81 -6.45 -34.98
CA GLU P 31 -5.31 -6.70 -33.63
C GLU P 31 -6.28 -6.15 -32.61
N GLN P 32 -6.23 -6.70 -31.39
CA GLN P 32 -7.10 -6.28 -30.31
C GLN P 32 -6.38 -5.25 -29.43
N PRO P 33 -7.05 -4.14 -29.11
CA PRO P 33 -6.39 -3.09 -28.32
C PRO P 33 -6.34 -3.40 -26.83
N ASP P 34 -7.33 -4.11 -26.32
CA ASP P 34 -7.38 -4.46 -24.90
C ASP P 34 -8.12 -5.79 -24.74
N ASP P 35 -8.52 -6.09 -23.52
CA ASP P 35 -9.13 -7.39 -23.20
C ASP P 35 -10.59 -7.48 -23.60
N THR P 36 -11.19 -6.41 -24.10
CA THR P 36 -12.60 -6.43 -24.48
C THR P 36 -12.76 -7.13 -25.82
N LEU P 37 -13.57 -8.21 -25.83
CA LEU P 37 -13.84 -9.03 -27.01
C LEU P 37 -15.00 -8.45 -27.81
N PRO P 38 -15.07 -8.74 -29.11
CA PRO P 38 -16.21 -8.29 -29.92
C PRO P 38 -17.51 -8.91 -29.45
N THR P 39 -18.59 -8.14 -29.58
CA THR P 39 -19.92 -8.55 -29.17
C THR P 39 -20.85 -8.66 -30.37
N TYR P 40 -21.96 -9.37 -30.19
CA TYR P 40 -22.80 -9.71 -31.32
C TYR P 40 -24.28 -9.65 -30.96
N LYS P 41 -25.09 -9.52 -32.01
CA LYS P 41 -26.54 -9.73 -31.96
C LYS P 41 -26.94 -10.31 -33.32
N ASN P 42 -26.92 -11.65 -33.41
CA ASN P 42 -27.12 -12.32 -34.68
C ASN P 42 -28.58 -12.34 -35.12
N CYS P 43 -29.51 -12.40 -34.18
CA CYS P 43 -30.92 -12.49 -34.54
C CYS P 43 -31.33 -11.20 -35.23
N ALA P 44 -31.93 -11.33 -36.41
CA ALA P 44 -32.21 -10.18 -37.26
C ALA P 44 -33.52 -9.51 -36.95
N TRP P 45 -34.34 -10.08 -36.07
CA TRP P 45 -35.62 -9.50 -35.68
C TRP P 45 -35.56 -9.08 -34.23
N THR P 46 -36.18 -7.95 -33.93
CA THR P 46 -36.24 -7.41 -32.58
C THR P 46 -37.63 -7.62 -32.00
N ASN P 47 -37.69 -7.89 -30.70
CA ASN P 47 -38.94 -8.09 -29.99
C ASN P 47 -39.16 -6.93 -29.03
N THR P 48 -40.44 -6.69 -28.71
CA THR P 48 -40.79 -5.66 -27.75
C THR P 48 -41.89 -6.19 -26.84
N ALA P 49 -41.89 -5.68 -25.61
CA ALA P 49 -42.81 -6.18 -24.59
C ALA P 49 -44.22 -5.66 -24.84
N LEU P 50 -45.19 -6.56 -24.72
CA LEU P 50 -46.61 -6.20 -24.75
C LEU P 50 -47.28 -6.77 -23.51
N THR P 51 -48.60 -6.71 -23.44
CA THR P 51 -49.31 -7.17 -22.26
C THR P 51 -49.67 -8.66 -22.38
N ASN P 52 -49.59 -9.35 -21.25
CA ASN P 52 -49.99 -10.77 -21.13
C ASN P 52 -49.22 -11.65 -22.13
N GLY P 53 -47.90 -11.52 -22.13
CA GLY P 53 -47.06 -12.41 -22.90
C GLY P 53 -46.99 -12.14 -24.38
N TYR P 54 -47.74 -11.16 -24.89
CA TYR P 54 -47.68 -10.85 -26.31
C TYR P 54 -46.37 -10.17 -26.66
N VAL P 55 -45.92 -10.40 -27.89
CA VAL P 55 -44.68 -9.82 -28.40
C VAL P 55 -44.94 -9.28 -29.79
N GLN P 56 -44.63 -8.00 -29.99
CA GLN P 56 -44.75 -7.37 -31.31
C GLN P 56 -43.41 -7.50 -32.02
N ARG P 57 -43.39 -8.26 -33.11
CA ARG P 57 -42.16 -8.51 -33.85
C ARG P 57 -41.92 -7.39 -34.86
N SER P 58 -40.70 -6.86 -34.86
CA SER P 58 -40.33 -5.78 -35.77
C SER P 58 -38.97 -6.07 -36.37
N ALA P 59 -38.72 -5.51 -37.55
CA ALA P 59 -37.46 -5.72 -38.25
C ALA P 59 -36.35 -4.91 -37.61
N SER P 60 -35.16 -5.48 -37.58
CA SER P 60 -33.97 -4.82 -37.03
C SER P 60 -32.76 -5.32 -37.80
N ASN P 61 -31.57 -5.07 -37.25
CA ASN P 61 -30.33 -5.42 -37.92
C ASN P 61 -29.48 -6.32 -37.02
N ALA P 62 -28.51 -6.99 -37.65
CA ALA P 62 -27.54 -7.81 -36.94
C ALA P 62 -26.32 -6.94 -36.67
N THR P 63 -26.28 -6.33 -35.50
CA THR P 63 -25.25 -5.36 -35.16
C THR P 63 -23.95 -6.06 -34.76
N MET P 64 -22.90 -5.25 -34.60
CA MET P 64 -21.58 -5.75 -34.23
C MET P 64 -20.76 -4.63 -33.62
N THR P 65 -20.12 -4.91 -32.49
CA THR P 65 -19.17 -3.99 -31.86
C THR P 65 -17.79 -4.62 -31.96
N LEU P 66 -16.83 -3.86 -32.49
CA LEU P 66 -15.53 -4.41 -32.84
C LEU P 66 -14.41 -3.43 -32.49
N PRO P 67 -13.75 -3.61 -31.35
CA PRO P 67 -12.57 -2.80 -31.03
C PRO P 67 -11.34 -3.40 -31.69
N VAL P 68 -10.67 -2.60 -32.53
CA VAL P 68 -9.48 -3.03 -33.25
C VAL P 68 -8.41 -1.95 -33.15
N VAL P 69 -7.18 -2.34 -33.50
CA VAL P 69 -6.06 -1.41 -33.57
C VAL P 69 -5.90 -0.95 -35.01
N ARG P 70 -5.81 0.36 -35.21
CA ARG P 70 -5.65 0.91 -36.55
C ARG P 70 -4.35 0.45 -37.17
N ASP P 71 -4.39 0.15 -38.47
CA ASP P 71 -3.21 -0.22 -39.24
C ASP P 71 -2.66 1.02 -39.94
N LEU P 72 -1.39 1.34 -39.67
CA LEU P 72 -0.81 2.58 -40.15
C LEU P 72 -0.81 2.69 -41.67
N ARG P 73 -0.94 1.57 -42.38
CA ARG P 73 -1.00 1.58 -43.84
C ARG P 73 -2.39 1.91 -44.37
N VAL P 74 -3.38 2.05 -43.50
CA VAL P 74 -4.77 2.28 -43.90
C VAL P 74 -5.20 3.63 -43.32
N PRO P 75 -5.84 4.50 -44.10
CA PRO P 75 -6.31 5.77 -43.55
C PRO P 75 -7.33 5.54 -42.44
N LEU P 76 -7.30 6.43 -41.43
CA LEU P 76 -8.20 6.30 -40.29
C LEU P 76 -9.65 6.55 -40.71
N ALA P 77 -9.88 7.38 -41.72
CA ALA P 77 -11.24 7.67 -42.15
C ALA P 77 -11.94 6.43 -42.69
N PHE P 78 -11.19 5.41 -43.11
CA PHE P 78 -11.81 4.16 -43.53
C PHE P 78 -12.50 3.48 -42.36
N TYR P 79 -11.87 3.50 -41.18
CA TYR P 79 -12.43 2.87 -40.00
C TYR P 79 -13.64 3.62 -39.44
N GLN P 80 -13.92 4.83 -39.92
CA GLN P 80 -14.93 5.69 -39.30
C GLN P 80 -16.08 6.03 -40.24
N GLY P 81 -16.31 5.24 -41.28
CA GLY P 81 -17.56 5.34 -42.02
C GLY P 81 -17.48 5.83 -43.45
N CYS P 82 -16.30 6.16 -43.97
CA CYS P 82 -16.18 6.46 -45.40
C CYS P 82 -15.93 5.23 -46.26
N ALA P 83 -16.00 4.03 -45.71
CA ALA P 83 -15.75 2.83 -46.51
C ALA P 83 -16.52 1.64 -45.94
N GLN P 84 -16.90 0.74 -46.84
CA GLN P 84 -17.50 -0.54 -46.44
C GLN P 84 -16.45 -1.46 -45.84
N VAL P 85 -16.90 -2.33 -44.94
CA VAL P 85 -16.04 -3.30 -44.29
C VAL P 85 -16.63 -4.69 -44.43
N ASP P 86 -15.80 -5.65 -44.80
CA ASP P 86 -16.17 -7.06 -44.89
C ASP P 86 -15.31 -7.80 -43.88
N VAL P 87 -15.79 -7.89 -42.65
CA VAL P 87 -14.98 -8.39 -41.54
C VAL P 87 -15.27 -9.86 -41.31
N GLN P 88 -14.27 -10.58 -40.81
CA GLN P 88 -14.40 -11.99 -40.47
C GLN P 88 -13.44 -12.30 -39.35
N VAL P 89 -13.98 -12.57 -38.16
CA VAL P 89 -13.18 -12.85 -36.97
C VAL P 89 -13.54 -14.24 -36.45
N GLU P 90 -12.51 -15.02 -36.12
CA GLU P 90 -12.66 -16.39 -35.66
C GLU P 90 -12.22 -16.48 -34.20
N LYS P 91 -13.08 -17.04 -33.36
CA LYS P 91 -12.78 -17.21 -31.95
C LYS P 91 -11.90 -18.43 -31.73
N PHE P 92 -11.40 -18.55 -30.49
CA PHE P 92 -10.49 -19.64 -30.15
C PHE P 92 -11.18 -21.00 -30.18
N ASP P 93 -12.50 -21.05 -30.00
CA ASP P 93 -13.22 -22.31 -29.96
C ASP P 93 -13.65 -22.79 -31.34
N GLY P 94 -13.29 -22.06 -32.40
CA GLY P 94 -13.59 -22.46 -33.76
C GLY P 94 -14.75 -21.72 -34.41
N THR P 95 -15.54 -21.00 -33.63
CA THR P 95 -16.66 -20.25 -34.18
C THR P 95 -16.15 -19.14 -35.10
N VAL P 96 -16.83 -18.96 -36.23
CA VAL P 96 -16.46 -17.96 -37.22
C VAL P 96 -17.63 -17.03 -37.44
N MET P 97 -17.40 -15.73 -37.27
CA MET P 97 -18.41 -14.70 -37.50
C MET P 97 -18.04 -13.98 -38.79
N THR P 98 -18.68 -14.39 -39.89
CA THR P 98 -18.40 -13.83 -41.21
C THR P 98 -19.40 -12.72 -41.50
N LEU P 99 -18.89 -11.55 -41.87
CA LEU P 99 -19.72 -10.40 -42.16
C LEU P 99 -19.27 -9.75 -43.46
N THR P 100 -20.24 -9.41 -44.32
CA THR P 100 -19.96 -8.75 -45.59
C THR P 100 -20.87 -7.54 -45.75
N GLU P 101 -20.33 -6.50 -46.39
CA GLU P 101 -21.06 -5.28 -46.69
C GLU P 101 -21.60 -4.63 -45.41
N GLY P 102 -20.67 -4.33 -44.50
CA GLY P 102 -20.99 -3.65 -43.26
C GLY P 102 -20.63 -2.18 -43.30
N ALA P 103 -21.37 -1.38 -42.55
CA ALA P 103 -21.16 0.06 -42.50
C ALA P 103 -21.22 0.55 -41.06
N VAL P 104 -20.18 1.27 -40.64
CA VAL P 104 -20.15 1.84 -39.30
C VAL P 104 -21.22 2.92 -39.18
N VAL P 105 -21.97 2.89 -38.09
CA VAL P 105 -23.12 3.76 -37.92
C VAL P 105 -22.79 5.03 -37.13
N GLU P 106 -22.22 4.89 -35.94
CA GLU P 106 -22.02 6.02 -35.04
C GLU P 106 -20.55 6.08 -34.62
N PRO P 107 -19.69 6.59 -35.48
CA PRO P 107 -18.28 6.75 -35.10
C PRO P 107 -18.12 7.83 -34.04
N GLU P 108 -17.10 7.65 -33.21
CA GLU P 108 -16.79 8.60 -32.16
C GLU P 108 -15.29 8.91 -32.19
N GLU P 109 -14.89 9.82 -31.32
CA GLU P 109 -13.49 10.27 -31.27
C GLU P 109 -12.57 9.10 -30.98
N SER P 110 -11.49 8.99 -31.76
CA SER P 110 -10.46 7.99 -31.57
C SER P 110 -9.10 8.67 -31.43
N ASP P 111 -8.22 8.03 -30.68
CA ASP P 111 -6.90 8.60 -30.40
C ASP P 111 -5.90 8.34 -31.52
N GLY P 112 -6.29 7.64 -32.58
CA GLY P 112 -5.41 7.37 -33.69
C GLY P 112 -4.86 5.96 -33.76
N ARG P 113 -4.99 5.18 -32.68
CA ARG P 113 -4.52 3.81 -32.68
C ARG P 113 -5.65 2.80 -32.51
N SER P 114 -6.54 3.02 -31.55
CA SER P 114 -7.63 2.10 -31.25
C SER P 114 -8.95 2.69 -31.73
N VAL P 115 -9.73 1.91 -32.47
CA VAL P 115 -11.02 2.32 -32.98
C VAL P 115 -12.05 1.28 -32.57
N THR P 116 -13.22 1.74 -32.15
CA THR P 116 -14.32 0.87 -31.74
C THR P 116 -15.39 0.89 -32.82
N MET P 117 -15.51 -0.21 -33.56
CA MET P 117 -16.51 -0.30 -34.61
C MET P 117 -17.91 -0.40 -34.02
N ASN P 118 -18.88 0.10 -34.78
CA ASN P 118 -20.30 -0.19 -34.57
C ASN P 118 -20.83 -0.58 -35.95
N ILE P 119 -20.66 -1.85 -36.29
CA ILE P 119 -20.98 -2.34 -37.62
C ILE P 119 -22.42 -2.80 -37.67
N VAL P 120 -23.13 -2.38 -38.71
CA VAL P 120 -24.52 -2.77 -38.93
C VAL P 120 -24.56 -3.62 -40.20
N ALA P 121 -25.52 -4.54 -40.26
CA ALA P 121 -25.63 -5.43 -41.42
C ALA P 121 -27.01 -6.07 -41.42
N SER P 122 -27.35 -6.67 -42.56
CA SER P 122 -28.62 -7.38 -42.68
C SER P 122 -28.57 -8.75 -42.03
N GLU P 123 -27.41 -9.42 -42.07
CA GLU P 123 -27.30 -10.76 -41.52
C GLU P 123 -25.84 -11.05 -41.18
N ILE P 124 -25.64 -12.02 -40.30
CA ILE P 124 -24.31 -12.47 -39.90
C ILE P 124 -24.28 -13.99 -39.93
N ASP P 125 -23.19 -14.54 -40.48
CA ASP P 125 -23.03 -15.98 -40.58
C ASP P 125 -22.38 -16.53 -39.32
N GLU P 126 -22.58 -17.83 -39.08
CA GLU P 126 -22.02 -18.52 -37.93
C GLU P 126 -21.57 -19.90 -38.34
N LEU P 127 -20.37 -20.29 -37.92
CA LEU P 127 -19.78 -21.55 -38.34
C LEU P 127 -20.21 -22.73 -37.48
N LEU P 128 -20.36 -22.53 -36.17
CA LEU P 128 -20.79 -23.59 -35.26
C LEU P 128 -19.90 -24.82 -35.38
N PRO P 129 -18.72 -24.80 -34.75
CA PRO P 129 -17.73 -25.88 -34.91
C PRO P 129 -18.36 -27.26 -34.80
N PRO P 130 -17.73 -28.29 -35.37
CA PRO P 130 -18.45 -29.53 -35.69
C PRO P 130 -19.19 -30.12 -34.48
N GLY P 131 -20.42 -30.56 -34.73
CA GLY P 131 -21.34 -30.95 -33.69
C GLY P 131 -22.35 -29.84 -33.47
N SER P 132 -23.52 -29.94 -34.09
CA SER P 132 -24.49 -28.85 -34.09
C SER P 132 -25.89 -29.40 -33.87
N LEU P 133 -26.74 -28.57 -33.28
CA LEU P 133 -28.13 -28.93 -32.97
C LEU P 133 -28.20 -30.21 -32.15
N CYS Q 3 31.71 -24.94 -16.34
CA CYS Q 3 30.91 -25.86 -15.54
C CYS Q 3 29.44 -25.45 -15.53
N ASN Q 4 28.55 -26.42 -15.73
CA ASN Q 4 27.12 -26.18 -15.75
C ASN Q 4 26.59 -26.09 -14.33
N LYS Q 5 25.26 -26.15 -14.19
CA LYS Q 5 24.59 -26.11 -12.89
C LYS Q 5 24.87 -24.80 -12.15
N GLN Q 6 25.06 -23.72 -12.90
CA GLN Q 6 25.30 -22.39 -12.34
C GLN Q 6 24.21 -21.45 -12.82
N ASN Q 7 23.56 -20.77 -11.87
CA ASN Q 7 22.45 -19.87 -12.17
C ASN Q 7 22.95 -18.43 -12.08
N GLY Q 8 23.05 -17.77 -13.23
CA GLY Q 8 23.51 -16.40 -13.25
C GLY Q 8 23.69 -15.94 -14.68
N VAL Q 9 23.82 -14.62 -14.82
CA VAL Q 9 23.97 -13.99 -16.12
C VAL Q 9 25.44 -13.81 -16.44
N LYS Q 10 25.80 -14.01 -17.70
CA LYS Q 10 27.17 -13.90 -18.17
C LYS Q 10 27.44 -12.63 -18.95
N ASN Q 11 26.62 -12.33 -19.94
CA ASN Q 11 26.77 -11.14 -20.78
C ASN Q 11 25.44 -10.42 -20.91
N ILE Q 12 25.51 -9.09 -20.93
CA ILE Q 12 24.34 -8.24 -21.20
C ILE Q 12 24.76 -7.21 -22.24
N LEU Q 13 24.06 -7.20 -23.37
CA LEU Q 13 24.32 -6.25 -24.44
C LEU Q 13 23.08 -5.41 -24.67
N ILE Q 14 23.25 -4.08 -24.63
CA ILE Q 14 22.17 -3.14 -24.82
C ILE Q 14 22.52 -2.20 -25.96
N THR Q 15 21.61 -2.06 -26.91
CA THR Q 15 21.77 -1.13 -28.03
C THR Q 15 20.71 -0.05 -27.92
N PHE Q 16 21.14 1.21 -27.91
CA PHE Q 16 20.24 2.33 -27.76
C PHE Q 16 19.93 2.95 -29.12
N THR Q 17 18.68 3.37 -29.30
CA THR Q 17 18.25 4.08 -30.51
C THR Q 17 17.30 5.18 -30.08
N ASP Q 18 17.82 6.40 -29.99
CA ASP Q 18 17.00 7.53 -29.54
C ASP Q 18 15.90 7.79 -30.55
N CYS Q 19 14.70 8.09 -30.03
CA CYS Q 19 13.54 8.32 -30.88
C CYS Q 19 13.47 9.76 -31.40
N ASP Q 20 14.35 10.64 -30.94
CA ASP Q 20 14.36 12.03 -31.39
C ASP Q 20 15.37 12.28 -32.50
N THR Q 21 16.64 11.93 -32.27
CA THR Q 21 17.69 12.15 -33.26
C THR Q 21 18.02 10.91 -34.08
N GLN Q 22 17.42 9.76 -33.74
CA GLN Q 22 17.67 8.50 -34.47
C GLN Q 22 19.15 8.14 -34.47
N GLU Q 23 19.80 8.30 -33.32
CA GLU Q 23 21.20 7.93 -33.16
C GLU Q 23 21.29 6.57 -32.48
N VAL Q 24 22.15 5.71 -33.02
CA VAL Q 24 22.29 4.32 -32.55
C VAL Q 24 23.61 4.18 -31.83
N ILE Q 25 23.56 3.68 -30.60
CA ILE Q 25 24.74 3.43 -29.78
C ILE Q 25 24.68 2.00 -29.27
N GLY Q 26 25.81 1.30 -29.35
CA GLY Q 26 25.90 -0.05 -28.84
C GLY Q 26 26.31 -1.04 -29.91
N PRO Q 27 26.24 -2.35 -29.59
CA PRO Q 27 25.80 -2.90 -28.30
C PRO Q 27 26.85 -2.82 -27.20
N ILE Q 28 26.56 -2.05 -26.15
CA ILE Q 28 27.49 -1.83 -25.06
C ILE Q 28 27.21 -2.84 -23.96
N SER Q 29 28.26 -3.53 -23.50
CA SER Q 29 28.11 -4.47 -22.40
C SER Q 29 27.81 -3.73 -21.10
N HIS Q 30 27.17 -4.44 -20.17
CA HIS Q 30 26.75 -3.85 -18.90
C HIS Q 30 27.05 -4.85 -17.78
N GLU Q 31 26.59 -4.53 -16.58
CA GLU Q 31 26.87 -5.35 -15.39
C GLU Q 31 25.67 -5.30 -14.46
N GLN Q 32 25.59 -6.31 -13.60
CA GLN Q 32 24.60 -6.31 -12.53
C GLN Q 32 24.97 -5.30 -11.44
N PRO Q 33 23.98 -4.63 -10.85
CA PRO Q 33 24.28 -3.74 -9.72
C PRO Q 33 24.32 -4.48 -8.39
N ASP Q 34 23.57 -5.58 -8.29
CA ASP Q 34 23.52 -6.38 -7.08
C ASP Q 34 23.23 -7.83 -7.49
N ASP Q 35 22.83 -8.65 -6.52
CA ASP Q 35 22.65 -10.08 -6.76
C ASP Q 35 21.33 -10.43 -7.43
N THR Q 36 20.41 -9.49 -7.58
CA THR Q 36 19.14 -9.78 -8.24
C THR Q 36 19.37 -10.01 -9.73
N LEU Q 37 18.65 -11.00 -10.28
CA LEU Q 37 18.75 -11.44 -11.66
C LEU Q 37 17.61 -10.86 -12.50
N PRO Q 38 17.83 -10.70 -13.80
CA PRO Q 38 16.72 -10.28 -14.68
C PRO Q 38 15.61 -11.31 -14.69
N THR Q 39 14.37 -10.80 -14.75
CA THR Q 39 13.19 -11.64 -14.73
C THR Q 39 12.40 -11.48 -16.02
N TYR Q 40 11.77 -12.56 -16.46
CA TYR Q 40 11.32 -12.70 -17.83
C TYR Q 40 9.86 -13.14 -17.86
N LYS Q 41 9.21 -12.88 -18.99
CA LYS Q 41 7.85 -13.37 -19.23
C LYS Q 41 7.70 -13.51 -20.75
N ASN Q 42 7.88 -14.72 -21.25
CA ASN Q 42 7.92 -14.95 -22.69
C ASN Q 42 6.55 -15.12 -23.33
N CYS Q 43 5.60 -15.73 -22.62
CA CYS Q 43 4.31 -16.04 -23.22
C CYS Q 43 3.56 -14.75 -23.50
N ALA Q 44 3.30 -14.47 -24.78
CA ALA Q 44 2.73 -13.19 -25.19
C ALA Q 44 1.26 -13.04 -24.85
N TRP Q 45 0.58 -14.12 -24.46
CA TRP Q 45 -0.83 -14.07 -24.11
C TRP Q 45 -0.98 -14.19 -22.60
N THR Q 46 -1.94 -13.46 -22.05
CA THR Q 46 -2.25 -13.50 -20.62
C THR Q 46 -3.61 -14.14 -20.42
N ASN Q 47 -3.65 -15.16 -19.58
CA ASN Q 47 -4.90 -15.85 -19.25
C ASN Q 47 -5.54 -15.21 -18.02
N THR Q 48 -6.80 -15.54 -17.79
CA THR Q 48 -7.51 -15.08 -16.62
C THR Q 48 -8.58 -16.09 -16.24
N ALA Q 49 -8.67 -16.40 -14.95
CA ALA Q 49 -9.53 -17.47 -14.49
C ALA Q 49 -11.00 -17.13 -14.68
N LEU Q 50 -11.75 -18.11 -15.19
CA LEU Q 50 -13.20 -18.04 -15.28
C LEU Q 50 -13.78 -19.18 -14.44
N THR Q 51 -15.09 -19.36 -14.51
CA THR Q 51 -15.74 -20.37 -13.68
C THR Q 51 -15.65 -21.75 -14.33
N ASN Q 52 -15.34 -22.74 -13.49
CA ASN Q 52 -15.31 -24.16 -13.87
C ASN Q 52 -14.38 -24.39 -15.08
N GLY Q 53 -13.09 -24.29 -14.79
CA GLY Q 53 -12.07 -24.71 -15.74
C GLY Q 53 -11.85 -23.80 -16.93
N TYR Q 54 -12.88 -23.07 -17.36
CA TYR Q 54 -12.73 -22.20 -18.52
C TYR Q 54 -11.80 -21.03 -18.22
N VAL Q 55 -11.16 -20.54 -19.26
CA VAL Q 55 -10.19 -19.46 -19.15
C VAL Q 55 -10.38 -18.53 -20.34
N GLN Q 56 -10.19 -17.24 -20.12
CA GLN Q 56 -10.31 -16.23 -21.17
C GLN Q 56 -8.92 -15.82 -21.61
N ARG Q 57 -8.63 -16.02 -22.90
CA ARG Q 57 -7.31 -15.75 -23.47
C ARG Q 57 -7.32 -14.37 -24.11
N SER Q 58 -6.44 -13.49 -23.64
CA SER Q 58 -6.32 -12.14 -24.16
C SER Q 58 -4.85 -11.84 -24.45
N ALA Q 59 -4.65 -10.90 -25.36
CA ALA Q 59 -3.29 -10.55 -25.78
C ALA Q 59 -2.63 -9.61 -24.79
N SER Q 60 -1.32 -9.79 -24.62
CA SER Q 60 -0.54 -8.97 -23.72
C SER Q 60 0.88 -8.86 -24.30
N ASN Q 61 1.82 -8.44 -23.47
CA ASN Q 61 3.20 -8.20 -23.89
C ASN Q 61 4.13 -9.28 -23.33
N ALA Q 62 5.38 -9.22 -23.79
CA ALA Q 62 6.47 -10.03 -23.26
C ALA Q 62 7.40 -9.09 -22.51
N THR Q 63 7.09 -8.88 -21.24
CA THR Q 63 7.80 -7.90 -20.42
C THR Q 63 9.19 -8.43 -20.05
N MET Q 64 9.96 -7.56 -19.39
CA MET Q 64 11.33 -7.88 -18.99
C MET Q 64 11.79 -6.85 -17.96
N THR Q 65 12.33 -7.33 -16.85
CA THR Q 65 12.92 -6.47 -15.83
C THR Q 65 14.43 -6.67 -15.84
N LEU Q 66 15.18 -5.59 -16.02
CA LEU Q 66 16.63 -5.66 -16.23
C LEU Q 66 17.35 -4.67 -15.33
N PRO Q 67 17.78 -5.10 -14.14
CA PRO Q 67 18.62 -4.23 -13.30
C PRO Q 67 20.05 -4.24 -13.80
N VAL Q 68 20.56 -3.06 -14.15
CA VAL Q 68 21.90 -2.91 -14.70
C VAL Q 68 22.57 -1.69 -14.07
N VAL Q 69 23.88 -1.60 -14.27
CA VAL Q 69 24.67 -0.43 -13.91
C VAL Q 69 24.83 0.42 -15.15
N ARG Q 70 24.39 1.68 -15.08
CA ARG Q 70 24.46 2.55 -16.24
C ARG Q 70 25.91 2.84 -16.61
N ASP Q 71 26.14 3.09 -17.89
CA ASP Q 71 27.46 3.44 -18.39
C ASP Q 71 27.65 4.94 -18.29
N LEU Q 72 28.83 5.35 -17.84
CA LEU Q 72 29.13 6.77 -17.68
C LEU Q 72 29.30 7.50 -19.02
N ARG Q 73 29.32 6.77 -20.13
CA ARG Q 73 29.38 7.36 -21.46
C ARG Q 73 28.01 7.46 -22.11
N VAL Q 74 26.95 7.12 -21.39
CA VAL Q 74 25.58 7.14 -21.93
C VAL Q 74 24.71 7.98 -21.01
N PRO Q 75 23.90 8.89 -21.55
CA PRO Q 75 23.05 9.71 -20.68
C PRO Q 75 22.04 8.87 -19.91
N LEU Q 76 21.75 9.31 -18.67
CA LEU Q 76 20.81 8.60 -17.82
C LEU Q 76 19.41 8.58 -18.43
N ALA Q 77 19.06 9.60 -19.21
CA ALA Q 77 17.74 9.64 -19.82
C ALA Q 77 17.52 8.50 -20.82
N PHE Q 78 18.60 7.95 -21.38
CA PHE Q 78 18.47 6.83 -22.30
C PHE Q 78 17.99 5.57 -21.59
N TYR Q 79 18.13 5.49 -20.27
CA TYR Q 79 17.69 4.36 -19.49
C TYR Q 79 16.29 4.53 -18.91
N GLN Q 80 15.61 5.63 -19.22
CA GLN Q 80 14.34 5.94 -18.56
C GLN Q 80 13.26 6.33 -19.55
N GLY Q 81 13.29 5.75 -20.76
CA GLY Q 81 12.20 5.90 -21.70
C GLY Q 81 12.39 6.90 -22.82
N CYS Q 82 13.53 7.60 -22.86
CA CYS Q 82 13.82 8.48 -24.00
C CYS Q 82 14.55 7.78 -25.13
N ALA Q 83 14.73 6.47 -25.06
CA ALA Q 83 15.42 5.76 -26.14
C ALA Q 83 14.95 4.33 -26.21
N GLN Q 84 14.93 3.78 -27.41
CA GLN Q 84 14.66 2.37 -27.62
C GLN Q 84 15.85 1.53 -27.18
N VAL Q 85 15.57 0.32 -26.70
CA VAL Q 85 16.60 -0.59 -26.21
C VAL Q 85 16.48 -1.92 -26.94
N ASP Q 86 17.63 -2.51 -27.25
CA ASP Q 86 17.71 -3.84 -27.86
C ASP Q 86 18.56 -4.69 -26.93
N VAL Q 87 17.93 -5.27 -25.92
CA VAL Q 87 18.65 -6.01 -24.89
C VAL Q 87 18.91 -7.44 -25.36
N GLN Q 88 19.99 -8.02 -24.85
CA GLN Q 88 20.37 -9.39 -25.20
C GLN Q 88 21.18 -9.95 -24.04
N VAL Q 89 20.61 -10.90 -23.30
CA VAL Q 89 21.20 -11.42 -22.08
C VAL Q 89 21.50 -12.90 -22.27
N GLU Q 90 22.72 -13.30 -21.92
CA GLU Q 90 23.15 -14.69 -21.97
C GLU Q 90 23.44 -15.19 -20.57
N LYS Q 91 22.82 -16.31 -20.19
CA LYS Q 91 23.01 -16.88 -18.87
C LYS Q 91 24.20 -17.83 -18.85
N PHE Q 92 24.56 -18.27 -17.64
CA PHE Q 92 25.70 -19.18 -17.49
C PHE Q 92 25.41 -20.54 -18.10
N ASP Q 93 24.15 -20.96 -18.13
CA ASP Q 93 23.76 -22.27 -18.62
C ASP Q 93 23.52 -22.29 -20.12
N GLY Q 94 23.92 -21.24 -20.84
CA GLY Q 94 23.87 -21.23 -22.28
C GLY Q 94 22.62 -20.60 -22.87
N THR Q 95 21.61 -20.31 -22.06
CA THR Q 95 20.37 -19.76 -22.58
C THR Q 95 20.59 -18.31 -23.02
N VAL Q 96 20.07 -17.97 -24.20
CA VAL Q 96 20.16 -16.63 -24.74
C VAL Q 96 18.75 -16.11 -24.98
N MET Q 97 18.43 -14.97 -24.39
CA MET Q 97 17.16 -14.28 -24.60
C MET Q 97 17.43 -13.00 -25.37
N THR Q 98 17.01 -12.97 -26.63
CA THR Q 98 17.18 -11.81 -27.50
C THR Q 98 15.92 -10.98 -27.51
N LEU Q 99 16.06 -9.67 -27.36
CA LEU Q 99 14.94 -8.75 -27.40
C LEU Q 99 15.29 -7.59 -28.32
N THR Q 100 14.33 -7.18 -29.16
CA THR Q 100 14.53 -6.10 -30.10
C THR Q 100 13.36 -5.13 -30.02
N GLU Q 101 13.66 -3.85 -30.27
CA GLU Q 101 12.64 -2.79 -30.33
C GLU Q 101 11.88 -2.67 -29.01
N GLY Q 102 12.60 -2.75 -27.90
CA GLY Q 102 11.97 -2.60 -26.60
C GLY Q 102 11.70 -1.14 -26.26
N ALA Q 103 11.05 -0.94 -25.12
CA ALA Q 103 10.72 0.41 -24.65
C ALA Q 103 10.43 0.35 -23.16
N VAL Q 104 11.18 1.13 -22.37
CA VAL Q 104 10.93 1.23 -20.95
C VAL Q 104 9.58 1.89 -20.73
N VAL Q 105 8.76 1.30 -19.87
CA VAL Q 105 7.37 1.70 -19.71
C VAL Q 105 7.14 2.43 -18.39
N GLU Q 106 7.74 1.98 -17.30
CA GLU Q 106 7.51 2.54 -15.98
C GLU Q 106 8.84 2.99 -15.40
N PRO Q 107 9.35 4.14 -15.85
CA PRO Q 107 10.62 4.63 -15.32
C PRO Q 107 10.52 4.89 -13.83
N GLU Q 108 11.59 4.55 -13.11
CA GLU Q 108 11.68 4.76 -11.68
C GLU Q 108 12.91 5.61 -11.38
N GLU Q 109 12.79 6.50 -10.40
CA GLU Q 109 13.89 7.37 -10.04
C GLU Q 109 15.11 6.55 -9.65
N SER Q 110 16.27 6.89 -10.23
CA SER Q 110 17.52 6.19 -9.96
C SER Q 110 18.53 7.15 -9.36
N ASP Q 111 19.51 6.60 -8.65
CA ASP Q 111 20.49 7.38 -7.93
C ASP Q 111 21.70 7.77 -8.76
N GLY Q 112 21.73 7.41 -10.04
CA GLY Q 112 22.84 7.74 -10.91
C GLY Q 112 23.83 6.62 -11.14
N ARG Q 113 23.66 5.48 -10.46
CA ARG Q 113 24.49 4.31 -10.71
C ARG Q 113 23.66 3.13 -11.20
N SER Q 114 22.66 2.70 -10.43
CA SER Q 114 21.89 1.50 -10.73
C SER Q 114 20.52 1.89 -11.28
N VAL Q 115 20.14 1.28 -12.39
CA VAL Q 115 18.87 1.54 -13.06
C VAL Q 115 18.13 0.22 -13.23
N THR Q 116 16.86 0.19 -12.84
CA THR Q 116 16.00 -0.96 -13.08
C THR Q 116 15.07 -0.62 -14.23
N MET Q 117 15.17 -1.40 -15.31
CA MET Q 117 14.46 -1.13 -16.55
C MET Q 117 13.37 -2.17 -16.77
N ASN Q 118 12.15 -1.70 -17.00
CA ASN Q 118 11.00 -2.57 -17.26
C ASN Q 118 10.76 -2.56 -18.78
N ILE Q 119 11.51 -3.39 -19.49
CA ILE Q 119 11.42 -3.43 -20.94
C ILE Q 119 10.15 -4.17 -21.35
N VAL Q 120 9.46 -3.65 -22.36
CA VAL Q 120 8.27 -4.27 -22.93
C VAL Q 120 8.45 -4.40 -24.43
N ALA Q 121 8.25 -5.59 -24.95
CA ALA Q 121 8.45 -5.87 -26.36
C ALA Q 121 7.34 -6.79 -26.87
N SER Q 122 7.24 -6.87 -28.20
CA SER Q 122 6.22 -7.72 -28.81
C SER Q 122 6.45 -9.19 -28.47
N GLU Q 123 7.70 -9.64 -28.52
CA GLU Q 123 8.03 -11.02 -28.22
C GLU Q 123 9.50 -11.11 -27.80
N ILE Q 124 9.83 -12.18 -27.10
CA ILE Q 124 11.18 -12.45 -26.63
C ILE Q 124 11.61 -13.81 -27.16
N ASP Q 125 12.76 -13.85 -27.82
CA ASP Q 125 13.29 -15.09 -28.38
C ASP Q 125 14.19 -15.77 -27.37
N GLU Q 126 14.13 -17.09 -27.32
CA GLU Q 126 14.94 -17.90 -26.42
C GLU Q 126 15.74 -18.90 -27.24
N LEU Q 127 17.02 -19.06 -26.91
CA LEU Q 127 17.90 -19.89 -27.71
C LEU Q 127 17.99 -21.32 -27.21
N LEU Q 128 17.64 -21.58 -25.93
CA LEU Q 128 17.39 -22.93 -25.45
C LEU Q 128 18.59 -23.85 -25.71
N PRO Q 129 19.60 -23.82 -24.84
CA PRO Q 129 20.88 -24.51 -25.10
C PRO Q 129 20.69 -25.94 -25.59
N PRO Q 130 21.69 -26.49 -26.29
CA PRO Q 130 21.44 -27.67 -27.14
C PRO Q 130 20.80 -28.83 -26.39
N GLY Q 131 19.87 -29.49 -27.06
CA GLY Q 131 18.99 -30.46 -26.43
C GLY Q 131 17.64 -29.85 -26.17
N SER Q 132 16.69 -30.08 -27.06
CA SER Q 132 15.41 -29.39 -27.02
C SER Q 132 14.27 -30.39 -27.14
N LEU Q 133 13.18 -30.09 -26.44
CA LEU Q 133 11.95 -30.89 -26.49
C LEU Q 133 12.21 -32.35 -26.16
N ASN R 4 60.48 -21.99 -0.45
CA ASN R 4 61.34 -21.59 0.66
C ASN R 4 60.70 -21.93 1.99
N LYS R 5 59.39 -22.11 1.98
CA LYS R 5 58.60 -22.46 3.16
C LYS R 5 58.80 -21.43 4.27
N GLN R 6 58.34 -20.22 4.01
CA GLN R 6 58.34 -19.15 5.00
C GLN R 6 57.14 -18.24 4.71
N ASN R 7 56.13 -18.31 5.57
CA ASN R 7 54.88 -17.59 5.36
C ASN R 7 55.00 -16.20 5.99
N GLY R 8 54.91 -15.17 5.17
CA GLY R 8 55.01 -13.81 5.66
C GLY R 8 55.18 -12.86 4.49
N VAL R 9 55.12 -11.57 4.83
CA VAL R 9 55.25 -10.51 3.83
C VAL R 9 56.66 -9.97 3.86
N LYS R 10 57.14 -9.54 2.70
CA LYS R 10 58.47 -8.95 2.57
C LYS R 10 58.41 -7.46 2.24
N ASN R 11 57.59 -7.07 1.28
CA ASN R 11 57.44 -5.67 0.89
C ASN R 11 55.97 -5.32 0.80
N ILE R 12 55.61 -4.15 1.31
CA ILE R 12 54.27 -3.60 1.19
C ILE R 12 54.39 -2.17 0.69
N LEU R 13 53.86 -1.90 -0.50
CA LEU R 13 53.90 -0.58 -1.11
C LEU R 13 52.48 -0.06 -1.27
N ILE R 14 52.24 1.17 -0.83
CA ILE R 14 50.94 1.80 -0.91
C ILE R 14 51.09 3.17 -1.58
N THR R 15 50.26 3.43 -2.58
CA THR R 15 50.22 4.71 -3.26
C THR R 15 48.91 5.41 -2.97
N PHE R 16 48.97 6.64 -2.48
CA PHE R 16 47.79 7.39 -2.10
C PHE R 16 47.40 8.38 -3.19
N THR R 17 46.10 8.64 -3.30
CA THR R 17 45.55 9.60 -4.25
C THR R 17 44.34 10.26 -3.59
N ASP R 18 44.49 11.54 -3.23
CA ASP R 18 43.46 12.24 -2.50
C ASP R 18 42.19 12.34 -3.35
N CYS R 19 41.05 12.32 -2.67
CA CYS R 19 39.75 12.33 -3.32
C CYS R 19 39.22 13.75 -3.56
N ASP R 20 39.96 14.78 -3.13
CA ASP R 20 39.58 16.17 -3.32
C ASP R 20 40.63 16.99 -4.06
N THR R 21 41.92 16.74 -3.81
CA THR R 21 42.98 17.48 -4.48
C THR R 21 43.65 16.69 -5.60
N GLN R 22 43.37 15.40 -5.72
CA GLN R 22 43.99 14.55 -6.74
C GLN R 22 45.51 14.64 -6.70
N GLU R 23 46.06 14.63 -5.49
CA GLU R 23 47.49 14.66 -5.28
C GLU R 23 48.00 13.25 -5.03
N VAL R 24 49.03 12.84 -5.77
CA VAL R 24 49.54 11.47 -5.73
C VAL R 24 50.72 11.41 -4.78
N ILE R 25 50.68 10.45 -3.85
CA ILE R 25 51.75 10.23 -2.88
C ILE R 25 52.12 8.75 -2.92
N GLY R 26 53.42 8.46 -2.99
CA GLY R 26 53.88 7.10 -2.95
C GLY R 26 54.66 6.70 -4.19
N PRO R 27 54.95 5.40 -4.33
CA PRO R 27 54.57 4.34 -3.40
C PRO R 27 55.50 4.22 -2.20
N ILE R 28 54.94 4.36 -0.99
CA ILE R 28 55.71 4.36 0.25
C ILE R 28 55.68 2.97 0.85
N SER R 29 56.85 2.46 1.24
CA SER R 29 56.91 1.17 1.92
C SER R 29 56.30 1.26 3.30
N HIS R 30 55.87 0.11 3.82
CA HIS R 30 55.17 0.04 5.09
C HIS R 30 55.62 -1.18 5.88
N GLU R 31 55.22 -1.24 7.14
CA GLU R 31 55.59 -2.30 8.06
C GLU R 31 54.36 -2.79 8.81
N GLN R 32 54.35 -4.09 9.11
CA GLN R 32 53.25 -4.68 9.84
C GLN R 32 53.29 -4.26 11.32
N PRO R 33 52.13 -4.07 11.95
CA PRO R 33 52.12 -3.68 13.36
C PRO R 33 52.21 -4.86 14.31
N ASP R 34 51.74 -6.02 13.88
CA ASP R 34 51.72 -7.21 14.74
C ASP R 34 51.87 -8.45 13.85
N ASP R 35 51.57 -9.62 14.40
CA ASP R 35 51.92 -10.89 13.78
C ASP R 35 50.88 -11.40 12.80
N THR R 36 49.79 -10.68 12.56
CA THR R 36 48.80 -11.16 11.61
C THR R 36 49.18 -10.76 10.19
N LEU R 37 48.75 -11.57 9.23
CA LEU R 37 49.10 -11.39 7.84
C LEU R 37 47.90 -10.89 7.04
N PRO R 38 48.12 -10.23 5.90
CA PRO R 38 47.00 -9.82 5.07
C PRO R 38 46.24 -11.02 4.53
N THR R 39 44.92 -10.85 4.41
CA THR R 39 44.03 -11.89 3.93
C THR R 39 43.38 -11.44 2.63
N TYR R 40 43.16 -12.38 1.72
CA TYR R 40 42.93 -12.08 0.32
C TYR R 40 41.65 -12.76 -0.16
N LYS R 41 41.10 -12.24 -1.25
CA LYS R 41 39.96 -12.89 -1.92
C LYS R 41 40.04 -12.52 -3.39
N ASN R 42 40.60 -13.42 -4.21
CA ASN R 42 40.86 -13.10 -5.60
C ASN R 42 39.64 -13.30 -6.48
N CYS R 43 38.84 -14.32 -6.20
CA CYS R 43 37.69 -14.63 -7.04
C CYS R 43 36.67 -13.51 -6.96
N ALA R 44 36.24 -13.02 -8.12
CA ALA R 44 35.37 -11.85 -8.21
C ALA R 44 33.89 -12.22 -8.20
N TRP R 45 33.55 -13.49 -8.10
CA TRP R 45 32.17 -13.95 -8.08
C TRP R 45 31.89 -14.68 -6.78
N THR R 46 30.72 -14.43 -6.21
CA THR R 46 30.28 -15.07 -4.97
C THR R 46 29.19 -16.07 -5.30
N ASN R 47 29.39 -17.32 -4.90
CA ASN R 47 28.40 -18.35 -5.09
C ASN R 47 27.45 -18.39 -3.89
N THR R 48 26.32 -19.06 -4.07
CA THR R 48 25.34 -19.21 -3.01
C THR R 48 24.71 -20.59 -3.12
N ALA R 49 24.48 -21.21 -1.96
CA ALA R 49 23.94 -22.57 -1.94
C ALA R 49 22.48 -22.59 -2.38
N LEU R 50 22.16 -23.47 -3.30
CA LEU R 50 20.81 -23.70 -3.78
C LEU R 50 20.42 -25.15 -3.49
N THR R 51 19.26 -25.55 -3.99
CA THR R 51 18.77 -26.90 -3.76
C THR R 51 19.41 -27.88 -4.74
N ASN R 52 19.92 -28.99 -4.20
CA ASN R 52 20.45 -30.11 -4.97
C ASN R 52 21.63 -29.64 -5.85
N GLY R 53 22.71 -29.29 -5.14
CA GLY R 53 23.99 -29.09 -5.78
C GLY R 53 24.09 -27.93 -6.74
N TYR R 54 23.15 -27.00 -6.72
CA TYR R 54 23.20 -25.83 -7.60
C TYR R 54 23.73 -24.62 -6.83
N VAL R 55 24.34 -23.70 -7.57
CA VAL R 55 24.91 -22.48 -7.02
C VAL R 55 24.49 -21.31 -7.89
N GLN R 56 24.22 -20.17 -7.25
CA GLN R 56 23.80 -18.95 -7.93
C GLN R 56 25.00 -17.99 -7.95
N ARG R 57 25.60 -17.83 -9.12
CA ARG R 57 26.75 -16.94 -9.26
C ARG R 57 26.28 -15.51 -9.38
N SER R 58 26.59 -14.70 -8.37
CA SER R 58 26.30 -13.27 -8.37
C SER R 58 27.62 -12.50 -8.38
N ALA R 59 27.65 -11.41 -9.13
CA ALA R 59 28.87 -10.61 -9.22
C ALA R 59 29.23 -10.02 -7.86
N SER R 60 30.52 -9.99 -7.58
CA SER R 60 31.01 -9.52 -6.28
C SER R 60 32.37 -8.86 -6.50
N ASN R 61 33.10 -8.65 -5.40
CA ASN R 61 34.33 -7.90 -5.42
C ASN R 61 35.51 -8.77 -5.02
N ALA R 62 36.70 -8.21 -5.17
CA ALA R 62 37.93 -8.77 -4.62
C ALA R 62 38.35 -7.91 -3.44
N THR R 63 38.42 -8.51 -2.27
CA THR R 63 38.66 -7.79 -1.03
C THR R 63 40.10 -7.95 -0.59
N MET R 64 40.51 -7.12 0.37
CA MET R 64 41.87 -7.16 0.89
C MET R 64 41.85 -6.58 2.31
N THR R 65 42.35 -7.35 3.27
CA THR R 65 42.51 -6.89 4.63
C THR R 65 43.99 -6.64 4.89
N LEU R 66 44.35 -5.38 5.10
CA LEU R 66 45.76 -4.98 5.17
C LEU R 66 46.05 -4.22 6.46
N PRO R 67 46.57 -4.90 7.49
CA PRO R 67 47.02 -4.19 8.69
C PRO R 67 48.45 -3.69 8.50
N VAL R 68 48.62 -2.36 8.55
CA VAL R 68 49.91 -1.73 8.36
C VAL R 68 50.11 -0.64 9.39
N VAL R 69 51.38 -0.28 9.60
CA VAL R 69 51.73 0.81 10.51
C VAL R 69 51.60 2.13 9.79
N ARG R 70 50.90 3.08 10.43
CA ARG R 70 50.74 4.40 9.86
C ARG R 70 52.09 5.09 9.69
N ASP R 71 52.26 5.77 8.56
CA ASP R 71 53.46 6.55 8.30
C ASP R 71 53.22 7.99 8.76
N LEU R 72 54.17 8.51 9.54
CA LEU R 72 54.00 9.83 10.15
C LEU R 72 54.05 10.96 9.13
N ARG R 73 54.46 10.71 7.89
CA ARG R 73 54.48 11.73 6.86
C ARG R 73 53.20 11.76 6.04
N VAL R 74 52.22 10.94 6.38
CA VAL R 74 50.95 10.88 5.65
C VAL R 74 49.81 11.08 6.65
N PRO R 75 48.81 11.91 6.32
CA PRO R 75 47.69 12.08 7.24
C PRO R 75 46.94 10.79 7.49
N LEU R 76 46.41 10.66 8.72
CA LEU R 76 45.68 9.45 9.08
C LEU R 76 44.42 9.28 8.24
N ALA R 77 43.80 10.39 7.81
CA ALA R 77 42.58 10.30 7.02
C ALA R 77 42.82 9.58 5.70
N PHE R 78 44.05 9.62 5.18
CA PHE R 78 44.38 8.88 3.97
C PHE R 78 44.30 7.37 4.18
N TYR R 79 44.39 6.91 5.43
CA TYR R 79 44.31 5.50 5.75
C TYR R 79 42.89 5.06 6.09
N GLN R 80 41.91 5.97 6.02
CA GLN R 80 40.56 5.69 6.48
C GLN R 80 39.49 6.03 5.46
N GLY R 81 39.84 6.05 4.17
CA GLY R 81 38.86 6.16 3.11
C GLY R 81 38.72 7.51 2.45
N CYS R 82 39.52 8.50 2.82
CA CYS R 82 39.52 9.79 2.13
C CYS R 82 40.48 9.81 0.94
N ALA R 83 41.02 8.68 0.53
CA ALA R 83 41.92 8.64 -0.61
C ALA R 83 41.96 7.25 -1.21
N GLN R 84 42.19 7.19 -2.52
CA GLN R 84 42.41 5.92 -3.19
C GLN R 84 43.76 5.33 -2.82
N VAL R 85 43.87 4.01 -2.92
CA VAL R 85 45.08 3.29 -2.56
C VAL R 85 45.45 2.34 -3.68
N ASP R 86 46.74 2.22 -3.95
CA ASP R 86 47.30 1.30 -4.95
C ASP R 86 48.29 0.41 -4.21
N VAL R 87 47.81 -0.71 -3.70
CA VAL R 87 48.59 -1.56 -2.80
C VAL R 87 49.25 -2.70 -3.58
N GLN R 88 50.52 -2.96 -3.26
CA GLN R 88 51.23 -4.12 -3.76
C GLN R 88 51.94 -4.80 -2.61
N VAL R 89 51.73 -6.11 -2.47
CA VAL R 89 52.30 -6.88 -1.36
C VAL R 89 53.06 -8.07 -1.94
N GLU R 90 54.30 -8.25 -1.51
CA GLU R 90 55.14 -9.36 -1.94
C GLU R 90 55.43 -10.25 -0.74
N LYS R 91 55.13 -11.54 -0.88
CA LYS R 91 55.39 -12.50 0.17
C LYS R 91 56.81 -13.06 0.05
N PHE R 92 57.21 -13.85 1.04
CA PHE R 92 58.56 -14.38 1.07
C PHE R 92 58.80 -15.46 0.02
N ASP R 93 57.73 -16.06 -0.50
CA ASP R 93 57.85 -17.15 -1.47
C ASP R 93 57.74 -16.68 -2.91
N GLY R 94 57.74 -15.37 -3.15
CA GLY R 94 57.72 -14.82 -4.48
C GLY R 94 56.37 -14.33 -4.96
N THR R 95 55.29 -14.65 -4.25
CA THR R 95 53.96 -14.22 -4.65
C THR R 95 53.84 -12.71 -4.53
N VAL R 96 53.29 -12.08 -5.56
CA VAL R 96 53.11 -10.63 -5.60
C VAL R 96 51.65 -10.34 -5.91
N MET R 97 50.95 -9.68 -4.99
CA MET R 97 49.57 -9.28 -5.18
C MET R 97 49.54 -7.81 -5.57
N THR R 98 48.98 -7.51 -6.74
CA THR R 98 48.89 -6.16 -7.24
C THR R 98 47.44 -5.70 -7.20
N LEU R 99 47.19 -4.56 -6.56
CA LEU R 99 45.87 -3.97 -6.47
C LEU R 99 45.98 -2.49 -6.78
N THR R 100 45.18 -2.01 -7.73
CA THR R 100 45.19 -0.60 -8.11
C THR R 100 43.78 -0.05 -8.04
N GLU R 101 43.70 1.25 -7.73
CA GLU R 101 42.43 1.97 -7.70
C GLU R 101 41.47 1.35 -6.68
N GLY R 102 41.97 1.13 -5.47
CA GLY R 102 41.17 0.58 -4.41
C GLY R 102 40.40 1.65 -3.65
N ALA R 103 39.72 1.21 -2.59
CA ALA R 103 38.95 2.12 -1.75
C ALA R 103 38.65 1.43 -0.43
N VAL R 104 39.03 2.06 0.68
CA VAL R 104 38.71 1.53 1.99
C VAL R 104 37.22 1.69 2.24
N VAL R 105 36.55 0.60 2.61
CA VAL R 105 35.09 0.55 2.64
C VAL R 105 34.55 0.73 4.06
N GLU R 106 35.13 0.08 5.05
CA GLU R 106 34.61 0.12 6.42
C GLU R 106 35.72 0.64 7.33
N PRO R 107 35.92 1.95 7.38
CA PRO R 107 36.92 2.50 8.28
C PRO R 107 36.59 2.18 9.73
N GLU R 108 37.62 1.88 10.50
CA GLU R 108 37.46 1.54 11.90
C GLU R 108 38.31 2.49 12.74
N GLU R 109 37.87 2.69 13.99
CA GLU R 109 38.58 3.57 14.90
C GLU R 109 40.02 3.10 15.09
N SER R 110 40.96 4.03 14.98
CA SER R 110 42.38 3.71 15.07
C SER R 110 43.06 4.60 16.10
N ASP R 111 44.15 4.10 16.67
CA ASP R 111 44.87 4.79 17.74
C ASP R 111 45.96 5.71 17.24
N GLY R 112 46.14 5.85 15.92
CA GLY R 112 47.12 6.74 15.35
C GLY R 112 48.42 6.07 14.96
N ARG R 113 48.62 4.79 15.29
CA ARG R 113 49.82 4.07 14.89
C ARG R 113 49.51 2.91 13.95
N SER R 114 48.58 2.04 14.33
CA SER R 114 48.25 0.85 13.54
C SER R 114 46.83 0.99 12.98
N VAL R 115 46.68 0.71 11.69
CA VAL R 115 45.39 0.76 11.03
C VAL R 115 45.17 -0.55 10.29
N THR R 116 43.91 -0.92 10.12
CA THR R 116 43.51 -2.11 9.38
C THR R 116 42.65 -1.69 8.20
N MET R 117 43.16 -1.89 6.99
CA MET R 117 42.44 -1.54 5.78
C MET R 117 41.52 -2.68 5.35
N ASN R 118 40.30 -2.31 4.96
CA ASN R 118 39.39 -3.21 4.26
C ASN R 118 39.27 -2.66 2.85
N ILE R 119 40.04 -3.21 1.93
CA ILE R 119 40.19 -2.67 0.58
C ILE R 119 39.35 -3.49 -0.37
N VAL R 120 38.61 -2.79 -1.25
CA VAL R 120 37.76 -3.42 -2.25
C VAL R 120 38.16 -2.88 -3.62
N ALA R 121 38.41 -3.79 -4.56
CA ALA R 121 38.80 -3.42 -5.92
C ALA R 121 38.11 -4.34 -6.90
N SER R 122 38.12 -3.94 -8.17
CA SER R 122 37.49 -4.74 -9.21
C SER R 122 38.16 -6.09 -9.36
N GLU R 123 39.49 -6.12 -9.31
CA GLU R 123 40.23 -7.38 -9.42
C GLU R 123 41.56 -7.25 -8.70
N ILE R 124 42.14 -8.39 -8.36
CA ILE R 124 43.45 -8.46 -7.72
C ILE R 124 44.32 -9.42 -8.52
N ASP R 125 45.50 -8.95 -8.91
CA ASP R 125 46.42 -9.75 -9.71
C ASP R 125 47.34 -10.56 -8.82
N GLU R 126 47.76 -11.71 -9.32
CA GLU R 126 48.69 -12.59 -8.62
C GLU R 126 49.83 -12.95 -9.57
N LEU R 127 51.06 -12.93 -9.05
CA LEU R 127 52.23 -13.11 -9.90
C LEU R 127 52.73 -14.55 -9.92
N LEU R 128 52.40 -15.36 -8.91
CA LEU R 128 52.57 -16.81 -8.98
C LEU R 128 54.00 -17.22 -9.33
N PRO R 129 54.90 -17.25 -8.35
CA PRO R 129 56.34 -17.48 -8.61
C PRO R 129 56.58 -18.62 -9.58
N PRO R 130 57.73 -18.62 -10.27
CA PRO R 130 57.87 -19.40 -11.50
C PRO R 130 57.52 -20.87 -11.33
N GLY R 131 56.85 -21.41 -12.34
CA GLY R 131 56.28 -22.75 -12.28
C GLY R 131 54.81 -22.67 -11.92
N SER R 132 53.93 -22.80 -12.91
CA SER R 132 52.51 -22.59 -12.71
C SER R 132 51.71 -23.63 -13.45
N LEU R 133 50.50 -23.90 -12.94
CA LEU R 133 49.57 -24.84 -13.55
C LEU R 133 50.19 -26.21 -13.75
N ASP S 4 -10.29 73.93 -10.90
CA ASP S 4 -11.46 73.11 -11.21
C ASP S 4 -11.68 72.05 -10.14
N ALA S 5 -12.95 71.72 -9.90
CA ALA S 5 -13.28 70.67 -8.94
C ALA S 5 -12.86 69.31 -9.47
N LEU S 6 -12.77 68.35 -8.54
CA LEU S 6 -12.37 66.96 -8.77
C LEU S 6 -10.88 66.83 -9.09
N SER S 7 -10.15 67.94 -9.20
CA SER S 7 -8.71 67.91 -9.42
C SER S 7 -7.95 68.62 -8.30
N ASP S 8 -8.61 68.85 -7.16
CA ASP S 8 -8.00 69.56 -6.04
C ASP S 8 -7.30 68.56 -5.12
N GLY S 9 -6.15 68.10 -5.57
CA GLY S 9 -5.34 67.17 -4.81
C GLY S 9 -5.51 65.74 -5.31
N PHE S 10 -4.54 64.90 -4.90
CA PHE S 10 -4.58 63.44 -5.10
C PHE S 10 -4.36 63.07 -6.56
N VAL S 11 -4.28 64.04 -7.44
CA VAL S 11 -4.09 63.77 -8.87
C VAL S 11 -3.54 65.03 -9.53
N ARG S 12 -2.55 64.85 -10.39
CA ARG S 12 -1.92 65.95 -11.13
C ARG S 12 -1.87 65.60 -12.60
N LEU S 13 -2.73 66.23 -13.40
CA LEU S 13 -2.72 66.00 -14.84
C LEU S 13 -1.52 66.69 -15.47
N CYS S 14 -0.93 66.04 -16.47
CA CYS S 14 0.24 66.53 -17.17
C CYS S 14 0.04 66.38 -18.68
N ILE S 15 -1.10 66.87 -19.16
CA ILE S 15 -1.46 66.72 -20.57
C ILE S 15 -0.43 67.42 -21.45
N ASP S 16 0.29 66.65 -22.26
CA ASP S 16 1.21 67.19 -23.26
C ASP S 16 1.46 66.11 -24.30
N PRO S 17 1.44 66.45 -25.59
CA PRO S 17 1.61 65.42 -26.62
C PRO S 17 3.06 65.04 -26.91
N SER S 18 4.03 65.65 -26.22
CA SER S 18 5.44 65.35 -26.43
C SER S 18 5.94 64.55 -25.23
N LEU S 19 5.74 63.23 -25.28
CA LEU S 19 6.20 62.33 -24.24
C LEU S 19 6.45 60.97 -24.87
N ASN S 20 7.72 60.58 -25.00
CA ASN S 20 8.08 59.29 -25.58
C ASN S 20 8.21 58.29 -24.44
N PHE S 21 7.14 57.52 -24.21
CA PHE S 21 7.12 56.56 -23.11
C PHE S 21 8.05 55.37 -23.34
N PHE S 22 8.53 55.17 -24.56
CA PHE S 22 9.44 54.06 -24.85
C PHE S 22 10.90 54.46 -24.59
N GLY S 23 11.34 55.53 -25.25
CA GLY S 23 12.66 56.08 -24.98
C GLY S 23 13.71 55.71 -26.01
N GLU S 24 13.99 56.63 -26.93
CA GLU S 24 15.04 56.48 -27.93
C GLU S 24 14.96 55.13 -28.64
N GLY S 25 16.11 54.53 -28.90
CA GLY S 25 16.14 53.19 -29.49
C GLY S 25 16.74 53.13 -30.88
N CYS S 26 17.79 52.34 -31.05
CA CYS S 26 18.36 52.03 -32.35
C CYS S 26 18.83 53.30 -33.07
N LYS S 27 19.82 53.96 -32.48
CA LYS S 27 20.37 55.18 -33.03
C LYS S 27 21.05 54.92 -34.38
N ILE S 28 20.99 55.92 -35.26
CA ILE S 28 21.60 55.85 -36.58
C ILE S 28 22.43 57.11 -36.79
N LEU S 29 23.55 56.95 -37.50
CA LEU S 29 24.47 58.04 -37.77
C LEU S 29 24.59 58.23 -39.28
N VAL S 30 24.48 59.48 -39.72
CA VAL S 30 24.61 59.83 -41.13
C VAL S 30 25.86 60.71 -41.28
N GLU S 31 26.76 60.30 -42.17
CA GLU S 31 28.01 61.02 -42.41
C GLU S 31 28.00 61.60 -43.82
N GLY S 32 28.23 62.90 -43.91
CA GLY S 32 28.22 63.57 -45.21
C GLY S 32 28.74 64.98 -45.08
N GLN S 33 28.74 65.69 -46.21
CA GLN S 33 29.25 67.04 -46.29
C GLN S 33 28.11 68.05 -46.23
N MET S 34 28.37 69.19 -45.59
CA MET S 34 27.42 70.27 -45.48
C MET S 34 28.00 71.53 -46.10
N THR S 35 27.11 72.37 -46.64
CA THR S 35 27.54 73.63 -47.22
C THR S 35 27.72 74.69 -46.14
N ASP S 36 28.38 75.79 -46.51
CA ASP S 36 28.62 76.88 -45.58
C ASP S 36 27.34 77.62 -45.20
N ASP S 37 26.25 77.42 -45.92
CA ASP S 37 24.99 78.07 -45.59
C ASP S 37 24.40 77.56 -44.29
N GLY S 38 24.88 76.41 -43.79
CA GLY S 38 24.36 75.85 -42.57
C GLY S 38 24.95 76.50 -41.33
N SER S 39 24.43 76.06 -40.17
CA SER S 39 24.85 76.58 -38.88
C SER S 39 25.29 75.48 -37.93
N ALA S 40 25.71 74.33 -38.45
CA ALA S 40 26.18 73.22 -37.63
C ALA S 40 27.69 73.14 -37.67
N THR S 41 28.29 72.83 -36.53
CA THR S 41 29.74 72.74 -36.44
C THR S 41 30.23 71.49 -37.16
N PRO S 42 31.13 71.61 -38.13
CA PRO S 42 31.64 70.42 -38.82
C PRO S 42 32.45 69.52 -37.88
N ASP S 43 32.46 68.23 -38.21
CA ASP S 43 33.19 67.22 -37.45
C ASP S 43 32.70 67.15 -36.00
N ALA S 44 31.39 67.25 -35.82
CA ALA S 44 30.78 67.13 -34.49
C ALA S 44 29.44 66.44 -34.64
N VAL S 45 29.28 65.31 -33.94
CA VAL S 45 28.06 64.54 -34.06
C VAL S 45 26.91 65.29 -33.39
N THR S 46 25.82 65.47 -34.13
CA THR S 46 24.65 66.19 -33.63
C THR S 46 23.41 65.35 -33.89
N CYS S 47 22.37 65.58 -33.09
CA CYS S 47 21.12 64.86 -33.18
C CYS S 47 20.10 65.69 -33.94
N VAL S 48 19.59 65.16 -35.05
CA VAL S 48 18.54 65.80 -35.82
C VAL S 48 17.23 65.10 -35.49
N THR S 49 16.24 65.86 -35.02
CA THR S 49 15.04 65.28 -34.42
C THR S 49 13.75 65.65 -35.14
N SER S 50 13.82 66.18 -36.36
CA SER S 50 12.61 66.55 -37.07
C SER S 50 12.93 66.84 -38.53
N GLU S 51 11.88 66.80 -39.36
CA GLU S 51 11.89 67.31 -40.74
C GLU S 51 11.77 68.81 -40.78
N LEU S 52 12.06 69.41 -39.63
CA LEU S 52 12.11 70.85 -39.42
C LEU S 52 13.37 71.41 -40.05
N ASP S 53 13.78 72.60 -39.61
CA ASP S 53 14.73 73.47 -40.32
C ASP S 53 15.80 72.72 -41.10
N ILE S 54 16.53 71.81 -40.45
CA ILE S 54 17.59 71.02 -41.07
C ILE S 54 18.50 71.89 -41.93
N ILE S 55 17.95 72.38 -43.05
CA ILE S 55 18.62 73.32 -43.95
C ILE S 55 19.31 74.42 -43.16
N GLU S 56 18.63 74.93 -42.13
CA GLU S 56 19.20 75.99 -41.31
C GLU S 56 20.50 75.55 -40.63
N ARG S 57 20.71 74.26 -40.45
CA ARG S 57 21.87 73.75 -39.73
C ARG S 57 22.94 73.17 -40.66
N PHE S 58 22.54 72.38 -41.64
CA PHE S 58 23.48 71.71 -42.54
C PHE S 58 23.45 72.26 -43.96
N GLY S 59 22.85 73.42 -44.16
CA GLY S 59 22.83 74.05 -45.47
C GLY S 59 21.71 73.54 -46.35
N GLN S 60 21.50 74.26 -47.45
CA GLN S 60 20.47 73.95 -48.42
C GLN S 60 21.09 73.27 -49.64
N GLY S 61 20.57 72.11 -50.00
CA GLY S 61 21.06 71.38 -51.15
C GLY S 61 22.29 70.53 -50.89
N SER S 62 22.82 70.52 -49.68
CA SER S 62 23.95 69.65 -49.37
C SER S 62 23.52 68.20 -49.41
N VAL S 63 24.49 67.32 -49.67
CA VAL S 63 24.20 65.89 -49.73
C VAL S 63 23.69 65.39 -48.38
N LEU S 64 24.25 65.93 -47.29
CA LEU S 64 23.81 65.52 -45.97
C LEU S 64 22.34 65.91 -45.73
N THR S 65 21.94 67.09 -46.19
CA THR S 65 20.55 67.51 -46.00
C THR S 65 19.58 66.55 -46.69
N GLU S 66 19.89 66.18 -47.93
CA GLU S 66 19.02 65.27 -48.68
C GLU S 66 19.06 63.86 -48.08
N SER S 67 20.23 63.43 -47.59
CA SER S 67 20.30 62.13 -46.94
C SER S 67 19.43 62.08 -45.69
N LEU S 68 19.48 63.14 -44.87
CA LEU S 68 18.61 63.20 -43.70
C LEU S 68 17.14 63.27 -44.09
N ARG S 69 16.82 64.00 -45.17
CA ARG S 69 15.43 64.05 -45.61
C ARG S 69 14.92 62.67 -46.02
N LYS S 70 15.74 61.91 -46.76
CA LYS S 70 15.32 60.55 -47.14
C LYS S 70 15.25 59.62 -45.93
N VAL S 71 16.16 59.77 -44.97
CA VAL S 71 16.10 58.95 -43.77
C VAL S 71 14.82 59.23 -43.00
N PHE S 72 14.46 60.50 -42.85
CA PHE S 72 13.22 60.85 -42.16
C PHE S 72 11.99 60.41 -42.96
N CYS S 73 12.09 60.38 -44.30
CA CYS S 73 10.98 59.88 -45.10
C CYS S 73 10.77 58.40 -44.88
N THR S 74 11.85 57.61 -44.94
CA THR S 74 11.73 56.17 -44.77
C THR S 74 11.27 55.81 -43.36
N CYS S 75 11.80 56.48 -42.35
CA CYS S 75 11.58 56.11 -40.96
C CYS S 75 10.68 57.14 -40.29
N LYS S 76 9.57 56.68 -39.73
CA LYS S 76 8.59 57.57 -39.12
C LYS S 76 8.69 57.62 -37.60
N SER S 77 9.18 56.57 -36.96
CA SER S 77 9.29 56.55 -35.51
C SER S 77 10.22 55.41 -35.10
N GLY S 78 10.62 55.43 -33.83
CA GLY S 78 11.39 54.35 -33.24
C GLY S 78 12.89 54.47 -33.34
N VAL S 79 13.42 55.57 -33.91
CA VAL S 79 14.85 55.75 -34.01
C VAL S 79 15.20 57.19 -33.68
N SER S 80 16.37 57.39 -33.07
CA SER S 80 16.97 58.70 -32.90
C SER S 80 18.09 58.85 -33.92
N VAL S 81 18.02 59.89 -34.74
CA VAL S 81 18.89 60.05 -35.90
C VAL S 81 20.00 61.04 -35.56
N TYR S 82 21.24 60.64 -35.83
CA TYR S 82 22.41 61.47 -35.58
C TYR S 82 23.10 61.79 -36.90
N ALA S 83 23.75 62.95 -36.95
CA ALA S 83 24.43 63.41 -38.15
C ALA S 83 25.86 63.81 -37.81
N LEU S 84 26.75 63.61 -38.77
CA LEU S 84 28.16 63.97 -38.66
C LEU S 84 28.54 64.83 -39.85
N PRO S 85 28.38 66.15 -39.74
CA PRO S 85 28.69 67.02 -40.87
C PRO S 85 30.18 67.04 -41.19
N ARG S 86 30.48 67.18 -42.48
CA ARG S 86 31.84 67.30 -42.97
C ARG S 86 31.95 68.54 -43.85
N GLU S 87 33.17 69.04 -44.01
CA GLU S 87 33.43 70.22 -44.81
C GLU S 87 34.25 69.85 -46.04
N ASP S 88 33.94 70.50 -47.16
CA ASP S 88 34.65 70.25 -48.41
C ASP S 88 36.13 70.59 -48.26
N ALA S 89 36.97 69.82 -48.94
CA ALA S 89 38.40 70.03 -48.90
C ALA S 89 38.76 71.37 -49.53
N ALA S 90 39.92 71.90 -49.13
CA ALA S 90 40.35 73.21 -49.63
C ALA S 90 40.57 73.17 -51.14
N ALA S 91 41.13 72.08 -51.65
CA ALA S 91 41.41 71.95 -53.08
C ALA S 91 40.22 71.41 -53.87
N GLY S 92 39.08 71.19 -53.22
CA GLY S 92 37.90 70.66 -53.88
C GLY S 92 37.42 71.49 -55.05
N VAL S 93 37.15 70.84 -56.18
CA VAL S 93 36.68 71.50 -57.39
C VAL S 93 35.25 71.06 -57.65
N LYS S 94 34.36 72.03 -57.80
CA LYS S 94 32.94 71.75 -58.02
C LYS S 94 32.71 71.28 -59.45
N ALA S 95 32.00 70.17 -59.61
CA ALA S 95 31.64 69.69 -60.94
C ALA S 95 30.56 70.57 -61.54
N VAL S 96 30.65 70.81 -62.84
CA VAL S 96 29.75 71.72 -63.55
C VAL S 96 29.06 70.97 -64.68
N TYR S 97 27.74 71.12 -64.75
CA TYR S 97 26.93 70.55 -65.82
C TYR S 97 26.28 71.68 -66.60
N THR S 98 25.93 71.39 -67.86
CA THR S 98 25.29 72.36 -68.74
C THR S 98 24.10 71.73 -69.43
N LEU S 99 23.01 72.48 -69.53
CA LEU S 99 21.80 72.07 -70.22
C LEU S 99 21.56 73.00 -71.40
N THR S 100 21.33 72.44 -72.57
CA THR S 100 21.10 73.23 -73.78
C THR S 100 19.63 73.58 -73.93
N LEU S 113 11.70 66.55 -67.62
CA LEU S 113 13.08 66.45 -67.17
C LEU S 113 13.17 65.78 -65.80
N TYR S 114 13.96 64.71 -65.73
CA TYR S 114 14.14 63.95 -64.49
C TYR S 114 15.57 64.14 -64.00
N MET S 115 15.70 64.56 -62.75
CA MET S 115 17.00 64.74 -62.11
C MET S 115 16.92 64.24 -60.67
N GLY S 116 17.97 63.57 -60.22
CA GLY S 116 17.98 63.02 -58.88
C GLY S 116 16.87 62.01 -58.67
N GLU S 117 15.85 62.39 -57.90
CA GLU S 117 14.68 61.56 -57.67
C GLU S 117 13.44 62.25 -58.23
N ALA S 118 12.27 61.65 -57.98
CA ALA S 118 11.05 62.09 -58.64
C ALA S 118 10.68 63.53 -58.29
N GLU S 119 10.78 63.89 -57.01
CA GLU S 119 10.31 65.21 -56.60
C GLU S 119 11.22 66.34 -57.06
N TYR S 120 12.42 66.04 -57.56
CA TYR S 120 13.25 67.05 -58.20
C TYR S 120 12.88 67.27 -59.66
N ALA S 121 12.06 66.40 -60.24
CA ALA S 121 11.74 66.51 -61.66
C ALA S 121 10.83 67.72 -61.91
N VAL S 122 10.86 68.19 -63.16
CA VAL S 122 10.04 69.33 -63.56
C VAL S 122 9.17 68.95 -64.76
N ALA S 132 13.85 79.50 -76.66
CA ALA S 132 14.99 78.88 -75.99
C ALA S 132 15.24 79.53 -74.63
N THR S 133 15.48 80.85 -74.63
CA THR S 133 15.71 81.56 -73.39
C THR S 133 14.46 81.56 -72.51
N ASP S 134 13.28 81.69 -73.13
CA ASP S 134 12.04 81.65 -72.36
C ASP S 134 11.86 80.31 -71.67
N ILE S 135 12.28 79.22 -72.33
CA ILE S 135 12.24 77.91 -71.70
C ILE S 135 13.15 77.86 -70.49
N ALA S 136 14.37 78.39 -70.61
CA ALA S 136 15.33 78.34 -69.52
C ALA S 136 14.86 79.14 -68.32
N ALA S 137 14.29 80.32 -68.55
CA ALA S 137 13.88 81.18 -67.45
C ALA S 137 12.77 80.54 -66.62
N ALA S 138 11.77 79.94 -67.29
CA ALA S 138 10.69 79.29 -66.56
C ALA S 138 11.17 78.03 -65.84
N ILE S 139 12.09 77.30 -66.45
CA ILE S 139 12.59 76.07 -65.85
C ILE S 139 13.31 76.36 -64.54
N VAL S 140 14.16 77.38 -64.53
CA VAL S 140 14.89 77.74 -63.31
C VAL S 140 13.92 78.17 -62.21
N ALA S 141 12.86 78.89 -62.59
CA ALA S 141 11.84 79.30 -61.63
C ALA S 141 11.06 78.13 -61.05
N ALA S 142 11.16 76.95 -61.66
CA ALA S 142 10.46 75.76 -61.19
C ALA S 142 11.39 74.71 -60.59
N ILE S 143 12.71 74.86 -60.74
CA ILE S 143 13.64 73.91 -60.16
C ILE S 143 13.55 73.97 -58.64
N SER S 144 13.54 72.80 -58.01
CA SER S 144 13.39 72.73 -56.56
C SER S 144 14.53 73.46 -55.86
N PRO S 145 14.25 74.29 -54.85
CA PRO S 145 15.32 75.04 -54.17
C PRO S 145 16.32 74.16 -53.46
N ASP S 146 15.95 72.95 -53.07
CA ASP S 146 16.84 72.05 -52.34
C ASP S 146 17.62 71.13 -53.26
N PHE S 147 17.52 71.32 -54.57
CA PHE S 147 18.29 70.52 -55.52
C PHE S 147 19.79 70.73 -55.27
N PRO S 148 20.59 69.68 -55.26
CA PRO S 148 22.01 69.81 -54.89
C PRO S 148 22.89 70.41 -55.97
N TYR S 149 22.33 70.99 -57.03
CA TYR S 149 23.12 71.64 -58.06
C TYR S 149 22.55 73.04 -58.32
N ALA S 150 23.42 74.04 -58.34
CA ALA S 150 23.01 75.41 -58.57
C ALA S 150 22.70 75.62 -60.04
N ALA S 151 21.55 76.22 -60.32
CA ALA S 151 21.13 76.47 -61.70
C ALA S 151 21.73 77.77 -62.22
N ILE S 158 21.24 76.87 -69.56
CA ILE S 158 21.16 76.44 -68.17
C ILE S 158 22.44 75.72 -67.76
N THR S 159 23.11 76.26 -66.74
CA THR S 159 24.34 75.69 -66.22
C THR S 159 24.09 75.15 -64.81
N LEU S 160 24.45 73.89 -64.59
CA LEU S 160 24.28 73.23 -63.30
C LEU S 160 25.65 73.04 -62.67
N THR S 161 25.82 73.57 -61.46
CA THR S 161 27.09 73.46 -60.74
C THR S 161 26.85 72.80 -59.40
N ALA S 162 27.75 71.88 -59.03
CA ALA S 162 27.60 71.14 -57.79
C ALA S 162 27.68 72.09 -56.59
N ARG S 163 26.77 71.89 -55.64
CA ARG S 163 26.75 72.70 -54.43
C ARG S 163 27.78 72.25 -53.40
N ASN S 164 28.45 71.12 -53.64
CA ASN S 164 29.53 70.64 -52.80
C ASN S 164 30.72 70.29 -53.67
N ALA S 165 31.91 70.43 -53.11
CA ALA S 165 33.15 70.20 -53.86
C ALA S 165 33.61 68.77 -53.64
N GLY S 166 33.79 68.04 -54.72
CA GLY S 166 34.26 66.67 -54.65
C GLY S 166 33.73 65.84 -55.80
N THR S 167 34.06 64.55 -55.77
CA THR S 167 33.61 63.61 -56.79
C THR S 167 32.13 63.26 -56.65
N ILE S 168 31.48 63.70 -55.56
CA ILE S 168 30.08 63.34 -55.33
C ILE S 168 29.19 63.90 -56.44
N GLY S 169 29.51 65.11 -56.91
CA GLY S 169 28.72 65.72 -57.97
C GLY S 169 28.79 65.02 -59.31
N ASN S 170 29.74 64.10 -59.49
CA ASN S 170 29.93 63.43 -60.76
C ASN S 170 28.82 62.42 -61.08
N HIS S 171 27.94 62.13 -60.13
CA HIS S 171 26.92 61.09 -60.28
C HIS S 171 25.54 61.68 -60.57
N LEU S 172 25.47 62.76 -61.34
CA LEU S 172 24.20 63.39 -61.69
C LEU S 172 23.77 62.94 -63.08
N SER S 173 22.50 62.58 -63.21
CA SER S 173 21.93 62.15 -64.49
C SER S 173 20.63 62.90 -64.72
N VAL S 174 20.48 63.48 -65.90
CA VAL S 174 19.28 64.22 -66.29
C VAL S 174 18.71 63.57 -67.55
N ILE S 175 17.45 63.14 -67.47
CA ILE S 175 16.77 62.52 -68.59
C ILE S 175 15.41 63.19 -68.75
N TYR S 176 15.00 63.40 -70.01
CA TYR S 176 13.72 64.03 -70.32
C TYR S 176 12.66 62.94 -70.44
N THR S 177 11.93 62.73 -69.35
CA THR S 177 10.86 61.73 -69.34
C THR S 177 9.54 62.34 -69.84
N VAL S 192 17.10 69.22 -76.07
CA VAL S 192 17.62 69.10 -74.71
C VAL S 192 18.89 68.25 -74.72
N THR S 193 19.99 68.81 -74.21
CA THR S 193 21.27 68.14 -74.14
C THR S 193 21.84 68.26 -72.74
N PHE S 194 22.54 67.22 -72.30
CA PHE S 194 23.09 67.17 -70.94
C PHE S 194 24.29 66.23 -70.96
N ALA S 195 25.49 66.81 -70.98
CA ALA S 195 26.70 65.99 -71.11
C ALA S 195 27.86 66.44 -70.22
N GLN S 196 27.62 67.34 -69.25
CA GLN S 196 28.63 67.81 -68.31
C GLN S 196 29.76 68.60 -69.00
N THR S 197 30.43 69.45 -68.24
CA THR S 197 31.61 70.17 -68.71
C THR S 197 32.80 70.02 -67.77
N THR S 198 32.58 69.97 -66.47
CA THR S 198 33.64 69.89 -65.49
C THR S 198 33.41 68.68 -64.58
N ALA S 199 34.50 68.00 -64.22
CA ALA S 199 34.45 66.85 -63.34
C ALA S 199 35.08 67.20 -62.01
N GLY S 200 34.35 66.96 -60.92
CA GLY S 200 34.85 67.26 -59.61
C GLY S 200 36.00 66.35 -59.20
N SER S 201 36.72 66.79 -58.18
CA SER S 201 37.89 66.04 -57.71
C SER S 201 38.18 66.44 -56.27
N VAL S 202 39.04 65.63 -55.63
CA VAL S 202 39.49 65.84 -54.25
C VAL S 202 38.34 65.67 -53.27
N ASN S 203 38.44 64.64 -52.42
CA ASN S 203 37.42 64.35 -51.42
C ASN S 203 38.04 64.36 -50.04
N PRO S 204 37.30 64.77 -49.01
CA PRO S 204 37.85 64.80 -47.65
C PRO S 204 38.18 63.41 -47.15
N THR S 205 39.26 63.32 -46.36
CA THR S 205 39.70 62.10 -45.71
C THR S 205 39.95 62.44 -44.25
N PRO S 206 38.90 62.48 -43.43
CA PRO S 206 39.03 63.01 -42.06
C PRO S 206 39.98 62.20 -41.17
N ASN S 207 39.72 60.90 -41.03
CA ASN S 207 40.50 60.02 -40.15
C ASN S 207 40.52 60.55 -38.72
N ASP S 208 39.38 61.03 -38.25
CA ASP S 208 39.23 61.53 -36.89
C ASP S 208 38.13 60.79 -36.13
N TYR S 209 37.87 59.54 -36.52
CA TYR S 209 36.75 58.80 -35.94
C TYR S 209 36.94 58.58 -34.46
N ALA S 210 38.17 58.25 -34.03
CA ALA S 210 38.40 57.98 -32.62
C ALA S 210 38.13 59.21 -31.75
N THR S 211 38.56 60.39 -32.21
CA THR S 211 38.36 61.60 -31.43
C THR S 211 36.92 62.10 -31.51
N VAL S 212 36.30 62.02 -32.70
CA VAL S 212 34.97 62.59 -32.88
C VAL S 212 33.93 61.71 -32.22
N VAL S 213 33.82 60.46 -32.66
CA VAL S 213 32.90 59.50 -32.07
C VAL S 213 33.68 58.44 -31.29
N ASN S 214 33.84 58.67 -29.99
CA ASN S 214 34.70 57.82 -29.19
C ASN S 214 33.95 56.58 -28.69
N GLU S 215 32.91 56.77 -27.88
CA GLU S 215 32.19 55.65 -27.29
C GLU S 215 30.67 55.75 -27.42
N CYS S 216 30.15 56.70 -28.20
CA CYS S 216 28.72 56.72 -28.49
C CYS S 216 28.41 55.57 -29.44
N CYS S 217 27.94 54.45 -28.88
CA CYS S 217 27.70 53.26 -29.68
C CYS S 217 26.59 53.51 -30.71
N PHE S 218 26.80 53.04 -31.92
CA PHE S 218 25.82 53.18 -32.98
C PHE S 218 25.49 51.81 -33.57
N ALA S 219 24.34 51.75 -34.25
CA ALA S 219 23.88 50.52 -34.87
C ALA S 219 24.04 50.52 -36.40
N VAL S 220 23.72 51.64 -37.05
CA VAL S 220 23.79 51.75 -38.50
C VAL S 220 24.58 53.00 -38.85
N TYR S 221 25.57 52.84 -39.73
CA TYR S 221 26.38 53.94 -40.22
C TYR S 221 26.08 54.17 -41.70
N VAL S 222 25.74 55.41 -42.05
CA VAL S 222 25.44 55.80 -43.42
C VAL S 222 26.51 56.78 -43.86
N LEU S 223 27.24 56.42 -44.92
CA LEU S 223 28.27 57.27 -45.49
C LEU S 223 27.86 57.66 -46.90
N SER S 224 27.83 58.96 -47.17
CA SER S 224 27.30 59.50 -48.42
C SER S 224 28.40 59.92 -49.38
N SER S 225 29.51 59.18 -49.41
CA SER S 225 30.61 59.49 -50.32
C SER S 225 31.07 58.21 -51.00
N ASP S 226 31.54 58.35 -52.23
CA ASP S 226 32.08 57.23 -52.99
C ASP S 226 33.59 57.11 -52.86
N ASP S 227 34.23 57.95 -52.04
CA ASP S 227 35.67 57.87 -51.85
C ASP S 227 36.04 56.56 -51.20
N THR S 228 36.80 55.73 -51.93
CA THR S 228 37.15 54.40 -51.45
C THR S 228 38.01 54.46 -50.18
N ASP S 229 38.89 55.47 -50.08
CA ASP S 229 39.71 55.60 -48.88
C ASP S 229 38.86 55.91 -47.67
N TRP S 230 37.86 56.77 -47.82
CA TRP S 230 36.96 57.08 -46.70
C TRP S 230 36.20 55.85 -46.26
N GLN S 231 35.69 55.06 -47.21
CA GLN S 231 34.98 53.83 -46.87
C GLN S 231 35.90 52.83 -46.19
N GLU S 232 37.14 52.72 -46.66
CA GLU S 232 38.10 51.83 -46.04
C GLU S 232 38.43 52.27 -44.62
N ASN S 233 38.52 53.58 -44.39
CA ASN S 233 38.78 54.08 -43.05
C ASN S 233 37.61 53.81 -42.11
N LEU S 234 36.39 54.00 -42.61
CA LEU S 234 35.21 53.61 -41.82
C LEU S 234 35.23 52.12 -41.53
N ARG S 235 35.66 51.32 -42.50
CA ARG S 235 35.82 49.88 -42.29
C ARG S 235 36.79 49.60 -41.14
N ASP S 236 37.93 50.29 -41.16
CA ASP S 236 38.93 50.08 -40.11
C ASP S 236 38.38 50.45 -38.74
N TRP S 237 37.67 51.57 -38.65
CA TRP S 237 37.11 51.95 -37.36
C TRP S 237 36.06 50.96 -36.89
N ILE S 238 35.17 50.52 -37.79
CA ILE S 238 34.11 49.60 -37.40
C ILE S 238 34.70 48.27 -36.96
N ARG S 239 35.74 47.82 -37.65
CA ARG S 239 36.44 46.61 -37.21
C ARG S 239 37.09 46.83 -35.84
N SER S 240 37.67 48.02 -35.62
CA SER S 240 38.24 48.33 -34.32
C SER S 240 37.17 48.33 -33.23
N ALA S 241 35.92 48.58 -33.60
CA ALA S 241 34.83 48.43 -32.64
C ALA S 241 34.65 46.98 -32.23
N TRP S 242 34.90 46.04 -33.15
CA TRP S 242 34.85 44.61 -32.85
C TRP S 242 36.23 44.09 -32.45
N ASP S 243 36.81 44.72 -31.45
CA ASP S 243 38.14 44.39 -30.97
C ASP S 243 38.04 43.64 -29.64
N CYS S 244 38.76 42.52 -29.55
CA CYS S 244 38.76 41.73 -28.32
C CYS S 244 39.38 42.49 -27.14
N SER S 245 40.16 43.52 -27.40
CA SER S 245 40.88 44.22 -26.34
C SER S 245 40.11 45.37 -25.72
N LYS S 246 38.93 45.70 -26.24
CA LYS S 246 38.15 46.83 -25.75
C LYS S 246 36.68 46.45 -25.72
N PRO S 247 35.89 47.14 -24.90
CA PRO S 247 34.43 47.00 -25.01
C PRO S 247 33.95 47.38 -26.40
N GLN S 248 32.95 46.66 -26.89
CA GLN S 248 32.54 46.72 -28.29
C GLN S 248 31.23 47.47 -28.43
N CYS S 249 31.18 48.36 -29.41
CA CYS S 249 29.93 48.95 -29.91
C CYS S 249 29.64 48.27 -31.24
N PHE S 250 28.92 47.15 -31.20
CA PHE S 250 28.59 46.43 -32.42
C PHE S 250 27.75 47.30 -33.35
N GLY S 251 28.30 47.66 -34.49
CA GLY S 251 27.59 48.48 -35.46
C GLY S 251 27.72 47.92 -36.86
N HIS S 252 27.23 48.67 -37.85
CA HIS S 252 27.34 48.24 -39.24
C HIS S 252 27.26 49.46 -40.14
N GLY S 253 28.07 49.47 -41.19
CA GLY S 253 28.08 50.57 -42.14
C GLY S 253 27.61 50.12 -43.51
N TYR S 254 26.93 51.02 -44.21
CA TYR S 254 26.40 50.75 -45.54
C TYR S 254 27.01 51.75 -46.51
N VAL S 255 27.66 51.23 -47.55
CA VAL S 255 28.35 52.06 -48.54
C VAL S 255 27.93 51.60 -49.93
N PHE S 256 28.19 52.47 -50.90
CA PHE S 256 27.88 52.20 -52.29
C PHE S 256 29.14 52.27 -53.14
N ASN S 257 29.12 51.55 -54.25
CA ASN S 257 30.20 51.57 -55.24
C ASN S 257 29.57 51.58 -56.62
N LYS S 258 29.68 52.70 -57.33
CA LYS S 258 29.12 52.84 -58.67
C LYS S 258 30.22 52.75 -59.70
N GLY S 259 29.96 52.03 -60.77
CA GLY S 259 30.92 51.86 -61.84
C GLY S 259 30.63 50.59 -62.61
N THR S 260 31.56 50.29 -63.52
CA THR S 260 31.41 49.09 -64.36
C THR S 260 31.71 47.84 -63.53
N LEU S 261 31.46 46.68 -64.15
CA LEU S 261 31.65 45.41 -63.46
C LEU S 261 33.10 45.19 -63.06
N GLY S 262 34.04 45.54 -63.95
CA GLY S 262 35.43 45.26 -63.67
C GLY S 262 35.97 45.98 -62.45
N GLN S 263 35.61 47.25 -62.29
CA GLN S 263 36.19 48.08 -61.25
C GLN S 263 35.44 48.02 -59.93
N VAL S 264 34.17 47.61 -59.94
CA VAL S 264 33.42 47.54 -58.68
C VAL S 264 33.96 46.45 -57.76
N LEU S 265 34.37 45.32 -58.34
CA LEU S 265 34.98 44.26 -57.53
C LEU S 265 36.33 44.70 -56.98
N ALA S 266 37.09 45.47 -57.76
CA ALA S 266 38.37 45.96 -57.29
C ALA S 266 38.21 46.85 -56.06
N ASP S 267 37.04 47.47 -55.89
CA ASP S 267 36.77 48.25 -54.69
C ASP S 267 36.52 47.35 -53.49
N GLY S 268 35.93 46.17 -53.70
CA GLY S 268 35.56 45.31 -52.59
C GLY S 268 36.74 44.57 -51.98
N ASP S 269 36.54 44.12 -50.75
CA ASP S 269 37.54 43.36 -50.01
C ASP S 269 36.82 42.27 -49.22
N ASN S 270 37.55 41.66 -48.28
CA ASN S 270 37.03 40.55 -47.49
C ASN S 270 36.33 40.99 -46.21
N SER S 271 36.21 42.28 -45.96
CA SER S 271 35.70 42.77 -44.69
C SER S 271 34.18 42.69 -44.64
N ALA S 272 33.66 42.10 -43.57
CA ALA S 272 32.22 41.99 -43.35
C ALA S 272 31.63 43.19 -42.62
N GLU S 273 32.46 44.16 -42.24
CA GLU S 273 31.99 45.30 -41.46
C GLU S 273 31.09 46.24 -42.25
N LEU S 274 31.05 46.11 -43.57
CA LEU S 274 30.26 46.99 -44.42
C LEU S 274 29.46 46.18 -45.43
N SER S 275 28.33 46.74 -45.84
CA SER S 275 27.45 46.13 -46.83
C SER S 275 27.64 46.89 -48.14
N ARG S 276 28.59 46.42 -48.94
CA ARG S 276 28.87 47.03 -50.23
C ARG S 276 27.66 46.92 -51.14
N LEU S 277 27.16 48.05 -51.62
CA LEU S 277 26.00 48.11 -52.50
C LEU S 277 26.48 48.41 -53.91
N ALA S 278 26.39 47.42 -54.79
CA ALA S 278 26.81 47.61 -56.17
C ALA S 278 25.79 48.45 -56.93
N LEU S 279 26.29 49.43 -57.68
CA LEU S 279 25.44 50.33 -58.44
C LEU S 279 25.93 50.39 -59.88
N PRO S 280 25.05 50.21 -60.87
CA PRO S 280 25.49 50.22 -62.26
C PRO S 280 25.97 51.60 -62.69
N THR S 281 26.77 51.60 -63.76
CA THR S 281 27.32 52.85 -64.28
C THR S 281 26.24 53.84 -64.69
N THR S 282 25.07 53.35 -65.10
CA THR S 282 23.97 54.20 -65.55
C THR S 282 22.86 54.21 -64.49
N TYR S 283 23.24 54.43 -63.25
CA TYR S 283 22.26 54.54 -62.17
C TYR S 283 21.66 55.94 -62.17
N PRO S 284 20.33 56.07 -62.37
CA PRO S 284 19.73 57.41 -62.44
C PRO S 284 19.76 58.17 -61.11
N VAL S 285 19.30 57.52 -60.04
CA VAL S 285 19.15 58.20 -58.76
C VAL S 285 20.52 58.52 -58.17
N LEU S 286 20.58 59.60 -57.39
CA LEU S 286 21.80 59.93 -56.68
C LEU S 286 22.14 58.81 -55.71
N PRO S 287 23.37 58.25 -55.78
CA PRO S 287 23.66 57.04 -55.00
C PRO S 287 23.50 57.20 -53.50
N TYR S 288 23.85 58.37 -52.94
CA TYR S 288 23.78 58.54 -51.50
C TYR S 288 22.34 58.49 -51.00
N LEU S 289 21.38 58.95 -51.80
CA LEU S 289 19.98 58.88 -51.39
C LEU S 289 19.53 57.43 -51.26
N THR S 290 19.88 56.60 -52.24
CA THR S 290 19.53 55.18 -52.18
C THR S 290 20.21 54.51 -51.00
N ASN S 291 21.50 54.81 -50.78
CA ASN S 291 22.21 54.21 -49.66
C ASN S 291 21.60 54.60 -48.33
N ALA S 292 21.25 55.88 -48.18
CA ALA S 292 20.64 56.34 -46.93
C ALA S 292 19.27 55.71 -46.72
N ALA S 293 18.47 55.58 -47.79
CA ALA S 293 17.17 54.94 -47.66
C ALA S 293 17.32 53.49 -47.24
N TYR S 294 18.27 52.77 -47.85
CA TYR S 294 18.50 51.38 -47.47
C TYR S 294 18.93 51.27 -46.01
N GLY S 295 19.86 52.13 -45.59
CA GLY S 295 20.32 52.08 -44.21
C GLY S 295 19.21 52.38 -43.22
N ALA S 296 18.40 53.40 -43.50
CA ALA S 296 17.32 53.77 -42.61
C ALA S 296 16.28 52.66 -42.53
N LEU S 297 15.92 52.08 -43.68
CA LEU S 297 14.95 51.00 -43.69
C LEU S 297 15.46 49.81 -42.89
N SER S 298 16.72 49.44 -43.08
CA SER S 298 17.29 48.34 -42.32
C SER S 298 17.26 48.63 -40.82
N ALA S 299 17.66 49.85 -40.44
CA ALA S 299 17.70 50.19 -39.02
C ALA S 299 16.32 50.11 -38.39
N CYS S 300 15.33 50.77 -39.00
CA CYS S 300 14.00 50.78 -38.40
C CYS S 300 13.34 49.40 -38.44
N SER S 301 13.54 48.64 -39.52
CA SER S 301 12.95 47.32 -39.59
C SER S 301 13.54 46.41 -38.51
N THR S 302 14.87 46.31 -38.44
CA THR S 302 15.46 45.45 -37.42
C THR S 302 15.20 45.98 -36.02
N CYS S 303 15.82 47.11 -35.67
CA CYS S 303 15.80 47.69 -34.33
C CYS S 303 15.71 46.63 -33.23
N ASN S 304 14.50 46.29 -32.81
CA ASN S 304 14.27 45.30 -31.76
C ASN S 304 13.93 43.93 -32.33
N ASN S 305 14.08 43.74 -33.64
CA ASN S 305 13.87 42.45 -34.30
C ASN S 305 15.12 42.15 -35.13
N PRO S 306 16.24 41.83 -34.47
CA PRO S 306 17.52 41.66 -35.18
C PRO S 306 17.68 40.28 -35.81
N GLU S 307 16.63 39.84 -36.52
CA GLU S 307 16.64 38.55 -37.20
C GLU S 307 16.06 38.59 -38.60
N LEU S 308 15.36 39.66 -38.98
CA LEU S 308 14.65 39.70 -40.25
C LEU S 308 15.59 40.08 -41.38
N ASN S 309 15.61 39.27 -42.43
CA ASN S 309 16.36 39.61 -43.63
C ASN S 309 15.61 40.69 -44.41
N ILE S 310 16.33 41.73 -44.82
CA ILE S 310 15.72 42.82 -45.56
C ILE S 310 15.56 42.41 -47.02
N GLN S 311 14.43 41.80 -47.35
CA GLN S 311 14.17 41.30 -48.69
C GLN S 311 12.68 41.43 -48.98
N GLY S 312 12.28 40.92 -50.14
CA GLY S 312 10.87 40.85 -50.50
C GLY S 312 10.26 42.17 -50.90
N GLN S 313 9.24 42.13 -51.77
CA GLN S 313 8.54 43.33 -52.19
C GLN S 313 7.80 44.01 -51.05
N THR S 314 7.80 43.45 -49.86
CA THR S 314 7.10 44.02 -48.72
C THR S 314 8.01 44.43 -47.58
N PHE S 315 9.14 43.74 -47.38
CA PHE S 315 10.03 44.02 -46.27
C PHE S 315 11.33 44.69 -46.68
N GLY S 316 11.65 44.72 -47.97
CA GLY S 316 12.82 45.42 -48.47
C GLY S 316 12.46 46.45 -49.51
N LEU S 317 11.35 47.14 -49.30
CA LEU S 317 10.80 48.09 -50.27
C LEU S 317 11.21 49.51 -49.86
N LEU S 318 12.16 50.08 -50.60
CA LEU S 318 12.58 51.47 -50.39
C LEU S 318 11.53 52.37 -51.01
N SER S 319 10.48 52.68 -50.23
CA SER S 319 9.34 53.40 -50.76
C SER S 319 9.71 54.83 -51.18
N CYS S 320 10.55 55.50 -50.39
CA CYS S 320 10.84 56.90 -50.67
C CYS S 320 11.55 57.08 -52.01
N ILE S 321 12.51 56.21 -52.31
CA ILE S 321 13.23 56.32 -53.58
C ILE S 321 12.27 56.04 -54.73
N ASN S 322 12.28 56.91 -55.73
CA ASN S 322 11.43 56.78 -56.90
C ASN S 322 12.28 56.86 -58.16
N MET S 323 11.95 56.03 -59.13
CA MET S 323 12.69 55.95 -60.38
C MET S 323 11.73 56.02 -61.56
N PRO S 324 12.16 56.52 -62.70
CA PRO S 324 11.34 56.44 -63.90
C PRO S 324 11.18 55.00 -64.36
N GLU S 325 10.03 54.71 -64.96
CA GLU S 325 9.76 53.36 -65.41
C GLU S 325 10.76 52.95 -66.49
N SER S 326 11.28 51.73 -66.36
CA SER S 326 12.30 51.25 -67.27
C SER S 326 12.27 49.73 -67.32
N CYS S 327 12.91 49.18 -68.34
CA CYS S 327 12.98 47.73 -68.54
C CYS S 327 14.32 47.14 -68.13
N THR S 328 15.41 47.80 -68.50
CA THR S 328 16.74 47.28 -68.18
C THR S 328 17.04 47.53 -66.71
N PRO S 329 17.28 46.49 -65.91
CA PRO S 329 17.56 46.66 -64.47
C PRO S 329 19.06 46.83 -64.17
N GLY S 330 19.70 47.75 -64.89
CA GLY S 330 21.10 48.02 -64.64
C GLY S 330 22.02 46.89 -65.08
N TRP S 331 22.55 46.14 -64.11
CA TRP S 331 23.48 45.07 -64.40
C TRP S 331 22.82 43.98 -65.24
N THR S 332 23.65 43.30 -66.03
CA THR S 332 23.18 42.14 -66.78
C THR S 332 23.04 40.93 -65.85
N PHE S 333 22.44 39.87 -66.38
CA PHE S 333 22.17 38.69 -65.57
C PHE S 333 23.46 38.05 -65.05
N GLY S 334 24.46 37.90 -65.93
CA GLY S 334 25.75 37.41 -65.48
C GLY S 334 26.41 38.37 -64.51
N GLU S 335 26.29 39.67 -64.77
CA GLU S 335 26.79 40.67 -63.83
C GLU S 335 26.08 40.55 -62.48
N VAL S 336 24.76 40.34 -62.51
CA VAL S 336 24.01 40.18 -61.27
C VAL S 336 24.50 38.96 -60.50
N THR S 337 24.72 37.84 -61.20
CA THR S 337 25.20 36.64 -60.53
C THR S 337 26.59 36.84 -59.94
N GLN S 338 27.49 37.48 -60.68
CA GLN S 338 28.84 37.72 -60.18
C GLN S 338 28.83 38.61 -58.96
N LEU S 339 27.99 39.66 -58.97
CA LEU S 339 27.87 40.51 -57.79
C LEU S 339 27.25 39.76 -56.62
N GLN S 340 26.29 38.87 -56.91
CA GLN S 340 25.71 38.04 -55.86
C GLN S 340 26.77 37.18 -55.20
N ALA S 341 27.68 36.61 -55.99
CA ALA S 341 28.71 35.74 -55.44
C ALA S 341 29.67 36.51 -54.54
N ASN S 342 30.18 37.64 -55.02
CA ASN S 342 31.26 38.35 -54.32
C ASN S 342 30.73 39.43 -53.37
N GLY S 343 29.77 39.07 -52.55
CA GLY S 343 29.36 39.91 -51.43
C GLY S 343 28.95 41.33 -51.78
N PHE S 344 28.24 41.50 -52.88
CA PHE S 344 27.76 42.82 -53.31
C PHE S 344 26.25 42.83 -53.32
N VAL S 345 25.66 43.87 -52.74
CA VAL S 345 24.21 44.00 -52.67
C VAL S 345 23.71 44.54 -54.02
N VAL S 346 22.84 43.76 -54.67
CA VAL S 346 22.25 44.14 -55.95
C VAL S 346 20.84 44.64 -55.71
N SER S 347 20.45 45.68 -56.44
CA SER S 347 19.12 46.26 -56.34
C SER S 347 18.47 46.32 -57.71
N GLY S 348 17.14 46.27 -57.72
CA GLY S 348 16.39 46.28 -58.96
C GLY S 348 15.05 46.99 -58.83
N PRO S 349 14.54 47.50 -59.94
CA PRO S 349 13.25 48.18 -59.92
C PRO S 349 12.11 47.19 -59.68
N SER S 350 11.02 47.71 -59.11
CA SER S 350 9.83 46.91 -58.87
C SER S 350 8.76 47.19 -59.92
N TYR S 358 6.17 56.14 -61.70
CA TYR S 358 7.36 55.98 -60.87
C TYR S 358 7.34 54.66 -60.13
N THR S 359 8.46 53.93 -60.19
CA THR S 359 8.58 52.63 -59.57
C THR S 359 9.61 52.68 -58.45
N SER S 360 9.21 52.26 -57.26
CA SER S 360 10.14 52.15 -56.14
C SER S 360 11.12 51.00 -56.39
N PRO S 361 12.38 51.16 -56.02
CA PRO S 361 13.37 50.11 -56.26
C PRO S 361 13.24 49.00 -55.22
N TYR S 362 14.04 47.94 -55.42
CA TYR S 362 14.01 46.77 -54.56
C TYR S 362 15.38 46.11 -54.60
N ILE S 363 15.79 45.53 -53.47
CA ILE S 363 17.13 44.99 -53.33
C ILE S 363 17.05 43.48 -53.20
N TYR S 364 18.10 42.80 -53.65
CA TYR S 364 18.29 41.38 -53.44
C TYR S 364 19.43 41.18 -52.44
N ASN S 365 19.72 39.91 -52.14
CA ASN S 365 20.96 39.46 -51.52
C ASN S 365 21.46 40.41 -50.42
N ASP S 366 20.61 40.61 -49.40
CA ASP S 366 20.95 41.49 -48.30
C ASP S 366 22.07 40.83 -47.49
N VAL S 367 23.28 40.96 -48.01
CA VAL S 367 24.46 40.31 -47.44
C VAL S 367 25.55 41.36 -47.26
N THR S 368 26.60 40.97 -46.54
CA THR S 368 27.77 41.81 -46.35
C THR S 368 28.88 41.35 -47.28
N ASN S 369 30.01 42.07 -47.24
CA ASN S 369 31.13 41.77 -48.13
C ASN S 369 32.10 40.80 -47.45
N TYR S 370 31.58 39.64 -47.08
CA TYR S 370 32.35 38.60 -46.41
C TYR S 370 32.40 37.38 -47.32
N LEU S 371 33.59 37.08 -47.83
CA LEU S 371 33.78 35.95 -48.74
C LEU S 371 34.79 34.93 -48.25
N ARG S 372 35.78 35.34 -47.45
CA ARG S 372 36.87 34.45 -47.08
C ARG S 372 37.17 34.59 -45.60
N ASP S 373 37.69 33.50 -45.02
CA ASP S 373 38.20 33.49 -43.67
C ASP S 373 39.61 34.05 -43.66
N GLU S 374 40.37 33.82 -42.58
CA GLU S 374 41.80 34.14 -42.57
C GLU S 374 42.45 33.69 -43.88
N LYS S 375 42.36 32.40 -44.19
CA LYS S 375 42.66 31.92 -45.53
C LYS S 375 41.72 30.84 -46.00
N ASN S 376 40.71 30.46 -45.22
CA ASN S 376 39.78 29.41 -45.61
C ASN S 376 38.71 29.97 -46.53
N ARG S 377 38.48 29.30 -47.66
CA ARG S 377 37.45 29.74 -48.59
C ARG S 377 36.05 29.57 -48.00
N PRO S 378 35.59 28.35 -47.62
CA PRO S 378 34.18 28.20 -47.27
C PRO S 378 33.84 28.80 -45.91
N ASN S 379 33.24 29.99 -45.93
CA ASN S 379 32.79 30.66 -44.71
C ASN S 379 31.59 31.52 -45.09
N ALA S 380 30.40 30.97 -44.90
CA ALA S 380 29.15 31.71 -45.10
C ALA S 380 28.53 32.13 -43.78
N THR S 381 29.30 32.06 -42.69
CA THR S 381 28.77 32.40 -41.37
C THR S 381 28.31 33.85 -41.31
N PHE S 382 29.14 34.77 -41.81
CA PHE S 382 28.82 36.19 -41.79
C PHE S 382 28.41 36.72 -43.16
N ARG S 383 28.08 35.83 -44.10
CA ARG S 383 27.63 36.28 -45.41
C ARG S 383 26.37 37.12 -45.29
N ASP S 384 25.29 36.54 -44.78
CA ASP S 384 24.03 37.25 -44.65
C ASP S 384 24.17 38.40 -43.66
N ALA S 385 23.48 39.51 -43.96
CA ALA S 385 23.57 40.68 -43.10
C ALA S 385 23.00 40.42 -41.71
N SER S 386 21.94 39.62 -41.62
CA SER S 386 21.32 39.34 -40.33
C SER S 386 22.25 38.59 -39.39
N SER S 387 23.26 37.90 -39.92
CA SER S 387 24.17 37.15 -39.05
C SER S 387 24.90 38.06 -38.09
N ARG S 388 25.26 39.27 -38.53
CA ARG S 388 25.90 40.23 -37.63
C ARG S 388 24.97 40.61 -36.47
N ARG S 389 23.70 40.85 -36.77
CA ARG S 389 22.74 41.21 -35.73
C ARG S 389 22.53 40.05 -34.77
N LEU S 390 22.42 38.82 -35.28
CA LEU S 390 22.33 37.66 -34.39
C LEU S 390 23.56 37.54 -33.51
N ALA S 391 24.75 37.77 -34.08
CA ALA S 391 25.97 37.69 -33.29
C ALA S 391 25.98 38.73 -32.17
N ALA S 392 25.59 39.96 -32.48
CA ALA S 392 25.56 41.01 -31.47
C ALA S 392 24.54 40.70 -30.37
N ALA S 393 23.34 40.26 -30.77
CA ALA S 393 22.32 39.93 -29.78
C ALA S 393 22.75 38.77 -28.90
N THR S 394 23.34 37.73 -29.51
CA THR S 394 23.83 36.60 -28.73
C THR S 394 24.93 37.02 -27.77
N GLY S 395 25.84 37.88 -28.23
CA GLY S 395 26.91 38.33 -27.36
C GLY S 395 26.40 39.11 -26.17
N VAL S 396 25.47 40.05 -26.41
CA VAL S 396 24.96 40.84 -25.30
C VAL S 396 24.13 39.98 -24.36
N ALA S 397 23.36 39.03 -24.89
CA ALA S 397 22.58 38.14 -24.04
C ALA S 397 23.49 37.26 -23.17
N LEU S 398 24.56 36.72 -23.76
CA LEU S 398 25.49 35.89 -23.00
C LEU S 398 26.22 36.72 -21.95
N ALA S 399 26.57 37.97 -22.28
CA ALA S 399 27.19 38.84 -21.30
C ALA S 399 26.24 39.13 -20.14
N GLU S 400 24.96 39.34 -20.43
CA GLU S 400 23.98 39.57 -19.37
C GLU S 400 23.82 38.33 -18.51
N PHE S 401 23.78 37.14 -19.13
CA PHE S 401 23.61 35.91 -18.36
C PHE S 401 24.81 35.66 -17.45
N LEU S 402 26.03 35.90 -17.95
CA LEU S 402 27.23 35.62 -17.19
C LEU S 402 27.42 36.56 -16.01
N GLN S 403 26.60 37.61 -15.90
CA GLN S 403 26.77 38.63 -14.87
C GLN S 403 26.60 38.09 -13.45
N GLN S 404 26.02 36.90 -13.29
CA GLN S 404 25.79 36.35 -11.96
C GLN S 404 27.06 35.87 -11.29
N PHE S 405 28.18 35.78 -12.00
CA PHE S 405 29.43 35.33 -11.43
C PHE S 405 30.31 36.47 -10.93
N ASN S 406 29.85 37.71 -10.99
CA ASN S 406 30.62 38.83 -10.47
C ASN S 406 30.77 38.71 -8.96
N GLY S 407 32.01 38.69 -8.48
CA GLY S 407 32.28 38.62 -7.07
C GLY S 407 31.94 37.30 -6.41
N LEU S 408 31.49 36.31 -7.18
CA LEU S 408 31.15 35.01 -6.63
C LEU S 408 32.43 34.24 -6.32
N ALA S 409 32.55 33.73 -5.10
CA ALA S 409 33.73 32.97 -4.73
C ALA S 409 33.87 31.75 -5.63
N VAL S 410 35.08 31.52 -6.13
CA VAL S 410 35.37 30.40 -7.02
C VAL S 410 36.38 29.50 -6.33
N PHE S 411 36.01 28.24 -6.14
CA PHE S 411 36.90 27.24 -5.56
C PHE S 411 37.50 26.44 -6.70
N THR S 412 38.78 26.67 -6.96
CA THR S 412 39.45 26.08 -8.12
C THR S 412 39.85 24.64 -7.87
N LYS S 413 40.73 24.11 -8.72
CA LYS S 413 41.13 22.71 -8.77
C LYS S 413 41.38 22.07 -7.41
N ASN S 414 41.90 22.85 -6.46
CA ASN S 414 42.46 22.25 -5.24
C ASN S 414 41.40 21.51 -4.43
N THR S 415 40.22 22.10 -4.23
CA THR S 415 39.25 21.51 -3.32
C THR S 415 37.84 21.76 -3.83
N ASN S 416 36.86 21.43 -2.99
CA ASN S 416 35.44 21.57 -3.28
C ASN S 416 34.81 22.57 -2.32
N ILE S 417 33.53 22.87 -2.55
CA ILE S 417 32.83 23.88 -1.77
C ILE S 417 32.48 23.31 -0.40
N ARG S 418 32.81 24.07 0.65
CA ARG S 418 32.44 23.71 2.01
C ARG S 418 31.01 24.19 2.29
N THR S 419 30.33 23.49 3.20
CA THR S 419 28.93 23.79 3.49
C THR S 419 28.77 25.21 4.04
N GLY S 420 27.78 25.93 3.53
CA GLY S 420 27.46 27.26 3.99
C GLY S 420 28.02 28.38 3.15
N ILE S 421 29.05 28.11 2.35
CA ILE S 421 29.65 29.13 1.49
C ILE S 421 28.85 29.23 0.20
N ILE S 422 28.89 30.42 -0.41
CA ILE S 422 28.07 30.74 -1.57
C ILE S 422 28.96 30.68 -2.80
N GLY S 423 30.03 29.89 -2.72
CA GLY S 423 30.98 29.79 -3.81
C GLY S 423 30.54 28.82 -4.89
N THR S 424 31.51 28.46 -5.74
CA THR S 424 31.26 27.56 -6.86
C THR S 424 32.60 27.04 -7.37
N ASN S 425 32.54 26.16 -8.36
CA ASN S 425 33.71 25.57 -8.99
C ASN S 425 33.46 25.50 -10.49
N PRO S 426 34.52 25.36 -11.30
CA PRO S 426 34.33 25.43 -12.76
C PRO S 426 33.35 24.42 -13.33
N ARG S 427 33.26 23.22 -12.76
CA ARG S 427 32.36 22.20 -13.32
C ARG S 427 30.91 22.64 -13.24
N LEU S 428 30.49 23.17 -12.10
CA LEU S 428 29.11 23.62 -11.94
C LEU S 428 28.80 24.81 -12.85
N MET S 429 29.75 25.74 -12.98
CA MET S 429 29.54 26.87 -13.89
C MET S 429 29.41 26.39 -15.32
N LEU S 430 30.25 25.42 -15.72
CA LEU S 430 30.15 24.87 -17.07
C LEU S 430 28.80 24.20 -17.29
N GLY S 431 28.32 23.46 -16.30
CA GLY S 431 27.00 22.84 -16.44
C GLY S 431 25.89 23.86 -16.55
N LYS S 432 25.97 24.94 -15.76
CA LYS S 432 24.95 25.98 -15.83
C LYS S 432 24.97 26.68 -17.19
N ILE S 433 26.16 26.96 -17.71
CA ILE S 433 26.27 27.57 -19.04
C ILE S 433 25.72 26.62 -20.10
N ARG S 434 25.99 25.32 -19.95
CA ARG S 434 25.47 24.33 -20.89
C ARG S 434 23.95 24.32 -20.89
N LYS S 435 23.33 24.35 -19.70
CA LYS S 435 21.88 24.35 -19.64
C LYS S 435 21.30 25.64 -20.21
N TRP S 436 21.96 26.76 -19.96
CA TRP S 436 21.51 28.03 -20.56
C TRP S 436 21.56 27.96 -22.08
N ALA S 437 22.64 27.41 -22.63
CA ALA S 437 22.73 27.25 -24.08
C ALA S 437 21.66 26.34 -24.61
N GLN S 438 21.36 25.25 -23.88
CA GLN S 438 20.31 24.34 -24.31
C GLN S 438 18.95 25.03 -24.32
N ASP S 439 18.65 25.81 -23.28
CA ASP S 439 17.34 26.44 -23.16
C ASP S 439 17.09 27.53 -24.20
N ASN S 440 18.13 28.00 -24.88
CA ASN S 440 17.98 29.03 -25.91
C ASN S 440 17.95 28.45 -27.32
N VAL S 441 17.83 27.14 -27.45
CA VAL S 441 17.73 26.52 -28.76
C VAL S 441 16.40 26.90 -29.39
N GLY S 442 16.44 27.34 -30.64
CA GLY S 442 15.25 27.75 -31.37
C GLY S 442 15.05 29.25 -31.43
N THR S 443 15.72 30.02 -30.58
CA THR S 443 15.64 31.47 -30.61
C THR S 443 16.99 32.15 -30.80
N LEU S 444 18.08 31.54 -30.35
CA LEU S 444 19.42 32.09 -30.52
C LEU S 444 20.35 31.16 -31.28
N PHE S 445 20.31 29.86 -30.99
CA PHE S 445 21.20 28.88 -31.62
C PHE S 445 20.39 27.86 -32.40
N SER S 446 21.11 27.03 -33.16
CA SER S 446 20.53 25.84 -33.76
C SER S 446 20.38 24.78 -32.67
N GLU S 447 20.00 23.56 -33.04
CA GLU S 447 19.79 22.54 -32.01
C GLU S 447 21.09 22.26 -31.28
N PHE S 448 22.02 21.58 -31.95
CA PHE S 448 23.47 21.57 -31.71
C PHE S 448 24.12 20.55 -32.62
N ASP S 449 25.46 20.53 -32.65
CA ASP S 449 26.17 19.42 -33.26
C ASP S 449 26.61 18.41 -32.19
N ASN S 450 27.38 18.88 -31.20
CA ASN S 450 27.72 18.05 -30.04
C ASN S 450 27.99 19.01 -28.89
N ILE S 451 26.99 19.18 -28.02
CA ILE S 451 27.12 20.16 -26.93
C ILE S 451 28.23 19.75 -25.98
N ASN S 452 28.49 18.45 -25.85
CA ASN S 452 29.61 17.99 -25.03
C ASN S 452 30.95 18.43 -25.61
N GLU S 453 30.99 18.83 -26.88
CA GLU S 453 32.22 19.25 -27.54
C GLU S 453 32.22 20.71 -27.96
N ASP S 454 31.05 21.35 -28.04
CA ASP S 454 30.96 22.72 -28.54
C ASP S 454 31.01 23.77 -27.44
N ILE S 455 31.03 23.38 -26.17
CA ILE S 455 31.15 24.31 -25.06
C ILE S 455 32.24 23.81 -24.14
N GLN S 456 33.21 24.66 -23.85
CA GLN S 456 34.32 24.33 -22.97
C GLN S 456 34.62 25.49 -22.05
N LEU S 457 34.88 25.20 -20.78
CA LEU S 457 35.27 26.18 -19.79
C LEU S 457 36.62 25.79 -19.21
N LEU S 458 37.56 26.72 -19.26
CA LEU S 458 38.93 26.45 -18.81
C LEU S 458 39.39 27.59 -17.91
N THR S 459 39.95 27.24 -16.75
CA THR S 459 40.54 28.23 -15.87
C THR S 459 41.85 28.75 -16.47
N ASP S 460 42.23 29.96 -16.04
CA ASP S 460 43.47 30.55 -16.51
C ASP S 460 44.70 29.78 -16.03
N PHE S 461 44.59 29.07 -14.91
CA PHE S 461 45.74 28.33 -14.40
C PHE S 461 46.16 27.22 -15.34
N GLU S 462 45.20 26.49 -15.91
CA GLU S 462 45.50 25.33 -16.74
C GLU S 462 45.65 25.69 -18.22
N VAL S 463 45.56 26.97 -18.57
CA VAL S 463 45.81 27.42 -19.93
C VAL S 463 47.18 28.08 -20.06
N GLN S 464 47.47 29.02 -19.17
CA GLN S 464 48.77 29.67 -19.14
C GLN S 464 49.82 28.77 -18.47
N PRO S 465 51.10 28.97 -18.77
CA PRO S 465 52.15 28.15 -18.15
C PRO S 465 52.27 28.37 -16.65
N LYS S 466 53.20 27.66 -16.03
CA LYS S 466 53.34 27.70 -14.58
C LYS S 466 53.68 29.11 -14.12
N CYS S 467 52.95 29.60 -13.12
CA CYS S 467 53.10 30.92 -12.51
C CYS S 467 52.73 32.06 -13.46
N VAL S 468 52.28 31.76 -14.67
CA VAL S 468 51.85 32.80 -15.60
C VAL S 468 50.38 33.16 -15.38
N GLY S 469 49.54 32.17 -15.09
CA GLY S 469 48.14 32.44 -14.89
C GLY S 469 47.86 33.19 -13.59
N GLN S 470 46.73 33.89 -13.57
CA GLN S 470 46.31 34.64 -12.41
C GLN S 470 44.91 34.20 -11.98
N PRO S 471 44.62 34.20 -10.68
CA PRO S 471 43.35 33.64 -10.21
C PRO S 471 42.15 34.50 -10.57
N GLY S 472 41.00 33.83 -10.73
CA GLY S 472 39.75 34.49 -10.96
C GLY S 472 39.33 34.64 -12.41
N ILE S 473 40.26 34.47 -13.35
CA ILE S 473 39.99 34.66 -14.77
C ILE S 473 39.76 33.30 -15.41
N PHE S 474 38.69 33.19 -16.20
CA PHE S 474 38.35 31.97 -16.92
C PHE S 474 38.47 32.19 -18.42
N HIS S 475 38.27 31.11 -19.15
CA HIS S 475 38.28 31.16 -20.62
C HIS S 475 37.15 30.26 -21.13
N LEU S 476 36.17 30.85 -21.78
CA LEU S 476 35.00 30.14 -22.29
C LEU S 476 35.10 30.04 -23.80
N ASN S 477 35.11 28.82 -24.31
CA ASN S 477 35.15 28.55 -25.74
C ASN S 477 33.83 27.92 -26.16
N MET S 478 33.18 28.52 -27.15
CA MET S 478 31.84 28.07 -27.54
C MET S 478 31.66 28.24 -29.04
N ARG S 479 31.19 27.18 -29.68
CA ARG S 479 30.92 27.15 -31.12
C ARG S 479 29.41 27.01 -31.31
N TYR S 480 28.72 28.14 -31.44
CA TYR S 480 27.27 28.11 -31.59
C TYR S 480 26.93 27.96 -33.08
N ARG S 481 25.64 27.96 -33.39
CA ARG S 481 25.16 27.80 -34.75
C ARG S 481 23.90 28.62 -34.94
N PRO S 482 23.88 29.57 -35.87
CA PRO S 482 22.70 30.41 -36.07
C PRO S 482 21.49 29.58 -36.47
N PRO S 483 20.29 29.96 -36.02
CA PRO S 483 19.11 29.16 -36.32
C PRO S 483 18.84 29.12 -37.82
N VAL S 484 18.34 27.97 -38.28
CA VAL S 484 18.02 27.77 -39.68
C VAL S 484 16.71 28.47 -40.00
N ARG S 485 16.65 29.13 -41.15
CA ARG S 485 15.47 29.88 -41.54
C ARG S 485 15.06 29.54 -42.97
N GLY S 486 14.13 30.30 -43.54
CA GLY S 486 13.70 30.05 -44.90
C GLY S 486 14.83 30.22 -45.89
N ALA S 487 14.78 29.42 -46.95
CA ALA S 487 15.83 29.39 -47.95
C ALA S 487 15.24 28.86 -49.25
N ARG S 488 16.10 28.48 -50.19
CA ARG S 488 15.65 27.95 -51.47
C ARG S 488 14.85 26.67 -51.26
N ILE S 489 13.78 26.53 -52.04
CA ILE S 489 12.90 25.37 -51.94
C ILE S 489 13.19 24.43 -53.12
N ASN S 490 13.58 25.01 -54.26
CA ASN S 490 13.88 24.26 -55.48
C ASN S 490 12.67 23.43 -55.91
N VAL S 491 11.57 24.13 -56.21
CA VAL S 491 10.33 23.47 -56.58
C VAL S 491 10.45 22.88 -57.98
N ASN S 492 10.10 21.60 -58.12
CA ASN S 492 10.03 20.93 -59.41
C ASN S 492 8.58 20.56 -59.69
N MET S 493 8.06 21.02 -60.82
CA MET S 493 6.68 20.77 -61.18
C MET S 493 6.57 19.63 -62.19
N ASP T 4 -4.43 57.71 31.08
CA ASP T 4 -5.14 56.76 30.22
C ASP T 4 -5.28 55.42 30.92
N ALA T 5 -6.33 54.68 30.56
CA ALA T 5 -6.51 53.34 31.09
C ALA T 5 -5.40 52.42 30.57
N LEU T 6 -5.10 51.39 31.37
CA LEU T 6 -4.11 50.37 31.05
C LEU T 6 -2.68 50.90 31.16
N SER T 7 -2.54 52.20 31.35
CA SER T 7 -1.22 52.81 31.54
C SER T 7 -0.99 53.12 33.01
N ASP T 8 -1.11 52.08 33.84
CA ASP T 8 -0.97 52.18 35.28
C ASP T 8 0.01 51.10 35.73
N GLY T 9 1.30 51.43 35.66
CA GLY T 9 2.34 50.47 35.96
C GLY T 9 2.66 49.58 34.77
N PHE T 10 3.61 48.67 35.00
CA PHE T 10 4.03 47.68 34.01
C PHE T 10 4.56 48.32 32.73
N VAL T 11 3.72 48.40 31.70
CA VAL T 11 4.18 48.90 30.41
C VAL T 11 4.40 50.40 30.47
N ARG T 12 5.56 50.84 30.03
CA ARG T 12 5.90 52.27 29.97
C ARG T 12 6.15 52.64 28.52
N LEU T 13 5.19 53.34 27.91
CA LEU T 13 5.36 53.79 26.55
C LEU T 13 6.30 54.98 26.49
N CYS T 14 7.24 54.94 25.54
CA CYS T 14 8.23 56.00 25.37
C CYS T 14 8.35 56.35 23.88
N ILE T 15 7.20 56.58 23.24
CA ILE T 15 7.16 56.83 21.80
C ILE T 15 8.03 58.03 21.48
N ASP T 16 8.98 57.84 20.54
CA ASP T 16 9.88 58.90 20.09
C ASP T 16 10.43 58.56 18.72
N PRO T 17 10.32 59.46 17.75
CA PRO T 17 10.84 59.16 16.39
C PRO T 17 12.35 59.21 16.27
N SER T 18 13.07 59.67 17.28
CA SER T 18 14.53 59.78 17.24
C SER T 18 15.11 58.71 18.17
N LEU T 19 15.26 57.51 17.63
CA LEU T 19 15.84 56.39 18.37
C LEU T 19 16.53 55.48 17.37
N ASN T 20 17.83 55.28 17.54
CA ASN T 20 18.62 54.39 16.69
C ASN T 20 19.03 53.17 17.50
N PHE T 21 18.78 51.99 16.94
CA PHE T 21 19.05 50.73 17.64
C PHE T 21 20.33 50.05 17.16
N PHE T 22 20.96 50.56 16.11
CA PHE T 22 22.21 49.98 15.62
C PHE T 22 23.42 50.69 16.23
N GLY T 23 23.56 51.98 15.99
CA GLY T 23 24.58 52.78 16.63
C GLY T 23 25.81 53.06 15.78
N GLU T 24 25.87 54.25 15.20
CA GLU T 24 27.02 54.74 14.45
C GLU T 24 27.37 53.73 13.35
N GLY T 25 28.65 53.65 13.00
CA GLY T 25 29.09 52.63 12.04
C GLY T 25 29.72 53.24 10.81
N CYS T 26 30.95 52.81 10.53
CA CYS T 26 31.65 53.13 9.28
C CYS T 26 31.81 54.65 9.11
N LYS T 27 32.56 55.24 10.03
CA LYS T 27 32.79 56.68 10.01
C LYS T 27 33.62 57.08 8.79
N ILE T 28 33.34 58.28 8.28
CA ILE T 28 34.05 58.84 7.12
C ILE T 28 34.49 60.24 7.46
N LEU T 29 35.65 60.64 6.96
CA LEU T 29 36.22 61.96 7.20
C LEU T 29 36.35 62.71 5.88
N VAL T 30 35.84 63.94 5.85
CA VAL T 30 35.92 64.81 4.68
C VAL T 30 36.68 66.06 5.07
N GLU T 31 37.68 66.43 4.26
CA GLU T 31 38.53 67.58 4.53
C GLU T 31 38.49 68.54 3.36
N GLY T 32 38.44 69.83 3.66
CA GLY T 32 38.42 70.85 2.62
C GLY T 32 38.58 72.22 3.24
N GLN T 33 38.48 73.23 2.38
CA GLN T 33 38.63 74.62 2.77
C GLN T 33 37.25 75.24 3.00
N MET T 34 37.09 75.90 4.15
CA MET T 34 35.82 76.48 4.56
C MET T 34 35.91 78.00 4.58
N THR T 35 34.83 78.66 4.18
CA THR T 35 34.79 80.12 4.14
C THR T 35 34.44 80.69 5.51
N ASP T 36 34.74 81.99 5.68
CA ASP T 36 34.58 82.64 6.98
C ASP T 36 33.14 82.80 7.40
N ASP T 37 32.17 82.53 6.52
CA ASP T 37 30.77 82.66 6.89
C ASP T 37 30.39 81.68 8.01
N GLY T 38 30.90 80.46 7.94
CA GLY T 38 30.54 79.45 8.92
C GLY T 38 31.13 79.72 10.30
N SER T 39 30.60 79.00 11.28
CA SER T 39 31.01 79.16 12.67
C SER T 39 31.79 77.97 13.20
N ALA T 40 32.18 77.03 12.34
CA ALA T 40 32.91 75.87 12.79
C ALA T 40 34.35 76.23 13.12
N THR T 41 34.88 75.60 14.17
CA THR T 41 36.26 75.86 14.57
C THR T 41 37.22 75.21 13.57
N PRO T 42 38.15 75.95 12.99
CA PRO T 42 39.09 75.36 12.03
C PRO T 42 40.02 74.36 12.68
N ASP T 43 40.49 73.41 11.88
CA ASP T 43 41.46 72.40 12.30
C ASP T 43 40.94 71.58 13.48
N ALA T 44 39.66 71.25 13.45
CA ALA T 44 39.04 70.42 14.48
C ALA T 44 38.08 69.43 13.83
N VAL T 45 38.14 68.18 14.25
CA VAL T 45 37.27 67.14 13.71
C VAL T 45 35.94 67.18 14.46
N THR T 46 34.84 67.28 13.71
CA THR T 46 33.50 67.36 14.27
C THR T 46 32.56 66.49 13.45
N CYS T 47 31.46 66.10 14.09
CA CYS T 47 30.46 65.26 13.45
C CYS T 47 29.35 66.11 12.86
N VAL T 48 29.03 65.86 11.60
CA VAL T 48 27.94 66.55 10.91
C VAL T 48 26.78 65.56 10.80
N THR T 49 25.61 65.96 11.30
CA THR T 49 24.48 65.05 11.43
C THR T 49 23.30 65.41 10.55
N SER T 50 23.41 66.44 9.70
CA SER T 50 22.31 66.81 8.83
C SER T 50 22.89 67.57 7.64
N GLU T 51 22.00 68.08 6.78
CA GLU T 51 22.37 68.50 5.44
C GLU T 51 22.37 70.00 5.21
N LEU T 52 21.58 70.77 5.95
CA LEU T 52 21.47 72.20 5.69
C LEU T 52 22.07 73.09 6.78
N ASP T 53 22.32 72.54 7.97
CA ASP T 53 23.09 73.31 8.94
C ASP T 53 24.55 73.43 8.55
N ILE T 54 24.97 72.71 7.51
CA ILE T 54 26.36 72.79 7.04
C ILE T 54 26.65 74.17 6.48
N ILE T 55 25.63 74.86 5.95
CA ILE T 55 25.82 76.22 5.45
C ILE T 55 26.20 77.15 6.59
N GLU T 56 25.51 77.04 7.72
CA GLU T 56 25.79 77.91 8.86
C GLU T 56 27.10 77.54 9.54
N ARG T 57 27.53 76.28 9.41
CA ARG T 57 28.72 75.81 10.13
C ARG T 57 30.00 76.00 9.33
N PHE T 58 30.01 75.59 8.06
CA PHE T 58 31.21 75.62 7.24
C PHE T 58 31.14 76.65 6.13
N GLY T 59 30.19 77.58 6.19
CA GLY T 59 30.09 78.63 5.21
C GLY T 59 29.25 78.22 4.01
N GLN T 60 28.74 79.24 3.31
CA GLN T 60 27.92 79.05 2.12
C GLN T 60 28.80 79.15 0.87
N GLY T 61 28.72 78.14 0.02
CA GLY T 61 29.51 78.10 -1.19
C GLY T 61 30.93 77.59 -1.03
N SER T 62 31.32 77.19 0.18
CA SER T 62 32.67 76.67 0.40
C SER T 62 32.82 75.30 -0.24
N VAL T 63 34.07 74.95 -0.56
CA VAL T 63 34.35 73.67 -1.19
C VAL T 63 33.97 72.52 -0.25
N LEU T 64 34.27 72.67 1.04
CA LEU T 64 33.91 71.64 2.01
C LEU T 64 32.41 71.46 2.07
N THR T 65 31.65 72.55 2.01
CA THR T 65 30.19 72.44 1.99
C THR T 65 29.71 71.66 0.77
N GLU T 66 30.32 71.91 -0.39
CA GLU T 66 29.93 71.21 -1.60
C GLU T 66 30.23 69.72 -1.48
N SER T 67 31.43 69.38 -1.03
CA SER T 67 31.80 67.97 -0.89
C SER T 67 30.90 67.26 0.11
N LEU T 68 30.61 67.93 1.24
CA LEU T 68 29.77 67.32 2.26
C LEU T 68 28.34 67.16 1.76
N ARG T 69 27.85 68.10 0.97
CA ARG T 69 26.52 67.97 0.39
C ARG T 69 26.46 66.79 -0.57
N LYS T 70 27.50 66.61 -1.39
CA LYS T 70 27.52 65.44 -2.27
C LYS T 70 27.60 64.14 -1.48
N VAL T 71 28.38 64.11 -0.41
CA VAL T 71 28.45 62.92 0.44
C VAL T 71 27.08 62.60 1.03
N PHE T 72 26.38 63.64 1.52
CA PHE T 72 25.07 63.41 2.11
C PHE T 72 24.01 63.06 1.07
N CYS T 73 24.18 63.53 -0.16
CA CYS T 73 23.31 63.09 -1.25
C CYS T 73 23.52 61.62 -1.56
N THR T 74 24.79 61.17 -1.56
CA THR T 74 25.08 59.80 -1.94
C THR T 74 24.49 58.80 -0.95
N CYS T 75 24.54 59.13 0.34
CA CYS T 75 24.19 58.16 1.38
C CYS T 75 23.01 58.65 2.19
N LYS T 76 22.15 57.71 2.58
CA LYS T 76 20.98 58.02 3.39
C LYS T 76 21.00 57.37 4.76
N SER T 77 21.84 56.37 4.99
CA SER T 77 21.98 55.73 6.29
C SER T 77 23.23 54.87 6.28
N GLY T 78 23.65 54.45 7.48
CA GLY T 78 24.75 53.52 7.62
C GLY T 78 26.12 54.14 7.77
N VAL T 79 26.24 55.47 7.69
CA VAL T 79 27.53 56.15 7.81
C VAL T 79 27.39 57.30 8.78
N SER T 80 28.42 57.51 9.59
CA SER T 80 28.52 58.66 10.49
C SER T 80 29.61 59.57 9.94
N VAL T 81 29.20 60.69 9.36
CA VAL T 81 30.09 61.55 8.60
C VAL T 81 30.76 62.56 9.54
N TYR T 82 32.08 62.66 9.44
CA TYR T 82 32.86 63.65 10.18
C TYR T 82 33.56 64.58 9.20
N ALA T 83 33.73 65.83 9.61
CA ALA T 83 34.32 66.86 8.76
C ALA T 83 35.52 67.49 9.47
N LEU T 84 36.54 67.83 8.68
CA LEU T 84 37.74 68.49 9.19
C LEU T 84 37.94 69.77 8.40
N PRO T 85 37.37 70.88 8.85
CA PRO T 85 37.50 72.13 8.11
C PRO T 85 38.92 72.68 8.15
N ARG T 86 39.28 73.39 7.08
CA ARG T 86 40.55 74.10 7.00
C ARG T 86 40.28 75.53 6.56
N GLU T 87 41.09 76.46 7.07
CA GLU T 87 40.96 77.86 6.73
C GLU T 87 41.93 78.22 5.61
N ASP T 88 41.51 79.16 4.77
CA ASP T 88 42.32 79.57 3.64
C ASP T 88 43.63 80.19 4.10
N ALA T 89 44.69 79.94 3.35
CA ALA T 89 46.00 80.47 3.71
C ALA T 89 46.00 82.00 3.61
N ALA T 90 46.86 82.63 4.42
CA ALA T 90 46.92 84.08 4.43
C ALA T 90 47.37 84.63 3.08
N ALA T 91 48.34 83.98 2.45
CA ALA T 91 48.85 84.41 1.15
C ALA T 91 48.07 83.83 -0.01
N GLY T 92 47.00 83.09 0.25
CA GLY T 92 46.23 82.50 -0.84
C GLY T 92 45.62 83.56 -1.73
N VAL T 93 45.65 83.30 -3.03
CA VAL T 93 45.12 84.21 -4.05
C VAL T 93 43.92 83.55 -4.71
N LYS T 94 42.81 84.28 -4.77
CA LYS T 94 41.60 83.76 -5.38
C LYS T 94 41.68 83.84 -6.90
N ALA T 95 41.13 82.83 -7.57
CA ALA T 95 41.09 82.81 -9.02
C ALA T 95 39.90 83.60 -9.54
N VAL T 96 40.07 84.25 -10.68
CA VAL T 96 39.07 85.13 -11.26
C VAL T 96 38.70 84.64 -12.64
N TYR T 97 37.40 84.50 -12.90
CA TYR T 97 36.86 84.14 -14.19
C TYR T 97 36.02 85.27 -14.74
N THR T 98 36.01 85.40 -16.06
CA THR T 98 35.19 86.39 -16.74
C THR T 98 34.39 85.71 -17.84
N LEU T 99 33.08 85.97 -17.85
CA LEU T 99 32.18 85.41 -18.84
C LEU T 99 31.69 86.56 -19.72
N THR T 100 32.17 86.63 -20.94
CA THR T 100 31.86 87.71 -21.87
C THR T 100 30.69 87.32 -22.75
N ILE T 101 29.68 88.18 -22.82
CA ILE T 101 28.50 87.92 -23.63
C ILE T 101 28.55 88.77 -24.90
N GLY T 109 14.90 83.29 -27.55
CA GLY T 109 15.29 81.90 -27.34
C GLY T 109 15.85 81.65 -25.95
N ARG T 110 15.62 80.46 -25.43
CA ARG T 110 16.12 80.10 -24.11
C ARG T 110 17.63 79.91 -24.15
N VAL T 111 18.27 80.22 -23.03
CA VAL T 111 19.73 80.13 -22.89
C VAL T 111 20.03 79.20 -21.72
N GLN T 112 20.92 78.23 -21.95
CA GLN T 112 21.32 77.27 -20.94
C GLN T 112 22.83 77.24 -20.83
N LEU T 113 23.34 77.33 -19.61
CA LEU T 113 24.77 77.23 -19.33
C LEU T 113 25.01 76.15 -18.28
N TYR T 114 26.18 75.54 -18.35
CA TYR T 114 26.59 74.51 -17.42
C TYR T 114 27.76 75.01 -16.59
N MET T 115 27.62 74.96 -15.27
CA MET T 115 28.66 75.39 -14.34
C MET T 115 28.74 74.38 -13.21
N GLY T 116 29.96 73.89 -12.94
CA GLY T 116 30.13 72.90 -11.91
C GLY T 116 29.43 71.59 -12.25
N GLU T 117 28.35 71.30 -11.54
CA GLU T 117 27.52 70.13 -11.80
C GLU T 117 26.13 70.57 -12.25
N ALA T 118 25.27 69.59 -12.52
CA ALA T 118 23.95 69.89 -13.06
C ALA T 118 23.07 70.66 -12.09
N GLU T 119 23.34 70.54 -10.78
CA GLU T 119 22.53 71.23 -9.79
C GLU T 119 22.66 72.75 -9.90
N TYR T 120 23.75 73.25 -10.47
CA TYR T 120 24.02 74.67 -10.54
C TYR T 120 23.82 75.24 -11.95
N ALA T 121 23.14 74.49 -12.81
CA ALA T 121 22.88 74.95 -14.17
C ALA T 121 21.88 76.10 -14.17
N VAL T 122 22.01 76.97 -15.16
CA VAL T 122 21.11 78.10 -15.31
C VAL T 122 20.38 78.04 -16.64
N ASP T 127 14.11 87.48 -23.89
CA ASP T 127 13.20 87.54 -25.02
C ASP T 127 13.79 88.34 -26.18
N ALA T 128 12.95 88.67 -27.16
CA ALA T 128 13.40 89.43 -28.31
C ALA T 128 13.76 90.86 -27.90
N GLY T 129 14.87 91.35 -28.43
CA GLY T 129 15.30 92.71 -28.18
C GLY T 129 16.03 92.93 -26.88
N ASP T 130 16.24 91.89 -26.08
CA ASP T 130 16.96 92.06 -24.82
C ASP T 130 18.44 92.27 -25.08
N THR T 131 19.02 93.26 -24.40
CA THR T 131 20.41 93.62 -24.61
C THR T 131 21.33 92.68 -23.82
N ALA T 132 22.64 92.84 -24.04
CA ALA T 132 23.62 92.04 -23.32
C ALA T 132 23.56 92.32 -21.83
N THR T 133 23.43 93.59 -21.44
CA THR T 133 23.31 93.93 -20.03
C THR T 133 22.03 93.33 -19.43
N ASP T 134 20.97 93.23 -20.22
CA ASP T 134 19.75 92.58 -19.76
C ASP T 134 20.01 91.10 -19.46
N ILE T 135 20.82 90.45 -20.30
CA ILE T 135 21.14 89.04 -20.09
C ILE T 135 21.91 88.85 -18.79
N ALA T 136 22.88 89.73 -18.52
CA ALA T 136 23.72 89.58 -17.34
C ALA T 136 22.90 89.70 -16.06
N ALA T 137 21.93 90.63 -16.03
CA ALA T 137 21.12 90.81 -14.83
C ALA T 137 20.30 89.56 -14.53
N ALA T 138 19.72 88.94 -15.56
CA ALA T 138 18.92 87.74 -15.34
C ALA T 138 19.79 86.57 -14.87
N ILE T 139 20.97 86.40 -15.46
CA ILE T 139 21.83 85.28 -15.12
C ILE T 139 22.27 85.36 -13.66
N VAL T 140 22.70 86.55 -13.23
CA VAL T 140 23.17 86.72 -11.86
C VAL T 140 22.05 86.45 -10.87
N ALA T 141 20.84 86.95 -11.16
CA ALA T 141 19.69 86.70 -10.30
C ALA T 141 19.23 85.25 -10.35
N ALA T 142 19.71 84.46 -11.32
CA ALA T 142 19.32 83.07 -11.44
C ALA T 142 20.41 82.09 -11.01
N ILE T 143 21.65 82.56 -10.83
CA ILE T 143 22.72 81.69 -10.37
C ILE T 143 22.44 81.26 -8.93
N SER T 144 22.60 79.97 -8.67
CA SER T 144 22.30 79.43 -7.35
C SER T 144 23.22 80.07 -6.32
N PRO T 145 22.69 80.44 -5.14
CA PRO T 145 23.53 81.10 -4.13
C PRO T 145 24.69 80.26 -3.64
N ASP T 146 24.53 78.93 -3.60
CA ASP T 146 25.58 78.05 -3.10
C ASP T 146 26.65 77.75 -4.14
N PHE T 147 26.66 78.44 -5.26
CA PHE T 147 27.71 78.25 -6.24
C PHE T 147 29.06 78.65 -5.64
N PRO T 148 30.11 77.87 -5.85
CA PRO T 148 31.38 78.14 -5.15
C PRO T 148 32.14 79.34 -5.71
N TYR T 149 31.50 80.13 -6.57
CA TYR T 149 32.12 81.32 -7.14
C TYR T 149 31.21 82.52 -6.94
N ALA T 150 31.83 83.70 -6.89
CA ALA T 150 31.07 84.93 -6.67
C ALA T 150 30.38 85.37 -7.95
N ALA T 151 29.15 85.85 -7.80
CA ALA T 151 28.34 86.29 -8.94
C ALA T 151 28.35 87.81 -8.99
N THR T 152 28.84 88.35 -10.10
CA THR T 152 28.90 89.79 -10.32
C THR T 152 28.42 90.12 -11.72
N ALA T 153 27.96 91.35 -11.90
CA ALA T 153 27.48 91.81 -13.20
C ALA T 153 28.62 92.43 -14.00
N VAL T 157 29.52 91.53 -19.50
CA VAL T 157 30.72 90.93 -18.93
C VAL T 157 30.45 90.43 -17.51
N ILE T 158 30.29 89.12 -17.37
CA ILE T 158 30.05 88.50 -16.08
C ILE T 158 31.38 88.06 -15.50
N THR T 159 31.72 88.57 -14.32
CA THR T 159 32.97 88.26 -13.66
C THR T 159 32.71 87.29 -12.51
N LEU T 160 33.42 86.17 -12.52
CA LEU T 160 33.30 85.14 -11.49
C LEU T 160 34.60 85.06 -10.70
N THR T 161 34.49 85.12 -9.38
CA THR T 161 35.64 85.05 -8.49
C THR T 161 35.44 83.89 -7.51
N ALA T 162 36.51 83.14 -7.28
CA ALA T 162 36.44 81.99 -6.40
C ALA T 162 36.14 82.41 -4.97
N ARG T 163 35.34 81.62 -4.28
CA ARG T 163 35.02 81.89 -2.88
C ARG T 163 36.08 81.38 -1.92
N ASN T 164 37.02 80.56 -2.38
CA ASN T 164 38.09 80.03 -1.55
C ASN T 164 39.41 80.29 -2.24
N ALA T 165 40.38 80.83 -1.50
CA ALA T 165 41.69 81.13 -2.05
C ALA T 165 42.51 79.85 -2.16
N GLY T 166 43.15 79.66 -3.30
CA GLY T 166 43.98 78.51 -3.54
C GLY T 166 43.82 78.01 -4.96
N THR T 167 44.46 76.88 -5.24
CA THR T 167 44.40 76.26 -6.56
C THR T 167 43.10 75.50 -6.80
N ILE T 168 42.25 75.36 -5.79
CA ILE T 168 41.01 74.60 -5.92
C ILE T 168 39.97 75.31 -6.77
N GLY T 169 40.22 76.55 -7.16
CA GLY T 169 39.31 77.30 -8.00
C GLY T 169 39.63 77.31 -9.47
N ASN T 170 40.72 76.66 -9.89
CA ASN T 170 41.15 76.68 -11.28
C ASN T 170 40.46 75.62 -12.13
N HIS T 171 39.59 74.80 -11.55
CA HIS T 171 39.00 73.67 -12.24
C HIS T 171 37.51 73.88 -12.53
N LEU T 172 37.13 75.11 -12.86
CA LEU T 172 35.75 75.43 -13.17
C LEU T 172 35.45 75.24 -14.65
N THR T 186 17.90 78.54 -29.11
CA THR T 186 18.83 79.59 -28.71
C THR T 186 18.53 80.90 -29.42
N PRO T 187 18.62 82.01 -28.71
CA PRO T 187 18.34 83.31 -29.33
C PRO T 187 19.43 83.68 -30.32
N GLU T 188 19.04 84.48 -31.32
CA GLU T 188 19.98 84.96 -32.33
C GLU T 188 21.03 85.84 -31.69
N GLY T 189 22.28 85.37 -31.64
CA GLY T 189 23.34 86.11 -31.00
C GLY T 189 23.83 85.41 -29.74
N VAL T 190 24.22 86.20 -28.74
CA VAL T 190 24.69 85.70 -27.44
C VAL T 190 25.92 84.83 -27.68
N THR T 191 27.08 85.46 -27.83
CA THR T 191 28.34 84.76 -28.05
C THR T 191 29.05 84.64 -26.70
N VAL T 192 28.68 83.61 -25.95
CA VAL T 192 29.25 83.38 -24.62
C VAL T 192 30.69 82.96 -24.75
N THR T 193 31.57 83.63 -23.99
CA THR T 193 32.99 83.32 -23.98
C THR T 193 33.43 83.10 -22.53
N PHE T 194 34.31 82.12 -22.33
CA PHE T 194 34.77 81.72 -20.99
C PHE T 194 36.25 81.42 -21.09
N ALA T 195 37.08 82.34 -20.58
CA ALA T 195 38.52 82.24 -20.79
C ALA T 195 39.37 82.49 -19.55
N GLN T 196 38.78 82.85 -18.41
CA GLN T 196 39.50 83.10 -17.15
C GLN T 196 40.43 84.31 -17.26
N THR T 197 40.76 84.92 -16.12
CA THR T 197 41.71 86.02 -16.09
C THR T 197 42.83 85.84 -15.09
N THR T 198 42.56 85.24 -13.93
CA THR T 198 43.55 85.07 -12.88
C THR T 198 43.52 83.65 -12.36
N ALA T 199 44.70 83.09 -12.10
CA ALA T 199 44.84 81.73 -11.59
C ALA T 199 45.28 81.80 -10.14
N GLY T 200 44.57 81.08 -9.27
CA GLY T 200 44.90 81.06 -7.86
C GLY T 200 46.15 80.26 -7.56
N SER T 201 46.65 80.44 -6.34
CA SER T 201 47.86 79.75 -5.91
C SER T 201 47.85 79.69 -4.38
N VAL T 202 48.92 79.12 -3.83
CA VAL T 202 49.13 78.98 -2.38
C VAL T 202 48.09 78.05 -1.78
N ASN T 203 48.53 76.86 -1.36
CA ASN T 203 47.64 75.87 -0.78
C ASN T 203 48.08 75.51 0.63
N PRO T 204 47.15 75.41 1.57
CA PRO T 204 47.54 75.10 2.96
C PRO T 204 48.18 73.73 3.06
N THR T 205 49.14 73.61 3.97
CA THR T 205 49.82 72.36 4.30
C THR T 205 49.79 72.20 5.81
N PRO T 206 48.68 71.70 6.37
CA PRO T 206 48.53 71.73 7.84
C PRO T 206 49.57 70.91 8.58
N ASN T 207 49.70 69.62 8.25
CA ASN T 207 50.66 68.72 8.91
C ASN T 207 50.43 68.66 10.42
N ASP T 208 49.16 68.60 10.82
CA ASP T 208 48.81 68.45 12.23
C ASP T 208 47.89 67.26 12.44
N TYR T 209 48.07 66.21 11.65
CA TYR T 209 47.17 65.06 11.72
C TYR T 209 47.27 64.35 13.07
N ALA T 210 48.48 64.28 13.63
CA ALA T 210 48.67 63.56 14.88
C ALA T 210 47.86 64.19 16.02
N THR T 211 47.91 65.51 16.13
CA THR T 211 47.22 66.18 17.22
C THR T 211 45.72 66.29 16.96
N VAL T 212 45.31 66.52 15.72
CA VAL T 212 43.91 66.72 15.42
C VAL T 212 43.13 65.41 15.57
N VAL T 213 43.50 64.41 14.80
CA VAL T 213 42.90 63.08 14.88
C VAL T 213 43.95 62.14 15.50
N ASN T 214 43.84 61.95 16.82
CA ASN T 214 44.85 61.17 17.54
C ASN T 214 44.57 59.68 17.44
N GLU T 215 43.43 59.23 17.96
CA GLU T 215 43.09 57.81 17.97
C GLU T 215 41.68 57.53 17.48
N CYS T 216 41.01 58.53 16.90
CA CYS T 216 39.68 58.31 16.32
C CYS T 216 39.84 57.49 15.04
N CYS T 217 39.59 56.20 15.14
CA CYS T 217 39.83 55.29 14.02
C CYS T 217 38.79 55.55 12.94
N PHE T 218 39.23 56.05 11.79
CA PHE T 218 38.35 56.32 10.65
C PHE T 218 38.52 55.24 9.60
N ALA T 219 37.49 55.09 8.77
CA ALA T 219 37.47 54.08 7.72
C ALA T 219 37.89 54.61 6.36
N VAL T 220 37.37 55.76 5.95
CA VAL T 220 37.67 56.35 4.64
C VAL T 220 37.97 57.82 4.81
N TYR T 221 39.07 58.26 4.20
CA TYR T 221 39.51 59.66 4.25
C TYR T 221 39.32 60.28 2.88
N VAL T 222 38.69 61.45 2.85
CA VAL T 222 38.43 62.18 1.61
C VAL T 222 39.11 63.54 1.70
N LEU T 223 39.90 63.87 0.69
CA LEU T 223 40.58 65.16 0.60
C LEU T 223 40.09 65.87 -0.66
N SER T 224 39.85 67.17 -0.53
CA SER T 224 39.27 67.97 -1.61
C SER T 224 40.24 69.02 -2.12
N SER T 225 41.51 68.65 -2.27
CA SER T 225 42.52 69.53 -2.83
C SER T 225 43.41 68.74 -3.77
N ASP T 226 43.88 69.41 -4.83
CA ASP T 226 44.77 68.81 -5.80
C ASP T 226 46.25 69.03 -5.46
N ASP T 227 46.54 69.67 -4.33
CA ASP T 227 47.91 69.90 -3.93
C ASP T 227 48.60 68.58 -3.62
N THR T 228 49.66 68.27 -4.37
CA THR T 228 50.33 66.98 -4.21
C THR T 228 50.97 66.85 -2.83
N ASP T 229 51.44 67.96 -2.25
CA ASP T 229 52.05 67.89 -0.92
C ASP T 229 51.04 67.48 0.14
N TRP T 230 49.82 68.03 0.06
CA TRP T 230 48.78 67.67 1.02
C TRP T 230 48.41 66.19 0.90
N GLN T 231 48.27 65.71 -0.34
CA GLN T 231 47.97 64.29 -0.55
C GLN T 231 49.10 63.40 -0.04
N GLU T 232 50.34 63.82 -0.27
CA GLU T 232 51.49 63.05 0.23
C GLU T 232 51.50 63.00 1.75
N ASN T 233 51.17 64.13 2.40
CA ASN T 233 51.15 64.16 3.86
C ASN T 233 50.04 63.26 4.41
N LEU T 234 48.86 63.30 3.79
CA LEU T 234 47.78 62.41 4.21
C LEU T 234 48.18 60.95 3.99
N ARG T 235 48.86 60.67 2.87
CA ARG T 235 49.40 59.35 2.63
C ARG T 235 50.32 58.92 3.76
N ASP T 236 51.24 59.80 4.15
CA ASP T 236 52.20 59.46 5.19
C ASP T 236 51.50 59.16 6.51
N TRP T 237 50.51 59.96 6.87
CA TRP T 237 49.79 59.69 8.12
C TRP T 237 49.04 58.36 8.04
N ILE T 238 48.37 58.10 6.91
CA ILE T 238 47.60 56.86 6.78
C ILE T 238 48.52 55.65 6.84
N ARG T 239 49.69 55.75 6.22
CA ARG T 239 50.68 54.69 6.33
C ARG T 239 51.14 54.54 7.78
N SER T 240 51.32 55.65 8.49
CA SER T 240 51.69 55.58 9.90
C SER T 240 50.60 54.91 10.74
N ALA T 241 49.35 54.96 10.28
CA ALA T 241 48.28 54.30 11.02
C ALA T 241 48.49 52.79 11.08
N TRP T 242 49.14 52.20 10.08
CA TRP T 242 49.46 50.78 10.09
C TRP T 242 50.89 50.56 10.58
N ASP T 243 51.13 50.93 11.83
CA ASP T 243 52.43 50.79 12.46
C ASP T 243 52.44 49.53 13.30
N CYS T 244 53.48 48.71 13.13
CA CYS T 244 53.62 47.53 13.97
C CYS T 244 53.97 47.86 15.41
N SER T 245 54.34 49.10 15.70
CA SER T 245 54.69 49.53 17.05
C SER T 245 53.52 50.14 17.81
N LYS T 246 52.38 50.34 17.17
CA LYS T 246 51.22 50.95 17.80
C LYS T 246 49.96 50.20 17.37
N PRO T 247 48.91 50.25 18.19
CA PRO T 247 47.61 49.72 17.74
C PRO T 247 47.15 50.46 16.49
N GLN T 248 46.53 49.72 15.57
CA GLN T 248 46.23 50.24 14.25
C GLN T 248 44.76 50.64 14.13
N CYS T 249 44.53 51.78 13.48
CA CYS T 249 43.20 52.19 13.02
C CYS T 249 43.26 52.15 11.49
N PHE T 250 42.95 50.98 10.92
CA PHE T 250 43.03 50.80 9.48
C PHE T 250 42.07 51.78 8.78
N GLY T 251 42.57 52.40 7.71
CA GLY T 251 41.80 53.36 6.97
C GLY T 251 42.25 53.41 5.52
N HIS T 252 41.59 54.27 4.76
CA HIS T 252 41.91 54.44 3.35
C HIS T 252 41.60 55.87 2.93
N GLY T 253 42.27 56.32 1.89
CA GLY T 253 42.12 57.69 1.42
C GLY T 253 41.83 57.75 -0.06
N TYR T 254 40.98 58.68 -0.45
CA TYR T 254 40.60 58.89 -1.84
C TYR T 254 40.98 60.30 -2.25
N VAL T 255 41.76 60.41 -3.32
CA VAL T 255 42.23 61.70 -3.84
C VAL T 255 42.09 61.69 -5.35
N PHE T 256 42.30 62.87 -5.95
CA PHE T 256 42.18 63.04 -7.39
C PHE T 256 43.40 63.78 -7.92
N ASN T 257 43.69 63.55 -9.21
CA ASN T 257 44.80 64.21 -9.90
C ASN T 257 44.33 64.58 -11.30
N LYS T 258 43.94 65.84 -11.48
CA LYS T 258 43.44 66.32 -12.76
C LYS T 258 44.58 66.95 -13.55
N GLY T 259 44.69 66.56 -14.82
CA GLY T 259 45.72 67.10 -15.69
C GLY T 259 45.97 66.16 -16.85
N THR T 260 47.00 66.50 -17.63
CA THR T 260 47.37 65.67 -18.76
C THR T 260 48.02 64.38 -18.27
N LEU T 261 48.14 63.41 -19.19
CA LEU T 261 48.64 62.09 -18.83
C LEU T 261 50.05 62.16 -18.26
N GLY T 262 50.90 63.01 -18.85
CA GLY T 262 52.29 63.05 -18.43
C GLY T 262 52.47 63.48 -16.99
N GLN T 263 51.61 64.38 -16.52
CA GLN T 263 51.78 64.91 -15.16
C GLN T 263 50.94 64.18 -14.12
N VAL T 264 49.81 63.60 -14.51
CA VAL T 264 49.04 62.78 -13.56
C VAL T 264 49.81 61.50 -13.25
N LEU T 265 50.48 60.93 -14.25
CA LEU T 265 51.26 59.71 -14.04
C LEU T 265 52.42 59.97 -13.08
N ALA T 266 53.09 61.12 -13.21
CA ALA T 266 54.19 61.45 -12.33
C ALA T 266 53.72 61.75 -10.91
N ASP T 267 52.43 62.05 -10.73
CA ASP T 267 51.89 62.31 -9.40
C ASP T 267 51.61 61.03 -8.62
N GLY T 268 51.69 59.87 -9.25
CA GLY T 268 51.40 58.60 -8.59
C GLY T 268 52.66 57.92 -8.11
N ASP T 269 52.55 57.29 -6.94
CA ASP T 269 53.65 56.55 -6.33
C ASP T 269 53.16 55.16 -5.93
N ASN T 270 54.03 54.42 -5.24
CA ASN T 270 53.77 53.03 -4.91
C ASN T 270 52.84 52.84 -3.72
N SER T 271 52.44 53.92 -3.04
CA SER T 271 51.69 53.78 -1.80
C SER T 271 50.25 53.34 -2.07
N ALA T 272 49.86 52.23 -1.45
CA ALA T 272 48.49 51.74 -1.53
C ALA T 272 47.58 52.38 -0.49
N GLU T 273 48.12 53.24 0.37
CA GLU T 273 47.31 53.89 1.39
C GLU T 273 46.31 54.89 0.81
N LEU T 274 46.42 55.22 -0.46
CA LEU T 274 45.49 56.11 -1.15
C LEU T 274 44.93 55.41 -2.37
N SER T 275 43.89 56.03 -2.95
CA SER T 275 43.26 55.53 -4.17
C SER T 275 43.21 56.70 -5.15
N ARG T 276 44.27 56.87 -5.93
CA ARG T 276 44.35 57.97 -6.87
C ARG T 276 43.27 57.84 -7.93
N LEU T 277 42.59 58.94 -8.21
CA LEU T 277 41.53 58.99 -9.21
C LEU T 277 41.97 59.91 -10.33
N ALA T 278 42.29 59.32 -11.49
CA ALA T 278 42.70 60.11 -12.64
C ALA T 278 41.50 60.83 -13.24
N LEU T 279 41.74 62.05 -13.71
CA LEU T 279 40.70 62.87 -14.33
C LEU T 279 41.26 63.57 -15.54
N PRO T 280 40.52 63.61 -16.64
CA PRO T 280 41.03 64.23 -17.86
C PRO T 280 41.20 65.74 -17.71
N THR T 281 42.05 66.30 -18.58
CA THR T 281 42.29 67.74 -18.55
C THR T 281 41.03 68.52 -18.86
N THR T 282 40.15 67.97 -19.69
CA THR T 282 38.91 68.63 -20.09
C THR T 282 37.73 68.05 -19.30
N TYR T 283 37.94 67.79 -18.02
CA TYR T 283 36.87 67.24 -17.18
C TYR T 283 35.91 68.35 -16.80
N PRO T 284 34.62 68.23 -17.13
CA PRO T 284 33.67 69.32 -16.83
C PRO T 284 33.39 69.50 -15.34
N VAL T 285 33.05 68.41 -14.65
CA VAL T 285 32.60 68.50 -13.27
C VAL T 285 33.76 68.94 -12.36
N LEU T 286 33.42 69.62 -11.27
CA LEU T 286 34.40 70.00 -10.27
C LEU T 286 35.02 68.75 -9.67
N PRO T 287 36.35 68.59 -9.71
CA PRO T 287 36.95 67.30 -9.33
C PRO T 287 36.64 66.86 -7.91
N TYR T 288 36.59 67.79 -6.95
CA TYR T 288 36.36 67.40 -5.56
C TYR T 288 34.97 66.81 -5.37
N LEU T 289 33.99 67.25 -6.15
CA LEU T 289 32.65 66.68 -6.06
C LEU T 289 32.67 65.20 -6.45
N THR T 290 33.30 64.88 -7.58
CA THR T 290 33.41 63.49 -8.01
C THR T 290 34.21 62.66 -7.01
N ASN T 291 35.30 63.23 -6.49
CA ASN T 291 36.11 62.52 -5.50
C ASN T 291 35.30 62.20 -4.26
N ALA T 292 34.56 63.18 -3.75
CA ALA T 292 33.75 62.96 -2.56
C ALA T 292 32.65 61.94 -2.82
N ALA T 293 32.03 62.01 -4.00
CA ALA T 293 30.99 61.03 -4.33
C ALA T 293 31.57 59.62 -4.37
N TYR T 294 32.74 59.45 -4.99
CA TYR T 294 33.36 58.13 -5.06
C TYR T 294 33.71 57.62 -3.67
N GLY T 295 34.33 58.46 -2.85
CA GLY T 295 34.70 58.02 -1.51
C GLY T 295 33.50 57.65 -0.67
N ALA T 296 32.47 58.49 -0.71
CA ALA T 296 31.25 58.22 0.05
C ALA T 296 30.60 56.93 -0.42
N LEU T 297 30.49 56.74 -1.74
CA LEU T 297 29.87 55.52 -2.25
C LEU T 297 30.65 54.29 -1.83
N SER T 298 31.98 54.34 -1.95
CA SER T 298 32.80 53.17 -1.60
C SER T 298 32.63 52.83 -0.13
N ALA T 299 32.85 53.80 0.76
CA ALA T 299 32.73 53.53 2.19
C ALA T 299 31.33 53.07 2.56
N CYS T 300 30.34 53.72 1.98
CA CYS T 300 28.95 53.55 2.34
C CYS T 300 28.39 52.21 1.88
N SER T 301 28.83 51.75 0.70
CA SER T 301 28.46 50.42 0.24
C SER T 301 29.20 49.33 1.02
N THR T 302 30.51 49.49 1.22
CA THR T 302 31.24 48.45 1.94
C THR T 302 30.76 48.33 3.38
N CYS T 303 31.00 49.36 4.20
CA CYS T 303 30.67 49.37 5.61
C CYS T 303 30.89 48.01 6.28
N ASN T 304 29.86 47.17 6.29
CA ASN T 304 29.93 45.84 6.89
C ASN T 304 30.08 44.75 5.84
N ASN T 305 30.34 45.12 4.59
CA ASN T 305 30.55 44.16 3.50
C ASN T 305 31.87 44.53 2.83
N PRO T 306 33.00 44.21 3.46
CA PRO T 306 34.32 44.63 2.96
C PRO T 306 34.86 43.72 1.87
N GLU T 307 34.01 43.36 0.92
CA GLU T 307 34.38 42.47 -0.17
C GLU T 307 33.90 42.93 -1.54
N LEU T 308 32.88 43.79 -1.60
CA LEU T 308 32.28 44.19 -2.87
C LEU T 308 33.16 45.22 -3.55
N ASN T 309 33.60 44.90 -4.77
CA ASN T 309 34.32 45.89 -5.58
C ASN T 309 33.36 46.97 -6.03
N ILE T 310 33.77 48.23 -5.89
CA ILE T 310 32.95 49.35 -6.35
C ILE T 310 33.16 49.49 -7.85
N GLN T 311 32.34 48.79 -8.63
CA GLN T 311 32.50 48.73 -10.08
C GLN T 311 31.16 48.33 -10.69
N GLY T 312 31.10 48.38 -12.01
CA GLY T 312 29.92 47.99 -12.73
C GLY T 312 28.81 49.02 -12.63
N GLN T 313 27.91 48.98 -13.62
CA GLN T 313 26.79 49.91 -13.65
C GLN T 313 25.92 49.81 -12.39
N THR T 314 25.89 48.64 -11.76
CA THR T 314 25.05 48.45 -10.58
C THR T 314 25.69 49.03 -9.33
N PHE T 315 27.00 48.87 -9.18
CA PHE T 315 27.68 49.26 -7.94
C PHE T 315 28.63 50.44 -8.09
N GLY T 316 29.21 50.63 -9.28
CA GLY T 316 30.12 51.73 -9.49
C GLY T 316 29.46 52.94 -10.13
N LEU T 317 28.24 53.25 -9.70
CA LEU T 317 27.45 54.34 -10.26
C LEU T 317 27.39 55.49 -9.25
N LEU T 318 27.83 56.66 -9.69
CA LEU T 318 27.76 57.87 -8.87
C LEU T 318 26.48 58.61 -9.22
N SER T 319 25.42 58.32 -8.47
CA SER T 319 24.10 58.82 -8.83
C SER T 319 24.02 60.35 -8.73
N CYS T 320 24.60 60.93 -7.68
CA CYS T 320 24.46 62.37 -7.46
C CYS T 320 25.15 63.17 -8.56
N ILE T 321 26.35 62.76 -8.98
CA ILE T 321 27.10 63.52 -9.96
C ILE T 321 26.45 63.37 -11.33
N ASN T 322 26.31 64.48 -12.05
CA ASN T 322 25.71 64.49 -13.37
C ASN T 322 26.63 65.20 -14.35
N MET T 323 26.46 64.87 -15.63
CA MET T 323 27.27 65.47 -16.69
C MET T 323 26.39 65.74 -17.90
N PRO T 324 26.74 66.73 -18.72
CA PRO T 324 26.06 66.88 -20.01
C PRO T 324 26.41 65.73 -20.94
N GLU T 325 25.49 65.44 -21.86
CA GLU T 325 25.68 64.34 -22.79
C GLU T 325 26.89 64.57 -23.67
N SER T 326 27.74 63.55 -23.80
CA SER T 326 28.95 63.66 -24.61
C SER T 326 29.35 62.29 -25.11
N CYS T 327 30.20 62.29 -26.13
CA CYS T 327 30.70 61.05 -26.73
C CYS T 327 32.17 60.76 -26.45
N THR T 328 32.91 61.69 -25.87
CA THR T 328 34.33 61.48 -25.63
C THR T 328 34.61 61.40 -24.13
N PRO T 329 34.68 60.20 -23.55
CA PRO T 329 35.00 60.09 -22.12
C PRO T 329 36.41 60.54 -21.76
N GLY T 330 36.78 61.78 -22.08
CA GLY T 330 38.07 62.27 -21.67
C GLY T 330 39.23 61.50 -22.25
N TRP T 331 39.85 60.66 -21.42
CA TRP T 331 41.00 59.86 -21.84
C TRP T 331 40.62 58.96 -23.02
N THR T 332 41.56 58.80 -23.95
CA THR T 332 41.39 57.87 -25.04
C THR T 332 42.02 56.51 -24.67
N PHE T 333 41.93 55.55 -25.60
CA PHE T 333 42.19 54.15 -25.27
C PHE T 333 43.60 53.96 -24.73
N GLY T 334 44.60 54.56 -25.39
CA GLY T 334 45.97 54.34 -24.97
C GLY T 334 46.24 54.81 -23.55
N GLU T 335 45.89 56.04 -23.24
CA GLU T 335 46.12 56.54 -21.89
C GLU T 335 45.14 55.92 -20.89
N VAL T 336 43.96 55.48 -21.34
CA VAL T 336 43.10 54.68 -20.47
C VAL T 336 43.84 53.44 -20.00
N THR T 337 44.43 52.70 -20.95
CA THR T 337 45.17 51.50 -20.58
C THR T 337 46.38 51.84 -19.70
N GLN T 338 47.07 52.93 -20.03
CA GLN T 338 48.22 53.34 -19.22
C GLN T 338 47.82 53.62 -17.78
N LEU T 339 46.69 54.31 -17.58
CA LEU T 339 46.20 54.57 -16.23
C LEU T 339 45.76 53.28 -15.55
N GLN T 340 45.17 52.35 -16.32
CA GLN T 340 44.81 51.05 -15.77
C GLN T 340 46.04 50.34 -15.21
N ALA T 341 47.14 50.36 -15.95
CA ALA T 341 48.34 49.65 -15.53
C ALA T 341 48.94 50.27 -14.28
N ASN T 342 49.07 51.59 -14.25
CA ASN T 342 49.80 52.26 -13.16
C ASN T 342 48.89 52.68 -12.02
N GLY T 343 48.06 51.77 -11.54
CA GLY T 343 47.30 51.97 -10.31
C GLY T 343 46.44 53.21 -10.26
N PHE T 344 45.74 53.52 -11.35
CA PHE T 344 44.88 54.69 -11.41
C PHE T 344 43.44 54.29 -11.67
N VAL T 345 42.51 55.05 -11.11
CA VAL T 345 41.08 54.81 -11.27
C VAL T 345 40.56 55.70 -12.38
N VAL T 346 39.91 55.09 -13.37
CA VAL T 346 39.39 55.80 -14.54
C VAL T 346 37.87 55.76 -14.49
N SER T 347 37.24 56.91 -14.72
CA SER T 347 35.79 57.04 -14.70
C SER T 347 35.29 57.52 -16.06
N GLY T 348 34.16 56.97 -16.48
CA GLY T 348 33.57 57.33 -17.75
C GLY T 348 32.06 57.45 -17.67
N PRO T 349 31.47 58.23 -18.59
CA PRO T 349 30.02 58.38 -18.59
C PRO T 349 29.31 57.07 -18.90
N SER T 350 28.12 56.92 -18.32
CA SER T 350 27.31 55.72 -18.52
C SER T 350 26.64 55.75 -19.90
N TYR T 358 20.86 64.38 -18.63
CA TYR T 358 22.16 64.31 -17.97
C TYR T 358 22.56 62.87 -17.69
N THR T 359 23.84 62.57 -17.88
CA THR T 359 24.37 61.21 -17.74
C THR T 359 25.27 61.14 -16.51
N SER T 360 24.91 60.25 -15.59
CA SER T 360 25.75 60.00 -14.42
C SER T 360 27.04 59.31 -14.85
N PRO T 361 28.15 59.58 -14.17
CA PRO T 361 29.41 58.94 -14.52
C PRO T 361 29.49 57.53 -13.93
N TYR T 362 30.52 56.80 -14.39
CA TYR T 362 30.69 55.41 -14.04
C TYR T 362 32.18 55.12 -13.94
N ILE T 363 32.59 54.47 -12.85
CA ILE T 363 33.99 54.27 -12.56
C ILE T 363 34.41 52.87 -12.97
N TYR T 364 35.70 52.72 -13.26
CA TYR T 364 36.30 51.43 -13.58
C TYR T 364 37.23 51.04 -12.45
N ASN T 365 37.86 49.87 -12.60
CA ASN T 365 39.12 49.49 -11.95
C ASN T 365 39.30 50.04 -10.54
N ASP T 366 38.40 49.67 -9.61
CA ASP T 366 38.48 50.18 -8.25
C ASP T 366 39.69 49.54 -7.59
N VAL T 367 40.85 50.15 -7.84
CA VAL T 367 42.13 49.62 -7.39
C VAL T 367 42.83 50.64 -6.52
N THR T 368 43.99 50.27 -5.98
CA THR T 368 44.83 51.16 -5.21
C THR T 368 46.19 51.30 -5.90
N ASN T 369 46.84 52.44 -5.67
CA ASN T 369 48.11 52.75 -6.32
C ASN T 369 49.22 51.92 -5.66
N TYR T 370 49.21 50.62 -5.94
CA TYR T 370 50.19 49.69 -5.39
C TYR T 370 50.74 48.87 -6.56
N LEU T 371 51.98 49.18 -6.95
CA LEU T 371 52.60 48.53 -8.09
C LEU T 371 53.80 47.65 -7.73
N ARG T 372 54.46 47.91 -6.61
CA ARG T 372 55.70 47.21 -6.30
C ARG T 372 55.85 46.99 -4.81
N ASP T 373 56.52 45.90 -4.45
CA ASP T 373 57.00 45.66 -3.11
C ASP T 373 58.38 46.33 -2.98
N GLU T 374 59.14 45.95 -1.96
CA GLU T 374 60.51 46.48 -1.77
C GLU T 374 61.29 46.51 -3.08
N LYS T 375 61.48 45.33 -3.69
CA LYS T 375 62.13 45.25 -4.99
C LYS T 375 61.36 44.42 -6.02
N ASN T 376 60.40 43.60 -5.60
CA ASN T 376 59.67 42.74 -6.53
C ASN T 376 58.72 43.59 -7.36
N ARG T 377 59.03 43.75 -8.64
CA ARG T 377 58.16 44.51 -9.53
C ARG T 377 56.76 43.90 -9.62
N PRO T 378 56.58 42.59 -9.86
CA PRO T 378 55.23 42.02 -9.85
C PRO T 378 54.76 41.74 -8.43
N ASN T 379 53.80 42.54 -7.96
CA ASN T 379 53.20 42.32 -6.64
C ASN T 379 51.79 42.91 -6.68
N ALA T 380 50.80 42.03 -6.83
CA ALA T 380 49.41 42.44 -6.98
C ALA T 380 48.57 42.09 -5.76
N THR T 381 49.20 41.87 -4.60
CA THR T 381 48.45 41.50 -3.41
C THR T 381 47.57 42.64 -2.91
N PHE T 382 47.94 43.89 -3.21
CA PHE T 382 47.23 45.05 -2.70
C PHE T 382 46.68 45.93 -3.82
N ARG T 383 46.54 45.41 -5.03
CA ARG T 383 46.08 46.24 -6.14
C ARG T 383 44.66 46.76 -5.90
N ASP T 384 43.69 45.86 -5.85
CA ASP T 384 42.29 46.27 -5.69
C ASP T 384 42.00 46.64 -4.24
N ALA T 385 41.07 47.58 -4.08
CA ALA T 385 40.72 48.07 -2.75
C ALA T 385 40.04 47.02 -1.88
N SER T 386 39.44 46.00 -2.50
CA SER T 386 38.78 44.95 -1.72
C SER T 386 39.78 44.18 -0.87
N SER T 387 40.97 43.92 -1.41
CA SER T 387 41.98 43.18 -0.67
C SER T 387 42.40 43.93 0.59
N ARG T 388 42.41 45.26 0.56
CA ARG T 388 42.79 46.04 1.73
C ARG T 388 41.80 45.83 2.88
N ARG T 389 40.51 46.00 2.59
CA ARG T 389 39.50 45.80 3.61
C ARG T 389 39.46 44.35 4.08
N LEU T 390 39.67 43.41 3.15
CA LEU T 390 39.71 42.00 3.52
C LEU T 390 40.88 41.72 4.48
N ALA T 391 42.05 42.29 4.19
CA ALA T 391 43.20 42.10 5.07
C ALA T 391 42.94 42.69 6.45
N ALA T 392 42.34 43.88 6.49
CA ALA T 392 42.03 44.48 7.78
C ALA T 392 41.04 43.63 8.57
N ALA T 393 40.01 43.11 7.89
CA ALA T 393 39.03 42.27 8.55
C ALA T 393 39.65 40.97 9.06
N THR T 394 40.52 40.36 8.26
CA THR T 394 41.20 39.15 8.71
C THR T 394 42.08 39.43 9.91
N GLY T 395 42.78 40.57 9.89
CA GLY T 395 43.62 40.92 11.03
C GLY T 395 42.83 41.10 12.30
N VAL T 396 41.72 41.85 12.24
CA VAL T 396 40.94 42.09 13.44
C VAL T 396 40.27 40.79 13.91
N ALA T 397 39.83 39.95 12.98
CA ALA T 397 39.24 38.67 13.36
C ALA T 397 40.26 37.77 14.06
N LEU T 398 41.48 37.71 13.52
CA LEU T 398 42.53 36.92 14.17
C LEU T 398 42.85 37.49 15.55
N ALA T 399 42.90 38.82 15.68
CA ALA T 399 43.16 39.42 16.97
C ALA T 399 42.07 39.07 17.98
N GLU T 400 40.81 39.05 17.53
CA GLU T 400 39.72 38.66 18.42
C GLU T 400 39.82 37.20 18.80
N PHE T 401 40.17 36.33 17.85
CA PHE T 401 40.23 34.90 18.14
C PHE T 401 41.37 34.57 19.10
N LEU T 402 42.48 35.28 19.00
CA LEU T 402 43.66 34.99 19.80
C LEU T 402 43.54 35.48 21.24
N GLN T 403 42.46 36.18 21.59
CA GLN T 403 42.33 36.77 22.92
C GLN T 403 42.23 35.73 24.02
N GLN T 404 41.93 34.48 23.68
CA GLN T 404 41.78 33.45 24.71
C GLN T 404 43.11 33.11 25.36
N PHE T 405 44.21 33.33 24.66
CA PHE T 405 45.54 32.98 25.17
C PHE T 405 46.15 34.06 26.05
N ASN T 406 45.59 35.27 26.05
CA ASN T 406 46.15 36.36 26.84
C ASN T 406 45.84 36.11 28.31
N GLY T 407 46.87 35.92 29.12
CA GLY T 407 46.72 35.57 30.50
C GLY T 407 46.66 34.08 30.78
N LEU T 408 46.57 33.26 29.74
CA LEU T 408 46.54 31.82 29.93
C LEU T 408 47.92 31.30 30.31
N ALA T 409 47.94 30.33 31.22
CA ALA T 409 49.21 29.71 31.60
C ALA T 409 49.83 28.99 30.42
N VAL T 410 51.13 29.15 30.24
CA VAL T 410 51.86 28.58 29.12
C VAL T 410 53.06 27.80 29.66
N PHE T 411 53.22 26.57 29.20
CA PHE T 411 54.34 25.73 29.57
C PHE T 411 55.26 25.58 28.37
N THR T 412 56.44 26.20 28.45
CA THR T 412 57.43 26.20 27.38
C THR T 412 58.22 24.88 27.38
N LYS T 413 59.36 24.89 26.68
CA LYS T 413 60.25 23.74 26.52
C LYS T 413 60.45 22.96 27.82
N ASN T 414 60.31 23.63 28.97
CA ASN T 414 60.54 23.03 30.28
C ASN T 414 59.99 21.61 30.41
N THR T 415 58.68 21.45 30.23
CA THR T 415 58.05 20.14 30.41
C THR T 415 56.64 20.21 29.83
N ASN T 416 55.86 19.16 30.07
CA ASN T 416 54.46 19.08 29.65
C ASN T 416 53.53 19.43 30.81
N ILE T 417 52.24 19.51 30.50
CA ILE T 417 51.25 19.91 31.48
C ILE T 417 51.00 18.78 32.47
N ARG T 418 50.79 19.13 33.74
CA ARG T 418 50.43 18.16 34.75
C ARG T 418 48.90 18.12 34.90
N THR T 419 48.42 17.25 35.77
CA THR T 419 46.98 17.04 35.93
C THR T 419 46.34 18.19 36.70
N GLY T 420 45.24 18.71 36.16
CA GLY T 420 44.46 19.73 36.83
C GLY T 420 44.77 21.16 36.42
N ILE T 421 45.93 21.40 35.82
CA ILE T 421 46.33 22.74 35.41
C ILE T 421 45.59 23.12 34.14
N ILE T 422 45.33 24.42 33.97
CA ILE T 422 44.54 24.93 32.86
C ILE T 422 45.47 25.60 31.86
N GLY T 423 46.73 25.17 31.83
CA GLY T 423 47.74 25.76 30.96
C GLY T 423 47.72 25.16 29.57
N THR T 424 48.80 25.47 28.84
CA THR T 424 48.95 25.01 27.46
C THR T 424 50.43 25.10 27.08
N ASN T 425 50.74 24.60 25.89
CA ASN T 425 52.10 24.59 25.37
C ASN T 425 52.05 25.01 23.90
N PRO T 426 53.18 25.44 23.34
CA PRO T 426 53.16 25.99 21.97
C PRO T 426 52.57 25.06 20.92
N ARG T 427 52.78 23.74 21.04
CA ARG T 427 52.27 22.83 20.02
C ARG T 427 50.76 22.85 19.96
N LEU T 428 50.08 22.83 21.12
CA LEU T 428 48.63 22.87 21.13
C LEU T 428 48.10 24.21 20.65
N MET T 429 48.79 25.31 21.00
CA MET T 429 48.40 26.61 20.48
C MET T 429 48.48 26.64 18.96
N LEU T 430 49.57 26.11 18.40
CA LEU T 430 49.72 26.06 16.95
C LEU T 430 48.64 25.20 16.32
N GLY T 431 48.32 24.07 16.94
CA GLY T 431 47.26 23.23 16.42
C GLY T 431 45.91 23.91 16.40
N LYS T 432 45.57 24.60 17.50
CA LYS T 432 44.30 25.31 17.56
C LYS T 432 44.24 26.43 16.53
N ILE T 433 45.32 27.20 16.39
CA ILE T 433 45.35 28.27 15.40
C ILE T 433 45.25 27.71 13.99
N ARG T 434 45.93 26.60 13.73
CA ARG T 434 45.87 25.97 12.41
C ARG T 434 44.46 25.50 12.09
N LYS T 435 43.78 24.89 13.06
CA LYS T 435 42.43 24.42 12.81
C LYS T 435 41.46 25.57 12.62
N TRP T 436 41.65 26.66 13.37
CA TRP T 436 40.84 27.86 13.16
C TRP T 436 41.05 28.43 11.76
N ALA T 437 42.30 28.46 11.30
CA ALA T 437 42.57 28.94 9.95
C ALA T 437 41.94 28.03 8.91
N GLN T 438 41.97 26.72 9.15
CA GLN T 438 41.34 25.77 8.23
C GLN T 438 39.84 25.97 8.18
N ASP T 439 39.21 26.25 9.32
CA ASP T 439 37.75 26.34 9.37
C ASP T 439 37.20 27.61 8.75
N ASN T 440 38.05 28.61 8.45
CA ASN T 440 37.60 29.88 7.89
C ASN T 440 37.80 29.96 6.39
N VAL T 441 38.00 28.83 5.73
CA VAL T 441 38.20 28.82 4.29
C VAL T 441 36.90 29.24 3.60
N GLY T 442 37.02 30.18 2.65
CA GLY T 442 35.90 30.64 1.87
C GLY T 442 35.32 31.96 2.32
N THR T 443 35.59 32.38 3.55
CA THR T 443 35.10 33.66 4.06
C THR T 443 36.20 34.64 4.42
N LEU T 444 37.37 34.16 4.86
CA LEU T 444 38.49 35.03 5.18
C LEU T 444 39.72 34.71 4.35
N PHE T 445 40.09 33.46 4.24
CA PHE T 445 41.28 33.02 3.51
C PHE T 445 40.87 32.29 2.24
N SER T 446 41.87 31.92 1.45
CA SER T 446 41.65 31.08 0.27
C SER T 446 41.53 29.63 0.73
N GLU T 447 41.56 28.69 -0.22
CA GLU T 447 41.42 27.29 0.16
C GLU T 447 42.58 26.85 1.03
N PHE T 448 43.77 26.66 0.44
CA PHE T 448 45.13 26.85 0.93
C PHE T 448 46.12 26.42 -0.14
N ASP T 449 47.41 26.60 0.14
CA ASP T 449 48.49 26.03 -0.65
C ASP T 449 49.13 24.83 0.03
N ASN T 450 49.64 25.02 1.25
CA ASN T 450 50.20 23.91 2.03
C ASN T 450 50.18 24.36 3.50
N ILE T 451 49.15 23.93 4.24
CA ILE T 451 48.94 24.47 5.57
C ILE T 451 50.02 24.05 6.54
N ASN T 452 50.80 23.02 6.22
CA ASN T 452 51.92 22.63 7.08
C ASN T 452 53.06 23.64 7.04
N GLU T 453 53.03 24.62 6.14
CA GLU T 453 54.10 25.59 6.02
C GLU T 453 53.66 27.04 6.15
N ASP T 454 52.38 27.36 5.89
CA ASP T 454 51.97 28.76 5.93
C ASP T 454 51.76 29.28 7.35
N ILE T 455 51.60 28.41 8.34
CA ILE T 455 51.35 28.82 9.72
C ILE T 455 52.47 28.24 10.58
N GLN T 456 53.18 29.12 11.29
CA GLN T 456 54.23 28.72 12.21
C GLN T 456 54.08 29.50 13.51
N LEU T 457 54.33 28.84 14.63
CA LEU T 457 54.32 29.50 15.93
C LEU T 457 55.66 29.26 16.60
N LEU T 458 56.28 30.32 17.09
CA LEU T 458 57.61 30.25 17.68
C LEU T 458 57.62 31.01 19.00
N THR T 459 58.21 30.40 20.02
CA THR T 459 58.41 31.10 21.28
C THR T 459 59.50 32.15 21.12
N ASP T 460 59.45 33.17 21.99
CA ASP T 460 60.43 34.24 21.92
C ASP T 460 61.81 33.77 22.37
N PHE T 461 61.90 32.63 23.05
CA PHE T 461 63.20 32.12 23.47
C PHE T 461 64.01 31.60 22.29
N GLU T 462 63.35 30.94 21.34
CA GLU T 462 64.05 30.32 20.21
C GLU T 462 64.22 31.26 19.02
N VAL T 463 63.75 32.51 19.12
CA VAL T 463 63.94 33.49 18.06
C VAL T 463 65.12 34.37 18.40
N GLN T 464 65.03 35.07 19.53
CA GLN T 464 66.11 35.93 19.99
C GLN T 464 67.22 35.09 20.62
N PRO T 465 68.45 35.62 20.69
CA PRO T 465 69.58 34.83 21.20
C PRO T 465 69.47 34.49 22.68
N LYS T 466 70.48 33.79 23.20
CA LYS T 466 70.48 33.35 24.58
C LYS T 466 70.37 34.54 25.53
N CYS T 467 69.51 34.41 26.55
CA CYS T 467 69.27 35.43 27.56
C CYS T 467 68.71 36.73 26.97
N VAL T 468 68.21 36.67 25.74
CA VAL T 468 67.57 37.82 25.14
C VAL T 468 66.05 37.69 25.09
N GLY T 469 65.52 36.47 25.00
CA GLY T 469 64.09 36.30 24.90
C GLY T 469 63.37 36.60 26.21
N GLN T 470 62.05 36.70 26.11
CA GLN T 470 61.21 37.00 27.25
C GLN T 470 60.08 35.98 27.34
N PRO T 471 59.67 35.60 28.55
CA PRO T 471 58.57 34.64 28.68
C PRO T 471 57.24 35.25 28.27
N GLY T 472 56.35 34.39 27.80
CA GLY T 472 55.01 34.83 27.43
C GLY T 472 54.92 35.64 26.16
N ILE T 473 55.94 35.57 25.31
CA ILE T 473 55.95 36.28 24.03
C ILE T 473 56.07 35.26 22.92
N PHE T 474 55.20 35.37 21.92
CA PHE T 474 55.15 34.42 20.83
C PHE T 474 55.22 35.15 19.49
N HIS T 475 55.80 34.47 18.50
CA HIS T 475 55.91 34.98 17.14
C HIS T 475 55.13 34.06 16.22
N LEU T 476 54.06 34.57 15.63
CA LEU T 476 53.21 33.81 14.72
C LEU T 476 53.35 34.38 13.31
N ASN T 477 53.73 33.53 12.37
CA ASN T 477 53.88 33.91 10.97
C ASN T 477 52.86 33.16 10.15
N MET T 478 52.01 33.90 9.43
CA MET T 478 51.00 33.32 8.57
C MET T 478 51.02 34.00 7.22
N ARG T 479 50.99 33.20 6.15
CA ARG T 479 50.92 33.71 4.79
C ARG T 479 49.46 33.69 4.33
N TYR T 480 48.81 34.85 4.41
CA TYR T 480 47.44 34.99 3.97
C TYR T 480 47.29 34.66 2.49
N ARG T 481 46.05 34.42 2.09
CA ARG T 481 45.72 34.34 0.66
C ARG T 481 44.25 34.69 0.50
N PRO T 482 43.92 35.81 -0.14
CA PRO T 482 42.53 36.24 -0.18
C PRO T 482 41.69 35.29 -1.02
N PRO T 483 40.40 35.16 -0.72
CA PRO T 483 39.54 34.28 -1.51
C PRO T 483 39.48 34.73 -2.97
N VAL T 484 39.37 33.74 -3.85
CA VAL T 484 39.32 34.01 -5.29
C VAL T 484 37.89 34.38 -5.67
N ARG T 485 37.75 35.47 -6.43
CA ARG T 485 36.45 35.95 -6.86
C ARG T 485 36.37 35.95 -8.38
N GLY T 486 35.27 36.48 -8.91
CA GLY T 486 35.08 36.53 -10.35
C GLY T 486 35.95 37.58 -11.01
N ALA T 487 36.26 37.33 -12.27
CA ALA T 487 37.10 38.22 -13.06
C ALA T 487 36.81 37.97 -14.54
N ARG T 488 37.70 38.43 -15.40
CA ARG T 488 37.50 38.34 -16.84
C ARG T 488 37.11 36.93 -17.27
N ILE T 489 36.19 36.85 -18.23
CA ILE T 489 35.71 35.57 -18.74
C ILE T 489 36.29 35.23 -20.11
N ASN T 490 36.49 36.23 -20.98
CA ASN T 490 37.12 36.04 -22.28
C ASN T 490 36.35 35.03 -23.13
N VAL T 491 35.10 35.41 -23.45
CA VAL T 491 34.26 34.55 -24.27
C VAL T 491 34.76 34.55 -25.71
N ASN T 492 34.88 33.37 -26.29
CA ASN T 492 35.27 33.20 -27.69
C ASN T 492 34.16 32.45 -28.42
N MET T 493 33.64 33.06 -29.48
CA MET T 493 32.58 32.45 -30.28
C MET T 493 33.09 32.19 -31.69
N ALA T 494 32.83 30.99 -32.20
CA ALA T 494 33.20 30.59 -33.56
C ALA T 494 31.95 30.03 -34.23
N PRO T 495 31.13 30.88 -34.82
CA PRO T 495 29.89 30.41 -35.45
C PRO T 495 30.17 29.50 -36.64
N ALA T 496 29.09 28.91 -37.15
CA ALA T 496 29.18 27.97 -38.27
C ALA T 496 27.92 28.10 -39.10
N LEU T 497 27.70 27.13 -39.98
CA LEU T 497 26.51 27.11 -40.84
C LEU T 497 26.25 25.72 -41.38
N ALA U 5 -51.76 46.34 31.07
CA ALA U 5 -52.10 44.94 30.81
C ALA U 5 -50.87 44.15 30.40
N LEU U 6 -50.80 42.89 30.86
CA LEU U 6 -49.75 41.94 30.51
C LEU U 6 -48.42 42.30 31.16
N SER U 7 -48.33 43.49 31.75
CA SER U 7 -47.11 43.92 32.45
C SER U 7 -47.21 43.58 33.93
N ASP U 8 -47.48 42.30 34.21
CA ASP U 8 -47.63 41.79 35.57
C ASP U 8 -46.48 40.81 35.81
N GLY U 9 -45.35 41.33 36.25
CA GLY U 9 -44.18 40.52 36.49
C GLY U 9 -43.43 40.20 35.21
N PHE U 10 -42.14 39.84 35.39
CA PHE U 10 -41.29 39.38 34.30
C PHE U 10 -41.11 40.49 33.27
N VAL U 11 -42.17 40.80 32.52
CA VAL U 11 -42.14 41.90 31.55
C VAL U 11 -42.29 43.20 32.34
N ARG U 12 -41.17 43.89 32.57
CA ARG U 12 -41.18 45.17 33.27
C ARG U 12 -40.43 46.19 32.41
N LEU U 13 -41.18 47.08 31.76
CA LEU U 13 -40.57 48.05 30.86
C LEU U 13 -39.86 49.16 31.64
N CYS U 14 -38.90 49.79 30.97
CA CYS U 14 -38.19 50.96 31.47
C CYS U 14 -38.12 52.02 30.37
N ILE U 15 -39.26 52.30 29.76
CA ILE U 15 -39.31 53.15 28.58
C ILE U 15 -38.90 54.58 28.93
N ASP U 16 -37.94 55.11 28.17
CA ASP U 16 -37.49 56.49 28.31
C ASP U 16 -36.74 56.87 27.04
N PRO U 17 -36.95 58.07 26.49
CA PRO U 17 -36.32 58.41 25.21
C PRO U 17 -34.88 58.89 25.32
N SER U 18 -34.37 59.15 26.51
CA SER U 18 -33.03 59.69 26.70
C SER U 18 -32.17 58.63 27.40
N LEU U 19 -31.55 57.77 26.59
CA LEU U 19 -30.63 56.76 27.11
C LEU U 19 -29.55 56.49 26.08
N ASN U 20 -28.30 56.50 26.55
CA ASN U 20 -27.15 56.23 25.70
C ASN U 20 -26.62 54.83 26.00
N PHE U 21 -26.51 54.00 24.97
CA PHE U 21 -26.06 52.62 25.14
C PHE U 21 -24.58 52.45 24.90
N PHE U 22 -23.97 53.26 24.03
CA PHE U 22 -22.56 53.12 23.73
C PHE U 22 -21.68 53.64 24.86
N GLY U 23 -21.92 54.87 25.29
CA GLY U 23 -21.25 55.41 26.46
C GLY U 23 -20.09 56.34 26.16
N GLU U 24 -20.34 57.63 26.24
CA GLU U 24 -19.31 58.69 26.12
C GLU U 24 -18.59 58.48 24.78
N GLY U 25 -17.27 58.67 24.73
CA GLY U 25 -16.53 58.40 23.51
C GLY U 25 -15.93 59.64 22.85
N CYS U 26 -14.60 59.68 22.79
CA CYS U 26 -13.86 60.70 22.04
C CYS U 26 -14.20 62.11 22.51
N LYS U 27 -13.86 62.37 23.77
CA LYS U 27 -14.13 63.68 24.36
C LYS U 27 -13.27 64.76 23.71
N ILE U 28 -13.84 65.97 23.64
CA ILE U 28 -13.17 67.12 23.04
C ILE U 28 -13.24 68.29 24.02
N LEU U 29 -12.15 69.06 24.09
CA LEU U 29 -12.04 70.19 25.00
C LEU U 29 -11.95 71.49 24.19
N VAL U 30 -12.71 72.49 24.60
CA VAL U 30 -12.74 73.80 23.96
C VAL U 30 -12.26 74.84 24.95
N GLU U 31 -11.30 75.66 24.53
CA GLU U 31 -10.69 76.67 25.38
C GLU U 31 -10.86 78.05 24.75
N GLY U 32 -11.33 79.01 25.53
CA GLY U 32 -11.56 80.35 25.01
C GLY U 32 -11.99 81.28 26.13
N GLN U 33 -12.22 82.53 25.74
CA GLN U 33 -12.61 83.57 26.69
C GLN U 33 -14.13 83.67 26.77
N MET U 34 -14.61 84.03 27.97
CA MET U 34 -16.03 84.13 28.26
C MET U 34 -16.32 85.42 29.02
N THR U 35 -17.51 85.96 28.79
CA THR U 35 -17.90 87.23 29.40
C THR U 35 -18.39 87.02 30.82
N ASP U 36 -18.67 88.13 31.51
CA ASP U 36 -19.12 88.07 32.89
C ASP U 36 -20.56 87.60 33.02
N ASP U 37 -21.31 87.53 31.93
CA ASP U 37 -22.69 87.08 31.98
C ASP U 37 -22.80 85.60 32.37
N GLY U 38 -21.81 84.80 32.01
CA GLY U 38 -21.88 83.38 32.27
C GLY U 38 -21.80 83.05 33.74
N SER U 39 -22.44 81.95 34.11
CA SER U 39 -22.47 81.47 35.49
C SER U 39 -21.46 80.36 35.77
N ALA U 40 -20.70 79.95 34.76
CA ALA U 40 -19.71 78.90 34.95
C ALA U 40 -18.48 79.43 35.67
N THR U 41 -17.90 78.59 36.52
CA THR U 41 -16.71 79.00 37.26
C THR U 41 -15.53 79.14 36.29
N PRO U 42 -14.82 80.26 36.30
CA PRO U 42 -13.67 80.41 35.42
C PRO U 42 -12.56 79.42 35.77
N ASP U 43 -11.83 79.00 34.73
CA ASP U 43 -10.74 78.04 34.86
C ASP U 43 -11.18 76.73 35.51
N ALA U 44 -12.41 76.30 35.21
CA ALA U 44 -12.96 75.06 35.74
C ALA U 44 -13.57 74.29 34.58
N VAL U 45 -12.99 73.13 34.25
CA VAL U 45 -13.49 72.32 33.15
C VAL U 45 -14.81 71.67 33.55
N THR U 46 -15.82 71.79 32.69
CA THR U 46 -17.14 71.25 32.96
C THR U 46 -17.66 70.55 31.71
N CYS U 47 -18.54 69.58 31.92
CA CYS U 47 -19.14 68.85 30.82
C CYS U 47 -20.30 69.64 30.23
N VAL U 48 -20.31 69.76 28.91
CA VAL U 48 -21.38 70.45 28.17
C VAL U 48 -22.10 69.40 27.33
N THR U 49 -23.42 69.29 27.51
CA THR U 49 -24.20 68.28 26.83
C THR U 49 -25.33 68.88 25.99
N SER U 50 -25.38 70.19 25.83
CA SER U 50 -26.43 70.82 25.04
C SER U 50 -25.92 72.14 24.49
N GLU U 51 -26.50 72.56 23.37
CA GLU U 51 -26.14 73.82 22.73
C GLU U 51 -26.99 74.99 23.22
N LEU U 52 -28.02 74.73 24.03
CA LEU U 52 -28.97 75.77 24.41
C LEU U 52 -28.60 76.49 25.70
N ASP U 53 -27.95 75.82 26.64
CA ASP U 53 -27.64 76.41 27.93
C ASP U 53 -26.28 77.11 27.95
N ILE U 54 -25.53 77.06 26.85
CA ILE U 54 -24.20 77.68 26.84
C ILE U 54 -24.30 79.19 26.92
N ILE U 55 -25.40 79.77 26.42
CA ILE U 55 -25.57 81.22 26.49
C ILE U 55 -25.61 81.67 27.95
N GLU U 56 -26.35 80.96 28.78
CA GLU U 56 -26.39 81.29 30.21
C GLU U 56 -25.09 80.88 30.90
N ARG U 57 -24.49 79.76 30.48
CA ARG U 57 -23.37 79.20 31.22
C ARG U 57 -22.09 80.01 31.01
N PHE U 58 -21.84 80.45 29.78
CA PHE U 58 -20.58 81.11 29.45
C PHE U 58 -20.78 82.54 28.94
N GLY U 59 -21.99 83.08 29.03
CA GLY U 59 -22.26 84.44 28.60
C GLY U 59 -22.79 84.49 27.17
N GLN U 60 -23.22 85.68 26.79
CA GLN U 60 -23.80 85.93 25.47
C GLN U 60 -22.81 86.71 24.62
N GLY U 61 -22.55 86.21 23.41
CA GLY U 61 -21.65 86.87 22.49
C GLY U 61 -20.18 86.62 22.72
N SER U 62 -19.83 85.79 23.70
CA SER U 62 -18.42 85.50 23.95
C SER U 62 -17.84 84.61 22.85
N VAL U 63 -16.52 84.65 22.73
CA VAL U 63 -15.83 83.84 21.72
C VAL U 63 -16.06 82.36 21.99
N LEU U 64 -15.94 81.95 23.26
CA LEU U 64 -16.11 80.55 23.61
C LEU U 64 -17.53 80.06 23.32
N THR U 65 -18.52 80.93 23.51
CA THR U 65 -19.90 80.55 23.21
C THR U 65 -20.06 80.24 21.73
N GLU U 66 -19.51 81.08 20.86
CA GLU U 66 -19.61 80.83 19.43
C GLU U 66 -18.80 79.60 19.03
N SER U 67 -17.65 79.37 19.67
CA SER U 67 -16.89 78.16 19.39
C SER U 67 -17.68 76.91 19.76
N LEU U 68 -18.37 76.94 20.91
CA LEU U 68 -19.20 75.81 21.30
C LEU U 68 -20.37 75.63 20.33
N ARG U 69 -20.97 76.74 19.88
CA ARG U 69 -22.04 76.64 18.89
C ARG U 69 -21.56 75.99 17.61
N LYS U 70 -20.38 76.38 17.13
CA LYS U 70 -19.84 75.79 15.90
C LYS U 70 -19.50 74.32 16.09
N VAL U 71 -18.94 73.97 17.25
CA VAL U 71 -18.61 72.56 17.52
C VAL U 71 -19.89 71.72 17.54
N PHE U 72 -20.93 72.22 18.21
CA PHE U 72 -22.19 71.48 18.26
C PHE U 72 -22.86 71.42 16.89
N CYS U 73 -22.69 72.45 16.07
CA CYS U 73 -23.24 72.42 14.71
C CYS U 73 -22.55 71.35 13.87
N THR U 74 -21.21 71.33 13.90
CA THR U 74 -20.47 70.38 13.09
C THR U 74 -20.74 68.95 13.53
N CYS U 75 -20.80 68.71 14.83
CA CYS U 75 -20.90 67.36 15.38
C CYS U 75 -22.29 67.16 15.99
N LYS U 76 -23.02 66.18 15.46
CA LYS U 76 -24.36 65.89 15.96
C LYS U 76 -24.36 64.83 17.06
N SER U 77 -23.48 63.85 16.97
CA SER U 77 -23.42 62.79 17.98
C SER U 77 -22.06 62.10 17.87
N GLY U 78 -21.74 61.33 18.91
CA GLY U 78 -20.53 60.53 18.94
C GLY U 78 -19.39 61.09 19.78
N VAL U 79 -19.54 62.29 20.32
CA VAL U 79 -18.51 62.89 21.16
C VAL U 79 -19.15 63.47 22.41
N SER U 80 -18.33 63.64 23.45
CA SER U 80 -18.70 64.36 24.66
C SER U 80 -17.90 65.65 24.69
N VAL U 81 -18.59 66.78 24.76
CA VAL U 81 -17.95 68.09 24.64
C VAL U 81 -17.64 68.63 26.02
N TYR U 82 -16.39 69.06 26.20
CA TYR U 82 -15.94 69.69 27.44
C TYR U 82 -15.45 71.09 27.15
N ALA U 83 -15.66 71.99 28.10
CA ALA U 83 -15.31 73.39 27.93
C ALA U 83 -14.42 73.86 29.08
N LEU U 84 -13.49 74.76 28.76
CA LEU U 84 -12.58 75.34 29.74
C LEU U 84 -12.69 76.85 29.63
N PRO U 85 -13.65 77.46 30.33
CA PRO U 85 -13.82 78.91 30.24
C PRO U 85 -12.63 79.66 30.81
N ARG U 86 -12.37 80.83 30.23
CA ARG U 86 -11.31 81.71 30.68
C ARG U 86 -11.84 83.13 30.80
N GLU U 87 -11.30 83.86 31.78
CA GLU U 87 -11.75 85.20 32.08
C GLU U 87 -10.86 86.23 31.39
N ASP U 88 -11.46 87.37 31.04
CA ASP U 88 -10.73 88.42 30.35
C ASP U 88 -9.63 88.99 31.25
N ALA U 89 -8.53 89.40 30.62
CA ALA U 89 -7.44 90.00 31.36
C ALA U 89 -7.85 91.34 31.95
N ALA U 90 -7.35 91.62 33.16
CA ALA U 90 -7.71 92.86 33.85
C ALA U 90 -7.23 94.08 33.06
N ALA U 91 -6.02 94.03 32.53
CA ALA U 91 -5.44 95.13 31.78
C ALA U 91 -5.83 95.10 30.30
N GLY U 92 -6.62 94.13 29.88
CA GLY U 92 -7.00 94.04 28.48
C GLY U 92 -7.84 95.22 28.04
N VAL U 93 -7.75 95.54 26.75
CA VAL U 93 -8.44 96.67 26.15
C VAL U 93 -9.49 96.13 25.19
N LYS U 94 -10.72 96.61 25.34
CA LYS U 94 -11.82 96.19 24.46
C LYS U 94 -11.71 96.94 23.13
N ALA U 95 -11.59 96.18 22.04
CA ALA U 95 -11.41 96.78 20.73
C ALA U 95 -12.64 97.56 20.30
N VAL U 96 -12.42 98.70 19.65
CA VAL U 96 -13.49 99.58 19.21
C VAL U 96 -13.39 99.74 17.70
N TYR U 97 -14.52 99.56 17.02
CA TYR U 97 -14.61 99.67 15.57
C TYR U 97 -15.67 100.69 15.19
N THR U 98 -15.59 101.18 13.96
CA THR U 98 -16.58 102.12 13.45
C THR U 98 -17.21 101.60 12.16
N THR U 133 -29.42 108.31 10.21
CA THR U 133 -29.88 107.98 11.56
C THR U 133 -30.81 106.78 11.56
N ASP U 134 -31.86 106.85 10.73
CA ASP U 134 -32.80 105.74 10.63
C ASP U 134 -32.13 104.49 10.09
N ILE U 135 -31.26 104.64 9.09
CA ILE U 135 -30.56 103.49 8.53
C ILE U 135 -29.65 102.85 9.58
N ALA U 136 -28.94 103.67 10.35
CA ALA U 136 -28.08 103.15 11.40
C ALA U 136 -28.89 102.39 12.46
N ALA U 137 -30.04 102.94 12.84
CA ALA U 137 -30.91 102.25 13.79
C ALA U 137 -31.50 100.99 13.17
N ALA U 138 -31.79 101.02 11.86
CA ALA U 138 -32.38 99.86 11.20
C ALA U 138 -31.42 98.66 11.22
N ILE U 139 -30.13 98.91 10.98
CA ILE U 139 -29.16 97.83 11.00
C ILE U 139 -29.03 97.26 12.41
N VAL U 140 -28.95 98.14 13.42
CA VAL U 140 -28.88 97.69 14.80
C VAL U 140 -30.13 96.90 15.18
N ALA U 141 -31.29 97.34 14.67
CA ALA U 141 -32.54 96.61 14.89
C ALA U 141 -32.57 95.26 14.18
N ALA U 142 -31.63 95.00 13.28
CA ALA U 142 -31.56 93.73 12.58
C ALA U 142 -30.37 92.87 12.99
N ILE U 143 -29.43 93.42 13.77
CA ILE U 143 -28.28 92.64 14.20
C ILE U 143 -28.72 91.62 15.24
N SER U 144 -28.34 90.37 15.05
CA SER U 144 -28.71 89.32 15.97
C SER U 144 -28.07 89.56 17.34
N PRO U 145 -28.75 89.23 18.44
CA PRO U 145 -28.20 89.50 19.77
C PRO U 145 -26.93 88.74 20.08
N ASP U 146 -26.65 87.63 19.39
CA ASP U 146 -25.49 86.81 19.68
C ASP U 146 -24.25 87.26 18.91
N PHE U 147 -24.22 88.50 18.43
CA PHE U 147 -23.04 88.99 17.74
C PHE U 147 -21.88 89.15 18.73
N PRO U 148 -20.66 88.82 18.32
CA PRO U 148 -19.51 88.96 19.24
C PRO U 148 -19.09 90.41 19.48
N TYR U 149 -19.79 91.39 18.93
CA TYR U 149 -19.42 92.79 19.10
C TYR U 149 -20.64 93.62 19.47
N ALA U 150 -20.45 94.56 20.39
CA ALA U 150 -21.53 95.46 20.78
C ALA U 150 -21.78 96.48 19.66
N ALA U 151 -23.04 96.65 19.29
CA ALA U 151 -23.43 97.51 18.19
C ALA U 151 -24.16 98.72 18.71
N THR U 152 -23.73 99.91 18.28
CA THR U 152 -24.36 101.16 18.66
C THR U 152 -24.48 102.09 17.46
N ILE U 158 -22.02 103.47 12.21
CA ILE U 158 -22.32 102.56 13.30
C ILE U 158 -21.04 102.17 14.01
N THR U 159 -21.04 102.30 15.34
CA THR U 159 -19.88 102.00 16.16
C THR U 159 -19.98 100.59 16.72
N LEU U 160 -18.91 99.82 16.54
CA LEU U 160 -18.84 98.44 17.01
C LEU U 160 -17.75 98.32 18.06
N THR U 161 -18.07 97.66 19.17
CA THR U 161 -17.13 97.48 20.27
C THR U 161 -17.04 96.00 20.62
N ALA U 162 -15.83 95.54 20.90
CA ALA U 162 -15.61 94.12 21.18
C ALA U 162 -16.25 93.72 22.49
N ARG U 163 -16.86 92.52 22.51
CA ARG U 163 -17.46 91.99 23.72
C ARG U 163 -16.42 91.37 24.65
N ASN U 164 -15.23 91.07 24.15
CA ASN U 164 -14.14 90.51 24.94
C ASN U 164 -12.90 91.35 24.74
N ALA U 165 -12.26 91.71 25.86
CA ALA U 165 -11.03 92.48 25.80
C ALA U 165 -9.85 91.59 25.42
N GLY U 166 -8.98 92.12 24.58
CA GLY U 166 -7.78 91.42 24.16
C GLY U 166 -7.54 91.62 22.68
N THR U 167 -6.57 90.89 22.15
CA THR U 167 -6.20 90.97 20.74
C THR U 167 -7.15 90.19 19.84
N ILE U 168 -8.08 89.43 20.40
CA ILE U 168 -8.94 88.58 19.60
C ILE U 168 -9.90 89.38 18.73
N GLY U 169 -10.14 90.65 19.07
CA GLY U 169 -11.07 91.48 18.33
C GLY U 169 -10.53 92.14 17.09
N ASN U 170 -9.24 92.00 16.80
CA ASN U 170 -8.62 92.67 15.67
C ASN U 170 -8.90 92.00 14.34
N HIS U 171 -9.49 90.81 14.33
CA HIS U 171 -9.69 90.04 13.11
C HIS U 171 -11.11 90.16 12.56
N LEU U 172 -11.95 91.00 13.16
CA LEU U 172 -13.30 91.19 12.65
C LEU U 172 -13.25 91.92 11.32
N SER U 173 -14.04 91.46 10.35
CA SER U 173 -14.11 92.08 9.04
C SER U 173 -15.57 92.21 8.62
N VAL U 174 -15.92 93.36 8.05
CA VAL U 174 -17.25 93.61 7.53
C VAL U 174 -17.12 94.04 6.07
N ILE U 175 -17.90 93.41 5.20
CA ILE U 175 -17.89 93.70 3.77
C ILE U 175 -19.32 93.84 3.27
N TYR U 176 -19.49 94.64 2.23
CA TYR U 176 -20.80 94.90 1.65
C TYR U 176 -20.98 93.99 0.44
N THR U 177 -22.04 93.18 0.45
CA THR U 177 -22.34 92.30 -0.67
C THR U 177 -23.71 92.61 -1.25
N GLY U 200 -7.39 96.66 20.66
CA GLY U 200 -7.23 95.96 21.92
C GLY U 200 -5.86 95.32 22.08
N SER U 201 -5.58 94.84 23.29
CA SER U 201 -4.30 94.21 23.60
C SER U 201 -4.43 93.46 24.91
N VAL U 202 -3.33 92.83 25.32
CA VAL U 202 -3.21 92.11 26.59
C VAL U 202 -4.11 90.87 26.59
N ASN U 203 -3.50 89.69 26.60
CA ASN U 203 -4.22 88.43 26.59
C ASN U 203 -3.80 87.57 27.78
N PRO U 204 -4.71 86.75 28.30
CA PRO U 204 -4.37 85.90 29.45
C PRO U 204 -3.35 84.84 29.07
N THR U 205 -2.52 84.48 30.05
CA THR U 205 -1.56 83.37 29.94
C THR U 205 -1.75 82.51 31.17
N PRO U 206 -2.68 81.55 31.12
CA PRO U 206 -3.05 80.83 32.36
C PRO U 206 -1.93 79.99 32.95
N ASN U 207 -1.33 79.10 32.15
CA ASN U 207 -0.31 78.17 32.63
C ASN U 207 -0.82 77.33 33.80
N ASP U 208 -2.08 76.91 33.73
CA ASP U 208 -2.69 76.10 34.76
C ASP U 208 -3.20 74.76 34.22
N TYR U 209 -2.65 74.30 33.09
CA TYR U 209 -3.09 73.03 32.52
C TYR U 209 -2.75 71.87 33.44
N ALA U 210 -1.58 71.90 34.08
CA ALA U 210 -1.16 70.81 34.94
C ALA U 210 -2.04 70.67 36.18
N THR U 211 -2.87 71.67 36.49
CA THR U 211 -3.72 71.64 37.67
C THR U 211 -5.19 71.49 37.32
N VAL U 212 -5.69 72.28 36.38
CA VAL U 212 -7.11 72.24 36.03
C VAL U 212 -7.48 70.88 35.44
N VAL U 213 -6.65 70.38 34.53
CA VAL U 213 -6.85 69.07 33.92
C VAL U 213 -5.60 68.24 34.23
N ASN U 214 -5.68 67.46 35.29
CA ASN U 214 -4.52 66.70 35.76
C ASN U 214 -4.37 65.38 35.01
N GLU U 215 -5.36 64.50 35.11
CA GLU U 215 -5.30 63.20 34.45
C GLU U 215 -6.51 62.90 33.56
N CYS U 216 -7.42 63.84 33.38
CA CYS U 216 -8.55 63.63 32.49
C CYS U 216 -8.06 63.64 31.04
N CYS U 217 -7.78 62.46 30.50
CA CYS U 217 -7.17 62.36 29.18
C CYS U 217 -8.15 62.85 28.12
N PHE U 218 -7.72 63.82 27.32
CA PHE U 218 -8.55 64.38 26.26
C PHE U 218 -7.98 64.05 24.90
N ALA U 219 -8.85 63.97 23.91
CA ALA U 219 -8.43 63.62 22.56
C ALA U 219 -8.11 64.84 21.70
N VAL U 220 -8.96 65.87 21.74
CA VAL U 220 -8.82 67.04 20.89
C VAL U 220 -8.88 68.29 21.75
N TYR U 221 -7.91 69.18 21.56
CA TYR U 221 -7.86 70.47 22.24
C TYR U 221 -8.08 71.58 21.22
N VAL U 222 -9.01 72.48 21.50
CA VAL U 222 -9.32 73.60 20.62
C VAL U 222 -9.02 74.89 21.37
N LEU U 223 -8.15 75.71 20.78
CA LEU U 223 -7.77 77.00 21.35
C LEU U 223 -8.32 78.12 20.46
N SER U 224 -8.99 79.08 21.08
CA SER U 224 -9.67 80.16 20.35
C SER U 224 -8.96 81.49 20.56
N SER U 225 -7.64 81.49 20.59
CA SER U 225 -6.85 82.69 20.75
C SER U 225 -5.67 82.67 19.80
N ASP U 226 -5.20 83.86 19.43
CA ASP U 226 -4.08 84.02 18.51
C ASP U 226 -2.77 84.35 19.23
N ASP U 227 -2.76 84.32 20.55
CA ASP U 227 -1.55 84.66 21.30
C ASP U 227 -0.52 83.54 21.13
N THR U 228 0.67 83.90 20.65
CA THR U 228 1.70 82.90 20.38
C THR U 228 2.17 82.22 21.66
N ASP U 229 2.30 82.99 22.74
CA ASP U 229 2.76 82.42 24.00
C ASP U 229 1.75 81.41 24.54
N TRP U 230 0.46 81.70 24.43
CA TRP U 230 -0.56 80.75 24.88
C TRP U 230 -0.51 79.46 24.07
N GLN U 231 -0.35 79.58 22.76
CA GLN U 231 -0.23 78.39 21.92
C GLN U 231 1.01 77.58 22.27
N GLU U 232 2.13 78.26 22.51
CA GLU U 232 3.35 77.56 22.89
C GLU U 232 3.19 76.85 24.23
N ASN U 233 2.49 77.49 25.18
CA ASN U 233 2.22 76.87 26.46
C ASN U 233 1.36 75.63 26.32
N LEU U 234 0.31 75.71 25.49
CA LEU U 234 -0.54 74.54 25.24
C LEU U 234 0.26 73.42 24.59
N ARG U 235 1.13 73.77 23.64
CA ARG U 235 1.99 72.78 23.00
C ARG U 235 2.91 72.12 24.01
N ASP U 236 3.49 72.91 24.91
CA ASP U 236 4.38 72.34 25.92
C ASP U 236 3.64 71.40 26.84
N TRP U 237 2.42 71.76 27.25
CA TRP U 237 1.64 70.86 28.09
C TRP U 237 1.28 69.57 27.35
N ILE U 238 0.89 69.68 26.08
CA ILE U 238 0.51 68.49 25.32
C ILE U 238 1.72 67.58 25.14
N ARG U 239 2.89 68.16 24.89
CA ARG U 239 4.11 67.37 24.83
C ARG U 239 4.40 66.70 26.17
N SER U 240 4.16 67.42 27.27
CA SER U 240 4.31 66.82 28.59
C SER U 240 3.36 65.66 28.79
N ALA U 241 2.19 65.70 28.14
CA ALA U 241 1.27 64.57 28.24
C ALA U 241 1.87 63.31 27.62
N TRP U 242 2.76 63.47 26.63
CA TRP U 242 3.50 62.33 26.07
C TRP U 242 4.87 62.22 26.73
N ASP U 243 4.85 61.97 28.04
CA ASP U 243 6.07 61.85 28.82
C ASP U 243 6.56 60.41 28.79
N CYS U 244 7.85 60.22 28.51
CA CYS U 244 8.43 58.88 28.58
C CYS U 244 8.52 58.35 30.00
N SER U 245 8.34 59.22 31.01
CA SER U 245 8.37 58.81 32.41
C SER U 245 7.00 58.68 33.04
N LYS U 246 5.99 59.34 32.50
CA LYS U 246 4.65 59.38 33.05
C LYS U 246 3.67 58.67 32.11
N PRO U 247 2.61 58.06 32.64
CA PRO U 247 1.56 57.54 31.76
C PRO U 247 0.96 58.65 30.91
N GLN U 248 0.62 58.30 29.66
CA GLN U 248 0.36 59.28 28.62
C GLN U 248 -1.15 59.47 28.42
N CYS U 249 -1.56 60.73 28.33
CA CYS U 249 -2.89 61.09 27.79
C CYS U 249 -2.66 61.57 26.36
N PHE U 250 -2.80 60.66 25.40
CA PHE U 250 -2.64 61.03 24.01
C PHE U 250 -3.74 62.01 23.60
N GLY U 251 -3.35 63.05 22.88
CA GLY U 251 -4.28 64.06 22.45
C GLY U 251 -3.71 64.87 21.30
N HIS U 252 -4.42 65.93 20.94
CA HIS U 252 -3.96 66.80 19.86
C HIS U 252 -4.65 68.14 19.99
N GLY U 253 -4.01 69.17 19.44
CA GLY U 253 -4.54 70.52 19.50
C GLY U 253 -4.44 71.22 18.17
N TYR U 254 -5.44 72.08 17.92
CA TYR U 254 -5.52 72.85 16.68
C TYR U 254 -5.53 74.33 17.02
N VAL U 255 -4.69 75.11 16.34
CA VAL U 255 -4.58 76.54 16.54
C VAL U 255 -4.49 77.21 15.17
N PHE U 256 -4.63 78.53 15.16
CA PHE U 256 -4.55 79.32 13.94
C PHE U 256 -3.52 80.43 14.10
N ASN U 257 -2.97 80.88 12.98
CA ASN U 257 -2.02 82.00 12.95
C ASN U 257 -2.34 82.83 11.72
N LYS U 258 -3.17 83.85 11.89
CA LYS U 258 -3.55 84.74 10.81
C LYS U 258 -2.48 85.81 10.61
N GLY U 259 -2.25 86.18 9.36
CA GLY U 259 -1.31 87.23 9.04
C GLY U 259 -0.73 87.03 7.67
N THR U 260 0.31 87.81 7.38
CA THR U 260 1.01 87.70 6.11
C THR U 260 1.94 86.49 6.12
N LEU U 261 2.43 86.13 4.93
CA LEU U 261 3.29 84.96 4.80
C LEU U 261 4.57 85.11 5.62
N GLY U 262 5.11 86.33 5.68
CA GLY U 262 6.35 86.54 6.39
C GLY U 262 6.27 86.23 7.87
N GLN U 263 5.15 86.59 8.50
CA GLN U 263 5.03 86.43 9.94
C GLN U 263 4.37 85.12 10.35
N VAL U 264 3.52 84.54 9.50
CA VAL U 264 2.93 83.25 9.84
C VAL U 264 3.99 82.16 9.82
N LEU U 265 4.93 82.25 8.88
CA LEU U 265 6.03 81.27 8.83
C LEU U 265 6.92 81.38 10.05
N ALA U 266 7.20 82.61 10.50
CA ALA U 266 8.03 82.80 11.68
C ALA U 266 7.35 82.26 12.94
N ASP U 267 6.03 82.24 12.96
CA ASP U 267 5.29 81.70 14.10
C ASP U 267 5.38 80.19 14.20
N GLY U 268 5.84 79.51 13.14
CA GLY U 268 5.93 78.06 13.15
C GLY U 268 7.22 77.56 13.77
N ASP U 269 7.14 76.35 14.32
CA ASP U 269 8.28 75.69 14.95
C ASP U 269 8.19 74.21 14.62
N ASN U 270 8.97 73.41 15.35
CA ASN U 270 8.93 71.96 15.22
C ASN U 270 7.88 71.31 16.11
N SER U 271 6.85 72.07 16.50
CA SER U 271 5.82 71.60 17.41
C SER U 271 4.95 70.56 16.71
N ALA U 272 5.23 69.29 16.95
CA ALA U 272 4.42 68.21 16.39
C ALA U 272 3.12 67.99 17.15
N GLU U 273 2.95 68.62 18.31
CA GLU U 273 1.77 68.44 19.13
C GLU U 273 0.62 69.33 18.73
N LEU U 274 0.80 70.21 17.75
CA LEU U 274 -0.24 71.11 17.30
C LEU U 274 -0.32 71.09 15.78
N SER U 275 -1.49 71.43 15.26
CA SER U 275 -1.74 71.49 13.82
C SER U 275 -2.08 72.93 13.48
N ARG U 276 -1.05 73.71 13.17
CA ARG U 276 -1.24 75.11 12.80
C ARG U 276 -2.12 75.22 11.55
N LEU U 277 -3.05 76.16 11.58
CA LEU U 277 -3.93 76.43 10.45
C LEU U 277 -3.72 77.88 10.01
N ALA U 278 -3.05 78.05 8.87
CA ALA U 278 -2.78 79.39 8.36
C ALA U 278 -4.06 80.02 7.81
N LEU U 279 -4.20 81.33 8.03
CA LEU U 279 -5.37 82.06 7.56
C LEU U 279 -4.89 83.39 6.98
N PRO U 280 -5.36 83.78 5.80
CA PRO U 280 -4.88 85.02 5.19
C PRO U 280 -5.32 86.24 5.99
N THR U 281 -4.56 87.33 5.80
CA THR U 281 -4.82 88.56 6.54
C THR U 281 -6.23 89.08 6.28
N THR U 282 -6.76 88.86 5.07
CA THR U 282 -8.09 89.34 4.70
C THR U 282 -9.15 88.24 4.80
N TYR U 283 -8.98 87.32 5.75
CA TYR U 283 -9.95 86.24 5.89
C TYR U 283 -11.26 86.79 6.43
N PRO U 284 -12.39 86.54 5.77
CA PRO U 284 -13.66 87.13 6.20
C PRO U 284 -14.16 86.58 7.54
N VAL U 285 -14.19 85.27 7.67
CA VAL U 285 -14.75 84.63 8.86
C VAL U 285 -13.78 84.78 10.02
N LEU U 286 -14.33 84.92 11.23
CA LEU U 286 -13.50 84.97 12.43
C LEU U 286 -12.74 83.65 12.58
N PRO U 287 -11.44 83.69 12.86
CA PRO U 287 -10.63 82.46 12.81
C PRO U 287 -11.10 81.38 13.77
N TYR U 288 -11.60 81.74 14.95
CA TYR U 288 -11.90 80.70 15.94
C TYR U 288 -13.11 79.87 15.54
N LEU U 289 -14.06 80.43 14.77
CA LEU U 289 -15.17 79.62 14.28
C LEU U 289 -14.66 78.47 13.42
N THR U 290 -13.84 78.77 12.40
CA THR U 290 -13.36 77.71 11.52
C THR U 290 -12.37 76.79 12.23
N ASN U 291 -11.58 77.31 13.17
CA ASN U 291 -10.68 76.44 13.94
C ASN U 291 -11.48 75.43 14.75
N ALA U 292 -12.52 75.89 15.44
CA ALA U 292 -13.36 74.98 16.22
C ALA U 292 -14.09 73.99 15.32
N ALA U 293 -14.58 74.46 14.17
CA ALA U 293 -15.24 73.55 13.23
C ALA U 293 -14.30 72.46 12.77
N TYR U 294 -13.06 72.83 12.41
CA TYR U 294 -12.07 71.85 11.99
C TYR U 294 -11.78 70.85 13.11
N GLY U 295 -11.60 71.35 14.33
CA GLY U 295 -11.30 70.45 15.45
C GLY U 295 -12.44 69.48 15.72
N ALA U 296 -13.67 69.98 15.74
CA ALA U 296 -14.82 69.12 16.00
C ALA U 296 -15.00 68.09 14.88
N LEU U 297 -14.86 68.51 13.63
CA LEU U 297 -14.99 67.58 12.53
C LEU U 297 -13.93 66.49 12.61
N SER U 298 -12.70 66.87 12.92
CA SER U 298 -11.63 65.88 13.06
C SER U 298 -11.95 64.90 14.18
N ALA U 299 -12.39 65.42 15.33
CA ALA U 299 -12.68 64.55 16.46
C ALA U 299 -13.77 63.54 16.12
N CYS U 300 -14.91 64.03 15.61
CA CYS U 300 -16.00 63.10 15.30
C CYS U 300 -15.65 62.14 14.18
N SER U 301 -14.95 62.61 13.14
CA SER U 301 -14.60 61.74 12.03
C SER U 301 -13.67 60.62 12.50
N THR U 302 -12.57 60.98 13.16
CA THR U 302 -11.66 59.95 13.63
C THR U 302 -12.30 59.07 14.70
N CYS U 303 -12.56 59.65 15.88
CA CYS U 303 -13.05 58.90 17.03
C CYS U 303 -12.45 57.51 17.13
N ASN U 304 -13.15 56.52 16.59
CA ASN U 304 -12.70 55.13 16.59
C ASN U 304 -12.15 54.67 15.23
N ASN U 305 -11.87 55.61 14.33
CA ASN U 305 -11.31 55.31 13.01
C ASN U 305 -10.08 56.18 12.80
N PRO U 306 -8.98 55.86 13.48
CA PRO U 306 -7.81 56.74 13.45
C PRO U 306 -6.95 56.59 12.20
N GLU U 307 -7.58 56.48 11.04
CA GLU U 307 -6.84 56.33 9.79
C GLU U 307 -7.33 57.35 8.77
N LEU U 308 -8.58 57.77 8.93
CA LEU U 308 -9.22 58.65 7.95
C LEU U 308 -8.60 60.05 8.03
N ASN U 309 -7.83 60.40 7.01
CA ASN U 309 -7.32 61.77 6.92
C ASN U 309 -8.47 62.74 6.67
N ILE U 310 -8.41 63.89 7.33
CA ILE U 310 -9.48 64.90 7.21
C ILE U 310 -9.13 65.74 5.99
N GLN U 311 -9.47 65.20 4.81
CA GLN U 311 -9.18 65.83 3.54
C GLN U 311 -10.34 65.53 2.60
N GLY U 312 -10.17 65.86 1.33
CA GLY U 312 -11.15 65.50 0.31
C GLY U 312 -12.44 66.28 0.39
N GLN U 313 -13.21 66.28 -0.71
CA GLN U 313 -14.47 67.00 -0.75
C GLN U 313 -15.51 66.41 0.20
N THR U 314 -15.33 65.17 0.65
CA THR U 314 -16.27 64.50 1.53
C THR U 314 -15.85 64.57 3.00
N PHE U 315 -14.63 64.14 3.30
CA PHE U 315 -14.18 64.09 4.69
C PHE U 315 -13.64 65.43 5.18
N GLY U 316 -13.19 66.30 4.29
CA GLY U 316 -12.60 67.56 4.70
C GLY U 316 -13.48 68.77 4.44
N LEU U 317 -14.78 68.63 4.69
CA LEU U 317 -15.75 69.69 4.42
C LEU U 317 -16.30 70.22 5.74
N LEU U 318 -16.26 71.54 5.90
CA LEU U 318 -16.79 72.21 7.09
C LEU U 318 -18.14 72.82 6.69
N SER U 319 -19.21 72.07 6.94
CA SER U 319 -20.53 72.48 6.47
C SER U 319 -21.03 73.73 7.18
N CYS U 320 -20.74 73.86 8.47
CA CYS U 320 -21.27 75.00 9.24
C CYS U 320 -20.69 76.32 8.74
N ILE U 321 -19.40 76.34 8.42
CA ILE U 321 -18.77 77.58 7.97
C ILE U 321 -19.21 77.88 6.55
N ASN U 322 -19.58 79.14 6.30
CA ASN U 322 -19.92 79.61 4.97
C ASN U 322 -19.21 80.94 4.71
N MET U 323 -18.79 81.14 3.47
CA MET U 323 -18.06 82.34 3.09
C MET U 323 -18.72 82.98 1.87
N PRO U 324 -18.57 84.30 1.72
CA PRO U 324 -19.04 84.94 0.49
C PRO U 324 -18.21 84.48 -0.70
N GLU U 325 -18.87 84.41 -1.86
CA GLU U 325 -18.21 83.92 -3.06
C GLU U 325 -17.15 84.90 -3.53
N SER U 326 -16.00 84.35 -3.91
CA SER U 326 -14.90 85.16 -4.44
C SER U 326 -13.98 84.26 -5.25
N CYS U 327 -13.09 84.88 -6.02
CA CYS U 327 -12.15 84.15 -6.86
C CYS U 327 -10.78 83.99 -6.22
N THR U 328 -10.28 85.02 -5.54
CA THR U 328 -8.96 84.95 -4.93
C THR U 328 -9.02 84.08 -3.67
N PRO U 329 -8.27 82.99 -3.61
CA PRO U 329 -8.28 82.10 -2.43
C PRO U 329 -7.22 82.47 -1.40
N GLY U 330 -7.21 83.72 -0.97
CA GLY U 330 -6.25 84.16 0.03
C GLY U 330 -4.82 84.06 -0.43
N TRP U 331 -4.09 83.06 0.09
CA TRP U 331 -2.70 82.87 -0.27
C TRP U 331 -2.55 82.60 -1.77
N THR U 332 -1.42 83.02 -2.32
CA THR U 332 -1.12 82.73 -3.71
C THR U 332 -0.61 81.30 -3.86
N PHE U 333 -0.44 80.88 -5.11
CA PHE U 333 -0.09 79.48 -5.39
C PHE U 333 1.27 79.12 -4.80
N GLY U 334 2.30 79.94 -5.06
CA GLY U 334 3.58 79.72 -4.43
C GLY U 334 3.52 79.91 -2.94
N GLU U 335 2.71 80.88 -2.49
CA GLU U 335 2.48 81.08 -1.06
C GLU U 335 1.83 79.84 -0.45
N VAL U 336 0.83 79.27 -1.15
CA VAL U 336 0.18 78.06 -0.68
C VAL U 336 1.19 76.93 -0.58
N THR U 337 2.04 76.77 -1.59
CA THR U 337 3.04 75.69 -1.57
C THR U 337 4.02 75.86 -0.42
N GLN U 338 4.47 77.10 -0.19
CA GLN U 338 5.40 77.34 0.92
C GLN U 338 4.74 77.04 2.26
N LEU U 339 3.44 77.36 2.40
CA LEU U 339 2.73 76.98 3.60
C LEU U 339 2.61 75.46 3.73
N GLN U 340 2.37 74.78 2.61
CA GLN U 340 2.31 73.32 2.62
C GLN U 340 3.61 72.73 3.13
N ALA U 341 4.74 73.29 2.70
CA ALA U 341 6.03 72.71 3.05
C ALA U 341 6.27 72.77 4.56
N ASN U 342 6.01 73.92 5.17
CA ASN U 342 6.35 74.12 6.59
C ASN U 342 5.21 73.77 7.53
N GLY U 343 4.60 72.60 7.33
CA GLY U 343 3.65 72.06 8.29
C GLY U 343 2.49 72.97 8.64
N PHE U 344 1.88 73.61 7.65
CA PHE U 344 0.75 74.49 7.87
C PHE U 344 -0.47 73.95 7.14
N VAL U 345 -1.59 73.86 7.85
CA VAL U 345 -2.85 73.45 7.24
C VAL U 345 -3.42 74.63 6.47
N VAL U 346 -3.67 74.44 5.18
CA VAL U 346 -4.13 75.49 4.28
C VAL U 346 -5.56 75.18 3.86
N SER U 347 -6.44 76.18 3.96
CA SER U 347 -7.83 76.03 3.58
C SER U 347 -8.13 76.89 2.37
N GLY U 348 -9.00 76.38 1.49
CA GLY U 348 -9.42 77.11 0.32
C GLY U 348 -10.91 77.02 0.09
N PRO U 349 -11.46 77.96 -0.67
CA PRO U 349 -12.90 77.91 -0.96
C PRO U 349 -13.25 76.71 -1.84
N SER U 350 -14.46 76.22 -1.65
CA SER U 350 -14.95 75.07 -2.42
C SER U 350 -15.73 75.54 -3.65
N THR U 359 -19.87 80.19 0.32
CA THR U 359 -19.62 78.77 0.09
C THR U 359 -18.83 78.15 1.24
N SER U 360 -18.98 76.84 1.42
CA SER U 360 -18.29 76.15 2.49
C SER U 360 -16.79 76.10 2.23
N PRO U 361 -15.98 76.17 3.27
CA PRO U 361 -14.52 76.08 3.08
C PRO U 361 -14.08 74.66 2.80
N TYR U 362 -12.78 74.53 2.53
CA TYR U 362 -12.20 73.25 2.12
C TYR U 362 -10.74 73.25 2.55
N ILE U 363 -10.35 72.23 3.31
CA ILE U 363 -9.02 72.17 3.92
C ILE U 363 -8.14 71.22 3.15
N TYR U 364 -6.85 71.54 3.10
CA TYR U 364 -5.83 70.70 2.50
C TYR U 364 -5.00 70.06 3.62
N ASN U 365 -4.05 69.22 3.20
CA ASN U 365 -2.85 68.83 3.97
C ASN U 365 -3.11 68.73 5.48
N ASP U 366 -4.01 67.82 5.85
CA ASP U 366 -4.35 67.63 7.26
C ASP U 366 -3.13 67.00 7.94
N VAL U 367 -2.15 67.86 8.23
CA VAL U 367 -0.88 67.45 8.78
C VAL U 367 -0.64 68.21 10.09
N THR U 368 0.50 67.93 10.70
CA THR U 368 0.94 68.60 11.92
C THR U 368 2.21 69.39 11.62
N ASN U 369 2.58 70.26 12.56
CA ASN U 369 3.75 71.12 12.40
C ASN U 369 5.02 70.38 12.86
N TYR U 370 5.26 69.23 12.23
CA TYR U 370 6.44 68.42 12.48
C TYR U 370 7.31 68.48 11.23
N LEU U 371 8.41 69.21 11.31
CA LEU U 371 9.33 69.38 10.19
C LEU U 371 10.73 68.83 10.43
N ARG U 372 11.10 68.58 11.69
CA ARG U 372 12.48 68.24 12.00
C ARG U 372 12.52 67.24 13.15
N ASP U 373 13.57 66.43 13.17
CA ASP U 373 13.88 65.58 14.30
C ASP U 373 14.75 66.37 15.28
N GLU U 374 15.38 65.68 16.23
CA GLU U 374 16.28 66.36 17.16
C GLU U 374 17.42 67.04 16.41
N LYS U 375 18.01 66.35 15.44
CA LYS U 375 18.98 66.98 14.53
C LYS U 375 18.81 66.58 13.07
N ASN U 376 18.07 65.51 12.75
CA ASN U 376 17.85 65.09 11.38
C ASN U 376 16.61 65.82 10.86
N ARG U 377 16.82 66.92 10.14
CA ARG U 377 15.69 67.69 9.64
C ARG U 377 14.76 66.88 8.74
N PRO U 378 15.23 66.12 7.74
CA PRO U 378 14.28 65.37 6.91
C PRO U 378 13.65 64.22 7.67
N ASN U 379 12.40 64.41 8.09
CA ASN U 379 11.68 63.39 8.84
C ASN U 379 10.19 63.69 8.70
N ALA U 380 9.48 62.83 7.97
CA ALA U 380 8.06 63.02 7.73
C ALA U 380 7.20 61.99 8.46
N THR U 381 7.77 61.30 9.46
CA THR U 381 7.02 60.26 10.16
C THR U 381 5.79 60.82 10.87
N PHE U 382 5.94 61.99 11.51
CA PHE U 382 4.86 62.60 12.26
C PHE U 382 4.22 63.77 11.51
N ARG U 383 4.43 63.85 10.20
CA ARG U 383 3.84 64.94 9.42
C ARG U 383 2.33 64.90 9.46
N ASP U 384 1.74 63.84 8.90
CA ASP U 384 0.29 63.73 8.83
C ASP U 384 -0.29 63.47 10.20
N ALA U 385 -1.47 64.04 10.46
CA ALA U 385 -2.12 63.88 11.76
C ALA U 385 -2.60 62.46 12.00
N SER U 386 -2.86 61.68 10.94
CA SER U 386 -3.30 60.30 11.12
C SER U 386 -2.21 59.44 11.73
N SER U 387 -0.94 59.74 11.43
CA SER U 387 0.16 58.98 12.00
C SER U 387 0.18 59.10 13.52
N ARG U 388 -0.19 60.26 14.05
CA ARG U 388 -0.22 60.44 15.50
C ARG U 388 -1.27 59.53 16.14
N ARG U 389 -2.48 59.52 15.56
CA ARG U 389 -3.55 58.68 16.10
C ARG U 389 -3.21 57.20 15.95
N LEU U 390 -2.59 56.82 14.84
CA LEU U 390 -2.13 55.45 14.67
C LEU U 390 -1.09 55.07 15.71
N ALA U 391 -0.16 55.98 16.00
CA ALA U 391 0.85 55.70 17.02
C ALA U 391 0.20 55.51 18.38
N ALA U 392 -0.76 56.36 18.73
CA ALA U 392 -1.44 56.23 20.02
C ALA U 392 -2.19 54.90 20.10
N ALA U 393 -2.94 54.57 19.05
CA ALA U 393 -3.70 53.32 19.04
C ALA U 393 -2.79 52.10 19.10
N THR U 394 -1.68 52.14 18.37
CA THR U 394 -0.72 51.05 18.39
C THR U 394 -0.11 50.87 19.77
N GLY U 395 0.22 51.99 20.43
CA GLY U 395 0.74 51.89 21.79
C GLY U 395 -0.27 51.28 22.74
N VAL U 396 -1.53 51.70 22.65
CA VAL U 396 -2.56 51.14 23.53
C VAL U 396 -2.77 49.65 23.25
N ALA U 397 -2.79 49.27 21.97
CA ALA U 397 -2.97 47.86 21.63
C ALA U 397 -1.78 47.01 22.11
N LEU U 398 -0.56 47.53 21.97
CA LEU U 398 0.60 46.80 22.45
C LEU U 398 0.56 46.67 23.97
N ALA U 399 0.09 47.69 24.66
CA ALA U 399 -0.09 47.58 26.11
C ALA U 399 -1.14 46.54 26.46
N GLU U 400 -2.21 46.46 25.65
CA GLU U 400 -3.17 45.37 25.80
C GLU U 400 -2.51 44.00 25.68
N PHE U 401 -1.73 43.79 24.61
CA PHE U 401 -1.19 42.45 24.38
C PHE U 401 -0.16 42.07 25.41
N LEU U 402 0.66 43.03 25.86
CA LEU U 402 1.74 42.75 26.80
C LEU U 402 1.26 42.57 28.22
N GLN U 403 -0.02 42.86 28.51
CA GLN U 403 -0.52 42.76 29.88
C GLN U 403 -0.51 41.33 30.40
N GLN U 404 -0.44 40.34 29.52
CA GLN U 404 -0.50 38.95 29.96
C GLN U 404 0.75 38.50 30.69
N PHE U 405 1.84 39.25 30.59
CA PHE U 405 3.09 38.90 31.26
C PHE U 405 3.17 39.41 32.69
N ASN U 406 2.14 40.10 33.17
CA ASN U 406 2.16 40.64 34.53
C ASN U 406 2.03 39.51 35.54
N GLY U 407 3.00 39.42 36.46
CA GLY U 407 3.00 38.38 37.46
C GLY U 407 3.41 37.01 36.96
N LEU U 408 3.71 36.87 35.67
CA LEU U 408 4.12 35.60 35.12
C LEU U 408 5.56 35.29 35.52
N ALA U 409 5.81 34.02 35.83
CA ALA U 409 7.18 33.61 36.13
C ALA U 409 8.05 33.72 34.90
N VAL U 410 9.26 34.24 35.08
CA VAL U 410 10.20 34.46 33.98
C VAL U 410 11.51 33.77 34.34
N PHE U 411 12.01 32.95 33.43
CA PHE U 411 13.29 32.26 33.61
C PHE U 411 14.32 32.94 32.71
N THR U 412 15.29 33.61 33.32
CA THR U 412 16.23 34.46 32.60
C THR U 412 17.32 33.61 31.95
N LYS U 413 18.39 34.29 31.52
CA LYS U 413 19.49 33.66 30.79
C LYS U 413 20.07 32.44 31.51
N ASN U 414 19.93 32.35 32.83
CA ASN U 414 20.69 31.36 33.59
C ASN U 414 20.30 29.93 33.21
N THR U 415 19.00 29.63 33.16
CA THR U 415 18.57 28.26 32.90
C THR U 415 17.25 28.32 32.13
N ASN U 416 16.60 27.17 31.95
CA ASN U 416 15.36 27.04 31.19
C ASN U 416 14.22 26.63 32.10
N ILE U 417 13.05 26.41 31.51
CA ILE U 417 11.84 26.11 32.26
C ILE U 417 11.77 24.60 32.51
N ARG U 418 11.47 24.22 33.75
CA ARG U 418 11.29 22.82 34.10
C ARG U 418 9.88 22.37 33.72
N THR U 419 9.46 21.22 34.22
CA THR U 419 8.16 20.65 33.88
C THR U 419 7.12 21.04 34.93
N GLY U 420 5.97 21.53 34.47
CA GLY U 420 4.85 21.85 35.31
C GLY U 420 4.73 23.32 35.68
N ILE U 421 5.80 24.09 35.53
CA ILE U 421 5.76 25.51 35.84
C ILE U 421 5.13 26.27 34.69
N ILE U 422 4.57 27.45 34.99
CA ILE U 422 3.82 28.23 34.02
C ILE U 422 4.68 29.41 33.59
N GLY U 423 6.00 29.24 33.68
CA GLY U 423 6.93 30.32 33.39
C GLY U 423 7.24 30.45 31.91
N THR U 424 8.22 31.30 31.62
CA THR U 424 8.67 31.57 30.27
C THR U 424 10.05 32.17 30.31
N ASN U 425 10.67 32.29 29.15
CA ASN U 425 12.01 32.83 28.98
C ASN U 425 11.99 33.88 27.87
N PRO U 426 13.00 34.75 27.81
CA PRO U 426 12.94 35.88 26.86
C PRO U 426 12.74 35.48 25.40
N ARG U 427 13.31 34.35 24.96
CA ARG U 427 13.16 33.96 23.56
C ARG U 427 11.71 33.66 23.21
N LEU U 428 10.99 32.95 24.08
CA LEU U 428 9.58 32.68 23.81
C LEU U 428 8.75 33.95 23.84
N MET U 429 9.06 34.87 24.75
CA MET U 429 8.37 36.15 24.76
C MET U 429 8.59 36.92 23.47
N LEU U 430 9.84 36.93 22.99
CA LEU U 430 10.14 37.61 21.72
C LEU U 430 9.40 36.95 20.57
N GLY U 431 9.36 35.62 20.54
CA GLY U 431 8.63 34.93 19.49
C GLY U 431 7.15 35.24 19.50
N LYS U 432 6.54 35.26 20.69
CA LYS U 432 5.12 35.57 20.79
C LYS U 432 4.83 37.01 20.39
N ILE U 433 5.70 37.94 20.78
CA ILE U 433 5.54 39.34 20.37
C ILE U 433 5.66 39.47 18.87
N ARG U 434 6.62 38.75 18.26
CA ARG U 434 6.77 38.77 16.82
C ARG U 434 5.52 38.22 16.13
N LYS U 435 4.96 37.14 16.67
CA LYS U 435 3.73 36.59 16.10
C LYS U 435 2.59 37.59 16.17
N TRP U 436 2.45 38.26 17.32
CA TRP U 436 1.40 39.26 17.48
C TRP U 436 1.58 40.41 16.50
N ALA U 437 2.83 40.87 16.32
CA ALA U 437 3.08 41.95 15.38
C ALA U 437 2.79 41.51 13.95
N GLN U 438 3.16 40.28 13.60
CA GLN U 438 2.94 39.79 12.24
C GLN U 438 1.45 39.65 11.95
N ASP U 439 0.67 39.22 12.94
CA ASP U 439 -0.76 39.04 12.73
C ASP U 439 -1.52 40.34 12.55
N ASN U 440 -0.91 41.49 12.83
CA ASN U 440 -1.57 42.78 12.72
C ASN U 440 -1.16 43.57 11.48
N VAL U 441 -0.52 42.91 10.52
CA VAL U 441 -0.13 43.59 9.28
C VAL U 441 -1.38 43.99 8.52
N GLY U 442 -1.44 45.24 8.09
CA GLY U 442 -2.53 45.77 7.31
C GLY U 442 -3.51 46.62 8.11
N THR U 443 -3.49 46.54 9.43
CA THR U 443 -4.36 47.34 10.27
C THR U 443 -3.64 48.27 11.22
N LEU U 444 -2.44 47.91 11.68
CA LEU U 444 -1.65 48.77 12.55
C LEU U 444 -0.28 49.07 11.96
N PHE U 445 0.42 48.06 11.47
CA PHE U 445 1.77 48.22 10.97
C PHE U 445 1.80 48.14 9.45
N SER U 446 2.96 48.46 8.89
CA SER U 446 3.19 48.29 7.47
C SER U 446 3.42 46.80 7.19
N GLU U 447 3.83 46.46 5.98
CA GLU U 447 3.99 45.05 5.65
C GLU U 447 5.07 44.44 6.53
N PHE U 448 6.33 44.74 6.22
CA PHE U 448 7.53 44.93 7.06
C PHE U 448 8.71 45.19 6.12
N ASP U 449 9.84 45.62 6.69
CA ASP U 449 11.11 45.67 5.97
C ASP U 449 11.97 44.45 6.25
N ASN U 450 12.27 44.19 7.52
CA ASN U 450 13.02 43.01 7.93
C ASN U 450 12.62 42.69 9.36
N ILE U 451 11.71 41.74 9.53
CA ILE U 451 11.15 41.46 10.84
C ILE U 451 12.22 40.97 11.81
N ASN U 452 13.25 40.30 11.31
CA ASN U 452 14.28 39.73 12.18
C ASN U 452 15.12 40.79 12.88
N GLU U 453 15.06 42.05 12.43
CA GLU U 453 15.80 43.13 13.08
C GLU U 453 14.92 44.25 13.60
N ASP U 454 13.65 44.33 13.18
CA ASP U 454 12.80 45.43 13.60
C ASP U 454 12.24 45.26 15.01
N ILE U 455 12.33 44.07 15.59
CA ILE U 455 11.86 43.83 16.95
C ILE U 455 12.95 43.10 17.72
N GLN U 456 13.30 43.64 18.90
CA GLN U 456 14.30 43.03 19.77
C GLN U 456 13.82 43.11 21.20
N LEU U 457 14.11 42.07 21.99
CA LEU U 457 13.77 42.02 23.40
C LEU U 457 15.03 41.70 24.19
N LEU U 458 15.36 42.57 25.15
CA LEU U 458 16.56 42.41 25.97
C LEU U 458 16.19 42.57 27.43
N THR U 459 16.76 41.69 28.27
CA THR U 459 16.54 41.78 29.71
C THR U 459 17.35 42.92 30.30
N ASP U 460 17.00 43.30 31.53
CA ASP U 460 17.71 44.37 32.21
C ASP U 460 19.12 43.97 32.64
N PHE U 461 19.44 42.68 32.65
CA PHE U 461 20.77 42.25 33.06
C PHE U 461 21.80 42.49 31.97
N GLU U 462 21.41 42.35 30.70
CA GLU U 462 22.33 42.50 29.59
C GLU U 462 22.33 43.90 29.00
N VAL U 463 21.58 44.83 29.58
CA VAL U 463 21.62 46.24 29.17
C VAL U 463 22.41 47.08 30.15
N GLN U 464 22.19 46.88 31.44
CA GLN U 464 22.90 47.57 32.50
C GLN U 464 24.17 46.81 32.90
N PRO U 465 25.15 47.50 33.48
CA PRO U 465 26.37 46.80 33.93
C PRO U 465 26.11 45.82 35.07
N LYS U 466 27.15 45.12 35.49
CA LYS U 466 27.01 44.11 36.54
C LYS U 466 26.58 44.79 37.85
N CYS U 467 25.67 44.13 38.56
CA CYS U 467 25.08 44.60 39.82
C CYS U 467 24.27 45.88 39.65
N VAL U 468 24.01 46.30 38.41
CA VAL U 468 23.21 47.49 38.15
C VAL U 468 21.83 47.05 37.66
N GLY U 469 21.76 45.86 37.09
CA GLY U 469 20.51 45.36 36.56
C GLY U 469 19.50 45.00 37.63
N GLN U 470 18.26 44.79 37.19
CA GLN U 470 17.16 44.45 38.07
C GLN U 470 16.44 43.22 37.54
N PRO U 471 15.86 42.40 38.41
CA PRO U 471 15.17 41.19 37.96
C PRO U 471 13.73 41.48 37.53
N GLY U 472 13.34 40.85 36.44
CA GLY U 472 11.98 40.96 35.93
C GLY U 472 11.71 42.13 35.02
N ILE U 473 12.68 43.03 34.82
CA ILE U 473 12.51 44.20 33.98
C ILE U 473 13.13 43.92 32.62
N PHE U 474 12.40 44.24 31.56
CA PHE U 474 12.81 43.98 30.20
C PHE U 474 12.99 45.28 29.43
N HIS U 475 13.30 45.14 28.15
CA HIS U 475 13.44 46.28 27.25
C HIS U 475 13.05 45.83 25.85
N LEU U 476 11.99 46.41 25.30
CA LEU U 476 11.48 46.04 23.99
C LEU U 476 11.63 47.23 23.03
N ASN U 477 12.24 46.98 21.88
CA ASN U 477 12.44 47.99 20.85
C ASN U 477 11.80 47.52 19.55
N MET U 478 11.09 48.42 18.88
CA MET U 478 10.40 48.04 17.65
C MET U 478 10.34 49.23 16.69
N ARG U 479 10.69 48.97 15.43
CA ARG U 479 10.67 49.98 14.38
C ARG U 479 9.39 49.83 13.54
N TYR U 480 8.26 50.18 14.14
CA TYR U 480 6.99 49.98 13.45
C TYR U 480 6.81 51.03 12.38
N ARG U 481 6.00 50.70 11.38
CA ARG U 481 5.67 51.62 10.29
C ARG U 481 4.17 51.56 10.03
N PRO U 482 3.46 52.69 10.08
CA PRO U 482 2.03 52.66 9.82
C PRO U 482 1.76 52.28 8.38
N PRO U 483 0.59 51.70 8.09
CA PRO U 483 0.34 51.18 6.74
C PRO U 483 0.35 52.28 5.69
N VAL U 484 0.78 51.91 4.49
CA VAL U 484 0.84 52.84 3.36
C VAL U 484 -0.52 52.90 2.70
N ARG U 485 -1.05 54.10 2.54
CA ARG U 485 -2.36 54.33 1.95
C ARG U 485 -2.22 55.05 0.61
N GLY U 486 -3.35 55.40 0.02
CA GLY U 486 -3.33 56.06 -1.26
C GLY U 486 -2.74 57.45 -1.17
N ALA U 487 -2.18 57.91 -2.29
CA ALA U 487 -1.48 59.18 -2.35
C ALA U 487 -1.50 59.66 -3.81
N ARG U 488 -0.63 60.63 -4.11
CA ARG U 488 -0.54 61.20 -5.46
C ARG U 488 -0.43 60.10 -6.51
N ILE U 489 -1.08 60.35 -7.65
CA ILE U 489 -1.09 59.40 -8.76
C ILE U 489 -0.19 59.85 -9.90
N ASN U 490 -0.12 61.16 -10.15
CA ASN U 490 0.72 61.74 -11.20
C ASN U 490 0.36 61.16 -12.57
N VAL U 491 -0.88 61.44 -13.00
CA VAL U 491 -1.37 60.94 -14.27
C VAL U 491 -0.69 61.70 -15.40
N ASN U 492 -0.13 60.96 -16.36
CA ASN U 492 0.47 61.54 -17.56
C ASN U 492 -0.34 61.10 -18.77
N MET U 493 -0.78 62.06 -19.57
CA MET U 493 -1.61 61.80 -20.75
C MET U 493 -0.90 62.33 -21.99
N ALA U 494 -0.80 61.51 -23.02
CA ALA U 494 -0.18 61.89 -24.27
C ALA U 494 -1.04 61.44 -25.44
N PRO U 495 -1.70 62.35 -26.15
CA PRO U 495 -2.55 61.97 -27.27
C PRO U 495 -1.73 61.54 -28.47
N ALA U 496 -2.43 61.23 -29.57
CA ALA U 496 -1.78 60.81 -30.80
C ALA U 496 -2.64 61.17 -32.02
N ASP V 4 -40.77 7.49 53.96
CA ASP V 4 -40.71 7.37 52.51
C ASP V 4 -40.09 6.04 52.11
N ALA V 5 -40.21 5.70 50.83
CA ALA V 5 -39.66 4.44 50.33
C ALA V 5 -38.14 4.48 50.33
N LEU V 6 -37.53 3.35 50.71
CA LEU V 6 -36.10 3.09 50.57
C LEU V 6 -35.27 3.93 51.55
N SER V 7 -35.89 4.89 52.22
CA SER V 7 -35.20 5.64 53.27
C SER V 7 -35.29 4.90 54.60
N ASP V 8 -34.91 3.62 54.58
CA ASP V 8 -35.06 2.72 55.72
C ASP V 8 -33.72 2.02 55.93
N GLY V 9 -32.86 2.62 56.73
CA GLY V 9 -31.52 2.10 56.92
C GLY V 9 -30.61 2.46 55.77
N PHE V 10 -29.35 2.04 55.90
CA PHE V 10 -28.34 2.24 54.86
C PHE V 10 -28.15 3.74 54.58
N VAL V 11 -29.12 4.34 53.89
CA VAL V 11 -29.06 5.76 53.55
C VAL V 11 -30.10 6.51 54.37
N ARG V 12 -29.64 7.42 55.21
CA ARG V 12 -30.49 8.38 55.88
C ARG V 12 -29.97 9.78 55.52
N LEU V 13 -30.80 10.55 54.82
CA LEU V 13 -30.39 11.87 54.34
C LEU V 13 -30.24 12.85 55.50
N CYS V 14 -29.31 13.79 55.34
CA CYS V 14 -29.07 14.87 56.29
C CYS V 14 -29.12 16.21 55.58
N ILE V 15 -30.20 16.42 54.82
CA ILE V 15 -30.33 17.64 54.02
C ILE V 15 -30.27 18.87 54.92
N ASP V 16 -29.34 19.76 54.62
CA ASP V 16 -29.14 20.98 55.40
C ASP V 16 -28.37 21.97 54.52
N PRO V 17 -28.89 23.19 54.35
CA PRO V 17 -28.23 24.15 53.46
C PRO V 17 -27.05 24.89 54.07
N SER V 18 -26.66 24.56 55.31
CA SER V 18 -25.58 25.26 56.01
C SER V 18 -24.56 24.22 56.47
N LEU V 19 -23.61 23.91 55.59
CA LEU V 19 -22.57 22.93 55.90
C LEU V 19 -21.30 23.35 55.17
N ASN V 20 -20.29 23.77 55.93
CA ASN V 20 -19.00 24.09 55.35
C ASN V 20 -18.15 22.82 55.23
N PHE V 21 -17.50 22.65 54.08
CA PHE V 21 -16.72 21.46 53.81
C PHE V 21 -15.22 21.68 53.78
N PHE V 22 -14.76 22.93 53.59
CA PHE V 22 -13.33 23.20 53.54
C PHE V 22 -12.71 23.32 54.92
N GLY V 23 -13.30 24.15 55.78
CA GLY V 23 -12.89 24.25 57.16
C GLY V 23 -11.97 25.41 57.48
N GLU V 24 -12.51 26.43 58.15
CA GLU V 24 -11.78 27.63 58.59
C GLU V 24 -10.80 28.12 57.53
N GLY V 25 -9.63 28.62 57.94
CA GLY V 25 -8.59 28.91 56.99
C GLY V 25 -8.37 30.38 56.65
N CYS V 26 -7.11 30.75 56.49
CA CYS V 26 -6.70 32.05 55.94
C CYS V 26 -7.17 33.19 56.85
N LYS V 27 -6.67 33.17 58.08
CA LYS V 27 -7.20 33.98 59.16
C LYS V 27 -6.91 35.46 58.98
N ILE V 28 -7.82 36.30 59.47
CA ILE V 28 -7.67 37.76 59.39
C ILE V 28 -8.19 38.37 60.69
N LEU V 29 -7.62 39.52 61.05
CA LEU V 29 -8.03 40.29 62.23
C LEU V 29 -8.21 41.75 61.85
N VAL V 30 -9.31 42.34 62.30
CA VAL V 30 -9.59 43.76 62.14
C VAL V 30 -9.95 44.34 63.50
N GLU V 31 -9.41 45.53 63.80
CA GLU V 31 -9.61 46.13 65.10
C GLU V 31 -9.60 47.65 64.99
N GLY V 32 -10.41 48.28 65.84
CA GLY V 32 -10.53 49.73 65.82
C GLY V 32 -11.47 50.17 66.93
N GLN V 33 -11.68 51.48 66.99
CA GLN V 33 -12.55 52.05 68.01
C GLN V 33 -14.01 51.69 67.74
N MET V 34 -14.78 51.47 68.81
CA MET V 34 -16.17 51.09 68.72
C MET V 34 -17.01 51.91 69.69
N THR V 35 -18.30 52.03 69.37
CA THR V 35 -19.23 52.77 70.21
C THR V 35 -19.74 51.89 71.35
N ASP V 36 -20.30 52.54 72.37
CA ASP V 36 -20.73 51.84 73.57
C ASP V 36 -22.04 51.07 73.37
N ASP V 37 -22.72 51.26 72.25
CA ASP V 37 -23.99 50.57 72.04
C ASP V 37 -23.80 49.07 71.86
N GLY V 38 -22.66 48.65 71.33
CA GLY V 38 -22.44 47.24 71.07
C GLY V 38 -22.35 46.43 72.34
N SER V 39 -22.73 45.16 72.24
CA SER V 39 -22.73 44.25 73.37
C SER V 39 -21.45 43.42 73.48
N ALA V 40 -20.49 43.63 72.58
CA ALA V 40 -19.24 42.88 72.64
C ALA V 40 -18.37 43.34 73.79
N THR V 41 -17.63 42.40 74.36
CA THR V 41 -16.71 42.72 75.45
C THR V 41 -15.46 43.39 74.90
N PRO V 42 -15.14 44.62 75.31
CA PRO V 42 -13.94 45.29 74.77
C PRO V 42 -12.67 44.62 75.23
N ASP V 43 -11.60 44.86 74.48
CA ASP V 43 -10.27 44.32 74.76
C ASP V 43 -10.29 42.79 74.80
N ALA V 44 -11.05 42.20 73.89
CA ALA V 44 -11.12 40.74 73.79
C ALA V 44 -11.38 40.37 72.34
N VAL V 45 -10.44 39.64 71.74
CA VAL V 45 -10.60 39.21 70.35
C VAL V 45 -11.77 38.24 70.26
N THR V 46 -12.62 38.44 69.25
CA THR V 46 -13.85 37.68 69.11
C THR V 46 -14.00 37.20 67.67
N CYS V 47 -14.71 36.08 67.50
CA CYS V 47 -14.95 35.50 66.20
C CYS V 47 -16.27 36.05 65.64
N VAL V 48 -16.19 36.73 64.50
CA VAL V 48 -17.36 37.33 63.86
C VAL V 48 -17.78 36.41 62.73
N THR V 49 -19.06 36.00 62.75
CA THR V 49 -19.55 35.04 61.77
C THR V 49 -20.00 35.69 60.47
N SER V 50 -20.75 36.81 60.54
CA SER V 50 -21.32 37.39 59.34
C SER V 50 -21.57 38.88 59.55
N GLU V 51 -21.97 39.53 58.46
CA GLU V 51 -22.21 40.97 58.39
C GLU V 51 -23.38 41.42 59.27
N LEU V 52 -24.20 40.49 59.74
CA LEU V 52 -25.54 40.82 60.21
C LEU V 52 -25.50 41.47 61.58
N ASP V 53 -24.86 40.82 62.55
CA ASP V 53 -24.92 41.24 63.94
C ASP V 53 -23.84 42.25 64.33
N ILE V 54 -23.03 42.71 63.37
CA ILE V 54 -21.97 43.65 63.70
C ILE V 54 -22.54 44.95 64.24
N ILE V 55 -23.72 45.35 63.75
CA ILE V 55 -24.38 46.55 64.26
C ILE V 55 -24.71 46.38 65.74
N GLU V 56 -25.25 45.22 66.11
CA GLU V 56 -25.58 44.96 67.51
C GLU V 56 -24.34 44.66 68.33
N ARG V 57 -23.33 44.01 67.73
CA ARG V 57 -22.17 43.59 68.50
C ARG V 57 -21.24 44.76 68.83
N PHE V 58 -21.04 45.67 67.87
CA PHE V 58 -20.08 46.75 68.04
C PHE V 58 -20.70 48.14 67.86
N GLY V 59 -22.02 48.24 67.97
CA GLY V 59 -22.67 49.54 67.90
C GLY V 59 -22.85 50.06 66.49
N GLN V 60 -23.99 50.68 66.21
CA GLN V 60 -24.26 51.25 64.91
C GLN V 60 -23.44 52.52 64.70
N GLY V 61 -22.82 52.63 63.53
CA GLY V 61 -22.03 53.80 63.19
C GLY V 61 -20.61 53.80 63.70
N SER V 62 -20.20 52.78 64.46
CA SER V 62 -18.85 52.74 64.98
C SER V 62 -17.85 52.43 63.86
N VAL V 63 -16.62 52.91 64.04
CA VAL V 63 -15.60 52.75 63.01
C VAL V 63 -15.26 51.28 62.79
N LEU V 64 -15.15 50.51 63.88
CA LEU V 64 -14.87 49.09 63.75
C LEU V 64 -15.97 48.38 62.99
N THR V 65 -17.23 48.73 63.27
CA THR V 65 -18.35 48.10 62.57
C THR V 65 -18.28 48.34 61.08
N GLU V 66 -17.95 49.58 60.68
CA GLU V 66 -17.94 49.90 59.25
C GLU V 66 -16.74 49.26 58.56
N SER V 67 -15.58 49.22 59.23
CA SER V 67 -14.42 48.55 58.66
C SER V 67 -14.69 47.06 58.47
N LEU V 68 -15.31 46.43 59.47
CA LEU V 68 -15.61 45.01 59.37
C LEU V 68 -16.69 44.76 58.31
N ARG V 69 -17.61 45.71 58.14
CA ARG V 69 -18.57 45.65 57.05
C ARG V 69 -17.88 45.65 55.70
N LYS V 70 -16.87 46.52 55.53
CA LYS V 70 -16.12 46.54 54.28
C LYS V 70 -15.35 45.23 54.09
N VAL V 71 -14.80 44.69 55.18
CA VAL V 71 -14.09 43.41 55.10
C VAL V 71 -15.02 42.32 54.57
N PHE V 72 -16.23 42.22 55.13
CA PHE V 72 -17.19 41.25 54.63
C PHE V 72 -17.68 41.56 53.23
N CYS V 73 -17.72 42.84 52.85
CA CYS V 73 -18.16 43.18 51.49
C CYS V 73 -17.15 42.70 50.46
N THR V 74 -15.87 42.98 50.70
CA THR V 74 -14.83 42.60 49.74
C THR V 74 -14.71 41.09 49.62
N CYS V 75 -14.79 40.39 50.75
CA CYS V 75 -14.50 38.96 50.79
C CYS V 75 -15.78 38.16 50.88
N LYS V 76 -15.93 37.16 50.01
CA LYS V 76 -17.08 36.28 50.03
C LYS V 76 -16.81 34.95 50.69
N SER V 77 -15.59 34.42 50.58
CA SER V 77 -15.27 33.12 51.14
C SER V 77 -13.76 32.98 51.32
N GLY V 78 -13.37 32.05 52.18
CA GLY V 78 -11.99 31.67 52.36
C GLY V 78 -11.35 32.12 53.66
N VAL V 79 -11.97 33.04 54.39
CA VAL V 79 -11.38 33.59 55.61
C VAL V 79 -12.36 33.46 56.76
N SER V 80 -11.83 33.29 57.97
CA SER V 80 -12.62 33.25 59.20
C SER V 80 -12.29 34.52 59.97
N VAL V 81 -13.07 35.58 59.71
CA VAL V 81 -12.73 36.91 60.20
C VAL V 81 -12.97 37.00 61.69
N TYR V 82 -11.97 37.48 62.42
CA TYR V 82 -12.08 37.84 63.83
C TYR V 82 -11.90 39.34 64.00
N ALA V 83 -12.50 39.89 65.05
CA ALA V 83 -12.42 41.31 65.32
C ALA V 83 -12.01 41.54 66.78
N LEU V 84 -11.35 42.67 67.01
CA LEU V 84 -10.89 43.06 68.34
C LEU V 84 -11.47 44.42 68.69
N PRO V 85 -12.56 44.46 69.47
CA PRO V 85 -13.14 45.75 69.85
C PRO V 85 -12.20 46.56 70.72
N ARG V 86 -12.26 47.88 70.55
CA ARG V 86 -11.45 48.80 71.33
C ARG V 86 -12.28 50.01 71.69
N GLU V 87 -12.20 50.43 72.95
CA GLU V 87 -13.05 51.49 73.47
C GLU V 87 -12.39 52.85 73.27
N ASP V 88 -13.23 53.88 73.18
CA ASP V 88 -12.74 55.24 73.01
C ASP V 88 -12.06 55.74 74.28
N ALA V 89 -11.16 56.71 74.10
CA ALA V 89 -10.49 57.33 75.23
C ALA V 89 -11.46 58.16 76.04
N ALA V 90 -11.41 58.00 77.36
CA ALA V 90 -12.32 58.73 78.24
C ALA V 90 -12.07 60.23 78.19
N ALA V 91 -10.83 60.64 77.96
CA ALA V 91 -10.47 62.06 77.89
C ALA V 91 -10.55 62.62 76.48
N GLY V 92 -10.97 61.81 75.50
CA GLY V 92 -11.02 62.29 74.13
C GLY V 92 -12.14 63.29 73.91
N VAL V 93 -12.03 64.00 72.79
CA VAL V 93 -13.00 65.02 72.39
C VAL V 93 -13.59 64.61 71.05
N LYS V 94 -14.92 64.50 70.99
CA LYS V 94 -15.59 64.18 69.74
C LYS V 94 -15.48 65.35 68.77
N ALA V 95 -15.33 65.03 67.49
CA ALA V 95 -15.21 66.05 66.45
C ALA V 95 -16.56 66.68 66.16
N VAL V 96 -16.55 67.99 65.94
CA VAL V 96 -17.78 68.75 65.66
C VAL V 96 -17.61 69.41 64.30
N TYR V 97 -18.53 69.12 63.39
CA TYR V 97 -18.53 69.66 62.05
C TYR V 97 -19.85 70.36 61.76
N THR V 98 -19.79 71.43 60.97
CA THR V 98 -20.94 72.26 60.65
C THR V 98 -21.18 72.25 59.15
N LEU V 99 -22.42 72.02 58.75
CA LEU V 99 -22.84 72.08 57.35
C LEU V 99 -24.04 73.01 57.26
N THR V 100 -23.93 74.04 56.43
CA THR V 100 -25.01 75.02 56.29
C THR V 100 -25.86 74.73 55.05
N GLN V 112 -27.98 66.26 45.48
CA GLN V 112 -26.99 65.20 45.43
C GLN V 112 -25.75 65.57 46.24
N LEU V 113 -25.73 65.12 47.50
CA LEU V 113 -24.62 65.40 48.40
C LEU V 113 -23.82 64.12 48.65
N TYR V 114 -22.50 64.23 48.53
CA TYR V 114 -21.61 63.12 48.80
C TYR V 114 -21.00 63.28 50.18
N MET V 115 -21.13 62.26 51.02
CA MET V 115 -20.55 62.24 52.35
C MET V 115 -20.10 60.82 52.65
N GLY V 116 -18.98 60.70 53.36
CA GLY V 116 -18.43 59.38 53.64
C GLY V 116 -18.03 58.64 52.38
N GLU V 117 -18.80 57.62 52.02
CA GLU V 117 -18.57 56.85 50.81
C GLU V 117 -19.82 56.89 49.93
N ALA V 118 -19.82 56.07 48.87
CA ALA V 118 -20.95 56.04 47.95
C ALA V 118 -22.22 55.51 48.63
N GLU V 119 -22.07 54.61 49.59
CA GLU V 119 -23.25 54.07 50.29
C GLU V 119 -23.96 55.15 51.09
N TYR V 120 -23.24 56.20 51.50
CA TYR V 120 -23.80 57.27 52.30
C TYR V 120 -24.20 58.48 51.48
N ALA V 121 -24.08 58.42 50.16
CA ALA V 121 -24.47 59.54 49.31
C ALA V 121 -25.99 59.60 49.18
N VAL V 122 -26.52 60.82 49.23
CA VAL V 122 -27.97 61.02 49.14
C VAL V 122 -28.31 61.80 47.87
N ASP V 130 -38.11 75.95 48.31
CA ASP V 130 -38.36 75.47 49.67
C ASP V 130 -37.63 76.32 50.69
N THR V 131 -37.84 76.02 51.97
CA THR V 131 -37.24 76.78 53.05
C THR V 131 -35.96 76.10 53.55
N ALA V 132 -35.18 76.85 54.32
CA ALA V 132 -33.95 76.29 54.90
C ALA V 132 -34.26 75.14 55.84
N THR V 133 -35.29 75.29 56.67
CA THR V 133 -35.69 74.19 57.55
C THR V 133 -36.26 73.02 56.76
N ASP V 134 -36.94 73.30 55.65
CA ASP V 134 -37.45 72.22 54.80
C ASP V 134 -36.32 71.36 54.26
N ILE V 135 -35.23 71.99 53.82
CA ILE V 135 -34.08 71.24 53.35
C ILE V 135 -33.45 70.46 54.50
N ALA V 136 -33.30 71.10 55.65
CA ALA V 136 -32.68 70.44 56.80
C ALA V 136 -33.51 69.25 57.27
N ALA V 137 -34.83 69.40 57.30
CA ALA V 137 -35.69 68.29 57.71
C ALA V 137 -35.59 67.12 56.74
N ALA V 138 -35.54 67.42 55.43
CA ALA V 138 -35.45 66.35 54.44
C ALA V 138 -34.12 65.63 54.53
N ILE V 139 -33.02 66.36 54.71
CA ILE V 139 -31.70 65.74 54.70
C ILE V 139 -31.50 64.87 55.94
N VAL V 140 -31.87 65.38 57.12
CA VAL V 140 -31.61 64.66 58.36
C VAL V 140 -32.39 63.35 58.40
N ALA V 141 -33.66 63.39 57.98
CA ALA V 141 -34.47 62.17 57.98
C ALA V 141 -34.05 61.18 56.90
N ALA V 142 -33.20 61.59 55.96
CA ALA V 142 -32.76 60.70 54.89
C ALA V 142 -31.43 60.01 55.19
N ILE V 143 -30.67 60.51 56.16
CA ILE V 143 -29.36 59.92 56.47
C ILE V 143 -29.55 58.59 57.15
N SER V 144 -28.85 57.58 56.66
CA SER V 144 -28.92 56.25 57.28
C SER V 144 -28.31 56.30 58.69
N PRO V 145 -28.92 55.61 59.65
CA PRO V 145 -28.41 55.69 61.04
C PRO V 145 -26.98 55.18 61.20
N ASP V 146 -26.57 54.21 60.39
CA ASP V 146 -25.23 53.63 60.54
C ASP V 146 -24.13 54.56 60.03
N PHE V 147 -24.46 55.77 59.60
CA PHE V 147 -23.44 56.74 59.25
C PHE V 147 -22.60 57.07 60.48
N PRO V 148 -21.28 57.18 60.35
CA PRO V 148 -20.43 57.31 61.55
C PRO V 148 -20.46 58.69 62.18
N TYR V 149 -21.41 59.53 61.79
CA TYR V 149 -21.52 60.88 62.33
C TYR V 149 -22.94 61.13 62.83
N ALA V 150 -23.04 62.03 63.81
CA ALA V 150 -24.34 62.40 64.37
C ALA V 150 -25.06 63.34 63.42
N ALA V 151 -26.29 62.96 63.03
CA ALA V 151 -27.09 63.74 62.10
C ALA V 151 -27.97 64.69 62.88
N THR V 152 -27.53 65.93 63.02
CA THR V 152 -28.29 66.94 63.75
C THR V 152 -28.49 68.19 62.90
N ILE V 158 -27.03 72.26 59.58
CA ILE V 158 -26.80 70.87 59.96
C ILE V 158 -25.43 70.72 60.60
N THR V 159 -25.41 70.39 61.89
CA THR V 159 -24.17 70.21 62.64
C THR V 159 -23.88 68.72 62.77
N LEU V 160 -22.65 68.33 62.43
CA LEU V 160 -22.23 66.95 62.46
C LEU V 160 -21.26 66.72 63.61
N THR V 161 -21.54 65.70 64.43
CA THR V 161 -20.70 65.35 65.57
C THR V 161 -20.21 63.92 65.40
N ALA V 162 -18.92 63.72 65.65
CA ALA V 162 -18.35 62.38 65.53
C ALA V 162 -18.96 61.43 66.54
N ARG V 163 -19.31 60.23 66.10
CA ARG V 163 -19.90 59.24 66.98
C ARG V 163 -18.87 58.56 67.87
N ASN V 164 -17.59 58.68 67.55
CA ASN V 164 -16.51 58.10 68.35
C ASN V 164 -15.50 59.17 68.67
N ALA V 165 -15.18 59.33 69.96
CA ALA V 165 -14.22 60.33 70.38
C ALA V 165 -12.82 59.96 69.89
N GLY V 166 -12.09 60.97 69.43
CA GLY V 166 -10.73 60.77 68.95
C GLY V 166 -10.46 61.44 67.61
N THR V 167 -9.27 61.22 67.07
CA THR V 167 -8.88 61.84 65.81
C THR V 167 -9.39 61.09 64.59
N ILE V 168 -10.07 59.97 64.77
CA ILE V 168 -10.60 59.22 63.64
C ILE V 168 -11.65 60.03 62.90
N GLY V 169 -12.42 60.85 63.62
CA GLY V 169 -13.42 61.71 63.02
C GLY V 169 -12.90 63.00 62.44
N ASN V 170 -11.58 63.17 62.40
CA ASN V 170 -10.99 64.40 61.88
C ASN V 170 -10.85 64.41 60.36
N HIS V 171 -11.16 63.30 59.69
CA HIS V 171 -10.95 63.16 58.26
C HIS V 171 -12.25 62.92 57.51
N LEU V 172 -13.30 63.67 57.87
CA LEU V 172 -14.57 63.61 57.16
C LEU V 172 -14.57 64.61 56.01
N SER V 173 -15.03 64.17 54.84
CA SER V 173 -15.15 65.02 53.67
C SER V 173 -16.57 64.93 53.14
N VAL V 174 -17.23 66.09 53.01
CA VAL V 174 -18.57 66.18 52.46
C VAL V 174 -18.53 67.16 51.30
N ILE V 175 -19.00 66.72 50.13
CA ILE V 175 -18.95 67.52 48.92
C ILE V 175 -20.30 67.38 48.20
N TYR V 176 -20.64 68.41 47.41
CA TYR V 176 -21.87 68.43 46.63
C TYR V 176 -21.55 68.02 45.20
N THR V 177 -22.11 66.91 44.76
CA THR V 177 -21.88 66.42 43.41
C THR V 177 -23.01 66.79 42.47
N ALA V 199 -13.13 69.30 66.35
CA ALA V 199 -11.82 68.70 66.14
C ALA V 199 -11.54 67.63 67.19
N GLY V 200 -11.31 66.40 66.73
CA GLY V 200 -11.04 65.31 67.64
C GLY V 200 -9.66 65.38 68.25
N SER V 201 -9.51 64.68 69.37
CA SER V 201 -8.23 64.64 70.07
C SER V 201 -8.20 63.41 70.98
N VAL V 202 -6.98 63.02 71.37
CA VAL V 202 -6.72 61.95 72.31
C VAL V 202 -7.16 60.60 71.74
N ASN V 203 -6.17 59.77 71.37
CA ASN V 203 -6.43 58.44 70.83
C ASN V 203 -5.95 57.36 71.79
N PRO V 204 -6.74 56.31 72.00
CA PRO V 204 -6.34 55.26 72.94
C PRO V 204 -5.09 54.53 72.48
N THR V 205 -4.29 54.09 73.46
CA THR V 205 -3.10 53.29 73.22
C THR V 205 -3.14 52.09 74.16
N PRO V 206 -3.76 50.98 73.73
CA PRO V 206 -3.94 49.84 74.66
C PRO V 206 -2.63 49.22 75.12
N ASN V 207 -1.77 48.81 74.19
CA ASN V 207 -0.49 48.15 74.50
C ASN V 207 -0.70 46.90 75.33
N ASP V 208 -1.57 46.01 74.85
CA ASP V 208 -1.81 44.72 75.49
C ASP V 208 -1.95 43.61 74.46
N TYR V 209 -1.23 43.72 73.33
CA TYR V 209 -1.37 42.74 72.26
C TYR V 209 -0.99 41.34 72.71
N ALA V 210 0.12 41.22 73.44
CA ALA V 210 0.55 39.91 73.91
C ALA V 210 -0.46 39.27 74.83
N THR V 211 -1.03 40.06 75.75
CA THR V 211 -2.01 39.50 76.69
C THR V 211 -3.33 39.17 76.00
N VAL V 212 -3.79 40.04 75.09
CA VAL V 212 -5.05 39.81 74.43
C VAL V 212 -4.98 38.58 73.53
N VAL V 213 -3.94 38.50 72.69
CA VAL V 213 -3.70 37.35 71.83
C VAL V 213 -2.27 36.90 72.03
N ASN V 214 -2.10 35.63 72.44
CA ASN V 214 -0.79 35.11 72.77
C ASN V 214 -0.26 34.13 71.74
N GLU V 215 -1.02 33.08 71.44
CA GLU V 215 -0.58 32.05 70.50
C GLU V 215 -1.53 31.84 69.33
N CYS V 216 -2.61 32.60 69.23
CA CYS V 216 -3.47 32.54 68.06
C CYS V 216 -2.75 33.24 66.90
N CYS V 217 -2.15 32.44 66.02
CA CYS V 217 -1.33 32.98 64.95
C CYS V 217 -2.23 33.51 63.85
N PHE V 218 -2.30 34.84 63.72
CA PHE V 218 -3.10 35.47 62.69
C PHE V 218 -2.24 35.74 61.45
N ALA V 219 -2.92 35.94 60.31
CA ALA V 219 -2.24 36.18 59.05
C ALA V 219 -2.32 37.63 58.58
N VAL V 220 -3.39 38.35 58.90
CA VAL V 220 -3.56 39.73 58.47
C VAL V 220 -4.08 40.55 59.64
N TYR V 221 -3.49 41.73 59.86
CA TYR V 221 -3.90 42.64 60.92
C TYR V 221 -4.34 43.95 60.28
N VAL V 222 -5.49 44.47 60.71
CA VAL V 222 -6.05 45.70 60.17
C VAL V 222 -6.14 46.71 61.31
N LEU V 223 -5.59 47.91 61.08
CA LEU V 223 -5.63 49.00 62.04
C LEU V 223 -6.61 50.06 61.55
N SER V 224 -7.61 50.37 62.37
CA SER V 224 -8.65 51.32 62.02
C SER V 224 -8.48 52.65 62.75
N SER V 225 -7.23 53.08 62.93
CA SER V 225 -6.95 54.33 63.60
C SER V 225 -5.74 54.98 62.97
N ASP V 226 -5.64 56.29 63.14
CA ASP V 226 -4.54 57.09 62.58
C ASP V 226 -3.48 57.40 63.63
N ASP V 227 -3.59 56.84 64.83
CA ASP V 227 -2.64 57.12 65.90
C ASP V 227 -1.28 56.51 65.55
N THR V 228 -0.28 57.37 65.36
CA THR V 228 1.05 56.89 64.96
C THR V 228 1.66 56.03 66.05
N ASP V 229 1.42 56.36 67.32
CA ASP V 229 1.91 55.53 68.40
C ASP V 229 1.29 54.14 68.34
N TRP V 230 -0.01 54.06 68.02
CA TRP V 230 -0.66 52.76 67.86
C TRP V 230 -0.06 52.00 66.68
N GLN V 231 0.25 52.71 65.59
CA GLN V 231 0.91 52.07 64.46
C GLN V 231 2.24 51.47 64.88
N GLU V 232 3.05 52.23 65.62
CA GLU V 232 4.34 51.73 66.09
C GLU V 232 4.17 50.56 67.05
N ASN V 233 3.13 50.58 67.88
CA ASN V 233 2.89 49.50 68.82
C ASN V 233 2.53 48.21 68.10
N LEU V 234 1.61 48.29 67.13
CA LEU V 234 1.27 47.10 66.35
C LEU V 234 2.47 46.62 65.55
N ARG V 235 3.27 47.57 65.04
CA ARG V 235 4.53 47.23 64.38
C ARG V 235 5.42 46.42 65.31
N ASP V 236 5.59 46.90 66.54
CA ASP V 236 6.48 46.21 67.48
C ASP V 236 5.97 44.81 67.78
N TRP V 237 4.65 44.65 67.97
CA TRP V 237 4.13 43.32 68.25
C TRP V 237 4.30 42.38 67.05
N ILE V 238 4.03 42.87 65.84
CA ILE V 238 4.18 42.04 64.66
C ILE V 238 5.63 41.63 64.48
N ARG V 239 6.56 42.56 64.71
CA ARG V 239 7.98 42.22 64.65
C ARG V 239 8.33 41.19 65.72
N SER V 240 7.74 41.32 66.91
CA SER V 240 7.97 40.35 67.97
C SER V 240 7.42 38.98 67.61
N ALA V 241 6.43 38.92 66.71
CA ALA V 241 5.95 37.62 66.24
C ALA V 241 7.05 36.86 65.51
N TRP V 242 7.92 37.57 64.80
CA TRP V 242 9.06 36.96 64.13
C TRP V 242 10.32 37.09 64.99
N ASP V 243 10.28 36.48 66.16
CA ASP V 243 11.37 36.52 67.11
C ASP V 243 12.07 35.17 67.15
N CYS V 244 13.40 35.19 67.06
CA CYS V 244 14.16 33.95 66.99
C CYS V 244 14.15 33.15 68.28
N SER V 245 13.68 33.73 69.38
CA SER V 245 13.68 33.02 70.67
C SER V 245 12.42 32.19 70.88
N LYS V 246 11.35 32.47 70.15
CA LYS V 246 10.09 31.75 70.29
C LYS V 246 9.61 31.29 68.92
N PRO V 247 8.81 30.21 68.88
CA PRO V 247 8.20 29.82 67.60
C PRO V 247 7.34 30.94 67.04
N GLN V 248 7.38 31.08 65.72
CA GLN V 248 6.79 32.23 65.06
C GLN V 248 5.32 32.01 64.73
N CYS V 249 4.61 33.13 64.57
CA CYS V 249 3.26 33.16 64.01
C CYS V 249 3.29 34.22 62.92
N PHE V 250 3.66 33.81 61.71
CA PHE V 250 3.87 34.73 60.60
C PHE V 250 2.58 35.45 60.23
N GLY V 251 2.57 36.77 60.37
CA GLY V 251 1.41 37.57 60.03
C GLY V 251 1.77 38.82 59.24
N HIS V 252 0.84 39.78 59.20
CA HIS V 252 1.10 41.04 58.52
C HIS V 252 0.04 42.05 58.94
N GLY V 253 0.39 43.33 58.83
CA GLY V 253 -0.51 44.39 59.21
C GLY V 253 -0.58 45.48 58.15
N TYR V 254 -1.75 46.09 58.05
CA TYR V 254 -2.01 47.12 57.06
C TYR V 254 -2.49 48.39 57.77
N VAL V 255 -1.82 49.51 57.50
CA VAL V 255 -2.10 50.78 58.14
C VAL V 255 -2.20 51.86 57.06
N PHE V 256 -2.42 53.10 57.51
CA PHE V 256 -2.54 54.23 56.60
C PHE V 256 -2.06 55.50 57.29
N ASN V 257 -1.65 56.47 56.49
CA ASN V 257 -1.26 57.79 56.97
C ASN V 257 -1.82 58.84 56.01
N LYS V 258 -2.86 59.54 56.44
CA LYS V 258 -3.46 60.59 55.62
C LYS V 258 -2.84 61.94 55.98
N GLY V 259 -2.48 62.70 54.96
CA GLY V 259 -1.89 64.00 55.16
C GLY V 259 -1.12 64.45 53.94
N THR V 260 -0.40 65.57 54.11
CA THR V 260 0.42 66.11 53.04
C THR V 260 1.70 65.29 52.90
N LEU V 261 2.41 65.55 51.79
CA LEU V 261 3.60 64.76 51.48
C LEU V 261 4.67 64.90 52.55
N GLY V 262 4.88 66.12 53.06
CA GLY V 262 5.95 66.33 54.02
C GLY V 262 5.79 65.52 55.30
N GLN V 263 4.55 65.40 55.78
CA GLN V 263 4.32 64.70 57.04
C GLN V 263 4.07 63.21 56.86
N VAL V 264 3.48 62.79 55.75
CA VAL V 264 3.30 61.36 55.52
C VAL V 264 4.65 60.68 55.26
N LEU V 265 5.54 61.36 54.55
CA LEU V 265 6.86 60.80 54.25
C LEU V 265 7.67 60.62 55.52
N ALA V 266 7.60 61.59 56.44
CA ALA V 266 8.35 61.51 57.69
C ALA V 266 7.69 60.62 58.72
N ASP V 267 6.47 60.13 58.47
CA ASP V 267 5.78 59.25 59.39
C ASP V 267 6.13 57.77 59.18
N GLY V 268 6.98 57.46 58.21
CA GLY V 268 7.33 56.09 57.90
C GLY V 268 8.73 55.74 58.39
N ASP V 269 8.89 54.49 58.80
CA ASP V 269 10.16 53.97 59.28
C ASP V 269 10.61 52.82 58.38
N ASN V 270 11.63 52.10 58.83
CA ASN V 270 12.23 51.01 58.07
C ASN V 270 11.54 49.67 58.29
N SER V 271 10.29 49.66 58.72
CA SER V 271 9.61 48.43 59.11
C SER V 271 9.00 47.73 57.91
N ALA V 272 9.39 46.48 57.69
CA ALA V 272 8.72 45.60 56.73
C ALA V 272 7.51 44.92 57.35
N GLU V 273 7.23 45.14 58.62
CA GLU V 273 6.13 44.49 59.33
C GLU V 273 4.78 45.10 59.02
N LEU V 274 4.74 46.27 58.39
CA LEU V 274 3.49 46.97 58.15
C LEU V 274 3.45 47.50 56.72
N SER V 275 2.24 47.75 56.23
CA SER V 275 2.01 48.28 54.89
C SER V 275 1.49 49.71 55.04
N ARG V 276 2.32 50.68 54.72
CA ARG V 276 1.94 52.09 54.80
C ARG V 276 1.15 52.47 53.57
N LEU V 277 -0.10 52.91 53.76
CA LEU V 277 -0.96 53.33 52.67
C LEU V 277 -1.02 54.85 52.67
N ALA V 278 -0.36 55.48 51.70
CA ALA V 278 -0.34 56.92 51.61
C ALA V 278 -1.69 57.44 51.13
N LEU V 279 -2.10 58.59 51.67
CA LEU V 279 -3.39 59.18 51.34
C LEU V 279 -3.25 60.69 51.24
N PRO V 280 -3.83 61.31 50.23
CA PRO V 280 -3.70 62.76 50.06
C PRO V 280 -4.50 63.51 51.11
N THR V 281 -4.22 64.81 51.20
CA THR V 281 -4.91 65.66 52.17
C THR V 281 -6.40 65.76 51.86
N THR V 282 -6.78 65.74 50.59
CA THR V 282 -8.16 65.91 50.17
C THR V 282 -8.76 64.56 49.74
N TYR V 283 -8.55 63.53 50.55
CA TYR V 283 -9.13 62.22 50.25
C TYR V 283 -10.59 62.19 50.71
N PRO V 284 -11.55 61.99 49.81
CA PRO V 284 -12.96 62.04 50.20
C PRO V 284 -13.40 60.90 51.10
N VAL V 285 -13.12 59.66 50.69
CA VAL V 285 -13.62 58.49 51.40
C VAL V 285 -12.98 58.39 52.78
N LEU V 286 -13.70 57.79 53.71
CA LEU V 286 -13.15 57.54 55.03
C LEU V 286 -11.97 56.59 54.92
N PRO V 287 -10.78 56.98 55.39
CA PRO V 287 -9.58 56.16 55.14
C PRO V 287 -9.65 54.75 55.71
N TYR V 288 -10.26 54.58 56.88
CA TYR V 288 -10.30 53.27 57.52
C TYR V 288 -11.09 52.25 56.70
N LEU V 289 -12.14 52.69 56.01
CA LEU V 289 -12.85 51.78 55.12
C LEU V 289 -11.95 51.26 54.01
N THR V 290 -11.17 52.16 53.39
CA THR V 290 -10.26 51.75 52.34
C THR V 290 -9.18 50.81 52.88
N ASN V 291 -8.67 51.10 54.08
CA ASN V 291 -7.66 50.23 54.67
C ASN V 291 -8.21 48.84 54.92
N ALA V 292 -9.44 48.76 55.46
CA ALA V 292 -10.06 47.46 55.69
C ALA V 292 -10.29 46.70 54.39
N ALA V 293 -10.74 47.41 53.35
CA ALA V 293 -10.94 46.77 52.05
C ALA V 293 -9.63 46.23 51.50
N TYR V 294 -8.56 47.02 51.60
CA TYR V 294 -7.24 46.57 51.13
C TYR V 294 -6.80 45.32 51.88
N GLY V 295 -6.93 45.33 53.20
CA GLY V 295 -6.51 44.18 53.98
C GLY V 295 -7.31 42.93 53.64
N ALA V 296 -8.62 43.06 53.54
CA ALA V 296 -9.46 41.91 53.22
C ALA V 296 -9.14 41.38 51.83
N LEU V 297 -8.99 42.27 50.85
CA LEU V 297 -8.68 41.83 49.49
C LEU V 297 -7.35 41.10 49.45
N SER V 298 -6.33 41.65 50.10
CA SER V 298 -5.02 40.99 50.12
C SER V 298 -5.11 39.62 50.77
N ALA V 299 -5.79 39.55 51.91
CA ALA V 299 -5.92 38.27 52.62
C ALA V 299 -6.58 37.23 51.74
N CYS V 300 -7.81 37.50 51.30
CA CYS V 300 -8.55 36.50 50.53
C CYS V 300 -7.84 36.16 49.22
N SER V 301 -7.27 37.15 48.53
CA SER V 301 -6.54 36.86 47.30
C SER V 301 -5.36 35.96 47.55
N THR V 302 -4.34 36.43 48.28
CA THR V 302 -3.16 35.59 48.42
C THR V 302 -3.36 34.49 49.46
N CYS V 303 -3.49 34.88 50.73
CA CYS V 303 -3.32 34.00 51.89
C CYS V 303 -2.67 32.66 51.55
N ASN V 304 -3.48 31.69 51.10
CA ASN V 304 -2.99 30.37 50.73
C ASN V 304 -2.31 30.34 49.36
N ASN V 305 -2.17 31.48 48.69
CA ASN V 305 -1.47 31.60 47.42
C ASN V 305 -0.46 32.72 47.55
N PRO V 306 0.65 32.49 48.26
CA PRO V 306 1.53 33.59 48.65
C PRO V 306 2.49 34.02 47.55
N GLU V 307 2.00 34.20 46.33
CA GLU V 307 2.86 34.64 45.23
C GLU V 307 2.22 35.79 44.46
N LEU V 308 0.89 35.89 44.55
CA LEU V 308 0.16 36.86 43.75
C LEU V 308 0.33 38.26 44.31
N ASN V 309 0.98 39.14 43.55
CA ASN V 309 1.03 40.54 43.93
C ASN V 309 -0.35 41.17 43.79
N ILE V 310 -0.71 42.02 44.75
CA ILE V 310 -2.00 42.73 44.70
C ILE V 310 -1.73 44.01 43.91
N GLN V 311 -1.69 43.87 42.59
CA GLN V 311 -1.47 44.96 41.67
C GLN V 311 -2.32 44.72 40.42
N GLY V 312 -2.40 45.75 39.59
CA GLY V 312 -3.16 45.65 38.36
C GLY V 312 -4.65 45.69 38.59
N GLN V 313 -5.37 46.14 37.56
CA GLN V 313 -6.81 46.30 37.67
C GLN V 313 -7.54 44.98 37.76
N THR V 314 -6.86 43.85 37.54
CA THR V 314 -7.48 42.55 37.66
C THR V 314 -7.26 41.87 39.01
N PHE V 315 -6.22 42.27 39.75
CA PHE V 315 -6.01 41.77 41.10
C PHE V 315 -6.03 42.85 42.17
N GLY V 316 -5.72 44.11 41.83
CA GLY V 316 -5.66 45.17 42.80
C GLY V 316 -6.84 46.12 42.74
N LEU V 317 -8.05 45.57 42.59
CA LEU V 317 -9.26 46.36 42.45
C LEU V 317 -10.06 46.31 43.75
N LEU V 318 -10.38 47.47 44.30
CA LEU V 318 -11.23 47.58 45.48
C LEU V 318 -12.66 47.74 45.01
N SER V 319 -13.37 46.62 44.87
CA SER V 319 -14.70 46.64 44.27
C SER V 319 -15.71 47.37 45.15
N CYS V 320 -15.67 47.16 46.47
CA CYS V 320 -16.68 47.75 47.34
C CYS V 320 -16.58 49.27 47.36
N ILE V 321 -15.37 49.81 47.48
CA ILE V 321 -15.22 51.25 47.62
C ILE V 321 -15.53 51.92 46.29
N ASN V 322 -16.16 53.09 46.36
CA ASN V 322 -16.44 53.91 45.18
C ASN V 322 -16.15 55.36 45.52
N MET V 323 -15.66 56.09 44.53
CA MET V 323 -15.26 57.47 44.72
C MET V 323 -15.91 58.36 43.67
N PRO V 324 -16.17 59.63 44.00
CA PRO V 324 -16.69 60.55 42.99
C PRO V 324 -15.66 60.82 41.91
N GLU V 325 -16.14 61.04 40.69
CA GLU V 325 -15.26 61.32 39.57
C GLU V 325 -14.60 62.68 39.73
N SER V 326 -13.35 62.77 39.29
CA SER V 326 -12.59 64.02 39.39
C SER V 326 -11.45 63.96 38.39
N CYS V 327 -10.85 65.12 38.14
CA CYS V 327 -9.72 65.23 37.23
C CYS V 327 -8.37 65.20 37.94
N THR V 328 -8.34 65.52 39.24
CA THR V 328 -7.09 65.56 40.00
C THR V 328 -7.07 64.41 41.00
N PRO V 329 -6.36 63.32 40.72
CA PRO V 329 -6.35 62.16 41.64
C PRO V 329 -5.41 62.33 42.81
N GLY V 330 -5.68 63.33 43.65
CA GLY V 330 -4.91 63.53 44.86
C GLY V 330 -3.45 63.88 44.63
N TRP V 331 -2.57 62.93 44.91
CA TRP V 331 -1.13 63.16 44.79
C TRP V 331 -0.75 63.52 43.36
N THR V 332 0.19 64.47 43.24
CA THR V 332 0.71 64.87 41.95
C THR V 332 1.79 63.90 41.48
N PHE V 333 2.33 64.16 40.29
CA PHE V 333 3.29 63.24 39.68
C PHE V 333 4.54 63.08 40.55
N GLY V 334 5.13 64.20 40.95
CA GLY V 334 6.31 64.14 41.81
C GLY V 334 6.00 63.50 43.15
N GLU V 335 4.83 63.81 43.72
CA GLU V 335 4.43 63.18 44.97
C GLU V 335 4.30 61.68 44.82
N VAL V 336 3.68 61.23 43.72
CA VAL V 336 3.55 59.79 43.49
C VAL V 336 4.92 59.15 43.36
N THR V 337 5.82 59.78 42.60
CA THR V 337 7.15 59.20 42.43
C THR V 337 7.89 59.10 43.77
N GLN V 338 7.83 60.16 44.58
CA GLN V 338 8.52 60.14 45.87
C GLN V 338 7.94 59.09 46.80
N LEU V 339 6.60 58.95 46.81
CA LEU V 339 5.99 57.93 47.64
C LEU V 339 6.30 56.52 47.15
N GLN V 340 6.44 56.35 45.83
CA GLN V 340 6.92 55.09 45.29
C GLN V 340 8.33 54.79 45.79
N ALA V 341 9.19 55.81 45.82
CA ALA V 341 10.56 55.60 46.27
C ALA V 341 10.60 55.19 47.74
N ASN V 342 9.86 55.90 48.60
CA ASN V 342 9.96 55.67 50.04
C ASN V 342 8.92 54.67 50.54
N GLY V 343 8.79 53.54 49.87
CA GLY V 343 8.03 52.42 50.41
C GLY V 343 6.60 52.74 50.81
N PHE V 344 5.88 53.50 49.98
CA PHE V 344 4.51 53.89 50.26
C PHE V 344 3.58 53.35 49.19
N VAL V 345 2.47 52.75 49.62
CA VAL V 345 1.50 52.15 48.71
C VAL V 345 0.56 53.22 48.16
N VAL V 346 0.90 53.78 46.99
CA VAL V 346 0.06 54.79 46.38
C VAL V 346 -1.19 54.13 45.79
N SER V 347 -2.31 54.86 45.85
CA SER V 347 -3.56 54.39 45.28
C SER V 347 -4.13 55.47 44.35
N GLY V 348 -4.89 55.02 43.35
CA GLY V 348 -5.47 55.92 42.38
C GLY V 348 -6.83 55.45 41.91
N PRO V 349 -7.58 56.35 41.28
CA PRO V 349 -8.89 55.98 40.74
C PRO V 349 -8.77 55.29 39.39
N SER V 350 -9.64 54.31 39.17
CA SER V 350 -9.70 53.60 37.89
C SER V 350 -10.65 54.33 36.93
N THR V 351 -10.37 55.62 36.74
CA THR V 351 -11.19 56.46 35.89
C THR V 351 -11.03 56.10 34.41
N GLY V 356 -19.58 60.21 34.82
CA GLY V 356 -20.90 60.50 35.34
C GLY V 356 -21.33 59.54 36.44
N ASN V 357 -20.40 58.70 36.89
CA ASN V 357 -20.68 57.72 37.93
C ASN V 357 -19.47 57.65 38.85
N TYR V 358 -19.44 56.63 39.70
CA TYR V 358 -18.39 56.48 40.70
C TYR V 358 -17.28 55.57 40.18
N THR V 359 -16.04 55.97 40.43
CA THR V 359 -14.86 55.24 39.98
C THR V 359 -14.28 54.47 41.16
N SER V 360 -14.16 53.15 41.00
CA SER V 360 -13.60 52.33 42.07
C SER V 360 -12.11 52.66 42.27
N PRO V 361 -11.63 52.66 43.50
CA PRO V 361 -10.21 52.95 43.73
C PRO V 361 -9.33 51.80 43.31
N TYR V 362 -8.10 52.14 42.93
CA TYR V 362 -7.14 51.19 42.38
C TYR V 362 -5.78 51.44 43.01
N ILE V 363 -5.10 50.37 43.39
CA ILE V 363 -3.91 50.45 44.23
C ILE V 363 -2.67 50.18 43.40
N TYR V 364 -1.70 51.08 43.49
CA TYR V 364 -0.38 50.85 42.94
C TYR V 364 0.50 50.13 43.96
N ASN V 365 1.71 49.77 43.52
CA ASN V 365 2.88 49.62 44.38
C ASN V 365 2.57 48.81 45.64
N ASP V 366 2.27 47.54 45.45
CA ASP V 366 1.99 46.63 46.56
C ASP V 366 3.29 46.21 47.20
N VAL V 367 3.78 47.02 48.15
CA VAL V 367 5.01 46.75 48.88
C VAL V 367 4.79 47.07 50.35
N THR V 368 5.81 46.82 51.15
CA THR V 368 5.85 47.17 52.56
C THR V 368 6.80 48.34 52.76
N ASN V 369 6.84 48.85 53.99
CA ASN V 369 7.68 50.00 54.31
C ASN V 369 9.11 49.58 54.67
N TYR V 370 9.72 48.76 53.83
CA TYR V 370 11.08 48.28 54.02
C TYR V 370 12.00 49.02 53.07
N LEU V 371 12.97 49.74 53.62
CA LEU V 371 13.89 50.54 52.82
C LEU V 371 15.35 50.13 52.97
N ARG V 372 15.79 49.74 54.16
CA ARG V 372 17.20 49.47 54.40
C ARG V 372 17.36 48.24 55.28
N ASP V 373 18.53 47.64 55.20
CA ASP V 373 18.95 46.58 56.12
C ASP V 373 19.44 47.23 57.40
N GLU V 374 20.15 46.46 58.24
CA GLU V 374 20.69 47.00 59.48
C GLU V 374 21.48 48.28 59.22
N LYS V 375 22.35 48.28 58.21
CA LYS V 375 23.01 49.50 57.79
C LYS V 375 23.12 49.64 56.28
N ASN V 376 22.68 48.65 55.50
CA ASN V 376 22.82 48.69 54.06
C ASN V 376 21.67 49.48 53.44
N ARG V 377 22.00 50.54 52.70
CA ARG V 377 20.96 51.33 52.04
C ARG V 377 20.17 50.52 51.01
N PRO V 378 20.79 49.82 50.06
CA PRO V 378 19.99 49.07 49.09
C PRO V 378 19.60 47.70 49.62
N ASN V 379 18.30 47.48 49.79
CA ASN V 379 17.80 46.17 50.22
C ASN V 379 16.35 46.05 49.73
N ALA V 380 16.15 45.33 48.64
CA ALA V 380 14.83 45.09 48.07
C ALA V 380 14.32 43.69 48.38
N THR V 381 14.96 42.97 49.30
CA THR V 381 14.53 41.62 49.62
C THR V 381 13.13 41.59 50.22
N PHE V 382 12.83 42.54 51.11
CA PHE V 382 11.55 42.60 51.79
C PHE V 382 10.65 43.73 51.29
N ARG V 383 11.00 44.32 50.14
CA ARG V 383 10.19 45.41 49.60
C ARG V 383 8.78 44.93 49.27
N ASP V 384 8.67 44.04 48.29
CA ASP V 384 7.36 43.54 47.88
C ASP V 384 6.74 42.68 48.96
N ALA V 385 5.43 42.86 49.17
CA ALA V 385 4.72 42.08 50.18
C ALA V 385 4.70 40.59 49.85
N SER V 386 4.84 40.24 48.58
CA SER V 386 4.85 38.83 48.20
C SER V 386 6.05 38.10 48.78
N SER V 387 7.20 38.78 48.83
CA SER V 387 8.40 38.15 49.35
C SER V 387 8.25 37.75 50.82
N ARG V 388 7.51 38.55 51.59
CA ARG V 388 7.29 38.22 53.00
C ARG V 388 6.53 36.90 53.16
N ARG V 389 5.40 36.78 52.46
CA ARG V 389 4.62 35.55 52.54
C ARG V 389 5.40 34.37 51.95
N LEU V 390 6.18 34.62 50.90
CA LEU V 390 7.00 33.56 50.33
C LEU V 390 8.04 33.06 51.33
N ALA V 391 8.69 33.99 52.04
CA ALA V 391 9.66 33.58 53.05
C ALA V 391 9.00 32.81 54.17
N ALA V 392 7.83 33.26 54.61
CA ALA V 392 7.12 32.55 55.67
C ALA V 392 6.76 31.13 55.24
N ALA V 393 6.20 30.99 54.03
CA ALA V 393 5.83 29.68 53.52
C ALA V 393 7.05 28.79 53.36
N THR V 394 8.16 29.34 52.87
CA THR V 394 9.39 28.57 52.74
C THR V 394 9.89 28.09 54.10
N GLY V 395 9.80 28.96 55.11
CA GLY V 395 10.20 28.55 56.45
C GLY V 395 9.36 27.41 56.98
N VAL V 396 8.04 27.50 56.81
CA VAL V 396 7.17 26.42 57.28
C VAL V 396 7.45 25.13 56.51
N ALA V 397 7.64 25.23 55.20
CA ALA V 397 7.93 24.04 54.41
C ALA V 397 9.24 23.39 54.82
N LEU V 398 10.28 24.19 55.05
CA LEU V 398 11.56 23.65 55.49
C LEU V 398 11.44 23.01 56.87
N ALA V 399 10.68 23.63 57.78
CA ALA V 399 10.47 23.04 59.09
C ALA V 399 9.73 21.71 58.97
N GLU V 400 8.77 21.62 58.06
CA GLU V 400 8.05 20.38 57.84
C GLU V 400 8.96 19.29 57.30
N PHE V 401 9.75 19.61 56.27
CA PHE V 401 10.58 18.60 55.63
C PHE V 401 11.69 18.12 56.56
N LEU V 402 12.30 19.03 57.32
CA LEU V 402 13.41 18.68 58.19
C LEU V 402 13.00 17.85 59.39
N GLN V 403 11.70 17.67 59.63
CA GLN V 403 11.25 16.95 60.82
C GLN V 403 11.68 15.49 60.81
N GLN V 404 11.99 14.93 59.63
CA GLN V 404 12.41 13.54 59.56
C GLN V 404 13.75 13.31 60.26
N PHE V 405 14.64 14.31 60.26
CA PHE V 405 15.94 14.16 60.90
C PHE V 405 15.84 14.19 62.42
N ASN V 406 14.88 14.93 62.97
CA ASN V 406 14.77 15.08 64.41
C ASN V 406 14.39 13.74 65.04
N GLY V 407 15.27 13.22 65.89
CA GLY V 407 15.10 11.93 66.51
C GLY V 407 15.89 10.82 65.85
N LEU V 408 16.39 11.03 64.64
CA LEU V 408 17.16 10.02 63.94
C LEU V 408 18.56 9.92 64.53
N ALA V 409 19.15 8.73 64.42
CA ALA V 409 20.53 8.54 64.85
C ALA V 409 21.47 9.29 63.93
N VAL V 410 22.50 9.90 64.52
CA VAL V 410 23.47 10.70 63.78
C VAL V 410 24.87 10.27 64.19
N PHE V 411 25.70 9.94 63.20
CA PHE V 411 27.11 9.62 63.42
C PHE V 411 27.95 10.80 62.97
N THR V 412 28.61 11.45 63.93
CA THR V 412 29.43 12.63 63.67
C THR V 412 30.79 12.25 63.11
N LYS V 413 31.73 13.19 63.15
CA LYS V 413 33.08 13.05 62.60
C LYS V 413 33.74 11.73 62.97
N ASN V 414 33.30 11.10 64.06
CA ASN V 414 33.94 9.89 64.59
C ASN V 414 34.23 8.87 63.50
N THR V 415 33.20 8.30 62.89
CA THR V 415 33.37 7.18 61.96
C THR V 415 32.14 7.18 61.04
N ASN V 416 31.98 6.13 60.24
CA ASN V 416 30.87 6.00 59.31
C ASN V 416 29.80 5.06 59.86
N ILE V 417 28.71 4.94 59.10
CA ILE V 417 27.57 4.13 59.53
C ILE V 417 27.87 2.66 59.28
N ARG V 418 27.65 1.84 60.30
CA ARG V 418 27.80 0.39 60.17
C ARG V 418 26.55 -0.21 59.55
N THR V 419 26.61 -1.50 59.24
CA THR V 419 25.50 -2.17 58.58
C THR V 419 24.34 -2.37 59.54
N GLY V 420 23.13 -2.06 59.06
CA GLY V 420 21.92 -2.30 59.80
C GLY V 420 21.39 -1.12 60.59
N ILE V 421 22.23 -0.13 60.86
CA ILE V 421 21.82 1.03 61.64
C ILE V 421 21.04 1.99 60.75
N ILE V 422 20.13 2.74 61.36
CA ILE V 422 19.21 3.61 60.63
C ILE V 422 19.68 5.05 60.79
N GLY V 423 20.98 5.23 61.01
CA GLY V 423 21.56 6.54 61.25
C GLY V 423 21.94 7.25 59.97
N THR V 424 22.63 8.38 60.14
CA THR V 424 23.10 9.20 59.03
C THR V 424 24.19 10.13 59.55
N ASN V 425 24.84 10.81 58.63
CA ASN V 425 25.94 11.72 58.93
C ASN V 425 25.70 13.06 58.24
N PRO V 426 26.36 14.13 58.70
CA PRO V 426 26.05 15.46 58.15
C PRO V 426 26.22 15.58 56.64
N ARG V 427 27.15 14.84 56.04
CA ARG V 427 27.34 14.93 54.59
C ARG V 427 26.09 14.48 53.85
N LEU V 428 25.52 13.35 54.26
CA LEU V 428 24.32 12.84 53.61
C LEU V 428 23.12 13.73 53.89
N MET V 429 23.04 14.30 55.10
CA MET V 429 21.97 15.24 55.40
C MET V 429 22.05 16.46 54.50
N LEU V 430 23.25 16.99 54.31
CA LEU V 430 23.44 18.14 53.44
C LEU V 430 23.07 17.80 52.00
N GLY V 431 23.45 16.60 51.54
CA GLY V 431 23.06 16.17 50.21
C GLY V 431 21.56 16.08 50.03
N LYS V 432 20.88 15.51 51.03
CA LYS V 432 19.42 15.42 50.97
C LYS V 432 18.77 16.80 50.96
N ILE V 433 19.30 17.72 51.78
CA ILE V 433 18.77 19.08 51.81
C ILE V 433 18.97 19.76 50.46
N ARG V 434 20.14 19.56 49.86
CA ARG V 434 20.40 20.13 48.53
C ARG V 434 19.43 19.56 47.51
N LYS V 435 19.16 18.25 47.56
CA LYS V 435 18.21 17.65 46.64
C LYS V 435 16.81 18.24 46.82
N TRP V 436 16.37 18.38 48.08
CA TRP V 436 15.05 18.95 48.33
C TRP V 436 14.96 20.38 47.84
N ALA V 437 16.01 21.18 48.09
CA ALA V 437 16.00 22.57 47.61
C ALA V 437 15.98 22.63 46.09
N GLN V 438 16.74 21.74 45.43
CA GLN V 438 16.76 21.72 43.98
C GLN V 438 15.41 21.32 43.40
N ASP V 439 14.68 20.44 44.10
CA ASP V 439 13.38 20.01 43.59
C ASP V 439 12.35 21.13 43.59
N ASN V 440 12.52 22.13 44.45
CA ASN V 440 11.54 23.20 44.63
C ASN V 440 11.78 24.40 43.72
N VAL V 441 12.72 24.30 42.79
CA VAL V 441 12.98 25.41 41.89
C VAL V 441 11.74 25.68 41.05
N GLY V 442 11.36 26.95 40.97
CA GLY V 442 10.23 27.39 40.19
C GLY V 442 8.97 27.67 40.97
N THR V 443 8.88 27.16 42.20
CA THR V 443 7.72 27.42 43.05
C THR V 443 8.07 28.06 44.39
N LEU V 444 9.27 27.83 44.92
CA LEU V 444 9.69 28.41 46.19
C LEU V 444 10.92 29.28 46.06
N PHE V 445 11.95 28.79 45.37
CA PHE V 445 13.21 29.51 45.21
C PHE V 445 13.35 29.99 43.76
N SER V 446 14.35 30.83 43.53
CA SER V 446 14.76 31.18 42.19
C SER V 446 15.54 30.00 41.61
N GLU V 447 16.14 30.17 40.43
CA GLU V 447 16.75 29.03 39.78
C GLU V 447 17.90 28.47 40.62
N PHE V 448 19.04 29.17 40.63
CA PHE V 448 20.06 29.33 41.67
C PHE V 448 21.16 30.24 41.15
N ASP V 449 22.00 30.73 42.06
CA ASP V 449 23.26 31.36 41.69
C ASP V 449 24.40 30.35 41.68
N ASN V 450 24.68 29.73 42.83
CA ASN V 450 25.64 28.63 42.91
C ASN V 450 25.34 27.84 44.17
N ILE V 451 24.76 26.65 44.00
CA ILE V 451 24.24 25.90 45.14
C ILE V 451 25.35 25.40 46.06
N ASN V 452 26.59 25.30 45.58
CA ASN V 452 27.66 24.71 46.36
C ASN V 452 27.95 25.48 47.65
N GLU V 453 27.66 26.78 47.67
CA GLU V 453 27.87 27.57 48.88
C GLU V 453 26.61 28.26 49.39
N ASP V 454 25.49 28.17 48.67
CA ASP V 454 24.25 28.76 49.15
C ASP V 454 23.62 27.96 50.28
N ILE V 455 23.94 26.67 50.39
CA ILE V 455 23.43 25.81 51.45
C ILE V 455 24.63 25.17 52.14
N GLN V 456 24.74 25.38 53.45
CA GLN V 456 25.82 24.80 54.24
C GLN V 456 25.23 24.21 55.52
N LEU V 457 25.66 22.99 55.85
CA LEU V 457 25.25 22.33 57.09
C LEU V 457 26.50 22.08 57.92
N LEU V 458 26.51 22.64 59.13
CA LEU V 458 27.68 22.60 60.00
C LEU V 458 27.30 21.99 61.33
N THR V 459 28.11 21.03 61.80
CA THR V 459 27.90 20.44 63.11
C THR V 459 28.19 21.44 64.20
N ASP V 460 27.45 21.32 65.32
CA ASP V 460 27.69 22.20 66.45
C ASP V 460 29.04 21.94 67.10
N PHE V 461 29.65 20.78 66.85
CA PHE V 461 30.97 20.50 67.41
C PHE V 461 32.05 21.37 66.79
N GLU V 462 31.89 21.75 65.53
CA GLU V 462 32.90 22.51 64.80
C GLU V 462 32.57 23.99 64.69
N VAL V 463 31.56 24.47 65.41
CA VAL V 463 31.21 25.89 65.40
C VAL V 463 31.67 26.52 66.71
N GLN V 464 31.16 26.00 67.83
CA GLN V 464 31.61 26.45 69.14
C GLN V 464 33.01 25.90 69.42
N PRO V 465 33.74 26.53 70.36
CA PRO V 465 35.04 25.98 70.75
C PRO V 465 34.94 24.61 71.39
N LYS V 466 36.07 24.00 71.70
CA LYS V 466 36.08 22.65 72.25
C LYS V 466 35.36 22.60 73.59
N CYS V 467 34.63 21.51 73.80
CA CYS V 467 33.84 21.28 75.02
C CYS V 467 32.76 22.32 75.22
N VAL V 468 32.38 23.04 74.16
CA VAL V 468 31.27 23.98 74.23
C VAL V 468 30.06 23.50 73.44
N GLY V 469 30.26 22.73 72.37
CA GLY V 469 29.16 22.25 71.59
C GLY V 469 28.39 21.13 72.27
N GLN V 470 27.20 20.87 71.75
CA GLN V 470 26.34 19.82 72.26
C GLN V 470 26.03 18.80 71.18
N PRO V 471 26.09 17.51 71.50
CA PRO V 471 25.80 16.48 70.49
C PRO V 471 24.35 16.55 70.01
N GLY V 472 24.16 16.23 68.74
CA GLY V 472 22.85 16.25 68.13
C GLY V 472 22.35 17.61 67.71
N ILE V 473 23.19 18.63 67.73
CA ILE V 473 22.82 19.98 67.36
C ILE V 473 23.47 20.31 66.02
N PHE V 474 22.69 20.89 65.11
CA PHE V 474 23.15 21.24 63.78
C PHE V 474 22.84 22.70 63.47
N HIS V 475 23.72 23.32 62.70
CA HIS V 475 23.51 24.66 62.19
C HIS V 475 23.37 24.59 60.67
N LEU V 476 22.28 25.14 60.14
CA LEU V 476 22.02 25.15 58.72
C LEU V 476 21.93 26.60 58.24
N ASN V 477 22.70 26.92 57.20
CA ASN V 477 22.72 28.25 56.60
C ASN V 477 22.24 28.14 55.17
N MET V 478 21.21 28.91 54.83
CA MET V 478 20.60 28.86 53.51
C MET V 478 20.41 30.29 53.00
N ARG V 479 20.67 30.48 51.70
CA ARG V 479 20.52 31.78 51.06
C ARG V 479 19.31 31.72 50.15
N TYR V 480 18.16 32.15 50.68
CA TYR V 480 16.91 32.14 49.94
C TYR V 480 16.96 33.15 48.79
N ARG V 481 16.17 32.87 47.76
CA ARG V 481 16.06 33.76 46.61
C ARG V 481 14.70 33.52 45.95
N PRO V 482 13.73 34.39 46.19
CA PRO V 482 12.39 34.15 45.67
C PRO V 482 12.37 34.19 44.15
N PRO V 483 11.42 33.50 43.53
CA PRO V 483 11.39 33.44 42.06
C PRO V 483 11.14 34.80 41.42
N VAL V 484 11.64 34.95 40.20
CA VAL V 484 11.49 36.19 39.45
C VAL V 484 10.15 36.18 38.73
N ARG V 485 9.43 37.29 38.79
CA ARG V 485 8.14 37.46 38.14
C ARG V 485 8.21 38.58 37.11
N GLY V 486 7.08 38.85 36.49
CA GLY V 486 7.02 39.95 35.53
C GLY V 486 7.08 41.30 36.20
N ALA V 487 7.55 42.30 35.45
CA ALA V 487 7.72 43.64 35.98
C ALA V 487 7.71 44.62 34.80
N ARG V 488 8.17 45.84 35.05
CA ARG V 488 8.19 46.90 34.04
C ARG V 488 8.81 46.40 32.74
N ILE V 489 8.22 46.81 31.62
CA ILE V 489 8.62 46.34 30.30
C ILE V 489 9.49 47.36 29.58
N ASN V 490 9.16 48.65 29.68
CA ASN V 490 9.94 49.73 29.09
C ASN V 490 10.07 49.55 27.57
N VAL V 491 8.93 49.63 26.90
CA VAL V 491 8.89 49.52 25.45
C VAL V 491 9.29 50.85 24.83
N ASN V 492 10.16 50.79 23.82
CA ASN V 492 10.62 51.97 23.10
C ASN V 492 10.22 51.83 21.64
N MET V 493 9.48 52.80 21.13
CA MET V 493 8.87 52.71 19.81
C MET V 493 9.45 53.79 18.91
N ALA V 494 9.89 53.39 17.72
CA ALA V 494 10.55 54.28 16.76
C ALA V 494 9.80 54.28 15.44
N PRO V 495 8.95 55.27 15.18
CA PRO V 495 8.19 55.29 13.92
C PRO V 495 9.09 55.51 12.71
N ALA V 496 8.65 54.96 11.58
CA ALA V 496 9.23 55.23 10.27
C ALA V 496 8.13 55.10 9.23
N LEU V 497 8.43 55.48 7.98
CA LEU V 497 7.45 55.37 6.89
C LEU V 497 8.08 54.66 5.69
N PHE V 498 8.16 53.33 5.77
CA PHE V 498 8.26 52.41 4.63
C PHE V 498 9.03 52.97 3.44
N ASP V 499 10.29 53.37 3.65
CA ASP V 499 11.01 54.04 2.56
C ASP V 499 11.73 53.05 1.65
N ASN V 500 12.66 52.26 2.21
CA ASN V 500 13.41 51.27 1.45
C ASN V 500 14.00 50.22 2.39
N ASP W 4 -75.94 -12.96 21.20
CA ASP W 4 -75.34 -12.51 19.95
C ASP W 4 -74.07 -13.30 19.64
N ALA W 5 -73.75 -13.40 18.35
CA ALA W 5 -72.58 -14.15 17.93
C ALA W 5 -71.30 -13.41 18.29
N LEU W 6 -70.20 -14.17 18.37
CA LEU W 6 -68.83 -13.70 18.58
C LEU W 6 -68.58 -13.21 20.00
N SER W 7 -69.60 -13.16 20.86
CA SER W 7 -69.42 -12.73 22.24
C SER W 7 -69.42 -13.88 23.23
N ASP W 8 -70.04 -15.01 22.89
CA ASP W 8 -70.14 -16.16 23.79
C ASP W 8 -68.80 -16.88 23.84
N GLY W 9 -67.93 -16.40 24.73
CA GLY W 9 -66.61 -17.00 24.86
C GLY W 9 -65.47 -16.01 24.95
N PHE W 10 -64.59 -16.05 23.95
CA PHE W 10 -63.35 -15.29 23.92
C PHE W 10 -63.50 -13.84 24.39
N VAL W 11 -64.31 -13.06 23.68
CA VAL W 11 -64.45 -11.63 23.93
C VAL W 11 -65.63 -11.43 24.88
N ARG W 12 -65.34 -11.03 26.12
CA ARG W 12 -66.38 -10.72 27.09
C ARG W 12 -66.57 -9.20 27.12
N LEU W 13 -67.56 -8.72 26.37
CA LEU W 13 -67.79 -7.29 26.21
C LEU W 13 -68.44 -6.74 27.48
N CYS W 14 -67.60 -6.50 28.48
CA CYS W 14 -68.05 -5.96 29.76
C CYS W 14 -68.16 -4.44 29.67
N ILE W 15 -69.28 -3.98 29.12
CA ILE W 15 -69.53 -2.55 29.03
C ILE W 15 -69.57 -1.94 30.42
N ASP W 16 -68.71 -0.93 30.63
CA ASP W 16 -68.61 -0.25 31.92
C ASP W 16 -68.52 1.25 31.67
N PRO W 17 -69.64 1.97 31.76
CA PRO W 17 -69.63 3.41 31.44
C PRO W 17 -68.96 4.26 32.52
N SER W 18 -68.27 3.61 33.46
CA SER W 18 -67.57 4.33 34.52
C SER W 18 -66.17 3.77 34.74
N LEU W 19 -65.40 3.61 33.66
CA LEU W 19 -64.06 3.04 33.77
C LEU W 19 -63.15 3.99 34.54
N ASN W 20 -62.20 3.39 35.27
CA ASN W 20 -61.18 4.17 35.98
C ASN W 20 -59.87 3.39 36.14
N PHE W 21 -58.91 3.67 35.26
CA PHE W 21 -57.60 3.00 35.28
C PHE W 21 -56.50 4.05 35.37
N PHE W 22 -55.97 4.24 36.58
CA PHE W 22 -54.97 5.25 36.90
C PHE W 22 -53.85 4.62 37.74
N GLY W 23 -52.99 5.47 38.31
CA GLY W 23 -51.85 5.00 39.07
C GLY W 23 -51.53 5.83 40.30
N GLU W 24 -52.57 6.34 40.97
CA GLU W 24 -52.40 7.21 42.14
C GLU W 24 -51.47 8.38 41.85
N GLY W 25 -50.78 8.87 42.88
CA GLY W 25 -49.84 9.96 42.68
C GLY W 25 -50.19 11.25 43.42
N CYS W 26 -49.30 11.67 44.33
CA CYS W 26 -49.39 12.97 45.00
C CYS W 26 -50.71 13.11 45.78
N LYS W 27 -50.83 12.30 46.83
CA LYS W 27 -51.97 12.44 47.75
C LYS W 27 -51.88 13.76 48.51
N ILE W 28 -53.03 14.37 48.77
CA ILE W 28 -53.12 15.61 49.54
C ILE W 28 -53.97 15.37 50.77
N LEU W 29 -53.51 15.87 51.92
CA LEU W 29 -54.24 15.78 53.17
C LEU W 29 -54.99 17.08 53.43
N VAL W 30 -56.25 16.96 53.83
CA VAL W 30 -57.11 18.10 54.13
C VAL W 30 -57.34 18.12 55.64
N GLU W 31 -56.98 19.24 56.28
CA GLU W 31 -57.05 19.37 57.72
C GLU W 31 -57.87 20.60 58.09
N GLY W 32 -58.79 20.43 59.03
CA GLY W 32 -59.65 21.54 59.44
C GLY W 32 -60.69 21.06 60.43
N GLN W 33 -61.55 21.99 60.83
CA GLN W 33 -62.62 21.67 61.77
C GLN W 33 -63.83 21.10 61.04
N MET W 34 -64.51 20.17 61.69
CA MET W 34 -65.68 19.50 61.14
C MET W 34 -66.89 19.73 62.05
N THR W 35 -68.04 19.94 61.43
CA THR W 35 -69.27 20.10 62.18
C THR W 35 -69.75 18.73 62.71
N ASP W 36 -70.71 18.78 63.63
CA ASP W 36 -71.28 17.56 64.18
C ASP W 36 -72.08 16.77 63.14
N ASP W 37 -72.43 17.38 62.02
CA ASP W 37 -73.15 16.67 60.96
C ASP W 37 -72.29 15.60 60.30
N GLY W 38 -70.96 15.68 60.46
CA GLY W 38 -70.09 14.70 59.84
C GLY W 38 -70.22 13.33 60.47
N SER W 39 -70.10 12.30 59.64
CA SER W 39 -70.19 10.92 60.09
C SER W 39 -68.83 10.24 60.20
N ALA W 40 -67.84 10.69 59.45
CA ALA W 40 -66.50 10.13 59.56
C ALA W 40 -65.91 10.41 60.93
N THR W 41 -65.09 9.49 61.41
CA THR W 41 -64.51 9.63 62.74
C THR W 41 -63.55 10.81 62.77
N PRO W 42 -63.70 11.73 63.74
CA PRO W 42 -62.78 12.86 63.82
C PRO W 42 -61.37 12.40 64.17
N ASP W 43 -60.39 13.19 63.72
CA ASP W 43 -58.97 12.95 63.99
C ASP W 43 -58.54 11.56 63.49
N ALA W 44 -58.99 11.21 62.28
CA ALA W 44 -58.66 9.92 61.68
C ALA W 44 -58.41 10.12 60.20
N VAL W 45 -57.18 9.87 59.75
CA VAL W 45 -56.86 10.01 58.34
C VAL W 45 -57.66 8.99 57.53
N THR W 46 -58.23 9.46 56.42
CA THR W 46 -59.11 8.64 55.60
C THR W 46 -58.95 9.06 54.14
N CYS W 47 -59.24 8.13 53.24
CA CYS W 47 -59.11 8.37 51.81
C CYS W 47 -60.41 8.96 51.25
N VAL W 48 -60.27 9.94 50.36
CA VAL W 48 -61.39 10.59 49.70
C VAL W 48 -61.18 10.49 48.20
N THR W 49 -62.22 10.07 47.47
CA THR W 49 -62.06 9.82 46.04
C THR W 49 -63.09 10.57 45.19
N SER W 50 -64.32 10.70 45.67
CA SER W 50 -65.41 11.25 44.88
C SER W 50 -66.05 12.43 45.58
N GLU W 51 -66.74 13.26 44.80
CA GLU W 51 -67.32 14.51 45.27
C GLU W 51 -68.77 14.36 45.74
N LEU W 52 -69.32 13.15 45.77
CA LEU W 52 -70.74 12.96 46.06
C LEU W 52 -71.00 12.87 47.57
N ASP W 53 -70.37 11.90 48.24
CA ASP W 53 -70.64 11.62 49.64
C ASP W 53 -69.75 12.43 50.59
N ILE W 54 -69.12 13.50 50.09
CA ILE W 54 -68.23 14.28 50.94
C ILE W 54 -69.03 15.07 51.98
N ILE W 55 -70.17 15.63 51.58
CA ILE W 55 -70.99 16.38 52.51
C ILE W 55 -71.57 15.45 53.57
N GLU W 56 -72.02 14.26 53.17
CA GLU W 56 -72.52 13.29 54.13
C GLU W 56 -71.45 12.87 55.13
N ARG W 57 -70.22 12.65 54.64
CA ARG W 57 -69.18 12.09 55.49
C ARG W 57 -68.57 13.14 56.42
N PHE W 58 -68.23 14.31 55.88
CA PHE W 58 -67.55 15.35 56.66
C PHE W 58 -68.48 16.51 57.02
N GLY W 59 -69.79 16.30 56.98
CA GLY W 59 -70.74 17.32 57.38
C GLY W 59 -71.06 18.31 56.28
N GLN W 60 -72.12 19.07 56.52
CA GLN W 60 -72.59 20.08 55.58
C GLN W 60 -72.24 21.46 56.13
N GLY W 61 -71.51 22.24 55.34
CA GLY W 61 -71.12 23.57 55.74
C GLY W 61 -69.88 23.64 56.61
N SER W 62 -69.18 22.53 56.81
CA SER W 62 -67.94 22.57 57.58
C SER W 62 -66.83 23.21 56.77
N VAL W 63 -65.91 23.88 57.47
CA VAL W 63 -64.81 24.57 56.80
C VAL W 63 -63.91 23.56 56.08
N LEU W 64 -63.74 22.37 56.67
CA LEU W 64 -62.98 21.32 56.01
C LEU W 64 -63.63 20.88 54.71
N THR W 65 -64.96 20.71 54.72
CA THR W 65 -65.62 20.13 53.56
C THR W 65 -65.73 21.10 52.40
N GLU W 66 -65.80 22.40 52.65
CA GLU W 66 -65.81 23.36 51.55
C GLU W 66 -64.43 23.46 50.90
N SER W 67 -63.37 23.31 51.69
CA SER W 67 -62.04 23.16 51.12
C SER W 67 -61.97 21.96 50.19
N LEU W 68 -62.83 20.97 50.42
CA LEU W 68 -62.77 19.74 49.64
C LEU W 68 -63.22 19.95 48.20
N ARG W 69 -64.29 20.75 47.98
CA ARG W 69 -64.65 21.06 46.59
C ARG W 69 -63.56 21.86 45.91
N LYS W 70 -62.92 22.78 46.63
CA LYS W 70 -61.87 23.59 46.04
C LYS W 70 -60.71 22.74 45.54
N VAL W 71 -60.34 21.71 46.30
CA VAL W 71 -59.33 20.76 45.83
C VAL W 71 -59.87 19.96 44.64
N PHE W 72 -61.12 19.50 44.74
CA PHE W 72 -61.72 18.71 43.68
C PHE W 72 -61.89 19.54 42.40
N CYS W 73 -62.38 20.77 42.54
CA CYS W 73 -62.60 21.63 41.38
C CYS W 73 -61.29 22.14 40.80
N SER W 225 -57.20 26.87 59.20
CA SER W 225 -57.57 27.88 60.18
C SER W 225 -56.43 28.86 60.41
N ASP W 226 -56.75 29.99 61.04
CA ASP W 226 -55.78 31.05 61.29
C ASP W 226 -55.14 30.96 62.67
N ASP W 227 -55.43 29.90 63.42
CA ASP W 227 -54.84 29.75 64.75
C ASP W 227 -53.32 29.66 64.64
N THR W 228 -52.63 30.65 65.22
CA THR W 228 -51.18 30.71 65.08
C THR W 228 -50.49 29.53 65.75
N ASP W 229 -51.00 29.09 66.90
CA ASP W 229 -50.41 27.94 67.58
C ASP W 229 -50.52 26.69 66.72
N TRP W 230 -51.68 26.49 66.06
CA TRP W 230 -51.84 25.35 65.18
C TRP W 230 -50.87 25.40 64.01
N GLN W 231 -50.67 26.60 63.43
CA GLN W 231 -49.71 26.74 62.34
C GLN W 231 -48.30 26.43 62.81
N GLU W 232 -47.92 26.90 64.01
CA GLU W 232 -46.60 26.60 64.53
C GLU W 232 -46.43 25.10 64.78
N ASN W 233 -47.47 24.44 65.30
CA ASN W 233 -47.39 23.00 65.51
C ASN W 233 -47.23 22.26 64.19
N LEU W 234 -47.97 22.67 63.16
CA LEU W 234 -47.85 22.02 61.85
C LEU W 234 -46.47 22.26 61.24
N ARG W 235 -45.94 23.47 61.39
CA ARG W 235 -44.60 23.77 60.89
C ARG W 235 -43.57 22.89 61.58
N ASP W 236 -43.66 22.78 62.90
CA ASP W 236 -42.71 21.96 63.64
C ASP W 236 -42.85 20.49 63.28
N TRP W 237 -44.09 20.04 63.02
CA TRP W 237 -44.29 18.65 62.63
C TRP W 237 -43.65 18.37 61.28
N ILE W 238 -43.81 19.27 60.31
CA ILE W 238 -43.18 19.05 59.01
C ILE W 238 -41.66 19.15 59.12
N ARG W 239 -41.16 20.04 59.98
CA ARG W 239 -39.72 20.13 60.18
C ARG W 239 -39.18 18.83 60.77
N SER W 240 -39.92 18.24 61.71
CA SER W 240 -39.55 16.93 62.25
C SER W 240 -39.68 15.84 61.21
N ALA W 241 -40.59 16.01 60.24
CA ALA W 241 -40.65 15.08 59.12
C ALA W 241 -39.38 15.15 58.29
N TRP W 242 -38.87 16.35 58.06
CA TRP W 242 -37.58 16.54 57.40
C TRP W 242 -36.43 16.55 58.41
N ASP W 243 -36.38 15.52 59.25
CA ASP W 243 -35.38 15.45 60.31
C ASP W 243 -34.11 14.77 59.80
N CYS W 244 -33.00 15.07 60.49
CA CYS W 244 -31.72 14.48 60.16
C CYS W 244 -31.58 13.04 60.66
N SER W 245 -32.52 12.56 61.48
CA SER W 245 -32.44 11.21 62.03
C SER W 245 -33.57 10.31 61.54
N LYS W 246 -34.83 10.73 61.72
CA LYS W 246 -35.95 9.93 61.30
C LYS W 246 -36.05 9.93 59.77
N PRO W 247 -36.51 8.84 59.17
CA PRO W 247 -36.77 8.84 57.73
C PRO W 247 -37.76 9.94 57.36
N GLN W 248 -37.52 10.57 56.22
CA GLN W 248 -38.20 11.80 55.85
C GLN W 248 -39.32 11.50 54.86
N CYS W 249 -40.54 11.94 55.20
CA CYS W 249 -41.64 11.97 54.24
C CYS W 249 -41.73 13.40 53.72
N PHE W 250 -41.21 13.61 52.51
CA PHE W 250 -41.09 14.96 51.96
C PHE W 250 -42.46 15.52 51.62
N GLY W 251 -42.68 16.79 51.93
CA GLY W 251 -43.93 17.45 51.64
C GLY W 251 -43.91 18.93 51.96
N TYR W 288 -59.79 30.80 53.25
CA TYR W 288 -59.27 29.44 53.17
C TYR W 288 -59.59 28.81 51.80
N LEU W 289 -60.51 29.43 51.07
CA LEU W 289 -60.79 28.96 49.72
C LEU W 289 -59.58 29.09 48.82
N THR W 290 -58.85 30.22 48.94
CA THR W 290 -57.64 30.39 48.17
C THR W 290 -56.56 29.40 48.60
N ASN W 291 -56.41 29.20 49.92
CA ASN W 291 -55.39 28.27 50.41
C ASN W 291 -55.65 26.86 49.91
N ALA W 292 -56.91 26.42 49.94
CA ALA W 292 -57.26 25.12 49.41
C ALA W 292 -56.99 25.05 47.91
N ALA W 293 -57.35 26.10 47.18
CA ALA W 293 -57.12 26.12 45.74
C ALA W 293 -55.62 26.15 45.42
N TYR W 294 -54.87 26.97 46.15
CA TYR W 294 -53.44 27.12 45.89
C TYR W 294 -52.69 25.81 46.11
N GLY W 295 -52.95 25.15 47.25
CA GLY W 295 -52.27 23.89 47.52
C GLY W 295 -52.64 22.80 46.53
N ALA W 296 -53.92 22.71 46.18
CA ALA W 296 -54.38 21.64 45.28
C ALA W 296 -53.76 21.77 43.89
N LEU W 297 -53.75 22.99 43.34
CA LEU W 297 -53.15 23.20 42.03
C LEU W 297 -51.65 22.95 42.05
N SER W 298 -51.00 23.25 43.18
CA SER W 298 -49.56 23.04 43.30
C SER W 298 -49.21 21.56 43.16
N ALA W 299 -49.88 20.70 43.92
CA ALA W 299 -49.58 19.27 43.89
C ALA W 299 -49.92 18.67 42.52
N CYS W 300 -51.11 18.96 42.01
CA CYS W 300 -51.56 18.34 40.76
C CYS W 300 -50.74 18.79 39.57
N SER W 301 -50.02 19.91 39.66
CA SER W 301 -49.27 20.41 38.52
C SER W 301 -47.85 19.85 38.50
N THR W 302 -47.07 20.14 39.54
CA THR W 302 -45.69 19.67 39.60
C THR W 302 -45.64 18.15 39.65
N CYS W 303 -46.13 17.57 40.75
CA CYS W 303 -46.15 16.13 41.01
C CYS W 303 -44.96 15.40 40.39
N ASN W 304 -45.09 15.03 39.12
CA ASN W 304 -44.06 14.26 38.41
C ASN W 304 -43.09 15.14 37.64
N ASN W 305 -43.27 16.46 37.67
CA ASN W 305 -42.39 17.38 36.95
C ASN W 305 -42.12 18.57 37.87
N PRO W 306 -41.26 18.38 38.89
CA PRO W 306 -41.15 19.35 39.99
C PRO W 306 -40.21 20.52 39.72
N GLU W 307 -40.35 21.13 38.54
CA GLU W 307 -39.60 22.36 38.24
C GLU W 307 -40.44 23.46 37.63
N LEU W 308 -41.67 23.19 37.19
CA LEU W 308 -42.56 24.25 36.74
C LEU W 308 -43.03 25.03 37.96
N ASN W 309 -42.46 26.21 38.17
CA ASN W 309 -42.89 27.06 39.28
C ASN W 309 -44.32 27.52 39.06
N ILE W 310 -45.04 27.72 40.16
CA ILE W 310 -46.45 28.12 40.08
C ILE W 310 -46.45 29.64 39.99
N GLN W 311 -46.24 30.13 38.77
CA GLN W 311 -46.17 31.56 38.49
C GLN W 311 -46.66 31.79 37.07
N GLY W 312 -46.83 33.06 36.71
CA GLY W 312 -47.30 33.40 35.39
C GLY W 312 -48.80 33.19 35.23
N GLN W 313 -49.42 33.99 34.36
CA GLN W 313 -50.87 33.90 34.19
C GLN W 313 -51.32 32.59 33.57
N THR W 314 -50.39 31.78 33.05
CA THR W 314 -50.72 30.48 32.47
C THR W 314 -50.46 29.34 33.45
N PHE W 315 -49.33 29.36 34.15
CA PHE W 315 -48.96 28.29 35.08
C PHE W 315 -49.25 28.65 36.53
N GLY W 316 -50.08 29.66 36.76
CA GLY W 316 -50.41 30.07 38.12
C GLY W 316 -51.85 30.51 38.29
N GLY W 330 -56.04 45.16 46.40
CA GLY W 330 -55.41 44.60 47.59
C GLY W 330 -54.35 45.51 48.18
N TRP W 331 -53.17 44.95 48.44
CA TRP W 331 -52.08 45.72 49.01
C TRP W 331 -51.52 46.70 47.98
N THR W 332 -50.88 47.76 48.47
CA THR W 332 -50.24 48.71 47.58
C THR W 332 -48.87 48.17 47.16
N PHE W 333 -48.25 48.88 46.21
CA PHE W 333 -46.99 48.41 45.64
C PHE W 333 -45.89 48.33 46.70
N GLY W 334 -45.82 49.31 47.59
CA GLY W 334 -44.80 49.27 48.64
C GLY W 334 -45.00 48.11 49.59
N GLU W 335 -46.23 47.91 50.05
CA GLU W 335 -46.52 46.79 50.95
C GLU W 335 -46.33 45.45 50.25
N VAL W 336 -46.73 45.37 48.98
CA VAL W 336 -46.52 44.15 48.21
C VAL W 336 -45.03 43.83 48.12
N THR W 337 -44.22 44.84 47.79
CA THR W 337 -42.77 44.62 47.68
C THR W 337 -42.18 44.20 49.02
N GLN W 338 -42.61 44.83 50.10
CA GLN W 338 -42.07 44.46 51.42
C GLN W 338 -42.46 43.05 51.80
N LEU W 339 -43.69 42.64 51.48
CA LEU W 339 -44.10 41.27 51.77
C LEU W 339 -43.33 40.26 50.92
N GLN W 340 -43.14 40.55 49.63
CA GLN W 340 -42.34 39.67 48.79
C GLN W 340 -40.91 39.56 49.28
N ALA W 341 -40.38 40.65 49.84
CA ALA W 341 -39.00 40.62 50.32
C ALA W 341 -38.82 39.63 51.46
N ASN W 342 -39.74 39.62 52.42
CA ASN W 342 -39.62 38.74 53.57
C ASN W 342 -40.38 37.42 53.37
N GLY W 343 -40.18 36.77 52.23
CA GLY W 343 -40.64 35.42 52.02
C GLY W 343 -42.13 35.17 52.18
N PHE W 344 -42.97 36.01 51.60
CA PHE W 344 -44.41 35.82 51.64
C PHE W 344 -44.97 35.72 50.23
N VAL W 345 -46.12 35.06 50.11
CA VAL W 345 -46.79 34.86 48.83
C VAL W 345 -47.85 35.95 48.69
N VAL W 346 -47.63 36.87 47.76
CA VAL W 346 -48.56 37.95 47.48
C VAL W 346 -49.25 37.66 46.15
N SER W 347 -50.56 37.87 46.09
CA SER W 347 -51.37 37.49 44.95
C SER W 347 -52.17 38.68 44.46
N GLY W 348 -52.52 38.66 43.18
CA GLY W 348 -53.26 39.74 42.57
C GLY W 348 -54.34 39.26 41.63
N PRO W 349 -55.43 40.04 41.53
CA PRO W 349 -56.53 39.63 40.65
C PRO W 349 -56.13 39.66 39.19
N SER W 350 -56.78 38.80 38.40
CA SER W 350 -56.54 38.74 36.97
C SER W 350 -57.26 39.87 36.25
N TYR W 362 -55.10 35.06 40.86
CA TYR W 362 -53.78 34.73 40.35
C TYR W 362 -52.74 35.15 41.38
N ILE W 363 -51.62 34.42 41.45
CA ILE W 363 -50.65 34.58 42.53
C ILE W 363 -49.30 35.00 41.94
N TYR W 364 -48.63 35.92 42.63
CA TYR W 364 -47.25 36.28 42.30
C TYR W 364 -46.30 35.62 43.29
N ASN W 365 -45.07 35.39 42.83
CA ASN W 365 -43.92 35.09 43.68
C ASN W 365 -44.26 33.87 44.56
N ASP W 366 -44.26 32.70 43.91
CA ASP W 366 -44.50 31.44 44.59
C ASP W 366 -43.25 30.96 45.33
N VAL W 367 -43.15 31.28 46.62
CA VAL W 367 -42.03 30.88 47.45
C VAL W 367 -42.55 30.35 48.78
N THR W 368 -41.61 30.02 49.66
CA THR W 368 -41.90 29.57 51.01
C THR W 368 -41.27 30.53 52.01
N ASN W 369 -41.76 30.48 53.25
CA ASN W 369 -41.27 31.37 54.31
C ASN W 369 -39.89 30.94 54.77
N TYR W 370 -38.86 31.44 54.11
CA TYR W 370 -37.48 31.15 54.47
C TYR W 370 -36.62 32.35 54.11
N LEU W 371 -36.02 32.98 55.12
CA LEU W 371 -35.25 34.19 54.91
C LEU W 371 -33.79 34.09 55.34
N ARG W 372 -33.49 33.22 56.30
CA ARG W 372 -32.17 33.20 56.92
C ARG W 372 -31.60 31.80 56.92
N ASP W 373 -30.27 31.73 56.87
CA ASP W 373 -29.54 30.49 57.10
C ASP W 373 -29.50 30.25 58.61
N GLU W 374 -28.64 29.34 59.07
CA GLU W 374 -28.48 29.14 60.51
C GLU W 374 -28.07 30.45 61.19
N LYS W 375 -27.27 31.27 60.52
CA LYS W 375 -26.89 32.58 61.04
C LYS W 375 -27.02 33.60 59.91
N ASN W 376 -26.84 33.16 58.67
CA ASN W 376 -26.68 34.07 57.54
C ASN W 376 -28.02 34.50 56.96
N ARG W 377 -28.23 35.81 56.83
CA ARG W 377 -29.36 36.33 56.07
C ARG W 377 -29.30 35.95 54.60
N PRO W 378 -28.16 36.10 53.88
CA PRO W 378 -28.18 35.74 52.46
C PRO W 378 -28.26 34.23 52.27
N ASN W 379 -29.46 33.75 51.93
CA ASN W 379 -29.67 32.33 51.70
C ASN W 379 -30.92 32.22 50.81
N ALA W 380 -30.71 32.03 49.52
CA ALA W 380 -31.79 31.90 48.56
C ALA W 380 -32.05 30.46 48.16
N THR W 381 -31.43 29.50 48.84
CA THR W 381 -31.57 28.10 48.47
C THR W 381 -33.02 27.62 48.64
N PHE W 382 -33.61 27.90 49.80
CA PHE W 382 -34.95 27.43 50.12
C PHE W 382 -36.00 28.52 49.92
N ARG W 383 -35.81 29.39 48.93
CA ARG W 383 -36.80 30.44 48.67
C ARG W 383 -38.03 29.87 47.96
N ASP W 384 -37.86 29.40 46.73
CA ASP W 384 -39.00 28.99 45.91
C ASP W 384 -39.52 27.64 46.36
N ALA W 385 -40.82 27.42 46.13
CA ALA W 385 -41.42 26.13 46.43
C ALA W 385 -40.86 25.04 45.54
N SER W 386 -40.45 25.37 44.32
CA SER W 386 -39.86 24.38 43.43
C SER W 386 -38.51 23.89 43.96
N SER W 387 -37.83 24.70 44.78
CA SER W 387 -36.58 24.26 45.37
C SER W 387 -36.80 23.09 46.32
N ARG W 388 -37.88 23.15 47.12
CA ARG W 388 -38.18 22.04 48.02
C ARG W 388 -38.48 20.77 47.25
N ARG W 389 -39.30 20.88 46.19
CA ARG W 389 -39.64 19.71 45.38
C ARG W 389 -38.40 19.13 44.71
N LEU W 390 -37.53 19.99 44.17
CA LEU W 390 -36.31 19.51 43.55
C LEU W 390 -35.39 18.85 44.56
N ALA W 391 -35.28 19.42 45.76
CA ALA W 391 -34.45 18.80 46.79
C ALA W 391 -34.99 17.42 47.16
N ALA W 392 -36.31 17.30 47.32
CA ALA W 392 -36.90 16.01 47.65
C ALA W 392 -36.65 15.00 46.54
N ALA W 393 -36.87 15.40 45.28
CA ALA W 393 -36.68 14.49 44.16
C ALA W 393 -35.21 14.06 44.04
N THR W 394 -34.28 14.99 44.23
CA THR W 394 -32.86 14.65 44.13
C THR W 394 -32.45 13.72 45.26
N GLY W 395 -32.93 13.97 46.48
CA GLY W 395 -32.64 13.06 47.57
C GLY W 395 -33.17 11.67 47.32
N VAL W 396 -34.40 11.57 46.82
CA VAL W 396 -34.99 10.27 46.52
C VAL W 396 -34.19 9.56 45.44
N ALA W 397 -33.82 10.28 44.37
CA ALA W 397 -33.07 9.68 43.28
C ALA W 397 -31.70 9.22 43.74
N LEU W 398 -31.02 10.01 44.57
CA LEU W 398 -29.72 9.61 45.09
C LEU W 398 -29.86 8.39 46.00
N ALA W 399 -30.96 8.30 46.75
CA ALA W 399 -31.23 7.08 47.51
C ALA W 399 -31.40 5.89 46.58
N GLU W 400 -32.09 6.09 45.45
CA GLU W 400 -32.20 5.03 44.45
C GLU W 400 -30.83 4.57 43.99
N PHE W 401 -29.97 5.53 43.63
CA PHE W 401 -28.68 5.17 43.04
C PHE W 401 -27.75 4.49 44.03
N LEU W 402 -27.73 4.97 45.28
CA LEU W 402 -26.72 4.53 46.25
C LEU W 402 -26.94 3.11 46.73
N GLN W 403 -28.07 2.48 46.43
CA GLN W 403 -28.34 1.15 46.95
C GLN W 403 -27.51 0.06 46.27
N GLN W 404 -26.77 0.40 45.21
CA GLN W 404 -25.89 -0.59 44.59
C GLN W 404 -24.86 -1.13 45.57
N PHE W 405 -24.49 -0.34 46.57
CA PHE W 405 -23.40 -0.67 47.48
C PHE W 405 -23.87 -1.36 48.75
N ASN W 406 -25.18 -1.61 48.89
CA ASN W 406 -25.69 -2.24 50.11
C ASN W 406 -25.27 -3.70 50.15
N GLY W 407 -24.41 -4.05 51.11
CA GLY W 407 -23.88 -5.38 51.21
C GLY W 407 -22.75 -5.69 50.25
N LEU W 408 -22.33 -4.72 49.45
CA LEU W 408 -21.23 -4.93 48.51
C LEU W 408 -19.90 -4.94 49.25
N ALA W 409 -18.97 -5.76 48.77
CA ALA W 409 -17.65 -5.80 49.36
C ALA W 409 -16.95 -4.46 49.18
N VAL W 410 -16.39 -3.93 50.26
CA VAL W 410 -15.73 -2.63 50.26
C VAL W 410 -14.29 -2.83 50.67
N PHE W 411 -13.37 -2.38 49.83
CA PHE W 411 -11.94 -2.42 50.11
C PHE W 411 -11.49 -1.00 50.46
N THR W 412 -11.19 -0.77 51.73
CA THR W 412 -10.81 0.55 52.23
C THR W 412 -9.35 0.84 51.92
N LYS W 413 -8.80 1.85 52.60
CA LYS W 413 -7.41 2.27 52.41
C LYS W 413 -6.42 1.10 52.37
N ASN W 414 -6.80 -0.05 52.95
CA ASN W 414 -5.92 -1.20 53.06
C ASN W 414 -5.12 -1.49 51.79
N THR W 415 -5.80 -1.82 50.69
CA THR W 415 -5.12 -2.19 49.46
C THR W 415 -6.13 -2.14 48.31
N ASN W 416 -5.71 -2.65 47.14
CA ASN W 416 -6.53 -2.66 45.94
C ASN W 416 -7.40 -3.91 45.92
N ILE W 417 -7.98 -4.23 44.76
CA ILE W 417 -8.91 -5.34 44.60
C ILE W 417 -8.20 -6.50 43.90
N ARG W 418 -8.53 -7.72 44.33
CA ARG W 418 -8.00 -8.93 43.70
C ARG W 418 -8.96 -9.41 42.61
N THR W 419 -8.42 -10.23 41.71
CA THR W 419 -9.18 -10.70 40.56
C THR W 419 -10.33 -11.61 40.98
N GLY W 420 -11.51 -11.36 40.43
CA GLY W 420 -12.68 -12.19 40.62
C GLY W 420 -13.66 -11.68 41.67
N ILE W 421 -13.18 -10.93 42.65
CA ILE W 421 -14.05 -10.39 43.69
C ILE W 421 -14.94 -9.31 43.09
N ILE W 422 -16.13 -9.16 43.68
CA ILE W 422 -17.16 -8.27 43.14
C ILE W 422 -17.19 -7.03 44.04
N GLY W 423 -16.06 -6.71 44.66
CA GLY W 423 -15.98 -5.60 45.58
C GLY W 423 -15.70 -4.28 44.90
N THR W 424 -15.45 -3.27 45.73
CA THR W 424 -15.17 -1.92 45.25
C THR W 424 -14.41 -1.18 46.34
N ASN W 425 -13.81 -0.06 45.95
CA ASN W 425 -13.07 0.81 46.85
C ASN W 425 -13.60 2.23 46.71
N PRO W 426 -13.36 3.09 47.71
CA PRO W 426 -14.02 4.41 47.71
C PRO W 426 -13.72 5.27 46.49
N ARG W 427 -12.55 5.10 45.88
CA ARG W 427 -12.22 5.92 44.71
C ARG W 427 -13.18 5.66 43.55
N LEU W 428 -13.42 4.38 43.24
CA LEU W 428 -14.36 4.06 42.17
C LEU W 428 -15.80 4.40 42.55
N MET W 429 -16.15 4.31 43.84
CA MET W 429 -17.47 4.76 44.26
C MET W 429 -17.63 6.25 44.02
N LEU W 430 -16.61 7.04 44.34
CA LEU W 430 -16.67 8.47 44.08
C LEU W 430 -16.78 8.75 42.58
N GLY W 431 -16.03 8.01 41.77
CA GLY W 431 -16.15 8.18 40.33
C GLY W 431 -17.54 7.87 39.81
N LYS W 432 -18.14 6.77 40.29
CA LYS W 432 -19.48 6.40 39.87
C LYS W 432 -20.51 7.44 40.30
N ILE W 433 -20.40 7.95 41.52
CA ILE W 433 -21.33 8.98 41.99
C ILE W 433 -21.16 10.25 41.18
N ARG W 434 -19.91 10.60 40.85
CA ARG W 434 -19.66 11.79 40.04
C ARG W 434 -20.27 11.65 38.65
N LYS W 435 -20.15 10.46 38.05
CA LYS W 435 -20.76 10.26 36.73
C LYS W 435 -22.27 10.30 36.82
N TRP W 436 -22.86 9.75 37.89
CA TRP W 436 -24.30 9.83 38.06
C TRP W 436 -24.76 11.27 38.17
N ALA W 437 -24.02 12.09 38.92
CA ALA W 437 -24.35 13.51 39.01
C ALA W 437 -24.19 14.19 37.66
N GLN W 438 -23.17 13.81 36.90
CA GLN W 438 -22.95 14.41 35.58
C GLN W 438 -24.10 14.10 34.64
N ASP W 439 -24.60 12.87 34.66
CA ASP W 439 -25.65 12.47 33.75
C ASP W 439 -26.98 13.16 34.03
N ASN W 440 -27.18 13.67 35.24
CA ASN W 440 -28.44 14.30 35.62
C ASN W 440 -28.42 15.81 35.46
N VAL W 441 -27.35 16.37 34.87
CA VAL W 441 -27.31 17.80 34.62
C VAL W 441 -28.35 18.16 33.58
N GLY W 442 -29.17 19.17 33.88
CA GLY W 442 -30.23 19.61 33.01
C GLY W 442 -31.61 19.16 33.42
N THR W 443 -31.71 18.15 34.29
CA THR W 443 -32.99 17.72 34.83
C THR W 443 -33.08 17.84 36.35
N LEU W 444 -31.96 17.86 37.06
CA LEU W 444 -31.97 18.01 38.52
C LEU W 444 -30.93 18.99 39.04
N PHE W 445 -30.02 19.50 38.21
CA PHE W 445 -28.96 20.38 38.67
C PHE W 445 -28.68 21.44 37.61
N SER W 446 -27.86 22.41 37.98
CA SER W 446 -27.29 23.35 37.03
C SER W 446 -26.13 22.65 36.31
N GLU W 447 -25.34 23.40 35.54
CA GLU W 447 -24.23 22.77 34.85
C GLU W 447 -23.24 22.18 35.86
N PHE W 448 -22.50 23.03 36.58
CA PHE W 448 -21.84 22.81 37.87
C PHE W 448 -21.01 24.07 38.15
N ASP W 449 -20.54 24.20 39.38
CA ASP W 449 -19.50 25.17 39.69
C ASP W 449 -18.11 24.53 39.60
N ASN W 450 -17.87 23.49 40.41
CA ASN W 450 -16.63 22.72 40.31
C ASN W 450 -16.91 21.34 40.90
N ILE W 451 -17.11 20.35 40.03
CA ILE W 451 -17.44 19.01 40.48
C ILE W 451 -16.28 18.37 41.24
N ASN W 452 -15.05 18.86 41.05
CA ASN W 452 -13.92 18.33 41.80
C ASN W 452 -13.98 18.70 43.27
N GLU W 453 -14.79 19.69 43.65
CA GLU W 453 -14.90 20.10 45.04
C GLU W 453 -16.33 20.07 45.57
N ASP W 454 -17.33 19.94 44.71
CA ASP W 454 -18.72 19.91 45.17
C ASP W 454 -19.16 18.53 45.63
N ILE W 455 -18.42 17.48 45.27
CA ILE W 455 -18.76 16.11 45.65
C ILE W 455 -17.49 15.46 46.21
N GLN W 456 -17.55 15.02 47.46
CA GLN W 456 -16.46 14.30 48.08
C GLN W 456 -17.00 13.15 48.90
N LEU W 457 -16.31 12.01 48.84
CA LEU W 457 -16.69 10.82 49.59
C LEU W 457 -15.59 10.52 50.61
N LEU W 458 -15.98 10.45 51.88
CA LEU W 458 -15.03 10.28 52.98
C LEU W 458 -15.37 9.00 53.74
N THR W 459 -14.38 8.13 53.90
CA THR W 459 -14.56 6.95 54.72
C THR W 459 -14.68 7.33 56.19
N ASP W 460 -15.40 6.51 56.94
CA ASP W 460 -15.60 6.80 58.36
C ASP W 460 -14.33 6.62 59.18
N PHE W 461 -13.33 5.93 58.63
CA PHE W 461 -12.04 5.84 59.32
C PHE W 461 -11.29 7.17 59.26
N GLU W 462 -11.50 7.95 58.21
CA GLU W 462 -10.80 9.20 58.00
C GLU W 462 -11.59 10.42 58.47
N VAL W 463 -12.71 10.21 59.16
CA VAL W 463 -13.51 11.28 59.72
C VAL W 463 -13.47 11.25 61.25
N GLN W 464 -13.80 10.10 61.84
CA GLN W 464 -13.75 9.94 63.28
C GLN W 464 -12.30 9.76 63.75
N PRO W 465 -12.02 10.03 65.02
CA PRO W 465 -10.66 9.82 65.54
C PRO W 465 -10.25 8.35 65.56
N LYS W 466 -9.04 8.08 66.02
CA LYS W 466 -8.51 6.72 66.02
C LYS W 466 -9.36 5.83 66.90
N CYS W 467 -9.61 4.61 66.41
CA CYS W 467 -10.41 3.59 67.10
C CYS W 467 -11.85 4.04 67.33
N VAL W 468 -12.30 5.06 66.60
CA VAL W 468 -13.68 5.49 66.66
C VAL W 468 -14.47 5.11 65.41
N GLY W 469 -13.81 5.05 64.25
CA GLY W 469 -14.52 4.71 63.03
C GLY W 469 -14.84 3.23 62.94
N GLN W 470 -15.87 2.92 62.16
CA GLN W 470 -16.29 1.56 61.92
C GLN W 470 -16.19 1.22 60.45
N PRO W 471 -15.68 0.04 60.10
CA PRO W 471 -15.54 -0.32 58.68
C PRO W 471 -16.90 -0.43 58.00
N GLY W 472 -16.94 0.00 56.74
CA GLY W 472 -18.14 -0.08 55.94
C GLY W 472 -19.01 1.17 55.97
N ILE W 473 -18.82 2.05 56.95
CA ILE W 473 -19.60 3.28 57.04
C ILE W 473 -18.88 4.37 56.24
N PHE W 474 -19.66 5.13 55.48
CA PHE W 474 -19.12 6.20 54.64
C PHE W 474 -19.80 7.52 55.01
N HIS W 475 -19.27 8.61 54.44
CA HIS W 475 -19.86 9.93 54.59
C HIS W 475 -19.77 10.64 53.26
N LEU W 476 -20.91 11.09 52.75
CA LEU W 476 -21.00 11.75 51.46
C LEU W 476 -21.45 13.19 51.66
N ASN W 477 -20.61 14.13 51.22
CA ASN W 477 -20.94 15.55 51.24
C ASN W 477 -21.08 16.01 49.80
N MET W 478 -22.29 16.43 49.43
CA MET W 478 -22.61 16.76 48.05
C MET W 478 -23.26 18.13 48.00
N ARG W 479 -22.73 19.00 47.13
CA ARG W 479 -23.30 20.33 46.96
C ARG W 479 -24.53 20.20 46.08
N TYR W 480 -25.14 21.32 45.70
CA TYR W 480 -26.38 21.22 44.93
C TYR W 480 -26.67 22.57 44.29
N ARG W 481 -27.31 22.54 43.13
CA ARG W 481 -27.56 23.74 42.35
C ARG W 481 -28.72 23.54 41.38
N PRO W 482 -29.95 23.80 41.80
CA PRO W 482 -31.11 23.57 40.92
C PRO W 482 -31.04 24.42 39.67
N PRO W 483 -31.62 23.96 38.56
CA PRO W 483 -31.63 24.76 37.33
C PRO W 483 -32.40 26.06 37.48
N VAL W 484 -32.37 26.92 36.46
CA VAL W 484 -32.99 28.23 36.55
C VAL W 484 -33.88 28.49 35.34
N ARG W 485 -34.64 29.58 35.40
CA ARG W 485 -35.57 29.99 34.34
C ARG W 485 -36.50 28.83 33.94
N GLN X 3 -41.59 -44.91 18.21
CA GLN X 3 -41.52 -46.08 19.07
C GLN X 3 -40.44 -47.05 18.58
N ASP X 4 -40.18 -47.04 17.28
CA ASP X 4 -39.15 -47.90 16.71
C ASP X 4 -37.75 -47.54 17.18
N ALA X 5 -37.57 -46.36 17.77
CA ALA X 5 -36.30 -45.99 18.38
C ALA X 5 -36.18 -46.48 19.81
N LEU X 6 -37.30 -46.71 20.49
CA LEU X 6 -37.29 -47.23 21.85
C LEU X 6 -37.45 -48.75 21.90
N SER X 7 -37.56 -49.40 20.75
CA SER X 7 -37.72 -50.85 20.73
C SER X 7 -36.54 -51.55 21.37
N ASP X 8 -35.34 -51.10 21.06
CA ASP X 8 -34.14 -51.65 21.68
C ASP X 8 -34.02 -51.16 23.12
N GLY X 9 -33.08 -51.76 23.84
CA GLY X 9 -32.85 -51.39 25.23
C GLY X 9 -31.90 -50.24 25.44
N PHE X 10 -31.47 -49.56 24.37
CA PHE X 10 -30.50 -48.48 24.51
C PHE X 10 -31.08 -47.31 25.29
N VAL X 11 -32.20 -46.77 24.83
CA VAL X 11 -32.84 -45.63 25.48
C VAL X 11 -33.97 -46.14 26.35
N ARG X 12 -34.01 -45.68 27.60
CA ARG X 12 -35.07 -46.03 28.55
C ARG X 12 -35.70 -44.74 29.02
N LEU X 13 -36.77 -44.32 28.36
CA LEU X 13 -37.43 -43.06 28.64
C LEU X 13 -38.43 -43.26 29.78
N CYS X 14 -38.41 -42.31 30.73
CA CYS X 14 -39.20 -42.42 31.96
C CYS X 14 -39.92 -41.11 32.25
N ILE X 15 -40.67 -40.62 31.25
CA ILE X 15 -41.36 -39.34 31.39
C ILE X 15 -42.29 -39.38 32.60
N ASP X 16 -42.14 -38.40 33.48
CA ASP X 16 -42.98 -38.26 34.66
C ASP X 16 -42.82 -36.85 35.24
N PRO X 17 -43.90 -36.25 35.76
CA PRO X 17 -43.82 -34.87 36.22
C PRO X 17 -42.87 -34.66 37.39
N SER X 18 -42.98 -35.47 38.45
CA SER X 18 -42.21 -35.25 39.67
C SER X 18 -40.71 -35.29 39.41
N LEU X 19 -40.19 -36.47 39.08
CA LEU X 19 -38.80 -36.68 38.64
C LEU X 19 -37.79 -35.85 39.44
N ASN X 20 -37.61 -36.18 40.72
CA ASN X 20 -36.62 -35.48 41.53
C ASN X 20 -35.25 -35.52 40.84
N PHE X 21 -34.58 -34.37 40.84
CA PHE X 21 -33.27 -34.23 40.24
C PHE X 21 -32.17 -34.58 41.24
N PHE X 22 -30.98 -34.82 40.72
CA PHE X 22 -29.81 -35.02 41.56
C PHE X 22 -29.42 -33.72 42.25
N GLY X 23 -28.90 -33.87 43.46
CA GLY X 23 -28.35 -32.74 44.19
C GLY X 23 -28.33 -32.98 45.69
N GLU X 24 -27.19 -32.67 46.31
CA GLU X 24 -27.05 -32.73 47.76
C GLU X 24 -27.21 -31.38 48.42
N GLY X 25 -26.69 -30.33 47.78
CA GLY X 25 -26.95 -28.98 48.23
C GLY X 25 -26.47 -28.73 49.65
N CYS X 26 -27.33 -28.07 50.42
CA CYS X 26 -26.98 -27.55 51.73
C CYS X 26 -28.00 -28.04 52.73
N LYS X 27 -27.54 -28.42 53.93
CA LYS X 27 -28.38 -29.11 54.89
C LYS X 27 -29.10 -28.10 55.77
N ILE X 28 -30.43 -28.18 55.81
CA ILE X 28 -31.27 -27.37 56.67
C ILE X 28 -32.24 -28.28 57.40
N LEU X 29 -32.36 -28.08 58.72
CA LEU X 29 -33.27 -28.87 59.55
C LEU X 29 -34.42 -27.98 59.99
N VAL X 30 -35.64 -28.37 59.61
CA VAL X 30 -36.86 -27.67 60.01
C VAL X 30 -37.58 -28.52 61.04
N GLU X 31 -37.95 -27.90 62.15
CA GLU X 31 -38.63 -28.59 63.25
C GLU X 31 -39.99 -27.96 63.47
N GLY X 32 -41.03 -28.79 63.44
CA GLY X 32 -42.39 -28.30 63.62
C GLY X 32 -43.33 -29.43 64.01
N GLN X 33 -44.51 -29.04 64.48
CA GLN X 33 -45.50 -30.01 64.88
C GLN X 33 -46.16 -30.65 63.65
N MET X 34 -46.67 -31.86 63.85
CA MET X 34 -47.29 -32.65 62.79
C MET X 34 -48.71 -33.02 63.19
N THR X 35 -49.56 -33.18 62.18
CA THR X 35 -50.94 -33.59 62.39
C THR X 35 -51.07 -35.10 62.20
N ASP X 36 -52.14 -35.65 62.78
CA ASP X 36 -52.33 -37.10 62.77
C ASP X 36 -52.52 -37.64 61.36
N ASP X 37 -52.94 -36.79 60.42
CA ASP X 37 -53.15 -37.23 59.04
C ASP X 37 -51.86 -37.72 58.40
N GLY X 38 -50.71 -37.20 58.82
CA GLY X 38 -49.46 -37.58 58.20
C GLY X 38 -49.10 -39.03 58.40
N SER X 39 -48.15 -39.50 57.60
CA SER X 39 -47.70 -40.88 57.58
C SER X 39 -46.20 -40.97 57.79
N ALA X 40 -45.70 -40.27 58.81
CA ALA X 40 -44.28 -40.25 59.12
C ALA X 40 -44.08 -40.60 60.59
N THR X 41 -42.88 -41.08 60.92
CA THR X 41 -42.55 -41.45 62.28
C THR X 41 -42.24 -40.19 63.09
N PRO X 42 -42.96 -39.92 64.17
CA PRO X 42 -42.66 -38.74 64.98
C PRO X 42 -41.30 -38.84 65.65
N ASP X 43 -40.70 -37.68 65.91
CA ASP X 43 -39.42 -37.58 66.63
C ASP X 43 -38.32 -38.35 65.89
N ALA X 44 -38.21 -38.12 64.59
CA ALA X 44 -37.18 -38.78 63.78
C ALA X 44 -36.88 -37.90 62.58
N VAL X 45 -35.62 -37.51 62.42
CA VAL X 45 -35.22 -36.69 61.29
C VAL X 45 -35.36 -37.50 60.00
N THR X 46 -35.91 -36.87 58.97
CA THR X 46 -36.12 -37.51 57.69
C THR X 46 -35.80 -36.54 56.57
N CYS X 47 -35.48 -37.08 55.41
CA CYS X 47 -35.11 -36.28 54.24
C CYS X 47 -36.31 -36.16 53.32
N VAL X 48 -36.71 -34.93 53.02
CA VAL X 48 -37.83 -34.63 52.14
C VAL X 48 -37.29 -34.34 50.75
N THR X 49 -37.89 -34.95 49.74
CA THR X 49 -37.37 -34.89 48.38
C THR X 49 -38.10 -33.90 47.49
N SER X 50 -39.37 -33.61 47.76
CA SER X 50 -40.15 -32.74 46.89
C SER X 50 -41.34 -32.18 47.69
N GLU X 51 -41.94 -31.14 47.13
CA GLU X 51 -43.09 -30.49 47.77
C GLU X 51 -44.38 -31.29 47.59
N LEU X 52 -44.42 -32.23 46.64
CA LEU X 52 -45.66 -32.94 46.35
C LEU X 52 -46.10 -33.81 47.52
N ASP X 53 -45.18 -34.51 48.16
CA ASP X 53 -45.51 -35.52 49.15
C ASP X 53 -45.37 -35.02 50.59
N ILE X 54 -45.14 -33.72 50.80
CA ILE X 54 -45.00 -33.23 52.16
C ILE X 54 -46.34 -33.30 52.90
N ILE X 55 -47.44 -33.04 52.20
CA ILE X 55 -48.75 -33.08 52.84
C ILE X 55 -49.11 -34.51 53.24
N GLU X 56 -48.72 -35.49 52.43
CA GLU X 56 -49.00 -36.89 52.77
C GLU X 56 -48.23 -37.31 54.03
N ARG X 57 -46.94 -36.98 54.09
CA ARG X 57 -46.10 -37.45 55.18
C ARG X 57 -46.33 -36.68 56.47
N PHE X 58 -46.60 -35.37 56.38
CA PHE X 58 -46.72 -34.53 57.55
C PHE X 58 -48.12 -33.98 57.76
N GLY X 59 -49.12 -34.52 57.07
CA GLY X 59 -50.49 -34.13 57.30
C GLY X 59 -50.92 -32.92 56.50
N GLN X 60 -52.21 -32.60 56.62
CA GLN X 60 -52.83 -31.49 55.92
C GLN X 60 -52.94 -30.31 56.86
N GLY X 61 -52.38 -29.17 56.45
CA GLY X 61 -52.47 -27.95 57.23
C GLY X 61 -51.57 -27.89 58.44
N SER X 62 -50.68 -28.86 58.63
CA SER X 62 -49.75 -28.81 59.75
C SER X 62 -48.74 -27.70 59.56
N VAL X 63 -48.24 -27.16 60.68
CA VAL X 63 -47.30 -26.05 60.63
C VAL X 63 -46.01 -26.46 59.95
N LEU X 64 -45.59 -27.72 60.17
CA LEU X 64 -44.39 -28.21 59.50
C LEU X 64 -44.60 -28.25 57.99
N THR X 65 -45.80 -28.66 57.55
CA THR X 65 -46.08 -28.70 56.12
C THR X 65 -46.01 -27.31 55.51
N GLU X 66 -46.59 -26.30 56.17
CA GLU X 66 -46.55 -24.94 55.65
C GLU X 66 -45.12 -24.41 55.63
N SER X 67 -44.35 -24.69 56.69
CA SER X 67 -42.95 -24.29 56.71
C SER X 67 -42.19 -24.91 55.54
N LEU X 68 -42.46 -26.19 55.27
CA LEU X 68 -41.81 -26.86 54.15
C LEU X 68 -42.23 -26.23 52.82
N ARG X 69 -43.50 -25.86 52.68
CA ARG X 69 -43.95 -25.19 51.47
C ARG X 69 -43.18 -23.88 51.25
N LYS X 70 -43.05 -23.08 52.31
CA LYS X 70 -42.32 -21.82 52.15
C LYS X 70 -40.85 -22.07 51.84
N VAL X 71 -40.24 -23.06 52.51
CA VAL X 71 -38.82 -23.35 52.28
C VAL X 71 -38.58 -23.78 50.84
N PHE X 72 -39.46 -24.63 50.31
CA PHE X 72 -39.31 -25.04 48.91
C PHE X 72 -39.66 -23.92 47.95
N CYS X 73 -40.57 -23.02 48.35
CA CYS X 73 -40.89 -21.87 47.50
C CYS X 73 -39.69 -20.95 47.34
N THR X 74 -38.97 -20.70 48.43
CA THR X 74 -37.89 -19.72 48.38
C THR X 74 -36.59 -20.27 47.82
N CYS X 75 -36.54 -21.55 47.44
CA CYS X 75 -35.33 -22.14 46.87
C CYS X 75 -35.70 -23.12 45.79
N LYS X 76 -35.22 -22.87 44.57
CA LYS X 76 -35.43 -23.81 43.48
C LYS X 76 -34.44 -24.97 43.55
N SER X 77 -33.15 -24.66 43.58
CA SER X 77 -32.11 -25.66 43.67
C SER X 77 -30.94 -25.12 44.47
N GLY X 78 -30.35 -25.98 45.30
CA GLY X 78 -29.17 -25.60 46.06
C GLY X 78 -29.18 -26.07 47.50
N VAL X 79 -30.30 -26.61 47.97
CA VAL X 79 -30.42 -27.09 49.33
C VAL X 79 -31.12 -28.45 49.34
N SER X 80 -30.88 -29.20 50.41
CA SER X 80 -31.61 -30.42 50.72
C SER X 80 -32.18 -30.26 52.12
N VAL X 81 -33.49 -30.40 52.25
CA VAL X 81 -34.22 -30.04 53.45
C VAL X 81 -34.49 -31.30 54.27
N TYR X 82 -34.19 -31.24 55.56
CA TYR X 82 -34.51 -32.32 56.50
C TYR X 82 -35.57 -31.83 57.47
N ALA X 83 -36.50 -32.71 57.81
CA ALA X 83 -37.61 -32.37 58.68
C ALA X 83 -37.54 -33.19 59.97
N LEU X 84 -38.07 -32.61 61.03
CA LEU X 84 -38.11 -33.26 62.35
C LEU X 84 -39.56 -33.23 62.83
N PRO X 85 -40.39 -34.16 62.35
CA PRO X 85 -41.80 -34.16 62.73
C PRO X 85 -41.98 -34.36 64.23
N ARG X 86 -42.96 -33.67 64.79
CA ARG X 86 -43.28 -33.76 66.20
C ARG X 86 -44.79 -33.92 66.35
N GLU X 87 -45.20 -34.69 67.36
CA GLU X 87 -46.60 -34.94 67.63
C GLU X 87 -47.11 -33.94 68.67
N ASP X 88 -48.38 -33.56 68.51
CA ASP X 88 -48.99 -32.61 69.43
C ASP X 88 -49.05 -33.20 70.84
N ALA X 89 -48.93 -32.33 71.83
CA ALA X 89 -48.97 -32.76 73.22
C ALA X 89 -50.35 -33.29 73.57
N ALA X 90 -50.39 -34.36 74.36
CA ALA X 90 -51.63 -34.99 74.76
C ALA X 90 -52.42 -34.08 75.70
N TYR X 114 -58.66 -10.75 55.41
CA TYR X 114 -57.35 -11.35 55.18
C TYR X 114 -57.01 -12.38 56.24
N MET X 115 -57.18 -13.66 55.90
CA MET X 115 -56.93 -14.77 56.81
C MET X 115 -55.61 -15.45 56.44
N GLY X 116 -54.77 -15.66 57.44
CA GLY X 116 -53.51 -16.35 57.21
C GLY X 116 -52.59 -15.55 56.30
N GLU X 117 -52.05 -16.21 55.28
CA GLU X 117 -51.14 -15.60 54.33
C GLU X 117 -51.93 -15.13 53.11
N ALA X 118 -51.23 -14.48 52.17
CA ALA X 118 -51.88 -14.03 50.95
C ALA X 118 -52.37 -15.19 50.11
N GLU X 119 -51.66 -16.32 50.14
CA GLU X 119 -52.11 -17.51 49.42
C GLU X 119 -53.43 -18.04 49.94
N TYR X 120 -53.79 -17.73 51.18
CA TYR X 120 -54.98 -18.28 51.81
C TYR X 120 -56.09 -17.24 51.89
N THR X 161 -60.82 -22.72 65.21
CA THR X 161 -60.13 -23.84 65.83
C THR X 161 -58.91 -24.25 65.01
N ALA X 162 -57.73 -24.20 65.62
CA ALA X 162 -56.51 -24.55 64.93
C ALA X 162 -56.37 -26.07 64.79
N ARG X 163 -55.55 -26.47 63.83
CA ARG X 163 -55.29 -27.90 63.60
C ARG X 163 -54.16 -28.44 64.47
N ASN X 164 -53.46 -27.58 65.20
CA ASN X 164 -52.40 -28.00 66.12
C ASN X 164 -52.64 -27.34 67.46
N ALA X 165 -52.75 -28.15 68.51
CA ALA X 165 -53.01 -27.63 69.84
C ALA X 165 -51.78 -26.93 70.40
N GLY X 166 -52.02 -25.98 71.30
CA GLY X 166 -50.97 -25.23 71.94
C GLY X 166 -51.09 -23.74 71.65
N THR X 167 -50.04 -23.01 72.02
CA THR X 167 -49.98 -21.58 71.76
C THR X 167 -49.75 -21.26 70.30
N ILE X 168 -49.46 -22.26 69.46
CA ILE X 168 -49.18 -22.04 68.05
C ILE X 168 -50.40 -21.54 67.28
N GLY X 169 -51.59 -21.59 67.87
CA GLY X 169 -52.80 -21.11 67.24
C GLY X 169 -53.26 -19.75 67.68
N ASN X 170 -52.57 -19.11 68.63
CA ASN X 170 -52.94 -17.80 69.11
C ASN X 170 -52.44 -16.66 68.23
N HIS X 171 -51.67 -16.97 67.18
CA HIS X 171 -51.08 -15.96 66.31
C HIS X 171 -51.81 -15.84 64.99
N LEU X 172 -53.14 -15.97 65.02
CA LEU X 172 -53.97 -15.89 63.82
C LEU X 172 -54.55 -14.48 63.69
N SER X 173 -54.50 -13.94 62.48
CA SER X 173 -55.03 -12.61 62.21
C SER X 173 -56.31 -12.69 61.38
N SER X 201 -52.92 -24.09 74.55
CA SER X 201 -51.75 -24.17 75.41
C SER X 201 -51.18 -25.59 75.44
N VAL X 202 -50.15 -25.79 76.26
CA VAL X 202 -49.43 -27.05 76.40
C VAL X 202 -48.73 -27.37 75.08
N ASN X 203 -47.41 -27.24 75.08
CA ASN X 203 -46.57 -27.41 73.90
C ASN X 203 -45.48 -28.42 74.23
N PRO X 204 -45.28 -29.43 73.38
CA PRO X 204 -44.27 -30.46 73.69
C PRO X 204 -42.87 -29.89 73.81
N THR X 205 -42.10 -30.46 74.73
CA THR X 205 -40.74 -30.03 75.03
C THR X 205 -39.84 -31.25 74.93
N PRO X 206 -39.42 -31.63 73.72
CA PRO X 206 -38.72 -32.90 73.53
C PRO X 206 -37.43 -33.06 74.33
N ASN X 207 -36.48 -32.14 74.14
CA ASN X 207 -35.15 -32.23 74.75
C ASN X 207 -34.50 -33.59 74.45
N ASP X 208 -34.53 -33.97 73.18
CA ASP X 208 -33.95 -35.23 72.76
C ASP X 208 -33.10 -35.07 71.50
N TYR X 209 -32.49 -33.91 71.30
CA TYR X 209 -31.59 -33.73 70.16
C TYR X 209 -30.38 -34.64 70.27
N ALA X 210 -29.88 -34.85 71.48
CA ALA X 210 -28.69 -35.67 71.69
C ALA X 210 -28.87 -37.09 71.18
N THR X 211 -30.11 -37.56 71.06
CA THR X 211 -30.39 -38.92 70.59
C THR X 211 -31.00 -38.95 69.20
N VAL X 212 -31.94 -38.05 68.90
CA VAL X 212 -32.59 -38.07 67.58
C VAL X 212 -31.59 -37.67 66.50
N VAL X 213 -30.85 -36.59 66.72
CA VAL X 213 -29.83 -36.13 65.80
C VAL X 213 -28.50 -36.14 66.56
N ASN X 214 -27.79 -37.27 66.46
CA ASN X 214 -26.63 -37.51 67.31
C ASN X 214 -25.39 -36.82 66.76
N GLU X 215 -24.95 -37.20 65.56
CA GLU X 215 -23.71 -36.68 64.99
C GLU X 215 -23.89 -36.10 63.60
N CYS X 216 -25.13 -35.90 63.15
CA CYS X 216 -25.37 -35.28 61.84
C CYS X 216 -25.23 -33.78 61.99
N CYS X 217 -24.20 -33.21 61.37
CA CYS X 217 -23.92 -31.78 61.49
C CYS X 217 -24.82 -31.03 60.51
N PHE X 218 -25.71 -30.19 61.04
CA PHE X 218 -26.62 -29.40 60.22
C PHE X 218 -26.17 -27.94 60.21
N ALA X 219 -26.46 -27.26 59.10
CA ALA X 219 -26.05 -25.87 58.95
C ALA X 219 -27.02 -24.92 59.64
N VAL X 220 -28.30 -25.00 59.28
CA VAL X 220 -29.33 -24.11 59.81
C VAL X 220 -30.44 -24.94 60.44
N TYR X 221 -30.79 -24.62 61.68
CA TYR X 221 -31.90 -25.25 62.38
C TYR X 221 -33.06 -24.26 62.41
N VAL X 222 -34.21 -24.69 61.89
CA VAL X 222 -35.41 -23.86 61.83
C VAL X 222 -36.41 -24.40 62.83
N LEU X 223 -36.87 -23.53 63.74
CA LEU X 223 -37.84 -23.88 64.76
C LEU X 223 -39.13 -23.15 64.49
N SER X 224 -40.25 -23.87 64.54
CA SER X 224 -41.56 -23.35 64.21
C SER X 224 -42.45 -23.19 65.44
N SER X 225 -41.86 -22.76 66.56
CA SER X 225 -42.60 -22.57 67.79
C SER X 225 -42.06 -21.36 68.54
N ASP X 226 -42.93 -20.74 69.32
CA ASP X 226 -42.58 -19.57 70.12
C ASP X 226 -42.37 -19.89 71.59
N ASP X 227 -42.38 -21.16 71.96
CA ASP X 227 -42.19 -21.54 73.35
C ASP X 227 -40.75 -21.26 73.78
N THR X 228 -40.60 -20.59 74.93
CA THR X 228 -39.26 -20.24 75.41
C THR X 228 -38.47 -21.48 75.78
N ASP X 229 -39.13 -22.50 76.33
CA ASP X 229 -38.42 -23.72 76.74
C ASP X 229 -37.85 -24.46 75.53
N TRP X 230 -38.65 -24.61 74.47
CA TRP X 230 -38.20 -25.31 73.28
C TRP X 230 -37.03 -24.58 72.62
N GLN X 231 -37.14 -23.26 72.50
CA GLN X 231 -36.06 -22.47 71.92
C GLN X 231 -34.82 -22.53 72.78
N GLU X 232 -34.98 -22.52 74.11
CA GLU X 232 -33.84 -22.63 75.00
C GLU X 232 -33.16 -23.99 74.87
N ASN X 233 -33.94 -25.06 74.71
CA ASN X 233 -33.35 -26.39 74.51
C ASN X 233 -32.56 -26.44 73.20
N LEU X 234 -33.14 -25.89 72.13
CA LEU X 234 -32.42 -25.85 70.85
C LEU X 234 -31.14 -25.04 70.98
N ARG X 235 -31.21 -23.90 71.67
CA ARG X 235 -30.02 -23.07 71.88
C ARG X 235 -28.97 -23.83 72.66
N ASP X 236 -29.38 -24.55 73.72
CA ASP X 236 -28.42 -25.30 74.53
C ASP X 236 -27.74 -26.37 73.69
N TRP X 237 -28.50 -27.08 72.85
CA TRP X 237 -27.86 -28.10 72.03
C TRP X 237 -26.90 -27.49 71.02
N ILE X 238 -27.30 -26.37 70.39
CA ILE X 238 -26.44 -25.75 69.40
C ILE X 238 -25.17 -25.21 70.05
N ARG X 239 -25.28 -24.67 71.27
CA ARG X 239 -24.11 -24.27 72.03
C ARG X 239 -23.22 -25.46 72.34
N SER X 240 -23.83 -26.60 72.70
CA SER X 240 -23.07 -27.81 72.93
C SER X 240 -22.39 -28.30 71.67
N ALA X 241 -22.90 -27.93 70.49
CA ALA X 241 -22.22 -28.28 69.25
C ALA X 241 -20.87 -27.60 69.11
N TRP X 242 -20.64 -26.49 69.82
CA TRP X 242 -19.35 -25.80 69.83
C TRP X 242 -18.67 -26.07 71.16
N ASP X 243 -18.01 -27.22 71.26
CA ASP X 243 -17.24 -27.60 72.43
C ASP X 243 -15.82 -27.92 72.00
N CYS X 244 -14.84 -27.39 72.73
CA CYS X 244 -13.46 -27.80 72.51
C CYS X 244 -13.20 -29.22 72.98
N SER X 245 -14.13 -29.82 73.72
CA SER X 245 -13.94 -31.18 74.23
C SER X 245 -14.09 -32.22 73.13
N LYS X 246 -15.06 -32.05 72.25
CA LYS X 246 -15.39 -33.03 71.22
C LYS X 246 -15.42 -32.36 69.86
N PRO X 247 -15.27 -33.12 68.78
CA PRO X 247 -15.39 -32.52 67.43
C PRO X 247 -16.75 -31.86 67.25
N GLN X 248 -16.74 -30.72 66.56
CA GLN X 248 -17.89 -29.84 66.50
C GLN X 248 -18.73 -30.09 65.24
N CYS X 249 -20.00 -29.71 65.33
CA CYS X 249 -20.91 -29.63 64.19
C CYS X 249 -21.46 -28.20 64.20
N PHE X 250 -20.74 -27.29 63.53
CA PHE X 250 -21.15 -25.90 63.53
C PHE X 250 -22.51 -25.73 62.86
N GLY X 251 -23.35 -24.89 63.46
CA GLY X 251 -24.68 -24.64 62.94
C GLY X 251 -25.21 -23.32 63.48
N HIS X 252 -26.44 -23.01 63.08
CA HIS X 252 -27.09 -21.79 63.54
C HIS X 252 -28.59 -22.02 63.54
N GLY X 253 -29.27 -21.47 64.55
CA GLY X 253 -30.70 -21.66 64.72
C GLY X 253 -31.47 -20.39 64.45
N TYR X 254 -32.69 -20.54 63.95
CA TYR X 254 -33.57 -19.42 63.64
C TYR X 254 -34.89 -19.60 64.35
N VAL X 255 -35.34 -18.55 65.03
CA VAL X 255 -36.59 -18.54 65.79
C VAL X 255 -37.29 -17.20 65.57
N PHE X 256 -38.46 -17.05 66.18
CA PHE X 256 -39.18 -15.79 66.16
C PHE X 256 -39.76 -15.52 67.54
N ASN X 257 -39.91 -14.24 67.86
CA ASN X 257 -40.46 -13.80 69.14
C ASN X 257 -41.56 -12.77 68.86
N LYS X 258 -42.79 -13.25 68.68
CA LYS X 258 -43.93 -12.38 68.46
C LYS X 258 -44.40 -11.79 69.79
N GLY X 259 -44.76 -10.52 69.76
CA GLY X 259 -45.24 -9.84 70.94
C GLY X 259 -45.04 -8.34 70.82
N THR X 260 -45.31 -7.64 71.91
CA THR X 260 -45.15 -6.19 71.96
C THR X 260 -43.68 -5.87 72.25
N LEU X 261 -43.40 -4.58 72.48
CA LEU X 261 -42.04 -4.15 72.77
C LEU X 261 -41.52 -4.82 74.04
N GLY X 262 -42.34 -4.85 75.09
CA GLY X 262 -41.91 -5.44 76.35
C GLY X 262 -41.66 -6.92 76.26
N GLN X 263 -42.55 -7.65 75.57
CA GLN X 263 -42.45 -9.11 75.52
C GLN X 263 -41.20 -9.55 74.75
N VAL X 264 -41.00 -9.00 73.55
CA VAL X 264 -39.89 -9.46 72.72
C VAL X 264 -38.55 -9.05 73.34
N LEU X 265 -38.50 -7.89 74.00
CA LEU X 265 -37.26 -7.40 74.59
C LEU X 265 -36.90 -8.13 75.87
N ALA X 266 -37.76 -9.02 76.35
CA ALA X 266 -37.47 -9.83 77.53
C ALA X 266 -37.07 -11.26 77.20
N ASP X 267 -37.44 -11.76 76.02
CA ASP X 267 -37.03 -13.09 75.58
C ASP X 267 -35.74 -13.02 74.78
N GLY X 268 -34.73 -12.39 75.35
CA GLY X 268 -33.44 -12.25 74.68
C GLY X 268 -32.26 -12.48 75.60
N ASP X 269 -31.42 -13.44 75.25
CA ASP X 269 -30.23 -13.77 76.01
C ASP X 269 -28.98 -13.42 75.20
N ASN X 270 -27.82 -13.85 75.69
CA ASN X 270 -26.55 -13.65 75.00
C ASN X 270 -26.25 -14.78 74.03
N SER X 271 -27.27 -15.46 73.54
CA SER X 271 -27.11 -16.65 72.70
C SER X 271 -26.63 -16.22 71.31
N ALA X 272 -25.34 -16.39 71.05
CA ALA X 272 -24.80 -16.14 69.72
C ALA X 272 -25.26 -17.17 68.70
N GLU X 273 -25.85 -18.28 69.15
CA GLU X 273 -26.28 -19.36 68.28
C GLU X 273 -27.67 -19.14 67.69
N LEU X 274 -28.38 -18.11 68.14
CA LEU X 274 -29.76 -17.87 67.72
C LEU X 274 -29.88 -16.47 67.17
N SER X 275 -30.63 -16.33 66.06
CA SER X 275 -31.01 -15.04 65.51
C SER X 275 -32.49 -14.87 65.74
N ARG X 276 -32.85 -13.96 66.64
CA ARG X 276 -34.23 -13.82 67.11
C ARG X 276 -34.96 -12.80 66.26
N LEU X 277 -35.73 -13.28 65.30
CA LEU X 277 -36.62 -12.41 64.54
C LEU X 277 -37.70 -11.86 65.46
N ALA X 278 -37.96 -10.56 65.36
CA ALA X 278 -38.86 -9.85 66.27
C ALA X 278 -40.05 -9.32 65.48
N LEU X 279 -41.11 -10.14 65.39
CA LEU X 279 -42.31 -9.74 64.70
C LEU X 279 -43.23 -8.93 65.62
N PRO X 280 -43.99 -8.00 65.07
CA PRO X 280 -44.85 -7.13 65.89
C PRO X 280 -46.08 -7.88 66.38
N THR X 281 -46.83 -7.20 67.26
CA THR X 281 -48.03 -7.79 67.84
C THR X 281 -49.11 -8.03 66.80
N THR X 282 -49.25 -7.12 65.83
CA THR X 282 -50.30 -7.17 64.83
C THR X 282 -49.75 -7.59 63.47
N TYR X 283 -48.84 -8.55 63.47
CA TYR X 283 -48.22 -8.99 62.23
C TYR X 283 -49.21 -9.88 61.47
N PRO X 284 -49.47 -9.59 60.19
CA PRO X 284 -50.55 -10.30 59.48
C PRO X 284 -50.24 -11.77 59.18
N VAL X 285 -49.04 -12.05 58.67
CA VAL X 285 -48.72 -13.39 58.22
C VAL X 285 -48.44 -14.28 59.43
N LEU X 286 -48.73 -15.57 59.28
CA LEU X 286 -48.44 -16.53 60.34
C LEU X 286 -46.93 -16.56 60.61
N PRO X 287 -46.50 -16.38 61.85
CA PRO X 287 -45.07 -16.14 62.11
C PRO X 287 -44.15 -17.24 61.62
N TYR X 288 -44.55 -18.51 61.74
CA TYR X 288 -43.62 -19.59 61.39
C TYR X 288 -43.36 -19.64 59.89
N LEU X 289 -44.30 -19.17 59.07
CA LEU X 289 -44.04 -19.08 57.64
C LEU X 289 -42.88 -18.13 57.36
N THR X 290 -42.91 -16.94 57.96
CA THR X 290 -41.83 -15.99 57.76
C THR X 290 -40.53 -16.49 58.37
N ASN X 291 -40.61 -17.15 59.53
CA ASN X 291 -39.40 -17.70 60.14
C ASN X 291 -38.75 -18.74 59.24
N ALA X 292 -39.55 -19.66 58.69
CA ALA X 292 -39.02 -20.67 57.78
C ALA X 292 -38.45 -20.03 56.52
N ALA X 293 -39.15 -19.03 55.98
CA ALA X 293 -38.64 -18.35 54.80
C ALA X 293 -37.30 -17.68 55.07
N TYR X 294 -37.18 -17.01 56.22
CA TYR X 294 -35.93 -16.35 56.59
C TYR X 294 -34.81 -17.38 56.71
N GLY X 295 -35.04 -18.46 57.47
CA GLY X 295 -33.99 -19.44 57.66
C GLY X 295 -33.58 -20.10 56.35
N ALA X 296 -34.56 -20.48 55.53
CA ALA X 296 -34.27 -21.13 54.26
C ALA X 296 -33.50 -20.21 53.33
N LEU X 297 -33.93 -18.95 53.24
CA LEU X 297 -33.21 -18.00 52.40
C LEU X 297 -31.79 -17.79 52.90
N SER X 298 -31.62 -17.65 54.21
CA SER X 298 -30.28 -17.46 54.78
C SER X 298 -29.36 -18.62 54.39
N ALA X 299 -29.74 -19.84 54.79
CA ALA X 299 -28.91 -21.00 54.46
C ALA X 299 -28.68 -21.10 52.96
N CYS X 300 -29.76 -20.99 52.19
CA CYS X 300 -29.76 -21.26 50.76
C CYS X 300 -28.84 -20.31 50.01
N SER X 301 -28.87 -19.03 50.36
CA SER X 301 -28.06 -18.03 49.66
C SER X 301 -26.64 -17.97 50.21
N THR X 302 -26.44 -18.17 51.51
CA THR X 302 -25.10 -18.01 52.07
C THR X 302 -24.27 -19.28 51.93
N CYS X 303 -24.72 -20.39 52.53
CA CYS X 303 -23.80 -21.49 52.85
C CYS X 303 -22.97 -21.95 51.65
N ASN X 304 -23.36 -21.58 50.43
CA ASN X 304 -22.48 -21.80 49.28
C ASN X 304 -21.31 -20.83 49.31
N ASN X 305 -21.58 -19.56 49.58
CA ASN X 305 -20.56 -18.52 49.74
C ASN X 305 -20.83 -17.81 51.07
N PRO X 306 -20.42 -18.42 52.17
CA PRO X 306 -20.98 -18.09 53.49
C PRO X 306 -20.52 -16.76 54.09
N GLU X 307 -20.58 -15.71 53.27
CA GLU X 307 -20.23 -14.37 53.75
C GLU X 307 -21.18 -13.29 53.24
N LEU X 308 -22.26 -13.67 52.57
CA LEU X 308 -23.22 -12.70 52.05
C LEU X 308 -24.21 -12.34 53.17
N ASN X 309 -24.16 -11.10 53.62
CA ASN X 309 -25.09 -10.64 54.64
C ASN X 309 -26.50 -10.57 54.07
N ILE X 310 -27.47 -11.02 54.86
CA ILE X 310 -28.88 -11.03 54.42
C ILE X 310 -29.45 -9.67 54.78
N GLN X 311 -29.19 -8.69 53.91
CA GLN X 311 -29.67 -7.33 54.13
C GLN X 311 -30.00 -6.72 52.77
N GLY X 312 -30.83 -5.68 52.82
CA GLY X 312 -31.16 -4.92 51.62
C GLY X 312 -32.22 -5.60 50.76
N GLN X 313 -32.77 -4.81 49.85
CA GLN X 313 -33.85 -5.27 48.98
C GLN X 313 -33.40 -6.32 47.98
N THR X 314 -32.10 -6.52 47.81
CA THR X 314 -31.58 -7.52 46.88
C THR X 314 -31.14 -8.81 47.56
N PHE X 315 -30.90 -8.78 48.87
CA PHE X 315 -30.45 -9.97 49.59
C PHE X 315 -31.31 -10.33 50.80
N GLY X 316 -32.20 -9.45 51.24
CA GLY X 316 -32.95 -9.71 52.45
C GLY X 316 -34.45 -9.56 52.31
N LEU X 317 -34.98 -9.89 51.15
CA LEU X 317 -36.42 -9.83 50.89
C LEU X 317 -36.99 -11.24 50.91
N LEU X 318 -38.15 -11.40 51.56
CA LEU X 318 -38.84 -12.67 51.60
C LEU X 318 -39.89 -12.65 50.50
N SER X 319 -39.46 -13.04 49.29
CA SER X 319 -40.32 -12.91 48.12
C SER X 319 -41.57 -13.78 48.23
N CYS X 320 -41.42 -15.00 48.72
CA CYS X 320 -42.57 -15.90 48.83
C CYS X 320 -43.62 -15.35 49.79
N ILE X 321 -43.19 -14.79 50.91
CA ILE X 321 -44.13 -14.20 51.86
C ILE X 321 -44.75 -12.95 51.24
N ASN X 322 -46.07 -12.83 51.37
CA ASN X 322 -46.80 -11.64 50.95
C ASN X 322 -47.75 -11.21 52.06
N MET X 323 -48.00 -9.92 52.14
CA MET X 323 -48.88 -9.35 53.15
C MET X 323 -49.52 -8.11 52.59
N PRO X 324 -50.74 -7.78 53.02
CA PRO X 324 -51.45 -6.64 52.43
C PRO X 324 -50.80 -5.32 52.78
N GLU X 325 -51.03 -4.33 51.91
CA GLU X 325 -50.49 -3.00 52.14
C GLU X 325 -51.12 -2.38 53.38
N SER X 326 -50.32 -1.58 54.09
CA SER X 326 -50.80 -0.90 55.28
C SER X 326 -50.01 0.39 55.46
N CYS X 327 -50.61 1.32 56.22
CA CYS X 327 -49.98 2.59 56.55
C CYS X 327 -49.63 2.68 58.02
N THR X 328 -49.66 1.56 58.75
CA THR X 328 -49.31 1.53 60.16
C THR X 328 -47.97 0.84 60.32
N PRO X 329 -46.94 1.53 60.81
CA PRO X 329 -45.64 0.88 60.97
C PRO X 329 -45.69 -0.21 62.03
N GLY X 330 -44.88 -1.25 61.82
CA GLY X 330 -44.81 -2.33 62.79
C GLY X 330 -44.27 -1.85 64.13
N TRP X 331 -43.20 -1.07 64.10
CA TRP X 331 -42.63 -0.48 65.30
C TRP X 331 -42.31 0.97 65.04
N THR X 332 -42.25 1.76 66.12
CA THR X 332 -41.75 3.12 66.02
C THR X 332 -40.23 3.11 65.88
N PHE X 333 -39.70 4.20 65.33
CA PHE X 333 -38.26 4.25 65.07
C PHE X 333 -37.45 4.12 66.35
N GLY X 334 -37.95 4.65 67.47
CA GLY X 334 -37.29 4.40 68.74
C GLY X 334 -37.25 2.93 69.07
N GLU X 335 -38.37 2.23 68.86
CA GLU X 335 -38.42 0.79 69.10
C GLU X 335 -37.47 0.05 68.18
N VAL X 336 -37.43 0.44 66.89
CA VAL X 336 -36.53 -0.22 65.94
C VAL X 336 -35.08 -0.02 66.35
N THR X 337 -34.73 1.19 66.78
CA THR X 337 -33.37 1.46 67.25
C THR X 337 -33.05 0.62 68.49
N GLN X 338 -34.00 0.52 69.42
CA GLN X 338 -33.79 -0.30 70.61
C GLN X 338 -33.52 -1.76 70.23
N LEU X 339 -34.35 -2.31 69.35
CA LEU X 339 -34.19 -3.71 68.95
C LEU X 339 -32.87 -3.93 68.21
N GLN X 340 -32.55 -3.06 67.24
CA GLN X 340 -31.31 -3.21 66.49
C GLN X 340 -30.09 -3.02 67.38
N ALA X 341 -30.22 -2.26 68.46
CA ALA X 341 -29.17 -2.15 69.46
C ALA X 341 -29.22 -3.28 70.49
N ASN X 342 -30.22 -4.15 70.40
CA ASN X 342 -30.38 -5.26 71.34
C ASN X 342 -30.35 -6.62 70.64
N GLY X 343 -29.72 -6.71 69.48
CA GLY X 343 -29.51 -7.98 68.82
C GLY X 343 -30.75 -8.71 68.34
N PHE X 344 -31.68 -7.99 67.69
CA PHE X 344 -32.86 -8.60 67.11
C PHE X 344 -32.92 -8.31 65.62
N VAL X 345 -33.40 -9.29 64.86
CA VAL X 345 -33.46 -9.20 63.41
C VAL X 345 -34.77 -8.51 63.06
N VAL X 346 -34.71 -7.19 62.91
CA VAL X 346 -35.91 -6.39 62.66
C VAL X 346 -36.25 -6.46 61.18
N SER X 347 -37.51 -6.73 60.88
CA SER X 347 -38.01 -6.78 59.51
C SER X 347 -38.87 -5.55 59.24
N GLY X 348 -38.98 -5.19 57.96
CA GLY X 348 -39.73 -4.03 57.56
C GLY X 348 -40.61 -4.27 56.35
N PRO X 349 -41.60 -3.41 56.15
CA PRO X 349 -42.49 -3.56 54.99
C PRO X 349 -41.97 -2.85 53.75
N SER X 350 -42.01 -3.53 52.61
CA SER X 350 -41.61 -2.94 51.34
C SER X 350 -42.82 -2.28 50.68
N THR X 351 -43.29 -1.20 51.31
CA THR X 351 -44.47 -0.48 50.84
C THR X 351 -44.25 0.10 49.45
N ASN X 357 -52.15 -3.58 47.06
CA ASN X 357 -51.64 -4.90 46.67
C ASN X 357 -50.69 -5.45 47.71
N TYR X 358 -50.38 -6.75 47.61
CA TYR X 358 -49.50 -7.39 48.57
C TYR X 358 -48.07 -6.89 48.39
N THR X 359 -47.39 -6.66 49.52
CA THR X 359 -46.01 -6.21 49.53
C THR X 359 -45.16 -7.26 50.24
N SER X 360 -44.10 -7.71 49.57
CA SER X 360 -43.22 -8.69 50.17
C SER X 360 -42.46 -8.05 51.34
N PRO X 361 -42.29 -8.78 52.45
CA PRO X 361 -41.57 -8.23 53.59
C PRO X 361 -40.09 -8.02 53.27
N TYR X 362 -39.39 -7.42 54.23
CA TYR X 362 -38.05 -6.92 53.99
C TYR X 362 -37.32 -6.79 55.32
N ILE X 363 -36.02 -7.06 55.29
CA ILE X 363 -35.21 -7.13 56.50
C ILE X 363 -34.26 -5.93 56.54
N TYR X 364 -33.77 -5.62 57.74
CA TYR X 364 -32.86 -4.51 57.94
C TYR X 364 -31.46 -4.97 58.32
N ASN X 365 -31.32 -5.75 59.39
CA ASN X 365 -30.01 -6.14 59.92
C ASN X 365 -29.96 -7.65 60.09
N ASP X 366 -28.94 -8.29 59.53
CA ASP X 366 -28.73 -9.73 59.65
C ASP X 366 -27.70 -9.97 60.75
N VAL X 367 -28.15 -9.87 62.00
CA VAL X 367 -27.28 -10.02 63.15
C VAL X 367 -27.78 -11.16 64.02
N THR X 368 -26.88 -11.69 64.83
CA THR X 368 -27.22 -12.70 65.82
C THR X 368 -27.58 -12.03 67.15
N ASN X 369 -28.09 -12.84 68.08
CA ASN X 369 -28.44 -12.35 69.41
C ASN X 369 -27.23 -12.45 70.35
N TYR X 370 -26.15 -11.79 69.94
CA TYR X 370 -24.90 -11.79 70.68
C TYR X 370 -24.45 -10.34 70.85
N LEU X 371 -24.60 -9.82 72.08
CA LEU X 371 -24.16 -8.48 72.41
C LEU X 371 -22.96 -8.50 73.34
N ARG X 372 -23.07 -9.17 74.48
CA ARG X 372 -22.01 -9.22 75.47
C ARG X 372 -21.07 -10.38 75.19
N ASP X 373 -19.77 -10.14 75.37
CA ASP X 373 -18.77 -11.19 75.29
C ASP X 373 -18.80 -11.96 76.62
N GLU X 374 -17.78 -12.78 76.86
CA GLU X 374 -17.64 -13.40 78.17
C GLU X 374 -17.61 -12.31 79.23
N LYS X 375 -18.23 -12.61 80.38
CA LYS X 375 -18.53 -11.67 81.46
C LYS X 375 -19.23 -10.42 80.94
N ASN X 376 -18.57 -9.62 80.09
CA ASN X 376 -19.18 -8.42 79.54
C ASN X 376 -18.44 -8.06 78.26
N ARG X 377 -18.65 -6.82 77.77
CA ARG X 377 -18.01 -6.16 76.64
C ARG X 377 -18.76 -6.44 75.34
N PRO X 378 -19.09 -5.41 74.57
CA PRO X 378 -19.79 -5.64 73.29
C PRO X 378 -18.87 -6.17 72.20
N ASN X 379 -18.68 -7.47 72.18
CA ASN X 379 -17.80 -8.10 71.18
C ASN X 379 -18.50 -8.09 69.83
N ALA X 380 -18.08 -7.17 68.96
CA ALA X 380 -18.65 -7.08 67.62
C ALA X 380 -18.24 -8.23 66.71
N THR X 381 -17.28 -9.06 67.15
CA THR X 381 -16.79 -10.13 66.28
C THR X 381 -17.88 -11.11 65.89
N PHE X 382 -18.73 -11.49 66.85
CA PHE X 382 -19.79 -12.46 66.60
C PHE X 382 -21.17 -11.81 66.49
N ARG X 383 -21.21 -10.52 66.14
CA ARG X 383 -22.49 -9.85 65.97
C ARG X 383 -23.16 -10.25 64.66
N ASP X 384 -22.48 -10.01 63.54
CA ASP X 384 -23.03 -10.34 62.24
C ASP X 384 -23.13 -11.85 62.07
N ALA X 385 -24.24 -12.30 61.49
CA ALA X 385 -24.41 -13.73 61.20
C ALA X 385 -23.43 -14.21 60.14
N SER X 386 -22.88 -13.31 59.32
CA SER X 386 -21.89 -13.71 58.34
C SER X 386 -20.62 -14.19 59.02
N SER X 387 -20.23 -13.55 60.13
CA SER X 387 -19.03 -13.96 60.85
C SER X 387 -19.15 -15.39 61.36
N ARG X 388 -20.36 -15.82 61.72
CA ARG X 388 -20.57 -17.20 62.17
C ARG X 388 -20.24 -18.20 61.07
N ARG X 389 -20.82 -17.99 59.89
CA ARG X 389 -20.55 -18.89 58.77
C ARG X 389 -19.09 -18.81 58.34
N LEU X 390 -18.49 -17.62 58.40
CA LEU X 390 -17.06 -17.51 58.11
C LEU X 390 -16.21 -18.30 59.09
N ALA X 391 -16.53 -18.23 60.39
CA ALA X 391 -15.79 -19.00 61.37
C ALA X 391 -15.93 -20.50 61.11
N ALA X 392 -17.16 -20.95 60.85
CA ALA X 392 -17.38 -22.37 60.59
C ALA X 392 -16.62 -22.83 59.36
N ALA X 393 -16.73 -22.08 58.25
CA ALA X 393 -16.08 -22.46 57.01
C ALA X 393 -14.56 -22.42 57.15
N THR X 394 -14.03 -21.40 57.83
CA THR X 394 -12.58 -21.32 58.02
C THR X 394 -12.07 -22.47 58.86
N GLY X 395 -12.78 -22.82 59.93
CA GLY X 395 -12.37 -23.96 60.73
C GLY X 395 -12.38 -25.25 59.94
N VAL X 396 -13.45 -25.47 59.16
CA VAL X 396 -13.56 -26.70 58.38
C VAL X 396 -12.46 -26.76 57.33
N ALA X 397 -12.23 -25.65 56.62
CA ALA X 397 -11.23 -25.64 55.57
C ALA X 397 -9.83 -25.85 56.12
N LEU X 398 -9.52 -25.20 57.25
CA LEU X 398 -8.22 -25.40 57.87
C LEU X 398 -8.06 -26.84 58.35
N ALA X 399 -9.13 -27.44 58.87
CA ALA X 399 -9.06 -28.84 59.28
C ALA X 399 -8.77 -29.75 58.09
N GLU X 400 -9.44 -29.51 56.96
CA GLU X 400 -9.17 -30.33 55.77
C GLU X 400 -7.74 -30.13 55.27
N PHE X 401 -7.26 -28.88 55.27
CA PHE X 401 -5.92 -28.61 54.76
C PHE X 401 -4.85 -29.23 55.64
N LEU X 402 -5.04 -29.18 56.95
CA LEU X 402 -4.05 -29.71 57.89
C LEU X 402 -3.99 -31.24 57.89
N GLN X 403 -4.94 -31.92 57.24
CA GLN X 403 -4.95 -33.37 57.26
C GLN X 403 -3.78 -33.97 56.50
N GLN X 404 -3.11 -33.18 55.63
CA GLN X 404 -1.98 -33.70 54.88
C GLN X 404 -0.76 -33.96 55.76
N PHE X 405 -0.73 -33.43 56.97
CA PHE X 405 0.38 -33.62 57.89
C PHE X 405 0.22 -34.84 58.78
N ASN X 406 -0.88 -35.57 58.65
CA ASN X 406 -1.11 -36.76 59.46
C ASN X 406 -0.27 -37.92 58.94
N GLY X 407 0.63 -38.43 59.78
CA GLY X 407 1.49 -39.53 59.41
C GLY X 407 2.82 -39.15 58.83
N LEU X 408 3.00 -37.88 58.43
CA LEU X 408 4.29 -37.45 57.91
C LEU X 408 5.33 -37.45 59.02
N ALA X 409 6.53 -37.90 58.68
CA ALA X 409 7.65 -37.79 59.60
C ALA X 409 8.00 -36.32 59.82
N VAL X 410 8.20 -35.95 61.07
CA VAL X 410 8.49 -34.56 61.44
C VAL X 410 9.84 -34.54 62.15
N PHE X 411 10.78 -33.78 61.61
CA PHE X 411 12.14 -33.71 62.13
C PHE X 411 12.29 -32.46 62.99
N THR X 412 11.74 -32.50 64.19
CA THR X 412 12.01 -31.45 65.16
C THR X 412 13.40 -31.64 65.75
N LYS X 413 13.99 -30.53 66.18
CA LYS X 413 15.35 -30.52 66.71
C LYS X 413 16.28 -31.11 65.65
N ASN X 414 16.54 -32.42 65.74
CA ASN X 414 17.41 -33.19 64.86
C ASN X 414 18.34 -32.38 63.97
N THR X 415 18.10 -32.40 62.67
CA THR X 415 18.95 -31.76 61.67
C THR X 415 18.07 -31.58 60.42
N ASN X 416 18.68 -31.25 59.28
CA ASN X 416 17.93 -31.08 58.05
C ASN X 416 17.43 -32.42 57.53
N ILE X 417 16.39 -32.36 56.68
CA ILE X 417 15.80 -33.56 56.13
C ILE X 417 16.82 -34.26 55.23
N ARG X 418 17.07 -35.54 55.50
CA ARG X 418 17.95 -36.32 54.64
C ARG X 418 17.32 -36.47 53.26
N THR X 419 18.18 -36.54 52.24
CA THR X 419 17.69 -36.68 50.88
C THR X 419 16.92 -37.99 50.71
N GLY X 420 15.84 -37.94 49.95
CA GLY X 420 14.99 -39.09 49.71
C GLY X 420 13.87 -39.27 50.71
N ILE X 421 13.97 -38.65 51.88
CA ILE X 421 12.91 -38.77 52.88
C ILE X 421 11.71 -37.91 52.47
N ILE X 422 10.55 -38.25 53.04
CA ILE X 422 9.31 -37.55 52.72
C ILE X 422 8.84 -36.83 53.97
N GLY X 423 9.78 -36.40 54.80
CA GLY X 423 9.48 -35.76 56.06
C GLY X 423 9.35 -34.25 55.93
N THR X 424 9.33 -33.59 57.09
CA THR X 424 9.20 -32.14 57.16
C THR X 424 9.65 -31.68 58.54
N ASN X 425 9.75 -30.37 58.70
CA ASN X 425 10.16 -29.74 59.95
C ASN X 425 9.23 -28.57 60.22
N PRO X 426 9.14 -28.12 61.49
CA PRO X 426 8.13 -27.10 61.83
C PRO X 426 8.22 -25.81 61.03
N ARG X 427 9.43 -25.38 60.64
CA ARG X 427 9.56 -24.12 59.92
C ARG X 427 8.88 -24.20 58.55
N LEU X 428 9.11 -25.29 57.83
CA LEU X 428 8.46 -25.45 56.53
C LEU X 428 6.96 -25.60 56.67
N MET X 429 6.50 -26.27 57.73
CA MET X 429 5.07 -26.38 57.98
C MET X 429 4.45 -25.01 58.22
N LEU X 430 5.14 -24.17 59.02
CA LEU X 430 4.65 -22.82 59.26
C LEU X 430 4.61 -22.01 57.97
N GLY X 431 5.64 -22.17 57.13
CA GLY X 431 5.63 -21.48 55.84
C GLY X 431 4.45 -21.90 54.96
N LYS X 432 4.18 -23.20 54.91
CA LYS X 432 3.04 -23.68 54.13
C LYS X 432 1.72 -23.17 54.68
N ILE X 433 1.58 -23.14 56.02
CA ILE X 433 0.37 -22.59 56.63
C ILE X 433 0.21 -21.12 56.26
N ARG X 434 1.30 -20.35 56.32
CA ARG X 434 1.23 -18.94 55.97
C ARG X 434 0.83 -18.75 54.51
N LYS X 435 1.38 -19.56 53.61
CA LYS X 435 1.00 -19.43 52.21
C LYS X 435 -0.46 -19.79 51.99
N TRP X 436 -0.95 -20.83 52.68
CA TRP X 436 -2.36 -21.17 52.57
C TRP X 436 -3.24 -20.03 53.07
N ALA X 437 -2.85 -19.39 54.17
CA ALA X 437 -3.60 -18.25 54.68
C ALA X 437 -3.60 -17.10 53.68
N GLN X 438 -2.46 -16.85 53.04
CA GLN X 438 -2.39 -15.79 52.03
C GLN X 438 -3.28 -16.10 50.84
N ASP X 439 -3.35 -17.38 50.46
CA ASP X 439 -4.13 -17.77 49.28
C ASP X 439 -5.63 -17.58 49.48
N ASN X 440 -6.11 -17.55 50.73
CA ASN X 440 -7.53 -17.43 51.01
C ASN X 440 -7.97 -15.99 51.24
N VAL X 441 -7.06 -15.02 51.09
CA VAL X 441 -7.43 -13.62 51.27
C VAL X 441 -8.40 -13.21 50.18
N GLY X 442 -9.49 -12.57 50.58
CA GLY X 442 -10.54 -12.17 49.67
C GLY X 442 -11.75 -13.07 49.66
N THR X 443 -11.62 -14.30 50.16
CA THR X 443 -12.73 -15.22 50.27
C THR X 443 -13.05 -15.63 51.70
N LEU X 444 -12.07 -15.59 52.60
CA LEU X 444 -12.28 -15.92 54.00
C LEU X 444 -11.70 -14.91 54.98
N PHE X 445 -10.73 -14.10 54.58
CA PHE X 445 -10.09 -13.14 55.47
C PHE X 445 -9.95 -11.80 54.76
N SER X 446 -9.60 -10.78 55.53
CA SER X 446 -9.05 -9.56 54.97
C SER X 446 -7.60 -9.82 54.59
N GLU X 447 -6.86 -8.78 54.22
CA GLU X 447 -5.49 -9.02 53.78
C GLU X 447 -4.65 -9.59 54.91
N PHE X 448 -4.32 -8.75 55.90
CA PHE X 448 -3.93 -9.11 57.26
C PHE X 448 -3.54 -7.84 58.01
N ASP X 449 -3.40 -7.94 59.33
CA ASP X 449 -2.77 -6.86 60.08
C ASP X 449 -1.25 -6.96 60.00
N ASN X 450 -0.69 -8.07 60.49
CA ASN X 450 0.73 -8.36 60.33
C ASN X 450 0.88 -9.89 60.42
N ILE X 451 1.07 -10.53 59.27
CA ILE X 451 1.01 -11.99 59.21
C ILE X 451 2.15 -12.61 60.02
N ASN X 452 3.26 -11.90 60.21
CA ASN X 452 4.35 -12.43 61.00
C ASN X 452 3.97 -12.61 62.47
N GLU X 453 2.93 -11.92 62.94
CA GLU X 453 2.45 -12.07 64.31
C GLU X 453 1.10 -12.77 64.40
N ASP X 454 0.27 -12.65 63.36
CA ASP X 454 -1.07 -13.24 63.41
C ASP X 454 -1.06 -14.75 63.25
N ILE X 455 0.05 -15.35 62.84
CA ILE X 455 0.17 -16.80 62.71
C ILE X 455 1.45 -17.24 63.36
N GLN X 456 1.38 -18.24 64.23
CA GLN X 456 2.56 -18.80 64.87
C GLN X 456 2.34 -20.28 65.12
N LEU X 457 3.35 -21.09 64.82
CA LEU X 457 3.31 -22.53 65.00
C LEU X 457 4.39 -22.95 65.97
N LEU X 458 3.99 -23.64 67.03
CA LEU X 458 4.90 -24.02 68.11
C LEU X 458 4.86 -25.52 68.33
N THR X 459 6.03 -26.12 68.50
CA THR X 459 6.11 -27.53 68.87
C THR X 459 5.68 -27.71 70.33
N ASP X 460 5.21 -28.91 70.64
CA ASP X 460 4.75 -29.19 72.00
C ASP X 460 5.90 -29.10 73.01
N PHE X 461 7.13 -29.34 72.56
CA PHE X 461 8.28 -29.28 73.47
C PHE X 461 8.46 -27.89 74.06
N GLU X 462 8.35 -26.86 73.22
CA GLU X 462 8.60 -25.50 73.68
C GLU X 462 7.39 -24.84 74.33
N VAL X 463 6.22 -25.48 74.29
CA VAL X 463 5.06 -24.95 74.98
C VAL X 463 4.89 -25.56 76.37
N GLN X 464 5.45 -26.74 76.60
CA GLN X 464 5.33 -27.42 77.89
C GLN X 464 6.68 -27.46 78.60
N PRO X 465 6.69 -27.53 79.93
CA PRO X 465 7.97 -27.60 80.66
C PRO X 465 8.73 -28.88 80.36
N LYS X 466 9.93 -29.00 80.95
CA LYS X 466 10.78 -30.16 80.70
C LYS X 466 10.07 -31.45 81.12
N CYS X 467 10.19 -32.47 80.28
CA CYS X 467 9.62 -33.81 80.44
C CYS X 467 8.10 -33.82 80.29
N VAL X 468 7.47 -32.67 80.08
CA VAL X 468 6.03 -32.63 79.85
C VAL X 468 5.71 -32.68 78.37
N GLY X 469 6.52 -32.03 77.54
CA GLY X 469 6.31 -32.03 76.10
C GLY X 469 6.37 -33.40 75.47
N GLN X 470 5.41 -33.70 74.61
CA GLN X 470 5.32 -34.98 73.94
C GLN X 470 5.54 -34.80 72.44
N PRO X 471 6.35 -35.65 71.81
CA PRO X 471 6.65 -35.47 70.39
C PRO X 471 5.42 -35.67 69.52
N GLY X 472 5.45 -35.03 68.36
CA GLY X 472 4.34 -35.10 67.40
C GLY X 472 3.29 -34.03 67.51
N ILE X 473 2.85 -33.73 68.73
CA ILE X 473 1.80 -32.75 68.94
C ILE X 473 2.30 -31.35 68.60
N PHE X 474 1.45 -30.55 67.98
CA PHE X 474 1.78 -29.18 67.60
C PHE X 474 0.68 -28.24 68.05
N HIS X 475 1.08 -27.01 68.36
CA HIS X 475 0.16 -25.95 68.72
C HIS X 475 0.19 -24.87 67.65
N LEU X 476 -0.99 -24.53 67.12
CA LEU X 476 -1.12 -23.51 66.10
C LEU X 476 -2.08 -22.44 66.58
N ASN X 477 -1.66 -21.18 66.48
CA ASN X 477 -2.45 -20.04 66.91
C ASN X 477 -2.61 -19.07 65.75
N MET X 478 -3.83 -18.63 65.50
CA MET X 478 -4.10 -17.75 64.36
C MET X 478 -5.28 -16.86 64.69
N ARG X 479 -5.10 -15.55 64.50
CA ARG X 479 -6.18 -14.58 64.61
C ARG X 479 -6.39 -13.94 63.24
N TYR X 480 -7.60 -14.09 62.71
CA TYR X 480 -7.97 -13.61 61.39
C TYR X 480 -9.01 -12.50 61.49
N ARG X 481 -9.16 -11.77 60.40
CA ARG X 481 -10.12 -10.67 60.31
C ARG X 481 -11.06 -10.90 59.14
N PRO X 482 -12.37 -10.94 59.36
CA PRO X 482 -13.30 -11.20 58.25
C PRO X 482 -13.34 -10.02 57.30
N PRO X 483 -13.78 -10.25 56.05
CA PRO X 483 -13.79 -9.15 55.06
C PRO X 483 -14.74 -8.04 55.46
N VAL X 484 -14.41 -6.83 55.02
CA VAL X 484 -15.21 -5.64 55.29
C VAL X 484 -16.31 -5.51 54.24
N ARG X 485 -17.51 -5.17 54.68
CA ARG X 485 -18.66 -5.04 53.78
C ARG X 485 -19.36 -3.71 53.99
N GLY X 486 -20.18 -3.34 53.01
CA GLY X 486 -20.78 -2.02 52.98
C GLY X 486 -21.76 -1.80 54.10
N ALA X 487 -22.00 -0.52 54.38
CA ALA X 487 -22.85 -0.13 55.50
C ALA X 487 -23.34 1.30 55.23
N ARG X 488 -23.74 1.99 56.31
CA ARG X 488 -24.31 3.33 56.25
C ARG X 488 -23.57 4.24 55.28
N ILE X 489 -24.31 5.15 54.65
CA ILE X 489 -23.76 6.05 53.65
C ILE X 489 -23.63 7.47 54.18
N ASN X 490 -24.61 7.93 54.96
CA ASN X 490 -24.56 9.23 55.64
C ASN X 490 -24.43 10.38 54.64
N VAL X 491 -25.48 10.55 53.84
CA VAL X 491 -25.51 11.62 52.85
C VAL X 491 -25.70 12.95 53.55
N ASN X 492 -24.85 13.92 53.22
CA ASN X 492 -24.95 15.29 53.74
C ASN X 492 -25.13 16.22 52.53
N MET X 493 -26.39 16.52 52.21
CA MET X 493 -26.73 17.30 51.03
C MET X 493 -26.91 18.76 51.41
N ALA X 494 -26.23 19.64 50.69
CA ALA X 494 -26.27 21.09 50.95
C ALA X 494 -26.70 21.83 49.69
N PRO X 495 -27.95 22.28 49.61
CA PRO X 495 -28.37 23.04 48.42
C PRO X 495 -27.69 24.40 48.35
N ALA X 496 -27.56 24.92 47.13
CA ALA X 496 -26.95 26.22 46.92
C ALA X 496 -27.43 26.78 45.59
N LEU X 497 -27.64 28.09 45.56
CA LEU X 497 -28.03 28.76 44.32
C LEU X 497 -26.81 28.98 43.44
N PHE X 498 -27.08 29.27 42.17
CA PHE X 498 -26.02 29.52 41.20
C PHE X 498 -25.55 30.97 41.29
N ASP Y 4 -55.38 -45.98 -31.05
CA ASP Y 4 -56.11 -44.77 -30.67
C ASP Y 4 -55.24 -43.53 -30.66
N ALA Y 5 -54.32 -43.48 -29.72
CA ALA Y 5 -53.58 -42.26 -29.42
C ALA Y 5 -52.26 -42.66 -28.75
N LEU Y 6 -51.63 -41.69 -28.07
CA LEU Y 6 -50.38 -41.88 -27.34
C LEU Y 6 -50.37 -43.16 -26.52
N SER Y 7 -51.53 -43.64 -26.10
CA SER Y 7 -51.61 -44.84 -25.27
C SER Y 7 -51.33 -46.09 -26.10
N ASP Y 8 -50.05 -46.44 -26.24
CA ASP Y 8 -49.64 -47.67 -26.92
C ASP Y 8 -48.32 -48.10 -26.30
N GLY Y 9 -48.40 -49.03 -25.35
CA GLY Y 9 -47.20 -49.47 -24.64
C GLY Y 9 -46.80 -48.54 -23.52
N PHE Y 10 -45.80 -47.71 -23.77
CA PHE Y 10 -45.36 -46.74 -22.78
C PHE Y 10 -46.48 -45.75 -22.46
N VAL Y 11 -46.60 -45.41 -21.17
CA VAL Y 11 -47.73 -44.68 -20.60
C VAL Y 11 -48.97 -45.56 -20.58
N ARG Y 12 -49.50 -45.82 -19.39
CA ARG Y 12 -50.72 -46.58 -19.20
C ARG Y 12 -51.74 -45.71 -18.48
N LEU Y 13 -52.93 -45.61 -19.06
CA LEU Y 13 -53.96 -44.69 -18.58
C LEU Y 13 -55.01 -45.45 -17.77
N CYS Y 14 -55.71 -44.70 -16.91
CA CYS Y 14 -56.77 -45.28 -16.07
C CYS Y 14 -57.68 -44.15 -15.62
N ILE Y 15 -58.98 -44.31 -15.84
CA ILE Y 15 -59.95 -43.25 -15.58
C ILE Y 15 -60.82 -43.63 -14.39
N ASP Y 16 -60.27 -44.40 -13.46
CA ASP Y 16 -61.04 -44.82 -12.29
C ASP Y 16 -61.41 -43.61 -11.44
N PRO Y 17 -62.69 -43.39 -11.16
CA PRO Y 17 -63.10 -42.22 -10.35
C PRO Y 17 -63.04 -42.43 -8.84
N SER Y 18 -62.40 -43.49 -8.36
CA SER Y 18 -62.25 -43.75 -6.93
C SER Y 18 -60.83 -44.25 -6.71
N LEU Y 19 -59.93 -43.35 -6.36
CA LEU Y 19 -58.51 -43.67 -6.27
C LEU Y 19 -57.90 -43.00 -5.04
N ASN Y 20 -57.04 -43.73 -4.36
CA ASN Y 20 -56.25 -43.17 -3.27
C ASN Y 20 -55.07 -42.39 -3.85
N PHE Y 21 -54.34 -41.68 -2.99
CA PHE Y 21 -53.23 -40.85 -3.44
C PHE Y 21 -51.87 -41.36 -2.96
N PHE Y 22 -51.69 -41.49 -1.64
CA PHE Y 22 -50.41 -41.90 -1.09
C PHE Y 22 -50.64 -42.46 0.31
N GLY Y 23 -49.62 -43.13 0.83
CA GLY Y 23 -49.73 -43.72 2.16
C GLY Y 23 -49.74 -42.71 3.28
N GLU Y 24 -49.15 -41.54 3.05
CA GLU Y 24 -49.13 -40.44 4.02
C GLU Y 24 -48.61 -40.88 5.38
N GLY Y 25 -49.25 -40.42 6.44
CA GLY Y 25 -48.79 -40.73 7.79
C GLY Y 25 -49.83 -40.32 8.81
N CYS Y 26 -49.39 -40.25 10.07
CA CYS Y 26 -50.24 -39.84 11.17
C CYS Y 26 -51.48 -40.74 11.29
N LYS Y 27 -51.22 -42.01 11.57
CA LYS Y 27 -52.27 -43.02 11.56
C LYS Y 27 -53.26 -42.79 12.71
N ILE Y 28 -54.54 -42.99 12.41
CA ILE Y 28 -55.63 -42.83 13.35
C ILE Y 28 -56.45 -44.12 13.38
N LEU Y 29 -56.82 -44.54 14.60
CA LEU Y 29 -57.62 -45.75 14.79
C LEU Y 29 -59.00 -45.37 15.27
N VAL Y 30 -60.03 -45.91 14.60
CA VAL Y 30 -61.42 -45.72 14.97
C VAL Y 30 -62.04 -47.08 15.27
N GLU Y 31 -62.75 -47.16 16.40
CA GLU Y 31 -63.37 -48.40 16.84
C GLU Y 31 -64.86 -48.20 16.95
N GLY Y 32 -65.63 -49.07 16.30
CA GLY Y 32 -67.08 -48.97 16.35
C GLY Y 32 -67.72 -50.27 15.92
N GLN Y 33 -68.99 -50.42 16.29
CA GLN Y 33 -69.72 -51.64 15.97
C GLN Y 33 -69.99 -51.72 14.46
N MET Y 34 -69.99 -52.94 13.93
CA MET Y 34 -70.27 -53.18 12.53
C MET Y 34 -71.51 -54.06 12.38
N THR Y 35 -72.23 -53.85 11.29
CA THR Y 35 -73.40 -54.67 11.01
C THR Y 35 -72.98 -56.02 10.42
N ASP Y 36 -73.91 -56.98 10.45
CA ASP Y 36 -73.64 -58.30 9.92
C ASP Y 36 -73.41 -58.29 8.42
N ASP Y 37 -73.93 -57.27 7.71
CA ASP Y 37 -73.76 -57.21 6.27
C ASP Y 37 -72.31 -57.00 5.85
N GLY Y 38 -71.47 -56.44 6.72
CA GLY Y 38 -70.10 -56.19 6.38
C GLY Y 38 -69.29 -57.47 6.26
N SER Y 39 -68.15 -57.35 5.58
CA SER Y 39 -67.27 -58.48 5.34
C SER Y 39 -65.99 -58.46 6.16
N ALA Y 40 -65.70 -57.35 6.84
CA ALA Y 40 -64.46 -57.26 7.61
C ALA Y 40 -64.47 -58.24 8.78
N THR Y 41 -63.33 -58.82 9.05
CA THR Y 41 -63.22 -59.79 10.14
C THR Y 41 -63.37 -59.08 11.48
N PRO Y 42 -64.25 -59.55 12.36
CA PRO Y 42 -64.37 -58.93 13.69
C PRO Y 42 -63.08 -59.06 14.47
N ASP Y 43 -62.83 -58.06 15.33
CA ASP Y 43 -61.65 -58.03 16.20
C ASP Y 43 -60.35 -58.02 15.40
N ALA Y 44 -60.36 -57.34 14.25
CA ALA Y 44 -59.21 -57.26 13.37
C ALA Y 44 -59.03 -55.83 12.89
N VAL Y 45 -57.83 -55.29 13.05
CA VAL Y 45 -57.52 -53.93 12.62
C VAL Y 45 -57.01 -53.96 11.19
N THR Y 46 -57.58 -53.11 10.35
CA THR Y 46 -57.22 -53.03 8.94
C THR Y 46 -57.16 -51.56 8.51
N CYS Y 47 -56.48 -51.32 7.40
CA CYS Y 47 -56.36 -49.98 6.83
C CYS Y 47 -57.48 -49.74 5.83
N VAL Y 48 -58.02 -48.52 5.85
CA VAL Y 48 -59.08 -48.10 4.94
C VAL Y 48 -58.52 -47.00 4.05
N THR Y 49 -58.71 -47.15 2.73
CA THR Y 49 -58.09 -46.27 1.76
C THR Y 49 -59.04 -45.25 1.15
N SER Y 50 -60.32 -45.59 1.00
CA SER Y 50 -61.27 -44.69 0.34
C SER Y 50 -62.66 -44.92 0.91
N GLU Y 51 -63.58 -44.04 0.52
CA GLU Y 51 -64.95 -44.10 1.02
C GLU Y 51 -65.86 -44.98 0.17
N LEU Y 52 -65.39 -45.47 -0.97
CA LEU Y 52 -66.26 -46.29 -1.84
C LEU Y 52 -66.44 -47.69 -1.27
N ASP Y 53 -65.39 -48.29 -0.73
CA ASP Y 53 -65.41 -49.66 -0.26
C ASP Y 53 -65.79 -49.80 1.21
N ILE Y 54 -66.11 -48.71 1.89
CA ILE Y 54 -66.52 -48.80 3.30
C ILE Y 54 -67.88 -49.47 3.41
N ILE Y 55 -68.78 -49.16 2.48
CA ILE Y 55 -70.17 -49.59 2.60
C ILE Y 55 -70.29 -51.12 2.56
N GLU Y 56 -69.39 -51.78 1.83
CA GLU Y 56 -69.41 -53.23 1.76
C GLU Y 56 -68.63 -53.89 2.88
N ARG Y 57 -67.52 -53.28 3.31
CA ARG Y 57 -66.69 -53.90 4.35
C ARG Y 57 -67.30 -53.75 5.74
N PHE Y 58 -68.00 -52.64 6.01
CA PHE Y 58 -68.57 -52.39 7.33
C PHE Y 58 -70.08 -52.24 7.30
N GLY Y 59 -70.74 -52.64 6.22
CA GLY Y 59 -72.19 -52.60 6.17
C GLY Y 59 -72.73 -51.24 5.80
N GLN Y 60 -74.06 -51.17 5.71
CA GLN Y 60 -74.78 -49.96 5.36
C GLN Y 60 -75.54 -49.46 6.57
N GLY Y 61 -75.28 -48.21 6.96
CA GLY Y 61 -75.93 -47.61 8.09
C GLY Y 61 -75.32 -47.95 9.44
N SER Y 62 -74.22 -48.70 9.47
CA SER Y 62 -73.58 -49.03 10.73
C SER Y 62 -72.91 -47.79 11.32
N VAL Y 63 -72.74 -47.83 12.65
CA VAL Y 63 -72.13 -46.71 13.36
C VAL Y 63 -70.69 -46.49 12.90
N LEU Y 64 -69.93 -47.57 12.71
CA LEU Y 64 -68.55 -47.43 12.27
C LEU Y 64 -68.47 -46.85 10.87
N THR Y 65 -69.39 -47.26 9.99
CA THR Y 65 -69.40 -46.71 8.63
C THR Y 65 -69.62 -45.21 8.64
N GLU Y 66 -70.59 -44.73 9.42
CA GLU Y 66 -70.85 -43.30 9.47
C GLU Y 66 -69.67 -42.56 10.10
N SER Y 67 -69.08 -43.12 11.17
CA SER Y 67 -67.93 -42.47 11.79
C SER Y 67 -66.78 -42.33 10.80
N LEU Y 68 -66.48 -43.41 10.06
CA LEU Y 68 -65.37 -43.38 9.11
C LEU Y 68 -65.66 -42.44 7.95
N ARG Y 69 -66.91 -42.40 7.49
CA ARG Y 69 -67.29 -41.45 6.44
C ARG Y 69 -67.10 -40.01 6.90
N LYS Y 70 -67.50 -39.71 8.13
CA LYS Y 70 -67.29 -38.37 8.66
C LYS Y 70 -65.81 -38.06 8.83
N VAL Y 71 -65.00 -39.07 9.19
CA VAL Y 71 -63.56 -38.86 9.29
C VAL Y 71 -62.98 -38.49 7.94
N PHE Y 72 -63.37 -39.20 6.87
CA PHE Y 72 -62.92 -38.83 5.54
C PHE Y 72 -63.46 -37.47 5.11
N CYS Y 73 -64.67 -37.11 5.54
CA CYS Y 73 -65.19 -35.78 5.21
C CYS Y 73 -64.33 -34.70 5.83
N THR Y 74 -64.05 -34.83 7.14
CA THR Y 74 -63.25 -33.82 7.83
C THR Y 74 -61.84 -33.74 7.26
N CYS Y 75 -61.22 -34.88 6.99
CA CYS Y 75 -59.82 -34.94 6.56
C CYS Y 75 -59.74 -35.31 5.08
N LYS Y 76 -59.30 -34.35 4.27
CA LYS Y 76 -59.03 -34.63 2.88
C LYS Y 76 -57.67 -35.31 2.69
N SER Y 77 -56.70 -35.01 3.54
CA SER Y 77 -55.38 -35.61 3.45
C SER Y 77 -54.67 -35.45 4.79
N GLY Y 78 -53.58 -36.21 4.96
CA GLY Y 78 -52.72 -36.09 6.11
C GLY Y 78 -52.79 -37.22 7.12
N VAL Y 79 -53.76 -38.12 7.00
CA VAL Y 79 -53.86 -39.26 7.90
C VAL Y 79 -54.07 -40.55 7.12
N SER Y 80 -53.73 -41.65 7.76
CA SER Y 80 -53.98 -43.00 7.24
C SER Y 80 -54.82 -43.71 8.29
N VAL Y 81 -56.14 -43.78 8.06
CA VAL Y 81 -57.07 -44.25 9.07
C VAL Y 81 -56.93 -45.75 9.26
N TYR Y 82 -57.23 -46.22 10.47
CA TYR Y 82 -57.30 -47.64 10.78
C TYR Y 82 -58.62 -47.92 11.48
N ALA Y 83 -59.25 -49.03 11.11
CA ALA Y 83 -60.57 -49.37 11.61
C ALA Y 83 -60.51 -50.66 12.41
N LEU Y 84 -61.33 -50.74 13.46
CA LEU Y 84 -61.41 -51.91 14.32
C LEU Y 84 -62.87 -52.31 14.40
N PRO Y 85 -63.38 -53.03 13.40
CA PRO Y 85 -64.78 -53.45 13.42
C PRO Y 85 -65.09 -54.37 14.59
N ARG Y 86 -66.29 -54.22 15.13
CA ARG Y 86 -66.75 -55.01 16.26
C ARG Y 86 -68.11 -55.59 15.90
N GLU Y 87 -68.29 -56.88 16.09
CA GLU Y 87 -69.57 -57.51 15.83
C GLU Y 87 -70.55 -57.20 16.96
N ASP Y 88 -71.83 -57.19 16.62
CA ASP Y 88 -72.87 -56.86 17.58
C ASP Y 88 -72.93 -57.90 18.69
N ALA Y 89 -73.48 -57.50 19.84
CA ALA Y 89 -73.58 -58.39 20.98
C ALA Y 89 -74.49 -59.57 20.68
N ALA Y 90 -74.13 -60.73 21.24
CA ALA Y 90 -74.97 -61.91 21.10
C ALA Y 90 -76.33 -61.69 21.75
N ALA Y 91 -76.33 -61.20 22.99
CA ALA Y 91 -77.56 -60.81 23.68
C ALA Y 91 -77.84 -59.33 23.50
N GLY Y 92 -77.85 -58.88 22.24
CA GLY Y 92 -78.00 -57.47 21.96
C GLY Y 92 -79.43 -57.04 21.69
N VAL Y 93 -80.00 -56.27 22.63
CA VAL Y 93 -81.35 -55.74 22.45
C VAL Y 93 -81.31 -54.62 21.43
N LYS Y 94 -82.24 -54.64 20.49
CA LYS Y 94 -82.29 -53.63 19.44
C LYS Y 94 -82.99 -52.37 19.94
N ALA Y 95 -82.59 -51.23 19.40
CA ALA Y 95 -83.22 -49.96 19.74
C ALA Y 95 -84.53 -49.83 18.97
N VAL Y 96 -85.59 -49.44 19.68
CA VAL Y 96 -86.94 -49.36 19.12
C VAL Y 96 -87.42 -47.93 19.18
N TYR Y 97 -87.79 -47.37 18.03
CA TYR Y 97 -88.41 -46.06 17.95
C TYR Y 97 -89.83 -46.18 17.40
N THR Y 98 -90.63 -45.15 17.65
CA THR Y 98 -92.00 -45.10 17.17
C THR Y 98 -92.36 -43.65 16.86
N LEU Y 99 -92.75 -43.40 15.60
CA LEU Y 99 -93.10 -42.07 15.14
C LEU Y 99 -94.58 -42.04 14.77
N THR Y 100 -95.29 -41.03 15.28
CA THR Y 100 -96.71 -40.86 15.02
C THR Y 100 -96.92 -39.72 14.04
N ILE Y 101 -97.67 -39.99 12.98
CA ILE Y 101 -97.93 -38.99 11.95
C ILE Y 101 -99.42 -38.66 11.89
N ILE Y 158 -94.84 -44.38 11.68
CA ILE Y 158 -93.66 -45.10 11.19
C ILE Y 158 -92.86 -45.64 12.38
N THR Y 159 -92.66 -46.95 12.39
CA THR Y 159 -91.86 -47.61 13.41
C THR Y 159 -90.41 -47.68 12.92
N LEU Y 160 -89.49 -47.11 13.70
CA LEU Y 160 -88.08 -47.06 13.35
C LEU Y 160 -87.28 -47.92 14.32
N THR Y 161 -86.28 -48.62 13.77
CA THR Y 161 -85.36 -49.43 14.57
C THR Y 161 -83.94 -49.16 14.11
N ALA Y 162 -83.02 -49.11 15.06
CA ALA Y 162 -81.62 -48.92 14.73
C ALA Y 162 -81.07 -50.15 14.00
N ARG Y 163 -79.97 -49.93 13.28
CA ARG Y 163 -79.36 -51.02 12.52
C ARG Y 163 -78.32 -51.78 13.31
N ASN Y 164 -78.02 -51.36 14.53
CA ASN Y 164 -77.07 -52.05 15.40
C ASN Y 164 -77.66 -52.16 16.79
N ALA Y 165 -77.59 -53.36 17.38
CA ALA Y 165 -78.12 -53.58 18.71
C ALA Y 165 -77.25 -52.92 19.77
N GLY Y 166 -77.88 -52.43 20.83
CA GLY Y 166 -77.20 -51.80 21.94
C GLY Y 166 -77.83 -50.47 22.28
N THR Y 167 -77.14 -49.71 23.12
CA THR Y 167 -77.60 -48.38 23.51
C THR Y 167 -77.20 -47.30 22.53
N ILE Y 168 -76.45 -47.64 21.47
CA ILE Y 168 -75.99 -46.64 20.51
C ILE Y 168 -77.10 -46.12 19.63
N GLY Y 169 -78.27 -46.77 19.61
CA GLY Y 169 -79.39 -46.31 18.83
C GLY Y 169 -80.39 -45.45 19.58
N ASN Y 170 -80.13 -45.15 20.85
CA ASN Y 170 -81.06 -44.38 21.67
C ASN Y 170 -80.76 -42.89 21.67
N HIS Y 171 -79.74 -42.45 20.94
CA HIS Y 171 -79.33 -41.05 20.93
C HIS Y 171 -79.71 -40.35 19.63
N LEU Y 172 -80.87 -40.69 19.08
CA LEU Y 172 -81.40 -40.05 17.88
C LEU Y 172 -82.68 -39.31 18.25
N SER Y 173 -82.80 -38.07 17.80
CA SER Y 173 -83.99 -37.26 18.05
C SER Y 173 -84.22 -36.24 16.94
N ALA Y 199 -86.06 -49.59 23.62
CA ALA Y 199 -84.67 -49.16 23.52
C ALA Y 199 -83.73 -50.32 23.83
N GLY Y 200 -82.64 -50.41 23.06
CA GLY Y 200 -81.69 -51.47 23.24
C GLY Y 200 -80.77 -51.26 24.43
N SER Y 201 -80.08 -52.34 24.81
CA SER Y 201 -79.15 -52.30 25.93
C SER Y 201 -78.13 -53.42 25.74
N VAL Y 202 -77.18 -53.48 26.68
CA VAL Y 202 -76.12 -54.49 26.73
C VAL Y 202 -75.19 -54.32 25.53
N ASN Y 203 -73.98 -53.83 25.77
CA ASN Y 203 -72.99 -53.62 24.73
C ASN Y 203 -71.84 -54.62 24.87
N PRO Y 204 -71.22 -55.04 23.77
CA PRO Y 204 -70.16 -56.05 23.85
C PRO Y 204 -68.93 -55.50 24.54
N THR Y 205 -68.44 -56.22 25.55
CA THR Y 205 -67.25 -55.83 26.29
C THR Y 205 -66.09 -56.74 25.90
N PRO Y 206 -65.34 -56.42 24.85
CA PRO Y 206 -64.31 -57.36 24.37
C PRO Y 206 -63.07 -57.42 25.26
N ASN Y 207 -62.57 -56.25 25.68
CA ASN Y 207 -61.36 -56.17 26.51
C ASN Y 207 -60.22 -56.99 25.92
N ASP Y 208 -59.94 -56.75 24.62
CA ASP Y 208 -58.95 -57.54 23.90
C ASP Y 208 -57.93 -56.66 23.19
N TYR Y 209 -57.66 -55.46 23.70
CA TYR Y 209 -56.68 -54.59 23.06
C TYR Y 209 -55.28 -55.18 23.12
N ALA Y 210 -54.96 -55.93 24.17
CA ALA Y 210 -53.60 -56.45 24.34
C ALA Y 210 -53.19 -57.35 23.19
N THR Y 211 -54.13 -58.01 22.54
CA THR Y 211 -53.82 -58.96 21.46
C THR Y 211 -54.12 -58.40 20.08
N VAL Y 212 -55.28 -57.75 19.90
CA VAL Y 212 -55.63 -57.22 18.58
C VAL Y 212 -54.65 -56.12 18.17
N VAL Y 213 -54.33 -55.22 19.10
CA VAL Y 213 -53.36 -54.15 18.87
C VAL Y 213 -52.25 -54.31 19.91
N ASN Y 214 -51.22 -55.06 19.54
CA ASN Y 214 -50.17 -55.41 20.48
C ASN Y 214 -49.06 -54.35 20.52
N GLU Y 215 -48.42 -54.10 19.39
CA GLU Y 215 -47.34 -53.12 19.31
C GLU Y 215 -47.59 -52.02 18.31
N CYS Y 216 -48.76 -51.98 17.66
CA CYS Y 216 -49.09 -50.87 16.79
C CYS Y 216 -49.22 -49.59 17.60
N CYS Y 217 -48.67 -48.50 17.05
CA CYS Y 217 -48.67 -47.21 17.72
C CYS Y 217 -49.57 -46.26 16.96
N PHE Y 218 -50.71 -45.91 17.57
CA PHE Y 218 -51.68 -45.02 16.96
C PHE Y 218 -51.68 -43.68 17.69
N ALA Y 219 -51.66 -42.60 16.93
CA ALA Y 219 -51.66 -41.28 17.54
C ALA Y 219 -52.99 -40.96 18.19
N VAL Y 220 -54.09 -41.29 17.53
CA VAL Y 220 -55.43 -40.95 18.01
C VAL Y 220 -56.28 -42.21 18.02
N TYR Y 221 -56.96 -42.44 19.14
CA TYR Y 221 -57.91 -43.53 19.28
C TYR Y 221 -59.32 -42.96 19.36
N VAL Y 222 -60.23 -43.49 18.56
CA VAL Y 222 -61.61 -43.01 18.48
C VAL Y 222 -62.55 -44.13 18.90
N LEU Y 223 -63.39 -43.85 19.89
CA LEU Y 223 -64.41 -44.78 20.36
C LEU Y 223 -65.79 -44.21 20.02
N SER Y 224 -66.66 -45.06 19.47
CA SER Y 224 -67.92 -44.63 18.88
C SER Y 224 -69.14 -45.03 19.70
N SER Y 225 -69.02 -44.98 21.03
CA SER Y 225 -70.17 -45.29 21.87
C SER Y 225 -70.01 -44.62 23.23
N ASP Y 226 -71.12 -44.55 23.96
CA ASP Y 226 -71.16 -43.95 25.29
C ASP Y 226 -71.05 -44.98 26.41
N ASP Y 227 -70.84 -46.25 26.08
CA ASP Y 227 -70.69 -47.27 27.11
C ASP Y 227 -69.46 -46.98 27.97
N THR Y 228 -69.69 -46.78 29.26
CA THR Y 228 -68.60 -46.40 30.16
C THR Y 228 -67.55 -47.51 30.28
N ASP Y 229 -67.95 -48.77 30.12
CA ASP Y 229 -67.00 -49.87 30.23
C ASP Y 229 -65.97 -49.84 29.10
N TRP Y 230 -66.42 -49.56 27.87
CA TRP Y 230 -65.47 -49.42 26.77
C TRP Y 230 -64.49 -48.29 27.02
N GLN Y 231 -65.01 -47.14 27.49
CA GLN Y 231 -64.14 -46.01 27.77
C GLN Y 231 -63.11 -46.35 28.85
N GLU Y 232 -63.55 -47.04 29.90
CA GLU Y 232 -62.63 -47.44 30.96
C GLU Y 232 -61.57 -48.39 30.44
N ASN Y 233 -61.96 -49.38 29.63
CA ASN Y 233 -60.98 -50.34 29.10
C ASN Y 233 -59.99 -49.65 28.17
N LEU Y 234 -60.48 -48.78 27.28
CA LEU Y 234 -59.60 -48.06 26.37
C LEU Y 234 -58.64 -47.16 27.13
N ARG Y 235 -59.14 -46.46 28.16
CA ARG Y 235 -58.28 -45.64 28.99
C ARG Y 235 -57.21 -46.48 29.68
N ASP Y 236 -57.61 -47.64 30.21
CA ASP Y 236 -56.63 -48.50 30.89
C ASP Y 236 -55.56 -48.97 29.93
N TRP Y 237 -55.94 -49.37 28.71
CA TRP Y 237 -54.94 -49.83 27.76
C TRP Y 237 -54.02 -48.70 27.32
N ILE Y 238 -54.58 -47.50 27.11
CA ILE Y 238 -53.76 -46.36 26.71
C ILE Y 238 -52.79 -45.99 27.82
N ARG Y 239 -53.24 -46.04 29.08
CA ARG Y 239 -52.34 -45.83 30.20
C ARG Y 239 -51.24 -46.87 30.23
N SER Y 240 -51.59 -48.13 29.97
CA SER Y 240 -50.58 -49.18 29.88
C SER Y 240 -49.61 -48.95 28.72
N ALA Y 241 -50.04 -48.21 27.69
CA ALA Y 241 -49.16 -47.94 26.55
C ALA Y 241 -48.04 -46.97 26.93
N TRP Y 242 -48.28 -46.08 27.89
CA TRP Y 242 -47.27 -45.13 28.35
C TRP Y 242 -46.50 -45.64 29.55
N ASP Y 243 -46.71 -46.89 29.95
CA ASP Y 243 -46.04 -47.41 31.14
C ASP Y 243 -44.54 -47.45 30.94
N CYS Y 244 -43.81 -47.16 32.03
CA CYS Y 244 -42.36 -47.02 31.95
C CYS Y 244 -41.63 -48.35 31.80
N SER Y 245 -42.25 -49.46 32.22
CA SER Y 245 -41.56 -50.74 32.19
C SER Y 245 -41.21 -51.15 30.76
N LYS Y 246 -42.22 -51.37 29.93
CA LYS Y 246 -41.99 -51.67 28.53
C LYS Y 246 -41.77 -50.40 27.74
N PRO Y 247 -41.15 -50.50 26.56
CA PRO Y 247 -40.99 -49.31 25.71
C PRO Y 247 -42.33 -48.64 25.44
N GLN Y 248 -42.35 -47.31 25.55
CA GLN Y 248 -43.59 -46.57 25.45
C GLN Y 248 -44.12 -46.58 24.02
N CYS Y 249 -45.45 -46.54 23.91
CA CYS Y 249 -46.13 -46.41 22.62
C CYS Y 249 -47.25 -45.39 22.85
N PHE Y 250 -46.94 -44.12 22.61
CA PHE Y 250 -47.82 -43.04 23.01
C PHE Y 250 -49.07 -42.99 22.14
N GLY Y 251 -50.09 -42.34 22.68
CA GLY Y 251 -51.36 -42.18 21.97
C GLY Y 251 -52.33 -41.39 22.80
N HIS Y 252 -53.49 -41.12 22.20
CA HIS Y 252 -54.54 -40.38 22.89
C HIS Y 252 -55.89 -40.87 22.38
N GLY Y 253 -56.91 -40.71 23.22
CA GLY Y 253 -58.25 -41.17 22.88
C GLY Y 253 -59.28 -40.09 23.05
N TYR Y 254 -60.35 -40.20 22.26
CA TYR Y 254 -61.47 -39.26 22.29
C TYR Y 254 -62.76 -40.04 22.49
N VAL Y 255 -63.52 -39.65 23.52
CA VAL Y 255 -64.80 -40.27 23.82
C VAL Y 255 -65.81 -39.17 24.10
N PHE Y 256 -67.09 -39.52 24.02
CA PHE Y 256 -68.17 -38.58 24.26
C PHE Y 256 -69.03 -39.06 25.42
N ASN Y 257 -69.70 -38.11 26.06
CA ASN Y 257 -70.61 -38.39 27.18
C ASN Y 257 -71.83 -37.48 27.03
N LYS Y 258 -72.94 -38.04 26.55
CA LYS Y 258 -74.15 -37.29 26.30
C LYS Y 258 -75.17 -37.57 27.40
N GLY Y 259 -75.78 -36.51 27.92
CA GLY Y 259 -76.77 -36.66 28.96
C GLY Y 259 -76.96 -35.36 29.71
N THR Y 260 -77.53 -35.47 30.91
CA THR Y 260 -77.77 -34.33 31.76
C THR Y 260 -76.48 -33.92 32.48
N LEU Y 261 -76.56 -32.81 33.22
CA LEU Y 261 -75.40 -32.31 33.94
C LEU Y 261 -74.91 -33.32 34.98
N GLY Y 262 -75.83 -33.91 35.74
CA GLY Y 262 -75.43 -34.88 36.75
C GLY Y 262 -74.78 -36.12 36.15
N GLN Y 263 -75.33 -36.60 35.02
CA GLN Y 263 -74.81 -37.81 34.41
C GLN Y 263 -73.41 -37.60 33.84
N VAL Y 264 -73.19 -36.48 33.15
CA VAL Y 264 -71.93 -36.26 32.47
C VAL Y 264 -70.79 -36.06 33.47
N LEU Y 265 -71.07 -35.37 34.58
CA LEU Y 265 -70.02 -35.13 35.58
C LEU Y 265 -69.55 -36.43 36.21
N ALA Y 266 -70.48 -37.35 36.48
CA ALA Y 266 -70.12 -38.60 37.13
C ALA Y 266 -69.20 -39.46 36.26
N ASP Y 267 -69.27 -39.28 34.94
CA ASP Y 267 -68.41 -40.06 34.04
C ASP Y 267 -66.97 -39.58 34.06
N GLY Y 268 -66.72 -38.36 34.50
CA GLY Y 268 -65.38 -37.78 34.49
C GLY Y 268 -64.34 -38.59 35.24
N ASP Y 269 -63.20 -38.81 34.60
CA ASP Y 269 -62.09 -39.56 35.20
C ASP Y 269 -60.84 -38.69 35.17
N ASN Y 270 -60.04 -38.80 36.24
CA ASN Y 270 -58.84 -37.98 36.36
C ASN Y 270 -57.82 -38.26 35.27
N SER Y 271 -57.92 -39.42 34.62
CA SER Y 271 -56.94 -39.79 33.60
C SER Y 271 -56.98 -38.84 32.42
N ALA Y 272 -55.81 -38.35 32.02
CA ALA Y 272 -55.68 -37.44 30.88
C ALA Y 272 -55.51 -38.18 29.56
N GLU Y 273 -55.55 -39.51 29.57
CA GLU Y 273 -55.45 -40.29 28.35
C GLU Y 273 -56.70 -40.23 27.49
N LEU Y 274 -57.77 -39.62 27.99
CA LEU Y 274 -59.01 -39.46 27.24
C LEU Y 274 -59.47 -38.01 27.30
N SER Y 275 -60.18 -37.59 26.27
CA SER Y 275 -60.77 -36.25 26.20
C SER Y 275 -62.29 -36.42 26.09
N ARG Y 276 -62.98 -36.14 27.19
CA ARG Y 276 -64.42 -36.34 27.26
C ARG Y 276 -65.12 -35.18 26.56
N LEU Y 277 -65.74 -35.47 25.42
CA LEU Y 277 -66.52 -34.47 24.69
C LEU Y 277 -67.94 -34.48 25.23
N ALA Y 278 -68.29 -33.46 26.01
CA ALA Y 278 -69.61 -33.39 26.62
C ALA Y 278 -70.65 -32.91 25.62
N LEU Y 279 -71.81 -33.55 25.63
CA LEU Y 279 -72.89 -33.22 24.73
C LEU Y 279 -74.19 -33.06 25.50
N PRO Y 280 -75.08 -32.17 25.05
CA PRO Y 280 -76.32 -31.94 25.78
C PRO Y 280 -77.33 -33.04 25.53
N THR Y 281 -78.37 -33.06 26.38
CA THR Y 281 -79.42 -34.06 26.25
C THR Y 281 -80.22 -33.85 24.96
N THR Y 282 -80.44 -32.59 24.58
CA THR Y 282 -81.25 -32.25 23.41
C THR Y 282 -80.36 -32.00 22.19
N TYR Y 283 -79.28 -32.77 22.07
CA TYR Y 283 -78.36 -32.62 20.95
C TYR Y 283 -78.93 -33.33 19.73
N PRO Y 284 -79.20 -32.62 18.64
CA PRO Y 284 -79.85 -33.26 17.48
C PRO Y 284 -78.97 -34.28 16.76
N VAL Y 285 -77.73 -33.89 16.44
CA VAL Y 285 -76.85 -34.76 15.66
C VAL Y 285 -76.47 -35.98 16.49
N LEU Y 286 -76.27 -37.11 15.81
CA LEU Y 286 -75.82 -38.32 16.49
C LEU Y 286 -74.46 -38.09 17.12
N PRO Y 287 -74.25 -38.53 18.36
CA PRO Y 287 -73.01 -38.15 19.08
C PRO Y 287 -71.75 -38.73 18.48
N TYR Y 288 -71.78 -40.01 18.07
CA TYR Y 288 -70.57 -40.65 17.56
C TYR Y 288 -70.05 -39.94 16.31
N LEU Y 289 -70.96 -39.42 15.48
CA LEU Y 289 -70.54 -38.68 14.29
C LEU Y 289 -69.72 -37.45 14.68
N THR Y 290 -70.20 -36.68 15.65
CA THR Y 290 -69.48 -35.51 16.12
C THR Y 290 -68.15 -35.90 16.74
N ASN Y 291 -68.13 -36.98 17.54
CA ASN Y 291 -66.88 -37.41 18.17
C ASN Y 291 -65.85 -37.81 17.12
N ALA Y 292 -66.27 -38.57 16.10
CA ALA Y 292 -65.35 -38.97 15.04
C ALA Y 292 -64.85 -37.76 14.27
N ALA Y 293 -65.73 -36.80 13.98
CA ALA Y 293 -65.30 -35.60 13.28
C ALA Y 293 -64.28 -34.83 14.09
N TYR Y 294 -64.51 -34.70 15.41
CA TYR Y 294 -63.57 -33.99 16.27
C TYR Y 294 -62.22 -34.70 16.32
N GLY Y 295 -62.23 -36.03 16.45
CA GLY Y 295 -60.98 -36.76 16.49
C GLY Y 295 -60.20 -36.63 15.19
N ALA Y 296 -60.90 -36.75 14.06
CA ALA Y 296 -60.24 -36.59 12.76
C ALA Y 296 -59.67 -35.19 12.60
N LEU Y 297 -60.43 -34.17 13.01
CA LEU Y 297 -59.94 -32.81 12.91
C LEU Y 297 -58.70 -32.60 13.76
N SER Y 298 -58.71 -33.13 14.99
CA SER Y 298 -57.55 -33.00 15.87
C SER Y 298 -56.33 -33.65 15.24
N ALA Y 299 -56.48 -34.90 14.77
CA ALA Y 299 -55.35 -35.62 14.21
C ALA Y 299 -54.80 -34.92 12.97
N CYS Y 300 -55.69 -34.50 12.07
CA CYS Y 300 -55.25 -33.90 10.82
C CYS Y 300 -54.65 -32.52 11.04
N SER Y 301 -55.17 -31.77 12.01
CA SER Y 301 -54.55 -30.49 12.37
C SER Y 301 -53.15 -30.71 12.90
N THR Y 302 -53.01 -31.49 13.97
CA THR Y 302 -51.69 -31.67 14.58
C THR Y 302 -50.71 -32.37 13.64
N CYS Y 303 -50.95 -33.66 13.35
CA CYS Y 303 -50.03 -34.48 12.57
C CYS Y 303 -48.57 -34.16 12.84
N ASN Y 304 -47.97 -33.36 11.97
CA ASN Y 304 -46.57 -32.94 12.11
C ASN Y 304 -46.41 -31.62 12.86
N ASN Y 305 -47.50 -31.06 13.37
CA ASN Y 305 -47.48 -29.81 14.13
C ASN Y 305 -48.19 -30.06 15.46
N PRO Y 306 -47.54 -30.76 16.39
CA PRO Y 306 -48.23 -31.17 17.61
C PRO Y 306 -48.32 -30.06 18.66
N GLU Y 307 -48.66 -28.85 18.22
CA GLU Y 307 -48.83 -27.73 19.13
C GLU Y 307 -50.11 -26.94 18.89
N LEU Y 308 -50.70 -27.02 17.70
CA LEU Y 308 -51.90 -26.25 17.41
C LEU Y 308 -53.06 -26.72 18.27
N ASN Y 309 -53.81 -25.77 18.82
CA ASN Y 309 -54.94 -26.06 19.69
C ASN Y 309 -56.23 -25.98 18.90
N ILE Y 310 -57.05 -27.02 18.98
CA ILE Y 310 -58.36 -27.03 18.33
C ILE Y 310 -59.27 -26.11 19.13
N GLN Y 311 -59.43 -24.88 18.65
CA GLN Y 311 -60.10 -23.85 19.44
C GLN Y 311 -60.55 -22.73 18.52
N GLY Y 312 -61.70 -22.14 18.83
CA GLY Y 312 -62.19 -21.00 18.08
C GLY Y 312 -62.89 -21.39 16.79
N GLN Y 313 -63.37 -20.35 16.10
CA GLN Y 313 -64.10 -20.52 14.85
C GLN Y 313 -63.20 -20.75 13.65
N THR Y 314 -61.88 -20.63 13.81
CA THR Y 314 -60.95 -20.79 12.70
C THR Y 314 -60.20 -22.11 12.74
N PHE Y 315 -59.75 -22.54 13.91
CA PHE Y 315 -58.98 -23.77 14.05
C PHE Y 315 -59.81 -24.96 14.49
N GLY Y 316 -60.95 -24.72 15.15
CA GLY Y 316 -61.77 -25.80 15.64
C GLY Y 316 -63.18 -25.83 15.08
N LEU Y 317 -63.32 -25.57 13.79
CA LEU Y 317 -64.62 -25.54 13.13
C LEU Y 317 -64.85 -26.87 12.42
N LEU Y 318 -65.95 -27.53 12.76
CA LEU Y 318 -66.35 -28.80 12.14
C LEU Y 318 -67.22 -28.48 10.94
N SER Y 319 -66.60 -28.34 9.77
CA SER Y 319 -67.34 -27.93 8.58
C SER Y 319 -68.25 -29.02 8.06
N CYS Y 320 -67.97 -30.29 8.41
CA CYS Y 320 -68.82 -31.38 7.93
C CYS Y 320 -70.15 -31.42 8.68
N ILE Y 321 -70.12 -31.19 9.98
CA ILE Y 321 -71.33 -31.33 10.78
C ILE Y 321 -72.24 -30.14 10.53
N ASN Y 322 -73.50 -30.41 10.20
CA ASN Y 322 -74.51 -29.39 10.02
C ASN Y 322 -75.71 -29.73 10.91
N MET Y 323 -76.17 -28.75 11.68
CA MET Y 323 -77.33 -28.91 12.52
C MET Y 323 -78.25 -27.72 12.36
N PRO Y 324 -79.56 -27.90 12.49
CA PRO Y 324 -80.49 -26.79 12.29
C PRO Y 324 -80.31 -25.72 13.35
N GLU Y 325 -80.53 -24.47 12.92
CA GLU Y 325 -80.43 -23.35 13.84
C GLU Y 325 -81.58 -23.39 14.85
N SER Y 326 -81.29 -22.95 16.07
CA SER Y 326 -82.28 -22.94 17.13
C SER Y 326 -82.08 -21.70 17.98
N CYS Y 327 -83.18 -21.24 18.62
CA CYS Y 327 -83.13 -20.13 19.55
C CYS Y 327 -82.92 -20.57 20.99
N THR Y 328 -83.19 -21.83 21.30
CA THR Y 328 -82.95 -22.35 22.64
C THR Y 328 -81.56 -22.95 22.72
N PRO Y 329 -80.65 -22.40 23.52
CA PRO Y 329 -79.31 -22.99 23.63
C PRO Y 329 -79.38 -24.32 24.36
N GLY Y 330 -78.54 -25.26 23.91
CA GLY Y 330 -78.49 -26.56 24.57
C GLY Y 330 -78.00 -26.46 26.00
N TRP Y 331 -77.09 -25.53 26.27
CA TRP Y 331 -76.47 -25.38 27.57
C TRP Y 331 -76.46 -23.91 27.96
N THR Y 332 -76.81 -23.62 29.22
CA THR Y 332 -76.74 -22.26 29.72
C THR Y 332 -75.28 -21.85 29.94
N PHE Y 333 -75.04 -20.54 29.99
CA PHE Y 333 -73.68 -20.04 30.09
C PHE Y 333 -73.00 -20.53 31.36
N GLY Y 334 -73.70 -20.49 32.49
CA GLY Y 334 -73.15 -21.06 33.71
C GLY Y 334 -72.88 -22.54 33.57
N GLU Y 335 -73.79 -23.27 32.92
CA GLU Y 335 -73.58 -24.69 32.64
C GLU Y 335 -72.29 -24.90 31.85
N VAL Y 336 -72.07 -24.07 30.83
CA VAL Y 336 -70.83 -24.16 30.06
C VAL Y 336 -69.62 -23.91 30.96
N THR Y 337 -69.72 -22.92 31.86
CA THR Y 337 -68.59 -22.63 32.74
C THR Y 337 -68.27 -23.83 33.63
N GLN Y 338 -69.30 -24.44 34.23
CA GLN Y 338 -69.05 -25.60 35.09
C GLN Y 338 -68.46 -26.76 34.29
N LEU Y 339 -68.96 -26.97 33.06
CA LEU Y 339 -68.40 -28.05 32.24
C LEU Y 339 -66.96 -27.76 31.84
N GLN Y 340 -66.64 -26.49 31.57
CA GLN Y 340 -65.26 -26.11 31.27
C GLN Y 340 -64.36 -26.40 32.47
N ALA Y 341 -64.85 -26.13 33.68
CA ALA Y 341 -64.02 -26.30 34.86
C ALA Y 341 -63.56 -27.75 35.03
N ASN Y 342 -64.47 -28.70 34.85
CA ASN Y 342 -64.16 -30.11 35.13
C ASN Y 342 -63.69 -30.86 33.88
N GLY Y 343 -62.75 -30.27 33.15
CA GLY Y 343 -62.06 -30.98 32.08
C GLY Y 343 -62.95 -31.58 31.01
N PHE Y 344 -63.98 -30.85 30.58
CA PHE Y 344 -64.91 -31.33 29.56
C PHE Y 344 -64.83 -30.42 28.34
N VAL Y 345 -64.69 -31.04 27.17
CA VAL Y 345 -64.71 -30.30 25.91
C VAL Y 345 -66.15 -29.95 25.57
N VAL Y 346 -66.42 -28.66 25.38
CA VAL Y 346 -67.77 -28.17 25.14
C VAL Y 346 -67.84 -27.62 23.72
N SER Y 347 -68.87 -28.02 22.99
CA SER Y 347 -69.13 -27.52 21.65
C SER Y 347 -70.19 -26.42 21.70
N GLY Y 348 -70.22 -25.59 20.66
CA GLY Y 348 -71.17 -24.51 20.58
C GLY Y 348 -71.57 -24.20 19.15
N PRO Y 349 -72.71 -23.54 18.98
CA PRO Y 349 -73.18 -23.19 17.64
C PRO Y 349 -72.35 -22.07 17.03
N SER Y 350 -72.55 -21.87 15.73
CA SER Y 350 -71.77 -20.89 14.98
C SER Y 350 -72.55 -19.62 14.66
N THR Y 351 -73.88 -19.65 14.72
CA THR Y 351 -74.67 -18.46 14.44
C THR Y 351 -75.62 -18.16 15.60
N THR Y 352 -76.01 -19.20 16.33
CA THR Y 352 -76.93 -19.08 17.47
C THR Y 352 -78.26 -18.45 17.05
N ASN Y 357 -80.94 -21.46 8.91
CA ASN Y 357 -80.38 -22.57 8.17
C ASN Y 357 -79.42 -23.38 9.03
N TYR Y 358 -78.81 -24.41 8.46
CA TYR Y 358 -77.93 -25.29 9.21
C TYR Y 358 -76.66 -24.56 9.61
N THR Y 359 -76.17 -24.86 10.81
CA THR Y 359 -74.97 -24.24 11.37
C THR Y 359 -73.97 -25.32 11.74
N SER Y 360 -72.69 -25.03 11.55
CA SER Y 360 -71.63 -25.97 11.86
C SER Y 360 -71.07 -25.68 13.23
N PRO Y 361 -71.21 -26.59 14.20
CA PRO Y 361 -70.68 -26.33 15.54
C PRO Y 361 -69.16 -26.29 15.55
N TYR Y 362 -68.62 -25.52 16.50
CA TYR Y 362 -67.18 -25.38 16.64
C TYR Y 362 -66.79 -25.56 18.10
N ILE Y 363 -65.62 -26.12 18.33
CA ILE Y 363 -65.15 -26.47 19.66
C ILE Y 363 -64.70 -25.21 20.39
N TYR Y 364 -65.05 -25.12 21.67
CA TYR Y 364 -64.63 -23.97 22.48
C TYR Y 364 -63.22 -24.16 23.04
N ASN Y 365 -62.93 -25.35 23.59
CA ASN Y 365 -61.65 -25.59 24.24
C ASN Y 365 -61.14 -26.98 23.90
N ASP Y 366 -59.82 -27.13 23.86
CA ASP Y 366 -59.16 -28.40 23.60
C ASP Y 366 -58.56 -29.01 24.87
N VAL Y 367 -59.20 -28.78 26.01
CA VAL Y 367 -58.66 -29.24 27.29
C VAL Y 367 -58.93 -30.73 27.45
N THR Y 368 -57.98 -31.45 28.02
CA THR Y 368 -58.16 -32.85 28.38
C THR Y 368 -58.78 -32.93 29.77
N ASN Y 369 -58.77 -34.12 30.36
CA ASN Y 369 -59.32 -34.35 31.69
C ASN Y 369 -58.18 -34.78 32.61
N TYR Y 370 -57.49 -33.80 33.18
CA TYR Y 370 -56.39 -34.01 34.11
C TYR Y 370 -56.59 -33.19 35.37
N LEU Y 371 -57.79 -33.32 35.95
CA LEU Y 371 -58.19 -32.56 37.13
C LEU Y 371 -57.10 -32.49 38.19
N ARG Y 372 -56.62 -33.66 38.65
CA ARG Y 372 -55.70 -33.73 39.77
C ARG Y 372 -54.53 -34.65 39.44
N ASP Y 373 -53.43 -34.41 40.14
CA ASP Y 373 -52.24 -35.25 40.03
C ASP Y 373 -52.50 -36.44 40.97
N GLU Y 374 -51.49 -37.29 41.22
CA GLU Y 374 -51.72 -38.48 42.03
C GLU Y 374 -52.18 -38.10 43.44
N LYS Y 375 -51.61 -37.03 44.01
CA LYS Y 375 -52.21 -36.38 45.18
C LYS Y 375 -52.29 -34.87 45.09
N ASN Y 376 -51.68 -34.23 44.09
CA ASN Y 376 -51.74 -32.78 43.96
C ASN Y 376 -53.05 -32.39 43.29
N ARG Y 377 -53.93 -31.71 44.03
CA ARG Y 377 -55.25 -31.39 43.50
C ARG Y 377 -55.18 -30.48 42.28
N PRO Y 378 -54.45 -29.35 42.26
CA PRO Y 378 -54.31 -28.60 41.01
C PRO Y 378 -53.06 -29.01 40.24
N ASN Y 379 -53.20 -29.23 38.93
CA ASN Y 379 -52.04 -29.58 38.10
C ASN Y 379 -52.41 -29.27 36.66
N ALA Y 380 -51.72 -28.27 36.08
CA ALA Y 380 -51.96 -27.88 34.70
C ALA Y 380 -50.96 -28.50 33.72
N THR Y 381 -50.13 -29.43 34.19
CA THR Y 381 -49.13 -30.03 33.32
C THR Y 381 -49.73 -30.83 32.17
N PHE Y 382 -50.99 -31.27 32.30
CA PHE Y 382 -51.61 -32.06 31.24
C PHE Y 382 -53.04 -31.63 30.94
N ARG Y 383 -53.43 -30.41 31.28
CA ARG Y 383 -54.78 -29.95 31.00
C ARG Y 383 -55.03 -29.89 29.50
N ASP Y 384 -54.16 -29.21 28.77
CA ASP Y 384 -54.38 -29.01 27.34
C ASP Y 384 -53.99 -30.26 26.56
N ALA Y 385 -54.69 -30.47 25.44
CA ALA Y 385 -54.38 -31.61 24.58
C ALA Y 385 -53.01 -31.47 23.94
N SER Y 386 -52.55 -30.24 23.72
CA SER Y 386 -51.23 -30.03 23.13
C SER Y 386 -50.12 -30.54 24.02
N SER Y 387 -50.35 -30.61 25.33
CA SER Y 387 -49.30 -31.06 26.25
C SER Y 387 -48.91 -32.50 25.99
N ARG Y 388 -49.90 -33.38 25.80
CA ARG Y 388 -49.61 -34.80 25.56
C ARG Y 388 -48.85 -34.99 24.26
N ARG Y 389 -49.30 -34.32 23.20
CA ARG Y 389 -48.64 -34.44 21.91
C ARG Y 389 -47.21 -33.88 21.95
N LEU Y 390 -47.03 -32.74 22.61
CA LEU Y 390 -45.69 -32.19 22.76
C LEU Y 390 -44.78 -33.11 23.54
N ALA Y 391 -45.29 -33.71 24.63
CA ALA Y 391 -44.48 -34.63 25.42
C ALA Y 391 -44.07 -35.84 24.58
N ALA Y 392 -45.03 -36.41 23.85
CA ALA Y 392 -44.72 -37.57 23.01
C ALA Y 392 -43.71 -37.23 21.92
N ALA Y 393 -43.90 -36.10 21.25
CA ALA Y 393 -42.99 -35.70 20.19
C ALA Y 393 -41.59 -35.45 20.72
N THR Y 394 -41.49 -34.75 21.85
CA THR Y 394 -40.19 -34.51 22.45
C THR Y 394 -39.51 -35.81 22.84
N GLY Y 395 -40.25 -36.73 23.43
CA GLY Y 395 -39.66 -38.01 23.80
C GLY Y 395 -39.14 -38.78 22.60
N VAL Y 396 -39.95 -38.87 21.54
CA VAL Y 396 -39.54 -39.62 20.36
C VAL Y 396 -38.34 -38.96 19.69
N ALA Y 397 -38.36 -37.62 19.56
CA ALA Y 397 -37.26 -36.92 18.91
C ALA Y 397 -35.97 -37.08 19.71
N LEU Y 398 -36.05 -36.95 21.04
CA LEU Y 398 -34.85 -37.10 21.87
C LEU Y 398 -34.33 -38.53 21.80
N ALA Y 399 -35.22 -39.52 21.79
CA ALA Y 399 -34.78 -40.91 21.68
C ALA Y 399 -34.09 -41.15 20.34
N GLU Y 400 -34.64 -40.59 19.26
CA GLU Y 400 -34.02 -40.74 17.94
C GLU Y 400 -32.66 -40.07 17.89
N PHE Y 401 -32.53 -38.88 18.49
CA PHE Y 401 -31.27 -38.15 18.44
C PHE Y 401 -30.17 -38.89 19.21
N LEU Y 402 -30.52 -39.50 20.34
CA LEU Y 402 -29.56 -40.23 21.16
C LEU Y 402 -29.05 -41.49 20.49
N GLN Y 403 -29.68 -41.96 19.42
CA GLN Y 403 -29.30 -43.23 18.82
C GLN Y 403 -27.91 -43.20 18.22
N GLN Y 404 -27.34 -42.01 17.99
CA GLN Y 404 -25.99 -41.92 17.45
C GLN Y 404 -24.96 -42.43 18.43
N PHE Y 405 -25.25 -42.35 19.73
CA PHE Y 405 -24.33 -42.81 20.76
C PHE Y 405 -24.38 -44.32 20.99
N ASN Y 406 -25.00 -45.07 20.08
CA ASN Y 406 -25.18 -46.51 20.26
C ASN Y 406 -23.85 -47.19 19.95
N GLY Y 407 -23.08 -47.47 21.00
CA GLY Y 407 -21.82 -48.17 20.83
C GLY Y 407 -20.75 -47.40 20.11
N LEU Y 408 -20.82 -46.06 20.10
CA LEU Y 408 -19.78 -45.28 19.45
C LEU Y 408 -18.45 -45.45 20.18
N ALA Y 409 -18.33 -44.84 21.36
CA ALA Y 409 -17.23 -44.98 22.30
C ALA Y 409 -17.54 -44.06 23.48
N VAL Y 410 -16.98 -44.41 24.64
CA VAL Y 410 -17.08 -43.53 25.82
C VAL Y 410 -15.75 -43.53 26.56
N PHE Y 411 -15.01 -42.43 26.47
CA PHE Y 411 -13.77 -42.26 27.22
C PHE Y 411 -14.04 -41.51 28.54
N THR Y 412 -14.91 -42.10 29.36
CA THR Y 412 -15.25 -41.51 30.64
C THR Y 412 -14.10 -41.70 31.63
N LYS Y 413 -13.94 -40.71 32.51
CA LYS Y 413 -12.81 -40.67 33.44
C LYS Y 413 -11.54 -40.78 32.60
N ASN Y 414 -11.03 -42.00 32.45
CA ASN Y 414 -9.90 -42.38 31.59
C ASN Y 414 -8.93 -41.25 31.30
N THR Y 415 -8.99 -40.70 30.10
CA THR Y 415 -8.14 -39.59 29.68
C THR Y 415 -8.80 -38.90 28.49
N ASN Y 416 -8.04 -38.06 27.80
CA ASN Y 416 -8.52 -37.42 26.60
C ASN Y 416 -8.45 -38.37 25.41
N ILE Y 417 -9.30 -38.11 24.41
CA ILE Y 417 -9.33 -38.96 23.22
C ILE Y 417 -8.04 -38.81 22.45
N ARG Y 418 -7.54 -39.93 21.93
CA ARG Y 418 -6.33 -39.93 21.11
C ARG Y 418 -6.65 -39.35 19.73
N THR Y 419 -5.69 -39.42 18.82
CA THR Y 419 -5.84 -38.86 17.47
C THR Y 419 -6.19 -39.99 16.52
N GLY Y 420 -7.34 -39.87 15.84
CA GLY Y 420 -7.85 -40.86 14.92
C GLY Y 420 -8.95 -41.73 15.52
N ILE Y 421 -9.01 -41.82 16.85
CA ILE Y 421 -10.06 -42.59 17.49
C ILE Y 421 -11.39 -41.86 17.38
N ILE Y 422 -12.45 -42.61 17.13
CA ILE Y 422 -13.80 -42.05 17.02
C ILE Y 422 -14.51 -42.30 18.33
N GLY Y 423 -14.63 -41.26 19.14
CA GLY Y 423 -15.27 -41.42 20.43
C GLY Y 423 -15.59 -40.07 21.06
N THR Y 424 -16.09 -40.14 22.29
CA THR Y 424 -16.47 -38.93 23.02
C THR Y 424 -16.57 -39.25 24.50
N ASN Y 425 -16.27 -38.25 25.32
CA ASN Y 425 -16.37 -38.33 26.77
C ASN Y 425 -17.67 -37.68 27.25
N PRO Y 426 -18.06 -37.90 28.51
CA PRO Y 426 -19.36 -37.37 28.97
C PRO Y 426 -19.49 -35.86 28.85
N ARG Y 427 -18.40 -35.10 28.99
CA ARG Y 427 -18.49 -33.65 28.88
C ARG Y 427 -18.95 -33.24 27.48
N LEU Y 428 -18.35 -33.83 26.45
CA LEU Y 428 -18.73 -33.51 25.08
C LEU Y 428 -20.15 -33.99 24.78
N MET Y 429 -20.55 -35.13 25.34
CA MET Y 429 -21.92 -35.59 25.17
C MET Y 429 -22.91 -34.61 25.78
N LEU Y 430 -22.60 -34.11 26.99
CA LEU Y 430 -23.47 -33.11 27.61
C LEU Y 430 -23.52 -31.84 26.77
N GLY Y 431 -22.38 -31.42 26.22
CA GLY Y 431 -22.38 -30.26 25.35
C GLY Y 431 -23.26 -30.44 24.13
N LYS Y 432 -23.18 -31.61 23.49
CA LYS Y 432 -24.00 -31.86 22.31
C LYS Y 432 -25.48 -31.95 22.67
N ILE Y 433 -25.81 -32.53 23.82
CA ILE Y 433 -27.19 -32.57 24.26
C ILE Y 433 -27.72 -31.16 24.50
N ARG Y 434 -26.91 -30.32 25.13
CA ARG Y 434 -27.30 -28.94 25.38
C ARG Y 434 -27.49 -28.20 24.06
N LYS Y 435 -26.62 -28.44 23.09
CA LYS Y 435 -26.77 -27.83 21.77
C LYS Y 435 -28.05 -28.28 21.08
N TRP Y 436 -28.37 -29.57 21.15
CA TRP Y 436 -29.61 -30.08 20.56
C TRP Y 436 -30.82 -29.44 21.22
N ALA Y 437 -30.81 -29.34 22.54
CA ALA Y 437 -31.93 -28.73 23.25
C ALA Y 437 -32.07 -27.26 22.89
N GLN Y 438 -30.95 -26.56 22.75
CA GLN Y 438 -31.00 -25.14 22.43
C GLN Y 438 -31.52 -24.91 21.02
N ASP Y 439 -31.08 -25.73 20.06
CA ASP Y 439 -31.55 -25.58 18.68
C ASP Y 439 -33.02 -25.95 18.51
N ASN Y 440 -33.60 -26.68 19.45
CA ASN Y 440 -34.97 -27.16 19.32
C ASN Y 440 -35.97 -26.19 19.92
N VAL Y 441 -35.50 -25.10 20.54
CA VAL Y 441 -36.38 -24.10 21.12
C VAL Y 441 -37.16 -23.40 20.02
N GLY Y 442 -38.42 -23.09 20.30
CA GLY Y 442 -39.29 -22.40 19.37
C GLY Y 442 -40.28 -23.30 18.65
N THR Y 443 -40.04 -24.61 18.62
CA THR Y 443 -40.98 -25.55 18.06
C THR Y 443 -41.42 -26.64 19.03
N LEU Y 444 -40.62 -26.94 20.06
CA LEU Y 444 -40.98 -27.91 21.08
C LEU Y 444 -40.89 -27.39 22.50
N PHE Y 445 -40.09 -26.36 22.76
CA PHE Y 445 -39.94 -25.80 24.10
C PHE Y 445 -40.15 -24.29 24.08
N SER Y 446 -39.90 -23.63 25.20
CA SER Y 446 -40.10 -22.19 25.32
C SER Y 446 -38.90 -21.58 26.06
N GLU Y 447 -37.93 -21.08 25.29
CA GLU Y 447 -36.80 -20.33 25.82
C GLU Y 447 -35.92 -21.17 26.74
N PHE Y 448 -36.45 -21.48 27.93
CA PHE Y 448 -35.82 -22.13 29.09
C PHE Y 448 -35.62 -21.08 30.18
N ASP Y 449 -35.23 -21.52 31.36
CA ASP Y 449 -34.92 -20.63 32.48
C ASP Y 449 -33.44 -20.62 32.82
N ASN Y 450 -32.85 -21.79 33.01
CA ASN Y 450 -31.39 -21.92 33.18
C ASN Y 450 -31.01 -23.26 32.59
N ILE Y 451 -30.54 -23.25 31.35
CA ILE Y 451 -30.24 -24.49 30.64
C ILE Y 451 -29.13 -25.27 31.31
N ASN Y 452 -28.28 -24.62 32.11
CA ASN Y 452 -27.26 -25.33 32.85
C ASN Y 452 -27.82 -26.11 34.04
N GLU Y 453 -29.06 -25.81 34.45
CA GLU Y 453 -29.72 -26.51 35.53
C GLU Y 453 -30.81 -27.45 35.05
N ASP Y 454 -31.62 -27.02 34.07
CA ASP Y 454 -32.68 -27.88 33.56
C ASP Y 454 -32.13 -29.12 32.89
N ILE Y 455 -31.04 -28.98 32.14
CA ILE Y 455 -30.37 -30.12 31.52
C ILE Y 455 -29.30 -30.61 32.47
N GLN Y 456 -29.25 -31.92 32.69
CA GLN Y 456 -28.29 -32.51 33.62
C GLN Y 456 -28.00 -33.93 33.18
N LEU Y 457 -26.78 -34.17 32.72
CA LEU Y 457 -26.32 -35.51 32.37
C LEU Y 457 -25.32 -35.99 33.41
N LEU Y 458 -25.42 -37.26 33.79
CA LEU Y 458 -24.59 -37.79 34.85
C LEU Y 458 -24.25 -39.24 34.53
N THR Y 459 -22.99 -39.62 34.77
CA THR Y 459 -22.60 -41.01 34.61
C THR Y 459 -23.18 -41.85 35.75
N ASP Y 460 -23.51 -43.10 35.43
CA ASP Y 460 -24.26 -43.92 36.37
C ASP Y 460 -23.40 -44.39 37.54
N PHE Y 461 -22.11 -44.63 37.30
CA PHE Y 461 -21.25 -45.14 38.38
C PHE Y 461 -21.00 -44.11 39.47
N GLU Y 462 -21.68 -42.96 39.42
CA GLU Y 462 -21.63 -41.98 40.49
C GLU Y 462 -22.98 -41.43 40.89
N VAL Y 463 -24.05 -41.66 40.12
CA VAL Y 463 -25.37 -41.18 40.52
C VAL Y 463 -25.90 -41.96 41.71
N GLN Y 464 -25.66 -43.27 41.75
CA GLN Y 464 -26.09 -44.09 42.86
C GLN Y 464 -25.04 -44.07 43.98
N PRO Y 465 -25.43 -44.48 45.20
CA PRO Y 465 -24.49 -44.49 46.32
C PRO Y 465 -23.23 -45.31 46.07
N LYS Y 466 -22.30 -45.25 47.03
CA LYS Y 466 -21.03 -45.93 46.91
C LYS Y 466 -21.20 -47.42 46.62
N CYS Y 467 -20.40 -47.93 45.68
CA CYS Y 467 -20.36 -49.32 45.25
C CYS Y 467 -21.66 -49.77 44.58
N VAL Y 468 -22.62 -48.88 44.35
CA VAL Y 468 -23.85 -49.26 43.68
C VAL Y 468 -23.76 -49.06 42.17
N GLY Y 469 -22.87 -48.17 41.71
CA GLY Y 469 -22.77 -47.88 40.30
C GLY Y 469 -22.28 -49.06 39.49
N GLN Y 470 -22.61 -49.03 38.19
CA GLN Y 470 -22.29 -50.09 37.26
C GLN Y 470 -21.75 -49.44 35.99
N PRO Y 471 -20.73 -50.02 35.36
CA PRO Y 471 -20.07 -49.36 34.23
C PRO Y 471 -20.87 -49.50 32.93
N GLY Y 472 -20.49 -48.68 31.95
CA GLY Y 472 -21.09 -48.72 30.63
C GLY Y 472 -22.56 -48.36 30.60
N ILE Y 473 -22.93 -47.28 31.30
CA ILE Y 473 -24.31 -46.83 31.39
C ILE Y 473 -24.35 -45.40 31.92
N PHE Y 474 -25.34 -44.63 31.48
CA PHE Y 474 -25.42 -43.20 31.76
C PHE Y 474 -26.75 -42.85 32.43
N HIS Y 475 -26.95 -41.55 32.62
CA HIS Y 475 -28.21 -41.01 33.14
C HIS Y 475 -28.41 -39.63 32.53
N LEU Y 476 -29.68 -39.19 32.51
CA LEU Y 476 -30.01 -37.90 31.93
C LEU Y 476 -31.31 -37.39 32.53
N ASN Y 477 -31.37 -36.07 32.73
CA ASN Y 477 -32.57 -35.40 33.23
C ASN Y 477 -32.84 -34.17 32.38
N MET Y 478 -34.12 -33.78 32.31
CA MET Y 478 -34.50 -32.67 31.42
C MET Y 478 -35.81 -32.05 31.92
N ARG Y 479 -35.73 -30.83 32.43
CA ARG Y 479 -36.92 -30.08 32.85
C ARG Y 479 -37.29 -29.06 31.77
N TYR Y 480 -37.83 -29.56 30.67
CA TYR Y 480 -38.24 -28.66 29.59
C TYR Y 480 -39.54 -27.95 29.98
N ARG Y 481 -39.84 -26.88 29.24
CA ARG Y 481 -41.02 -26.07 29.50
C ARG Y 481 -41.83 -25.90 28.22
N PRO Y 482 -43.13 -26.17 28.25
CA PRO Y 482 -43.93 -26.09 27.02
C PRO Y 482 -44.20 -24.65 26.62
N PRO Y 483 -44.52 -24.41 25.36
CA PRO Y 483 -44.83 -23.04 24.92
C PRO Y 483 -46.16 -22.55 25.48
N VAL Y 484 -46.40 -21.26 25.29
CA VAL Y 484 -47.61 -20.60 25.77
C VAL Y 484 -48.42 -20.11 24.58
N ARG Y 485 -49.73 -19.98 24.77
CA ARG Y 485 -50.65 -19.53 23.73
C ARG Y 485 -51.65 -18.54 24.36
N GLY Y 486 -52.47 -17.92 23.51
CA GLY Y 486 -53.33 -16.84 23.95
C GLY Y 486 -54.60 -17.31 24.66
N ALA Y 487 -55.22 -16.38 25.37
CA ALA Y 487 -56.39 -16.66 26.19
C ALA Y 487 -57.33 -15.46 26.11
N ARG Y 488 -58.29 -15.40 27.04
CA ARG Y 488 -59.33 -14.38 27.10
C ARG Y 488 -58.78 -12.96 27.09
N ILE Y 489 -59.62 -11.98 26.76
CA ILE Y 489 -59.18 -10.62 26.47
C ILE Y 489 -59.69 -9.62 27.50
N ASN Y 490 -60.92 -9.78 27.99
CA ASN Y 490 -61.51 -8.90 29.00
C ASN Y 490 -61.54 -7.44 28.53
N VAL Y 491 -62.30 -7.20 27.47
CA VAL Y 491 -62.45 -5.86 26.91
C VAL Y 491 -63.45 -5.07 27.75
N ASN Y 492 -63.23 -3.75 27.85
CA ASN Y 492 -64.08 -2.85 28.65
C ASN Y 492 -64.24 -1.56 27.86
N MET Y 493 -65.39 -1.39 27.21
CA MET Y 493 -65.70 -0.17 26.48
C MET Y 493 -66.39 0.84 27.37
N ALA Y 494 -66.26 2.12 27.02
CA ALA Y 494 -66.93 3.20 27.73
C ALA Y 494 -67.02 4.45 26.85
N PRO Y 495 -68.21 4.96 26.60
CA PRO Y 495 -68.35 6.19 25.82
C PRO Y 495 -68.11 7.42 26.70
N ALA Y 496 -68.27 8.59 26.09
CA ALA Y 496 -68.09 9.85 26.80
C ALA Y 496 -68.86 10.98 26.13
N ASP Z 4 -7.45 -54.95 -35.65
CA ASP Z 4 -8.86 -54.65 -35.39
C ASP Z 4 -9.04 -53.20 -34.94
N ALA Z 5 -9.78 -53.00 -33.85
CA ALA Z 5 -10.08 -51.66 -33.35
C ALA Z 5 -8.97 -51.21 -32.39
N LEU Z 6 -7.75 -51.18 -32.92
CA LEU Z 6 -6.56 -50.74 -32.18
C LEU Z 6 -6.40 -51.52 -30.88
N SER Z 7 -6.53 -52.84 -30.97
CA SER Z 7 -6.34 -53.75 -29.85
C SER Z 7 -5.38 -54.87 -30.25
N ASP Z 8 -4.29 -54.50 -30.91
CA ASP Z 8 -3.34 -55.46 -31.47
C ASP Z 8 -2.05 -55.37 -30.66
N GLY Z 9 -1.94 -56.19 -29.62
CA GLY Z 9 -0.73 -56.18 -28.82
C GLY Z 9 -0.93 -55.71 -27.39
N PHE Z 10 -0.45 -54.49 -27.13
CA PHE Z 10 -0.37 -53.91 -25.79
C PHE Z 10 -1.59 -54.21 -24.92
N VAL Z 11 -2.77 -53.88 -25.40
CA VAL Z 11 -4.00 -54.00 -24.60
C VAL Z 11 -4.66 -55.33 -24.89
N ARG Z 12 -5.27 -55.93 -23.86
CA ARG Z 12 -5.95 -57.22 -23.97
C ARG Z 12 -7.27 -57.13 -23.21
N LEU Z 13 -8.36 -56.91 -23.93
CA LEU Z 13 -9.67 -56.75 -23.31
C LEU Z 13 -10.29 -58.10 -22.98
N CYS Z 14 -10.94 -58.17 -21.83
CA CYS Z 14 -11.57 -59.41 -21.35
C CYS Z 14 -12.96 -59.11 -20.79
N ILE Z 15 -13.77 -58.39 -21.58
CA ILE Z 15 -15.10 -57.98 -21.15
C ILE Z 15 -15.91 -59.21 -20.72
N ASP Z 16 -16.38 -59.19 -19.47
CA ASP Z 16 -17.20 -60.25 -18.90
C ASP Z 16 -17.90 -59.73 -17.65
N PRO Z 17 -19.20 -59.95 -17.49
CA PRO Z 17 -19.89 -59.43 -16.30
C PRO Z 17 -19.78 -60.34 -15.09
N SER Z 18 -18.59 -60.87 -14.82
CA SER Z 18 -18.36 -61.66 -13.62
C SER Z 18 -16.86 -61.69 -13.34
N LEU Z 19 -16.41 -60.89 -12.38
CA LEU Z 19 -14.99 -60.85 -12.01
C LEU Z 19 -14.85 -60.85 -10.49
N ASN Z 20 -13.66 -61.25 -10.04
CA ASN Z 20 -13.27 -61.20 -8.64
C ASN Z 20 -12.09 -60.25 -8.50
N PHE Z 21 -12.15 -59.37 -7.50
CA PHE Z 21 -11.19 -58.29 -7.37
C PHE Z 21 -10.26 -58.45 -6.18
N PHE Z 22 -10.80 -58.63 -4.98
CA PHE Z 22 -10.05 -58.39 -3.75
C PHE Z 22 -8.98 -59.46 -3.54
N GLY Z 23 -7.98 -59.11 -2.72
CA GLY Z 23 -6.88 -59.99 -2.40
C GLY Z 23 -7.08 -60.80 -1.13
N GLU Z 24 -8.24 -61.44 -1.01
CA GLU Z 24 -8.58 -62.35 0.10
C GLU Z 24 -8.45 -61.58 1.41
N GLY Z 25 -7.88 -62.16 2.45
CA GLY Z 25 -7.81 -61.50 3.75
C GLY Z 25 -9.06 -61.70 4.57
N CYS Z 26 -8.90 -61.99 5.87
CA CYS Z 26 -10.02 -62.18 6.79
C CYS Z 26 -10.96 -63.30 6.31
N LYS Z 27 -10.41 -64.50 6.29
CA LYS Z 27 -11.10 -65.66 5.74
C LYS Z 27 -12.33 -66.05 6.58
N ILE Z 28 -13.31 -66.66 5.91
CA ILE Z 28 -14.51 -67.18 6.55
C ILE Z 28 -14.80 -68.56 5.96
N LEU Z 29 -15.29 -69.46 6.80
CA LEU Z 29 -15.62 -70.83 6.39
C LEU Z 29 -17.11 -71.08 6.57
N VAL Z 30 -17.75 -71.65 5.55
CA VAL Z 30 -19.16 -71.99 5.56
C VAL Z 30 -19.29 -73.49 5.33
N GLU Z 31 -20.02 -74.17 6.20
CA GLU Z 31 -20.21 -75.61 6.11
C GLU Z 31 -21.70 -75.93 6.21
N GLY Z 32 -22.22 -76.68 5.24
CA GLY Z 32 -23.63 -77.02 5.23
C GLY Z 32 -23.88 -78.14 4.23
N GLN Z 33 -25.13 -78.59 4.20
CA GLN Z 33 -25.53 -79.67 3.31
C GLN Z 33 -25.56 -79.18 1.85
N MET Z 34 -25.42 -80.13 0.94
CA MET Z 34 -25.34 -79.82 -0.49
C MET Z 34 -26.20 -80.79 -1.28
N THR Z 35 -26.79 -80.28 -2.35
CA THR Z 35 -27.54 -81.13 -3.27
C THR Z 35 -26.58 -81.94 -4.13
N ASP Z 36 -27.06 -83.09 -4.60
CA ASP Z 36 -26.24 -83.97 -5.43
C ASP Z 36 -25.97 -83.41 -6.82
N ASP Z 37 -26.68 -82.35 -7.21
CA ASP Z 37 -26.48 -81.78 -8.54
C ASP Z 37 -25.08 -81.17 -8.68
N GLY Z 38 -24.57 -80.55 -7.62
CA GLY Z 38 -23.28 -79.91 -7.71
C GLY Z 38 -22.14 -80.89 -7.84
N SER Z 39 -21.02 -80.39 -8.35
CA SER Z 39 -19.83 -81.18 -8.61
C SER Z 39 -18.75 -81.04 -7.54
N ALA Z 40 -19.07 -80.36 -6.43
CA ALA Z 40 -18.07 -80.18 -5.38
C ALA Z 40 -17.76 -81.50 -4.69
N THR Z 41 -16.48 -81.70 -4.40
CA THR Z 41 -16.06 -82.93 -3.73
C THR Z 41 -16.55 -82.94 -2.29
N PRO Z 42 -17.28 -83.96 -1.87
CA PRO Z 42 -17.79 -83.99 -0.49
C PRO Z 42 -16.66 -84.02 0.52
N ASP Z 43 -16.89 -83.37 1.65
CA ASP Z 43 -15.98 -83.37 2.80
C ASP Z 43 -14.58 -82.89 2.40
N ALA Z 44 -14.55 -81.69 1.82
CA ALA Z 44 -13.28 -81.10 1.39
C ALA Z 44 -13.47 -79.60 1.29
N VAL Z 45 -12.67 -78.84 2.04
CA VAL Z 45 -12.78 -77.38 2.03
C VAL Z 45 -12.34 -76.85 0.67
N THR Z 46 -13.12 -75.93 0.12
CA THR Z 46 -12.84 -75.34 -1.19
C THR Z 46 -13.03 -73.84 -1.12
N CYS Z 47 -12.35 -73.14 -2.02
CA CYS Z 47 -12.40 -71.68 -2.09
C CYS Z 47 -13.31 -71.25 -3.24
N VAL Z 48 -14.29 -70.42 -2.95
CA VAL Z 48 -15.19 -69.88 -3.95
C VAL Z 48 -14.73 -68.48 -4.34
N THR Z 49 -14.92 -68.13 -5.61
CA THR Z 49 -14.41 -66.87 -6.15
C THR Z 49 -15.49 -65.89 -6.57
N SER Z 50 -16.66 -66.35 -6.99
CA SER Z 50 -17.70 -65.47 -7.49
C SER Z 50 -19.06 -66.08 -7.14
N GLU Z 51 -20.11 -65.56 -7.78
CA GLU Z 51 -21.46 -66.05 -7.52
C GLU Z 51 -21.94 -67.03 -8.58
N LEU Z 52 -21.46 -66.91 -9.82
CA LEU Z 52 -21.88 -67.83 -10.87
C LEU Z 52 -21.45 -69.26 -10.58
N ASP Z 53 -20.22 -69.44 -10.11
CA ASP Z 53 -19.70 -70.78 -9.87
C ASP Z 53 -20.35 -71.47 -8.68
N ILE Z 54 -21.09 -70.73 -7.84
CA ILE Z 54 -21.70 -71.33 -6.65
C ILE Z 54 -22.69 -72.41 -7.06
N ILE Z 55 -23.53 -72.11 -8.05
CA ILE Z 55 -24.53 -73.09 -8.50
C ILE Z 55 -23.86 -74.28 -9.16
N GLU Z 56 -22.74 -74.07 -9.87
CA GLU Z 56 -22.03 -75.18 -10.48
C GLU Z 56 -21.42 -76.10 -9.43
N ARG Z 57 -20.87 -75.51 -8.35
CA ARG Z 57 -20.16 -76.32 -7.36
C ARG Z 57 -21.12 -77.02 -6.40
N PHE Z 58 -22.07 -76.27 -5.82
CA PHE Z 58 -22.92 -76.81 -4.76
C PHE Z 58 -24.38 -76.90 -5.17
N GLY Z 59 -24.68 -76.86 -6.45
CA GLY Z 59 -26.04 -77.00 -6.91
C GLY Z 59 -26.87 -75.76 -6.65
N GLN Z 60 -28.18 -75.92 -6.81
CA GLN Z 60 -29.14 -74.86 -6.59
C GLN Z 60 -30.19 -75.31 -5.59
N GLY Z 61 -30.66 -74.36 -4.76
CA GLY Z 61 -31.67 -74.64 -3.77
C GLY Z 61 -31.17 -75.25 -2.48
N SER Z 62 -29.90 -75.66 -2.42
CA SER Z 62 -29.36 -76.22 -1.19
C SER Z 62 -29.15 -75.13 -0.15
N VAL Z 63 -28.98 -75.56 1.10
CA VAL Z 63 -28.73 -74.60 2.17
C VAL Z 63 -27.38 -73.91 1.97
N LEU Z 64 -26.38 -74.65 1.49
CA LEU Z 64 -25.04 -74.08 1.37
C LEU Z 64 -24.99 -72.99 0.32
N THR Z 65 -25.63 -73.19 -0.82
CA THR Z 65 -25.58 -72.17 -1.87
C THR Z 65 -26.34 -70.91 -1.45
N GLU Z 66 -27.47 -71.07 -0.75
CA GLU Z 66 -28.20 -69.90 -0.26
C GLU Z 66 -27.39 -69.15 0.80
N SER Z 67 -26.73 -69.89 1.69
CA SER Z 67 -25.87 -69.25 2.68
C SER Z 67 -24.73 -68.49 2.01
N LEU Z 68 -24.13 -69.09 0.99
CA LEU Z 68 -23.04 -68.42 0.27
C LEU Z 68 -23.55 -67.17 -0.45
N ARG Z 69 -24.76 -67.23 -1.02
CA ARG Z 69 -25.32 -66.07 -1.67
C ARG Z 69 -25.56 -64.93 -0.67
N LYS Z 70 -26.10 -65.27 0.52
CA LYS Z 70 -26.30 -64.24 1.53
C LYS Z 70 -24.97 -63.67 2.02
N VAL Z 71 -23.95 -64.52 2.17
CA VAL Z 71 -22.63 -64.03 2.59
C VAL Z 71 -22.06 -63.09 1.54
N PHE Z 72 -22.18 -63.44 0.26
CA PHE Z 72 -21.69 -62.57 -0.80
C PHE Z 72 -22.45 -61.25 -0.84
N CYS Z 73 -23.77 -61.30 -0.65
CA CYS Z 73 -24.56 -60.08 -0.64
C CYS Z 73 -24.16 -59.17 0.50
N THR Z 74 -24.05 -59.72 1.71
CA THR Z 74 -23.67 -58.91 2.87
C THR Z 74 -22.26 -58.37 2.73
N CYS Z 75 -21.36 -59.17 2.18
CA CYS Z 75 -19.96 -58.81 2.08
C CYS Z 75 -19.59 -58.56 0.63
N LYS Z 76 -19.66 -57.30 0.21
CA LYS Z 76 -19.29 -56.95 -1.16
C LYS Z 76 -17.80 -57.17 -1.39
N SER Z 77 -16.97 -56.81 -0.42
CA SER Z 77 -15.52 -56.94 -0.57
C SER Z 77 -14.87 -56.94 0.80
N GLY Z 78 -13.62 -57.40 0.85
CA GLY Z 78 -12.82 -57.37 2.04
C GLY Z 78 -12.54 -58.72 2.67
N VAL Z 79 -13.22 -59.79 2.26
CA VAL Z 79 -13.00 -61.12 2.81
C VAL Z 79 -12.91 -62.14 1.69
N SER Z 80 -12.36 -63.30 2.02
CA SER Z 80 -12.35 -64.47 1.15
C SER Z 80 -13.25 -65.53 1.76
N VAL Z 81 -14.11 -66.12 0.93
CA VAL Z 81 -15.12 -67.08 1.39
C VAL Z 81 -14.64 -68.48 1.10
N TYR Z 82 -14.66 -69.34 2.12
CA TYR Z 82 -14.32 -70.75 1.99
C TYR Z 82 -15.53 -71.58 2.34
N ALA Z 83 -15.73 -72.67 1.60
CA ALA Z 83 -16.89 -73.52 1.77
C ALA Z 83 -16.46 -74.96 2.01
N LEU Z 84 -17.23 -75.66 2.84
CA LEU Z 84 -17.00 -77.07 3.17
C LEU Z 84 -18.26 -77.84 2.82
N PRO Z 85 -18.39 -78.33 1.59
CA PRO Z 85 -19.61 -79.04 1.20
C PRO Z 85 -19.81 -80.32 2.01
N ARG Z 86 -21.07 -80.63 2.27
CA ARG Z 86 -21.44 -81.85 2.99
C ARG Z 86 -22.60 -82.52 2.26
N GLU Z 87 -22.55 -83.85 2.19
CA GLU Z 87 -23.61 -84.61 1.55
C GLU Z 87 -24.76 -84.83 2.52
N ASP Z 88 -25.95 -85.02 1.96
CA ASP Z 88 -27.13 -85.29 2.77
C ASP Z 88 -26.98 -86.65 3.47
N ALA Z 89 -27.63 -86.77 4.62
CA ALA Z 89 -27.53 -87.99 5.41
C ALA Z 89 -28.10 -89.19 4.65
N ALA Z 90 -27.71 -90.38 5.08
CA ALA Z 90 -28.15 -91.60 4.42
C ALA Z 90 -29.67 -91.75 4.48
N ALA Z 91 -30.25 -91.45 5.64
CA ALA Z 91 -31.70 -91.48 5.79
C ALA Z 91 -32.29 -90.23 5.18
N GLY Z 92 -32.75 -90.33 3.93
CA GLY Z 92 -33.26 -89.19 3.20
C GLY Z 92 -34.71 -88.87 3.52
N VAL Z 93 -34.98 -88.44 4.75
CA VAL Z 93 -36.34 -88.06 5.16
C VAL Z 93 -36.48 -86.57 4.84
N LYS Z 94 -36.88 -86.28 3.61
CA LYS Z 94 -37.03 -84.91 3.16
C LYS Z 94 -38.37 -84.35 3.64
N ALA Z 95 -38.32 -83.17 4.27
CA ALA Z 95 -39.52 -82.58 4.83
C ALA Z 95 -40.53 -82.25 3.74
N VAL Z 96 -41.81 -82.45 4.04
CA VAL Z 96 -42.90 -82.28 3.09
C VAL Z 96 -43.90 -81.28 3.67
N TYR Z 97 -44.23 -80.26 2.88
CA TYR Z 97 -45.23 -79.26 3.22
C TYR Z 97 -46.47 -79.47 2.37
N THR Z 98 -47.46 -78.60 2.55
CA THR Z 98 -48.68 -78.64 1.77
C THR Z 98 -49.26 -77.24 1.64
N LEU Z 99 -49.45 -76.79 0.40
CA LEU Z 99 -50.03 -75.47 0.12
C LEU Z 99 -51.45 -75.68 -0.38
N THR Z 100 -52.37 -75.84 0.57
CA THR Z 100 -53.77 -76.11 0.23
C THR Z 100 -54.44 -74.83 -0.27
N ILE Z 101 -55.00 -74.89 -1.46
CA ILE Z 101 -55.72 -73.76 -2.04
C ILE Z 101 -57.18 -74.12 -2.25
N VAL Z 157 -54.36 -77.75 -4.59
CA VAL Z 157 -53.47 -78.10 -3.50
C VAL Z 157 -52.07 -78.39 -4.03
N ILE Z 158 -51.07 -77.69 -3.49
CA ILE Z 158 -49.68 -77.84 -3.89
C ILE Z 158 -48.92 -78.47 -2.74
N THR Z 159 -48.18 -79.54 -3.04
CA THR Z 159 -47.36 -80.23 -2.05
C THR Z 159 -45.92 -79.77 -2.22
N LEU Z 160 -45.34 -79.26 -1.13
CA LEU Z 160 -43.98 -78.73 -1.13
C LEU Z 160 -43.06 -79.69 -0.38
N THR Z 161 -41.91 -79.99 -0.98
CA THR Z 161 -40.92 -80.87 -0.37
C THR Z 161 -39.58 -80.15 -0.33
N ALA Z 162 -38.93 -80.20 0.84
CA ALA Z 162 -37.62 -79.60 0.98
C ALA Z 162 -36.60 -80.35 0.14
N ARG Z 163 -35.58 -79.61 -0.32
CA ARG Z 163 -34.58 -80.18 -1.22
C ARG Z 163 -33.44 -80.86 -0.51
N ASN Z 164 -33.38 -80.79 0.82
CA ASN Z 164 -32.38 -81.50 1.61
C ASN Z 164 -33.06 -82.12 2.81
N ALA Z 165 -32.76 -83.39 3.08
CA ALA Z 165 -33.43 -84.13 4.14
C ALA Z 165 -32.87 -83.74 5.50
N GLY Z 166 -33.70 -83.91 6.53
CA GLY Z 166 -33.35 -83.66 7.90
C GLY Z 166 -34.26 -82.63 8.52
N THR Z 167 -33.92 -82.22 9.75
CA THR Z 167 -34.67 -81.18 10.43
C THR Z 167 -34.44 -79.80 9.83
N ILE Z 168 -33.47 -79.67 8.93
CA ILE Z 168 -33.19 -78.37 8.32
C ILE Z 168 -34.37 -77.92 7.45
N GLY Z 169 -35.11 -78.86 6.88
CA GLY Z 169 -36.27 -78.53 6.07
C GLY Z 169 -37.55 -78.32 6.82
N ASN Z 170 -37.52 -78.37 8.15
CA ASN Z 170 -38.71 -78.22 8.97
C ASN Z 170 -38.98 -76.77 9.38
N HIS Z 171 -38.17 -75.82 8.91
CA HIS Z 171 -38.34 -74.40 9.22
C HIS Z 171 -38.60 -73.66 7.92
N LEU Z 172 -39.88 -73.36 7.65
CA LEU Z 172 -40.25 -72.57 6.47
C LEU Z 172 -41.65 -72.03 6.69
N SER Z 173 -41.79 -70.71 6.63
CA SER Z 173 -43.07 -70.04 6.79
C SER Z 173 -43.41 -69.30 5.50
N VAL Z 174 -44.63 -69.48 5.02
CA VAL Z 174 -45.14 -68.81 3.82
C VAL Z 174 -46.26 -67.88 4.24
N ILE Z 175 -46.15 -66.61 3.88
CA ILE Z 175 -47.13 -65.60 4.26
C ILE Z 175 -47.73 -65.00 3.00
N TYR Z 176 -48.93 -64.46 3.12
CA TYR Z 176 -49.66 -63.87 2.02
C TYR Z 176 -50.05 -62.45 2.39
N THR Z 177 -49.72 -61.49 1.52
CA THR Z 177 -49.99 -60.08 1.78
C THR Z 177 -51.44 -59.73 1.46
N ASN Z 178 -52.34 -60.30 2.25
CA ASN Z 178 -53.77 -60.07 2.12
C ASN Z 178 -54.18 -58.76 2.79
N LEU Z 179 -55.49 -58.59 3.00
CA LEU Z 179 -56.07 -57.39 3.62
C LEU Z 179 -56.01 -56.23 2.63
N GLY Z 180 -56.03 -55.00 3.14
CA GLY Z 180 -56.08 -53.86 2.26
C GLY Z 180 -54.81 -53.66 1.47
N SER Z 181 -53.74 -53.21 2.14
CA SER Z 181 -52.40 -53.06 1.58
C SER Z 181 -52.38 -52.22 0.30
N CYS Z 182 -53.44 -51.46 0.04
CA CYS Z 182 -53.55 -50.62 -1.15
C CYS Z 182 -53.40 -51.42 -2.44
N THR Z 183 -52.16 -51.71 -2.84
CA THR Z 183 -51.90 -52.34 -4.12
C THR Z 183 -52.14 -53.85 -4.11
N SER Z 184 -52.23 -54.47 -2.93
CA SER Z 184 -52.32 -55.92 -2.81
C SER Z 184 -53.76 -56.41 -2.71
N VAL Z 185 -54.72 -55.72 -3.32
CA VAL Z 185 -56.11 -56.17 -3.30
C VAL Z 185 -56.20 -57.54 -3.96
N THR Z 186 -56.64 -58.53 -3.20
CA THR Z 186 -56.74 -59.88 -3.74
C THR Z 186 -58.08 -60.07 -4.47
N PRO Z 187 -58.08 -60.91 -5.51
CA PRO Z 187 -59.37 -61.29 -6.11
C PRO Z 187 -60.21 -62.10 -5.13
N GLU Z 188 -61.52 -62.05 -5.33
CA GLU Z 188 -62.44 -62.74 -4.42
C GLU Z 188 -62.14 -64.23 -4.38
N GLY Z 189 -62.06 -64.77 -3.16
CA GLY Z 189 -61.70 -66.17 -2.98
C GLY Z 189 -60.23 -66.37 -2.69
N VAL Z 190 -59.67 -67.46 -3.21
CA VAL Z 190 -58.25 -67.79 -3.04
C VAL Z 190 -57.93 -67.88 -1.56
N THR Z 191 -58.33 -68.98 -0.93
CA THR Z 191 -58.08 -69.20 0.50
C THR Z 191 -56.81 -70.02 0.64
N VAL Z 192 -55.69 -69.33 0.83
CA VAL Z 192 -54.39 -69.99 0.94
C VAL Z 192 -54.28 -70.64 2.32
N THR Z 193 -53.82 -71.89 2.35
CA THR Z 193 -53.65 -72.64 3.59
C THR Z 193 -52.28 -73.29 3.60
N PHE Z 194 -51.69 -73.40 4.79
CA PHE Z 194 -50.33 -73.93 4.95
C PHE Z 194 -50.27 -74.61 6.31
N ALA Z 195 -50.20 -75.95 6.32
CA ALA Z 195 -50.25 -76.67 7.58
C ALA Z 195 -49.28 -77.85 7.66
N GLN Z 196 -48.43 -78.06 6.65
CA GLN Z 196 -47.45 -79.16 6.62
C GLN Z 196 -48.11 -80.54 6.61
N THR Z 197 -47.35 -81.55 6.20
CA THR Z 197 -47.80 -82.94 6.25
C THR Z 197 -46.89 -83.82 7.09
N THR Z 198 -45.58 -83.70 6.95
CA THR Z 198 -44.64 -84.48 7.72
C THR Z 198 -43.33 -83.71 7.86
N ALA Z 199 -42.54 -84.09 8.85
CA ALA Z 199 -41.29 -83.42 9.16
C ALA Z 199 -40.11 -84.36 8.98
N GLY Z 200 -39.02 -83.85 8.40
CA GLY Z 200 -37.83 -84.64 8.21
C GLY Z 200 -37.04 -84.82 9.49
N SER Z 201 -36.01 -85.67 9.41
CA SER Z 201 -35.17 -85.97 10.56
C SER Z 201 -33.86 -86.57 10.05
N VAL Z 202 -32.98 -86.89 11.00
CA VAL Z 202 -31.68 -87.50 10.76
C VAL Z 202 -30.77 -86.53 10.02
N ASN Z 203 -29.74 -86.03 10.70
CA ASN Z 203 -28.78 -85.09 10.14
C ASN Z 203 -27.37 -85.66 10.20
N PRO Z 204 -26.51 -85.31 9.24
CA PRO Z 204 -25.13 -85.81 9.27
C PRO Z 204 -24.36 -85.28 10.47
N THR Z 205 -23.44 -86.12 10.95
CA THR Z 205 -22.54 -85.76 12.04
C THR Z 205 -21.12 -86.09 11.59
N PRO Z 206 -20.50 -85.21 10.80
CA PRO Z 206 -19.19 -85.51 10.22
C PRO Z 206 -18.10 -85.77 11.25
N ASN Z 207 -17.85 -84.78 12.12
CA ASN Z 207 -16.82 -84.88 13.16
C ASN Z 207 -15.46 -85.26 12.56
N ASP Z 208 -15.11 -84.61 11.45
CA ASP Z 208 -13.85 -84.86 10.77
C ASP Z 208 -13.07 -83.57 10.55
N TYR Z 209 -13.16 -82.64 11.50
CA TYR Z 209 -12.42 -81.38 11.38
C TYR Z 209 -10.93 -81.60 11.43
N ALA Z 210 -10.47 -82.51 12.30
CA ALA Z 210 -9.04 -82.69 12.52
C ALA Z 210 -8.31 -83.15 11.26
N THR Z 211 -9.04 -83.74 10.31
CA THR Z 211 -8.43 -84.25 9.08
C THR Z 211 -8.64 -83.33 7.89
N VAL Z 212 -9.88 -82.86 7.68
CA VAL Z 212 -10.17 -82.01 6.53
C VAL Z 212 -9.46 -80.66 6.66
N VAL Z 213 -9.59 -80.02 7.83
CA VAL Z 213 -8.91 -78.77 8.10
C VAL Z 213 -7.89 -78.96 9.23
N ASN Z 214 -6.65 -79.24 8.86
CA ASN Z 214 -5.64 -79.61 9.85
C ASN Z 214 -5.01 -78.37 10.48
N GLU Z 215 -4.34 -77.54 9.68
CA GLU Z 215 -3.60 -76.40 10.20
C GLU Z 215 -3.96 -75.11 9.46
N CYS Z 216 -5.19 -75.02 8.97
CA CYS Z 216 -5.67 -73.79 8.33
C CYS Z 216 -6.49 -73.02 9.35
N CYS Z 217 -5.94 -71.90 9.84
CA CYS Z 217 -6.63 -71.09 10.83
C CYS Z 217 -7.71 -70.27 10.13
N PHE Z 218 -8.94 -70.36 10.63
CA PHE Z 218 -10.06 -69.62 10.08
C PHE Z 218 -10.59 -68.63 11.11
N ALA Z 219 -10.85 -67.40 10.66
CA ALA Z 219 -11.32 -66.37 11.57
C ALA Z 219 -12.76 -66.62 12.01
N VAL Z 220 -13.63 -66.96 11.06
CA VAL Z 220 -15.05 -67.12 11.32
C VAL Z 220 -15.51 -68.46 10.78
N TYR Z 221 -16.23 -69.23 11.60
CA TYR Z 221 -16.81 -70.50 11.19
C TYR Z 221 -18.33 -70.35 11.15
N VAL Z 222 -18.92 -70.71 10.02
CA VAL Z 222 -20.36 -70.59 9.80
C VAL Z 222 -20.94 -71.99 9.66
N LEU Z 223 -21.92 -72.30 10.50
CA LEU Z 223 -22.62 -73.57 10.46
C LEU Z 223 -24.07 -73.32 10.08
N SER Z 224 -24.59 -74.09 9.13
CA SER Z 224 -25.91 -73.87 8.56
C SER Z 224 -26.89 -74.97 8.99
N SER Z 225 -26.80 -75.40 10.23
CA SER Z 225 -27.71 -76.43 10.73
C SER Z 225 -27.97 -76.19 12.22
N ASP Z 226 -29.11 -76.70 12.69
CA ASP Z 226 -29.50 -76.61 14.09
C ASP Z 226 -29.23 -77.89 14.86
N ASP Z 227 -28.54 -78.85 14.25
CA ASP Z 227 -28.23 -80.10 14.93
C ASP Z 227 -27.34 -79.84 16.13
N THR Z 228 -27.86 -80.15 17.32
CA THR Z 228 -27.12 -79.86 18.55
C THR Z 228 -25.82 -80.65 18.62
N ASP Z 229 -25.81 -81.89 18.12
CA ASP Z 229 -24.58 -82.66 18.09
C ASP Z 229 -23.55 -82.01 17.16
N TRP Z 230 -23.99 -81.52 16.01
CA TRP Z 230 -23.09 -80.82 15.10
C TRP Z 230 -22.55 -79.54 15.75
N GLN Z 231 -23.42 -78.80 16.43
CA GLN Z 231 -22.99 -77.57 17.09
C GLN Z 231 -21.97 -77.86 18.18
N GLU Z 232 -22.21 -78.89 18.99
CA GLU Z 232 -21.27 -79.21 20.06
C GLU Z 232 -19.97 -79.77 19.51
N ASN Z 233 -20.01 -80.49 18.39
CA ASN Z 233 -18.77 -80.96 17.77
C ASN Z 233 -17.94 -79.79 17.27
N LEU Z 234 -18.58 -78.82 16.60
CA LEU Z 234 -17.86 -77.63 16.16
C LEU Z 234 -17.31 -76.85 17.34
N ARG Z 235 -18.11 -76.73 18.41
CA ARG Z 235 -17.65 -76.05 19.62
C ARG Z 235 -16.43 -76.75 20.22
N ASP Z 236 -16.46 -78.08 20.28
CA ASP Z 236 -15.34 -78.82 20.83
C ASP Z 236 -14.08 -78.64 20.00
N TRP Z 237 -14.22 -78.66 18.67
CA TRP Z 237 -13.06 -78.45 17.83
C TRP Z 237 -12.48 -77.05 18.01
N ILE Z 238 -13.35 -76.03 18.05
CA ILE Z 238 -12.85 -74.67 18.19
C ILE Z 238 -12.22 -74.47 19.56
N ARG Z 239 -12.79 -75.08 20.60
CA ARG Z 239 -12.17 -75.06 21.91
C ARG Z 239 -10.80 -75.72 21.89
N SER Z 240 -10.69 -76.85 21.19
CA SER Z 240 -9.40 -77.52 21.03
C SER Z 240 -8.41 -76.69 20.24
N ALA Z 241 -8.89 -75.75 19.41
CA ALA Z 241 -7.98 -74.88 18.69
C ALA Z 241 -7.20 -73.97 19.64
N TRP Z 242 -7.75 -73.68 20.82
CA TRP Z 242 -7.04 -72.92 21.84
C TRP Z 242 -6.35 -73.86 22.83
N ASP Z 243 -5.50 -74.73 22.30
CA ASP Z 243 -4.76 -75.68 23.11
C ASP Z 243 -3.36 -75.15 23.35
N CYS Z 244 -2.99 -75.06 24.63
CA CYS Z 244 -1.68 -74.50 24.98
C CYS Z 244 -0.53 -75.39 24.52
N SER Z 245 -0.81 -76.65 24.19
CA SER Z 245 0.24 -77.57 23.77
C SER Z 245 0.58 -77.46 22.28
N LYS Z 246 -0.20 -76.73 21.50
CA LYS Z 246 0.03 -76.54 20.09
C LYS Z 246 -0.09 -75.08 19.72
N PRO Z 247 0.53 -74.65 18.62
CA PRO Z 247 0.24 -73.32 18.08
C PRO Z 247 -1.25 -73.21 17.76
N GLN Z 248 -1.84 -72.08 18.15
CA GLN Z 248 -3.29 -71.94 18.10
C GLN Z 248 -3.76 -71.50 16.71
N CYS Z 249 -5.05 -71.73 16.47
CA CYS Z 249 -5.79 -71.16 15.34
C CYS Z 249 -7.02 -70.50 15.96
N PHE Z 250 -6.88 -69.25 16.39
CA PHE Z 250 -7.99 -68.55 17.02
C PHE Z 250 -9.14 -68.40 16.03
N GLY Z 251 -10.35 -68.73 16.47
CA GLY Z 251 -11.52 -68.65 15.63
C GLY Z 251 -12.76 -68.43 16.46
N HIS Z 252 -13.88 -68.25 15.78
CA HIS Z 252 -15.17 -68.05 16.44
C HIS Z 252 -16.27 -68.51 15.50
N GLY Z 253 -17.20 -69.30 16.01
CA GLY Z 253 -18.27 -69.87 15.22
C GLY Z 253 -19.61 -69.25 15.57
N TYR Z 254 -20.45 -69.05 14.57
CA TYR Z 254 -21.79 -68.52 14.74
C TYR Z 254 -22.81 -69.59 14.36
N VAL Z 255 -23.74 -69.85 15.26
CA VAL Z 255 -24.81 -70.82 15.05
C VAL Z 255 -26.11 -70.22 15.56
N PHE Z 256 -27.23 -70.85 15.19
CA PHE Z 256 -28.55 -70.38 15.56
C PHE Z 256 -29.27 -71.46 16.37
N ASN Z 257 -30.21 -71.01 17.20
CA ASN Z 257 -31.00 -71.90 18.05
C ASN Z 257 -32.45 -71.42 18.00
N LYS Z 258 -33.25 -72.04 17.14
CA LYS Z 258 -34.63 -71.63 16.93
C LYS Z 258 -35.58 -72.48 17.76
N GLY Z 259 -36.53 -71.81 18.41
CA GLY Z 259 -37.51 -72.50 19.22
C GLY Z 259 -38.11 -71.56 20.25
N THR Z 260 -38.91 -72.14 21.13
CA THR Z 260 -39.51 -71.37 22.20
C THR Z 260 -38.46 -70.99 23.24
N LEU Z 261 -38.83 -70.02 24.09
CA LEU Z 261 -37.89 -69.53 25.09
C LEU Z 261 -37.49 -70.61 26.08
N GLY Z 262 -38.40 -71.53 26.40
CA GLY Z 262 -38.09 -72.56 27.37
C GLY Z 262 -37.00 -73.51 26.90
N GLN Z 263 -37.04 -73.92 25.64
CA GLN Z 263 -36.10 -74.91 25.14
C GLN Z 263 -34.78 -74.30 24.67
N VAL Z 264 -34.78 -73.04 24.23
CA VAL Z 264 -33.56 -72.45 23.71
C VAL Z 264 -32.53 -72.27 24.81
N LEU Z 265 -32.98 -71.96 26.03
CA LEU Z 265 -32.04 -71.85 27.15
C LEU Z 265 -31.38 -73.18 27.48
N ALA Z 266 -32.08 -74.29 27.24
CA ALA Z 266 -31.49 -75.61 27.46
C ALA Z 266 -30.39 -75.90 26.44
N ASP Z 267 -30.55 -75.44 25.21
CA ASP Z 267 -29.55 -75.67 24.18
C ASP Z 267 -28.26 -74.90 24.43
N GLY Z 268 -28.29 -73.88 25.29
CA GLY Z 268 -27.11 -73.08 25.55
C GLY Z 268 -26.27 -73.60 26.70
N ASP Z 269 -25.01 -73.19 26.70
CA ASP Z 269 -24.05 -73.57 27.73
C ASP Z 269 -23.02 -72.47 27.88
N ASN Z 270 -21.89 -72.79 28.52
CA ASN Z 270 -20.83 -71.84 28.78
C ASN Z 270 -19.88 -71.66 27.61
N SER Z 271 -20.32 -71.94 26.39
CA SER Z 271 -19.44 -71.85 25.22
C SER Z 271 -19.04 -70.40 24.94
N ALA Z 272 -17.80 -70.05 25.27
CA ALA Z 272 -17.28 -68.72 24.97
C ALA Z 272 -16.94 -68.55 23.50
N GLU Z 273 -16.82 -69.66 22.75
CA GLU Z 273 -16.44 -69.64 21.36
C GLU Z 273 -17.61 -69.91 20.42
N LEU Z 274 -18.84 -69.71 20.89
CA LEU Z 274 -20.02 -69.75 20.04
C LEU Z 274 -20.89 -68.53 20.34
N SER Z 275 -21.57 -68.04 19.31
CA SER Z 275 -22.50 -66.92 19.42
C SER Z 275 -23.89 -67.47 19.10
N ARG Z 276 -24.60 -67.89 20.15
CA ARG Z 276 -25.94 -68.45 19.96
C ARG Z 276 -26.91 -67.34 19.57
N LEU Z 277 -27.60 -67.53 18.45
CA LEU Z 277 -28.55 -66.55 17.94
C LEU Z 277 -29.96 -67.06 18.21
N ALA Z 278 -30.65 -66.40 19.13
CA ALA Z 278 -32.01 -66.83 19.51
C ALA Z 278 -32.99 -66.45 18.42
N LEU Z 279 -33.77 -67.43 17.96
CA LEU Z 279 -34.77 -67.21 16.93
C LEU Z 279 -36.10 -67.77 17.43
N PRO Z 280 -37.19 -67.02 17.30
CA PRO Z 280 -38.47 -67.45 17.85
C PRO Z 280 -39.12 -68.54 17.00
N THR Z 281 -40.20 -69.10 17.54
CA THR Z 281 -40.93 -70.14 16.82
C THR Z 281 -41.60 -69.59 15.57
N THR Z 282 -42.05 -68.34 15.60
CA THR Z 282 -42.78 -67.71 14.50
C THR Z 282 -41.84 -66.86 13.65
N TYR Z 283 -40.61 -67.34 13.45
CA TYR Z 283 -39.65 -66.59 12.65
C TYR Z 283 -39.86 -66.87 11.17
N PRO Z 284 -40.18 -65.84 10.36
CA PRO Z 284 -40.47 -66.09 8.94
C PRO Z 284 -39.25 -66.52 8.13
N VAL Z 285 -38.15 -65.80 8.26
CA VAL Z 285 -36.98 -66.03 7.41
C VAL Z 285 -36.36 -67.39 7.74
N LEU Z 286 -35.82 -68.04 6.72
CA LEU Z 286 -35.09 -69.28 6.92
C LEU Z 286 -33.90 -69.03 7.85
N PRO Z 287 -33.76 -69.80 8.94
CA PRO Z 287 -32.75 -69.45 9.95
C PRO Z 287 -31.32 -69.40 9.44
N TYR Z 288 -30.95 -70.31 8.52
CA TYR Z 288 -29.57 -70.34 8.07
C TYR Z 288 -29.21 -69.10 7.28
N LEU Z 289 -30.16 -68.49 6.57
CA LEU Z 289 -29.89 -67.25 5.86
C LEU Z 289 -29.50 -66.14 6.84
N THR Z 290 -30.29 -65.99 7.91
CA THR Z 290 -29.98 -65.00 8.92
C THR Z 290 -28.65 -65.28 9.60
N ASN Z 291 -28.38 -66.56 9.90
CA ASN Z 291 -27.12 -66.93 10.54
C ASN Z 291 -25.94 -66.56 9.65
N ALA Z 292 -26.01 -66.90 8.36
CA ALA Z 292 -24.92 -66.60 7.44
C ALA Z 292 -24.75 -65.10 7.27
N ALA Z 293 -25.85 -64.36 7.19
CA ALA Z 293 -25.76 -62.90 7.07
C ALA Z 293 -25.10 -62.29 8.31
N TYR Z 294 -25.48 -62.76 9.50
CA TYR Z 294 -24.87 -62.27 10.72
C TYR Z 294 -23.37 -62.56 10.76
N GLY Z 295 -22.99 -63.80 10.40
CA GLY Z 295 -21.58 -64.15 10.41
C GLY Z 295 -20.78 -63.34 9.42
N ALA Z 296 -21.30 -63.16 8.20
CA ALA Z 296 -20.60 -62.38 7.20
C ALA Z 296 -20.50 -60.91 7.62
N LEU Z 297 -21.58 -60.36 8.18
CA LEU Z 297 -21.55 -58.98 8.63
C LEU Z 297 -20.48 -58.79 9.71
N SER Z 298 -20.42 -59.71 10.67
CA SER Z 298 -19.40 -59.62 11.71
C SER Z 298 -18.00 -59.69 11.10
N ALA Z 299 -17.79 -60.65 10.20
CA ALA Z 299 -16.46 -60.85 9.62
C ALA Z 299 -16.00 -59.62 8.86
N CYS Z 300 -16.86 -59.07 8.00
CA CYS Z 300 -16.45 -57.92 7.20
C CYS Z 300 -16.38 -56.64 8.04
N SER Z 301 -17.25 -56.48 9.03
CA SER Z 301 -17.18 -55.30 9.88
C SER Z 301 -15.88 -55.29 10.67
N THR Z 302 -15.46 -56.43 11.18
CA THR Z 302 -14.22 -56.46 11.96
C THR Z 302 -13.00 -56.57 11.06
N CYS Z 303 -12.80 -57.72 10.43
CA CYS Z 303 -11.64 -58.00 9.58
C CYS Z 303 -10.35 -57.42 10.17
N ASN Z 304 -9.89 -56.32 9.59
CA ASN Z 304 -8.68 -55.62 10.04
C ASN Z 304 -8.95 -54.64 11.18
N ASN Z 305 -10.20 -54.52 11.64
CA ASN Z 305 -10.56 -53.64 12.74
C ASN Z 305 -11.32 -54.48 13.76
N PRO Z 306 -10.62 -55.31 14.55
CA PRO Z 306 -11.26 -56.28 15.44
C PRO Z 306 -11.70 -55.68 16.78
N GLU Z 307 -12.37 -54.55 16.73
CA GLU Z 307 -12.79 -53.88 17.98
C GLU Z 307 -14.27 -53.52 17.90
N LEU Z 308 -14.79 -53.33 16.69
CA LEU Z 308 -16.14 -52.82 16.52
C LEU Z 308 -17.17 -53.81 17.03
N ASN Z 309 -18.11 -53.32 17.84
CA ASN Z 309 -19.27 -54.11 18.25
C ASN Z 309 -20.37 -54.01 17.21
N ILE Z 310 -20.99 -55.15 16.91
CA ILE Z 310 -22.03 -55.22 15.88
C ILE Z 310 -23.34 -54.88 16.57
N GLN Z 311 -23.64 -53.58 16.68
CA GLN Z 311 -24.85 -53.13 17.35
C GLN Z 311 -25.40 -51.89 16.63
N GLY Z 312 -26.70 -51.67 16.82
CA GLY Z 312 -27.33 -50.45 16.34
C GLY Z 312 -27.69 -50.50 14.87
N GLN Z 313 -28.49 -49.52 14.45
CA GLN Z 313 -28.91 -49.34 13.06
C GLN Z 313 -27.77 -48.89 12.16
N THR Z 314 -26.55 -48.75 12.67
CA THR Z 314 -25.41 -48.36 11.87
C THR Z 314 -24.39 -49.46 11.68
N PHE Z 315 -24.22 -50.36 12.66
CA PHE Z 315 -23.27 -51.45 12.54
C PHE Z 315 -23.90 -52.83 12.61
N GLY Z 316 -25.10 -52.97 13.15
CA GLY Z 316 -25.71 -54.28 13.28
C GLY Z 316 -26.93 -54.49 12.41
N LEU Z 317 -26.88 -53.98 11.18
CA LEU Z 317 -28.00 -54.05 10.25
C LEU Z 317 -27.73 -55.13 9.21
N LEU Z 318 -28.58 -56.15 9.18
CA LEU Z 318 -28.51 -57.20 8.15
C LEU Z 318 -29.33 -56.72 6.95
N SER Z 319 -28.67 -55.95 6.08
CA SER Z 319 -29.37 -55.30 4.98
C SER Z 319 -29.95 -56.32 3.99
N CYS Z 320 -29.20 -57.38 3.68
CA CYS Z 320 -29.66 -58.33 2.67
C CYS Z 320 -30.94 -59.04 3.10
N ILE Z 321 -31.01 -59.45 4.37
CA ILE Z 321 -32.18 -60.17 4.84
C ILE Z 321 -33.37 -59.21 4.90
N ASN Z 322 -34.52 -59.68 4.43
CA ASN Z 322 -35.76 -58.94 4.50
C ASN Z 322 -36.85 -59.84 5.06
N MET Z 323 -37.63 -59.31 6.00
CA MET Z 323 -38.72 -60.06 6.60
C MET Z 323 -40.00 -59.26 6.51
N PRO Z 324 -41.15 -59.93 6.42
CA PRO Z 324 -42.41 -59.19 6.33
C PRO Z 324 -42.74 -58.46 7.62
N GLU Z 325 -43.48 -57.37 7.47
CA GLU Z 325 -43.92 -56.61 8.63
C GLU Z 325 -44.87 -57.46 9.48
N SER Z 326 -44.89 -57.15 10.78
CA SER Z 326 -45.72 -57.92 11.69
C SER Z 326 -46.13 -57.02 12.86
N CYS Z 327 -47.20 -57.43 13.54
CA CYS Z 327 -47.67 -56.74 14.73
C CYS Z 327 -47.34 -57.45 16.03
N THR Z 328 -47.20 -58.77 16.00
CA THR Z 328 -46.68 -59.51 17.14
C THR Z 328 -45.16 -59.51 17.07
N PRO Z 329 -44.46 -58.92 18.03
CA PRO Z 329 -43.03 -58.67 17.85
C PRO Z 329 -42.16 -59.86 18.19
N GLY Z 330 -42.55 -61.06 17.75
CA GLY Z 330 -41.74 -62.23 18.04
C GLY Z 330 -41.55 -62.42 19.53
N TRP Z 331 -40.34 -62.15 20.00
CA TRP Z 331 -40.06 -62.18 21.43
C TRP Z 331 -40.82 -61.08 22.17
N THR Z 332 -41.18 -61.36 23.42
CA THR Z 332 -41.86 -60.40 24.27
C THR Z 332 -40.89 -59.81 25.28
N PHE Z 333 -41.11 -58.54 25.63
CA PHE Z 333 -40.07 -57.71 26.23
C PHE Z 333 -39.43 -58.34 27.46
N GLY Z 334 -40.25 -58.89 28.36
CA GLY Z 334 -39.70 -59.50 29.56
C GLY Z 334 -38.74 -60.62 29.25
N GLU Z 335 -39.14 -61.52 28.36
CA GLU Z 335 -38.23 -62.59 28.01
C GLU Z 335 -37.21 -62.19 26.96
N VAL Z 336 -37.38 -61.04 26.29
CA VAL Z 336 -36.25 -60.44 25.59
C VAL Z 336 -35.14 -60.11 26.58
N THR Z 337 -35.51 -59.47 27.69
CA THR Z 337 -34.52 -59.20 28.74
C THR Z 337 -33.96 -60.49 29.31
N GLN Z 338 -34.81 -61.50 29.48
CA GLN Z 338 -34.34 -62.79 29.96
C GLN Z 338 -33.28 -63.39 29.03
N LEU Z 339 -33.53 -63.32 27.71
CA LEU Z 339 -32.54 -63.79 26.75
C LEU Z 339 -31.27 -62.94 26.78
N GLN Z 340 -31.43 -61.63 27.01
CA GLN Z 340 -30.26 -60.77 27.12
C GLN Z 340 -29.38 -61.17 28.30
N ALA Z 341 -30.00 -61.52 29.42
CA ALA Z 341 -29.24 -61.83 30.63
C ALA Z 341 -28.35 -63.06 30.43
N ASN Z 342 -28.91 -64.14 29.89
CA ASN Z 342 -28.16 -65.40 29.79
C ASN Z 342 -27.47 -65.57 28.44
N GLY Z 343 -26.72 -64.55 28.02
CA GLY Z 343 -25.79 -64.68 26.91
C GLY Z 343 -26.37 -65.14 25.59
N PHE Z 344 -27.48 -64.56 25.16
CA PHE Z 344 -28.11 -64.91 23.89
C PHE Z 344 -28.22 -63.68 23.01
N VAL Z 345 -27.92 -63.86 21.72
CA VAL Z 345 -27.98 -62.77 20.75
C VAL Z 345 -29.42 -62.59 20.31
N VAL Z 346 -30.01 -61.45 20.66
CA VAL Z 346 -31.40 -61.15 20.36
C VAL Z 346 -31.46 -60.26 19.13
N SER Z 347 -32.36 -60.58 18.21
CA SER Z 347 -32.56 -59.79 17.00
C SER Z 347 -34.01 -59.33 16.92
N GLY Z 348 -34.23 -58.18 16.29
CA GLY Z 348 -35.54 -57.59 16.21
C GLY Z 348 -35.80 -56.93 14.86
N PRO Z 349 -37.01 -56.42 14.67
CA PRO Z 349 -37.33 -55.69 13.45
C PRO Z 349 -36.83 -54.26 13.49
N SER Z 350 -36.42 -53.77 12.32
CA SER Z 350 -35.92 -52.40 12.23
C SER Z 350 -37.01 -51.37 12.53
N THR Z 351 -38.20 -51.57 11.96
CA THR Z 351 -39.33 -50.66 12.17
C THR Z 351 -40.56 -51.50 12.43
N THR Z 352 -41.01 -51.52 13.69
CA THR Z 352 -42.17 -52.35 14.05
C THR Z 352 -43.46 -51.71 13.54
N SER Z 353 -43.78 -50.50 14.05
CA SER Z 353 -44.94 -49.72 13.65
C SER Z 353 -46.18 -50.57 13.40
N GLY Z 354 -46.54 -50.72 12.13
CA GLY Z 354 -47.68 -51.52 11.73
C GLY Z 354 -47.45 -52.24 10.42
N GLN Z 355 -48.52 -52.46 9.66
CA GLN Z 355 -48.39 -53.12 8.36
C GLN Z 355 -47.73 -52.18 7.35
N GLY Z 356 -47.37 -52.77 6.21
CA GLY Z 356 -46.67 -52.02 5.18
C GLY Z 356 -45.80 -52.89 4.28
N ASN Z 357 -44.54 -52.53 4.14
CA ASN Z 357 -43.59 -53.28 3.33
C ASN Z 357 -42.64 -54.07 4.22
N TYR Z 358 -41.69 -54.75 3.58
CA TYR Z 358 -40.72 -55.55 4.31
C TYR Z 358 -39.77 -54.65 5.10
N THR Z 359 -39.17 -55.24 6.13
CA THR Z 359 -38.19 -54.54 6.95
C THR Z 359 -37.00 -55.45 7.18
N SER Z 360 -35.81 -54.85 7.22
CA SER Z 360 -34.61 -55.62 7.49
C SER Z 360 -34.53 -56.01 8.96
N PRO Z 361 -33.93 -57.16 9.28
CA PRO Z 361 -33.78 -57.52 10.69
C PRO Z 361 -32.77 -56.63 11.39
N TYR Z 362 -32.59 -56.83 12.68
CA TYR Z 362 -31.85 -55.87 13.52
C TYR Z 362 -31.40 -56.60 14.77
N ILE Z 363 -30.09 -56.66 14.98
CA ILE Z 363 -29.52 -57.49 16.04
C ILE Z 363 -29.11 -56.63 17.22
N TYR Z 364 -28.98 -57.27 18.38
CA TYR Z 364 -28.58 -56.62 19.62
C TYR Z 364 -27.29 -57.23 20.12
N ASN Z 365 -26.83 -56.77 21.28
CA ASN Z 365 -26.04 -57.52 22.26
C ASN Z 365 -25.06 -58.48 21.61
N ASP Z 366 -24.12 -57.92 20.85
CA ASP Z 366 -23.16 -58.75 20.12
C ASP Z 366 -22.24 -59.39 21.15
N VAL Z 367 -22.75 -60.45 21.79
CA VAL Z 367 -22.08 -61.14 22.88
C VAL Z 367 -21.94 -62.61 22.52
N THR Z 368 -21.13 -63.31 23.30
CA THR Z 368 -20.97 -64.75 23.20
C THR Z 368 -21.76 -65.44 24.30
N ASN Z 369 -21.89 -66.76 24.17
CA ASN Z 369 -22.61 -67.56 25.16
C ASN Z 369 -21.67 -68.00 26.28
N TYR Z 370 -21.08 -67.00 26.94
CA TYR Z 370 -20.15 -67.22 28.04
C TYR Z 370 -20.71 -66.54 29.28
N LEU Z 371 -21.11 -67.34 30.27
CA LEU Z 371 -21.74 -66.83 31.47
C LEU Z 371 -21.02 -67.19 32.76
N ARG Z 372 -20.12 -68.17 32.73
CA ARG Z 372 -19.51 -68.71 33.94
C ARG Z 372 -18.00 -68.75 33.79
N ASP Z 373 -17.30 -68.46 34.89
CA ASP Z 373 -15.88 -68.72 34.99
C ASP Z 373 -15.65 -70.24 35.13
N GLU Z 374 -14.39 -70.62 35.36
CA GLU Z 374 -14.08 -72.02 35.62
C GLU Z 374 -14.93 -72.56 36.77
N LYS Z 375 -15.04 -71.78 37.85
CA LYS Z 375 -15.95 -72.10 38.95
C LYS Z 375 -16.98 -71.02 39.20
N ASN Z 376 -16.55 -69.75 39.25
CA ASN Z 376 -17.43 -68.66 39.68
C ASN Z 376 -18.33 -68.20 38.54
N ARG Z 377 -19.34 -67.40 38.91
CA ARG Z 377 -20.34 -66.88 37.97
C ARG Z 377 -19.79 -65.73 37.12
N PRO Z 378 -19.34 -64.60 37.72
CA PRO Z 378 -19.16 -63.39 36.90
C PRO Z 378 -17.83 -63.27 36.15
N ASN Z 379 -17.72 -63.99 35.04
CA ASN Z 379 -16.55 -63.89 34.16
C ASN Z 379 -16.97 -63.12 32.91
N ALA Z 380 -16.83 -61.79 32.97
CA ALA Z 380 -17.13 -60.93 31.84
C ALA Z 380 -15.95 -60.75 30.90
N THR Z 381 -14.82 -61.41 31.16
CA THR Z 381 -13.64 -61.23 30.33
C THR Z 381 -13.85 -61.73 28.91
N PHE Z 382 -14.87 -62.56 28.67
CA PHE Z 382 -15.17 -63.06 27.34
C PHE Z 382 -16.65 -62.92 26.99
N ARG Z 383 -17.35 -61.99 27.62
CA ARG Z 383 -18.77 -61.80 27.34
C ARG Z 383 -18.97 -61.26 25.94
N ASP Z 384 -18.43 -60.08 25.66
CA ASP Z 384 -18.60 -59.46 24.35
C ASP Z 384 -17.79 -60.19 23.30
N ALA Z 385 -18.35 -60.32 22.09
CA ALA Z 385 -17.63 -60.96 21.01
C ALA Z 385 -16.44 -60.13 20.56
N SER Z 386 -16.47 -58.81 20.81
CA SER Z 386 -15.34 -57.96 20.44
C SER Z 386 -14.10 -58.31 21.24
N SER Z 387 -14.26 -58.67 22.51
CA SER Z 387 -13.14 -59.06 23.34
C SER Z 387 -12.42 -60.27 22.78
N ARG Z 388 -13.16 -61.20 22.17
CA ARG Z 388 -12.56 -62.39 21.58
C ARG Z 388 -11.60 -62.02 20.45
N ARG Z 389 -12.09 -61.23 19.49
CA ARG Z 389 -11.25 -60.82 18.38
C ARG Z 389 -10.10 -59.94 18.85
N LEU Z 390 -10.34 -59.10 19.87
CA LEU Z 390 -9.27 -58.28 20.41
C LEU Z 390 -8.16 -59.14 21.01
N ALA Z 391 -8.54 -60.16 21.78
CA ALA Z 391 -7.54 -61.04 22.36
C ALA Z 391 -6.77 -61.79 21.28
N ALA Z 392 -7.48 -62.30 20.27
CA ALA Z 392 -6.80 -63.02 19.19
C ALA Z 392 -5.82 -62.11 18.45
N ALA Z 393 -6.27 -60.89 18.12
CA ALA Z 393 -5.41 -59.95 17.41
C ALA Z 393 -4.19 -59.55 18.23
N THR Z 394 -4.39 -59.29 19.53
CA THR Z 394 -3.27 -58.93 20.39
C THR Z 394 -2.27 -60.08 20.48
N GLY Z 395 -2.76 -61.31 20.64
CA GLY Z 395 -1.86 -62.44 20.69
C GLY Z 395 -1.05 -62.61 19.42
N VAL Z 396 -1.73 -62.53 18.26
CA VAL Z 396 -1.02 -62.69 16.99
C VAL Z 396 0.00 -61.57 16.79
N ALA Z 397 -0.40 -60.33 17.08
CA ALA Z 397 0.51 -59.20 16.89
C ALA Z 397 1.71 -59.29 17.80
N LEU Z 398 1.51 -59.68 19.07
CA LEU Z 398 2.61 -59.83 19.99
C LEU Z 398 3.54 -60.96 19.55
N ALA Z 399 2.97 -62.06 19.05
CA ALA Z 399 3.79 -63.14 18.54
C ALA Z 399 4.64 -62.68 17.36
N GLU Z 400 4.07 -61.87 16.48
CA GLU Z 400 4.85 -61.32 15.37
C GLU Z 400 5.95 -60.39 15.88
N PHE Z 401 5.64 -59.57 16.87
CA PHE Z 401 6.60 -58.57 17.33
C PHE Z 401 7.83 -59.22 17.98
N LEU Z 402 7.62 -60.25 18.80
CA LEU Z 402 8.73 -60.90 19.48
C LEU Z 402 9.60 -61.73 18.55
N GLN Z 403 9.18 -61.94 17.30
CA GLN Z 403 9.96 -62.76 16.37
C GLN Z 403 11.33 -62.17 16.08
N GLN Z 404 11.53 -60.87 16.33
CA GLN Z 404 12.82 -60.26 16.09
C GLN Z 404 13.91 -60.78 17.01
N PHE Z 405 13.55 -61.33 18.17
CA PHE Z 405 14.51 -61.85 19.12
C PHE Z 405 14.96 -63.27 18.80
N ASN Z 406 14.39 -63.90 17.78
CA ASN Z 406 14.79 -65.25 17.42
C ASN Z 406 16.18 -65.24 16.84
N GLY Z 407 17.07 -66.05 17.39
CA GLY Z 407 18.45 -66.12 16.94
C GLY Z 407 19.34 -65.00 17.43
N LEU Z 408 18.82 -64.07 18.21
CA LEU Z 408 19.61 -62.95 18.70
C LEU Z 408 20.47 -63.37 19.89
N ALA Z 409 21.59 -62.68 20.06
CA ALA Z 409 22.48 -62.94 21.17
C ALA Z 409 21.95 -62.26 22.42
N VAL Z 410 22.00 -62.98 23.54
CA VAL Z 410 21.46 -62.50 24.81
C VAL Z 410 22.54 -62.63 25.87
N PHE Z 411 22.82 -61.52 26.56
CA PHE Z 411 23.78 -61.51 27.65
C PHE Z 411 23.03 -61.37 28.98
N THR Z 412 23.27 -62.29 29.89
CA THR Z 412 22.62 -62.29 31.20
C THR Z 412 23.58 -62.12 32.35
N LYS Z 413 24.76 -62.72 32.29
CA LYS Z 413 25.72 -62.60 33.39
C LYS Z 413 26.48 -61.29 33.31
N ASN Z 414 27.23 -61.07 32.23
CA ASN Z 414 27.93 -59.82 31.99
C ASN Z 414 27.10 -59.02 30.99
N THR Z 415 26.38 -58.01 31.50
CA THR Z 415 25.43 -57.26 30.70
C THR Z 415 26.07 -56.08 29.97
N ASN Z 416 27.39 -56.10 29.79
CA ASN Z 416 28.10 -55.07 29.03
C ASN Z 416 28.34 -55.61 27.62
N ILE Z 417 27.52 -55.18 26.67
CA ILE Z 417 27.68 -55.61 25.30
C ILE Z 417 28.92 -54.96 24.70
N ARG Z 418 29.81 -55.78 24.15
CA ARG Z 418 31.01 -55.25 23.51
C ARG Z 418 30.62 -54.43 22.28
N THR Z 419 31.43 -53.41 22.00
CA THR Z 419 31.14 -52.52 20.87
C THR Z 419 31.20 -53.29 19.56
N GLY Z 420 30.16 -53.12 18.74
CA GLY Z 420 30.04 -53.83 17.48
C GLY Z 420 29.26 -55.12 17.56
N ILE Z 421 28.95 -55.61 18.75
CA ILE Z 421 28.21 -56.86 18.92
C ILE Z 421 26.73 -56.57 18.78
N ILE Z 422 26.03 -57.46 18.06
CA ILE Z 422 24.58 -57.35 17.87
C ILE Z 422 23.93 -58.25 18.91
N GLY Z 423 23.43 -57.65 19.98
CA GLY Z 423 22.81 -58.39 21.04
C GLY Z 423 22.04 -57.48 21.97
N THR Z 424 21.58 -58.05 23.08
CA THR Z 424 20.80 -57.31 24.07
C THR Z 424 20.82 -58.09 25.38
N ASN Z 425 20.20 -57.49 26.40
CA ASN Z 425 20.08 -58.05 27.73
C ASN Z 425 18.63 -57.94 28.17
N PRO Z 426 18.22 -58.70 29.19
CA PRO Z 426 16.78 -58.73 29.54
C PRO Z 426 16.16 -57.38 29.83
N ARG Z 427 16.88 -56.45 30.44
CA ARG Z 427 16.29 -55.16 30.77
C ARG Z 427 15.94 -54.37 29.51
N LEU Z 428 16.82 -54.41 28.50
CA LEU Z 428 16.51 -53.74 27.24
C LEU Z 428 15.32 -54.39 26.54
N MET Z 429 15.21 -55.72 26.62
CA MET Z 429 14.03 -56.39 26.09
C MET Z 429 12.77 -55.92 26.80
N LEU Z 430 12.83 -55.79 28.12
CA LEU Z 430 11.68 -55.31 28.88
C LEU Z 430 11.31 -53.90 28.47
N GLY Z 431 12.31 -53.04 28.28
CA GLY Z 431 12.03 -51.68 27.82
C GLY Z 431 11.38 -51.65 26.45
N LYS Z 432 11.89 -52.47 25.53
CA LYS Z 432 11.30 -52.51 24.19
C LYS Z 432 9.87 -53.05 24.23
N ILE Z 433 9.62 -54.07 25.05
CA ILE Z 433 8.28 -54.62 25.17
C ILE Z 433 7.33 -53.59 25.76
N ARG Z 434 7.77 -52.86 26.78
CA ARG Z 434 6.94 -51.81 27.36
C ARG Z 434 6.65 -50.71 26.34
N LYS Z 435 7.64 -50.35 25.53
CA LYS Z 435 7.42 -49.36 24.48
C LYS Z 435 6.40 -49.85 23.47
N TRP Z 436 6.51 -51.12 23.06
CA TRP Z 436 5.54 -51.68 22.12
C TRP Z 436 4.14 -51.69 22.71
N ALA Z 437 4.02 -52.06 23.99
CA ALA Z 437 2.71 -52.05 24.64
C ALA Z 437 2.14 -50.65 24.72
N GLN Z 438 2.98 -49.66 25.00
CA GLN Z 438 2.50 -48.28 25.07
C GLN Z 438 2.09 -47.77 23.70
N ASP Z 439 2.75 -48.21 22.64
CA ASP Z 439 2.41 -47.78 21.28
C ASP Z 439 1.05 -48.28 20.82
N ASN Z 440 0.50 -49.30 21.46
CA ASN Z 440 -0.76 -49.90 21.03
C ASN Z 440 -1.95 -49.44 21.84
N VAL Z 441 -1.76 -48.48 22.75
CA VAL Z 441 -2.89 -47.94 23.50
C VAL Z 441 -3.81 -47.18 22.55
N GLY Z 442 -5.10 -47.44 22.66
CA GLY Z 442 -6.10 -46.83 21.81
C GLY Z 442 -6.54 -47.69 20.64
N THR Z 443 -5.74 -48.67 20.26
CA THR Z 443 -6.12 -49.62 19.21
C THR Z 443 -6.24 -51.05 19.70
N LEU Z 444 -5.61 -51.41 20.81
CA LEU Z 444 -5.71 -52.75 21.36
C LEU Z 444 -5.95 -52.81 22.85
N PHE Z 445 -5.61 -51.76 23.60
CA PHE Z 445 -5.71 -51.77 25.06
C PHE Z 445 -6.38 -50.50 25.53
N SER Z 446 -6.64 -50.46 26.84
CA SER Z 446 -7.09 -49.24 27.49
C SER Z 446 -5.89 -48.34 27.73
N GLU Z 447 -6.06 -47.31 28.55
CA GLU Z 447 -5.00 -46.34 28.74
C GLU Z 447 -3.78 -47.04 29.34
N PHE Z 448 -3.88 -47.43 30.62
CA PHE Z 448 -3.37 -48.70 31.11
C PHE Z 448 -3.55 -48.66 32.62
N ASP Z 449 -3.47 -49.80 33.31
CA ASP Z 449 -3.59 -49.74 34.76
C ASP Z 449 -2.33 -49.19 35.40
N ASN Z 450 -1.25 -49.99 35.42
CA ASN Z 450 -0.01 -49.55 36.03
C ASN Z 450 1.11 -50.33 35.37
N ILE Z 451 1.89 -49.67 34.51
CA ILE Z 451 2.77 -50.37 33.59
C ILE Z 451 3.92 -51.08 34.30
N ASN Z 452 4.27 -50.70 35.53
CA ASN Z 452 5.38 -51.35 36.20
C ASN Z 452 5.08 -52.80 36.53
N GLU Z 453 3.86 -53.10 37.00
CA GLU Z 453 3.55 -54.38 37.61
C GLU Z 453 2.84 -55.35 36.67
N ASP Z 454 2.18 -54.86 35.64
CA ASP Z 454 1.39 -55.74 34.77
C ASP Z 454 2.17 -56.24 33.56
N ILE Z 455 3.42 -55.81 33.38
CA ILE Z 455 4.30 -56.38 32.38
C ILE Z 455 5.57 -56.83 33.08
N GLN Z 456 5.88 -58.12 32.96
CA GLN Z 456 7.03 -58.70 33.64
C GLN Z 456 7.79 -59.58 32.66
N LEU Z 457 9.10 -59.37 32.56
CA LEU Z 457 9.98 -60.23 31.80
C LEU Z 457 10.98 -60.87 32.75
N LEU Z 458 11.00 -62.20 32.78
CA LEU Z 458 11.86 -62.93 33.70
C LEU Z 458 12.50 -64.09 32.97
N THR Z 459 13.81 -64.24 33.12
CA THR Z 459 14.47 -65.44 32.66
C THR Z 459 14.08 -66.62 33.53
N ASP Z 460 14.15 -67.82 32.95
CA ASP Z 460 13.72 -69.01 33.66
C ASP Z 460 14.57 -69.32 34.88
N PHE Z 461 15.75 -68.70 34.99
CA PHE Z 461 16.63 -68.98 36.12
C PHE Z 461 16.01 -68.54 37.44
N GLU Z 462 15.37 -67.38 37.48
CA GLU Z 462 14.82 -66.84 38.72
C GLU Z 462 13.34 -67.15 38.91
N VAL Z 463 12.73 -67.91 38.00
CA VAL Z 463 11.36 -68.35 38.20
C VAL Z 463 11.27 -69.83 38.58
N GLN Z 464 12.40 -70.54 38.58
CA GLN Z 464 12.46 -71.96 38.89
C GLN Z 464 13.51 -72.20 39.96
N PRO Z 465 13.38 -73.29 40.72
CA PRO Z 465 14.31 -73.53 41.84
C PRO Z 465 15.71 -73.91 41.39
N LYS Z 466 16.54 -74.30 42.38
CA LYS Z 466 17.94 -74.63 42.16
C LYS Z 466 18.15 -75.58 40.99
N CYS Z 467 18.95 -75.13 40.02
CA CYS Z 467 19.39 -75.95 38.88
C CYS Z 467 18.22 -76.49 38.06
N VAL Z 468 17.09 -75.79 38.06
CA VAL Z 468 15.96 -76.17 37.23
C VAL Z 468 15.91 -75.38 35.92
N GLY Z 469 16.56 -74.23 35.86
CA GLY Z 469 16.47 -73.38 34.69
C GLY Z 469 17.28 -73.91 33.51
N GLN Z 470 17.28 -73.12 32.45
CA GLN Z 470 17.93 -73.46 31.19
C GLN Z 470 18.20 -72.18 30.41
N PRO Z 471 19.42 -71.98 29.89
CA PRO Z 471 19.72 -70.73 29.20
C PRO Z 471 18.89 -70.56 27.93
N GLY Z 472 18.48 -69.32 27.68
CA GLY Z 472 17.74 -68.99 26.48
C GLY Z 472 16.23 -69.05 26.59
N ILE Z 473 15.69 -69.31 27.77
CA ILE Z 473 14.24 -69.40 27.98
C ILE Z 473 13.81 -68.29 28.90
N PHE Z 474 12.83 -67.50 28.47
CA PHE Z 474 12.31 -66.37 29.22
C PHE Z 474 10.89 -66.67 29.70
N HIS Z 475 10.28 -65.67 30.33
CA HIS Z 475 8.91 -65.78 30.82
C HIS Z 475 8.30 -64.39 30.87
N LEU Z 476 7.29 -64.14 30.05
CA LEU Z 476 6.65 -62.84 29.95
C LEU Z 476 5.20 -62.95 30.38
N ASN Z 477 4.79 -62.07 31.29
CA ASN Z 477 3.42 -62.02 31.78
C ASN Z 477 2.85 -60.63 31.48
N MET Z 478 1.69 -60.59 30.86
CA MET Z 478 1.04 -59.33 30.51
C MET Z 478 -0.42 -59.36 30.97
N ARG Z 479 -0.89 -58.22 31.47
CA ARG Z 479 -2.26 -58.07 31.97
C ARG Z 479 -2.83 -56.80 31.35
N TYR Z 480 -3.43 -56.92 30.17
CA TYR Z 480 -4.01 -55.78 29.48
C TYR Z 480 -5.49 -55.64 29.84
N ARG Z 481 -6.09 -54.53 29.39
CA ARG Z 481 -7.52 -54.29 29.59
C ARG Z 481 -8.12 -53.77 28.28
N PRO Z 482 -9.22 -54.35 27.83
CA PRO Z 482 -9.80 -53.94 26.54
C PRO Z 482 -10.42 -52.56 26.63
N PRO Z 483 -10.63 -51.91 25.48
CA PRO Z 483 -11.28 -50.58 25.49
C PRO Z 483 -12.68 -50.64 26.06
N VAL Z 484 -13.25 -49.46 26.24
CA VAL Z 484 -14.54 -49.27 26.90
C VAL Z 484 -15.52 -48.65 25.91
N ARG Z 485 -16.80 -48.98 26.09
CA ARG Z 485 -17.85 -48.55 25.18
C ARG Z 485 -19.16 -48.38 25.96
N GLY Z 486 -20.03 -47.52 25.45
CA GLY Z 486 -21.28 -47.22 26.12
C GLY Z 486 -22.41 -48.14 25.70
N ALA Z 487 -23.36 -48.35 26.61
CA ALA Z 487 -24.42 -49.32 26.35
C ALA Z 487 -25.83 -48.78 26.54
N ARG Z 488 -26.06 -47.90 27.52
CA ARG Z 488 -27.40 -47.43 27.82
C ARG Z 488 -27.37 -45.94 28.17
N ILE Z 489 -28.56 -45.34 28.24
CA ILE Z 489 -28.71 -43.91 28.47
C ILE Z 489 -29.59 -43.62 29.69
N ASN Z 490 -30.78 -44.19 29.73
CA ASN Z 490 -31.75 -44.00 30.81
C ASN Z 490 -32.13 -42.52 30.96
N VAL Z 491 -32.75 -41.99 29.91
CA VAL Z 491 -33.20 -40.60 29.92
C VAL Z 491 -34.43 -40.46 30.80
N ASN Z 492 -34.51 -39.35 31.53
CA ASN Z 492 -35.62 -39.06 32.44
C ASN Z 492 -36.13 -37.66 32.12
N MET Z 493 -37.36 -37.58 31.60
CA MET Z 493 -37.96 -36.31 31.21
C MET Z 493 -38.95 -35.81 32.25
N ALA Z 494 -39.20 -34.50 32.23
CA ALA Z 494 -40.08 -33.87 33.22
C ALA Z 494 -40.71 -32.64 32.61
N PRO Z 495 -41.93 -32.75 32.08
CA PRO Z 495 -42.59 -31.59 31.48
C PRO Z 495 -43.11 -30.59 32.50
N ALA Z 496 -42.22 -30.08 33.36
CA ALA Z 496 -42.64 -29.11 34.35
C ALA Z 496 -43.00 -27.78 33.71
N LEU Z 497 -43.92 -27.06 34.34
CA LEU Z 497 -44.38 -25.78 33.83
C LEU Z 497 -43.45 -24.65 34.30
N PRO AA 17 -24.71 -34.76 -60.33
CA PRO AA 17 -25.76 -34.75 -59.30
C PRO AA 17 -25.77 -36.02 -58.46
N SER AA 18 -24.77 -36.88 -58.67
CA SER AA 18 -24.65 -38.16 -57.94
C SER AA 18 -23.24 -38.30 -57.37
N LEU AA 19 -22.75 -37.23 -56.74
CA LEU AA 19 -21.40 -37.18 -56.19
C LEU AA 19 -21.46 -37.31 -54.68
N ASN AA 20 -20.56 -38.11 -54.13
CA ASN AA 20 -20.43 -38.25 -52.69
C ASN AA 20 -19.65 -37.07 -52.12
N PHE AA 21 -19.95 -36.73 -50.87
CA PHE AA 21 -19.21 -35.71 -50.12
C PHE AA 21 -18.60 -36.39 -48.90
N PHE AA 22 -17.45 -37.04 -49.11
CA PHE AA 22 -16.70 -37.74 -48.06
C PHE AA 22 -17.61 -38.43 -47.07
N GLY AA 23 -17.32 -38.27 -45.78
CA GLY AA 23 -18.18 -38.81 -44.73
C GLY AA 23 -17.94 -40.25 -44.38
N GLU AA 24 -16.77 -40.80 -44.69
CA GLU AA 24 -16.49 -42.19 -44.38
C GLU AA 24 -16.53 -42.41 -42.86
N GLY AA 25 -17.22 -43.46 -42.45
CA GLY AA 25 -17.34 -43.79 -41.05
C GLY AA 25 -18.66 -44.47 -40.77
N CYS AA 26 -18.78 -44.97 -39.54
CA CYS AA 26 -20.02 -45.61 -39.08
C CYS AA 26 -20.43 -46.76 -39.99
N LYS AA 27 -19.47 -47.63 -40.31
CA LYS AA 27 -19.65 -48.61 -41.36
C LYS AA 27 -20.81 -49.57 -41.07
N ILE AA 28 -21.61 -49.84 -42.10
CA ILE AA 28 -22.73 -50.77 -42.03
C ILE AA 28 -22.50 -51.87 -43.05
N LEU AA 29 -22.87 -53.09 -42.69
CA LEU AA 29 -22.85 -54.21 -43.61
C LEU AA 29 -24.28 -54.67 -43.87
N VAL AA 30 -24.65 -54.73 -45.16
CA VAL AA 30 -25.94 -55.26 -45.58
C VAL AA 30 -25.70 -56.57 -46.32
N GLU AA 31 -26.44 -57.60 -45.94
CA GLU AA 31 -26.23 -58.95 -46.46
C GLU AA 31 -27.55 -59.48 -47.00
N GLY AA 32 -27.50 -60.01 -48.22
CA GLY AA 32 -28.69 -60.49 -48.87
C GLY AA 32 -28.37 -61.25 -50.13
N GLN AA 33 -29.39 -61.42 -50.97
CA GLN AA 33 -29.29 -62.18 -52.20
C GLN AA 33 -29.38 -61.24 -53.40
N MET AA 34 -28.56 -61.52 -54.42
CA MET AA 34 -28.49 -60.69 -55.62
C MET AA 34 -28.78 -61.55 -56.85
N THR AA 35 -29.60 -61.03 -57.74
CA THR AA 35 -29.97 -61.74 -58.95
C THR AA 35 -28.78 -61.84 -59.90
N ASP AA 36 -28.85 -62.81 -60.83
CA ASP AA 36 -27.77 -63.03 -61.77
C ASP AA 36 -27.48 -61.80 -62.62
N ASP AA 37 -28.44 -60.87 -62.75
CA ASP AA 37 -28.19 -59.61 -63.44
C ASP AA 37 -27.07 -58.83 -62.76
N GLY AA 38 -26.93 -58.97 -61.44
CA GLY AA 38 -25.92 -58.26 -60.69
C GLY AA 38 -24.50 -58.58 -61.13
N SER AA 39 -23.74 -57.54 -61.45
CA SER AA 39 -22.36 -57.71 -61.93
C SER AA 39 -21.38 -57.53 -60.77
N ALA AA 40 -21.45 -58.46 -59.83
CA ALA AA 40 -20.57 -58.45 -58.66
C ALA AA 40 -20.34 -59.88 -58.21
N THR AA 41 -19.08 -60.22 -57.95
CA THR AA 41 -18.76 -61.57 -57.50
C THR AA 41 -19.34 -61.81 -56.10
N PRO AA 42 -19.82 -63.01 -55.82
CA PRO AA 42 -20.39 -63.29 -54.50
C PRO AA 42 -19.31 -63.32 -53.42
N ASP AA 43 -19.76 -63.16 -52.17
CA ASP AA 43 -18.89 -63.19 -51.00
C ASP AA 43 -17.78 -62.14 -51.11
N ALA AA 44 -18.13 -60.94 -51.54
CA ALA AA 44 -17.18 -59.85 -51.72
C ALA AA 44 -17.81 -58.57 -51.21
N VAL AA 45 -17.26 -58.05 -50.11
CA VAL AA 45 -17.75 -56.79 -49.54
C VAL AA 45 -17.19 -55.64 -50.35
N THR AA 46 -18.07 -54.78 -50.86
CA THR AA 46 -17.68 -53.66 -51.70
C THR AA 46 -18.44 -52.42 -51.27
N CYS AA 47 -17.74 -51.29 -51.23
CA CYS AA 47 -18.36 -50.03 -50.84
C CYS AA 47 -19.43 -49.61 -51.86
N VAL AA 48 -20.50 -49.01 -51.37
CA VAL AA 48 -21.59 -48.52 -52.20
C VAL AA 48 -21.72 -47.03 -51.97
N THR AA 49 -21.51 -46.24 -53.01
CA THR AA 49 -21.53 -44.79 -52.87
C THR AA 49 -22.97 -44.27 -52.77
N SER AA 50 -23.78 -44.52 -53.79
CA SER AA 50 -25.15 -44.02 -53.82
C SER AA 50 -25.99 -44.99 -54.64
N GLU AA 51 -27.19 -44.54 -55.02
CA GLU AA 51 -28.13 -45.35 -55.79
C GLU AA 51 -27.82 -45.42 -57.27
N LEU AA 52 -26.72 -44.78 -57.71
CA LEU AA 52 -26.44 -44.65 -59.13
C LEU AA 52 -26.33 -45.99 -59.84
N ASP AA 53 -25.62 -46.94 -59.24
CA ASP AA 53 -25.35 -48.21 -59.90
C ASP AA 53 -25.61 -49.40 -58.98
N ILE AA 54 -26.54 -49.25 -58.03
CA ILE AA 54 -26.86 -50.35 -57.13
C ILE AA 54 -27.56 -51.46 -57.88
N ILE AA 55 -28.56 -51.11 -58.70
CA ILE AA 55 -29.22 -52.11 -59.55
C ILE AA 55 -28.25 -52.66 -60.58
N GLU AA 56 -27.25 -51.87 -60.97
CA GLU AA 56 -26.31 -52.29 -62.00
C GLU AA 56 -25.50 -53.51 -61.57
N ARG AA 57 -25.05 -53.53 -60.31
CA ARG AA 57 -24.19 -54.60 -59.81
C ARG AA 57 -24.90 -55.53 -58.84
N PHE AA 58 -26.15 -55.24 -58.47
CA PHE AA 58 -26.86 -56.03 -57.45
C PHE AA 58 -28.17 -56.60 -57.98
N GLY AA 59 -28.38 -56.58 -59.29
CA GLY AA 59 -29.59 -57.13 -59.87
C GLY AA 59 -30.76 -56.15 -59.81
N GLN AA 60 -31.82 -56.52 -60.51
CA GLN AA 60 -33.02 -55.70 -60.60
C GLN AA 60 -34.06 -56.22 -59.61
N GLY AA 61 -34.49 -55.35 -58.70
CA GLY AA 61 -35.53 -55.72 -57.75
C GLY AA 61 -35.14 -56.80 -56.77
N SER AA 62 -33.84 -57.05 -56.59
CA SER AA 62 -33.41 -58.09 -55.68
C SER AA 62 -33.63 -57.66 -54.23
N VAL AA 63 -33.60 -58.65 -53.33
CA VAL AA 63 -33.79 -58.38 -51.92
C VAL AA 63 -32.70 -57.46 -51.38
N LEU AA 64 -31.44 -57.72 -51.75
CA LEU AA 64 -30.34 -56.88 -51.30
C LEU AA 64 -30.45 -55.46 -51.87
N THR AA 65 -30.84 -55.35 -53.14
CA THR AA 65 -30.95 -54.03 -53.76
C THR AA 65 -32.00 -53.17 -53.05
N GLU AA 66 -33.17 -53.75 -52.78
CA GLU AA 66 -34.21 -52.99 -52.09
C GLU AA 66 -33.82 -52.68 -50.66
N SER AA 67 -33.18 -53.63 -49.97
CA SER AA 67 -32.72 -53.38 -48.61
C SER AA 67 -31.75 -52.21 -48.58
N LEU AA 68 -30.79 -52.20 -49.50
CA LEU AA 68 -29.79 -51.14 -49.53
C LEU AA 68 -30.40 -49.81 -49.97
N ARG AA 69 -31.38 -49.84 -50.88
CA ARG AA 69 -32.07 -48.63 -51.27
C ARG AA 69 -32.80 -48.00 -50.09
N LYS AA 70 -33.48 -48.82 -49.28
CA LYS AA 70 -34.14 -48.28 -48.10
C LYS AA 70 -33.13 -47.84 -47.05
N VAL AA 71 -31.98 -48.50 -46.97
CA VAL AA 71 -30.91 -48.05 -46.09
C VAL AA 71 -30.49 -46.63 -46.47
N PHE AA 72 -30.29 -46.39 -47.77
CA PHE AA 72 -29.92 -45.06 -48.24
C PHE AA 72 -31.05 -44.06 -48.00
N CYS AA 73 -32.31 -44.47 -48.20
CA CYS AA 73 -33.42 -43.56 -47.98
C CYS AA 73 -33.49 -43.11 -46.54
N THR AA 74 -33.31 -44.05 -45.60
CA THR AA 74 -33.35 -43.70 -44.18
C THR AA 74 -32.17 -42.83 -43.79
N CYS AA 75 -30.98 -43.12 -44.32
CA CYS AA 75 -29.74 -42.44 -43.95
C CYS AA 75 -29.19 -41.72 -45.16
N LYS AA 76 -29.32 -40.39 -45.19
CA LYS AA 76 -28.87 -39.62 -46.33
C LYS AA 76 -27.36 -39.51 -46.39
N SER AA 77 -26.71 -39.27 -45.26
CA SER AA 77 -25.27 -39.04 -45.25
C SER AA 77 -24.74 -39.27 -43.84
N GLY AA 78 -23.40 -39.22 -43.73
CA GLY AA 78 -22.73 -39.41 -42.47
C GLY AA 78 -22.31 -40.82 -42.15
N VAL AA 79 -22.72 -41.80 -42.96
CA VAL AA 79 -22.41 -43.20 -42.72
C VAL AA 79 -21.94 -43.84 -44.02
N SER AA 80 -21.28 -44.99 -43.87
CA SER AA 80 -20.77 -45.76 -45.00
C SER AA 80 -21.37 -47.15 -44.97
N VAL AA 81 -21.92 -47.59 -46.10
CA VAL AA 81 -22.56 -48.88 -46.21
C VAL AA 81 -21.65 -49.85 -46.93
N TYR AA 82 -21.85 -51.14 -46.69
CA TYR AA 82 -21.05 -52.19 -47.31
C TYR AA 82 -21.98 -53.32 -47.72
N ALA AA 83 -21.86 -53.76 -48.97
CA ALA AA 83 -22.76 -54.75 -49.56
C ALA AA 83 -22.10 -56.11 -49.65
N LEU AA 84 -22.85 -57.16 -49.33
CA LEU AA 84 -22.37 -58.55 -49.39
C LEU AA 84 -23.38 -59.37 -50.19
N PRO AA 85 -23.32 -59.30 -51.51
CA PRO AA 85 -24.26 -60.08 -52.34
C PRO AA 85 -24.01 -61.58 -52.21
N ARG AA 86 -25.08 -62.34 -52.41
CA ARG AA 86 -25.02 -63.80 -52.36
C ARG AA 86 -25.80 -64.37 -53.55
N GLU AA 87 -25.61 -65.67 -53.77
CA GLU AA 87 -26.21 -66.35 -54.91
C GLU AA 87 -27.22 -67.39 -54.45
N ASP AA 88 -28.29 -67.53 -55.23
CA ASP AA 88 -29.32 -68.51 -54.93
C ASP AA 88 -28.79 -69.94 -55.14
N ALA AA 89 -29.25 -70.84 -54.28
CA ALA AA 89 -28.84 -72.23 -54.38
C ALA AA 89 -29.37 -72.87 -55.67
N ALA AA 90 -28.57 -73.78 -56.23
CA ALA AA 90 -28.98 -74.46 -57.45
C ALA AA 90 -30.22 -75.32 -57.24
N ALA AA 91 -30.27 -76.05 -56.12
CA ALA AA 91 -31.41 -76.90 -55.83
C ALA AA 91 -32.61 -76.13 -55.28
N GLY AA 92 -32.43 -74.85 -54.97
CA GLY AA 92 -33.54 -74.07 -54.43
C GLY AA 92 -34.63 -73.87 -55.47
N VAL AA 93 -35.85 -74.20 -55.09
CA VAL AA 93 -37.02 -74.00 -55.95
C VAL AA 93 -37.64 -72.64 -55.61
N LYS AA 94 -38.05 -71.92 -56.65
CA LYS AA 94 -38.66 -70.61 -56.45
C LYS AA 94 -40.05 -70.77 -55.85
N ALA AA 95 -40.39 -69.86 -54.93
CA ALA AA 95 -41.71 -69.88 -54.30
C ALA AA 95 -42.79 -69.62 -55.34
N VAL AA 96 -43.85 -70.42 -55.29
CA VAL AA 96 -44.93 -70.38 -56.27
C VAL AA 96 -46.22 -69.98 -55.56
N TYR AA 97 -46.85 -68.92 -56.05
CA TYR AA 97 -48.14 -68.49 -55.54
C TYR AA 97 -49.28 -69.05 -56.37
N LEU AA 160 -47.89 -65.62 -59.39
CA LEU AA 160 -46.66 -64.83 -59.38
C LEU AA 160 -45.51 -65.62 -58.78
N THR AA 161 -44.29 -65.24 -59.15
CA THR AA 161 -43.08 -65.89 -58.65
C THR AA 161 -42.02 -64.83 -58.38
N ALA AA 162 -41.34 -64.96 -57.25
CA ALA AA 162 -40.29 -64.01 -56.88
C ALA AA 162 -39.07 -64.20 -57.78
N ARG AA 163 -38.06 -63.36 -57.55
CA ARG AA 163 -36.82 -63.42 -58.30
C ARG AA 163 -35.71 -64.16 -57.56
N ASN AA 164 -36.01 -64.74 -56.39
CA ASN AA 164 -35.03 -65.46 -55.60
C ASN AA 164 -35.63 -66.78 -55.16
N ALA AA 165 -34.91 -67.87 -55.39
CA ALA AA 165 -35.36 -69.20 -55.01
C ALA AA 165 -35.13 -69.44 -53.52
N GLY AA 166 -36.09 -70.09 -52.87
CA GLY AA 166 -36.00 -70.43 -51.47
C GLY AA 166 -37.25 -70.00 -50.73
N THR AA 167 -37.20 -70.10 -49.40
CA THR AA 167 -38.33 -69.74 -48.56
C THR AA 167 -38.55 -68.24 -48.47
N ILE AA 168 -37.62 -67.42 -48.97
CA ILE AA 168 -37.75 -65.97 -48.85
C ILE AA 168 -38.80 -65.41 -49.80
N GLY AA 169 -39.26 -66.19 -50.76
CA GLY AA 169 -40.27 -65.71 -51.69
C GLY AA 169 -41.70 -65.80 -51.18
N ASN AA 170 -41.91 -66.41 -50.03
CA ASN AA 170 -43.26 -66.56 -49.47
C ASN AA 170 -43.60 -65.40 -48.54
N HIS AA 171 -43.40 -64.16 -49.00
CA HIS AA 171 -43.68 -62.98 -48.19
C HIS AA 171 -44.04 -61.84 -49.14
N LEU AA 172 -45.34 -61.62 -49.33
CA LEU AA 172 -45.82 -60.53 -50.17
C LEU AA 172 -47.31 -60.35 -49.95
N SER AA 173 -47.75 -59.10 -49.88
CA SER AA 173 -49.17 -58.78 -49.73
C SER AA 173 -49.53 -57.63 -50.66
N VAL AA 174 -50.70 -57.73 -51.28
CA VAL AA 174 -51.21 -56.70 -52.18
C VAL AA 174 -52.59 -56.29 -51.71
N ILE AA 175 -52.81 -54.97 -51.63
CA ILE AA 175 -54.07 -54.42 -51.12
C ILE AA 175 -54.58 -53.38 -52.12
N TYR AA 176 -55.86 -53.44 -52.42
CA TYR AA 176 -56.52 -52.47 -53.29
C TYR AA 176 -57.35 -51.53 -52.43
N THR AA 177 -57.09 -50.23 -52.55
CA THR AA 177 -57.81 -49.22 -51.80
C THR AA 177 -58.30 -48.10 -52.71
N GLY AA 200 -41.43 -72.75 -52.37
CA GLY AA 200 -40.03 -72.40 -52.21
C GLY AA 200 -39.34 -73.22 -51.12
N SER AA 201 -38.13 -73.67 -51.41
CA SER AA 201 -37.37 -74.47 -50.46
C SER AA 201 -35.88 -74.33 -50.78
N VAL AA 202 -35.06 -74.83 -49.86
CA VAL AA 202 -33.60 -74.85 -50.00
C VAL AA 202 -33.06 -73.43 -50.03
N ASN AA 203 -32.47 -72.99 -48.91
CA ASN AA 203 -31.89 -71.66 -48.78
C ASN AA 203 -30.37 -71.74 -48.75
N PRO AA 204 -29.69 -70.69 -49.21
CA PRO AA 204 -28.22 -70.70 -49.17
C PRO AA 204 -27.70 -70.82 -47.74
N THR AA 205 -26.64 -71.59 -47.58
CA THR AA 205 -25.97 -71.79 -46.28
C THR AA 205 -24.48 -71.58 -46.47
N PRO AA 206 -24.04 -70.32 -46.63
CA PRO AA 206 -22.62 -70.07 -46.90
C PRO AA 206 -21.70 -70.56 -45.79
N ASN AA 207 -21.92 -70.09 -44.56
CA ASN AA 207 -21.10 -70.44 -43.40
C ASN AA 207 -19.62 -70.16 -43.69
N ASP AA 208 -19.35 -68.97 -44.23
CA ASP AA 208 -18.00 -68.55 -44.55
C ASP AA 208 -17.71 -67.15 -44.02
N TYR AA 209 -18.34 -66.79 -42.90
CA TYR AA 209 -18.17 -65.45 -42.36
C TYR AA 209 -16.72 -65.20 -41.94
N ALA AA 210 -16.08 -66.18 -41.32
CA ALA AA 210 -14.69 -66.02 -40.89
C ALA AA 210 -13.73 -65.86 -42.07
N THR AA 211 -14.15 -66.22 -43.27
CA THR AA 211 -13.30 -66.12 -44.46
C THR AA 211 -13.58 -64.87 -45.27
N VAL AA 212 -14.84 -64.53 -45.51
CA VAL AA 212 -15.16 -63.35 -46.31
C VAL AA 212 -14.79 -62.08 -45.56
N VAL AA 213 -15.14 -62.01 -44.28
CA VAL AA 213 -14.83 -60.86 -43.42
C VAL AA 213 -14.18 -61.40 -42.14
N ASN AA 214 -12.85 -61.38 -42.10
CA ASN AA 214 -12.12 -61.92 -40.96
C ASN AA 214 -11.76 -60.83 -39.95
N GLU AA 215 -11.01 -59.82 -40.39
CA GLU AA 215 -10.55 -58.76 -39.51
C GLU AA 215 -11.16 -57.41 -39.86
N CYS AA 216 -12.27 -57.39 -40.58
CA CYS AA 216 -13.00 -56.15 -40.87
C CYS AA 216 -14.08 -56.00 -39.82
N CYS AA 217 -13.78 -55.24 -38.77
CA CYS AA 217 -14.73 -55.05 -37.67
C CYS AA 217 -15.87 -54.16 -38.14
N PHE AA 218 -17.06 -54.75 -38.27
CA PHE AA 218 -18.25 -54.01 -38.66
C PHE AA 218 -19.11 -53.74 -37.42
N ALA AA 219 -19.92 -52.69 -37.50
CA ALA AA 219 -20.74 -52.26 -36.37
C ALA AA 219 -22.13 -52.91 -36.40
N VAL AA 220 -22.87 -52.70 -37.49
CA VAL AA 220 -24.25 -53.15 -37.60
C VAL AA 220 -24.36 -54.13 -38.78
N TYR AA 221 -24.94 -55.29 -38.52
CA TYR AA 221 -25.13 -56.33 -39.51
C TYR AA 221 -26.60 -56.48 -39.84
N VAL AA 222 -26.93 -56.53 -41.13
CA VAL AA 222 -28.30 -56.72 -41.60
C VAL AA 222 -28.32 -57.98 -42.45
N LEU AA 223 -29.20 -58.92 -42.10
CA LEU AA 223 -29.34 -60.19 -42.82
C LEU AA 223 -30.72 -60.24 -43.46
N SER AA 224 -30.74 -60.38 -44.78
CA SER AA 224 -32.00 -60.40 -45.54
C SER AA 224 -32.44 -61.84 -45.83
N SER AA 225 -32.78 -62.56 -44.77
CA SER AA 225 -33.27 -63.93 -44.89
C SER AA 225 -34.07 -64.28 -43.64
N ASP AA 226 -34.56 -65.51 -43.62
CA ASP AA 226 -35.28 -66.02 -42.45
C ASP AA 226 -34.90 -67.45 -42.11
N ASP AA 227 -33.85 -68.00 -42.72
CA ASP AA 227 -33.44 -69.37 -42.43
C ASP AA 227 -32.78 -69.45 -41.06
N THR AA 228 -33.18 -70.46 -40.28
CA THR AA 228 -32.65 -70.58 -38.92
C THR AA 228 -31.15 -70.84 -38.92
N ASP AA 229 -30.66 -71.67 -39.85
CA ASP AA 229 -29.24 -72.01 -39.84
C ASP AA 229 -28.37 -70.82 -40.21
N TRP AA 230 -28.82 -69.99 -41.15
CA TRP AA 230 -28.06 -68.81 -41.54
C TRP AA 230 -27.94 -67.83 -40.37
N GLN AA 231 -29.06 -67.59 -39.68
CA GLN AA 231 -29.04 -66.73 -38.50
C GLN AA 231 -28.15 -67.34 -37.41
N GLU AA 232 -28.19 -68.66 -37.26
CA GLU AA 232 -27.37 -69.33 -36.25
C GLU AA 232 -25.89 -69.17 -36.56
N ASN AA 233 -25.52 -69.29 -37.84
CA ASN AA 233 -24.12 -69.09 -38.22
C ASN AA 233 -23.69 -67.65 -37.96
N LEU AA 234 -24.54 -66.68 -38.30
CA LEU AA 234 -24.22 -65.28 -38.02
C LEU AA 234 -24.07 -65.05 -36.53
N ARG AA 235 -24.96 -65.63 -35.73
CA ARG AA 235 -24.89 -65.49 -34.28
C ARG AA 235 -23.59 -66.09 -33.73
N ASP AA 236 -23.20 -67.26 -34.24
CA ASP AA 236 -21.96 -67.87 -33.79
C ASP AA 236 -20.76 -67.00 -34.15
N TRP AA 237 -20.76 -66.43 -35.35
CA TRP AA 237 -19.66 -65.55 -35.73
C TRP AA 237 -19.58 -64.33 -34.82
N ILE AA 238 -20.72 -63.71 -34.53
CA ILE AA 238 -20.71 -62.53 -33.67
C ILE AA 238 -20.29 -62.92 -32.25
N ARG AA 239 -20.70 -64.10 -31.78
CA ARG AA 239 -20.27 -64.58 -30.47
C ARG AA 239 -18.77 -64.76 -30.43
N SER AA 240 -18.19 -65.31 -31.50
CA SER AA 240 -16.75 -65.43 -31.59
C SER AA 240 -16.08 -64.06 -31.66
N ALA AA 241 -16.79 -63.06 -32.18
CA ALA AA 241 -16.25 -61.71 -32.28
C ALA AA 241 -16.17 -60.99 -30.94
N TRP AA 242 -16.77 -61.54 -29.88
CA TRP AA 242 -16.70 -60.98 -28.54
C TRP AA 242 -15.99 -61.93 -27.59
N ASP AA 243 -14.98 -62.62 -28.08
CA ASP AA 243 -14.25 -63.58 -27.26
C ASP AA 243 -13.26 -62.86 -26.35
N CYS AA 244 -12.41 -63.63 -25.68
CA CYS AA 244 -11.41 -63.08 -24.79
C CYS AA 244 -9.99 -63.51 -25.16
N SER AA 245 -9.80 -64.17 -26.29
CA SER AA 245 -8.48 -64.64 -26.71
C SER AA 245 -7.89 -63.82 -27.83
N LYS AA 246 -8.59 -63.68 -28.95
CA LYS AA 246 -8.13 -62.83 -30.03
C LYS AA 246 -8.70 -61.42 -29.88
N PRO AA 247 -8.09 -60.42 -30.51
CA PRO AA 247 -8.66 -59.08 -30.49
C PRO AA 247 -10.07 -59.06 -31.07
N GLN AA 248 -10.93 -58.23 -30.48
CA GLN AA 248 -12.35 -58.26 -30.74
C GLN AA 248 -12.75 -57.35 -31.89
N CYS AA 249 -13.73 -57.80 -32.68
CA CYS AA 249 -14.46 -56.98 -33.63
C CYS AA 249 -15.88 -56.86 -33.11
N PHE AA 250 -16.12 -55.86 -32.26
CA PHE AA 250 -17.45 -55.66 -31.70
C PHE AA 250 -18.44 -55.32 -32.79
N GLY AA 251 -19.61 -55.94 -32.74
CA GLY AA 251 -20.64 -55.69 -33.75
C GLY AA 251 -22.00 -56.13 -33.24
N HIS AA 252 -22.99 -55.95 -34.09
CA HIS AA 252 -24.36 -56.31 -33.75
C HIS AA 252 -25.11 -56.64 -35.05
N GLY AA 253 -26.02 -57.61 -34.96
CA GLY AA 253 -26.75 -58.08 -36.12
C GLY AA 253 -28.24 -57.84 -35.97
N TYR AA 254 -28.90 -57.59 -37.09
CA TYR AA 254 -30.34 -57.32 -37.12
C TYR AA 254 -31.00 -58.29 -38.09
N VAL AA 255 -31.99 -59.02 -37.60
CA VAL AA 255 -32.74 -59.99 -38.39
C VAL AA 255 -34.23 -59.77 -38.14
N PHE AA 256 -35.05 -60.54 -38.84
CA PHE AA 256 -36.49 -60.52 -38.65
C PHE AA 256 -37.01 -61.95 -38.53
N ASN AA 257 -38.03 -62.13 -37.68
CA ASN AA 257 -38.66 -63.43 -37.46
C ASN AA 257 -40.16 -63.26 -37.61
N LYS AA 258 -40.73 -63.82 -38.67
CA LYS AA 258 -42.14 -63.65 -38.98
C LYS AA 258 -42.95 -64.82 -38.45
N GLY AA 259 -44.25 -64.57 -38.26
CA GLY AA 259 -45.16 -65.57 -37.73
C GLY AA 259 -46.05 -65.00 -36.65
N THR AA 260 -47.03 -65.83 -36.25
CA THR AA 260 -48.01 -65.47 -35.22
C THR AA 260 -47.70 -66.27 -33.97
N LEU AA 261 -47.09 -65.61 -32.97
CA LEU AA 261 -46.66 -66.26 -31.73
C LEU AA 261 -45.97 -67.57 -32.03
N GLY AA 262 -46.16 -68.57 -31.18
CA GLY AA 262 -45.75 -69.93 -31.50
C GLY AA 262 -44.31 -70.05 -31.93
N GLN AA 263 -44.12 -70.28 -33.23
CA GLN AA 263 -42.81 -70.39 -33.86
C GLN AA 263 -41.91 -69.21 -33.51
N VAL AA 264 -42.48 -67.99 -33.49
CA VAL AA 264 -41.67 -66.81 -33.17
C VAL AA 264 -41.09 -66.93 -31.77
N LEU AA 265 -41.91 -67.34 -30.81
CA LEU AA 265 -41.40 -67.59 -29.47
C LEU AA 265 -40.51 -68.82 -29.41
N ALA AA 266 -40.54 -69.66 -30.44
CA ALA AA 266 -39.65 -70.80 -30.53
C ALA AA 266 -38.40 -70.49 -31.36
N ASP AA 267 -38.54 -69.70 -32.42
CA ASP AA 267 -37.40 -69.28 -33.23
C ASP AA 267 -36.73 -68.06 -32.58
N GLY AA 268 -36.16 -68.31 -31.41
CA GLY AA 268 -35.45 -67.28 -30.67
C GLY AA 268 -34.58 -67.88 -29.59
N ASP AA 269 -33.32 -67.46 -29.54
CA ASP AA 269 -32.35 -68.03 -28.63
C ASP AA 269 -31.75 -66.93 -27.76
N ASN AA 270 -31.24 -67.33 -26.59
CA ASN AA 270 -30.66 -66.42 -25.62
C ASN AA 270 -29.31 -65.95 -26.15
N SER AA 271 -29.36 -64.98 -27.06
CA SER AA 271 -28.16 -64.48 -27.72
C SER AA 271 -28.26 -62.96 -27.80
N ALA AA 272 -27.46 -62.26 -26.98
CA ALA AA 272 -27.44 -60.81 -27.00
C ALA AA 272 -26.84 -60.26 -28.29
N GLU AA 273 -26.21 -61.10 -29.11
CA GLU AA 273 -25.58 -60.64 -30.34
C GLU AA 273 -26.58 -60.20 -31.39
N LEU AA 274 -27.82 -60.65 -31.31
CA LEU AA 274 -28.84 -60.37 -32.33
C LEU AA 274 -30.03 -59.67 -31.70
N SER AA 275 -30.71 -58.86 -32.52
CA SER AA 275 -31.94 -58.19 -32.13
C SER AA 275 -33.08 -58.86 -32.90
N ARG AA 276 -33.67 -59.89 -32.28
CA ARG AA 276 -34.74 -60.64 -32.91
C ARG AA 276 -35.98 -59.77 -33.04
N LEU AA 277 -36.27 -59.35 -34.27
CA LEU AA 277 -37.45 -58.54 -34.55
C LEU AA 277 -38.59 -59.45 -34.99
N ALA AA 278 -39.76 -59.26 -34.39
CA ALA AA 278 -40.91 -60.13 -34.64
C ALA AA 278 -41.91 -59.41 -35.53
N LEU AA 279 -42.39 -60.10 -36.57
CA LEU AA 279 -43.36 -59.56 -37.48
C LEU AA 279 -44.51 -60.53 -37.65
N PRO AA 280 -45.74 -60.05 -37.78
CA PRO AA 280 -46.88 -60.95 -37.95
C PRO AA 280 -46.91 -61.57 -39.33
N THR AA 281 -47.58 -62.72 -39.43
CA THR AA 281 -47.73 -63.38 -40.72
C THR AA 281 -48.54 -62.51 -41.69
N THR AA 282 -49.46 -61.70 -41.17
CA THR AA 282 -50.29 -60.83 -41.99
C THR AA 282 -49.70 -59.43 -42.14
N TYR AA 283 -48.38 -59.31 -42.00
CA TYR AA 283 -47.73 -58.01 -42.14
C TYR AA 283 -47.77 -57.56 -43.59
N PRO AA 284 -48.28 -56.37 -43.88
CA PRO AA 284 -48.39 -55.92 -45.28
C PRO AA 284 -47.03 -55.68 -45.94
N VAL AA 285 -46.15 -54.94 -45.25
CA VAL AA 285 -44.85 -54.63 -45.82
C VAL AA 285 -43.98 -55.87 -45.83
N LEU AA 286 -43.11 -55.96 -46.84
CA LEU AA 286 -42.15 -57.05 -46.91
C LEU AA 286 -41.19 -56.96 -45.72
N PRO AA 287 -40.80 -58.09 -45.13
CA PRO AA 287 -40.09 -58.02 -43.84
C PRO AA 287 -38.64 -57.56 -43.95
N TYR AA 288 -37.93 -58.01 -44.99
CA TYR AA 288 -36.52 -57.64 -45.13
C TYR AA 288 -36.36 -56.14 -45.28
N LEU AA 289 -37.31 -55.49 -45.94
CA LEU AA 289 -37.22 -54.04 -46.17
C LEU AA 289 -37.27 -53.28 -44.85
N THR AA 290 -38.22 -53.65 -43.99
CA THR AA 290 -38.33 -53.05 -42.67
C THR AA 290 -37.10 -53.39 -41.82
N ASN AA 291 -36.59 -54.62 -41.94
CA ASN AA 291 -35.39 -54.99 -41.21
C ASN AA 291 -34.21 -54.11 -41.60
N ALA AA 292 -34.04 -53.88 -42.91
CA ALA AA 292 -32.96 -53.04 -43.39
C ALA AA 292 -33.12 -51.61 -42.91
N ALA AA 293 -34.34 -51.08 -42.96
CA ALA AA 293 -34.57 -49.71 -42.48
C ALA AA 293 -34.25 -49.59 -41.00
N TYR AA 294 -34.66 -50.58 -40.20
CA TYR AA 294 -34.36 -50.56 -38.77
C TYR AA 294 -32.86 -50.61 -38.52
N GLY AA 295 -32.15 -51.49 -39.23
CA GLY AA 295 -30.71 -51.57 -39.04
C GLY AA 295 -30.00 -50.29 -39.42
N ALA AA 296 -30.39 -49.69 -40.56
CA ALA AA 296 -29.77 -48.45 -41.00
C ALA AA 296 -30.04 -47.33 -40.00
N LEU AA 297 -31.28 -47.20 -39.52
CA LEU AA 297 -31.59 -46.15 -38.56
C LEU AA 297 -30.81 -46.34 -37.27
N SER AA 298 -30.74 -47.57 -36.77
CA SER AA 298 -29.99 -47.84 -35.54
C SER AA 298 -28.52 -47.48 -35.73
N ALA AA 299 -27.93 -47.91 -36.85
CA ALA AA 299 -26.51 -47.61 -37.10
C ALA AA 299 -26.28 -46.10 -37.15
N CYS AA 300 -27.09 -45.39 -37.93
CA CYS AA 300 -26.85 -43.96 -38.12
C CYS AA 300 -27.07 -43.18 -36.84
N SER AA 301 -28.03 -43.61 -36.02
CA SER AA 301 -28.29 -42.90 -34.77
C SER AA 301 -27.20 -43.18 -33.74
N THR AA 302 -26.72 -44.42 -33.67
CA THR AA 302 -25.88 -44.82 -32.55
C THR AA 302 -24.39 -44.74 -32.82
N CYS AA 303 -23.96 -44.71 -34.10
CA CYS AA 303 -22.53 -44.79 -34.40
C CYS AA 303 -21.75 -43.66 -33.74
N ASN AA 304 -22.27 -42.44 -33.77
CA ASN AA 304 -21.61 -41.31 -33.13
C ASN AA 304 -22.13 -41.02 -31.73
N ASN AA 305 -23.32 -41.51 -31.39
CA ASN AA 305 -23.92 -41.33 -30.06
C ASN AA 305 -24.39 -42.68 -29.56
N PRO AA 306 -23.47 -43.52 -29.08
CA PRO AA 306 -23.84 -44.90 -28.77
C PRO AA 306 -24.56 -45.07 -27.43
N GLU AA 307 -25.53 -44.20 -27.16
CA GLU AA 307 -26.33 -44.33 -25.94
C GLU AA 307 -27.80 -44.16 -26.28
N LEU AA 308 -28.08 -43.41 -27.36
CA LEU AA 308 -29.46 -43.07 -27.69
C LEU AA 308 -30.25 -44.32 -28.09
N ASN AA 309 -31.38 -44.52 -27.44
CA ASN AA 309 -32.24 -45.65 -27.74
C ASN AA 309 -33.13 -45.35 -28.93
N ILE AA 310 -33.42 -46.39 -29.71
CA ILE AA 310 -34.24 -46.24 -30.91
C ILE AA 310 -35.70 -46.41 -30.52
N GLN AA 311 -35.98 -46.36 -29.22
CA GLN AA 311 -37.34 -46.37 -28.72
C GLN AA 311 -38.00 -45.00 -28.96
N GLY AA 312 -39.29 -44.93 -28.66
CA GLY AA 312 -40.02 -43.69 -28.78
C GLY AA 312 -40.33 -43.31 -30.22
N GLN AA 313 -41.29 -42.41 -30.41
CA GLN AA 313 -41.68 -42.01 -31.76
C GLN AA 313 -40.57 -41.21 -32.45
N THR AA 314 -40.04 -40.19 -31.76
CA THR AA 314 -39.10 -39.28 -32.39
C THR AA 314 -37.87 -40.00 -32.90
N PHE AA 315 -37.36 -40.96 -32.13
CA PHE AA 315 -36.18 -41.73 -32.51
C PHE AA 315 -36.53 -43.16 -32.91
N GLY AA 316 -37.76 -43.40 -33.35
CA GLY AA 316 -38.16 -44.75 -33.70
C GLY AA 316 -38.92 -44.90 -34.99
N LEU AA 317 -39.32 -43.79 -35.62
CA LEU AA 317 -39.97 -43.88 -36.92
C LEU AA 317 -39.00 -44.36 -37.98
N LEU AA 318 -39.46 -45.29 -38.81
CA LEU AA 318 -38.69 -45.76 -39.95
C LEU AA 318 -38.89 -44.90 -41.20
N SER AA 319 -39.71 -43.86 -41.09
CA SER AA 319 -39.92 -42.87 -42.15
C SER AA 319 -40.18 -43.51 -43.52
N CYS AA 320 -39.09 -43.89 -44.21
CA CYS AA 320 -39.21 -44.34 -45.59
C CYS AA 320 -40.14 -45.54 -45.73
N ILE AA 321 -40.21 -46.38 -44.70
CA ILE AA 321 -41.16 -47.50 -44.73
C ILE AA 321 -42.57 -46.94 -44.65
N ASN AA 322 -43.42 -47.40 -45.57
CA ASN AA 322 -44.80 -46.94 -45.64
C ASN AA 322 -45.73 -48.14 -45.74
N MET AA 323 -46.77 -48.16 -44.91
CA MET AA 323 -47.72 -49.25 -44.89
C MET AA 323 -49.15 -48.73 -44.93
N PRO AA 324 -50.07 -49.47 -45.52
CA PRO AA 324 -51.49 -49.13 -45.42
C PRO AA 324 -52.05 -49.56 -44.08
N GLU AA 325 -52.39 -48.58 -43.23
CA GLU AA 325 -52.89 -48.89 -41.90
C GLU AA 325 -54.29 -49.49 -41.97
N SER AA 326 -54.47 -50.61 -41.28
CA SER AA 326 -55.74 -51.31 -41.24
C SER AA 326 -56.44 -51.09 -39.91
N CYS AA 327 -57.68 -51.56 -39.84
CA CYS AA 327 -58.47 -51.46 -38.62
C CYS AA 327 -58.20 -52.58 -37.63
N THR AA 328 -57.31 -53.52 -37.97
CA THR AA 328 -56.97 -54.62 -37.09
C THR AA 328 -55.49 -54.58 -36.74
N PRO AA 329 -55.13 -54.89 -35.50
CA PRO AA 329 -53.72 -54.87 -35.11
C PRO AA 329 -53.00 -56.15 -35.49
N GLY AA 330 -51.68 -56.05 -35.56
CA GLY AA 330 -50.84 -57.20 -35.83
C GLY AA 330 -50.93 -58.24 -34.72
N TRP AA 331 -50.81 -57.79 -33.48
CA TRP AA 331 -50.99 -58.63 -32.29
C TRP AA 331 -51.97 -57.97 -31.33
N THR AA 332 -52.25 -58.66 -30.24
CA THR AA 332 -53.08 -58.14 -29.16
C THR AA 332 -52.19 -57.56 -28.07
N PHE AA 333 -52.83 -56.82 -27.15
CA PHE AA 333 -52.10 -56.21 -26.04
C PHE AA 333 -51.41 -57.28 -25.20
N GLY AA 334 -52.13 -58.35 -24.86
CA GLY AA 334 -51.50 -59.45 -24.14
C GLY AA 334 -50.41 -60.13 -24.95
N GLU AA 335 -50.65 -60.30 -26.26
CA GLU AA 335 -49.63 -60.88 -27.12
C GLU AA 335 -48.40 -60.00 -27.18
N VAL AA 336 -48.58 -58.68 -27.31
CA VAL AA 336 -47.45 -57.77 -27.34
C VAL AA 336 -46.68 -57.82 -26.03
N THR AA 337 -47.39 -57.84 -24.91
CA THR AA 337 -46.71 -57.90 -23.61
C THR AA 337 -45.92 -59.20 -23.46
N GLN AA 338 -46.51 -60.32 -23.87
CA GLN AA 338 -45.79 -61.59 -23.81
C GLN AA 338 -44.55 -61.56 -24.70
N LEU AA 339 -44.67 -60.96 -25.88
CA LEU AA 339 -43.54 -60.86 -26.79
C LEU AA 339 -42.43 -59.99 -26.20
N GLN AA 340 -42.81 -58.90 -25.54
CA GLN AA 340 -41.82 -58.05 -24.86
C GLN AA 340 -41.12 -58.82 -23.75
N ALA AA 341 -41.88 -59.59 -22.96
CA ALA AA 341 -41.29 -60.28 -21.81
C ALA AA 341 -40.29 -61.34 -22.23
N ASN AA 342 -40.37 -61.81 -23.48
CA ASN AA 342 -39.52 -62.88 -23.97
C ASN AA 342 -38.37 -62.37 -24.83
N GLY AA 343 -38.02 -61.08 -24.70
CA GLY AA 343 -36.90 -60.52 -25.44
C GLY AA 343 -37.10 -60.50 -26.94
N PHE AA 344 -38.06 -59.71 -27.41
CA PHE AA 344 -38.32 -59.54 -28.83
C PHE AA 344 -38.70 -58.09 -29.10
N VAL AA 345 -38.29 -57.60 -30.27
CA VAL AA 345 -38.61 -56.23 -30.67
C VAL AA 345 -39.99 -56.21 -31.29
N VAL AA 346 -40.88 -55.37 -30.75
CA VAL AA 346 -42.25 -55.24 -31.21
C VAL AA 346 -42.40 -53.90 -31.91
N SER AA 347 -42.95 -53.92 -33.11
CA SER AA 347 -43.15 -52.71 -33.91
C SER AA 347 -44.62 -52.55 -34.24
N GLY AA 348 -45.12 -51.31 -34.14
CA GLY AA 348 -46.50 -51.01 -34.42
C GLY AA 348 -46.65 -49.84 -35.37
N PRO AA 349 -47.89 -49.49 -35.70
CA PRO AA 349 -48.13 -48.34 -36.57
C PRO AA 349 -48.30 -47.06 -35.77
N SER AA 350 -48.25 -45.94 -36.49
CA SER AA 350 -48.47 -44.62 -35.91
C SER AA 350 -49.74 -44.02 -36.48
N THR AA 351 -50.48 -43.30 -35.63
CA THR AA 351 -51.78 -42.73 -35.97
C THR AA 351 -52.71 -43.81 -36.54
N THR AA 352 -53.02 -44.79 -35.67
CA THR AA 352 -53.73 -45.98 -36.10
C THR AA 352 -55.06 -45.66 -36.75
N SER AA 353 -55.99 -45.11 -35.99
CA SER AA 353 -57.33 -44.73 -36.47
C SER AA 353 -57.91 -45.87 -37.31
N GLY AA 354 -58.72 -45.55 -38.31
CA GLY AA 354 -59.07 -46.50 -39.34
C GLY AA 354 -59.52 -45.81 -40.62
N GLN AA 355 -58.82 -46.10 -41.72
CA GLN AA 355 -59.07 -45.46 -43.01
C GLN AA 355 -58.08 -46.07 -44.00
N GLY AA 356 -58.16 -45.71 -45.28
CA GLY AA 356 -57.21 -46.22 -46.24
C GLY AA 356 -56.21 -45.19 -46.74
N ASN AA 357 -54.97 -45.29 -46.30
CA ASN AA 357 -53.90 -44.39 -46.72
C ASN AA 357 -52.57 -45.11 -46.54
N TYR AA 358 -51.47 -44.36 -46.58
CA TYR AA 358 -50.13 -44.90 -46.36
C TYR AA 358 -49.53 -44.22 -45.14
N THR AA 359 -49.34 -44.99 -44.06
CA THR AA 359 -48.75 -44.49 -42.82
C THR AA 359 -47.35 -45.06 -42.65
N SER AA 360 -46.70 -44.63 -41.57
CA SER AA 360 -45.35 -45.06 -41.25
C SER AA 360 -45.34 -45.95 -40.00
N PRO AA 361 -44.44 -46.93 -39.94
CA PRO AA 361 -44.41 -47.81 -38.76
C PRO AA 361 -43.74 -47.16 -37.55
N TYR AA 362 -43.57 -47.92 -36.48
CA TYR AA 362 -43.10 -47.39 -35.21
C TYR AA 362 -42.67 -48.56 -34.35
N ILE AA 363 -41.45 -48.51 -33.82
CA ILE AA 363 -40.86 -49.62 -33.08
C ILE AA 363 -40.84 -49.30 -31.60
N TYR AA 364 -40.85 -50.35 -30.79
CA TYR AA 364 -40.81 -50.26 -29.34
C TYR AA 364 -39.60 -51.02 -28.83
N ASN AA 365 -39.46 -51.05 -27.50
CA ASN AA 365 -38.65 -52.02 -26.75
C ASN AA 365 -37.34 -52.40 -27.47
N ASP AA 366 -36.50 -51.39 -27.67
CA ASP AA 366 -35.24 -51.60 -28.39
C ASP AA 366 -34.31 -52.42 -27.51
N VAL AA 367 -34.55 -53.73 -27.51
CA VAL AA 367 -33.81 -54.65 -26.65
C VAL AA 367 -33.09 -55.68 -27.51
N THR AA 368 -32.35 -56.58 -26.86
CA THR AA 368 -31.68 -57.69 -27.52
C THR AA 368 -32.19 -58.99 -26.92
N ASN AA 369 -32.14 -60.06 -27.71
CA ASN AA 369 -32.68 -61.35 -27.30
C ASN AA 369 -31.72 -61.98 -26.30
N TYR AA 370 -31.73 -61.43 -25.08
CA TYR AA 370 -30.87 -61.91 -24.01
C TYR AA 370 -31.69 -61.99 -22.74
N LEU AA 371 -31.90 -63.21 -22.23
CA LEU AA 371 -32.68 -63.42 -21.03
C LEU AA 371 -31.96 -64.23 -19.96
N ARG AA 372 -30.95 -65.02 -20.31
CA ARG AA 372 -30.30 -65.96 -19.39
C ARG AA 372 -28.78 -65.83 -19.54
N ASP AA 373 -28.05 -65.97 -18.44
CA ASP AA 373 -26.59 -65.86 -18.53
C ASP AA 373 -25.93 -67.22 -18.70
N GLU AA 374 -25.96 -68.06 -17.65
CA GLU AA 374 -25.68 -69.49 -17.85
C GLU AA 374 -26.64 -70.38 -17.07
N LYS AA 375 -26.85 -70.06 -15.80
CA LYS AA 375 -27.76 -70.81 -14.93
C LYS AA 375 -28.83 -69.93 -14.30
N ASN AA 376 -28.43 -68.86 -13.62
CA ASN AA 376 -29.37 -67.95 -12.97
C ASN AA 376 -29.88 -66.98 -14.03
N ARG AA 377 -30.93 -67.42 -14.72
CA ARG AA 377 -31.43 -66.78 -15.94
C ARG AA 377 -31.66 -65.28 -15.77
N PRO AA 378 -32.42 -64.80 -14.76
CA PRO AA 378 -32.73 -63.36 -14.70
C PRO AA 378 -31.50 -62.46 -14.72
N ASN AA 379 -31.36 -61.69 -15.80
CA ASN AA 379 -30.22 -60.80 -15.97
C ASN AA 379 -30.63 -59.65 -16.88
N ALA AA 380 -30.22 -58.43 -16.52
CA ALA AA 380 -30.55 -57.24 -17.28
C ALA AA 380 -29.33 -56.48 -17.78
N THR AA 381 -28.14 -57.07 -17.67
CA THR AA 381 -26.93 -56.35 -18.08
C THR AA 381 -26.93 -56.05 -19.57
N PHE AA 382 -27.34 -57.01 -20.39
CA PHE AA 382 -27.30 -56.85 -21.84
C PHE AA 382 -28.69 -56.96 -22.46
N ARG AA 383 -29.73 -56.65 -21.67
CA ARG AA 383 -31.08 -56.69 -22.22
C ARG AA 383 -31.29 -55.64 -23.30
N ASP AA 384 -30.78 -54.44 -23.08
CA ASP AA 384 -30.96 -53.35 -24.03
C ASP AA 384 -29.85 -53.35 -25.07
N ALA AA 385 -30.20 -52.90 -26.28
CA ALA AA 385 -29.20 -52.82 -27.35
C ALA AA 385 -28.13 -51.79 -27.04
N SER AA 386 -28.48 -50.74 -26.29
CA SER AA 386 -27.51 -49.72 -25.94
C SER AA 386 -26.38 -50.27 -25.07
N SER AA 387 -26.65 -51.35 -24.34
CA SER AA 387 -25.63 -51.91 -23.45
C SER AA 387 -24.42 -52.42 -24.25
N ARG AA 388 -24.68 -53.14 -25.33
CA ARG AA 388 -23.59 -53.71 -26.13
C ARG AA 388 -22.76 -52.59 -26.77
N ARG AA 389 -23.43 -51.60 -27.35
CA ARG AA 389 -22.72 -50.50 -28.00
C ARG AA 389 -21.93 -49.70 -26.99
N LEU AA 390 -22.50 -49.45 -25.81
CA LEU AA 390 -21.79 -48.72 -24.77
C LEU AA 390 -20.58 -49.50 -24.28
N ALA AA 391 -20.72 -50.81 -24.09
CA ALA AA 391 -19.58 -51.62 -23.67
C ALA AA 391 -18.47 -51.58 -24.71
N ALA AA 392 -18.83 -51.70 -25.99
CA ALA AA 392 -17.82 -51.64 -27.05
C ALA AA 392 -17.14 -50.29 -27.08
N ALA AA 393 -17.91 -49.21 -26.98
CA ALA AA 393 -17.33 -47.87 -27.03
C ALA AA 393 -16.41 -47.63 -25.85
N THR AA 394 -16.83 -48.05 -24.65
CA THR AA 394 -15.98 -47.88 -23.47
C THR AA 394 -14.70 -48.70 -23.60
N GLY AA 395 -14.80 -49.92 -24.11
CA GLY AA 395 -13.60 -50.71 -24.31
C GLY AA 395 -12.63 -50.08 -25.29
N VAL AA 396 -13.15 -49.59 -26.41
CA VAL AA 396 -12.29 -48.95 -27.41
C VAL AA 396 -11.67 -47.68 -26.84
N ALA AA 397 -12.45 -46.90 -26.09
CA ALA AA 397 -11.91 -45.68 -25.50
C ALA AA 397 -10.82 -45.97 -24.47
N LEU AA 398 -11.03 -47.00 -23.64
CA LEU AA 398 -10.00 -47.38 -22.68
C LEU AA 398 -8.75 -47.88 -23.38
N ALA AA 399 -8.91 -48.66 -24.45
CA ALA AA 399 -7.75 -49.13 -25.21
C ALA AA 399 -6.98 -47.97 -25.82
N GLU AA 400 -7.70 -46.98 -26.36
CA GLU AA 400 -7.04 -45.81 -26.94
C GLU AA 400 -6.32 -44.99 -25.87
N PHE AA 401 -6.95 -44.82 -24.70
CA PHE AA 401 -6.35 -44.04 -23.64
C PHE AA 401 -5.08 -44.69 -23.12
N LEU AA 402 -5.09 -46.01 -22.95
CA LEU AA 402 -3.96 -46.72 -22.36
C LEU AA 402 -2.75 -46.78 -23.27
N GLN AA 403 -2.88 -46.37 -24.53
CA GLN AA 403 -1.76 -46.46 -25.46
C GLN AA 403 -0.60 -45.54 -25.07
N GLN AA 404 -0.85 -44.53 -24.24
CA GLN AA 404 0.23 -43.63 -23.86
C GLN AA 404 1.27 -44.33 -22.99
N PHE AA 405 0.84 -45.27 -22.15
CA PHE AA 405 1.77 -45.99 -21.29
C PHE AA 405 2.67 -46.96 -22.06
N ASN AA 406 2.37 -47.21 -23.34
CA ASN AA 406 3.22 -48.08 -24.14
C ASN AA 406 4.60 -47.48 -24.29
N GLY AA 407 5.63 -48.29 -24.04
CA GLY AA 407 6.99 -47.83 -24.13
C GLY AA 407 7.42 -46.89 -23.03
N LEU AA 408 6.57 -46.64 -22.04
CA LEU AA 408 6.91 -45.74 -20.95
C LEU AA 408 7.58 -46.53 -19.83
N ALA AA 409 8.81 -46.13 -19.48
CA ALA AA 409 9.55 -46.81 -18.43
C ALA AA 409 8.83 -46.68 -17.10
N VAL AA 410 8.26 -47.78 -16.61
CA VAL AA 410 7.49 -47.77 -15.36
C VAL AA 410 8.41 -48.22 -14.23
N PHE AA 411 8.62 -47.35 -13.26
CA PHE AA 411 9.53 -47.62 -12.15
C PHE AA 411 8.79 -48.41 -11.06
N THR AA 412 8.48 -49.66 -11.39
CA THR AA 412 7.83 -50.54 -10.43
C THR AA 412 8.81 -50.93 -9.33
N LYS AA 413 8.25 -51.26 -8.16
CA LYS AA 413 9.04 -51.53 -6.97
C LYS AA 413 10.03 -50.39 -6.74
N ASN AA 414 11.32 -50.67 -7.00
CA ASN AA 414 12.42 -49.72 -6.93
C ASN AA 414 12.21 -48.55 -5.97
N THR AA 415 12.27 -47.33 -6.48
CA THR AA 415 12.15 -46.12 -5.69
C THR AA 415 11.47 -45.05 -6.55
N ASN AA 416 11.58 -43.80 -6.12
CA ASN AA 416 10.98 -42.70 -6.87
C ASN AA 416 11.76 -42.37 -8.14
N ILE AA 417 11.07 -41.74 -9.09
CA ILE AA 417 11.69 -41.36 -10.35
C ILE AA 417 12.65 -40.20 -10.12
N ARG AA 418 13.69 -40.14 -10.94
CA ARG AA 418 14.69 -39.08 -10.86
C ARG AA 418 14.35 -37.96 -11.84
N THR AA 419 14.97 -36.81 -11.64
CA THR AA 419 14.66 -35.63 -12.43
C THR AA 419 15.09 -35.83 -13.89
N GLY AA 420 14.21 -35.44 -14.80
CA GLY AA 420 14.45 -35.54 -16.23
C GLY AA 420 13.99 -36.84 -16.85
N ILE AA 421 13.83 -37.89 -16.05
CA ILE AA 421 13.40 -39.18 -16.57
C ILE AA 421 11.92 -39.13 -16.92
N ILE AA 422 11.56 -39.81 -18.00
CA ILE AA 422 10.17 -39.86 -18.47
C ILE AA 422 9.62 -41.23 -18.10
N GLY AA 423 8.77 -41.28 -17.08
CA GLY AA 423 8.21 -42.55 -16.65
C GLY AA 423 7.25 -42.34 -15.51
N THR AA 424 6.65 -43.45 -15.06
CA THR AA 424 5.66 -43.44 -13.98
C THR AA 424 5.90 -44.63 -13.06
N ASN AA 425 5.04 -44.74 -12.05
CA ASN AA 425 5.00 -45.87 -11.14
C ASN AA 425 3.54 -46.24 -10.92
N PRO AA 426 3.27 -47.49 -10.48
CA PRO AA 426 1.88 -48.00 -10.51
C PRO AA 426 0.86 -47.13 -9.79
N ARG AA 427 1.21 -46.54 -8.65
CA ARG AA 427 0.26 -45.66 -7.95
C ARG AA 427 -0.11 -44.48 -8.83
N LEU AA 428 0.87 -43.90 -9.51
CA LEU AA 428 0.63 -42.74 -10.35
C LEU AA 428 -0.22 -43.09 -11.56
N MET AA 429 0.04 -44.27 -12.15
CA MET AA 429 -0.78 -44.76 -13.26
C MET AA 429 -2.22 -44.97 -12.80
N LEU AA 430 -2.39 -45.54 -11.60
CA LEU AA 430 -3.73 -45.74 -11.07
C LEU AA 430 -4.45 -44.41 -10.87
N GLY AA 431 -3.73 -43.41 -10.38
CA GLY AA 431 -4.33 -42.09 -10.24
C GLY AA 431 -4.78 -41.51 -11.56
N LYS AA 432 -3.93 -41.61 -12.58
CA LYS AA 432 -4.30 -41.10 -13.89
C LYS AA 432 -5.50 -41.84 -14.48
N ILE AA 433 -5.53 -43.16 -14.31
CA ILE AA 433 -6.64 -43.96 -14.82
C ILE AA 433 -7.94 -43.60 -14.09
N ARG AA 434 -7.86 -43.39 -12.78
CA ARG AA 434 -9.04 -42.96 -12.02
C ARG AA 434 -9.53 -41.62 -12.51
N LYS AA 435 -8.60 -40.69 -12.79
CA LYS AA 435 -9.01 -39.39 -13.31
C LYS AA 435 -9.71 -39.54 -14.65
N TRP AA 436 -9.18 -40.38 -15.54
CA TRP AA 436 -9.83 -40.59 -16.83
C TRP AA 436 -11.23 -41.19 -16.66
N ALA AA 437 -11.36 -42.18 -15.78
CA ALA AA 437 -12.65 -42.83 -15.59
C ALA AA 437 -13.67 -41.89 -14.98
N GLN AA 438 -13.25 -41.07 -14.03
CA GLN AA 438 -14.17 -40.16 -13.35
C GLN AA 438 -14.47 -38.92 -14.18
N ASP AA 439 -13.65 -38.61 -15.19
CA ASP AA 439 -13.98 -37.53 -16.11
C ASP AA 439 -14.90 -37.97 -17.24
N ASN AA 440 -15.16 -39.26 -17.38
CA ASN AA 440 -16.09 -39.78 -18.38
C ASN AA 440 -17.49 -39.98 -17.83
N VAL AA 441 -17.74 -39.63 -16.57
CA VAL AA 441 -19.06 -39.77 -16.00
C VAL AA 441 -20.02 -38.81 -16.68
N GLY AA 442 -21.17 -39.33 -17.11
CA GLY AA 442 -22.17 -38.56 -17.82
C GLY AA 442 -22.19 -38.79 -19.32
N THR AA 443 -21.10 -39.34 -19.88
CA THR AA 443 -21.07 -39.72 -21.29
C THR AA 443 -20.87 -41.21 -21.53
N LEU AA 444 -20.27 -41.93 -20.58
CA LEU AA 444 -20.10 -43.36 -20.70
C LEU AA 444 -20.43 -44.15 -19.44
N PHE AA 445 -20.40 -43.53 -18.26
CA PHE AA 445 -20.57 -44.23 -16.99
C PHE AA 445 -21.65 -43.56 -16.17
N SER AA 446 -22.04 -44.24 -15.10
CA SER AA 446 -22.93 -43.68 -14.09
C SER AA 446 -22.09 -42.94 -13.04
N GLU AA 447 -22.72 -42.61 -11.91
CA GLU AA 447 -22.05 -41.79 -10.90
C GLU AA 447 -20.80 -42.47 -10.35
N PHE AA 448 -20.90 -43.78 -10.07
CA PHE AA 448 -19.89 -44.66 -9.46
C PHE AA 448 -20.21 -44.85 -7.98
N ASP AA 449 -20.46 -46.10 -7.57
CA ASP AA 449 -20.78 -46.37 -6.17
C ASP AA 449 -19.58 -46.10 -5.27
N ASN AA 450 -18.40 -46.58 -5.67
CA ASN AA 450 -17.18 -46.37 -4.88
C ASN AA 450 -16.00 -46.43 -5.85
N ILE AA 451 -15.45 -45.26 -6.18
CA ILE AA 451 -14.29 -45.19 -7.06
C ILE AA 451 -13.07 -45.84 -6.42
N ASN AA 452 -13.03 -45.91 -5.08
CA ASN AA 452 -11.91 -46.51 -4.38
C ASN AA 452 -11.90 -48.03 -4.47
N GLU AA 453 -12.96 -48.65 -4.98
CA GLU AA 453 -13.05 -50.10 -5.06
C GLU AA 453 -13.33 -50.62 -6.46
N ASP AA 454 -13.89 -49.81 -7.36
CA ASP AA 454 -14.17 -50.27 -8.71
C ASP AA 454 -12.88 -50.35 -9.54
N ILE AA 455 -12.18 -49.23 -9.67
CA ILE AA 455 -10.90 -49.22 -10.36
C ILE AA 455 -9.85 -49.88 -9.47
N GLN AA 456 -9.07 -50.79 -10.04
CA GLN AA 456 -8.02 -51.48 -9.29
C GLN AA 456 -6.93 -51.91 -10.24
N LEU AA 457 -5.73 -51.40 -10.06
CA LEU AA 457 -4.58 -51.74 -10.89
C LEU AA 457 -3.55 -52.47 -10.04
N LEU AA 458 -3.08 -53.60 -10.54
CA LEU AA 458 -2.13 -54.43 -9.82
C LEU AA 458 -1.03 -54.90 -10.76
N THR AA 459 0.21 -54.82 -10.31
CA THR AA 459 1.30 -55.48 -11.01
C THR AA 459 1.14 -56.99 -10.90
N ASP AA 460 1.57 -57.70 -11.95
CA ASP AA 460 1.38 -59.15 -11.96
C ASP AA 460 2.20 -59.86 -10.90
N PHE AA 461 3.17 -59.17 -10.29
CA PHE AA 461 3.88 -59.75 -9.15
C PHE AA 461 2.92 -60.08 -8.02
N GLU AA 462 2.01 -59.16 -7.71
CA GLU AA 462 1.03 -59.40 -6.65
C GLU AA 462 -0.02 -60.41 -7.10
N VAL AA 463 -0.45 -60.34 -8.35
CA VAL AA 463 -1.47 -61.26 -8.85
C VAL AA 463 -0.93 -62.68 -8.88
N GLN AA 464 0.28 -62.85 -9.40
CA GLN AA 464 0.89 -64.17 -9.43
C GLN AA 464 1.27 -64.59 -8.00
N PRO AA 465 0.91 -65.80 -7.56
CA PRO AA 465 1.12 -66.17 -6.15
C PRO AA 465 2.58 -66.28 -5.75
N LYS AA 466 3.38 -67.07 -6.46
CA LYS AA 466 4.77 -67.26 -6.08
C LYS AA 466 5.61 -67.56 -7.31
N CYS AA 467 6.89 -67.16 -7.23
CA CYS AA 467 7.87 -67.32 -8.31
C CYS AA 467 7.31 -66.66 -9.57
N VAL AA 468 7.31 -67.36 -10.73
CA VAL AA 468 6.99 -66.82 -12.05
C VAL AA 468 7.32 -65.34 -12.09
N GLY AA 469 6.31 -64.48 -11.91
CA GLY AA 469 6.51 -63.05 -11.83
C GLY AA 469 7.24 -62.42 -13.00
N GLN AA 470 6.61 -62.44 -14.18
CA GLN AA 470 7.21 -61.79 -15.34
C GLN AA 470 7.19 -60.28 -15.17
N PRO AA 471 8.21 -59.58 -15.64
CA PRO AA 471 8.22 -58.12 -15.55
C PRO AA 471 7.31 -57.47 -16.58
N GLY AA 472 6.98 -56.22 -16.33
CA GLY AA 472 6.21 -55.43 -17.28
C GLY AA 472 4.70 -55.60 -17.28
N ILE AA 473 4.23 -56.84 -17.15
CA ILE AA 473 2.79 -57.11 -17.21
C ILE AA 473 2.08 -56.40 -16.08
N PHE AA 474 0.89 -55.89 -16.36
CA PHE AA 474 0.04 -55.22 -15.38
C PHE AA 474 -1.32 -55.91 -15.34
N HIS AA 475 -2.21 -55.38 -14.50
CA HIS AA 475 -3.56 -55.93 -14.37
C HIS AA 475 -4.48 -54.80 -13.95
N LEU AA 476 -5.53 -54.56 -14.72
CA LEU AA 476 -6.48 -53.48 -14.45
C LEU AA 476 -7.88 -54.05 -14.35
N ASN AA 477 -8.53 -53.82 -13.21
CA ASN AA 477 -9.90 -54.25 -12.98
C ASN AA 477 -10.79 -53.01 -12.90
N MET AA 478 -11.87 -53.01 -13.68
CA MET AA 478 -12.77 -51.85 -13.74
C MET AA 478 -14.21 -52.35 -13.75
N ARG AA 479 -14.95 -52.01 -12.70
CA ARG AA 479 -16.37 -52.32 -12.60
C ARG AA 479 -17.16 -51.02 -12.78
N TYR AA 480 -17.47 -50.70 -14.04
CA TYR AA 480 -18.20 -49.48 -14.33
C TYR AA 480 -19.70 -49.73 -14.21
N ARG AA 481 -20.48 -48.65 -14.28
CA ARG AA 481 -21.93 -48.72 -14.14
C ARG AA 481 -22.57 -47.98 -15.31
N PRO AA 482 -23.48 -48.62 -16.04
CA PRO AA 482 -24.08 -47.99 -17.22
C PRO AA 482 -25.01 -46.86 -16.83
N PRO AA 483 -25.31 -45.94 -17.76
CA PRO AA 483 -26.25 -44.85 -17.44
C PRO AA 483 -27.68 -45.34 -17.28
N VAL AA 484 -28.60 -44.39 -17.06
CA VAL AA 484 -30.00 -44.71 -16.84
C VAL AA 484 -30.86 -43.86 -17.77
N ARG AA 485 -32.03 -44.40 -18.13
CA ARG AA 485 -32.97 -43.70 -18.99
C ARG AA 485 -34.39 -44.01 -18.52
N GLY AA 486 -35.32 -43.13 -18.86
CA GLY AA 486 -36.67 -43.22 -18.33
C GLY AA 486 -37.43 -44.43 -18.81
N ALA AA 487 -38.60 -44.62 -18.22
CA ALA AA 487 -39.45 -45.79 -18.46
C ALA AA 487 -40.91 -45.37 -18.34
N ARG AA 488 -41.79 -46.34 -18.16
CA ARG AA 488 -43.22 -46.10 -18.13
C ARG AA 488 -43.59 -45.11 -17.02
N ILE AA 489 -44.80 -44.54 -17.15
CA ILE AA 489 -45.27 -43.50 -16.25
C ILE AA 489 -46.40 -43.99 -15.36
N ASN AA 490 -47.36 -44.74 -15.93
CA ASN AA 490 -48.50 -45.29 -15.18
C ASN AA 490 -49.32 -44.17 -14.52
N VAL AA 491 -49.90 -43.33 -15.36
CA VAL AA 491 -50.75 -42.24 -14.89
C VAL AA 491 -52.15 -42.78 -14.59
N ASN AA 492 -52.76 -42.28 -13.51
CA ASN AA 492 -54.10 -42.72 -13.09
C ASN AA 492 -54.90 -41.48 -12.70
N MET AA 493 -55.66 -40.93 -13.66
CA MET AA 493 -56.51 -39.80 -13.36
C MET AA 493 -57.73 -40.24 -12.56
N ALA AA 494 -58.39 -39.26 -11.95
CA ALA AA 494 -59.60 -39.50 -11.16
C ALA AA 494 -60.44 -38.23 -11.19
N PRO AA 495 -61.46 -38.18 -12.06
CA PRO AA 495 -62.25 -36.95 -12.19
C PRO AA 495 -63.12 -36.68 -10.98
N ALA AA 496 -62.53 -36.13 -9.93
CA ALA AA 496 -63.27 -35.84 -8.71
C ALA AA 496 -64.28 -34.71 -8.96
N LEU AA 497 -65.17 -34.53 -7.99
CA LEU AA 497 -66.22 -33.51 -8.09
C LEU AA 497 -66.00 -32.41 -7.05
N ASP BA 4 25.74 -6.57 -58.00
CA ASP BA 4 24.56 -6.17 -57.24
C ASP BA 4 24.93 -5.23 -56.12
N ALA BA 5 24.03 -4.31 -55.78
CA ALA BA 5 24.24 -3.46 -54.62
C ALA BA 5 24.34 -4.32 -53.37
N LEU BA 6 25.24 -3.91 -52.46
CA LEU BA 6 25.53 -4.63 -51.23
C LEU BA 6 26.33 -5.90 -51.50
N SER BA 7 26.50 -6.23 -52.77
CA SER BA 7 27.32 -7.39 -53.17
C SER BA 7 28.70 -6.95 -53.63
N ASP BA 8 29.43 -6.23 -52.78
CA ASP BA 8 30.76 -5.73 -53.12
C ASP BA 8 31.63 -5.87 -51.86
N GLY BA 9 32.30 -7.00 -51.73
CA GLY BA 9 33.11 -7.26 -50.55
C GLY BA 9 32.26 -7.62 -49.35
N PHE BA 10 32.78 -8.47 -48.46
CA PHE BA 10 32.00 -8.98 -47.33
C PHE BA 10 30.73 -9.67 -47.84
N VAL BA 11 30.88 -10.41 -48.93
CA VAL BA 11 29.76 -11.06 -49.61
C VAL BA 11 30.17 -12.46 -50.03
N ARG BA 12 29.66 -13.47 -49.34
CA ARG BA 12 29.77 -14.86 -49.78
C ARG BA 12 28.43 -15.53 -49.50
N LEU BA 13 27.55 -15.52 -50.51
CA LEU BA 13 26.19 -16.04 -50.42
C LEU BA 13 26.07 -17.24 -51.35
N CYS BA 14 25.75 -18.40 -50.78
CA CYS BA 14 25.54 -19.62 -51.54
C CYS BA 14 24.13 -20.11 -51.34
N ILE BA 15 23.40 -20.32 -52.43
CA ILE BA 15 22.01 -20.77 -52.40
C ILE BA 15 21.87 -22.02 -53.25
N ASP BA 16 21.41 -23.10 -52.63
CA ASP BA 16 21.22 -24.39 -53.30
C ASP BA 16 20.43 -25.30 -52.38
N PRO BA 17 19.49 -26.08 -52.89
CA PRO BA 17 18.75 -27.00 -52.01
C PRO BA 17 19.44 -28.33 -51.78
N SER BA 18 20.78 -28.31 -51.63
CA SER BA 18 21.52 -29.55 -51.46
C SER BA 18 22.72 -29.39 -50.52
N LEU BA 19 22.63 -28.51 -49.53
CA LEU BA 19 23.76 -28.32 -48.63
C LEU BA 19 23.95 -29.49 -47.67
N ASN BA 20 22.87 -30.14 -47.24
CA ASN BA 20 22.90 -31.21 -46.25
C ASN BA 20 23.47 -30.74 -44.91
N PHE BA 21 23.51 -29.42 -44.68
CA PHE BA 21 24.08 -28.79 -43.50
C PHE BA 21 25.40 -29.42 -43.07
N PHE BA 22 25.44 -30.03 -41.89
CA PHE BA 22 26.69 -30.49 -41.31
C PHE BA 22 26.37 -31.48 -40.19
N GLY BA 23 27.36 -32.32 -39.87
CA GLY BA 23 27.22 -33.27 -38.79
C GLY BA 23 26.68 -34.61 -39.22
N GLU BA 24 27.38 -35.69 -38.87
CA GLU BA 24 26.94 -37.04 -39.19
C GLU BA 24 27.59 -38.01 -38.23
N GLY BA 25 26.78 -38.82 -37.55
CA GLY BA 25 27.30 -39.80 -36.62
C GLY BA 25 26.84 -41.22 -36.92
N CYS BA 26 25.75 -41.35 -37.66
CA CYS BA 26 25.14 -42.63 -37.94
C CYS BA 26 25.74 -43.25 -39.21
N LYS BA 27 25.59 -44.56 -39.34
CA LYS BA 27 26.16 -45.27 -40.49
C LYS BA 27 25.61 -46.69 -40.63
N ILE BA 28 25.24 -47.07 -41.86
CA ILE BA 28 24.45 -48.27 -42.13
C ILE BA 28 25.09 -49.03 -43.29
N LEU BA 29 24.81 -50.34 -43.35
CA LEU BA 29 25.23 -51.19 -44.46
C LEU BA 29 24.07 -52.06 -44.91
N VAL BA 30 24.11 -52.47 -46.18
CA VAL BA 30 23.11 -53.36 -46.75
C VAL BA 30 23.81 -54.29 -47.75
N GLU BA 31 23.35 -55.53 -47.81
CA GLU BA 31 23.91 -56.53 -48.71
C GLU BA 31 22.81 -57.17 -49.53
N GLY BA 32 23.18 -57.68 -50.71
CA GLY BA 32 22.23 -58.31 -51.59
C GLY BA 32 22.86 -58.99 -52.79
N GLN BA 33 22.22 -58.90 -53.95
CA GLN BA 33 22.67 -59.50 -55.19
C GLN BA 33 22.97 -58.43 -56.22
N MET BA 34 23.81 -58.78 -57.19
CA MET BA 34 24.29 -57.86 -58.22
C MET BA 34 23.95 -58.38 -59.60
N THR BA 35 23.58 -57.46 -60.49
CA THR BA 35 23.35 -57.77 -61.89
C THR BA 35 24.47 -57.20 -62.75
N ASP BA 36 24.77 -57.90 -63.85
CA ASP BA 36 25.89 -57.52 -64.70
C ASP BA 36 25.69 -56.18 -65.39
N ASP BA 37 24.47 -55.65 -65.40
CA ASP BA 37 24.24 -54.32 -65.96
C ASP BA 37 25.02 -53.28 -65.18
N GLY BA 38 25.08 -53.42 -63.86
CA GLY BA 38 25.81 -52.47 -63.05
C GLY BA 38 27.31 -52.66 -63.15
N SER BA 39 28.04 -51.58 -62.85
CA SER BA 39 29.50 -51.58 -62.86
C SER BA 39 30.08 -51.39 -61.46
N ALA BA 40 29.36 -51.82 -60.43
CA ALA BA 40 29.83 -51.67 -59.07
C ALA BA 40 31.09 -52.50 -58.84
N THR BA 41 31.97 -51.99 -57.99
CA THR BA 41 33.19 -52.71 -57.64
C THR BA 41 32.81 -54.01 -56.92
N PRO BA 42 33.22 -55.17 -57.42
CA PRO BA 42 32.79 -56.43 -56.80
C PRO BA 42 33.32 -56.59 -55.39
N ASP BA 43 32.44 -57.02 -54.49
CA ASP BA 43 32.80 -57.36 -53.11
C ASP BA 43 33.53 -56.21 -52.42
N ALA BA 44 32.99 -55.00 -52.59
CA ALA BA 44 33.58 -53.81 -51.99
C ALA BA 44 32.46 -52.94 -51.43
N VAL BA 45 32.83 -52.06 -50.50
CA VAL BA 45 31.90 -51.16 -49.86
C VAL BA 45 31.68 -49.94 -50.76
N THR BA 46 30.43 -49.68 -51.11
CA THR BA 46 30.07 -48.54 -51.95
C THR BA 46 29.55 -47.42 -51.06
N CYS BA 47 30.25 -46.29 -51.06
CA CYS BA 47 29.87 -45.13 -50.24
C CYS BA 47 28.71 -44.40 -50.92
N VAL BA 48 27.53 -45.01 -50.84
CA VAL BA 48 26.35 -44.43 -51.47
C VAL BA 48 25.87 -43.24 -50.67
N THR BA 49 25.51 -42.16 -51.36
CA THR BA 49 25.02 -40.96 -50.70
C THR BA 49 23.71 -40.51 -51.32
N SER BA 50 23.53 -40.79 -52.61
CA SER BA 50 22.35 -40.36 -53.36
C SER BA 50 21.55 -41.59 -53.79
N GLU BA 51 20.48 -41.34 -54.55
CA GLU BA 51 19.55 -42.38 -54.94
C GLU BA 51 19.65 -42.80 -56.40
N LEU BA 52 20.03 -41.90 -57.31
CA LEU BA 52 20.16 -42.23 -58.72
C LEU BA 52 21.58 -42.45 -59.16
N ASP BA 53 22.57 -42.22 -58.30
CA ASP BA 53 23.95 -42.51 -58.68
C ASP BA 53 24.15 -43.99 -58.91
N ILE BA 54 23.36 -44.84 -58.25
CA ILE BA 54 23.48 -46.28 -58.42
C ILE BA 54 22.93 -46.70 -59.77
N ILE BA 55 21.61 -46.54 -59.97
CA ILE BA 55 20.85 -46.97 -61.15
C ILE BA 55 21.61 -47.95 -62.03
N GLU BA 56 22.59 -47.45 -62.78
CA GLU BA 56 23.38 -48.26 -63.71
C GLU BA 56 24.66 -48.80 -63.09
N ARG BA 57 24.92 -48.52 -61.81
CA ARG BA 57 26.07 -49.09 -61.12
C ARG BA 57 25.72 -50.37 -60.38
N PHE BA 58 24.49 -50.49 -59.90
CA PHE BA 58 23.99 -51.77 -59.37
C PHE BA 58 23.02 -52.45 -60.32
N GLY BA 59 22.60 -51.79 -61.40
CA GLY BA 59 21.82 -52.42 -62.44
C GLY BA 59 20.34 -52.56 -62.15
N GLN BA 60 19.52 -52.41 -63.19
CA GLN BA 60 18.09 -52.64 -63.07
C GLN BA 60 17.80 -54.14 -63.04
N GLY BA 61 16.58 -54.47 -62.65
CA GLY BA 61 16.20 -55.87 -62.50
C GLY BA 61 17.01 -56.59 -61.45
N SER BA 62 17.26 -55.94 -60.32
CA SER BA 62 18.08 -56.49 -59.26
C SER BA 62 17.38 -56.25 -57.93
N VAL BA 63 18.10 -56.50 -56.84
CA VAL BA 63 17.56 -56.35 -55.50
C VAL BA 63 18.22 -55.19 -54.76
N LEU BA 64 19.50 -54.94 -55.02
CA LEU BA 64 20.23 -53.91 -54.28
C LEU BA 64 19.69 -52.51 -54.57
N THR BA 65 19.38 -52.22 -55.84
CA THR BA 65 18.92 -50.87 -56.17
C THR BA 65 17.58 -50.56 -55.52
N GLU BA 66 16.64 -51.51 -55.55
CA GLU BA 66 15.35 -51.29 -54.92
C GLU BA 66 15.47 -51.28 -53.40
N SER BA 67 16.36 -52.10 -52.83
CA SER BA 67 16.61 -52.03 -51.40
C SER BA 67 17.13 -50.66 -51.00
N LEU BA 68 18.08 -50.11 -51.76
CA LEU BA 68 18.58 -48.78 -51.48
C LEU BA 68 17.50 -47.73 -51.63
N ARG BA 69 16.65 -47.87 -52.66
CA ARG BA 69 15.57 -46.92 -52.87
C ARG BA 69 14.62 -46.90 -51.68
N LYS BA 70 14.24 -48.08 -51.18
CA LYS BA 70 13.34 -48.12 -50.03
C LYS BA 70 14.05 -47.67 -48.74
N VAL BA 71 15.36 -47.88 -48.64
CA VAL BA 71 16.09 -47.39 -47.47
C VAL BA 71 16.10 -45.86 -47.45
N PHE BA 72 16.38 -45.24 -48.59
CA PHE BA 72 16.28 -43.79 -48.68
C PHE BA 72 14.84 -43.33 -48.50
N CYS BA 73 13.88 -44.18 -48.86
CA CYS BA 73 12.47 -43.87 -48.67
C CYS BA 73 12.06 -43.93 -47.21
N THR BA 74 12.76 -44.70 -46.38
CA THR BA 74 12.41 -44.82 -44.98
C THR BA 74 13.27 -43.98 -44.05
N CYS BA 75 14.52 -43.69 -44.41
CA CYS BA 75 15.40 -42.84 -43.61
C CYS BA 75 16.00 -41.76 -44.47
N LYS BA 76 15.93 -40.52 -44.00
CA LYS BA 76 16.56 -39.38 -44.69
C LYS BA 76 17.42 -38.55 -43.75
N SER BA 77 17.80 -39.12 -42.60
CA SER BA 77 18.66 -38.42 -41.64
C SER BA 77 19.68 -39.41 -41.07
N GLY BA 78 20.86 -38.89 -40.76
CA GLY BA 78 21.94 -39.72 -40.27
C GLY BA 78 22.28 -40.83 -41.25
N VAL BA 79 22.81 -40.47 -42.42
CA VAL BA 79 22.90 -41.37 -43.55
C VAL BA 79 24.35 -41.52 -43.98
N SER BA 80 24.77 -42.78 -44.20
CA SER BA 80 25.96 -43.09 -44.97
C SER BA 80 25.77 -44.29 -45.90
N VAL BA 81 24.72 -45.09 -45.69
CA VAL BA 81 24.33 -46.29 -46.45
C VAL BA 81 25.45 -46.85 -47.31
N TYR BA 82 26.33 -47.65 -46.71
CA TYR BA 82 27.24 -48.47 -47.49
C TYR BA 82 26.50 -49.68 -48.05
N ALA BA 83 27.10 -50.31 -49.05
CA ALA BA 83 26.52 -51.50 -49.66
C ALA BA 83 27.62 -52.45 -50.08
N LEU BA 84 27.27 -53.74 -50.16
CA LEU BA 84 28.22 -54.81 -50.46
C LEU BA 84 27.64 -55.66 -51.58
N PRO BA 85 27.87 -55.27 -52.84
CA PRO BA 85 27.34 -56.05 -53.96
C PRO BA 85 27.93 -57.45 -54.02
N ARG BA 86 27.09 -58.40 -54.42
CA ARG BA 86 27.49 -59.78 -54.59
C ARG BA 86 26.92 -60.30 -55.91
N GLU BA 87 27.79 -60.84 -56.76
CA GLU BA 87 27.38 -61.34 -58.06
C GLU BA 87 26.66 -62.68 -57.91
N ASP BA 88 25.95 -63.06 -58.96
CA ASP BA 88 25.24 -64.33 -58.97
C ASP BA 88 26.22 -65.49 -59.08
N ALA BA 89 25.80 -66.65 -58.56
CA ALA BA 89 26.63 -67.84 -58.58
C ALA BA 89 26.77 -68.38 -60.00
N ASN BA 203 22.87 -70.14 -54.38
CA ASN BA 203 23.00 -68.95 -53.54
C ASN BA 203 24.45 -68.67 -53.19
N PRO BA 204 24.85 -67.40 -53.21
CA PRO BA 204 26.23 -67.05 -52.86
C PRO BA 204 26.56 -67.43 -51.43
N THR BA 205 27.78 -67.93 -51.24
CA THR BA 205 28.31 -68.26 -49.92
C THR BA 205 29.69 -67.61 -49.78
N PRO BA 206 29.73 -66.29 -49.66
CA PRO BA 206 31.02 -65.58 -49.70
C PRO BA 206 31.96 -65.92 -48.56
N ASN BA 207 31.49 -65.75 -47.32
CA ASN BA 207 32.31 -65.95 -46.12
C ASN BA 207 33.62 -65.16 -46.22
N ASP BA 208 33.52 -63.94 -46.73
CA ASP BA 208 34.68 -63.06 -46.90
C ASP BA 208 34.49 -61.73 -46.17
N TYR BA 209 33.66 -61.75 -45.11
CA TYR BA 209 33.33 -60.51 -44.42
C TYR BA 209 34.55 -59.87 -43.79
N ALA BA 210 35.44 -60.67 -43.19
CA ALA BA 210 36.61 -60.13 -42.52
C ALA BA 210 37.53 -59.42 -43.51
N THR BA 211 37.73 -60.00 -44.70
CA THR BA 211 38.62 -59.39 -45.68
C THR BA 211 37.99 -58.16 -46.31
N VAL BA 212 36.68 -58.19 -46.55
CA VAL BA 212 36.02 -57.07 -47.21
C VAL BA 212 36.08 -55.83 -46.35
N VAL BA 213 35.69 -55.96 -45.08
CA VAL BA 213 35.73 -54.85 -44.12
C VAL BA 213 36.46 -55.33 -42.87
N ASN BA 214 37.42 -54.52 -42.40
CA ASN BA 214 38.32 -54.91 -41.32
C ASN BA 214 38.07 -54.16 -40.03
N GLU BA 215 38.08 -52.82 -40.06
CA GLU BA 215 37.98 -52.04 -38.84
C GLU BA 215 37.00 -50.88 -38.94
N CYS BA 216 36.16 -50.85 -39.97
CA CYS BA 216 35.12 -49.83 -40.07
C CYS BA 216 33.97 -50.23 -39.15
N CYS BA 217 33.70 -49.40 -38.13
CA CYS BA 217 32.70 -49.75 -37.13
C CYS BA 217 31.32 -49.42 -37.68
N PHE BA 218 30.62 -50.45 -38.15
CA PHE BA 218 29.27 -50.32 -38.67
C PHE BA 218 28.25 -50.41 -37.54
N ALA BA 219 27.05 -49.93 -37.80
CA ALA BA 219 25.97 -49.96 -36.82
C ALA BA 219 24.84 -50.91 -37.18
N VAL BA 220 24.45 -50.97 -38.45
CA VAL BA 220 23.32 -51.79 -38.88
C VAL BA 220 23.72 -52.54 -40.15
N TYR BA 221 23.39 -53.83 -40.20
CA TYR BA 221 23.61 -54.65 -41.39
C TYR BA 221 22.27 -55.17 -41.89
N VAL BA 222 22.15 -55.30 -43.21
CA VAL BA 222 20.94 -55.79 -43.86
C VAL BA 222 21.31 -56.91 -44.82
N LEU BA 223 20.58 -58.01 -44.75
CA LEU BA 223 20.79 -59.16 -45.63
C LEU BA 223 19.53 -59.37 -46.46
N SER BA 224 19.69 -59.46 -47.78
CA SER BA 224 18.58 -59.51 -48.72
C SER BA 224 18.49 -60.86 -49.43
N SER BA 225 18.75 -61.95 -48.72
CA SER BA 225 18.67 -63.28 -49.30
C SER BA 225 17.96 -64.22 -48.33
N ASP BA 226 17.32 -65.23 -48.88
CA ASP BA 226 16.67 -66.27 -48.08
C ASP BA 226 17.60 -67.42 -47.75
N ASP BA 227 18.83 -67.41 -48.27
CA ASP BA 227 19.78 -68.47 -47.97
C ASP BA 227 20.11 -68.51 -46.48
N THR BA 228 20.09 -69.71 -45.91
CA THR BA 228 20.47 -69.85 -44.51
C THR BA 228 21.95 -69.62 -44.33
N ASP BA 229 22.79 -70.38 -45.04
CA ASP BA 229 24.23 -70.37 -44.79
C ASP BA 229 24.80 -68.96 -44.86
N TRP BA 230 24.27 -68.14 -45.77
CA TRP BA 230 24.63 -66.73 -45.80
C TRP BA 230 24.25 -66.05 -44.49
N GLN BA 231 23.08 -66.41 -43.93
CA GLN BA 231 22.65 -65.82 -42.67
C GLN BA 231 23.57 -66.20 -41.52
N GLU BA 232 23.93 -67.50 -41.40
CA GLU BA 232 24.88 -67.84 -40.34
C GLU BA 232 26.26 -67.25 -40.59
N ASN BA 233 26.65 -67.02 -41.85
CA ASN BA 233 27.93 -66.38 -42.11
C ASN BA 233 27.93 -64.93 -41.61
N LEU BA 234 26.88 -64.17 -41.95
CA LEU BA 234 26.78 -62.81 -41.44
C LEU BA 234 26.68 -62.80 -39.92
N ARG BA 235 25.96 -63.78 -39.36
CA ARG BA 235 25.87 -63.92 -37.93
C ARG BA 235 27.25 -64.13 -37.31
N ASP BA 236 28.05 -65.01 -37.91
CA ASP BA 236 29.38 -65.28 -37.40
C ASP BA 236 30.25 -64.04 -37.45
N TRP BA 237 30.15 -63.26 -38.53
CA TRP BA 237 30.97 -62.05 -38.60
C TRP BA 237 30.51 -61.02 -37.57
N ILE BA 238 29.19 -60.87 -37.38
CA ILE BA 238 28.70 -59.92 -36.38
C ILE BA 238 29.15 -60.36 -34.99
N ARG BA 239 29.16 -61.67 -34.75
CA ARG BA 239 29.70 -62.19 -33.49
C ARG BA 239 31.18 -61.85 -33.36
N SER BA 240 31.93 -61.97 -34.46
CA SER BA 240 33.34 -61.58 -34.46
C SER BA 240 33.52 -60.08 -34.23
N ALA BA 241 32.50 -59.28 -34.52
CA ALA BA 241 32.57 -57.86 -34.17
C ALA BA 241 32.51 -57.66 -32.66
N TRP BA 242 31.74 -58.49 -31.96
CA TRP BA 242 31.72 -58.49 -30.49
C TRP BA 242 32.68 -59.55 -29.95
N ASP BA 243 33.96 -59.39 -30.30
CA ASP BA 243 34.98 -60.37 -29.94
C ASP BA 243 35.89 -59.79 -28.87
N CYS BA 244 36.15 -60.59 -27.84
CA CYS BA 244 37.00 -60.15 -26.73
C CYS BA 244 38.48 -60.11 -27.10
N SER BA 245 38.86 -60.68 -28.24
CA SER BA 245 40.27 -60.73 -28.62
C SER BA 245 40.71 -59.55 -29.49
N LYS BA 246 39.79 -58.69 -29.89
CA LYS BA 246 40.10 -57.54 -30.73
C LYS BA 246 39.30 -56.34 -30.23
N PRO BA 247 39.72 -55.13 -30.59
CA PRO BA 247 38.85 -53.97 -30.38
C PRO BA 247 37.54 -54.17 -31.11
N GLN BA 248 36.44 -53.76 -30.48
CA GLN BA 248 35.11 -54.14 -30.91
C GLN BA 248 34.43 -53.00 -31.67
N CYS BA 249 33.82 -53.33 -32.79
CA CYS BA 249 32.90 -52.45 -33.52
C CYS BA 249 31.53 -53.07 -33.42
N PHE BA 250 30.76 -52.68 -32.40
CA PHE BA 250 29.47 -53.28 -32.16
C PHE BA 250 28.48 -52.92 -33.26
N GLY BA 251 27.59 -53.87 -33.58
CA GLY BA 251 26.61 -53.66 -34.63
C GLY BA 251 25.46 -54.63 -34.48
N HIS BA 252 24.51 -54.52 -35.40
CA HIS BA 252 23.32 -55.35 -35.38
C HIS BA 252 22.89 -55.65 -36.82
N GLY BA 253 22.15 -56.76 -36.98
CA GLY BA 253 21.72 -57.18 -38.29
C GLY BA 253 20.28 -57.68 -38.26
N TYR BA 254 19.66 -57.66 -39.44
CA TYR BA 254 18.27 -58.06 -39.60
C TYR BA 254 18.16 -59.03 -40.77
N VAL BA 255 17.53 -60.18 -40.52
CA VAL BA 255 17.32 -61.21 -41.54
C VAL BA 255 15.88 -61.70 -41.44
N PHE BA 256 15.47 -62.49 -42.43
CA PHE BA 256 14.11 -63.01 -42.50
C PHE BA 256 14.15 -64.53 -42.66
N ASN BA 257 13.02 -65.17 -42.36
CA ASN BA 257 12.85 -66.60 -42.58
C ASN BA 257 11.38 -66.85 -42.92
N LYS BA 258 11.08 -66.95 -44.21
CA LYS BA 258 9.70 -67.21 -44.64
C LYS BA 258 9.43 -68.70 -44.65
N GLY BA 259 8.21 -69.07 -44.29
CA GLY BA 259 7.80 -70.46 -44.31
C GLY BA 259 6.70 -70.71 -43.29
N THR BA 260 6.31 -71.97 -43.22
CA THR BA 260 5.29 -72.39 -42.26
C THR BA 260 5.91 -72.56 -40.88
N LEU BA 261 5.05 -72.81 -39.89
CA LEU BA 261 5.51 -72.94 -38.51
C LEU BA 261 6.43 -74.14 -38.34
N GLY BA 262 6.22 -75.20 -39.12
CA GLY BA 262 7.07 -76.37 -39.01
C GLY BA 262 8.51 -76.09 -39.38
N GLN BA 263 8.75 -75.16 -40.29
CA GLN BA 263 10.09 -74.87 -40.78
C GLN BA 263 10.63 -73.52 -40.36
N VAL BA 264 9.76 -72.55 -40.04
CA VAL BA 264 10.27 -71.28 -39.54
C VAL BA 264 10.85 -71.45 -38.14
N LEU BA 265 10.31 -72.38 -37.36
CA LEU BA 265 10.86 -72.64 -36.03
C LEU BA 265 12.27 -73.20 -36.12
N ALA BA 266 12.50 -74.14 -37.04
CA ALA BA 266 13.85 -74.66 -37.24
C ALA BA 266 14.78 -73.60 -37.82
N ASP BA 267 14.24 -72.61 -38.53
CA ASP BA 267 15.05 -71.55 -39.10
C ASP BA 267 15.66 -70.64 -38.05
N GLY BA 268 15.15 -70.69 -36.82
CA GLY BA 268 15.62 -69.81 -35.77
C GLY BA 268 16.75 -70.41 -34.97
N ASP BA 269 17.85 -69.67 -34.84
CA ASP BA 269 18.99 -70.07 -34.04
C ASP BA 269 19.08 -69.19 -32.80
N ASN BA 270 19.88 -69.64 -31.84
CA ASN BA 270 19.96 -68.96 -30.55
C ASN BA 270 20.71 -67.64 -30.62
N SER BA 271 21.38 -67.33 -31.73
CA SER BA 271 22.26 -66.17 -31.78
C SER BA 271 21.47 -64.87 -31.64
N ALA BA 272 21.87 -64.05 -30.66
CA ALA BA 272 21.24 -62.75 -30.42
C ALA BA 272 21.83 -61.64 -31.29
N GLU BA 273 22.84 -61.94 -32.11
CA GLU BA 273 23.43 -60.93 -32.97
C GLU BA 273 22.51 -60.50 -34.10
N LEU BA 274 21.41 -61.21 -34.32
CA LEU BA 274 20.48 -60.90 -35.41
C LEU BA 274 19.07 -60.71 -34.86
N SER BA 275 18.31 -59.86 -35.55
CA SER BA 275 16.91 -59.59 -35.22
C SER BA 275 16.09 -60.14 -36.38
N ARG BA 276 15.75 -61.43 -36.29
CA ARG BA 276 15.07 -62.10 -37.39
C ARG BA 276 13.63 -61.63 -37.51
N LEU BA 277 13.17 -61.40 -38.73
CA LEU BA 277 11.84 -60.87 -39.00
C LEU BA 277 10.87 -61.98 -39.40
N ALA BA 278 9.62 -61.58 -39.57
CA ALA BA 278 8.59 -62.45 -40.15
C ALA BA 278 7.74 -61.69 -41.15
N LEU BA 279 8.23 -60.56 -41.67
CA LEU BA 279 7.45 -59.74 -42.58
C LEU BA 279 7.09 -60.41 -43.91
N PRO BA 280 7.83 -61.38 -44.45
CA PRO BA 280 7.39 -62.01 -45.71
C PRO BA 280 5.95 -62.48 -45.70
N THR BA 281 5.50 -63.11 -44.61
CA THR BA 281 4.14 -63.61 -44.47
C THR BA 281 3.81 -64.51 -45.65
N THR BA 282 2.78 -64.15 -46.43
CA THR BA 282 2.38 -64.91 -47.61
C THR BA 282 2.07 -64.02 -48.81
N TYR BA 283 1.72 -62.75 -48.60
CA TYR BA 283 1.24 -61.91 -49.67
C TYR BA 283 2.35 -61.73 -50.72
N PRO BA 284 1.99 -61.44 -51.99
CA PRO BA 284 3.01 -61.24 -53.02
C PRO BA 284 4.17 -60.32 -52.68
N VAL BA 285 4.09 -59.54 -51.59
CA VAL BA 285 5.28 -58.83 -51.11
C VAL BA 285 6.41 -59.84 -50.93
N LEU BA 286 7.50 -59.63 -51.66
CA LEU BA 286 8.63 -60.53 -51.59
C LEU BA 286 9.33 -60.39 -50.23
N PRO BA 287 9.90 -61.49 -49.72
CA PRO BA 287 10.48 -61.44 -48.37
C PRO BA 287 11.52 -60.35 -48.16
N TYR BA 288 12.50 -60.23 -49.07
CA TYR BA 288 13.53 -59.21 -48.90
C TYR BA 288 12.99 -57.80 -49.01
N LEU BA 289 11.84 -57.62 -49.68
CA LEU BA 289 11.29 -56.27 -49.82
C LEU BA 289 10.95 -55.67 -48.47
N THR BA 290 10.33 -56.45 -47.58
CA THR BA 290 10.04 -56.00 -46.23
C THR BA 290 11.06 -56.49 -45.21
N ASN BA 291 12.09 -57.21 -45.64
CA ASN BA 291 13.17 -57.56 -44.71
C ASN BA 291 13.87 -56.30 -44.19
N ALA BA 292 14.31 -55.44 -45.10
CA ALA BA 292 14.84 -54.14 -44.68
C ALA BA 292 13.75 -53.31 -44.02
N ALA BA 293 12.72 -52.94 -44.79
CA ALA BA 293 11.60 -52.14 -44.31
C ALA BA 293 12.07 -51.00 -43.43
N TYR BA 294 11.81 -51.09 -42.12
CA TYR BA 294 12.34 -50.09 -41.19
C TYR BA 294 13.87 -50.12 -41.19
N GLY BA 295 14.45 -51.30 -41.02
CA GLY BA 295 15.88 -51.48 -41.17
C GLY BA 295 16.72 -50.47 -40.43
N ALA BA 296 17.36 -49.59 -41.19
CA ALA BA 296 18.16 -48.51 -40.63
C ALA BA 296 17.39 -47.64 -39.64
N LEU BA 297 16.06 -47.72 -39.60
CA LEU BA 297 15.22 -46.80 -38.84
C LEU BA 297 15.80 -46.44 -37.46
N SER BA 298 16.21 -47.45 -36.69
CA SER BA 298 16.73 -47.20 -35.35
C SER BA 298 18.00 -46.35 -35.39
N ALA BA 299 18.93 -46.70 -36.27
CA ALA BA 299 20.21 -46.01 -36.38
C ALA BA 299 20.10 -44.69 -37.14
N CYS BA 300 19.03 -44.47 -37.89
CA CYS BA 300 18.77 -43.19 -38.51
C CYS BA 300 17.91 -42.30 -37.64
N SER BA 301 17.37 -42.85 -36.55
CA SER BA 301 16.61 -42.07 -35.58
C SER BA 301 17.45 -41.65 -34.39
N THR BA 302 18.03 -42.61 -33.65
CA THR BA 302 18.53 -42.22 -32.34
C THR BA 302 19.93 -41.62 -32.34
N CYS BA 303 20.96 -42.46 -32.48
CA CYS BA 303 22.37 -42.04 -32.47
C CYS BA 303 22.76 -41.15 -31.29
N ASN BA 304 21.85 -40.91 -30.36
CA ASN BA 304 22.17 -40.20 -29.13
C ASN BA 304 21.48 -40.74 -27.90
N ASN BA 305 20.41 -41.53 -28.04
CA ASN BA 305 19.66 -42.08 -26.92
C ASN BA 305 19.37 -43.56 -27.18
N PRO BA 306 20.41 -44.41 -27.14
CA PRO BA 306 20.28 -45.81 -27.57
C PRO BA 306 19.46 -46.68 -26.63
N GLU BA 307 18.31 -46.17 -26.20
CA GLU BA 307 17.36 -46.95 -25.42
C GLU BA 307 15.95 -46.87 -25.97
N LEU BA 308 15.70 -46.02 -26.98
CA LEU BA 308 14.38 -45.90 -27.55
C LEU BA 308 13.99 -47.19 -28.28
N ASN BA 309 12.92 -47.81 -27.83
CA ASN BA 309 12.43 -49.04 -28.44
C ASN BA 309 11.56 -48.69 -29.64
N ILE BA 310 11.87 -49.28 -30.80
CA ILE BA 310 11.06 -49.06 -31.98
C ILE BA 310 9.81 -49.92 -31.85
N GLN BA 311 8.74 -49.32 -31.32
CA GLN BA 311 7.53 -50.05 -30.98
C GLN BA 311 6.32 -49.13 -30.97
N GLY BA 312 5.26 -49.52 -31.67
CA GLY BA 312 4.02 -48.76 -31.64
C GLY BA 312 3.95 -47.67 -32.69
N GLN BA 313 2.84 -46.94 -32.64
CA GLN BA 313 2.59 -45.89 -33.63
C GLN BA 313 3.61 -44.76 -33.50
N THR BA 314 3.91 -44.35 -32.27
CA THR BA 314 4.77 -43.19 -32.05
C THR BA 314 6.18 -43.44 -32.58
N PHE BA 315 6.73 -44.63 -32.32
CA PHE BA 315 8.06 -45.00 -32.78
C PHE BA 315 7.94 -46.27 -33.61
N GLY BA 316 8.16 -46.15 -34.92
CA GLY BA 316 7.98 -47.26 -35.82
C GLY BA 316 6.94 -46.98 -36.87
N LEU BA 317 6.46 -45.73 -36.91
CA LEU BA 317 5.38 -45.36 -37.82
C LEU BA 317 5.80 -45.54 -39.28
N LEU BA 318 7.04 -45.16 -39.61
CA LEU BA 318 7.62 -45.31 -40.94
C LEU BA 318 7.02 -44.32 -41.92
N SER BA 319 7.86 -43.68 -42.73
CA SER BA 319 7.38 -42.75 -43.73
C SER BA 319 7.13 -43.41 -45.08
N CYS BA 320 7.86 -44.49 -45.38
CA CYS BA 320 7.69 -45.20 -46.65
C CYS BA 320 6.52 -46.15 -46.49
N ILE BA 321 5.33 -45.69 -46.87
CA ILE BA 321 4.09 -46.42 -46.66
C ILE BA 321 3.46 -46.74 -48.01
N ASN BA 322 3.00 -47.97 -48.15
CA ASN BA 322 2.36 -48.47 -49.35
C ASN BA 322 1.36 -49.54 -48.92
N MET BA 323 0.94 -50.38 -49.86
CA MET BA 323 0.09 -51.54 -49.55
C MET BA 323 -1.23 -51.12 -48.93
N PRO BA 324 -2.16 -50.56 -49.72
CA PRO BA 324 -3.50 -50.27 -49.20
C PRO BA 324 -4.11 -51.47 -48.49
N GLU BA 325 -5.13 -51.19 -47.68
CA GLU BA 325 -5.67 -52.19 -46.77
C GLU BA 325 -6.11 -53.46 -47.51
N SER BA 326 -5.96 -54.59 -46.83
CA SER BA 326 -6.28 -55.90 -47.38
C SER BA 326 -6.96 -56.71 -46.29
N CYS BA 327 -7.10 -58.02 -46.51
CA CYS BA 327 -7.94 -58.83 -45.62
C CYS BA 327 -7.27 -59.10 -44.28
N THR BA 328 -6.18 -59.88 -44.29
CA THR BA 328 -5.51 -60.23 -43.03
C THR BA 328 -4.10 -60.81 -43.23
N PRO BA 329 -3.16 -60.03 -43.77
CA PRO BA 329 -1.79 -60.58 -43.89
C PRO BA 329 -1.02 -60.46 -42.58
N GLY BA 330 -1.46 -61.21 -41.57
CA GLY BA 330 -0.89 -61.07 -40.25
C GLY BA 330 -0.68 -62.37 -39.48
N TRP BA 331 -0.42 -63.46 -40.19
CA TRP BA 331 -0.05 -64.74 -39.58
C TRP BA 331 -1.05 -65.21 -38.54
N THR BA 332 -2.35 -65.10 -38.85
CA THR BA 332 -3.42 -65.76 -38.10
C THR BA 332 -3.23 -65.66 -36.59
N PHE BA 333 -3.53 -64.47 -36.04
CA PHE BA 333 -2.97 -63.90 -34.81
C PHE BA 333 -2.54 -64.90 -33.73
N GLY BA 334 -3.34 -65.94 -33.48
CA GLY BA 334 -2.90 -66.96 -32.54
C GLY BA 334 -1.51 -67.50 -32.86
N GLU BA 335 -1.24 -67.69 -34.15
CA GLU BA 335 0.10 -68.10 -34.55
C GLU BA 335 1.12 -66.99 -34.33
N VAL BA 336 0.70 -65.73 -34.39
CA VAL BA 336 1.60 -64.64 -34.03
C VAL BA 336 1.97 -64.72 -32.56
N THR BA 337 0.99 -65.03 -31.70
CA THR BA 337 1.27 -65.21 -30.28
C THR BA 337 2.25 -66.37 -30.07
N GLN BA 338 2.07 -67.45 -30.83
CA GLN BA 338 3.01 -68.55 -30.74
C GLN BA 338 4.41 -68.13 -31.21
N LEU BA 339 4.48 -67.32 -32.28
CA LEU BA 339 5.76 -66.83 -32.76
C LEU BA 339 6.46 -65.98 -31.71
N GLN BA 340 5.71 -65.14 -30.99
CA GLN BA 340 6.34 -64.22 -30.05
C GLN BA 340 7.19 -64.95 -29.01
N ALA BA 341 6.88 -66.22 -28.75
CA ALA BA 341 7.77 -67.03 -27.92
C ALA BA 341 9.12 -67.22 -28.60
N ASN BA 342 9.13 -67.83 -29.78
CA ASN BA 342 10.35 -68.04 -30.56
C ASN BA 342 10.67 -66.74 -31.29
N GLY BA 343 11.56 -65.95 -30.71
CA GLY BA 343 11.79 -64.57 -31.11
C GLY BA 343 11.86 -64.28 -32.59
N PHE BA 344 10.88 -63.51 -33.07
CA PHE BA 344 10.84 -63.03 -34.44
C PHE BA 344 10.13 -61.69 -34.46
N VAL BA 345 10.58 -60.79 -35.33
CA VAL BA 345 9.98 -59.46 -35.44
C VAL BA 345 8.76 -59.55 -36.34
N VAL BA 346 7.60 -59.78 -35.75
CA VAL BA 346 6.35 -59.92 -36.53
C VAL BA 346 5.67 -58.55 -36.49
N SER BA 347 6.01 -57.72 -37.47
CA SER BA 347 5.33 -56.44 -37.68
C SER BA 347 4.17 -56.68 -38.64
N GLY BA 348 3.02 -57.01 -38.06
CA GLY BA 348 1.89 -57.47 -38.82
C GLY BA 348 1.14 -56.37 -39.56
N PRO BA 349 -0.18 -56.51 -39.63
CA PRO BA 349 -0.98 -55.56 -40.40
C PRO BA 349 -0.81 -54.13 -39.90
N SER BA 350 -0.83 -53.19 -40.85
CA SER BA 350 -0.64 -51.78 -40.55
C SER BA 350 -1.85 -51.25 -39.78
N THR BA 351 -1.76 -49.98 -39.39
CA THR BA 351 -2.84 -49.33 -38.65
C THR BA 351 -3.97 -48.94 -39.60
N GLY BA 356 -9.14 -49.53 -50.49
CA GLY BA 356 -7.75 -49.10 -50.50
C GLY BA 356 -7.58 -47.62 -50.24
N ASN BA 357 -6.90 -47.27 -49.14
CA ASN BA 357 -6.74 -45.88 -48.76
C ASN BA 357 -5.33 -45.52 -48.29
N TYR BA 358 -4.39 -46.48 -48.26
CA TYR BA 358 -3.00 -46.25 -47.88
C TYR BA 358 -2.86 -46.01 -46.39
N THR BA 359 -2.12 -46.87 -45.70
CA THR BA 359 -1.93 -46.76 -44.26
C THR BA 359 -0.46 -46.98 -43.93
N SER BA 360 -0.12 -46.79 -42.64
CA SER BA 360 1.27 -46.81 -42.20
C SER BA 360 1.56 -48.05 -41.38
N PRO BA 361 2.61 -48.79 -41.69
CA PRO BA 361 2.97 -49.96 -40.87
C PRO BA 361 3.82 -49.58 -39.68
N TYR BA 362 3.62 -50.32 -38.59
CA TYR BA 362 4.38 -50.12 -37.37
C TYR BA 362 4.83 -51.47 -36.82
N ILE BA 363 5.87 -51.43 -36.00
CA ILE BA 363 6.51 -52.63 -35.47
C ILE BA 363 5.77 -53.08 -34.22
N TYR BA 364 5.30 -54.33 -34.22
CA TYR BA 364 4.64 -54.88 -33.03
C TYR BA 364 5.64 -55.11 -31.91
N ASN BA 365 6.77 -55.74 -32.22
CA ASN BA 365 7.78 -56.09 -31.23
C ASN BA 365 9.16 -55.99 -31.85
N ASP BA 366 10.14 -55.61 -31.02
CA ASP BA 366 11.51 -55.38 -31.45
C ASP BA 366 12.44 -56.44 -30.88
N VAL BA 367 11.99 -57.69 -30.87
CA VAL BA 367 12.74 -58.78 -30.25
C VAL BA 367 13.96 -59.15 -31.09
N THR BA 368 14.95 -59.73 -30.42
CA THR BA 368 16.09 -60.36 -31.08
C THR BA 368 16.14 -61.83 -30.65
N ASN BA 369 16.66 -62.68 -31.53
CA ASN BA 369 16.57 -64.13 -31.33
C ASN BA 369 17.52 -64.55 -30.21
N TYR BA 370 17.03 -64.53 -28.97
CA TYR BA 370 17.85 -64.88 -27.82
C TYR BA 370 17.05 -65.71 -26.81
N LEU BA 371 16.35 -66.73 -27.29
CA LEU BA 371 15.59 -67.60 -26.39
C LEU BA 371 16.49 -68.23 -25.34
N ARG BA 372 17.57 -68.88 -25.77
CA ARG BA 372 18.52 -69.53 -24.89
C ARG BA 372 19.76 -68.66 -24.77
N ASP BA 373 20.75 -69.11 -24.00
CA ASP BA 373 22.06 -68.46 -24.04
C ASP BA 373 23.15 -69.37 -24.58
N GLU BA 374 23.50 -70.46 -23.89
CA GLU BA 374 24.23 -71.55 -24.54
C GLU BA 374 23.73 -72.91 -24.06
N LYS BA 375 23.47 -73.04 -22.77
CA LYS BA 375 23.25 -74.34 -22.14
C LYS BA 375 21.91 -74.44 -21.45
N ASN BA 376 21.53 -73.46 -20.64
CA ASN BA 376 20.24 -73.46 -19.96
C ASN BA 376 19.23 -72.65 -20.76
N ARG BA 377 18.05 -73.24 -20.97
CA ARG BA 377 17.09 -72.68 -21.92
C ARG BA 377 16.58 -71.30 -21.57
N PRO BA 378 16.10 -71.02 -20.36
CA PRO BA 378 15.47 -69.71 -20.11
C PRO BA 378 16.52 -68.62 -19.93
N ASN BA 379 16.51 -67.64 -20.84
CA ASN BA 379 17.38 -66.48 -20.74
C ASN BA 379 16.82 -65.38 -21.63
N ALA BA 380 16.76 -64.16 -21.09
CA ALA BA 380 16.16 -63.06 -21.83
C ALA BA 380 16.93 -61.75 -21.66
N THR BA 381 18.22 -61.81 -21.30
CA THR BA 381 18.98 -60.58 -21.10
C THR BA 381 19.12 -59.80 -22.40
N PHE BA 382 19.39 -60.49 -23.50
CA PHE BA 382 19.59 -59.85 -24.81
C PHE BA 382 18.37 -59.97 -25.70
N ARG BA 383 17.19 -60.19 -25.12
CA ARG BA 383 15.98 -60.38 -25.91
C ARG BA 383 15.61 -59.12 -26.68
N ASP BA 384 15.73 -57.96 -26.04
CA ASP BA 384 15.34 -56.71 -26.67
C ASP BA 384 16.47 -56.14 -27.51
N ALA BA 385 16.10 -55.51 -28.63
CA ALA BA 385 17.10 -54.93 -29.52
C ALA BA 385 17.83 -53.77 -28.86
N SER BA 386 17.14 -53.01 -28.00
CA SER BA 386 17.77 -51.88 -27.32
C SER BA 386 18.88 -52.33 -26.38
N SER BA 387 18.88 -53.59 -25.96
CA SER BA 387 19.92 -54.07 -25.07
C SER BA 387 21.30 -54.00 -25.73
N ARG BA 388 21.38 -54.37 -27.01
CA ARG BA 388 22.65 -54.30 -27.72
C ARG BA 388 23.17 -52.86 -27.79
N ARG BA 389 22.28 -51.94 -28.13
CA ARG BA 389 22.68 -50.54 -28.23
C ARG BA 389 23.12 -49.99 -26.87
N LEU BA 390 22.37 -50.32 -25.82
CA LEU BA 390 22.75 -49.87 -24.49
C LEU BA 390 24.10 -50.45 -24.07
N ALA BA 391 24.33 -51.74 -24.36
CA ALA BA 391 25.61 -52.35 -24.00
C ALA BA 391 26.77 -51.68 -24.73
N ALA BA 392 26.61 -51.43 -26.03
CA ALA BA 392 27.66 -50.77 -26.77
C ALA BA 392 27.91 -49.36 -26.25
N ALA BA 393 26.85 -48.61 -25.98
CA ALA BA 393 27.01 -47.25 -25.49
C ALA BA 393 27.70 -47.22 -24.12
N THR BA 394 27.30 -48.12 -23.22
CA THR BA 394 27.94 -48.19 -21.90
C THR BA 394 29.40 -48.60 -22.02
N GLY BA 395 29.71 -49.54 -22.92
CA GLY BA 395 31.10 -49.91 -23.12
C GLY BA 395 31.95 -48.75 -23.59
N VAL BA 396 31.44 -48.00 -24.58
CA VAL BA 396 32.18 -46.85 -25.10
C VAL BA 396 32.34 -45.79 -24.01
N ALA BA 397 31.28 -45.54 -23.24
CA ALA BA 397 31.34 -44.53 -22.19
C ALA BA 397 32.34 -44.91 -21.11
N LEU BA 398 32.34 -46.18 -20.70
CA LEU BA 398 33.29 -46.63 -19.69
C LEU BA 398 34.72 -46.57 -20.22
N ALA BA 399 34.93 -46.92 -21.49
CA ALA BA 399 36.26 -46.81 -22.07
C ALA BA 399 36.72 -45.35 -22.10
N GLU BA 400 35.82 -44.43 -22.43
CA GLU BA 400 36.18 -43.02 -22.47
C GLU BA 400 36.49 -42.49 -21.06
N PHE BA 401 35.67 -42.86 -20.08
CA PHE BA 401 35.88 -42.37 -18.72
C PHE BA 401 37.20 -42.87 -18.13
N LEU BA 402 37.53 -44.14 -18.38
CA LEU BA 402 38.75 -44.71 -17.83
C LEU BA 402 40.01 -44.20 -18.51
N GLN BA 403 39.89 -43.23 -19.44
CA GLN BA 403 41.06 -42.70 -20.13
C GLN BA 403 41.86 -41.74 -19.28
N GLN BA 404 41.31 -41.26 -18.17
CA GLN BA 404 42.04 -40.31 -17.32
C GLN BA 404 43.29 -40.95 -16.74
N PHE BA 405 43.20 -42.20 -16.30
CA PHE BA 405 44.32 -42.88 -15.66
C PHE BA 405 45.40 -43.29 -16.66
N ASN BA 406 45.16 -43.13 -17.96
CA ASN BA 406 46.18 -43.43 -18.96
C ASN BA 406 47.39 -42.52 -18.76
N GLY BA 407 48.54 -43.12 -18.48
CA GLY BA 407 49.75 -42.37 -18.26
C GLY BA 407 49.92 -41.83 -16.86
N LEU BA 408 48.95 -42.03 -15.98
CA LEU BA 408 49.07 -41.54 -14.61
C LEU BA 408 50.04 -42.41 -13.83
N ALA BA 409 50.52 -41.87 -12.71
CA ALA BA 409 51.46 -42.56 -11.83
C ALA BA 409 50.65 -43.17 -10.69
N VAL BA 410 50.20 -44.40 -10.88
CA VAL BA 410 49.41 -45.10 -9.87
C VAL BA 410 50.35 -45.63 -8.80
N PHE BA 411 50.06 -45.30 -7.54
CA PHE BA 411 50.85 -45.77 -6.42
C PHE BA 411 50.20 -47.03 -5.87
N THR BA 412 50.89 -48.16 -5.98
CA THR BA 412 50.37 -49.45 -5.57
C THR BA 412 50.48 -49.64 -4.06
N LYS BA 413 50.33 -50.87 -3.60
CA LYS BA 413 50.35 -51.26 -2.20
C LYS BA 413 51.48 -50.60 -1.39
N ASN BA 414 52.57 -50.23 -2.07
CA ASN BA 414 53.78 -49.77 -1.39
C ASN BA 414 53.49 -48.66 -0.38
N THR BA 415 53.03 -47.50 -0.86
CA THR BA 415 52.91 -46.32 -0.01
C THR BA 415 51.71 -45.50 -0.46
N ASN BA 416 51.65 -44.25 0.01
CA ASN BA 416 50.61 -43.29 -0.33
C ASN BA 416 51.22 -42.10 -1.05
N ILE BA 417 50.35 -41.27 -1.63
CA ILE BA 417 50.80 -40.15 -2.45
C ILE BA 417 51.46 -39.10 -1.57
N ARG BA 418 52.59 -38.57 -2.04
CA ARG BA 418 53.25 -37.45 -1.39
C ARG BA 418 52.62 -36.13 -1.83
N THR BA 419 52.90 -35.08 -1.07
CA THR BA 419 52.31 -33.77 -1.35
C THR BA 419 52.86 -33.22 -2.65
N GLY BA 420 51.97 -32.72 -3.51
CA GLY BA 420 52.32 -32.09 -4.76
C GLY BA 420 52.31 -33.03 -5.96
N ILE BA 421 52.60 -34.31 -5.75
CA ILE BA 421 52.69 -35.25 -6.86
C ILE BA 421 51.30 -35.47 -7.46
N ILE BA 422 51.27 -35.78 -8.75
CA ILE BA 422 50.02 -36.05 -9.47
C ILE BA 422 49.90 -37.54 -9.71
N GLY BA 423 49.21 -38.23 -8.79
CA GLY BA 423 49.04 -39.67 -8.91
C GLY BA 423 47.79 -40.17 -8.22
N THR BA 424 47.70 -41.49 -8.01
CA THR BA 424 46.55 -42.08 -7.37
C THR BA 424 46.92 -43.49 -6.89
N ASN BA 425 46.00 -44.10 -6.18
CA ASN BA 425 46.13 -45.46 -5.66
C ASN BA 425 44.83 -46.21 -5.94
N PRO BA 426 44.87 -47.55 -5.95
CA PRO BA 426 43.69 -48.31 -6.37
C PRO BA 426 42.40 -47.99 -5.62
N ARG BA 427 42.49 -47.67 -4.33
CA ARG BA 427 41.28 -47.37 -3.57
C ARG BA 427 40.58 -46.13 -4.12
N LEU BA 428 41.35 -45.08 -4.43
CA LEU BA 428 40.76 -43.87 -4.97
C LEU BA 428 40.20 -44.11 -6.38
N MET BA 429 40.89 -44.95 -7.17
CA MET BA 429 40.36 -45.31 -8.48
C MET BA 429 39.02 -46.01 -8.36
N LEU BA 430 38.92 -46.95 -7.42
CA LEU BA 430 37.66 -47.66 -7.21
C LEU BA 430 36.56 -46.70 -6.74
N GLY BA 431 36.90 -45.77 -5.86
CA GLY BA 431 35.92 -44.79 -5.43
C GLY BA 431 35.43 -43.92 -6.58
N LYS BA 432 36.34 -43.47 -7.44
CA LYS BA 432 35.95 -42.67 -8.59
C LYS BA 432 35.09 -43.47 -9.56
N ILE BA 433 35.42 -44.74 -9.76
CA ILE BA 433 34.62 -45.59 -10.64
C ILE BA 433 33.23 -45.79 -10.07
N ARG BA 434 33.12 -45.99 -8.76
CA ARG BA 434 31.81 -46.10 -8.12
C ARG BA 434 31.01 -44.82 -8.28
N LYS BA 435 31.68 -43.67 -8.13
CA LYS BA 435 30.98 -42.39 -8.31
C LYS BA 435 30.46 -42.27 -9.74
N TRP BA 436 31.27 -42.64 -10.72
CA TRP BA 436 30.84 -42.61 -12.11
C TRP BA 436 29.64 -43.54 -12.34
N ALA BA 437 29.70 -44.74 -11.77
CA ALA BA 437 28.59 -45.69 -11.94
C ALA BA 437 27.31 -45.15 -11.32
N GLN BA 438 27.40 -44.57 -10.14
CA GLN BA 438 26.22 -44.00 -9.49
C GLN BA 438 25.70 -42.77 -10.22
N ASP BA 439 26.56 -42.05 -10.94
CA ASP BA 439 26.10 -40.88 -11.69
C ASP BA 439 25.16 -41.29 -12.82
N ASN BA 440 25.48 -42.38 -13.53
CA ASN BA 440 24.74 -42.77 -14.73
C ASN BA 440 23.45 -43.52 -14.41
N VAL BA 441 23.15 -43.77 -13.14
CA VAL BA 441 21.92 -44.48 -12.78
C VAL BA 441 20.72 -43.68 -13.26
N GLY BA 442 19.81 -44.37 -13.95
CA GLY BA 442 18.63 -43.76 -14.50
C GLY BA 442 18.69 -43.50 -16.00
N THR BA 443 19.89 -43.47 -16.56
CA THR BA 443 20.08 -43.28 -18.00
C THR BA 443 20.76 -44.45 -18.68
N LEU BA 444 21.62 -45.19 -17.97
CA LEU BA 444 22.37 -46.28 -18.58
C LEU BA 444 22.12 -47.58 -17.83
N PHE BA 445 21.84 -47.47 -16.53
CA PHE BA 445 21.62 -48.64 -15.66
C PHE BA 445 20.32 -48.45 -14.88
N SER BA 446 19.90 -49.53 -14.22
CA SER BA 446 18.88 -49.44 -13.19
C SER BA 446 19.53 -48.89 -11.93
N GLU BA 447 18.87 -49.00 -10.78
CA GLU BA 447 19.44 -48.41 -9.58
C GLU BA 447 20.76 -49.11 -9.23
N PHE BA 448 20.69 -50.31 -8.66
CA PHE BA 448 21.67 -51.38 -8.56
C PHE BA 448 21.01 -52.51 -7.78
N ASP BA 449 21.74 -53.63 -7.68
CA ASP BA 449 21.42 -54.68 -6.72
C ASP BA 449 22.17 -54.50 -5.40
N ASN BA 450 23.50 -54.42 -5.47
CA ASN BA 450 24.33 -54.09 -4.31
C ASN BA 450 25.67 -53.61 -4.84
N ILE BA 451 25.90 -52.30 -4.78
CA ILE BA 451 27.09 -51.72 -5.41
C ILE BA 451 28.37 -52.20 -4.74
N ASN BA 452 28.30 -52.56 -3.46
CA ASN BA 452 29.52 -52.96 -2.76
C ASN BA 452 30.13 -54.22 -3.35
N GLU BA 453 29.30 -55.10 -3.93
CA GLU BA 453 29.79 -56.31 -4.57
C GLU BA 453 29.59 -56.32 -6.07
N ASP BA 454 29.00 -55.27 -6.64
CA ASP BA 454 28.76 -55.24 -8.08
C ASP BA 454 29.98 -54.75 -8.84
N ILE BA 455 30.68 -53.74 -8.31
CA ILE BA 455 31.87 -53.19 -8.93
C ILE BA 455 33.08 -53.64 -8.15
N GLN BA 456 34.08 -54.16 -8.85
CA GLN BA 456 35.29 -54.68 -8.21
C GLN BA 456 36.49 -54.33 -9.06
N LEU BA 457 37.53 -53.80 -8.43
CA LEU BA 457 38.77 -53.43 -9.10
C LEU BA 457 39.93 -54.13 -8.43
N LEU BA 458 40.76 -54.81 -9.23
CA LEU BA 458 41.89 -55.56 -8.72
C LEU BA 458 43.13 -55.25 -9.55
N THR BA 459 44.25 -55.03 -8.88
CA THR BA 459 45.51 -54.89 -9.58
C THR BA 459 45.96 -56.26 -10.10
N ASP BA 460 46.87 -56.24 -11.07
CA ASP BA 460 47.31 -57.47 -11.72
C ASP BA 460 48.13 -58.36 -10.80
N PHE BA 461 48.57 -57.87 -9.64
CA PHE BA 461 49.40 -58.67 -8.76
C PHE BA 461 48.62 -59.78 -8.08
N GLU BA 462 47.42 -59.49 -7.59
CA GLU BA 462 46.66 -60.46 -6.82
C GLU BA 462 45.75 -61.35 -7.67
N VAL BA 463 45.71 -61.14 -8.98
CA VAL BA 463 44.90 -61.99 -9.85
C VAL BA 463 45.75 -63.18 -10.28
N GLN BA 464 46.87 -62.90 -10.95
CA GLN BA 464 47.82 -63.94 -11.30
C GLN BA 464 48.64 -64.35 -10.08
N PRO BA 465 49.23 -65.55 -10.10
CA PRO BA 465 50.05 -65.98 -8.96
C PRO BA 465 51.30 -65.13 -8.78
N LYS BA 466 52.10 -65.46 -7.77
CA LYS BA 466 53.27 -64.65 -7.44
C LYS BA 466 54.29 -64.67 -8.58
N CYS BA 467 54.93 -63.53 -8.80
CA CYS BA 467 55.97 -63.37 -9.83
C CYS BA 467 55.42 -63.63 -11.23
N VAL BA 468 54.13 -63.37 -11.44
CA VAL BA 468 53.51 -63.53 -12.75
C VAL BA 468 52.97 -62.20 -13.28
N GLY BA 469 52.35 -61.39 -12.41
CA GLY BA 469 51.77 -60.15 -12.84
C GLY BA 469 52.80 -59.07 -13.13
N GLN BA 470 52.35 -58.03 -13.82
CA GLN BA 470 53.20 -56.91 -14.19
C GLN BA 470 52.59 -55.61 -13.68
N PRO BA 471 53.42 -54.63 -13.33
CA PRO BA 471 52.88 -53.36 -12.86
C PRO BA 471 52.14 -52.60 -13.96
N GLY BA 472 51.16 -51.81 -13.55
CA GLY BA 472 50.42 -50.96 -14.46
C GLY BA 472 49.20 -51.60 -15.11
N ILE BA 473 48.90 -52.86 -14.80
CA ILE BA 473 47.75 -53.56 -15.36
C ILE BA 473 46.70 -53.71 -14.27
N PHE BA 474 45.45 -53.38 -14.59
CA PHE BA 474 44.35 -53.46 -13.66
C PHE BA 474 43.22 -54.31 -14.25
N HIS BA 475 42.48 -54.95 -13.36
CA HIS BA 475 41.31 -55.75 -13.74
C HIS BA 475 40.07 -55.12 -13.12
N LEU BA 476 39.04 -54.93 -13.94
CA LEU BA 476 37.79 -54.32 -13.49
C LEU BA 476 36.64 -55.25 -13.83
N ASN BA 477 35.78 -55.52 -12.84
CA ASN BA 477 34.61 -56.35 -13.04
C ASN BA 477 33.38 -55.58 -12.56
N MET BA 478 32.34 -55.56 -13.39
CA MET BA 478 31.12 -54.85 -13.05
C MET BA 478 29.97 -55.41 -13.86
N ARG BA 479 28.85 -55.68 -13.19
CA ARG BA 479 27.65 -56.22 -13.82
C ARG BA 479 26.57 -55.15 -13.88
N TYR BA 480 26.06 -54.91 -15.08
CA TYR BA 480 25.07 -53.88 -15.32
C TYR BA 480 23.71 -54.32 -14.82
N ARG BA 481 22.73 -53.44 -15.00
CA ARG BA 481 21.31 -53.78 -14.81
C ARG BA 481 20.51 -52.87 -15.72
N PRO BA 482 20.03 -53.36 -16.86
CA PRO BA 482 19.43 -52.48 -17.86
C PRO BA 482 18.17 -51.84 -17.31
N PRO BA 483 17.81 -50.65 -17.80
CA PRO BA 483 16.61 -49.96 -17.30
C PRO BA 483 15.35 -50.77 -17.59
N VAL BA 484 14.26 -50.29 -17.01
CA VAL BA 484 12.98 -50.99 -17.04
C VAL BA 484 12.10 -50.38 -18.11
N ARG BA 485 11.12 -51.15 -18.57
CA ARG BA 485 10.20 -50.75 -19.63
C ARG BA 485 8.79 -51.18 -19.24
N GLY BA 486 7.81 -50.64 -19.95
CA GLY BA 486 6.42 -51.00 -19.71
C GLY BA 486 5.93 -52.07 -20.66
N ALA BA 487 4.84 -52.74 -20.30
CA ALA BA 487 4.34 -53.86 -21.10
C ALA BA 487 2.83 -53.93 -20.95
N ARG BA 488 2.26 -55.10 -21.30
CA ARG BA 488 0.82 -55.28 -21.42
C ARG BA 488 0.10 -54.91 -20.14
N ILE BA 489 -1.21 -54.62 -20.27
CA ILE BA 489 -2.03 -54.20 -19.15
C ILE BA 489 -3.07 -55.25 -18.76
N ASN BA 490 -3.62 -56.01 -19.71
CA ASN BA 490 -4.58 -57.07 -19.44
C ASN BA 490 -5.83 -56.53 -18.73
N VAL BA 491 -6.55 -55.67 -19.44
CA VAL BA 491 -7.77 -55.07 -18.90
C VAL BA 491 -8.92 -56.05 -19.04
N ASN BA 492 -9.70 -56.20 -17.96
CA ASN BA 492 -10.89 -57.05 -17.96
C ASN BA 492 -12.06 -56.25 -17.38
N MET BA 493 -12.86 -55.69 -18.27
CA MET BA 493 -14.01 -54.89 -17.86
C MET BA 493 -15.09 -55.77 -17.24
N ALA BA 494 -15.96 -55.13 -16.45
CA ALA BA 494 -17.05 -55.85 -15.79
C ALA BA 494 -18.22 -54.88 -15.59
N PRO BA 495 -19.17 -54.86 -16.51
CA PRO BA 495 -20.35 -54.02 -16.32
C PRO BA 495 -21.15 -54.44 -15.11
N ALA BA 496 -21.79 -53.46 -14.47
CA ALA BA 496 -22.60 -53.72 -13.29
C ALA BA 496 -23.98 -53.10 -13.42
N ASP CA 4 8.31 37.17 -62.03
CA ASP CA 4 6.97 37.72 -62.22
C ASP CA 4 6.45 38.33 -60.93
N ALA CA 5 7.33 39.06 -60.24
CA ALA CA 5 7.02 39.73 -58.97
C ALA CA 5 6.61 38.76 -57.87
N LEU CA 6 6.77 37.46 -58.09
CA LEU CA 6 6.40 36.46 -57.10
C LEU CA 6 7.57 35.53 -56.81
N SER CA 7 8.40 35.26 -57.82
CA SER CA 7 9.54 34.37 -57.71
C SER CA 7 10.85 35.13 -57.53
N ASP CA 8 10.82 36.24 -56.79
CA ASP CA 8 12.01 37.05 -56.56
C ASP CA 8 12.87 36.43 -55.44
N GLY CA 9 13.33 35.22 -55.69
CA GLY CA 9 14.09 34.45 -54.72
C GLY CA 9 13.22 33.47 -53.98
N PHE CA 10 13.85 32.83 -52.98
CA PHE CA 10 13.17 31.88 -52.10
C PHE CA 10 12.63 30.68 -52.87
N VAL CA 11 11.67 30.92 -53.76
CA VAL CA 11 11.07 29.87 -54.57
C VAL CA 11 11.50 30.08 -56.02
N ARG CA 12 12.01 29.01 -56.63
CA ARG CA 12 12.43 29.02 -58.04
C ARG CA 12 11.79 27.83 -58.72
N LEU CA 13 10.83 28.08 -59.61
CA LEU CA 13 10.08 27.02 -60.27
C LEU CA 13 10.96 26.35 -61.32
N CYS CA 14 11.50 25.18 -60.98
CA CYS CA 14 12.26 24.37 -61.93
C CYS CA 14 11.32 23.43 -62.68
N ILE CA 15 10.41 24.03 -63.43
CA ILE CA 15 9.37 23.29 -64.13
C ILE CA 15 9.96 22.61 -65.36
N ASP CA 16 9.65 21.33 -65.55
CA ASP CA 16 10.05 20.59 -66.73
C ASP CA 16 9.11 19.42 -66.99
N PRO CA 17 8.74 19.19 -68.26
CA PRO CA 17 7.81 18.09 -68.56
C PRO CA 17 8.35 16.71 -68.20
N SER CA 18 9.66 16.49 -68.32
CA SER CA 18 10.25 15.16 -68.16
C SER CA 18 11.20 15.20 -66.96
N LEU CA 19 10.81 14.52 -65.88
CA LEU CA 19 11.67 14.33 -64.72
C LEU CA 19 11.17 13.14 -63.95
N ASN CA 20 12.08 12.27 -63.53
CA ASN CA 20 11.74 11.03 -62.84
C ASN CA 20 12.19 11.13 -61.39
N PHE CA 21 11.24 11.00 -60.46
CA PHE CA 21 11.52 11.11 -59.04
C PHE CA 21 11.82 9.76 -58.38
N PHE CA 22 11.63 8.65 -59.09
CA PHE CA 22 11.93 7.33 -58.54
C PHE CA 22 13.40 6.97 -58.78
N GLY CA 23 13.81 6.93 -60.03
CA GLY CA 23 15.20 6.75 -60.37
C GLY CA 23 15.58 5.34 -60.79
N GLU CA 24 15.67 5.12 -62.10
CA GLU CA 24 16.11 3.84 -62.66
C GLU CA 24 15.35 2.67 -62.06
N GLY CA 25 16.05 1.56 -61.82
CA GLY CA 25 15.45 0.42 -61.14
C GLY CA 25 14.81 -0.59 -62.06
N CYS CA 26 15.02 -1.87 -61.77
CA CYS CA 26 14.40 -2.98 -62.49
C CYS CA 26 14.73 -2.91 -64.00
N LYS CA 27 16.03 -3.04 -64.28
CA LYS CA 27 16.53 -2.95 -65.64
C LYS CA 27 16.49 -4.31 -66.33
N ILE CA 28 16.23 -4.29 -67.64
CA ILE CA 28 16.10 -5.49 -68.44
C ILE CA 28 17.00 -5.38 -69.66
N LEU CA 29 17.68 -6.48 -69.98
CA LEU CA 29 18.58 -6.56 -71.12
C LEU CA 29 17.95 -7.40 -72.22
N VAL CA 30 17.98 -6.87 -73.45
CA VAL CA 30 17.39 -7.54 -74.61
C VAL CA 30 18.51 -7.83 -75.60
N GLU CA 31 18.57 -9.08 -76.07
CA GLU CA 31 19.60 -9.53 -76.99
C GLU CA 31 18.98 -9.89 -78.34
N GLY CA 32 19.64 -9.48 -79.41
CA GLY CA 32 19.14 -9.77 -80.75
C GLY CA 32 20.11 -9.28 -81.79
N GLN CA 33 19.73 -9.51 -83.05
CA GLN CA 33 20.58 -9.19 -84.21
C GLN CA 33 20.00 -7.99 -84.95
N MET CA 34 20.86 -7.03 -85.27
CA MET CA 34 20.47 -5.85 -86.02
C MET CA 34 21.01 -5.92 -87.43
N THR CA 35 20.36 -5.20 -88.34
CA THR CA 35 20.78 -5.15 -89.73
C THR CA 35 21.92 -4.14 -89.89
N ASP CA 36 22.38 -3.98 -91.13
CA ASP CA 36 23.46 -3.05 -91.42
C ASP CA 36 23.05 -1.60 -91.25
N ASP CA 37 21.75 -1.30 -91.33
CA ASP CA 37 21.29 0.08 -91.18
C ASP CA 37 21.48 0.61 -89.76
N GLY CA 38 21.72 -0.26 -88.78
CA GLY CA 38 21.93 0.20 -87.42
C GLY CA 38 23.18 1.04 -87.29
N SER CA 39 23.08 2.09 -86.47
CA SER CA 39 24.19 3.01 -86.26
C SER CA 39 24.84 2.84 -84.90
N ALA CA 40 24.53 1.76 -84.18
CA ALA CA 40 25.10 1.51 -82.87
C ALA CA 40 26.24 0.51 -82.95
N THR CA 41 27.05 0.48 -81.90
CA THR CA 41 28.21 -0.40 -81.86
C THR CA 41 27.79 -1.82 -81.56
N PRO CA 42 28.13 -2.80 -82.41
CA PRO CA 42 27.80 -4.19 -82.08
C PRO CA 42 28.58 -4.70 -80.89
N ASP CA 43 27.99 -5.69 -80.20
CA ASP CA 43 28.63 -6.34 -79.05
C ASP CA 43 28.95 -5.33 -77.95
N ALA CA 44 28.05 -4.38 -77.74
CA ALA CA 44 28.21 -3.37 -76.70
C ALA CA 44 26.86 -3.07 -76.07
N VAL CA 45 26.78 -3.24 -74.75
CA VAL CA 45 25.52 -2.98 -74.05
C VAL CA 45 25.30 -1.48 -73.95
N THR CA 46 24.12 -1.03 -74.39
CA THR CA 46 23.77 0.38 -74.40
C THR CA 46 22.36 0.55 -73.88
N CYS CA 47 22.07 1.75 -73.37
CA CYS CA 47 20.77 2.06 -72.82
C CYS CA 47 19.88 2.68 -73.89
N VAL CA 48 18.79 2.00 -74.23
CA VAL CA 48 17.79 2.52 -75.16
C VAL CA 48 16.72 3.20 -74.30
N THR CA 49 16.85 4.53 -74.18
CA THR CA 49 16.00 5.28 -73.26
C THR CA 49 14.66 5.67 -73.86
N SER CA 50 14.46 5.50 -75.17
CA SER CA 50 13.20 5.89 -75.78
C SER CA 50 13.02 5.13 -77.08
N GLU CA 51 11.77 5.12 -77.56
CA GLU CA 51 11.41 4.47 -78.81
C GLU CA 51 11.66 5.36 -80.03
N LEU CA 52 12.00 6.64 -79.82
CA LEU CA 52 12.11 7.57 -80.93
C LEU CA 52 13.25 7.20 -81.88
N ASP CA 53 14.39 6.78 -81.34
CA ASP CA 53 15.61 6.60 -82.12
C ASP CA 53 16.03 5.14 -82.24
N ILE CA 54 15.14 4.19 -81.95
CA ILE CA 54 15.50 2.79 -82.06
C ILE CA 54 15.73 2.41 -83.53
N ILE CA 55 14.95 3.00 -84.44
CA ILE CA 55 15.08 2.69 -85.86
C ILE CA 55 16.45 3.10 -86.37
N GLU CA 56 16.88 4.32 -86.03
CA GLU CA 56 18.20 4.77 -86.47
C GLU CA 56 19.32 3.95 -85.84
N ARG CA 57 19.18 3.61 -84.56
CA ARG CA 57 20.26 2.95 -83.85
C ARG CA 57 20.36 1.46 -84.14
N PHE CA 58 19.29 0.85 -84.66
CA PHE CA 58 19.32 -0.60 -84.90
C PHE CA 58 18.75 -0.99 -86.26
N GLY CA 59 18.46 -0.03 -87.14
CA GLY CA 59 18.06 -0.34 -88.49
C GLY CA 59 16.57 -0.59 -88.66
N GLN CA 60 16.19 -0.81 -89.91
CA GLN CA 60 14.81 -1.10 -90.28
C GLN CA 60 14.68 -2.57 -90.65
N GLY CA 61 13.68 -3.23 -90.08
CA GLY CA 61 13.42 -4.63 -90.35
C GLY CA 61 14.21 -5.60 -89.50
N SER CA 62 15.10 -5.11 -88.64
CA SER CA 62 15.85 -5.99 -87.77
C SER CA 62 14.95 -6.58 -86.68
N VAL CA 63 15.28 -7.80 -86.26
CA VAL CA 63 14.46 -8.46 -85.24
C VAL CA 63 14.59 -7.75 -83.90
N LEU CA 64 15.77 -7.21 -83.59
CA LEU CA 64 15.96 -6.50 -82.33
C LEU CA 64 15.10 -5.25 -82.24
N THR CA 65 14.90 -4.56 -83.37
CA THR CA 65 14.02 -3.39 -83.37
C THR CA 65 12.60 -3.76 -82.98
N GLU CA 66 12.08 -4.85 -83.55
CA GLU CA 66 10.74 -5.31 -83.20
C GLU CA 66 10.68 -5.79 -81.76
N SER CA 67 11.74 -6.45 -81.29
CA SER CA 67 11.76 -6.90 -79.89
C SER CA 67 11.68 -5.71 -78.94
N LEU CA 68 12.48 -4.67 -79.19
CA LEU CA 68 12.41 -3.47 -78.35
C LEU CA 68 11.08 -2.75 -78.50
N ARG CA 69 10.47 -2.81 -79.69
CA ARG CA 69 9.12 -2.23 -79.85
C ARG CA 69 8.11 -2.97 -78.98
N LYS CA 70 8.20 -4.30 -78.93
CA LYS CA 70 7.30 -5.06 -78.06
C LYS CA 70 7.56 -4.76 -76.59
N VAL CA 71 8.84 -4.61 -76.22
CA VAL CA 71 9.19 -4.25 -74.85
C VAL CA 71 8.58 -2.89 -74.51
N PHE CA 72 8.66 -1.94 -75.44
CA PHE CA 72 8.07 -0.62 -75.21
C PHE CA 72 6.55 -0.68 -75.14
N CYS CA 73 5.92 -1.62 -75.85
CA CYS CA 73 4.51 -1.89 -75.60
C CYS CA 73 4.30 -2.29 -74.14
N THR CA 74 4.89 -3.41 -73.74
CA THR CA 74 4.50 -4.05 -72.49
C THR CA 74 4.81 -3.18 -71.28
N CYS CA 75 5.96 -2.54 -71.27
CA CYS CA 75 6.38 -1.68 -70.16
C CYS CA 75 6.20 -0.22 -70.52
N LYS CA 76 5.81 0.59 -69.55
CA LYS CA 76 5.61 2.02 -69.75
C LYS CA 76 6.31 2.90 -68.71
N SER CA 77 6.62 2.39 -67.53
CA SER CA 77 7.30 3.18 -66.51
C SER CA 77 7.97 2.25 -65.52
N GLY CA 78 8.95 2.80 -64.81
CA GLY CA 78 9.66 2.06 -63.78
C GLY CA 78 10.69 1.07 -64.28
N VAL CA 79 11.03 1.10 -65.56
CA VAL CA 79 11.99 0.16 -66.14
C VAL CA 79 13.01 0.94 -66.95
N SER CA 80 14.28 0.55 -66.83
CA SER CA 80 15.38 1.11 -67.62
C SER CA 80 15.90 -0.01 -68.52
N VAL CA 81 15.33 -0.11 -69.71
CA VAL CA 81 15.62 -1.22 -70.61
C VAL CA 81 16.99 -1.02 -71.25
N TYR CA 82 17.74 -2.11 -71.36
CA TYR CA 82 19.05 -2.12 -72.00
C TYR CA 82 18.99 -3.02 -73.24
N ALA CA 83 19.89 -2.74 -74.19
CA ALA CA 83 19.95 -3.46 -75.45
C ALA CA 83 21.35 -3.98 -75.70
N LEU CA 84 21.43 -5.16 -76.31
CA LEU CA 84 22.71 -5.78 -76.69
C LEU CA 84 22.62 -6.18 -78.14
N PRO CA 85 22.94 -5.28 -79.07
CA PRO CA 85 22.82 -5.61 -80.50
C PRO CA 85 23.85 -6.64 -80.93
N ARG CA 86 23.49 -7.37 -81.99
CA ARG CA 86 24.37 -8.33 -82.64
C ARG CA 86 24.30 -8.13 -84.14
N GLU CA 87 25.27 -8.69 -84.84
CA GLU CA 87 25.31 -8.67 -86.29
C GLU CA 87 25.08 -10.06 -86.85
N ASP CA 88 24.50 -10.12 -88.04
CA ASP CA 88 24.13 -11.39 -88.64
C ASP CA 88 25.37 -12.25 -88.90
N ALA CA 89 25.14 -13.56 -88.95
CA ALA CA 89 26.23 -14.50 -89.12
C ALA CA 89 26.89 -14.36 -90.48
N ALA CA 90 28.18 -14.69 -90.54
CA ALA CA 90 28.92 -14.60 -91.79
C ALA CA 90 28.36 -15.57 -92.84
N ALA CA 91 28.07 -16.80 -92.43
CA ALA CA 91 27.55 -17.82 -93.33
C ALA CA 91 26.03 -17.91 -93.32
N GLY CA 92 25.36 -17.04 -92.58
CA GLY CA 92 23.91 -17.10 -92.52
C GLY CA 92 23.27 -16.81 -93.86
N VAL CA 93 22.12 -17.44 -94.09
CA VAL CA 93 21.37 -17.31 -95.33
C VAL CA 93 20.03 -16.65 -95.03
N LYS CA 94 19.74 -15.56 -95.73
CA LYS CA 94 18.46 -14.88 -95.56
C LYS CA 94 17.32 -15.75 -96.08
N ALA CA 95 16.21 -15.75 -95.35
CA ALA CA 95 15.08 -16.59 -95.73
C ALA CA 95 14.47 -16.12 -97.05
N VAL CA 96 14.04 -17.09 -97.85
CA VAL CA 96 13.43 -16.84 -99.14
C VAL CA 96 12.01 -17.39 -99.11
N TYR CA 97 11.04 -16.57 -99.49
CA TYR CA 97 9.64 -16.98 -99.49
C TYR CA 97 9.01 -16.77 -100.86
N ASN CA 203 24.18 -19.30 -87.81
CA ASN CA 203 23.74 -18.50 -86.68
C ASN CA 203 24.91 -18.16 -85.76
N PRO CA 204 24.95 -16.93 -85.26
CA PRO CA 204 26.06 -16.52 -84.40
C PRO CA 204 26.12 -17.34 -83.12
N THR CA 205 27.34 -17.62 -82.67
CA THR CA 205 27.60 -18.28 -81.39
C THR CA 205 28.64 -17.44 -80.66
N PRO CA 206 28.22 -16.28 -80.12
CA PRO CA 206 29.20 -15.34 -79.55
C PRO CA 206 30.04 -15.93 -78.42
N ASN CA 207 29.38 -16.38 -77.36
CA ASN CA 207 30.04 -16.81 -76.13
C ASN CA 207 31.02 -15.70 -75.72
N ASP CA 208 30.45 -14.57 -75.34
CA ASP CA 208 31.25 -13.43 -74.90
C ASP CA 208 30.57 -12.69 -73.75
N TYR CA 209 29.68 -13.34 -73.02
CA TYR CA 209 28.90 -12.65 -71.99
C TYR CA 209 29.78 -12.15 -70.86
N ALA CA 210 30.87 -12.86 -70.56
CA ALA CA 210 31.77 -12.42 -69.49
C ALA CA 210 32.41 -11.08 -69.83
N THR CA 211 32.77 -10.88 -71.11
CA THR CA 211 33.43 -9.65 -71.51
C THR CA 211 32.44 -8.53 -71.79
N VAL CA 212 31.35 -8.83 -72.48
CA VAL CA 212 30.39 -7.79 -72.86
C VAL CA 212 29.74 -7.18 -71.62
N VAL CA 213 29.28 -8.04 -70.70
CA VAL CA 213 28.65 -7.59 -69.47
C VAL CA 213 29.30 -8.35 -68.31
N ASN CA 214 30.15 -7.64 -67.55
CA ASN CA 214 30.90 -8.28 -66.47
C ASN CA 214 30.19 -8.15 -65.14
N GLU CA 215 29.93 -6.92 -64.69
CA GLU CA 215 29.28 -6.68 -63.42
C GLU CA 215 28.02 -5.85 -63.53
N CYS CA 216 27.60 -5.48 -64.74
CA CYS CA 216 26.35 -4.74 -64.90
C CYS CA 216 25.17 -5.70 -64.67
N CYS CA 217 24.67 -5.74 -63.45
CA CYS CA 217 23.68 -6.73 -63.08
C CYS CA 217 22.33 -6.40 -63.71
N PHE CA 218 21.69 -7.42 -64.29
CA PHE CA 218 20.38 -7.27 -64.91
C PHE CA 218 19.39 -8.19 -64.21
N ALA CA 219 18.11 -7.83 -64.31
CA ALA CA 219 17.05 -8.64 -63.70
C ALA CA 219 16.48 -9.66 -64.68
N VAL CA 220 16.23 -9.27 -65.92
CA VAL CA 220 15.61 -10.13 -66.92
C VAL CA 220 16.46 -10.12 -68.19
N TYR CA 221 16.76 -11.30 -68.70
CA TYR CA 221 17.51 -11.46 -69.94
C TYR CA 221 16.59 -12.05 -71.02
N VAL CA 222 16.60 -11.44 -72.20
CA VAL CA 222 15.76 -11.85 -73.30
C VAL CA 222 16.66 -12.19 -74.49
N LEU CA 223 16.44 -13.39 -75.05
CA LEU CA 223 17.15 -13.82 -76.25
C LEU CA 223 16.13 -14.06 -77.36
N SER CA 224 16.37 -13.46 -78.52
CA SER CA 224 15.41 -13.47 -79.63
C SER CA 224 15.84 -14.43 -80.74
N SER CA 225 16.43 -15.57 -80.37
CA SER CA 225 16.88 -16.55 -81.36
C SER CA 225 16.49 -17.94 -80.90
N ASP CA 226 16.32 -18.84 -81.87
CA ASP CA 226 16.02 -20.24 -81.61
C ASP CA 226 17.26 -21.12 -81.59
N ASP CA 227 18.45 -20.53 -81.72
CA ASP CA 227 19.68 -21.32 -81.73
C ASP CA 227 19.89 -21.96 -80.36
N THR CA 228 19.95 -23.29 -80.34
CA THR CA 228 20.08 -24.00 -79.07
C THR CA 228 21.44 -23.77 -78.42
N ASP CA 229 22.50 -23.59 -79.22
CA ASP CA 229 23.81 -23.30 -78.65
C ASP CA 229 23.83 -21.93 -77.99
N TRP CA 230 23.20 -20.94 -78.63
CA TRP CA 230 23.12 -19.61 -78.05
C TRP CA 230 22.34 -19.63 -76.73
N GLN CA 231 21.22 -20.33 -76.70
CA GLN CA 231 20.44 -20.45 -75.47
C GLN CA 231 21.23 -21.18 -74.40
N GLU CA 232 21.97 -22.22 -74.78
CA GLU CA 232 22.79 -22.94 -73.81
C GLU CA 232 23.88 -22.05 -73.23
N ASN CA 233 24.52 -21.23 -74.07
CA ASN CA 233 25.54 -20.31 -73.58
C ASN CA 233 24.94 -19.27 -72.65
N LEU CA 234 23.76 -18.73 -73.00
CA LEU CA 234 23.11 -17.76 -72.13
C LEU CA 234 22.76 -18.40 -70.78
N ARG CA 235 22.26 -19.63 -70.80
CA ARG CA 235 21.95 -20.34 -69.57
C ARG CA 235 23.20 -20.59 -68.74
N ASP CA 236 24.30 -20.96 -69.40
CA ASP CA 236 25.56 -21.18 -68.69
C ASP CA 236 26.02 -19.91 -68.00
N TRP CA 237 25.94 -18.77 -68.70
CA TRP CA 237 26.43 -17.54 -68.10
C TRP CA 237 25.50 -17.07 -66.99
N ILE CA 238 24.19 -17.27 -67.14
CA ILE CA 238 23.26 -16.90 -66.07
C ILE CA 238 23.50 -17.76 -64.83
N ARG CA 239 23.75 -19.06 -65.03
CA ARG CA 239 24.11 -19.91 -63.90
C ARG CA 239 25.41 -19.44 -63.26
N SER CA 240 26.39 -19.04 -64.07
CA SER CA 240 27.63 -18.50 -63.53
C SER CA 240 27.37 -17.20 -62.76
N ALA CA 241 26.33 -16.45 -63.13
CA ALA CA 241 25.97 -15.26 -62.36
C ALA CA 241 25.56 -15.64 -60.94
N TRP CA 242 24.81 -16.72 -60.79
CA TRP CA 242 24.43 -17.23 -59.47
C TRP CA 242 25.50 -18.18 -58.92
N ASP CA 243 26.74 -17.69 -58.90
CA ASP CA 243 27.86 -18.51 -58.46
C ASP CA 243 27.97 -18.50 -56.95
N CYS CA 244 28.68 -19.50 -56.42
CA CYS CA 244 28.96 -19.59 -55.00
C CYS CA 244 30.25 -18.89 -54.59
N SER CA 245 31.05 -18.43 -55.54
CA SER CA 245 32.33 -17.81 -55.26
C SER CA 245 32.31 -16.29 -55.42
N LYS CA 246 31.92 -15.80 -56.59
CA LYS CA 246 31.89 -14.38 -56.86
C LYS CA 246 30.57 -13.76 -56.40
N PRO CA 247 30.56 -12.46 -56.12
CA PRO CA 247 29.28 -11.78 -55.85
C PRO CA 247 28.34 -11.93 -57.04
N GLN CA 248 27.05 -12.09 -56.73
CA GLN CA 248 26.07 -12.53 -57.71
C GLN CA 248 25.21 -11.37 -58.19
N CYS CA 249 25.03 -11.28 -59.51
CA CYS CA 249 24.01 -10.43 -60.12
C CYS CA 249 22.83 -11.34 -60.43
N PHE CA 250 21.88 -11.43 -59.49
CA PHE CA 250 20.75 -12.32 -59.65
C PHE CA 250 19.90 -11.90 -60.84
N GLY CA 251 19.48 -12.88 -61.64
CA GLY CA 251 18.67 -12.60 -62.80
C GLY CA 251 18.07 -13.87 -63.36
N HIS CA 252 17.23 -13.70 -64.38
CA HIS CA 252 16.54 -14.81 -65.02
C HIS CA 252 16.44 -14.54 -66.50
N GLY CA 253 16.39 -15.62 -67.29
CA GLY CA 253 16.33 -15.50 -68.73
C GLY CA 253 15.10 -16.15 -69.34
N TYR CA 254 14.72 -15.72 -70.54
CA TYR CA 254 13.48 -16.18 -71.17
C TYR CA 254 13.76 -16.50 -72.63
N VAL CA 255 13.75 -17.79 -72.97
CA VAL CA 255 13.98 -18.25 -74.33
C VAL CA 255 12.75 -19.00 -74.82
N PHE CA 256 12.78 -19.47 -76.07
CA PHE CA 256 11.65 -20.14 -76.68
C PHE CA 256 12.10 -21.39 -77.43
N ASN CA 257 11.15 -22.28 -77.67
CA ASN CA 257 11.36 -23.47 -78.50
C ASN CA 257 10.11 -23.67 -79.36
N LYS CA 258 10.25 -23.41 -80.66
CA LYS CA 258 9.16 -23.60 -81.61
C LYS CA 258 9.42 -24.86 -82.42
N GLY CA 259 8.41 -25.72 -82.52
CA GLY CA 259 8.51 -26.92 -83.31
C GLY CA 259 7.70 -28.04 -82.70
N THR CA 260 7.94 -29.25 -83.18
CA THR CA 260 7.19 -30.43 -82.76
C THR CA 260 7.73 -30.97 -81.43
N LEU CA 261 7.08 -32.02 -80.93
CA LEU CA 261 7.46 -32.60 -79.65
C LEU CA 261 8.82 -33.28 -79.68
N GLY CA 262 9.34 -33.58 -80.88
CA GLY CA 262 10.64 -34.22 -80.96
C GLY CA 262 11.76 -33.35 -80.43
N GLN CA 263 11.71 -32.05 -80.70
CA GLN CA 263 12.77 -31.13 -80.32
C GLN CA 263 12.42 -30.23 -79.15
N VAL CA 264 11.14 -29.92 -78.94
CA VAL CA 264 10.78 -29.01 -77.86
C VAL CA 264 11.00 -29.67 -76.51
N LEU CA 265 10.91 -31.01 -76.46
CA LEU CA 265 11.09 -31.73 -75.20
C LEU CA 265 12.55 -32.14 -74.99
N ALA CA 266 13.27 -32.44 -76.05
CA ALA CA 266 14.65 -32.91 -75.91
C ALA CA 266 15.59 -31.79 -75.46
N ASP CA 267 15.36 -30.56 -75.93
CA ASP CA 267 16.26 -29.47 -75.58
C ASP CA 267 16.13 -29.07 -74.11
N GLY CA 268 14.95 -29.28 -73.53
CA GLY CA 268 14.76 -28.92 -72.13
C GLY CA 268 15.71 -29.69 -71.23
N ASP CA 269 16.18 -29.02 -70.18
CA ASP CA 269 17.19 -29.59 -69.29
C ASP CA 269 16.84 -29.24 -67.85
N ASN CA 270 17.69 -29.70 -66.93
CA ASN CA 270 17.44 -29.53 -65.51
C ASN CA 270 17.51 -28.07 -65.07
N SER CA 271 18.39 -27.28 -65.68
CA SER CA 271 18.67 -25.94 -65.20
C SER CA 271 17.42 -25.07 -65.21
N ALA CA 272 17.21 -24.33 -64.11
CA ALA CA 272 16.05 -23.47 -63.92
C ALA CA 272 16.29 -22.04 -64.35
N GLU CA 273 17.52 -21.68 -64.74
CA GLU CA 273 17.85 -20.28 -64.99
C GLU CA 273 17.15 -19.71 -66.22
N LEU CA 274 16.70 -20.55 -67.14
CA LEU CA 274 15.98 -20.10 -68.32
C LEU CA 274 14.54 -20.57 -68.25
N SER CA 275 13.62 -19.68 -68.60
CA SER CA 275 12.18 -19.97 -68.61
C SER CA 275 11.78 -20.35 -70.03
N ARG CA 276 11.78 -21.66 -70.30
CA ARG CA 276 11.35 -22.18 -71.59
C ARG CA 276 9.89 -21.79 -71.85
N LEU CA 277 9.66 -20.93 -72.83
CA LEU CA 277 8.32 -20.65 -73.32
C LEU CA 277 8.17 -21.37 -74.66
N ALA CA 278 7.54 -22.54 -74.63
CA ALA CA 278 7.42 -23.37 -75.82
C ALA CA 278 6.41 -22.78 -76.79
N LEU CA 279 6.70 -22.90 -78.08
CA LEU CA 279 5.81 -22.43 -79.14
C LEU CA 279 5.34 -23.61 -79.98
N PRO CA 280 4.05 -23.67 -80.33
CA PRO CA 280 3.59 -24.70 -81.25
C PRO CA 280 4.11 -24.47 -82.66
N THR CA 281 4.13 -25.55 -83.44
CA THR CA 281 4.61 -25.47 -84.82
C THR CA 281 3.75 -24.53 -85.66
N THR CA 282 2.45 -24.44 -85.36
CA THR CA 282 1.52 -23.64 -86.14
C THR CA 282 1.26 -22.28 -85.51
N TYR CA 283 2.17 -21.79 -84.67
CA TYR CA 283 1.99 -20.48 -84.05
C TYR CA 283 2.12 -19.39 -85.10
N PRO CA 284 1.12 -18.51 -85.24
CA PRO CA 284 1.21 -17.48 -86.29
C PRO CA 284 2.22 -16.38 -85.97
N VAL CA 285 2.29 -15.94 -84.71
CA VAL CA 285 3.13 -14.81 -84.35
C VAL CA 285 4.58 -15.26 -84.26
N LEU CA 286 5.49 -14.36 -84.62
CA LEU CA 286 6.91 -14.65 -84.53
C LEU CA 286 7.31 -14.85 -83.08
N PRO CA 287 8.12 -15.86 -82.78
CA PRO CA 287 8.38 -16.20 -81.37
C PRO CA 287 9.06 -15.09 -80.57
N TYR CA 288 9.98 -14.34 -81.18
CA TYR CA 288 10.75 -13.36 -80.42
C TYR CA 288 9.87 -12.23 -79.90
N LEU CA 289 8.83 -11.86 -80.64
CA LEU CA 289 7.91 -10.83 -80.18
C LEU CA 289 7.26 -11.23 -78.86
N THR CA 290 6.67 -12.43 -78.83
CA THR CA 290 6.01 -12.89 -77.61
C THR CA 290 7.02 -13.11 -76.48
N ASN CA 291 8.21 -13.62 -76.81
CA ASN CA 291 9.23 -13.83 -75.79
C ASN CA 291 9.63 -12.51 -75.14
N ALA CA 292 9.87 -11.48 -75.94
CA ALA CA 292 10.22 -10.17 -75.41
C ALA CA 292 9.06 -9.58 -74.61
N ALA CA 293 7.83 -9.75 -75.09
CA ALA CA 293 6.68 -9.24 -74.36
C ALA CA 293 6.58 -9.89 -72.98
N TYR CA 294 6.74 -11.22 -72.92
CA TYR CA 294 6.67 -11.91 -71.64
C TYR CA 294 7.80 -11.48 -70.70
N GLY CA 295 9.02 -11.37 -71.23
CA GLY CA 295 10.13 -10.94 -70.39
C GLY CA 295 9.91 -9.55 -69.83
N ALA CA 296 9.49 -8.61 -70.68
CA ALA CA 296 9.23 -7.26 -70.22
C ALA CA 296 8.09 -7.23 -69.21
N LEU CA 297 7.02 -8.00 -69.45
CA LEU CA 297 5.92 -8.04 -68.50
C LEU CA 297 6.41 -8.50 -67.13
N SER CA 298 7.15 -9.60 -67.09
CA SER CA 298 7.69 -10.08 -65.83
C SER CA 298 8.54 -9.01 -65.17
N ALA CA 299 9.46 -8.40 -65.93
CA ALA CA 299 10.38 -7.42 -65.38
C ALA CA 299 9.64 -6.25 -64.74
N CYS CA 300 8.89 -5.50 -65.55
CA CYS CA 300 8.27 -4.28 -65.05
C CYS CA 300 6.99 -4.53 -64.28
N SER CA 301 6.55 -5.78 -64.13
CA SER CA 301 5.49 -6.09 -63.20
C SER CA 301 6.04 -6.43 -61.82
N THR CA 302 7.00 -7.36 -61.75
CA THR CA 302 7.62 -7.67 -60.46
C THR CA 302 8.36 -6.46 -59.92
N CYS CA 303 9.43 -6.04 -60.60
CA CYS CA 303 10.23 -4.90 -60.19
C CYS CA 303 10.55 -4.91 -58.70
N ASN CA 304 9.84 -4.11 -57.91
CA ASN CA 304 10.05 -3.99 -56.49
C ASN CA 304 9.14 -4.90 -55.66
N ASN CA 305 8.31 -5.72 -56.32
CA ASN CA 305 7.39 -6.62 -55.63
C ASN CA 305 7.62 -8.02 -56.18
N PRO CA 306 8.65 -8.73 -55.68
CA PRO CA 306 9.04 -10.03 -56.22
C PRO CA 306 8.18 -11.20 -55.76
N GLU CA 307 6.87 -11.03 -55.81
CA GLU CA 307 5.95 -12.08 -55.40
C GLU CA 307 4.89 -12.36 -56.46
N LEU CA 308 4.54 -11.33 -57.24
CA LEU CA 308 3.43 -11.42 -58.18
C LEU CA 308 3.77 -12.40 -59.29
N ASN CA 309 3.13 -13.56 -59.28
CA ASN CA 309 3.24 -14.49 -60.40
C ASN CA 309 2.55 -13.91 -61.62
N ILE CA 310 3.05 -14.27 -62.79
CA ILE CA 310 2.51 -13.77 -64.05
C ILE CA 310 1.50 -14.81 -64.52
N GLN CA 311 0.30 -14.71 -63.97
CA GLN CA 311 -0.80 -15.61 -64.27
C GLN CA 311 -2.13 -14.87 -64.08
N GLY CA 312 -3.18 -15.42 -64.67
CA GLY CA 312 -4.49 -14.83 -64.60
C GLY CA 312 -4.72 -13.81 -65.71
N GLN CA 313 -6.01 -13.57 -65.99
CA GLN CA 313 -6.41 -12.65 -67.06
C GLN CA 313 -5.89 -11.24 -66.85
N THR CA 314 -5.54 -10.87 -65.61
CA THR CA 314 -5.09 -9.53 -65.29
C THR CA 314 -3.57 -9.42 -65.26
N PHE CA 315 -2.88 -10.41 -64.69
CA PHE CA 315 -1.44 -10.29 -64.49
C PHE CA 315 -0.63 -10.91 -65.63
N GLY CA 316 -1.22 -11.79 -66.42
CA GLY CA 316 -0.51 -12.41 -67.52
C GLY CA 316 -1.03 -11.99 -68.88
N LEU CA 317 -1.34 -10.70 -69.02
CA LEU CA 317 -1.97 -10.15 -70.22
C LEU CA 317 -0.95 -9.36 -71.02
N LEU CA 318 -0.90 -9.63 -72.33
CA LEU CA 318 0.01 -8.96 -73.24
C LEU CA 318 -0.72 -7.90 -74.05
N SER CA 319 -0.12 -6.72 -74.21
CA SER CA 319 -0.84 -5.56 -74.71
C SER CA 319 -0.94 -5.56 -76.24
N CYS CA 320 0.19 -5.41 -76.94
CA CYS CA 320 0.15 -5.25 -78.39
C CYS CA 320 0.33 -6.56 -79.13
N ILE CA 321 0.40 -7.67 -78.42
CA ILE CA 321 0.52 -8.98 -79.06
C ILE CA 321 -0.87 -9.44 -79.48
N ASN CA 322 -1.03 -9.77 -80.75
CA ASN CA 322 -2.33 -10.14 -81.30
C ASN CA 322 -2.21 -11.40 -82.13
N MET CA 323 -3.30 -12.16 -82.18
CA MET CA 323 -3.35 -13.44 -82.87
C MET CA 323 -4.67 -13.57 -83.62
N PRO CA 324 -4.70 -14.37 -84.68
CA PRO CA 324 -5.99 -14.71 -85.30
C PRO CA 324 -6.84 -15.56 -84.37
N GLU CA 325 -8.15 -15.45 -84.53
CA GLU CA 325 -9.10 -16.08 -83.63
C GLU CA 325 -9.45 -17.48 -84.15
N SER CA 326 -8.93 -18.51 -83.46
CA SER CA 326 -9.33 -19.88 -83.73
C SER CA 326 -9.55 -20.69 -82.47
N CYS CA 327 -9.27 -20.14 -81.29
CA CYS CA 327 -9.46 -20.83 -80.01
C CYS CA 327 -8.70 -22.15 -79.96
N THR CA 328 -7.58 -22.22 -80.67
CA THR CA 328 -6.74 -23.42 -80.69
C THR CA 328 -5.36 -23.08 -80.14
N PRO CA 329 -5.10 -23.32 -78.86
CA PRO CA 329 -3.80 -22.97 -78.26
C PRO CA 329 -2.70 -23.98 -78.62
N GLY CA 330 -2.49 -24.16 -79.93
CA GLY CA 330 -1.46 -25.07 -80.39
C GLY CA 330 -1.70 -26.51 -80.01
N TRP CA 331 -0.93 -27.00 -79.05
CA TRP CA 331 -1.00 -28.40 -78.64
C TRP CA 331 -2.40 -28.75 -78.16
N THR CA 332 -2.75 -30.04 -78.27
CA THR CA 332 -3.99 -30.52 -77.70
C THR CA 332 -3.90 -30.52 -76.17
N PHE CA 333 -5.06 -30.66 -75.53
CA PHE CA 333 -5.13 -30.54 -74.07
C PHE CA 333 -4.24 -31.57 -73.38
N GLY CA 334 -4.22 -32.80 -73.90
CA GLY CA 334 -3.32 -33.81 -73.35
C GLY CA 334 -1.87 -33.38 -73.47
N GLU CA 335 -1.49 -32.87 -74.64
CA GLU CA 335 -0.12 -32.37 -74.81
C GLU CA 335 0.13 -31.15 -73.93
N VAL CA 336 -0.87 -30.28 -73.77
CA VAL CA 336 -0.71 -29.13 -72.89
C VAL CA 336 -0.36 -29.59 -71.48
N THR CA 337 -1.12 -30.55 -70.95
CA THR CA 337 -0.82 -31.07 -69.61
C THR CA 337 0.54 -31.76 -69.59
N GLN CA 338 0.87 -32.53 -70.63
CA GLN CA 338 2.11 -33.29 -70.65
C GLN CA 338 3.32 -32.36 -70.59
N LEU CA 339 3.31 -31.27 -71.36
CA LEU CA 339 4.46 -30.38 -71.36
C LEU CA 339 4.38 -29.29 -70.29
N GLN CA 340 3.21 -29.09 -69.67
CA GLN CA 340 3.16 -28.32 -68.44
C GLN CA 340 3.84 -29.08 -67.31
N ALA CA 341 3.61 -30.40 -67.24
CA ALA CA 341 4.32 -31.21 -66.28
C ALA CA 341 5.81 -31.27 -66.55
N ASN CA 342 6.25 -30.87 -67.75
CA ASN CA 342 7.66 -30.89 -68.13
C ASN CA 342 8.28 -29.50 -68.12
N GLY CA 343 7.69 -28.56 -67.39
CA GLY CA 343 8.25 -27.23 -67.24
C GLY CA 343 8.31 -26.42 -68.51
N PHE CA 344 7.16 -26.04 -69.04
CA PHE CA 344 7.09 -25.22 -70.25
C PHE CA 344 5.91 -24.26 -70.13
N VAL CA 345 6.18 -22.97 -70.28
CA VAL CA 345 5.14 -21.95 -70.14
C VAL CA 345 4.27 -22.00 -71.40
N VAL CA 346 3.01 -22.39 -71.23
CA VAL CA 346 2.09 -22.56 -72.35
C VAL CA 346 1.35 -21.26 -72.57
N SER CA 347 1.22 -20.86 -73.84
CA SER CA 347 0.42 -19.71 -74.22
C SER CA 347 -1.04 -20.13 -74.38
N GLY CA 348 -1.87 -19.23 -74.89
CA GLY CA 348 -3.28 -19.52 -75.07
C GLY CA 348 -4.11 -18.28 -75.37
N PRO CA 349 -5.14 -18.44 -76.19
CA PRO CA 349 -6.06 -17.33 -76.44
C PRO CA 349 -6.79 -16.93 -75.16
N SER CA 350 -7.14 -15.65 -75.08
CA SER CA 350 -7.94 -15.14 -73.97
C SER CA 350 -8.67 -13.89 -74.42
N THR CA 351 -9.75 -13.59 -73.71
CA THR CA 351 -10.57 -12.40 -74.02
C THR CA 351 -11.50 -12.08 -72.86
N ASN CA 357 -11.36 -8.17 -82.44
CA ASN CA 357 -10.52 -8.08 -83.63
C ASN CA 357 -9.49 -9.21 -83.67
N TYR CA 358 -8.75 -9.37 -82.57
CA TYR CA 358 -7.74 -10.40 -82.45
C TYR CA 358 -7.86 -11.05 -81.07
N THR CA 359 -6.95 -11.98 -80.78
CA THR CA 359 -6.92 -12.68 -79.50
C THR CA 359 -5.55 -12.45 -78.87
N SER CA 360 -5.51 -11.58 -77.86
CA SER CA 360 -4.27 -11.31 -77.14
C SER CA 360 -3.82 -12.58 -76.42
N PRO CA 361 -2.56 -12.96 -76.53
CA PRO CA 361 -2.10 -14.22 -75.92
C PRO CA 361 -2.21 -14.18 -74.41
N TYR CA 362 -1.95 -15.35 -73.83
CA TYR CA 362 -2.19 -15.60 -72.41
C TYR CA 362 -1.42 -16.83 -71.97
N ILE CA 363 -0.54 -16.67 -70.99
CA ILE CA 363 0.32 -17.74 -70.55
C ILE CA 363 -0.29 -18.45 -69.34
N TYR CA 364 -0.02 -19.74 -69.23
CA TYR CA 364 -0.31 -20.53 -68.04
C TYR CA 364 0.98 -20.85 -67.31
N ASN CA 365 0.83 -21.26 -66.05
CA ASN CA 365 1.89 -21.87 -65.25
C ASN CA 365 3.22 -21.11 -65.38
N ASP CA 366 3.23 -19.90 -64.81
CA ASP CA 366 4.41 -19.07 -64.90
C ASP CA 366 5.52 -19.69 -64.06
N VAL CA 367 6.34 -20.52 -64.71
CA VAL CA 367 7.31 -21.37 -64.04
C VAL CA 367 8.62 -21.31 -64.82
N THR CA 368 9.59 -22.09 -64.36
CA THR CA 368 10.87 -22.28 -65.04
C THR CA 368 10.95 -23.70 -65.57
N ASN CA 369 12.10 -24.04 -66.14
CA ASN CA 369 12.36 -25.39 -66.64
C ASN CA 369 12.94 -26.29 -65.54
N TYR CA 370 12.61 -26.00 -64.29
CA TYR CA 370 13.12 -26.76 -63.15
C TYR CA 370 12.23 -27.97 -62.94
N LEU CA 371 12.78 -29.17 -63.14
CA LEU CA 371 12.04 -30.40 -62.99
C LEU CA 371 12.61 -31.35 -61.96
N ARG CA 372 13.92 -31.32 -61.71
CA ARG CA 372 14.55 -32.27 -60.82
C ARG CA 372 15.66 -31.54 -60.06
N ASP CA 373 16.55 -32.31 -59.46
CA ASP CA 373 17.65 -31.78 -58.66
C ASP CA 373 18.84 -32.71 -58.89
N GLU CA 374 19.84 -32.67 -58.01
CA GLU CA 374 21.07 -33.42 -58.21
C GLU CA 374 20.79 -34.88 -58.59
N LYS CA 375 20.04 -35.59 -57.75
CA LYS CA 375 19.58 -36.94 -58.11
C LYS CA 375 18.08 -37.10 -58.01
N ASN CA 376 17.45 -36.68 -56.91
CA ASN CA 376 16.04 -36.97 -56.67
C ASN CA 376 15.17 -36.33 -57.74
N ARG CA 377 14.14 -37.08 -58.19
CA ARG CA 377 13.29 -36.58 -59.27
C ARG CA 377 12.39 -35.44 -58.79
N PRO CA 378 11.46 -35.63 -57.84
CA PRO CA 378 10.63 -34.50 -57.42
C PRO CA 378 11.30 -33.63 -56.37
N ASN CA 379 11.78 -32.45 -56.79
CA ASN CA 379 12.32 -31.47 -55.87
C ASN CA 379 11.91 -30.07 -56.29
N ALA CA 380 10.63 -29.91 -56.66
CA ALA CA 380 10.17 -28.72 -57.35
C ALA CA 380 10.07 -27.51 -56.43
N THR CA 381 11.19 -27.10 -55.84
CA THR CA 381 11.22 -25.88 -55.03
C THR CA 381 11.30 -24.65 -55.93
N PHE CA 382 12.30 -24.61 -56.82
CA PHE CA 382 12.47 -23.52 -57.76
C PHE CA 382 11.52 -23.61 -58.95
N ARG CA 383 10.50 -24.46 -58.88
CA ARG CA 383 9.63 -24.67 -60.03
C ARG CA 383 8.93 -23.38 -60.44
N ASP CA 384 8.38 -22.65 -59.48
CA ASP CA 384 7.70 -21.40 -59.79
C ASP CA 384 8.71 -20.30 -60.05
N ALA CA 385 8.33 -19.36 -60.91
CA ALA CA 385 9.23 -18.25 -61.26
C ALA CA 385 9.44 -17.33 -60.06
N SER CA 386 8.39 -17.07 -59.29
CA SER CA 386 8.52 -16.18 -58.13
C SER CA 386 9.47 -16.72 -57.09
N SER CA 387 9.77 -18.02 -57.12
CA SER CA 387 10.70 -18.59 -56.15
C SER CA 387 12.09 -17.97 -56.29
N ARG CA 388 12.57 -17.80 -57.52
CA ARG CA 388 13.88 -17.20 -57.73
C ARG CA 388 13.92 -15.76 -57.21
N ARG CA 389 12.87 -14.99 -57.51
CA ARG CA 389 12.81 -13.60 -57.06
C ARG CA 389 12.78 -13.52 -55.54
N LEU CA 390 11.99 -14.40 -54.90
CA LEU CA 390 11.93 -14.41 -53.45
C LEU CA 390 13.26 -14.83 -52.85
N ALA CA 391 13.95 -15.79 -53.47
CA ALA CA 391 15.26 -16.20 -52.99
C ALA CA 391 16.24 -15.04 -53.06
N ALA CA 392 16.25 -14.30 -54.16
CA ALA CA 392 17.13 -13.15 -54.28
C ALA CA 392 16.80 -12.08 -53.24
N ALA CA 393 15.50 -11.81 -53.05
CA ALA CA 393 15.09 -10.79 -52.08
C ALA CA 393 15.50 -11.20 -50.67
N THR CA 394 15.28 -12.47 -50.31
CA THR CA 394 15.70 -12.93 -48.98
C THR CA 394 17.19 -12.85 -48.81
N GLY CA 395 17.96 -13.20 -49.86
CA GLY CA 395 19.41 -13.12 -49.77
C GLY CA 395 19.89 -11.70 -49.53
N VAL CA 396 19.34 -10.74 -50.30
CA VAL CA 396 19.79 -9.35 -50.14
C VAL CA 396 19.33 -8.80 -48.79
N ALA CA 397 18.13 -9.19 -48.33
CA ALA CA 397 17.68 -8.72 -47.02
C ALA CA 397 18.55 -9.27 -45.90
N LEU CA 398 18.91 -10.56 -45.98
CA LEU CA 398 19.77 -11.15 -44.96
C LEU CA 398 21.16 -10.53 -44.99
N ALA CA 399 21.66 -10.19 -46.18
CA ALA CA 399 22.93 -9.49 -46.27
C ALA CA 399 22.83 -8.08 -45.69
N GLU CA 400 21.69 -7.41 -45.86
CA GLU CA 400 21.46 -6.15 -45.17
C GLU CA 400 21.53 -6.31 -43.66
N PHE CA 401 20.83 -7.32 -43.14
CA PHE CA 401 20.79 -7.48 -41.68
C PHE CA 401 22.14 -7.89 -41.12
N LEU CA 402 22.95 -8.60 -41.90
CA LEU CA 402 24.26 -9.06 -41.45
C LEU CA 402 25.34 -7.99 -41.51
N GLN CA 403 25.07 -6.84 -42.12
CA GLN CA 403 26.10 -5.80 -42.25
C GLN CA 403 26.47 -5.20 -40.90
N GLN CA 404 25.63 -5.32 -39.89
CA GLN CA 404 25.95 -4.78 -38.56
C GLN CA 404 27.11 -5.51 -37.90
N PHE CA 405 27.49 -6.69 -38.39
CA PHE CA 405 28.61 -7.43 -37.85
C PHE CA 405 29.92 -7.12 -38.54
N ASN CA 406 29.93 -6.18 -39.47
CA ASN CA 406 31.16 -5.81 -40.18
C ASN CA 406 32.04 -4.96 -39.29
N GLY CA 407 33.21 -5.47 -38.93
CA GLY CA 407 34.11 -4.77 -38.06
C GLY CA 407 33.78 -4.86 -36.59
N LEU CA 408 32.75 -5.62 -36.21
CA LEU CA 408 32.38 -5.76 -34.81
C LEU CA 408 33.35 -6.69 -34.10
N ALA CA 409 33.70 -6.32 -32.87
CA ALA CA 409 34.59 -7.16 -32.08
C ALA CA 409 33.90 -8.48 -31.75
N VAL CA 410 34.64 -9.57 -31.91
CA VAL CA 410 34.12 -10.91 -31.67
C VAL CA 410 34.97 -11.57 -30.59
N PHE CA 411 34.34 -11.95 -29.49
CA PHE CA 411 34.99 -12.73 -28.44
C PHE CA 411 34.62 -14.20 -28.67
N THR CA 412 35.59 -14.98 -29.11
CA THR CA 412 35.34 -16.35 -29.54
C THR CA 412 35.23 -17.28 -28.33
N LYS CA 413 35.31 -18.58 -28.60
CA LYS CA 413 35.08 -19.62 -27.59
C LYS CA 413 35.85 -19.39 -26.29
N ASN CA 414 36.95 -18.65 -26.34
CA ASN CA 414 37.88 -18.63 -25.21
C ASN CA 414 37.22 -18.13 -23.93
N THR CA 415 36.59 -16.96 -23.97
CA THR CA 415 35.88 -16.46 -22.80
C THR CA 415 34.83 -15.43 -23.24
N ASN CA 416 34.29 -14.68 -22.28
CA ASN CA 416 33.14 -13.81 -22.48
C ASN CA 416 33.57 -12.34 -22.60
N ILE CA 417 32.59 -11.48 -22.81
CA ILE CA 417 32.81 -10.05 -23.03
C ILE CA 417 32.95 -9.35 -21.68
N ARG CA 418 33.93 -8.45 -21.60
CA ARG CA 418 34.13 -7.64 -20.40
C ARG CA 418 33.16 -6.46 -20.41
N THR CA 419 33.40 -5.49 -19.55
CA THR CA 419 32.49 -4.36 -19.36
C THR CA 419 32.90 -3.18 -20.23
N GLY CA 420 31.95 -2.62 -20.96
CA GLY CA 420 32.16 -1.44 -21.78
C GLY CA 420 32.52 -1.72 -23.22
N ILE CA 421 32.95 -2.93 -23.52
CA ILE CA 421 33.32 -3.31 -24.88
C ILE CA 421 32.06 -3.50 -25.70
N ILE CA 422 32.16 -3.31 -27.02
CA ILE CA 422 31.02 -3.32 -27.91
C ILE CA 422 31.09 -4.63 -28.69
N GLY CA 423 31.73 -5.64 -28.09
CA GLY CA 423 31.96 -6.91 -28.74
C GLY CA 423 30.77 -7.85 -28.65
N THR CA 424 30.99 -9.08 -29.10
CA THR CA 424 29.96 -10.10 -29.12
C THR CA 424 30.62 -11.47 -29.24
N ASN CA 425 29.82 -12.51 -29.08
CA ASN CA 425 30.24 -13.89 -29.17
C ASN CA 425 29.25 -14.66 -30.03
N PRO CA 426 29.66 -15.81 -30.58
CA PRO CA 426 28.81 -16.47 -31.60
C PRO CA 426 27.40 -16.81 -31.14
N ARG CA 427 27.20 -17.15 -29.86
CA ARG CA 427 25.87 -17.52 -29.40
C ARG CA 427 24.90 -16.34 -29.52
N LEU CA 428 25.36 -15.13 -29.17
CA LEU CA 428 24.51 -13.96 -29.32
C LEU CA 428 24.24 -13.64 -30.78
N MET CA 429 25.22 -13.87 -31.66
CA MET CA 429 24.99 -13.72 -33.09
C MET CA 429 23.91 -14.67 -33.57
N LEU CA 430 23.96 -15.93 -33.12
CA LEU CA 430 22.94 -16.89 -33.48
C LEU CA 430 21.57 -16.46 -32.95
N GLY CA 431 21.53 -15.93 -31.73
CA GLY CA 431 20.28 -15.43 -31.19
C GLY CA 431 19.70 -14.29 -32.01
N LYS CA 432 20.55 -13.36 -32.43
CA LYS CA 432 20.08 -12.26 -33.27
C LYS CA 432 19.59 -12.76 -34.63
N ILE CA 433 20.29 -13.72 -35.22
CA ILE CA 433 19.85 -14.30 -36.49
C ILE CA 433 18.49 -14.96 -36.33
N ARG CA 434 18.31 -15.72 -35.24
CA ARG CA 434 17.03 -16.37 -34.99
C ARG CA 434 15.92 -15.35 -34.81
N LYS CA 435 16.19 -14.27 -34.07
CA LYS CA 435 15.19 -13.24 -33.86
C LYS CA 435 14.79 -12.59 -35.18
N TRP CA 436 15.78 -12.28 -36.03
CA TRP CA 436 15.48 -11.68 -37.32
C TRP CA 436 14.67 -12.64 -38.20
N ALA CA 437 15.03 -13.93 -38.19
CA ALA CA 437 14.28 -14.90 -38.97
C ALA CA 437 12.84 -15.01 -38.48
N GLN CA 438 12.64 -15.04 -37.16
CA GLN CA 438 11.29 -15.11 -36.61
C GLN CA 438 10.48 -13.88 -36.98
N ASP CA 439 11.10 -12.69 -36.91
CA ASP CA 439 10.38 -11.46 -37.21
C ASP CA 439 9.93 -11.37 -38.66
N ASN CA 440 10.53 -12.16 -39.56
CA ASN CA 440 10.18 -12.14 -40.98
C ASN CA 440 9.24 -13.27 -41.36
N VAL CA 441 8.69 -14.00 -40.38
CA VAL CA 441 7.74 -15.06 -40.67
C VAL CA 441 6.42 -14.45 -41.10
N GLY CA 442 5.90 -14.91 -42.24
CA GLY CA 442 4.66 -14.40 -42.79
C GLY CA 442 4.85 -13.41 -43.92
N THR CA 443 6.05 -12.87 -44.09
CA THR CA 443 6.34 -11.96 -45.19
C THR CA 443 7.43 -12.47 -46.13
N LEU CA 444 8.34 -13.32 -45.65
CA LEU CA 444 9.40 -13.87 -46.50
C LEU CA 444 9.47 -15.38 -46.37
N PHE CA 445 9.11 -15.90 -45.20
CA PHE CA 445 9.25 -17.32 -44.89
C PHE CA 445 7.89 -17.95 -44.64
N SER CA 446 7.89 -19.28 -44.51
CA SER CA 446 6.76 -20.00 -43.95
C SER CA 446 6.84 -19.89 -42.43
N GLU CA 447 6.02 -20.65 -41.71
CA GLU CA 447 6.07 -20.55 -40.26
C GLU CA 447 7.43 -21.02 -39.75
N PHE CA 448 7.67 -22.33 -39.79
CA PHE CA 448 8.97 -23.00 -39.80
C PHE CA 448 8.79 -24.51 -39.74
N ASP CA 449 9.88 -25.27 -39.87
CA ASP CA 449 9.87 -26.69 -39.55
C ASP CA 449 10.37 -26.93 -38.13
N ASN CA 450 11.63 -26.56 -37.85
CA ASN CA 450 12.18 -26.64 -36.50
C ASN CA 450 13.31 -25.64 -36.42
N ILE CA 451 13.07 -24.50 -35.77
CA ILE CA 451 14.04 -23.43 -35.75
C ILE CA 451 15.32 -23.81 -35.00
N ASN CA 452 15.26 -24.79 -34.09
CA ASN CA 452 16.44 -25.20 -33.36
C ASN CA 452 17.44 -25.96 -34.21
N GLU CA 453 17.05 -26.38 -35.42
CA GLU CA 453 17.94 -27.11 -36.30
C GLU CA 453 18.04 -26.54 -37.71
N ASP CA 454 17.14 -25.64 -38.10
CA ASP CA 454 17.18 -25.08 -39.45
C ASP CA 454 18.09 -23.87 -39.57
N ILE CA 455 18.60 -23.35 -38.45
CA ILE CA 455 19.52 -22.23 -38.45
C ILE CA 455 20.73 -22.62 -37.62
N GLN CA 456 21.92 -22.61 -38.24
CA GLN CA 456 23.14 -23.06 -37.58
C GLN CA 456 24.26 -22.06 -37.86
N LEU CA 457 25.02 -21.73 -36.81
CA LEU CA 457 26.15 -20.81 -36.91
C LEU CA 457 27.38 -21.48 -36.32
N LEU CA 458 28.44 -21.59 -37.12
CA LEU CA 458 29.69 -22.17 -36.68
C LEU CA 458 30.84 -21.25 -37.02
N THR CA 459 31.80 -21.15 -36.10
CA THR CA 459 33.01 -20.38 -36.35
C THR CA 459 33.97 -21.18 -37.24
N ASP CA 460 34.91 -20.46 -37.86
CA ASP CA 460 35.88 -21.11 -38.72
C ASP CA 460 36.86 -21.97 -37.95
N PHE CA 461 37.02 -21.73 -36.64
CA PHE CA 461 37.92 -22.54 -35.84
C PHE CA 461 37.42 -23.98 -35.72
N GLU CA 462 36.12 -24.17 -35.52
CA GLU CA 462 35.55 -25.49 -35.28
C GLU CA 462 35.09 -26.19 -36.55
N VAL CA 463 35.29 -25.59 -37.72
CA VAL CA 463 34.96 -26.25 -38.98
C VAL CA 463 36.25 -26.83 -39.57
N GLN CA 464 37.22 -25.95 -39.85
CA GLN CA 464 38.52 -26.39 -40.34
C GLN CA 464 39.35 -26.99 -39.21
N PRO CA 465 40.30 -27.88 -39.54
CA PRO CA 465 41.10 -28.52 -38.49
C PRO CA 465 42.04 -27.55 -37.78
N LYS CA 466 42.79 -28.06 -36.81
CA LYS CA 466 43.67 -27.23 -36.00
C LYS CA 466 44.72 -26.57 -36.90
N CYS CA 467 44.94 -25.27 -36.69
CA CYS CA 467 45.85 -24.40 -37.42
C CYS CA 467 45.37 -24.09 -38.84
N VAL CA 468 44.24 -24.63 -39.27
CA VAL CA 468 43.69 -24.30 -40.58
C VAL CA 468 42.65 -23.21 -40.39
N GLY CA 469 42.12 -23.09 -39.18
CA GLY CA 469 41.11 -22.10 -38.90
C GLY CA 469 41.64 -20.68 -38.95
N GLN CA 470 40.72 -19.74 -39.14
CA GLN CA 470 41.04 -18.34 -39.23
C GLN CA 470 40.19 -17.54 -38.26
N PRO CA 471 40.74 -16.46 -37.70
CA PRO CA 471 39.95 -15.62 -36.80
C PRO CA 471 39.09 -14.62 -37.58
N GLY CA 472 37.85 -14.46 -37.12
CA GLY CA 472 36.92 -13.54 -37.72
C GLY CA 472 36.07 -14.11 -38.84
N ILE CA 473 36.29 -15.36 -39.21
CA ILE CA 473 35.52 -16.03 -40.26
C ILE CA 473 34.48 -16.92 -39.60
N PHE CA 474 33.24 -16.83 -40.08
CA PHE CA 474 32.13 -17.62 -39.55
C PHE CA 474 31.53 -18.47 -40.66
N HIS CA 475 30.53 -19.27 -40.28
CA HIS CA 475 29.75 -20.06 -41.21
C HIS CA 475 28.30 -20.10 -40.73
N LEU CA 476 27.37 -19.74 -41.61
CA LEU CA 476 25.95 -19.69 -41.28
C LEU CA 476 25.19 -20.63 -42.19
N ASN CA 477 24.49 -21.59 -41.59
CA ASN CA 477 23.65 -22.53 -42.32
C ASN CA 477 22.19 -22.26 -41.98
N MET CA 478 21.37 -22.07 -43.01
CA MET CA 478 19.98 -21.69 -42.80
C MET CA 478 19.11 -22.34 -43.87
N ARG CA 479 18.05 -23.02 -43.43
CA ARG CA 479 17.05 -23.61 -44.32
C ARG CA 479 15.70 -22.98 -44.03
N TYR CA 480 15.15 -22.28 -45.00
CA TYR CA 480 13.85 -21.62 -44.87
C TYR CA 480 12.84 -22.27 -45.79
N ARG CA 481 11.61 -21.77 -45.74
CA ARG CA 481 10.52 -22.28 -46.56
C ARG CA 481 9.67 -21.12 -47.09
N PRO CA 482 9.50 -21.00 -48.40
CA PRO CA 482 8.73 -19.89 -48.94
C PRO CA 482 7.29 -19.97 -48.48
N PRO CA 483 6.62 -18.82 -48.36
CA PRO CA 483 5.21 -18.83 -47.96
C PRO CA 483 4.34 -19.52 -49.02
N VAL CA 484 3.23 -20.09 -48.57
CA VAL CA 484 2.33 -20.86 -49.42
C VAL CA 484 1.12 -20.00 -49.76
N ARG CA 485 0.81 -19.90 -51.05
CA ARG CA 485 -0.37 -19.21 -51.54
C ARG CA 485 -1.27 -20.22 -52.27
N GLY CA 486 -2.57 -19.97 -52.25
CA GLY CA 486 -3.53 -20.83 -52.90
C GLY CA 486 -3.50 -20.76 -54.41
N ASP DA 4 29.11 49.51 -25.07
CA ASP DA 4 27.73 49.01 -25.04
C ASP DA 4 27.28 48.77 -23.61
N ALA DA 5 26.02 48.38 -23.45
CA ALA DA 5 25.45 48.18 -22.13
C ALA DA 5 25.94 46.86 -21.53
N LEU DA 6 26.46 46.95 -20.30
CA LEU DA 6 26.86 45.79 -19.50
C LEU DA 6 28.08 45.09 -20.09
N SER DA 7 28.60 45.59 -21.21
CA SER DA 7 29.87 45.11 -21.75
C SER DA 7 31.01 46.01 -21.27
N ASP DA 8 31.10 46.14 -19.95
CA ASP DA 8 32.07 47.03 -19.29
C ASP DA 8 32.82 46.20 -18.26
N GLY DA 9 33.94 45.60 -18.69
CA GLY DA 9 34.69 44.71 -17.82
C GLY DA 9 34.06 43.33 -17.76
N PHE DA 10 34.67 42.47 -16.94
CA PHE DA 10 34.21 41.11 -16.76
C PHE DA 10 34.14 40.38 -18.10
N VAL DA 11 32.97 40.34 -18.71
CA VAL DA 11 32.83 39.72 -20.02
C VAL DA 11 33.50 40.61 -21.07
N ARG DA 12 34.46 40.04 -21.79
CA ARG DA 12 35.16 40.75 -22.85
C ARG DA 12 35.10 39.87 -24.10
N LEU DA 13 34.19 40.21 -25.01
CA LEU DA 13 33.88 39.34 -26.14
C LEU DA 13 35.03 39.27 -27.13
N CYS DA 14 35.25 38.09 -27.69
CA CYS DA 14 36.31 37.87 -28.67
C CYS DA 14 35.78 37.03 -29.83
N ILE DA 15 34.63 37.44 -30.37
CA ILE DA 15 34.02 36.71 -31.48
C ILE DA 15 34.96 36.69 -32.68
N ASP DA 16 35.11 35.51 -33.28
CA ASP DA 16 36.00 35.34 -34.43
C ASP DA 16 35.60 34.09 -35.21
N PRO DA 17 35.46 34.19 -36.54
CA PRO DA 17 35.03 33.03 -37.32
C PRO DA 17 35.98 31.84 -37.25
N SER DA 18 37.28 32.09 -37.15
CA SER DA 18 38.29 31.04 -37.27
C SER DA 18 38.99 30.87 -35.91
N LEU DA 19 38.47 29.97 -35.09
CA LEU DA 19 39.08 29.64 -33.81
C LEU DA 19 38.99 28.11 -33.64
N ASN DA 20 40.03 27.42 -34.08
CA ASN DA 20 40.08 25.96 -33.94
C ASN DA 20 40.37 25.61 -32.49
N PHE DA 21 39.41 24.96 -31.84
CA PHE DA 21 39.50 24.66 -30.42
C PHE DA 21 40.09 23.29 -30.13
N PHE DA 22 40.43 22.52 -31.16
CA PHE DA 22 41.05 21.22 -30.99
C PHE DA 22 42.56 21.28 -31.16
N GLY DA 23 43.03 21.76 -32.30
CA GLY DA 23 44.44 22.04 -32.48
C GLY DA 23 45.21 20.98 -33.25
N GLU DA 24 45.46 21.24 -34.54
CA GLU DA 24 46.27 20.39 -35.42
C GLU DA 24 45.67 18.98 -35.38
N GLY DA 25 46.49 17.94 -35.30
CA GLY DA 25 45.99 16.59 -35.18
C GLY DA 25 46.17 15.75 -36.43
N CYS DA 26 46.99 14.71 -36.34
CA CYS DA 26 47.16 13.71 -37.40
C CYS DA 26 47.60 14.36 -38.72
N LYS DA 27 48.82 14.90 -38.68
CA LYS DA 27 49.39 15.59 -39.83
C LYS DA 27 49.58 14.65 -41.01
N ILE DA 28 49.43 15.20 -42.23
CA ILE DA 28 49.60 14.46 -43.47
C ILE DA 28 50.58 15.21 -44.36
N LEU DA 29 51.42 14.45 -45.07
CA LEU DA 29 52.42 15.01 -45.98
C LEU DA 29 52.12 14.57 -47.41
N VAL DA 30 52.11 15.52 -48.33
CA VAL DA 30 51.87 15.26 -49.75
C VAL DA 30 53.11 15.67 -50.52
N GLU DA 31 53.60 14.77 -51.36
CA GLU DA 31 54.81 14.98 -52.14
C GLU DA 31 54.51 14.85 -53.63
N GLY DA 32 55.07 15.76 -54.42
CA GLY DA 32 54.84 15.71 -55.86
C GLY DA 32 55.66 16.77 -56.56
N GLN DA 33 55.53 16.81 -57.88
CA GLN DA 33 56.24 17.76 -58.71
C GLN DA 33 55.39 19.00 -58.97
N MET DA 34 56.05 20.16 -59.01
CA MET DA 34 55.38 21.41 -59.30
C MET DA 34 56.03 22.08 -60.50
N THR DA 35 55.30 23.00 -61.10
CA THR DA 35 55.83 23.81 -62.19
C THR DA 35 56.70 24.93 -61.62
N ASP DA 36 57.19 25.80 -62.50
CA ASP DA 36 58.03 26.92 -62.08
C ASP DA 36 57.24 28.16 -61.69
N ASP DA 37 55.91 28.15 -61.86
CA ASP DA 37 55.11 29.31 -61.54
C ASP DA 37 54.88 29.46 -60.04
N GLY DA 38 55.20 28.45 -59.25
CA GLY DA 38 54.97 28.51 -57.82
C GLY DA 38 55.94 29.45 -57.12
N SER DA 39 55.53 29.89 -55.93
CA SER DA 39 56.34 30.77 -55.10
C SER DA 39 56.85 30.06 -53.85
N ALA DA 40 56.88 28.74 -53.86
CA ALA DA 40 57.34 27.95 -52.72
C ALA DA 40 58.77 27.49 -52.95
N THR DA 41 59.51 27.36 -51.86
CA THR DA 41 60.90 26.90 -51.93
C THR DA 41 60.94 25.41 -52.23
N PRO DA 42 61.60 24.98 -53.30
CA PRO DA 42 61.66 23.54 -53.59
C PRO DA 42 62.43 22.77 -52.53
N ASP DA 43 62.02 21.51 -52.35
CA ASP DA 43 62.65 20.60 -51.39
C ASP DA 43 62.58 21.16 -49.96
N ALA DA 44 61.47 21.82 -49.64
CA ALA DA 44 61.25 22.36 -48.30
C ALA DA 44 59.82 22.06 -47.89
N VAL DA 45 59.66 21.44 -46.72
CA VAL DA 45 58.33 21.09 -46.24
C VAL DA 45 57.66 22.32 -45.63
N THR DA 46 56.44 22.59 -46.06
CA THR DA 46 55.68 23.73 -45.56
C THR DA 46 54.24 23.30 -45.29
N CYS DA 47 53.59 24.02 -44.39
CA CYS DA 47 52.20 23.75 -44.03
C CYS DA 47 51.28 24.60 -44.90
N VAL DA 48 50.31 23.96 -45.55
CA VAL DA 48 49.37 24.64 -46.42
C VAL DA 48 48.16 25.04 -45.60
N THR DA 49 47.83 26.35 -45.61
CA THR DA 49 46.74 26.84 -44.79
C THR DA 49 45.38 26.41 -45.33
N SER DA 50 45.18 26.55 -46.64
CA SER DA 50 43.88 26.24 -47.24
C SER DA 50 44.08 26.04 -48.74
N GLU DA 51 42.95 25.94 -49.45
CA GLU DA 51 42.92 25.62 -50.87
C GLU DA 51 43.03 26.84 -51.78
N LEU DA 52 42.96 28.05 -51.23
CA LEU DA 52 42.91 29.25 -52.06
C LEU DA 52 44.26 29.55 -52.69
N ASP DA 53 45.35 29.34 -51.95
CA ASP DA 53 46.67 29.77 -52.38
C ASP DA 53 47.48 28.66 -53.04
N ILE DA 54 46.89 27.49 -53.28
CA ILE DA 54 47.66 26.38 -53.83
C ILE DA 54 48.18 26.71 -55.23
N ILE DA 55 47.34 27.35 -56.06
CA ILE DA 55 47.74 27.66 -57.43
C ILE DA 55 48.93 28.62 -57.43
N GLU DA 56 48.86 29.65 -56.59
CA GLU DA 56 49.96 30.63 -56.55
C GLU DA 56 51.21 30.03 -55.93
N ARG DA 57 51.06 29.23 -54.87
CA ARG DA 57 52.23 28.75 -54.14
C ARG DA 57 52.95 27.62 -54.87
N PHE DA 58 52.22 26.72 -55.52
CA PHE DA 58 52.81 25.55 -56.15
C PHE DA 58 52.62 25.50 -57.66
N GLY DA 59 52.04 26.52 -58.26
CA GLY DA 59 51.86 26.52 -59.69
C GLY DA 59 50.48 26.06 -60.10
N GLN DA 60 50.04 26.52 -61.26
CA GLN DA 60 48.73 26.17 -61.80
C GLN DA 60 48.88 25.03 -62.80
N GLY DA 61 48.11 23.97 -62.60
CA GLY DA 61 48.18 22.80 -63.44
C GLY DA 61 49.23 21.79 -63.04
N SER DA 62 49.98 22.04 -61.97
CA SER DA 62 50.98 21.09 -61.52
C SER DA 62 50.32 19.89 -60.85
N VAL DA 63 51.04 18.76 -60.84
CA VAL DA 63 50.50 17.54 -60.24
C VAL DA 63 50.28 17.72 -58.75
N LEU DA 64 51.24 18.35 -58.06
CA LEU DA 64 51.09 18.57 -56.63
C LEU DA 64 49.91 19.47 -56.32
N THR DA 65 49.62 20.43 -57.20
CA THR DA 65 48.45 21.29 -56.99
C THR DA 65 47.17 20.47 -57.00
N GLU DA 66 47.04 19.54 -57.96
CA GLU DA 66 45.85 18.71 -58.04
C GLU DA 66 45.78 17.73 -56.85
N SER DA 67 46.93 17.21 -56.43
CA SER DA 67 46.93 16.33 -55.26
C SER DA 67 46.47 17.08 -54.01
N LEU DA 68 46.96 18.31 -53.82
CA LEU DA 68 46.51 19.12 -52.70
C LEU DA 68 45.03 19.46 -52.82
N ARG DA 69 44.55 19.72 -54.04
CA ARG DA 69 43.12 19.97 -54.24
C ARG DA 69 42.29 18.77 -53.80
N LYS DA 70 42.70 17.57 -54.20
CA LYS DA 70 41.98 16.36 -53.77
C LYS DA 70 42.04 16.18 -52.26
N VAL DA 71 43.20 16.41 -51.65
CA VAL DA 71 43.33 16.25 -50.22
C VAL DA 71 42.42 17.23 -49.48
N PHE DA 72 42.38 18.48 -49.93
CA PHE DA 72 41.51 19.47 -49.31
C PHE DA 72 40.04 19.19 -49.58
N CYS DA 73 39.74 18.52 -50.70
CA CYS DA 73 38.35 18.14 -50.97
C CYS DA 73 37.90 17.03 -50.03
N THR DA 74 38.75 16.03 -49.79
CA THR DA 74 38.34 14.89 -48.98
C THR DA 74 38.10 15.31 -47.54
N CYS DA 75 39.04 16.04 -46.94
CA CYS DA 75 38.89 16.50 -45.57
C CYS DA 75 38.05 17.77 -45.51
N LYS DA 76 37.30 17.91 -44.43
CA LYS DA 76 36.69 19.19 -44.09
C LYS DA 76 37.33 19.85 -42.87
N SER DA 77 37.88 19.07 -41.95
CA SER DA 77 38.55 19.60 -40.76
C SER DA 77 39.29 18.45 -40.08
N GLY DA 78 40.09 18.81 -39.08
CA GLY DA 78 40.75 17.85 -38.22
C GLY DA 78 42.14 17.43 -38.63
N VAL DA 79 42.66 17.91 -39.76
CA VAL DA 79 44.00 17.55 -40.22
C VAL DA 79 44.78 18.83 -40.52
N SER DA 80 46.09 18.70 -40.51
CA SER DA 80 47.02 19.77 -40.88
C SER DA 80 47.86 19.27 -42.04
N VAL DA 81 47.51 19.69 -43.25
CA VAL DA 81 48.16 19.18 -44.45
C VAL DA 81 49.51 19.86 -44.64
N TYR DA 82 50.54 19.05 -44.89
CA TYR DA 82 51.87 19.55 -45.20
C TYR DA 82 52.24 19.15 -46.62
N ALA DA 83 53.02 20.01 -47.27
CA ALA DA 83 53.39 19.80 -48.67
C ALA DA 83 54.91 19.74 -48.80
N LEU DA 84 55.37 18.89 -49.72
CA LEU DA 84 56.79 18.73 -50.03
C LEU DA 84 56.97 18.91 -51.52
N PRO DA 85 57.12 20.15 -51.99
CA PRO DA 85 57.25 20.38 -53.44
C PRO DA 85 58.56 19.84 -53.99
N ARG DA 86 58.53 19.51 -55.27
CA ARG DA 86 59.71 19.03 -55.98
C ARG DA 86 59.80 19.73 -57.32
N GLU DA 87 60.99 19.67 -57.92
CA GLU DA 87 61.26 20.30 -59.20
C GLU DA 87 61.49 19.25 -60.27
N ASP DA 88 61.06 19.56 -61.49
CA ASP DA 88 61.20 18.63 -62.60
C ASP DA 88 62.68 18.42 -62.94
N ALA DA 89 62.98 17.23 -63.46
CA ALA DA 89 64.34 16.92 -63.87
C ALA DA 89 64.75 17.79 -65.06
N ALA DA 90 66.04 18.16 -65.07
CA ALA DA 90 66.55 19.00 -66.15
C ALA DA 90 66.46 18.30 -67.49
N ALA DA 91 66.74 17.00 -67.53
CA ALA DA 91 66.69 16.22 -68.76
C ALA DA 91 65.32 15.61 -69.02
N GLY DA 92 64.32 15.91 -68.18
CA GLY DA 92 63.00 15.35 -68.36
C GLY DA 92 62.35 15.80 -69.66
N VAL DA 93 61.52 14.92 -70.21
CA VAL DA 93 60.83 15.16 -71.47
C VAL DA 93 59.34 15.19 -71.20
N LYS DA 94 58.67 16.22 -71.68
CA LYS DA 94 57.24 16.35 -71.50
C LYS DA 94 56.50 15.51 -72.53
N ALA DA 95 55.58 14.67 -72.06
CA ALA DA 95 54.83 13.79 -72.95
C ALA DA 95 53.96 14.60 -73.90
N VAL DA 96 53.82 14.10 -75.12
CA VAL DA 96 53.08 14.79 -76.17
C VAL DA 96 51.87 13.94 -76.55
N TYR DA 97 50.68 14.53 -76.46
CA TYR DA 97 49.44 13.90 -76.87
C TYR DA 97 48.80 14.74 -77.96
N THR DA 98 48.17 14.06 -78.93
CA THR DA 98 47.49 14.73 -80.03
C THR DA 98 46.03 14.25 -80.08
N LEU DA 99 45.12 15.21 -80.15
CA LEU DA 99 43.69 14.93 -80.26
C LEU DA 99 43.23 15.42 -81.62
N THR DA 100 42.83 14.49 -82.48
CA THR DA 100 42.48 14.80 -83.86
C THR DA 100 40.97 14.87 -84.03
N ILE DA 101 40.49 15.92 -84.68
CA ILE DA 101 39.08 16.11 -84.97
C ILE DA 101 38.92 16.31 -86.47
N ALA DA 102 37.98 15.60 -87.07
CA ALA DA 102 37.71 15.69 -88.50
C ALA DA 102 36.23 15.94 -88.74
N GLY DA 103 35.92 16.82 -89.68
CA GLY DA 103 34.56 17.12 -90.04
C GLY DA 103 34.40 17.32 -91.54
N PRO DA 104 33.55 18.26 -91.94
CA PRO DA 104 32.70 19.09 -91.07
C PRO DA 104 31.43 18.36 -90.62
N ALA DA 105 30.82 18.84 -89.55
CA ALA DA 105 29.56 18.28 -89.08
C ALA DA 105 28.40 18.70 -89.97
N THR DA 106 27.37 17.85 -90.01
CA THR DA 106 26.19 18.12 -90.80
C THR DA 106 24.95 18.44 -89.97
N THR DA 107 24.89 17.97 -88.73
CA THR DA 107 23.73 18.17 -87.86
C THR DA 107 24.17 18.80 -86.55
N ASP DA 108 23.21 19.46 -85.90
CA ASP DA 108 23.46 20.06 -84.60
C ASP DA 108 23.60 18.97 -83.53
N GLY DA 109 24.26 19.31 -82.43
CA GLY DA 109 24.41 18.37 -81.34
C GLY DA 109 25.34 18.92 -80.29
N ARG DA 110 25.61 18.07 -79.29
CA ARG DA 110 26.52 18.39 -78.21
C ARG DA 110 27.71 17.44 -78.25
N VAL DA 111 28.85 17.92 -77.75
CA VAL DA 111 30.07 17.14 -77.69
C VAL DA 111 30.62 17.22 -76.27
N GLN DA 112 30.88 16.05 -75.68
CA GLN DA 112 31.44 15.95 -74.34
C GLN DA 112 32.74 15.16 -74.39
N LEU DA 113 33.67 15.51 -73.51
CA LEU DA 113 34.93 14.79 -73.38
C LEU DA 113 35.27 14.59 -71.92
N TYR DA 114 35.99 13.50 -71.63
CA TYR DA 114 36.43 13.18 -70.28
C TYR DA 114 37.96 13.17 -70.26
N MET DA 115 38.54 14.14 -69.57
CA MET DA 115 39.99 14.22 -69.38
C MET DA 115 40.28 14.22 -67.89
N GLY DA 116 41.22 13.38 -67.48
CA GLY DA 116 41.55 13.27 -66.07
C GLY DA 116 40.39 12.74 -65.25
N GLU DA 117 39.76 13.61 -64.47
CA GLU DA 117 38.56 13.28 -63.73
C GLU DA 117 37.38 14.06 -64.30
N ALA DA 118 36.21 13.92 -63.66
CA ALA DA 118 35.02 14.60 -64.12
C ALA DA 118 35.11 16.11 -63.99
N GLU DA 119 35.98 16.62 -63.13
CA GLU DA 119 36.11 18.07 -62.97
C GLU DA 119 36.64 18.73 -64.23
N TYR DA 120 37.51 18.05 -64.97
CA TYR DA 120 38.10 18.59 -66.19
C TYR DA 120 37.28 18.26 -67.43
N ALA DA 121 36.13 17.63 -67.27
CA ALA DA 121 35.28 17.31 -68.41
C ALA DA 121 34.77 18.58 -69.07
N VAL DA 122 34.62 18.53 -70.39
CA VAL DA 122 34.21 19.67 -71.19
C VAL DA 122 32.92 19.33 -71.92
N ASP DA 123 32.00 20.29 -71.97
CA ASP DA 123 30.72 20.15 -72.65
C ASP DA 123 30.47 21.39 -73.49
N ILE DA 124 30.42 21.23 -74.80
CA ILE DA 124 30.21 22.34 -75.72
C ILE DA 124 29.08 21.99 -76.68
N GLY DA 125 28.50 23.03 -77.28
CA GLY DA 125 27.44 22.87 -78.25
C GLY DA 125 27.95 23.12 -79.65
N VAL DA 126 27.71 22.15 -80.54
CA VAL DA 126 28.19 22.20 -81.90
C VAL DA 126 27.00 22.35 -82.84
N ASP DA 127 27.03 23.38 -83.68
CA ASP DA 127 26.00 23.61 -84.68
C ASP DA 127 26.38 22.97 -86.01
N ALA DA 128 25.38 22.82 -86.87
CA ALA DA 128 25.60 22.18 -88.16
C ALA DA 128 26.51 23.03 -89.04
N GLY DA 129 27.36 22.35 -89.82
CA GLY DA 129 28.25 23.02 -90.75
C GLY DA 129 29.60 23.41 -90.18
N ASP DA 130 29.82 23.26 -88.88
CA ASP DA 130 31.10 23.62 -88.29
C ASP DA 130 32.20 22.71 -88.80
N THR DA 131 33.36 23.29 -89.10
CA THR DA 131 34.50 22.55 -89.61
C THR DA 131 35.38 22.05 -88.46
N ALA DA 132 36.33 21.18 -88.83
CA ALA DA 132 37.18 20.56 -87.82
C ALA DA 132 38.03 21.59 -87.08
N THR DA 133 38.54 22.60 -87.80
CA THR DA 133 39.34 23.64 -87.16
C THR DA 133 38.54 24.41 -86.13
N ASP DA 134 37.29 24.73 -86.45
CA ASP DA 134 36.45 25.45 -85.49
C ASP DA 134 36.19 24.61 -84.25
N ILE DA 135 35.94 23.30 -84.43
CA ILE DA 135 35.72 22.42 -83.29
C ILE DA 135 36.96 22.35 -82.41
N ALA DA 136 38.14 22.21 -83.04
CA ALA DA 136 39.37 22.15 -82.28
C ALA DA 136 39.62 23.44 -81.52
N ALA DA 137 39.36 24.59 -82.15
CA ALA DA 137 39.51 25.87 -81.47
C ALA DA 137 38.55 25.99 -80.29
N ALA DA 138 37.30 25.54 -80.48
CA ALA DA 138 36.32 25.62 -79.41
C ALA DA 138 36.71 24.73 -78.22
N ILE DA 139 37.19 23.52 -78.51
CA ILE DA 139 37.57 22.60 -77.42
C ILE DA 139 38.71 23.17 -76.60
N VAL DA 140 39.74 23.69 -77.28
CA VAL DA 140 40.89 24.25 -76.57
C VAL DA 140 40.47 25.46 -75.76
N ALA DA 141 39.60 26.30 -76.32
CA ALA DA 141 39.11 27.47 -75.62
C ALA DA 141 38.21 27.13 -74.44
N ALA DA 142 37.79 25.87 -74.31
CA ALA DA 142 36.91 25.46 -73.22
C ALA DA 142 37.56 24.50 -72.24
N ILE DA 143 38.77 24.01 -72.51
CA ILE DA 143 39.45 23.15 -71.56
C ILE DA 143 39.77 23.92 -70.29
N SER DA 144 39.55 23.29 -69.15
CA SER DA 144 39.74 23.96 -67.87
C SER DA 144 41.21 24.36 -67.70
N PRO DA 145 41.48 25.56 -67.17
CA PRO DA 145 42.88 25.98 -67.02
C PRO DA 145 43.69 25.11 -66.08
N ASP DA 146 43.07 24.53 -65.05
CA ASP DA 146 43.80 23.72 -64.09
C ASP DA 146 44.08 22.31 -64.58
N PHE DA 147 43.58 21.93 -65.75
CA PHE DA 147 43.90 20.64 -66.32
C PHE DA 147 45.41 20.54 -66.53
N PRO DA 148 46.06 19.49 -66.03
CA PRO DA 148 47.54 19.46 -66.05
C PRO DA 148 48.11 19.18 -67.42
N TYR DA 149 47.64 19.89 -68.45
CA TYR DA 149 48.14 19.73 -69.80
C TYR DA 149 47.98 21.05 -70.55
N ALA DA 150 48.75 21.20 -71.62
CA ALA DA 150 48.74 22.41 -72.43
C ALA DA 150 47.84 22.18 -73.65
N ALA DA 151 46.82 23.01 -73.80
CA ALA DA 151 45.86 22.87 -74.88
C ALA DA 151 46.27 23.79 -76.04
N THR DA 152 46.67 23.19 -77.15
CA THR DA 152 47.05 23.92 -78.36
C THR DA 152 46.23 23.40 -79.53
N ALA DA 153 45.55 24.30 -80.23
CA ALA DA 153 44.77 23.95 -81.40
C ALA DA 153 45.49 24.41 -82.66
N ALA DA 154 45.52 23.52 -83.67
CA ALA DA 154 46.22 23.83 -84.92
C ALA DA 154 45.52 23.09 -86.06
N ALA DA 155 44.63 23.80 -86.76
CA ALA DA 155 43.99 23.31 -87.98
C ALA DA 155 43.28 21.98 -87.74
N GLY DA 156 42.45 21.93 -86.71
CA GLY DA 156 41.68 20.75 -86.41
C GLY DA 156 42.39 19.70 -85.59
N VAL DA 157 43.66 19.91 -85.25
CA VAL DA 157 44.44 18.97 -84.46
C VAL DA 157 44.76 19.61 -83.13
N ILE DA 158 44.40 18.94 -82.04
CA ILE DA 158 44.63 19.44 -80.69
C ILE DA 158 45.82 18.68 -80.10
N THR DA 159 46.90 19.40 -79.84
CA THR DA 159 48.10 18.81 -79.27
C THR DA 159 48.16 19.13 -77.78
N LEU DA 160 48.28 18.08 -76.96
CA LEU DA 160 48.34 18.21 -75.52
C LEU DA 160 49.72 17.81 -75.02
N THR DA 161 50.37 18.71 -74.28
CA THR DA 161 51.69 18.47 -73.72
C THR DA 161 51.62 18.63 -72.21
N ALA DA 162 52.27 17.71 -71.50
CA ALA DA 162 52.23 17.72 -70.04
C ALA DA 162 52.91 18.96 -69.49
N ARG DA 163 52.33 19.52 -68.42
CA ARG DA 163 52.92 20.67 -67.75
C ARG DA 163 54.06 20.28 -66.82
N ASN DA 164 54.24 18.99 -66.55
CA ASN DA 164 55.35 18.49 -65.73
C ASN DA 164 56.12 17.46 -66.53
N ALA DA 165 57.42 17.67 -66.66
CA ALA DA 165 58.25 16.72 -67.40
C ALA DA 165 58.44 15.43 -66.62
N GLY DA 166 58.36 14.31 -67.32
CA GLY DA 166 58.54 13.01 -66.68
C GLY DA 166 57.54 11.98 -67.12
N THR DA 167 57.62 10.78 -66.53
CA THR DA 167 56.71 9.69 -66.87
C THR DA 167 55.30 9.90 -66.36
N ILE DA 168 55.09 10.86 -65.45
CA ILE DA 168 53.78 11.05 -64.86
C ILE DA 168 52.75 11.52 -65.88
N GLY DA 169 53.19 12.05 -67.02
CA GLY DA 169 52.29 12.48 -68.05
C GLY DA 169 51.80 11.41 -68.99
N ASN DA 170 52.26 10.17 -68.82
CA ASN DA 170 51.91 9.07 -69.71
C ASN DA 170 50.62 8.36 -69.31
N HIS DA 171 50.00 8.74 -68.20
CA HIS DA 171 48.81 8.08 -67.68
C HIS DA 171 47.54 8.90 -67.90
N LEU DA 172 47.46 9.58 -69.04
CA LEU DA 172 46.29 10.38 -69.38
C LEU DA 172 45.43 9.62 -70.38
N SER DA 173 44.13 9.60 -70.14
CA SER DA 173 43.18 8.93 -71.02
C SER DA 173 42.02 9.88 -71.31
N VAL DA 174 41.58 9.90 -72.56
CA VAL DA 174 40.49 10.75 -73.02
C VAL DA 174 39.32 9.85 -73.38
N ILE DA 175 38.17 10.11 -72.77
CA ILE DA 175 36.94 9.35 -73.01
C ILE DA 175 35.92 10.30 -73.61
N TYR DA 176 35.36 9.91 -74.75
CA TYR DA 176 34.46 10.80 -75.48
C TYR DA 176 33.04 10.80 -74.92
N THR DA 177 32.72 9.84 -74.04
CA THR DA 177 31.50 9.86 -73.22
C THR DA 177 30.24 10.08 -74.07
N ASN DA 178 30.20 9.45 -75.23
CA ASN DA 178 29.06 9.53 -76.13
C ASN DA 178 28.95 8.22 -76.90
N LEU DA 179 28.25 8.25 -78.03
CA LEU DA 179 28.03 7.07 -78.88
C LEU DA 179 27.25 6.01 -78.11
N GLY DA 180 26.05 6.38 -77.70
CA GLY DA 180 25.19 5.49 -76.94
C GLY DA 180 24.72 6.13 -75.65
N SER DA 181 24.95 7.44 -75.52
CA SER DA 181 24.54 8.17 -74.32
C SER DA 181 23.03 8.37 -74.30
N CYS DA 182 22.50 8.55 -73.10
CA CYS DA 182 21.07 8.81 -72.94
C CYS DA 182 20.67 10.14 -73.56
N THR DA 183 21.52 11.15 -73.42
CA THR DA 183 21.25 12.49 -73.92
C THR DA 183 22.49 13.00 -74.64
N SER DA 184 22.49 14.29 -74.97
CA SER DA 184 23.59 14.95 -75.67
C SER DA 184 23.87 14.27 -77.01
N VAL DA 185 22.91 14.42 -77.91
CA VAL DA 185 23.02 13.83 -79.24
C VAL DA 185 24.29 14.32 -79.92
N THR DA 186 25.03 13.39 -80.49
CA THR DA 186 26.33 13.69 -81.09
C THR DA 186 26.18 14.06 -82.56
N PRO DA 187 26.73 15.20 -82.98
CA PRO DA 187 26.72 15.52 -84.42
C PRO DA 187 27.46 14.47 -85.22
N GLU DA 188 27.01 14.26 -86.46
CA GLU DA 188 27.59 13.21 -87.29
C GLU DA 188 29.05 13.51 -87.61
N GLY DA 189 29.81 12.46 -87.89
CA GLY DA 189 31.23 12.62 -88.13
C GLY DA 189 31.95 12.81 -86.82
N VAL DA 190 32.82 13.82 -86.77
CA VAL DA 190 33.61 14.16 -85.59
C VAL DA 190 34.36 12.91 -85.12
N THR DA 191 35.37 12.50 -85.90
CA THR DA 191 36.16 11.31 -85.58
C THR DA 191 37.26 11.71 -84.60
N VAL DA 192 36.90 11.76 -83.33
CA VAL DA 192 37.85 12.12 -82.29
C VAL DA 192 38.85 11.00 -82.09
N THR DA 193 40.14 11.33 -82.13
CA THR DA 193 41.21 10.36 -81.99
C THR DA 193 42.19 10.85 -80.95
N PHE DA 194 42.70 9.92 -80.13
CA PHE DA 194 43.62 10.26 -79.05
C PHE DA 194 44.55 9.07 -78.85
N ALA DA 195 45.75 9.13 -79.44
CA ALA DA 195 46.62 7.97 -79.45
C ALA DA 195 48.09 8.31 -79.17
N GLN DA 196 48.38 9.52 -78.68
CA GLN DA 196 49.73 9.93 -78.29
C GLN DA 196 50.68 10.01 -79.48
N THR DA 197 51.75 10.80 -79.34
CA THR DA 197 52.82 10.86 -80.33
C THR DA 197 54.21 10.77 -79.73
N THR DA 198 54.41 11.10 -78.45
CA THR DA 198 55.70 11.00 -77.81
C THR DA 198 55.48 10.69 -76.33
N ALA DA 199 56.38 9.90 -75.76
CA ALA DA 199 56.29 9.46 -74.38
C ALA DA 199 57.33 10.16 -73.54
N GLY DA 200 56.91 10.71 -72.40
CA GLY DA 200 57.83 11.34 -71.47
C GLY DA 200 58.67 10.32 -70.73
N SER DA 201 59.75 10.81 -70.13
CA SER DA 201 60.69 9.97 -69.40
C SER DA 201 61.50 10.83 -68.45
N VAL DA 202 62.40 10.18 -67.71
CA VAL DA 202 63.30 10.82 -66.75
C VAL DA 202 62.51 11.41 -65.60
N ASN DA 203 62.69 10.85 -64.40
CA ASN DA 203 61.96 11.29 -63.22
C ASN DA 203 62.94 11.63 -62.10
N PRO DA 204 62.57 12.57 -61.23
CA PRO DA 204 63.46 12.93 -60.12
C PRO DA 204 63.69 11.77 -59.17
N THR DA 205 64.89 11.71 -58.61
CA THR DA 205 65.26 10.71 -57.60
C THR DA 205 65.90 11.46 -56.44
N PRO DA 206 65.10 12.06 -55.55
CA PRO DA 206 65.64 12.90 -54.48
C PRO DA 206 66.59 12.18 -53.55
N ASN DA 207 66.12 11.12 -52.89
CA ASN DA 207 66.93 10.32 -51.97
C ASN DA 207 67.56 11.21 -50.89
N ASP DA 208 66.78 12.17 -50.39
CA ASP DA 208 67.29 13.09 -49.37
C ASP DA 208 66.25 13.35 -48.29
N TYR DA 209 65.44 12.35 -47.97
CA TYR DA 209 64.36 12.55 -47.00
C TYR DA 209 64.89 12.89 -45.63
N ALA DA 210 66.03 12.30 -45.23
CA ALA DA 210 66.58 12.55 -43.91
C ALA DA 210 66.94 14.02 -43.73
N THR DA 211 67.55 14.62 -44.76
CA THR DA 211 67.91 16.04 -44.68
C THR DA 211 66.69 16.94 -44.81
N VAL DA 212 65.75 16.58 -45.70
CA VAL DA 212 64.58 17.42 -45.92
C VAL DA 212 63.73 17.49 -44.66
N VAL DA 213 63.44 16.34 -44.06
CA VAL DA 213 62.72 16.26 -42.79
C VAL DA 213 63.53 15.39 -41.84
N ASN DA 214 63.79 15.90 -40.64
CA ASN DA 214 64.66 15.24 -39.68
C ASN DA 214 63.92 14.66 -38.49
N GLU DA 215 63.01 15.42 -37.88
CA GLU DA 215 62.31 14.98 -36.70
C GLU DA 215 60.80 15.20 -36.74
N CYS DA 216 60.28 15.91 -37.72
CA CYS DA 216 58.85 16.20 -37.79
C CYS DA 216 58.11 14.91 -38.11
N CYS DA 217 57.55 14.28 -37.09
CA CYS DA 217 56.84 13.02 -37.28
C CYS DA 217 55.55 13.27 -38.06
N PHE DA 218 55.28 12.38 -39.01
CA PHE DA 218 54.08 12.46 -39.83
C PHE DA 218 53.28 11.17 -39.67
N ALA DA 219 52.00 11.24 -40.02
CA ALA DA 219 51.12 10.08 -39.96
C ALA DA 219 50.95 9.39 -41.29
N VAL DA 220 50.77 10.16 -42.37
CA VAL DA 220 50.54 9.62 -43.71
C VAL DA 220 51.39 10.37 -44.72
N TYR DA 221 52.09 9.62 -45.58
CA TYR DA 221 52.86 10.18 -46.67
C TYR DA 221 52.18 9.82 -47.99
N VAL DA 222 51.95 10.81 -48.83
CA VAL DA 222 51.30 10.63 -50.13
C VAL DA 222 52.30 10.99 -51.21
N LEU DA 223 52.54 10.05 -52.13
CA LEU DA 223 53.45 10.24 -53.25
C LEU DA 223 52.65 10.28 -54.54
N SER DA 224 52.92 11.29 -55.37
CA SER DA 224 52.16 11.52 -56.60
C SER DA 224 52.99 11.19 -57.83
N SER DA 225 53.79 10.13 -57.76
CA SER DA 225 54.61 9.70 -58.88
C SER DA 225 54.60 8.18 -58.96
N ASP DA 226 54.87 7.67 -60.16
CA ASP DA 226 54.94 6.23 -60.41
C ASP DA 226 56.37 5.74 -60.53
N ASP DA 227 57.35 6.55 -60.13
CA ASP DA 227 58.74 6.14 -60.19
C ASP DA 227 59.01 5.07 -59.13
N THR DA 228 59.41 3.88 -59.58
CA THR DA 228 59.63 2.78 -58.66
C THR DA 228 60.76 3.07 -57.69
N ASP DA 229 61.83 3.72 -58.17
CA ASP DA 229 62.95 4.05 -57.29
C ASP DA 229 62.55 5.08 -56.25
N TRP DA 230 61.72 6.05 -56.63
CA TRP DA 230 61.23 7.04 -55.67
C TRP DA 230 60.39 6.38 -54.59
N GLN DA 231 59.51 5.45 -54.97
CA GLN DA 231 58.73 4.71 -54.00
C GLN DA 231 59.63 3.87 -53.10
N GLU DA 232 60.69 3.28 -53.67
CA GLU DA 232 61.64 2.52 -52.87
C GLU DA 232 62.33 3.41 -51.85
N ASN DA 233 62.72 4.62 -52.24
CA ASN DA 233 63.34 5.55 -51.30
C ASN DA 233 62.37 5.94 -50.19
N LEU DA 234 61.12 6.21 -50.54
CA LEU DA 234 60.12 6.53 -49.53
C LEU DA 234 59.91 5.37 -48.57
N ARG DA 235 59.85 4.15 -49.11
CA ARG DA 235 59.73 2.96 -48.27
C ARG DA 235 60.93 2.82 -47.34
N ASP DA 236 62.13 3.07 -47.86
CA ASP DA 236 63.33 2.96 -47.03
C ASP DA 236 63.28 3.96 -45.89
N TRP DA 237 62.88 5.20 -46.16
CA TRP DA 237 62.80 6.18 -45.09
C TRP DA 237 61.73 5.81 -44.07
N ILE DA 238 60.56 5.35 -44.53
CA ILE DA 238 59.50 5.00 -43.61
C ILE DA 238 59.91 3.83 -42.73
N ARG DA 239 60.60 2.84 -43.32
CA ARG DA 239 61.14 1.73 -42.54
C ARG DA 239 62.17 2.23 -41.54
N SER DA 240 63.01 3.20 -41.95
CA SER DA 240 63.96 3.79 -41.02
C SER DA 240 63.27 4.47 -39.86
N ALA DA 241 62.06 5.01 -40.09
CA ALA DA 241 61.30 5.57 -38.99
C ALA DA 241 60.88 4.49 -37.99
N TRP DA 242 60.68 3.26 -38.46
CA TRP DA 242 60.36 2.14 -37.58
C TRP DA 242 61.62 1.34 -37.25
N ASP DA 243 62.51 1.98 -36.50
CA ASP DA 243 63.76 1.35 -36.08
C ASP DA 243 63.88 1.41 -34.56
N CYS DA 244 64.55 0.41 -34.00
CA CYS DA 244 64.76 0.33 -32.56
C CYS DA 244 65.95 1.13 -32.08
N SER DA 245 66.68 1.79 -32.99
CA SER DA 245 67.87 2.55 -32.58
C SER DA 245 67.49 3.92 -32.03
N LYS DA 246 66.84 4.73 -32.83
CA LYS DA 246 66.44 6.08 -32.47
C LYS DA 246 64.96 6.13 -32.13
N PRO DA 247 64.52 7.17 -31.42
CA PRO DA 247 63.07 7.33 -31.18
C PRO DA 247 62.31 7.40 -32.50
N GLN DA 248 61.12 6.80 -32.50
CA GLN DA 248 60.39 6.53 -33.72
C GLN DA 248 59.32 7.58 -33.99
N CYS DA 249 59.19 7.96 -35.25
CA CYS DA 249 58.07 8.73 -35.76
C CYS DA 249 57.25 7.78 -36.64
N PHE DA 250 56.31 7.07 -36.02
CA PHE DA 250 55.53 6.08 -36.74
C PHE DA 250 54.73 6.73 -37.85
N GLY DA 251 54.65 6.05 -39.00
CA GLY DA 251 53.93 6.57 -40.13
C GLY DA 251 53.64 5.48 -41.14
N HIS DA 252 52.91 5.86 -42.19
CA HIS DA 252 52.54 4.95 -43.26
C HIS DA 252 52.39 5.74 -44.54
N GLY DA 253 52.75 5.10 -45.66
CA GLY DA 253 52.72 5.76 -46.94
C GLY DA 253 51.87 5.00 -47.94
N TYR DA 254 51.40 5.73 -48.95
CA TYR DA 254 50.53 5.20 -49.98
C TYR DA 254 51.12 5.48 -51.35
N VAL DA 255 51.19 4.44 -52.19
CA VAL DA 255 51.71 4.53 -53.55
C VAL DA 255 50.82 3.70 -54.46
N PHE DA 256 51.07 3.80 -55.76
CA PHE DA 256 50.30 3.06 -56.76
C PHE DA 256 51.25 2.44 -57.78
N ASN DA 257 50.74 1.41 -58.47
CA ASN DA 257 51.49 0.74 -59.53
C ASN DA 257 50.53 0.49 -60.70
N LYS DA 258 50.48 1.44 -61.62
CA LYS DA 258 49.63 1.30 -62.80
C LYS DA 258 50.36 0.50 -63.87
N GLY DA 259 49.62 -0.38 -64.54
CA GLY DA 259 50.18 -1.16 -65.62
C GLY DA 259 49.41 -2.47 -65.79
N THR DA 260 50.04 -3.40 -66.50
CA THR DA 260 49.45 -4.69 -66.77
C THR DA 260 49.56 -5.61 -65.55
N LEU DA 261 48.92 -6.77 -65.66
CA LEU DA 261 48.93 -7.74 -64.56
C LEU DA 261 50.35 -8.22 -64.26
N GLY DA 262 51.13 -8.51 -65.29
CA GLY DA 262 52.46 -9.04 -65.08
C GLY DA 262 53.38 -8.08 -64.35
N GLN DA 263 53.35 -6.80 -64.75
CA GLN DA 263 54.29 -5.84 -64.18
C GLN DA 263 53.89 -5.39 -62.78
N VAL DA 264 52.59 -5.38 -62.46
CA VAL DA 264 52.15 -4.83 -61.18
C VAL DA 264 52.60 -5.71 -60.02
N LEU DA 265 52.51 -7.03 -60.18
CA LEU DA 265 53.00 -7.93 -59.13
C LEU DA 265 54.51 -7.82 -58.97
N ALA DA 266 55.24 -7.65 -60.08
CA ALA DA 266 56.67 -7.44 -60.00
C ALA DA 266 57.02 -6.15 -59.26
N ASP DA 267 56.15 -5.14 -59.35
CA ASP DA 267 56.38 -3.90 -58.62
C ASP DA 267 56.27 -4.08 -57.12
N GLY DA 268 55.58 -5.12 -56.65
CA GLY DA 268 55.40 -5.34 -55.24
C GLY DA 268 56.57 -6.08 -54.60
N ASP DA 269 56.68 -5.93 -53.28
CA ASP DA 269 57.71 -6.59 -52.50
C ASP DA 269 57.11 -6.95 -51.14
N ASN DA 270 57.99 -7.30 -50.20
CA ASN DA 270 57.58 -7.60 -48.83
C ASN DA 270 57.55 -6.35 -47.96
N SER DA 271 57.40 -5.17 -48.56
CA SER DA 271 57.45 -3.91 -47.83
C SER DA 271 56.14 -3.71 -47.07
N ALA DA 272 56.21 -3.84 -45.74
CA ALA DA 272 55.06 -3.63 -44.89
C ALA DA 272 54.80 -2.16 -44.57
N GLU DA 273 55.67 -1.26 -45.02
CA GLU DA 273 55.56 0.15 -44.69
C GLU DA 273 54.78 0.95 -45.74
N LEU DA 274 54.36 0.32 -46.82
CA LEU DA 274 53.62 1.00 -47.88
C LEU DA 274 52.36 0.22 -48.21
N SER DA 275 51.38 0.94 -48.75
CA SER DA 275 50.09 0.37 -49.15
C SER DA 275 50.00 0.48 -50.67
N ARG DA 276 50.49 -0.55 -51.36
CA ARG DA 276 50.46 -0.56 -52.81
C ARG DA 276 49.02 -0.58 -53.32
N LEU DA 277 48.64 0.45 -54.06
CA LEU DA 277 47.30 0.56 -54.63
C LEU DA 277 47.37 0.18 -56.10
N ALA DA 278 46.91 -1.02 -56.43
CA ALA DA 278 46.96 -1.51 -57.80
C ALA DA 278 45.96 -0.76 -58.67
N LEU DA 279 46.32 -0.58 -59.93
CA LEU DA 279 45.47 0.11 -60.89
C LEU DA 279 45.58 -0.57 -62.26
N PRO DA 280 44.47 -0.70 -62.98
CA PRO DA 280 44.49 -1.38 -64.27
C PRO DA 280 45.14 -0.50 -65.34
N THR DA 281 45.45 -1.14 -66.47
CA THR DA 281 46.06 -0.44 -67.59
C THR DA 281 45.10 0.59 -68.19
N THR DA 282 43.82 0.25 -68.27
CA THR DA 282 42.81 1.13 -68.86
C THR DA 282 42.14 2.03 -67.83
N TYR DA 283 42.81 2.34 -66.73
CA TYR DA 283 42.22 3.15 -65.69
C TYR DA 283 42.07 4.60 -66.17
N PRO DA 284 40.85 5.15 -66.18
CA PRO DA 284 40.64 6.49 -66.74
C PRO DA 284 41.29 7.61 -65.93
N VAL DA 285 41.03 7.64 -64.62
CA VAL DA 285 41.47 8.75 -63.79
C VAL DA 285 42.99 8.76 -63.67
N LEU DA 286 43.55 9.96 -63.55
CA LEU DA 286 44.99 10.09 -63.32
C LEU DA 286 45.33 9.43 -61.99
N PRO DA 287 46.30 8.52 -61.96
CA PRO DA 287 46.52 7.71 -60.75
C PRO DA 287 46.83 8.50 -59.50
N TYR DA 288 47.59 9.60 -59.62
CA TYR DA 288 47.97 10.35 -58.43
C TYR DA 288 46.77 10.97 -57.74
N LEU DA 289 45.74 11.34 -58.50
CA LEU DA 289 44.52 11.86 -57.88
C LEU DA 289 43.88 10.82 -56.97
N THR DA 290 43.73 9.59 -57.48
CA THR DA 290 43.16 8.52 -56.66
C THR DA 290 44.04 8.20 -55.46
N ASN DA 291 45.36 8.17 -55.66
CA ASN DA 291 46.26 7.87 -54.55
C ASN DA 291 46.16 8.93 -53.46
N ALA DA 292 46.14 10.20 -53.86
CA ALA DA 292 46.03 11.29 -52.88
C ALA DA 292 44.69 11.23 -52.16
N ALA DA 293 43.62 10.97 -52.90
CA ALA DA 293 42.30 10.86 -52.27
C ALA DA 293 42.27 9.73 -51.26
N TYR DA 294 42.83 8.57 -51.63
CA TYR DA 294 42.82 7.43 -50.71
C TYR DA 294 43.63 7.71 -49.46
N GLY DA 295 44.84 8.27 -49.63
CA GLY DA 295 45.66 8.58 -48.47
C GLY DA 295 45.02 9.60 -47.56
N ALA DA 296 44.47 10.67 -48.17
CA ALA DA 296 43.80 11.70 -47.39
C ALA DA 296 42.60 11.12 -46.65
N LEU DA 297 41.80 10.28 -47.31
CA LEU DA 297 40.65 9.68 -46.65
C LEU DA 297 41.07 8.79 -45.49
N SER DA 298 42.10 7.96 -45.71
CA SER DA 298 42.54 7.05 -44.66
C SER DA 298 42.99 7.82 -43.43
N ALA DA 299 43.91 8.78 -43.62
CA ALA DA 299 44.37 9.58 -42.49
C ALA DA 299 43.22 10.34 -41.87
N CYS DA 300 42.38 10.95 -42.70
CA CYS DA 300 41.42 11.95 -42.28
C CYS DA 300 40.30 11.31 -41.50
N SER DA 301 39.98 10.06 -41.82
CA SER DA 301 39.03 9.28 -41.03
C SER DA 301 39.68 8.70 -39.77
N THR DA 302 40.81 7.99 -39.91
CA THR DA 302 41.39 7.35 -38.73
C THR DA 302 41.81 8.37 -37.68
N CYS DA 303 42.83 9.17 -38.01
CA CYS DA 303 43.39 10.15 -37.08
C CYS DA 303 43.49 9.60 -35.65
N ASN DA 304 42.45 9.85 -34.85
CA ASN DA 304 42.40 9.41 -33.46
C ASN DA 304 41.53 8.16 -33.29
N ASN DA 305 41.33 7.39 -34.35
CA ASN DA 305 40.58 6.14 -34.31
C ASN DA 305 41.40 5.05 -35.00
N PRO DA 306 42.48 4.57 -34.36
CA PRO DA 306 43.37 3.60 -34.98
C PRO DA 306 42.85 2.16 -34.95
N GLU DA 307 41.57 2.00 -35.28
CA GLU DA 307 40.97 0.68 -35.43
C GLU DA 307 40.03 0.57 -36.62
N LEU DA 308 39.49 1.68 -37.13
CA LEU DA 308 38.52 1.64 -38.21
C LEU DA 308 39.21 1.34 -39.52
N ASN DA 309 38.87 0.23 -40.15
CA ASN DA 309 39.37 -0.07 -41.48
C ASN DA 309 38.76 0.89 -42.49
N ILE DA 310 39.59 1.51 -43.32
CA ILE DA 310 39.09 2.37 -44.38
C ILE DA 310 38.58 1.46 -45.49
N GLN DA 311 37.32 1.08 -45.40
CA GLN DA 311 36.79 -0.01 -46.21
C GLN DA 311 35.27 0.05 -46.16
N GLY DA 312 34.64 -0.51 -47.18
CA GLY DA 312 33.20 -0.58 -47.23
C GLY DA 312 32.57 0.65 -47.87
N GLN DA 313 31.31 0.50 -48.25
CA GLN DA 313 30.59 1.60 -48.89
C GLN DA 313 30.49 2.81 -47.97
N THR DA 314 30.28 2.57 -46.67
CA THR DA 314 30.13 3.67 -45.73
C THR DA 314 31.43 4.42 -45.52
N PHE DA 315 32.54 3.70 -45.41
CA PHE DA 315 33.82 4.31 -45.05
C PHE DA 315 34.77 4.43 -46.23
N GLY DA 316 35.05 3.34 -46.93
CA GLY DA 316 36.01 3.37 -48.02
C GLY DA 316 35.47 3.93 -49.31
N LEU DA 317 34.87 5.11 -49.25
CA LEU DA 317 34.27 5.76 -50.40
C LEU DA 317 35.07 7.03 -50.74
N LEU DA 318 35.49 7.14 -51.99
CA LEU DA 318 36.24 8.29 -52.47
C LEU DA 318 35.26 9.25 -53.13
N SER DA 319 34.67 10.14 -52.31
CA SER DA 319 33.61 11.01 -52.80
C SER DA 319 34.11 11.97 -53.87
N CYS DA 320 35.30 12.55 -53.67
CA CYS DA 320 35.79 13.57 -54.60
C CYS DA 320 36.01 12.99 -56.00
N ILE DA 321 36.58 11.79 -56.08
CA ILE DA 321 36.88 11.19 -57.38
C ILE DA 321 35.58 10.75 -58.04
N ASN DA 322 35.49 10.98 -59.36
CA ASN DA 322 34.34 10.57 -60.15
C ASN DA 322 34.83 9.85 -61.39
N MET DA 323 34.07 8.84 -61.81
CA MET DA 323 34.42 8.01 -62.96
C MET DA 323 33.21 7.86 -63.88
N PRO DA 324 33.42 7.71 -65.18
CA PRO DA 324 32.31 7.41 -66.08
C PRO DA 324 31.77 6.01 -65.82
N GLU DA 325 30.45 5.89 -65.89
CA GLU DA 325 29.82 4.60 -65.63
C GLU DA 325 30.15 3.61 -66.74
N SER DA 326 30.43 2.37 -66.35
CA SER DA 326 30.79 1.33 -67.29
C SER DA 326 30.52 -0.02 -66.64
N CYS DA 327 30.78 -1.10 -67.39
CA CYS DA 327 30.54 -2.45 -66.93
C CYS DA 327 31.80 -3.14 -66.41
N THR DA 328 32.89 -3.09 -67.17
CA THR DA 328 34.11 -3.80 -66.79
C THR DA 328 34.84 -3.05 -65.69
N PRO DA 329 35.08 -3.66 -64.51
CA PRO DA 329 35.80 -3.00 -63.42
C PRO DA 329 37.32 -3.13 -63.54
N GLY DA 330 37.84 -2.89 -64.73
CA GLY DA 330 39.26 -3.06 -64.95
C GLY DA 330 39.70 -4.51 -64.82
N TRP DA 331 40.36 -4.82 -63.70
CA TRP DA 331 40.83 -6.18 -63.46
C TRP DA 331 39.66 -7.17 -63.47
N THR DA 332 39.90 -8.33 -64.06
CA THR DA 332 38.95 -9.43 -63.98
C THR DA 332 38.99 -10.05 -62.58
N PHE DA 333 38.03 -10.94 -62.33
CA PHE DA 333 37.91 -11.51 -60.98
C PHE DA 333 39.14 -12.32 -60.60
N GLY DA 334 39.70 -13.08 -61.55
CA GLY DA 334 40.96 -13.76 -61.28
C GLY DA 334 42.08 -12.80 -60.97
N GLU DA 335 42.19 -11.73 -61.76
CA GLU DA 335 43.19 -10.70 -61.48
C GLU DA 335 42.91 -10.05 -60.13
N VAL DA 336 41.65 -9.80 -59.82
CA VAL DA 336 41.30 -9.19 -58.53
C VAL DA 336 41.77 -10.09 -57.38
N THR DA 337 41.50 -11.39 -57.48
CA THR DA 337 41.92 -12.31 -56.44
C THR DA 337 43.44 -12.37 -56.32
N GLN DA 338 44.14 -12.39 -57.46
CA GLN DA 338 45.59 -12.41 -57.45
C GLN DA 338 46.15 -11.18 -56.74
N LEU DA 339 45.55 -10.01 -56.99
CA LEU DA 339 45.96 -8.81 -56.29
C LEU DA 339 45.59 -8.86 -54.81
N GLN DA 340 44.46 -9.47 -54.46
CA GLN DA 340 44.10 -9.64 -53.06
C GLN DA 340 45.17 -10.44 -52.33
N ALA DA 341 45.63 -11.52 -52.95
CA ALA DA 341 46.58 -12.40 -52.28
C ALA DA 341 47.90 -11.68 -51.98
N ASN DA 342 48.46 -11.00 -52.98
CA ASN DA 342 49.79 -10.41 -52.84
C ASN DA 342 49.73 -8.95 -52.37
N GLY DA 343 48.97 -8.68 -51.32
CA GLY DA 343 49.03 -7.40 -50.63
C GLY DA 343 48.84 -6.17 -51.49
N PHE DA 344 47.85 -6.19 -52.38
CA PHE DA 344 47.57 -5.06 -53.26
C PHE DA 344 46.17 -4.53 -52.99
N VAL DA 345 46.07 -3.22 -52.75
CA VAL DA 345 44.80 -2.56 -52.50
C VAL DA 345 44.09 -2.39 -53.84
N VAL DA 346 42.97 -3.09 -54.02
CA VAL DA 346 42.22 -3.06 -55.27
C VAL DA 346 41.04 -2.10 -55.11
N SER DA 347 40.82 -1.28 -56.13
CA SER DA 347 39.73 -0.33 -56.15
C SER DA 347 38.80 -0.64 -57.31
N GLY DA 348 37.49 -0.60 -57.05
CA GLY DA 348 36.50 -0.88 -58.06
C GLY DA 348 35.39 0.15 -58.08
N PRO DA 349 34.62 0.17 -59.16
CA PRO DA 349 33.51 1.13 -59.25
C PRO DA 349 32.40 0.79 -58.27
N SER DA 350 31.73 1.83 -57.80
CA SER DA 350 30.57 1.66 -56.93
C SER DA 350 29.29 1.75 -57.76
N THR DA 351 29.12 0.76 -58.64
CA THR DA 351 27.98 0.73 -59.55
C THR DA 351 26.68 0.49 -58.81
N ASN DA 357 24.95 9.18 -64.62
CA ASN DA 357 25.75 9.97 -63.70
C ASN DA 357 27.07 9.26 -63.38
N TYR DA 358 28.08 10.05 -63.03
CA TYR DA 358 29.39 9.49 -62.73
C TYR DA 358 29.34 8.63 -61.46
N THR DA 359 30.11 7.55 -61.45
CA THR DA 359 30.17 6.63 -60.33
C THR DA 359 31.47 6.84 -59.58
N SER DA 360 31.36 7.20 -58.30
CA SER DA 360 32.54 7.36 -57.46
C SER DA 360 33.24 6.01 -57.28
N PRO DA 361 34.57 6.01 -57.20
CA PRO DA 361 35.29 4.74 -57.02
C PRO DA 361 35.07 4.14 -55.64
N TYR DA 362 35.69 2.99 -55.39
CA TYR DA 362 35.43 2.21 -54.20
C TYR DA 362 36.56 1.22 -54.00
N ILE DA 363 37.12 1.19 -52.79
CA ILE DA 363 38.35 0.45 -52.53
C ILE DA 363 38.03 -0.81 -51.74
N TYR DA 364 38.87 -1.82 -51.92
CA TYR DA 364 38.78 -3.09 -51.22
C TYR DA 364 40.04 -3.30 -50.39
N ASN DA 365 39.93 -4.19 -49.40
CA ASN DA 365 41.07 -4.77 -48.68
C ASN DA 365 42.09 -3.71 -48.26
N ASP DA 366 41.67 -2.87 -47.31
CA ASP DA 366 42.54 -1.80 -46.83
C ASP DA 366 43.69 -2.46 -46.07
N VAL DA 367 44.67 -2.92 -46.84
CA VAL DA 367 45.77 -3.72 -46.33
C VAL DA 367 47.09 -3.08 -46.76
N THR DA 368 48.19 -3.59 -46.20
CA THR DA 368 49.53 -3.18 -46.59
C THR DA 368 50.13 -4.23 -47.50
N ASN DA 369 51.32 -3.92 -48.02
CA ASN DA 369 52.03 -4.82 -48.93
C ASN DA 369 52.96 -5.75 -48.16
N TYR DA 370 52.42 -6.43 -47.15
CA TYR DA 370 53.19 -7.33 -46.31
C TYR DA 370 52.73 -8.75 -46.57
N LEU DA 371 53.66 -9.62 -46.94
CA LEU DA 371 53.34 -11.01 -47.27
C LEU DA 371 54.09 -12.03 -46.43
N ARG DA 372 55.38 -11.81 -46.16
CA ARG DA 372 56.21 -12.81 -45.53
C ARG DA 372 57.07 -12.19 -44.44
N ASP DA 373 57.46 -13.02 -43.48
CA ASP DA 373 58.38 -12.61 -42.42
C ASP DA 373 59.81 -12.88 -42.87
N GLU DA 374 60.76 -12.84 -41.94
CA GLU DA 374 62.16 -13.10 -42.28
C GLU DA 374 62.32 -14.47 -42.92
N LYS DA 375 61.80 -15.52 -42.28
CA LYS DA 375 61.73 -16.83 -42.91
C LYS DA 375 60.40 -17.54 -42.71
N ASN DA 376 59.55 -17.06 -41.80
CA ASN DA 376 58.21 -17.62 -41.62
C ASN DA 376 57.34 -17.11 -42.77
N ARG DA 377 57.17 -17.95 -43.79
CA ARG DA 377 56.45 -17.53 -44.99
C ARG DA 377 55.02 -17.09 -44.70
N PRO DA 378 54.19 -17.83 -43.96
CA PRO DA 378 52.84 -17.33 -43.67
C PRO DA 378 52.86 -16.40 -42.47
N ASN DA 379 52.41 -15.16 -42.67
CA ASN DA 379 52.35 -14.18 -41.59
C ASN DA 379 51.41 -13.06 -42.01
N ALA DA 380 50.35 -12.84 -41.23
CA ALA DA 380 49.40 -11.76 -41.49
C ALA DA 380 49.32 -10.78 -40.32
N THR DA 381 50.34 -10.74 -39.47
CA THR DA 381 50.31 -9.84 -38.33
C THR DA 381 50.28 -8.38 -38.75
N PHE DA 382 50.90 -8.05 -39.88
CA PHE DA 382 50.92 -6.70 -40.41
C PHE DA 382 50.15 -6.58 -41.73
N ARG DA 383 49.32 -7.57 -42.04
CA ARG DA 383 48.61 -7.57 -43.32
C ARG DA 383 47.66 -6.38 -43.42
N ASP DA 384 46.87 -6.15 -42.37
CA ASP DA 384 45.89 -5.07 -42.38
C ASP DA 384 46.51 -3.75 -41.97
N ALA DA 385 46.08 -2.67 -42.62
CA ALA DA 385 46.61 -1.35 -42.29
C ALA DA 385 46.23 -0.92 -40.89
N SER DA 386 45.08 -1.38 -40.38
CA SER DA 386 44.68 -1.03 -39.02
C SER DA 386 45.61 -1.63 -37.99
N SER DA 387 46.20 -2.80 -38.29
CA SER DA 387 47.13 -3.42 -37.35
C SER DA 387 48.35 -2.53 -37.12
N ARG DA 388 48.81 -1.84 -38.17
CA ARG DA 388 49.96 -0.96 -38.03
C ARG DA 388 49.66 0.18 -37.06
N ARG DA 389 48.53 0.87 -37.27
CA ARG DA 389 48.14 1.96 -36.37
C ARG DA 389 47.92 1.44 -34.96
N LEU DA 390 47.31 0.26 -34.82
CA LEU DA 390 47.08 -0.29 -33.50
C LEU DA 390 48.38 -0.61 -32.78
N ALA DA 391 49.36 -1.16 -33.50
CA ALA DA 391 50.66 -1.43 -32.90
C ALA DA 391 51.35 -0.14 -32.46
N ALA DA 392 51.29 0.90 -33.30
CA ALA DA 392 51.87 2.18 -32.92
C ALA DA 392 51.19 2.74 -31.68
N ALA DA 393 49.85 2.66 -31.62
CA ALA DA 393 49.13 3.18 -30.47
C ALA DA 393 49.46 2.41 -29.20
N THR DA 394 49.56 1.07 -29.31
CA THR DA 394 49.91 0.28 -28.14
C THR DA 394 51.31 0.60 -27.65
N GLY DA 395 52.26 0.77 -28.58
CA GLY DA 395 53.59 1.16 -28.19
C GLY DA 395 53.63 2.51 -27.48
N VAL DA 396 52.88 3.49 -28.01
CA VAL DA 396 52.85 4.81 -27.39
C VAL DA 396 52.21 4.73 -26.00
N ALA DA 397 51.12 3.97 -25.87
CA ALA DA 397 50.46 3.83 -24.57
C ALA DA 397 51.38 3.16 -23.55
N LEU DA 398 52.09 2.12 -23.97
CA LEU DA 398 53.02 1.46 -23.05
C LEU DA 398 54.15 2.40 -22.66
N ALA DA 399 54.66 3.19 -23.61
CA ALA DA 399 55.69 4.15 -23.28
C ALA DA 399 55.21 5.19 -22.28
N GLU DA 400 53.96 5.65 -22.44
CA GLU DA 400 53.39 6.59 -21.48
C GLU DA 400 53.22 5.96 -20.10
N PHE DA 401 52.76 4.70 -20.06
CA PHE DA 401 52.53 4.05 -18.77
C PHE DA 401 53.84 3.81 -18.02
N LEU DA 402 54.90 3.45 -18.75
CA LEU DA 402 56.16 3.09 -18.11
C LEU DA 402 56.92 4.28 -17.54
N GLN DA 403 56.44 5.51 -17.77
CA GLN DA 403 57.18 6.68 -17.34
C GLN DA 403 57.28 6.81 -15.83
N GLN DA 404 56.46 6.09 -15.08
CA GLN DA 404 56.49 6.19 -13.63
C GLN DA 404 57.75 5.59 -13.02
N PHE DA 405 58.38 4.63 -13.70
CA PHE DA 405 59.60 4.01 -13.19
C PHE DA 405 60.87 4.76 -13.56
N ASN DA 406 60.79 5.71 -14.49
CA ASN DA 406 61.98 6.45 -14.92
C ASN DA 406 62.30 7.51 -13.88
N GLY DA 407 63.39 7.32 -13.15
CA GLY DA 407 63.76 8.17 -12.04
C GLY DA 407 63.44 7.61 -10.68
N LEU DA 408 62.56 6.61 -10.62
CA LEU DA 408 62.21 5.99 -9.35
C LEU DA 408 63.36 5.14 -8.83
N ALA DA 409 63.48 5.07 -7.50
CA ALA DA 409 64.50 4.24 -6.88
C ALA DA 409 64.18 2.76 -7.12
N VAL DA 410 65.21 1.99 -7.45
CA VAL DA 410 65.06 0.57 -7.73
C VAL DA 410 66.04 -0.20 -6.87
N PHE DA 411 65.53 -1.14 -6.08
CA PHE DA 411 66.34 -2.03 -5.27
C PHE DA 411 66.47 -3.37 -6.00
N THR DA 412 67.66 -3.64 -6.52
CA THR DA 412 67.92 -4.85 -7.29
C THR DA 412 68.12 -6.04 -6.36
N LYS DA 413 68.65 -7.14 -6.91
CA LYS DA 413 68.85 -8.41 -6.23
C LYS DA 413 69.40 -8.26 -4.82
N ASN DA 414 70.16 -7.18 -4.56
CA ASN DA 414 70.84 -6.98 -3.29
C ASN DA 414 69.97 -7.30 -2.08
N THR DA 415 68.88 -6.57 -1.89
CA THR DA 415 68.01 -6.76 -0.74
C THR DA 415 66.62 -6.25 -1.13
N ASN DA 416 65.72 -6.14 -0.16
CA ASN DA 416 64.38 -5.65 -0.36
C ASN DA 416 64.29 -4.17 0.01
N ILE DA 417 63.07 -3.64 0.02
CA ILE DA 417 62.82 -2.23 0.28
C ILE DA 417 62.69 -2.03 1.79
N ARG DA 418 63.42 -1.05 2.32
CA ARG DA 418 63.34 -0.71 3.73
C ARG DA 418 62.10 0.15 3.98
N THR DA 419 61.92 0.55 5.24
CA THR DA 419 60.72 1.28 5.63
C THR DA 419 60.87 2.77 5.35
N GLY DA 420 59.89 3.34 4.67
CA GLY DA 420 59.85 4.76 4.38
C GLY DA 420 60.34 5.16 3.00
N ILE DA 421 61.15 4.32 2.37
CA ILE DA 421 61.70 4.61 1.06
C ILE DA 421 60.61 4.40 0.00
N ILE DA 422 60.73 5.11 -1.11
CA ILE DA 422 59.71 5.12 -2.15
C ILE DA 422 60.22 4.29 -3.32
N GLY DA 423 61.09 3.33 -3.05
CA GLY DA 423 61.69 2.51 -4.07
C GLY DA 423 60.81 1.36 -4.51
N THR DA 424 61.42 0.43 -5.23
CA THR DA 424 60.73 -0.74 -5.77
C THR DA 424 61.77 -1.80 -6.10
N ASN DA 425 61.33 -2.85 -6.79
CA ASN DA 425 62.20 -3.97 -7.15
C ASN DA 425 61.60 -4.64 -8.38
N PRO DA 426 62.41 -5.43 -9.12
CA PRO DA 426 61.92 -5.96 -10.40
C PRO DA 426 60.64 -6.78 -10.31
N ARG DA 427 60.45 -7.56 -9.24
CA ARG DA 427 59.26 -8.38 -9.14
C ARG DA 427 58.00 -7.53 -9.08
N LEU DA 428 58.02 -6.46 -8.29
CA LEU DA 428 56.84 -5.60 -8.17
C LEU DA 428 56.59 -4.83 -9.46
N MET DA 429 57.64 -4.40 -10.15
CA MET DA 429 57.47 -3.75 -11.45
C MET DA 429 56.85 -4.71 -12.46
N LEU DA 430 57.31 -5.97 -12.45
CA LEU DA 430 56.71 -6.98 -13.31
C LEU DA 430 55.24 -7.19 -12.98
N GLY DA 431 54.90 -7.21 -11.70
CA GLY DA 431 53.51 -7.36 -11.31
C GLY DA 431 52.65 -6.20 -11.78
N LYS DA 432 53.15 -4.97 -11.63
CA LYS DA 432 52.40 -3.80 -12.10
C LYS DA 432 52.22 -3.83 -13.61
N ILE DA 433 53.28 -4.20 -14.34
CA ILE DA 433 53.18 -4.29 -15.80
C ILE DA 433 52.17 -5.36 -16.19
N ARG DA 434 52.18 -6.50 -15.49
CA ARG DA 434 51.22 -7.57 -15.78
C ARG DA 434 49.79 -7.11 -15.54
N LYS DA 435 49.56 -6.38 -14.44
CA LYS DA 435 48.21 -5.89 -14.17
C LYS DA 435 47.78 -4.88 -15.23
N TRP DA 436 48.68 -3.99 -15.67
CA TRP DA 436 48.33 -3.06 -16.72
C TRP DA 436 47.98 -3.78 -18.01
N ALA DA 437 48.77 -4.81 -18.37
CA ALA DA 437 48.50 -5.57 -19.58
C ALA DA 437 47.16 -6.28 -19.49
N GLN DA 438 46.86 -6.86 -18.33
CA GLN DA 438 45.58 -7.54 -18.14
C GLN DA 438 44.41 -6.58 -18.19
N ASP DA 439 44.59 -5.35 -17.69
CA ASP DA 439 43.50 -4.38 -17.65
C ASP DA 439 43.08 -3.96 -19.06
N ASN DA 440 44.05 -3.78 -19.96
CA ASN DA 440 43.78 -3.28 -21.30
C ASN DA 440 43.27 -4.36 -22.24
N VAL DA 441 42.80 -5.48 -21.73
CA VAL DA 441 42.24 -6.53 -22.58
C VAL DA 441 40.91 -6.06 -23.15
N GLY DA 442 40.75 -6.19 -24.46
CA GLY DA 442 39.54 -5.77 -25.14
C GLY DA 442 39.61 -4.39 -25.77
N THR DA 443 40.61 -3.58 -25.41
CA THR DA 443 40.78 -2.26 -25.99
C THR DA 443 42.11 -2.07 -26.71
N LEU DA 444 43.16 -2.81 -26.34
CA LEU DA 444 44.45 -2.69 -27.00
C LEU DA 444 44.98 -4.05 -27.41
N PHE DA 445 44.62 -5.09 -26.65
CA PHE DA 445 45.09 -6.44 -26.90
C PHE DA 445 43.89 -7.37 -27.05
N SER DA 446 44.16 -8.58 -27.51
CA SER DA 446 43.16 -9.64 -27.41
C SER DA 446 43.19 -10.16 -25.98
N GLU DA 447 42.55 -11.30 -25.75
CA GLU DA 447 42.35 -11.76 -24.38
C GLU DA 447 43.69 -12.07 -23.71
N PHE DA 448 44.30 -13.19 -24.07
CA PHE DA 448 45.72 -13.53 -23.96
C PHE DA 448 45.85 -14.99 -24.36
N ASP DA 449 47.11 -15.45 -24.46
CA ASP DA 449 47.40 -16.88 -24.55
C ASP DA 449 47.79 -17.45 -23.20
N ASN DA 450 48.86 -16.93 -22.60
CA ASN DA 450 49.27 -17.32 -21.25
C ASN DA 450 50.13 -16.20 -20.71
N ILE DA 451 49.58 -15.42 -19.77
CA ILE DA 451 50.28 -14.25 -19.27
C ILE DA 451 51.50 -14.61 -18.44
N ASN DA 452 51.64 -15.88 -18.04
CA ASN DA 452 52.75 -16.26 -17.17
C ASN DA 452 54.09 -16.25 -17.88
N GLU DA 453 54.11 -16.34 -19.21
CA GLU DA 453 55.35 -16.29 -19.96
C GLU DA 453 55.31 -15.34 -21.14
N ASP DA 454 54.19 -14.66 -21.38
CA ASP DA 454 54.13 -13.68 -22.46
C ASP DA 454 54.78 -12.35 -22.09
N ILE DA 455 54.99 -12.11 -20.81
CA ILE DA 455 55.61 -10.87 -20.34
C ILE DA 455 56.81 -11.25 -19.47
N GLN DA 456 57.98 -10.74 -19.83
CA GLN DA 456 59.21 -10.99 -19.08
C GLN DA 456 59.89 -9.66 -18.76
N LEU DA 457 60.40 -9.55 -17.55
CA LEU DA 457 61.15 -8.38 -17.11
C LEU DA 457 62.49 -8.84 -16.57
N LEU DA 458 63.56 -8.54 -17.31
CA LEU DA 458 64.91 -8.97 -16.95
C LEU DA 458 65.77 -7.74 -16.71
N THR DA 459 66.51 -7.76 -15.60
CA THR DA 459 67.47 -6.70 -15.33
C THR DA 459 68.68 -6.82 -16.26
N ASP DA 460 69.38 -5.71 -16.43
CA ASP DA 460 70.56 -5.70 -17.29
C ASP DA 460 71.69 -6.55 -16.72
N PHE DA 461 71.66 -6.85 -15.42
CA PHE DA 461 72.73 -7.64 -14.81
C PHE DA 461 72.64 -9.11 -15.18
N GLU DA 462 71.43 -9.65 -15.33
CA GLU DA 462 71.24 -11.07 -15.61
C GLU DA 462 71.16 -11.39 -17.10
N VAL DA 463 71.36 -10.40 -17.97
CA VAL DA 463 71.33 -10.64 -19.41
C VAL DA 463 72.76 -10.61 -19.94
N GLN DA 464 73.43 -9.48 -19.77
CA GLN DA 464 74.80 -9.32 -20.22
C GLN DA 464 75.77 -9.99 -19.26
N PRO DA 465 76.99 -10.32 -19.72
CA PRO DA 465 77.95 -11.01 -18.85
C PRO DA 465 78.37 -10.21 -17.64
N LYS DA 466 79.18 -10.82 -16.77
CA LYS DA 466 79.55 -10.21 -15.51
C LYS DA 466 80.30 -8.90 -15.73
N CYS DA 467 79.99 -7.90 -14.89
CA CYS DA 467 80.60 -6.57 -14.90
C CYS DA 467 80.37 -5.81 -16.20
N VAL DA 468 79.44 -6.26 -17.03
CA VAL DA 468 79.13 -5.57 -18.28
C VAL DA 468 77.80 -4.84 -18.11
N GLY DA 469 76.95 -5.35 -17.23
CA GLY DA 469 75.65 -4.75 -17.01
C GLY DA 469 75.74 -3.38 -16.36
N GLN DA 470 74.69 -2.59 -16.56
CA GLN DA 470 74.60 -1.25 -16.03
C GLN DA 470 73.41 -1.13 -15.10
N PRO DA 471 73.55 -0.44 -13.97
CA PRO DA 471 72.42 -0.28 -13.04
C PRO DA 471 71.33 0.59 -13.64
N GLY DA 472 70.09 0.29 -13.27
CA GLY DA 472 68.96 1.06 -13.73
C GLY DA 472 68.51 0.78 -15.14
N ILE DA 473 68.93 -0.35 -15.72
CA ILE DA 473 68.57 -0.71 -17.08
C ILE DA 473 67.81 -2.03 -17.03
N PHE DA 474 66.66 -2.08 -17.70
CA PHE DA 474 65.81 -3.25 -17.71
C PHE DA 474 65.49 -3.65 -19.14
N HIS DA 475 65.18 -4.93 -19.32
CA HIS DA 475 64.73 -5.46 -20.60
C HIS DA 475 63.34 -6.03 -20.42
N LEU DA 476 62.39 -5.56 -21.22
CA LEU DA 476 61.01 -6.01 -21.17
C LEU DA 476 60.64 -6.65 -22.49
N ASN DA 477 60.20 -7.90 -22.44
CA ASN DA 477 59.77 -8.64 -23.62
C ASN DA 477 58.29 -8.97 -23.46
N MET DA 478 57.47 -8.43 -24.35
CA MET DA 478 56.02 -8.64 -24.32
C MET DA 478 55.56 -9.14 -25.67
N ARG DA 479 54.64 -10.10 -25.66
CA ARG DA 479 54.12 -10.71 -26.88
C ARG DA 479 52.65 -10.35 -27.00
N TYR DA 480 52.36 -9.32 -27.80
CA TYR DA 480 50.99 -8.84 -27.89
C TYR DA 480 50.13 -9.85 -28.65
N ARG DA 481 48.83 -9.55 -28.70
CA ARG DA 481 47.92 -10.21 -29.63
C ARG DA 481 46.76 -9.26 -29.89
N PRO DA 482 46.65 -8.70 -31.10
CA PRO DA 482 45.67 -7.65 -31.33
C PRO DA 482 44.26 -8.20 -31.22
N PRO DA 483 43.29 -7.36 -30.87
CA PRO DA 483 41.89 -7.82 -30.81
C PRO DA 483 41.42 -8.29 -32.18
N VAL DA 484 40.55 -9.30 -32.17
CA VAL DA 484 40.04 -9.91 -33.39
C VAL DA 484 38.69 -9.30 -33.72
N ARG DA 485 38.52 -8.90 -34.98
CA ARG DA 485 37.28 -8.35 -35.49
C ARG DA 485 36.64 -9.35 -36.45
N GLY DA 486 35.54 -8.94 -37.07
CA GLY DA 486 34.77 -9.83 -37.91
C GLY DA 486 35.11 -9.72 -39.38
N ALA DA 487 34.87 -10.83 -40.09
CA ALA DA 487 34.96 -10.90 -41.54
C ALA DA 487 33.66 -11.51 -42.05
N ARG DA 488 33.61 -11.83 -43.34
CA ARG DA 488 32.38 -12.32 -43.93
C ARG DA 488 31.94 -13.62 -43.24
N ILE DA 489 30.62 -13.74 -43.05
CA ILE DA 489 30.04 -14.79 -42.23
C ILE DA 489 29.83 -16.10 -43.00
N ASN DA 490 30.00 -16.10 -44.32
CA ASN DA 490 29.84 -17.30 -45.14
C ASN DA 490 28.46 -17.92 -44.96
N VAL DA 491 27.45 -17.16 -45.36
CA VAL DA 491 26.06 -17.61 -45.22
C VAL DA 491 25.75 -18.67 -46.27
N ASN DA 492 25.08 -19.74 -45.84
CA ASN DA 492 24.67 -20.84 -46.72
C ASN DA 492 23.17 -21.04 -46.52
N MET DA 493 22.37 -20.57 -47.46
CA MET DA 493 20.92 -20.58 -47.35
C MET DA 493 20.34 -21.58 -48.35
N ALA DA 494 19.48 -22.47 -47.88
CA ALA DA 494 18.90 -23.53 -48.70
C ALA DA 494 17.38 -23.47 -48.65
N PRO DA 495 16.71 -23.21 -49.75
CA PRO DA 495 15.23 -23.22 -49.75
C PRO DA 495 14.70 -24.63 -49.63
N ALA DA 496 13.39 -24.71 -49.40
CA ALA DA 496 12.70 -25.98 -49.22
C ALA DA 496 11.22 -25.77 -49.53
N LEU DA 497 10.39 -26.74 -49.18
CA LEU DA 497 8.95 -26.63 -49.32
C LEU DA 497 8.28 -27.30 -48.13
N PHE DA 498 6.97 -27.48 -48.21
CA PHE DA 498 6.21 -28.09 -47.13
C PHE DA 498 6.15 -29.61 -47.26
#